data_6D5F
#
_entry.id   6D5F
#
_cell.length_a   1
_cell.length_b   1
_cell.length_c   1
_cell.angle_alpha   90.00
_cell.angle_beta   90.00
_cell.angle_gamma   90.00
#
_symmetry.space_group_name_H-M   'P 1'
#
loop_
_entity.id
_entity.type
_entity.pdbx_description
1 polymer 'Fimbrial protein'
2 polymer 'Fimbrial protein'
3 polymer 'DNA (336-MER)'
#
loop_
_entity_poly.entity_id
_entity_poly.type
_entity_poly.pdbx_seq_one_letter_code
_entity_poly.pdbx_strand_id
1 'polypeptide(L)'
;MARKRTSKNDPLRMYLNYVRKLQTMGDAYDESAKYRIANFENGFKSLHMVENEFKQYLANVIDEAIKSGASPQDLPYVNE
IKLALMKIFTSWLKYSNEKLGANEIAINVAGTATMTLTENLYGTRVSCEEAVSLINSIFAVWVGVEPFEAEEREGACLVT
PRSPLPPVPISSPTGFSAPIQEVLQAKSPEEIIGVKGGA
;
A,B,C,D,E,F,G,H,I,J,K,L,M,N,O,P,Q,R,S,T,U,V,W,X,Y,Z
2 'polypeptide(L)'
;MPSRRTGITTEDAITKYSVKAKTEQTAYKNATKDMVVQAQNIMNFYSVVNQALIPWLNAHGVGGNLRILYRQLANEYVKV
LNTKQSGEVIKRLKIALRHKYWLRGLDEAMLDEFMDYIDSLKSTTTNYIIFNMQSSK
;
a,b,c,d,e,f,g,h,i,j,k,l,m,n,o,p,q,r,s,t,u,v,w,x,y,z
3 'polydeoxyribonucleotide'
;(DT)(DA)(DT)(DA)(DT)(DA)(DT)(DA)(DT)(DA)(DT)(DA)(DT)(DA)(DT)(DA)(DT)(DA)(DT)(DA)
(DT)(DA)(DT)(DA)(DT)(DA)(DT)(DA)(DT)(DA)(DT)(DA)(DT)(DA)(DT)(DA)(DT)(DA)(DT)(DA)
(DT)(DA)(DT)(DA)(DT)(DA)(DT)(DA)(DT)(DA)(DT)(DA)(DT)(DA)(DT)(DA)(DT)(DA)(DT)(DA)
(DT)(DA)(DT)(DA)(DT)(DA)(DT)(DA)(DT)(DA)(DT)(DA)(DT)(DA)(DT)(DA)(DT)(DA)(DT)(DA)
(DT)(DA)(DT)(DA)(DT)(DA)(DT)(DA)(DT)(DA)(DT)(DA)(DT)(DA)(DT)(DA)(DT)(DA)(DT)(DA)
(DT)(DA)(DT)(DA)(DT)(DA)(DT)(DA)(DT)(DA)(DT)(DA)(DT)(DA)(DT)(DA)(DT)(DA)(DT)(DA)
(DT)(DA)(DT)(DA)(DT)(DA)(DT)(DA)(DT)(DA)(DT)(DA)(DT)(DA)(DT)(DA)(DT)(DA)(DT)(DA)
(DT)(DA)(DT)(DA)(DT)(DA)(DT)(DA)(DT)(DA)(DT)(DA)(DT)(DA)(DT)(DA)(DT)(DA)(DT)(DA)
(DT)(DA)(DT)(DA)(DT)(DA)(DT)(DA)(DT)(DA)(DT)(DA)(DT)(DA)(DT)(DA)(DT)(DA)(DT)(DA)
(DT)(DA)(DT)(DA)(DT)(DA)(DT)(DA)(DT)(DA)(DT)(DA)(DT)(DA)(DT)(DA)(DT)(DA)(DT)(DA)
(DT)(DA)(DT)(DA)(DT)(DA)(DT)(DA)(DT)(DA)(DT)(DA)(DT)(DA)(DT)(DA)(DT)(DA)(DT)(DA)
(DT)(DA)(DT)(DA)(DT)(DA)(DT)(DA)(DT)(DA)(DT)(DA)(DT)(DA)(DT)(DA)(DT)(DA)(DT)(DA)
(DT)(DA)(DT)(DA)(DT)(DA)(DT)(DA)(DT)(DA)(DT)(DA)(DT)(DA)(DT)(DA)(DT)(DA)(DT)(DA)
(DT)(DA)(DT)(DA)(DT)(DA)(DT)(DA)(DT)(DA)(DT)(DA)(DT)(DA)(DT)(DA)(DT)(DA)(DT)(DA)
(DT)(DA)(DT)(DA)(DT)(DA)(DT)(DA)(DT)(DA)(DT)(DA)(DT)(DA)(DT)(DA)(DT)(DA)(DT)(DA)
(DT)(DA)(DT)(DA)(DT)(DA)(DT)(DA)(DT)(DA)(DT)(DA)(DT)(DA)(DT)(DA)(DT)(DA)(DT)(DA)
(DT)(DA)(DT)(DA)(DT)(DA)(DT)(DA)(DT)(DA)(DT)(DA)(DT)(DA)(DT)(DA)
;
1,2
#
loop_
_chem_comp.id
_chem_comp.type
_chem_comp.name
_chem_comp.formula
DA DNA linking 2'-DEOXYADENOSINE-5'-MONOPHOSPHATE 'C10 H14 N5 O6 P'
DT DNA linking THYMIDINE-5'-MONOPHOSPHATE 'C10 H15 N2 O8 P'
#
# COMPACT_ATOMS: atom_id res chain seq x y z
CA MET A 1 5.91 40.91 -78.17
C MET A 1 4.49 40.81 -78.73
N ALA A 2 4.29 41.43 -79.89
CA ALA A 2 2.97 41.54 -80.48
C ALA A 2 2.52 40.19 -81.05
N ARG A 3 1.26 40.15 -81.49
CA ARG A 3 0.66 38.89 -81.94
C ARG A 3 1.29 38.39 -83.23
N LYS A 4 1.85 39.29 -84.05
CA LYS A 4 2.72 38.98 -85.19
C LYS A 4 2.04 38.12 -86.25
N ARG A 5 0.72 38.11 -86.29
CA ARG A 5 -0.02 37.36 -87.29
C ARG A 5 -0.77 38.28 -88.23
N THR A 6 -1.62 39.15 -87.68
CA THR A 6 -2.36 40.10 -88.48
C THR A 6 -2.55 41.35 -87.64
N SER A 7 -2.94 42.43 -88.32
CA SER A 7 -3.27 43.67 -87.61
C SER A 7 -4.51 43.48 -86.74
N LYS A 8 -5.66 43.23 -87.37
CA LYS A 8 -6.96 43.08 -86.72
C LYS A 8 -7.29 44.30 -85.85
N ASN A 9 -7.52 45.42 -86.53
CA ASN A 9 -7.72 46.69 -85.87
C ASN A 9 -9.02 46.71 -85.07
N ASP A 10 -8.89 46.59 -83.75
CA ASP A 10 -10.02 46.52 -82.84
C ASP A 10 -9.53 46.96 -81.46
N PRO A 11 -10.05 48.08 -80.93
CA PRO A 11 -9.49 48.60 -79.67
C PRO A 11 -9.87 47.79 -78.44
N LEU A 12 -11.01 47.11 -78.49
CA LEU A 12 -11.47 46.39 -77.31
C LEU A 12 -10.61 45.15 -77.07
N ARG A 13 -10.12 44.52 -78.14
CA ARG A 13 -9.16 43.43 -77.99
C ARG A 13 -7.86 43.93 -77.39
N MET A 14 -7.46 45.16 -77.73
CA MET A 14 -6.23 45.73 -77.18
C MET A 14 -6.33 45.89 -75.67
N TYR A 15 -7.40 46.55 -75.22
CA TYR A 15 -7.57 46.76 -73.78
C TYR A 15 -7.79 45.45 -73.04
N LEU A 16 -8.46 44.49 -73.67
CA LEU A 16 -8.71 43.24 -72.98
C LEU A 16 -7.46 42.37 -72.87
N ASN A 17 -6.57 42.39 -73.87
CA ASN A 17 -5.32 41.67 -73.73
C ASN A 17 -4.40 42.34 -72.71
N TYR A 18 -4.49 43.67 -72.60
CA TYR A 18 -3.71 44.37 -71.57
C TYR A 18 -4.19 43.98 -70.17
N VAL A 19 -5.50 43.94 -69.96
CA VAL A 19 -6.07 43.54 -68.68
C VAL A 19 -5.75 42.08 -68.38
N ARG A 20 -5.68 41.24 -69.41
CA ARG A 20 -5.32 39.85 -69.19
C ARG A 20 -3.87 39.69 -68.74
N LYS A 21 -2.96 40.48 -69.30
CA LYS A 21 -1.54 40.27 -68.99
C LYS A 21 -1.02 41.17 -67.87
N LEU A 22 -1.87 41.99 -67.26
CA LEU A 22 -1.46 42.68 -66.03
C LEU A 22 -1.20 41.75 -64.86
N GLN A 23 -1.64 40.50 -64.91
CA GLN A 23 -1.32 39.58 -63.83
C GLN A 23 -0.02 38.81 -64.06
N THR A 24 0.79 39.23 -65.04
CA THR A 24 2.09 38.64 -65.33
C THR A 24 3.17 39.70 -65.48
N MET A 25 2.79 40.92 -65.90
CA MET A 25 3.73 42.04 -65.97
C MET A 25 4.41 42.31 -64.64
N GLY A 26 3.67 42.20 -63.54
CA GLY A 26 4.18 42.51 -62.22
C GLY A 26 5.24 41.57 -61.71
N ASP A 27 5.36 40.38 -62.31
CA ASP A 27 6.43 39.44 -62.01
C ASP A 27 7.53 39.47 -63.05
N ALA A 28 7.19 39.75 -64.31
CA ALA A 28 8.22 39.85 -65.34
C ALA A 28 9.13 41.03 -65.10
N TYR A 29 8.63 42.09 -64.46
CA TYR A 29 9.48 43.22 -64.13
C TYR A 29 10.53 42.86 -63.07
N ASP A 30 10.08 42.16 -62.02
CA ASP A 30 10.96 41.64 -60.98
C ASP A 30 11.99 40.68 -61.52
N GLU A 31 11.63 39.88 -62.52
CA GLU A 31 12.62 39.02 -63.16
C GLU A 31 13.58 39.81 -64.03
N SER A 32 13.11 40.89 -64.67
CA SER A 32 13.91 41.63 -65.62
C SER A 32 14.98 42.50 -64.97
N ALA A 33 14.82 42.82 -63.68
CA ALA A 33 15.79 43.59 -62.92
C ALA A 33 17.27 43.18 -63.08
N LYS A 34 17.53 41.87 -63.17
CA LYS A 34 18.88 41.35 -63.06
C LYS A 34 19.76 41.68 -64.25
N TYR A 35 19.17 41.93 -65.42
CA TYR A 35 19.92 42.45 -66.56
C TYR A 35 19.61 43.90 -66.86
N ARG A 36 18.45 44.39 -66.39
CA ARG A 36 18.11 45.80 -66.44
C ARG A 36 19.19 46.68 -65.84
N ILE A 37 19.69 46.29 -64.66
CA ILE A 37 20.62 47.13 -63.91
C ILE A 37 21.97 47.23 -64.62
N ALA A 38 22.49 46.11 -65.13
CA ALA A 38 23.79 46.14 -65.82
C ALA A 38 23.72 46.83 -67.17
N ASN A 39 22.60 46.69 -67.88
CA ASN A 39 22.48 47.39 -69.15
C ASN A 39 22.37 48.90 -68.96
N PHE A 40 21.71 49.34 -67.89
CA PHE A 40 21.72 50.78 -67.61
C PHE A 40 23.10 51.25 -67.15
N GLU A 41 23.78 50.41 -66.36
CA GLU A 41 25.14 50.67 -65.89
C GLU A 41 26.07 51.03 -67.04
N ASN A 42 26.03 50.24 -68.11
CA ASN A 42 26.88 50.61 -69.24
C ASN A 42 26.15 51.29 -70.39
N GLY A 43 24.93 51.77 -70.16
CA GLY A 43 24.29 52.60 -71.17
C GLY A 43 24.15 54.08 -70.84
N PHE A 44 24.17 54.43 -69.56
CA PHE A 44 23.99 55.83 -69.18
C PHE A 44 25.23 56.68 -69.44
N LYS A 45 26.39 56.03 -69.55
CA LYS A 45 27.65 56.77 -69.72
C LYS A 45 27.68 57.50 -71.05
N SER A 46 27.03 56.95 -72.08
CA SER A 46 27.02 57.61 -73.38
C SER A 46 26.24 58.92 -73.34
N LEU A 47 25.08 58.92 -72.68
CA LEU A 47 24.32 60.15 -72.48
C LEU A 47 25.10 61.18 -71.70
N HIS A 48 25.73 60.75 -70.60
CA HIS A 48 26.38 61.75 -69.76
C HIS A 48 27.63 62.31 -70.43
N MET A 49 28.32 61.48 -71.22
CA MET A 49 29.48 61.97 -71.95
C MET A 49 29.06 62.91 -73.08
N VAL A 50 27.98 62.60 -73.81
CA VAL A 50 27.62 63.48 -74.92
C VAL A 50 27.03 64.80 -74.39
N GLU A 51 26.41 64.79 -73.22
CA GLU A 51 25.90 66.04 -72.67
C GLU A 51 27.03 66.90 -72.12
N ASN A 52 28.05 66.30 -71.49
CA ASN A 52 29.20 67.09 -71.08
C ASN A 52 29.98 67.62 -72.28
N GLU A 53 30.09 66.83 -73.35
CA GLU A 53 30.82 67.31 -74.51
C GLU A 53 30.08 68.44 -75.20
N PHE A 54 28.74 68.40 -75.21
CA PHE A 54 27.98 69.53 -75.71
C PHE A 54 28.20 70.79 -74.88
N LYS A 55 28.13 70.65 -73.55
CA LYS A 55 28.37 71.81 -72.67
C LYS A 55 29.74 72.44 -72.93
N GLN A 56 30.77 71.59 -73.02
CA GLN A 56 32.13 72.09 -73.19
C GLN A 56 32.32 72.76 -74.54
N TYR A 57 31.85 72.12 -75.62
CA TYR A 57 32.11 72.70 -76.94
C TYR A 57 31.23 73.90 -77.23
N LEU A 58 30.02 73.94 -76.66
CA LEU A 58 29.21 75.16 -76.74
C LEU A 58 29.88 76.31 -76.00
N ALA A 59 30.45 76.03 -74.82
CA ALA A 59 31.16 77.07 -74.09
C ALA A 59 32.36 77.59 -74.86
N ASN A 60 33.09 76.69 -75.54
CA ASN A 60 34.25 77.12 -76.32
C ASN A 60 33.84 77.98 -77.52
N VAL A 61 32.78 77.58 -78.24
CA VAL A 61 32.34 78.35 -79.41
C VAL A 61 31.79 79.72 -78.98
N ILE A 62 31.01 79.76 -77.90
CA ILE A 62 30.48 81.03 -77.41
C ILE A 62 31.60 81.94 -76.91
N ASP A 63 32.63 81.40 -76.27
CA ASP A 63 33.71 82.25 -75.81
C ASP A 63 34.57 82.76 -76.97
N GLU A 64 34.73 81.96 -78.02
CA GLU A 64 35.42 82.45 -79.20
C GLU A 64 34.59 83.49 -79.95
N ALA A 65 33.26 83.45 -79.81
CA ALA A 65 32.44 84.51 -80.38
C ALA A 65 32.50 85.78 -79.54
N ILE A 66 32.62 85.65 -78.22
CA ILE A 66 32.73 86.81 -77.35
C ILE A 66 34.08 87.50 -77.53
N LYS A 67 35.15 86.73 -77.79
CA LYS A 67 36.46 87.32 -78.01
C LYS A 67 36.54 88.12 -79.31
N SER A 68 35.58 87.93 -80.21
CA SER A 68 35.47 88.77 -81.40
C SER A 68 34.77 90.10 -81.13
N GLY A 69 34.40 90.40 -79.89
CA GLY A 69 33.89 91.70 -79.53
C GLY A 69 32.39 91.81 -79.36
N ALA A 70 31.66 90.71 -79.37
CA ALA A 70 30.22 90.78 -79.19
C ALA A 70 29.86 90.98 -77.72
N SER A 71 28.62 91.31 -77.48
CA SER A 71 28.13 91.53 -76.13
C SER A 71 27.41 90.29 -75.61
N PRO A 72 27.45 90.02 -74.30
CA PRO A 72 26.73 88.86 -73.75
C PRO A 72 25.22 89.04 -73.71
N GLN A 73 24.68 90.18 -74.11
CA GLN A 73 23.26 90.26 -74.36
C GLN A 73 22.89 89.85 -75.78
N ASP A 74 23.86 89.82 -76.70
CA ASP A 74 23.55 89.46 -78.08
C ASP A 74 23.20 87.99 -78.23
N LEU A 75 23.82 87.13 -77.42
CA LEU A 75 23.71 85.68 -77.57
C LEU A 75 23.39 85.06 -76.22
N PRO A 76 22.11 84.97 -75.86
CA PRO A 76 21.74 84.45 -74.53
C PRO A 76 22.10 83.00 -74.28
N TYR A 77 21.47 82.07 -75.01
CA TYR A 77 21.65 80.62 -74.91
C TYR A 77 21.66 80.11 -73.48
N VAL A 78 20.61 80.40 -72.72
CA VAL A 78 20.70 80.26 -71.28
C VAL A 78 20.20 78.90 -70.82
N ASN A 79 18.89 78.69 -70.92
CA ASN A 79 18.31 77.49 -70.35
C ASN A 79 17.56 76.64 -71.36
N GLU A 80 16.66 77.25 -72.14
CA GLU A 80 15.82 76.46 -73.03
C GLU A 80 16.39 76.35 -74.44
N ILE A 81 17.21 77.31 -74.86
CA ILE A 81 17.82 77.21 -76.16
C ILE A 81 18.94 76.17 -76.13
N LYS A 82 19.67 76.10 -75.01
CA LYS A 82 20.58 74.98 -74.79
C LYS A 82 19.83 73.66 -74.73
N LEU A 83 18.60 73.68 -74.21
CA LEU A 83 17.83 72.45 -74.17
C LEU A 83 17.40 72.02 -75.57
N ALA A 84 17.13 72.99 -76.45
CA ALA A 84 16.86 72.68 -77.86
C ALA A 84 18.07 72.04 -78.54
N LEU A 85 19.25 72.63 -78.32
CA LEU A 85 20.44 72.09 -78.97
C LEU A 85 20.83 70.75 -78.38
N MET A 86 20.50 70.52 -77.11
CA MET A 86 20.71 69.19 -76.56
C MET A 86 19.70 68.19 -77.10
N LYS A 87 18.49 68.63 -77.46
CA LYS A 87 17.55 67.73 -78.12
C LYS A 87 18.09 67.20 -79.44
N ILE A 88 18.62 68.10 -80.28
CA ILE A 88 19.14 67.64 -81.57
C ILE A 88 20.39 66.76 -81.38
N PHE A 89 21.25 67.09 -80.41
CA PHE A 89 22.42 66.24 -80.25
C PHE A 89 22.11 64.90 -79.58
N THR A 90 21.07 64.82 -78.75
CA THR A 90 20.71 63.54 -78.16
C THR A 90 19.99 62.65 -79.16
N SER A 91 19.25 63.24 -80.09
CA SER A 91 18.71 62.43 -81.18
C SER A 91 19.81 61.95 -82.10
N TRP A 92 20.89 62.73 -82.23
CA TRP A 92 22.06 62.24 -82.96
C TRP A 92 22.71 61.08 -82.23
N LEU A 93 22.73 61.12 -80.90
CA LEU A 93 23.17 59.97 -80.11
C LEU A 93 22.32 58.73 -80.37
N LYS A 94 21.00 58.90 -80.50
CA LYS A 94 20.14 57.74 -80.73
C LYS A 94 20.38 57.13 -82.09
N TYR A 95 20.37 57.95 -83.15
CA TYR A 95 20.51 57.38 -84.48
C TYR A 95 21.93 56.94 -84.77
N SER A 96 22.91 57.38 -83.96
CA SER A 96 24.23 56.76 -84.02
C SER A 96 24.32 55.51 -83.16
N ASN A 97 23.42 55.35 -82.20
CA ASN A 97 23.51 54.21 -81.28
C ASN A 97 22.99 52.95 -81.95
N GLU A 98 22.14 53.12 -82.95
CA GLU A 98 21.85 52.05 -83.89
C GLU A 98 22.95 52.00 -84.93
N LYS A 99 23.00 50.91 -85.69
CA LYS A 99 24.06 50.75 -86.68
C LYS A 99 23.58 51.25 -88.04
N LEU A 100 23.19 52.53 -88.06
CA LEU A 100 22.66 53.17 -89.25
C LEU A 100 23.79 53.74 -90.09
N GLY A 101 23.50 53.94 -91.38
CA GLY A 101 24.45 54.56 -92.28
C GLY A 101 24.61 56.04 -92.01
N ALA A 102 25.44 56.68 -92.84
CA ALA A 102 25.79 58.07 -92.58
C ALA A 102 24.66 59.03 -92.93
N ASN A 103 24.09 58.92 -94.14
CA ASN A 103 23.07 59.87 -94.54
C ASN A 103 21.74 59.62 -93.85
N GLU A 104 21.49 58.39 -93.39
CA GLU A 104 20.26 58.12 -92.65
C GLU A 104 20.29 58.82 -91.31
N ILE A 105 21.45 58.80 -90.65
CA ILE A 105 21.69 59.63 -89.48
C ILE A 105 21.51 61.10 -89.82
N ALA A 106 22.03 61.53 -90.97
CA ALA A 106 21.98 62.93 -91.36
C ALA A 106 20.55 63.42 -91.53
N ILE A 107 19.70 62.62 -92.19
CA ILE A 107 18.34 63.08 -92.43
C ILE A 107 17.44 62.90 -91.22
N ASN A 108 17.70 61.91 -90.35
CA ASN A 108 16.91 61.85 -89.12
C ASN A 108 17.25 62.98 -88.16
N VAL A 109 18.53 63.35 -88.06
CA VAL A 109 18.91 64.49 -87.24
C VAL A 109 18.41 65.79 -87.87
N ALA A 110 18.32 65.85 -89.21
CA ALA A 110 17.74 67.03 -89.85
C ALA A 110 16.25 67.14 -89.57
N GLY A 111 15.54 66.01 -89.51
CA GLY A 111 14.13 66.06 -89.14
C GLY A 111 13.90 66.50 -87.70
N THR A 112 14.73 65.99 -86.78
CA THR A 112 14.63 66.43 -85.38
C THR A 112 15.01 67.90 -85.24
N ALA A 113 15.97 68.36 -86.04
CA ALA A 113 16.31 69.78 -86.09
C ALA A 113 15.15 70.62 -86.59
N THR A 114 14.42 70.13 -87.60
CA THR A 114 13.25 70.85 -88.11
C THR A 114 12.20 71.01 -87.03
N MET A 115 11.86 69.91 -86.34
CA MET A 115 10.84 69.98 -85.28
C MET A 115 11.28 70.87 -84.13
N THR A 116 12.52 70.72 -83.67
CA THR A 116 12.98 71.47 -82.51
C THR A 116 13.14 72.95 -82.82
N LEU A 117 13.80 73.30 -83.92
CA LEU A 117 13.96 74.71 -84.26
C LEU A 117 12.68 75.32 -84.83
N THR A 118 11.66 74.51 -85.11
CA THR A 118 10.34 75.07 -85.36
C THR A 118 9.70 75.49 -84.06
N GLU A 119 9.74 74.61 -83.05
CA GLU A 119 8.96 74.83 -81.84
C GLU A 119 9.46 76.02 -81.03
N ASN A 120 10.70 75.97 -80.54
CA ASN A 120 11.11 76.83 -79.44
C ASN A 120 12.12 77.91 -79.87
N LEU A 121 11.90 78.52 -81.03
CA LEU A 121 12.58 79.79 -81.25
C LEU A 121 11.68 80.83 -81.91
N TYR A 122 10.37 80.70 -81.71
CA TYR A 122 9.45 81.76 -82.05
C TYR A 122 9.15 82.59 -80.81
N GLY A 123 9.45 83.88 -80.88
CA GLY A 123 9.22 84.77 -79.78
C GLY A 123 10.37 84.90 -78.81
N THR A 124 11.58 84.49 -79.19
CA THR A 124 12.69 84.61 -78.26
C THR A 124 13.99 85.10 -78.88
N ARG A 125 13.97 86.16 -79.70
CA ARG A 125 15.11 87.06 -79.93
C ARG A 125 16.21 86.42 -80.78
N VAL A 126 16.12 85.12 -81.08
CA VAL A 126 17.17 84.39 -81.78
C VAL A 126 16.60 83.88 -83.09
N SER A 127 17.12 84.38 -84.21
CA SER A 127 16.71 83.92 -85.52
C SER A 127 17.21 82.51 -85.77
N CYS A 128 16.61 81.84 -86.76
CA CYS A 128 16.97 80.45 -87.00
C CYS A 128 18.31 80.32 -87.68
N GLU A 129 18.71 81.31 -88.48
CA GLU A 129 19.97 81.22 -89.22
C GLU A 129 21.16 81.25 -88.28
N GLU A 130 21.08 82.01 -87.20
CA GLU A 130 22.15 82.04 -86.22
C GLU A 130 22.25 80.73 -85.45
N ALA A 131 21.10 80.12 -85.16
CA ALA A 131 21.10 78.83 -84.47
C ALA A 131 21.68 77.73 -85.36
N VAL A 132 21.38 77.77 -86.65
CA VAL A 132 21.90 76.75 -87.55
C VAL A 132 23.38 76.95 -87.82
N SER A 133 23.84 78.21 -87.85
CA SER A 133 25.27 78.47 -87.88
C SER A 133 25.96 77.96 -86.62
N LEU A 134 25.31 78.06 -85.47
CA LEU A 134 25.89 77.54 -84.23
C LEU A 134 25.96 76.02 -84.25
N ILE A 135 24.92 75.36 -84.77
CA ILE A 135 24.93 73.89 -84.86
C ILE A 135 26.01 73.42 -85.83
N ASN A 136 26.17 74.12 -86.95
CA ASN A 136 27.23 73.79 -87.89
C ASN A 136 28.61 74.02 -87.29
N SER A 137 28.75 75.02 -86.43
CA SER A 137 30.03 75.22 -85.75
C SER A 137 30.32 74.10 -84.76
N ILE A 138 29.30 73.62 -84.05
CA ILE A 138 29.53 72.53 -83.10
C ILE A 138 29.87 71.24 -83.83
N PHE A 139 29.21 70.95 -84.95
CA PHE A 139 29.61 69.78 -85.74
C PHE A 139 30.95 69.98 -86.42
N ALA A 140 31.38 71.21 -86.67
CA ALA A 140 32.73 71.42 -87.15
C ALA A 140 33.76 71.13 -86.06
N VAL A 141 33.39 71.36 -84.80
CA VAL A 141 34.28 71.03 -83.69
C VAL A 141 34.36 69.52 -83.48
N TRP A 142 33.20 68.85 -83.46
CA TRP A 142 33.17 67.40 -83.22
C TRP A 142 33.80 66.59 -84.34
N VAL A 143 33.22 66.63 -85.55
CA VAL A 143 33.65 65.70 -86.58
C VAL A 143 34.10 66.45 -87.84
N GLY A 144 33.85 67.75 -87.88
CA GLY A 144 34.33 68.57 -88.98
C GLY A 144 33.60 68.31 -90.28
N VAL A 145 32.31 68.58 -90.30
CA VAL A 145 31.46 68.30 -91.46
C VAL A 145 30.70 69.54 -91.91
N GLU A 146 30.01 70.22 -90.98
CA GLU A 146 29.04 71.29 -91.20
C GLU A 146 27.97 70.85 -92.19
N PRO A 147 27.04 69.97 -91.80
CA PRO A 147 26.15 69.35 -92.78
C PRO A 147 24.87 70.10 -93.14
N PHE A 148 24.35 70.98 -92.29
CA PHE A 148 22.97 71.43 -92.42
C PHE A 148 22.88 72.79 -93.09
N GLU A 149 22.01 72.88 -94.09
CA GLU A 149 21.58 74.14 -94.70
C GLU A 149 20.13 74.39 -94.29
N ALA A 150 19.82 75.63 -93.95
CA ALA A 150 18.50 75.93 -93.41
C ALA A 150 17.82 77.04 -94.21
N GLU A 151 16.56 77.28 -93.85
CA GLU A 151 15.78 78.35 -94.44
C GLU A 151 14.64 78.69 -93.50
N GLU A 152 14.23 79.95 -93.52
CA GLU A 152 13.06 80.43 -92.81
C GLU A 152 11.94 80.69 -93.80
N ARG A 153 11.82 79.79 -94.79
CA ARG A 153 11.04 80.03 -96.01
C ARG A 153 9.56 80.20 -95.72
N GLU A 154 9.06 79.52 -94.72
CA GLU A 154 7.69 79.67 -94.26
C GLU A 154 7.74 80.17 -92.82
N GLY A 155 6.58 80.16 -92.14
CA GLY A 155 6.51 80.61 -90.76
C GLY A 155 7.35 79.80 -89.78
N ALA A 156 7.67 78.56 -90.13
CA ALA A 156 8.57 77.72 -89.34
C ALA A 156 9.95 77.72 -89.98
N CYS A 157 10.92 77.17 -89.26
CA CYS A 157 12.26 77.01 -89.81
C CYS A 157 12.45 75.58 -90.28
N LEU A 158 13.10 75.41 -91.43
CA LEU A 158 13.26 74.12 -92.06
C LEU A 158 14.73 73.82 -92.29
N VAL A 159 15.16 72.64 -91.83
CA VAL A 159 16.55 72.21 -91.91
C VAL A 159 16.64 71.03 -92.85
N THR A 160 17.56 71.10 -93.81
CA THR A 160 17.83 70.04 -94.76
C THR A 160 19.33 69.79 -94.82
N PRO A 161 19.75 68.53 -95.01
CA PRO A 161 21.18 68.23 -95.01
C PRO A 161 21.84 68.43 -96.37
N ARG A 162 23.13 68.71 -96.31
CA ARG A 162 23.94 68.84 -97.52
C ARG A 162 24.93 67.70 -97.71
N SER A 163 25.31 67.01 -96.64
CA SER A 163 26.37 66.01 -96.70
C SER A 163 26.08 64.96 -95.64
N PRO A 164 26.58 63.74 -95.82
CA PRO A 164 26.35 62.70 -94.81
C PRO A 164 27.06 63.01 -93.50
N LEU A 165 26.52 62.44 -92.43
CA LEU A 165 26.97 62.74 -91.07
C LEU A 165 27.53 61.49 -90.42
N PRO A 166 28.72 61.55 -89.84
CA PRO A 166 29.29 60.38 -89.17
C PRO A 166 28.60 60.13 -87.83
N PRO A 167 28.67 58.93 -87.30
CA PRO A 167 28.10 58.65 -85.98
C PRO A 167 28.97 59.24 -84.87
N VAL A 168 28.47 59.11 -83.64
CA VAL A 168 29.10 59.71 -82.47
C VAL A 168 30.41 58.98 -82.16
N PRO A 169 31.51 59.69 -81.86
CA PRO A 169 32.78 59.06 -81.48
C PRO A 169 32.84 58.51 -80.05
N ILE A 170 31.80 57.78 -79.65
CA ILE A 170 31.69 57.19 -78.32
C ILE A 170 31.14 55.79 -78.48
N SER A 171 31.84 54.80 -77.91
CA SER A 171 31.44 53.41 -77.98
C SER A 171 30.78 53.01 -76.66
N SER A 172 29.61 52.38 -76.76
CA SER A 172 28.91 51.90 -75.57
C SER A 172 29.35 50.48 -75.25
N PRO A 173 30.08 50.25 -74.17
CA PRO A 173 30.73 48.95 -73.96
C PRO A 173 29.78 47.95 -73.30
N THR A 174 30.07 46.67 -73.56
CA THR A 174 29.36 45.55 -72.95
C THR A 174 30.09 45.01 -71.71
N GLY A 175 30.40 45.89 -70.78
CA GLY A 175 31.15 45.49 -69.61
C GLY A 175 30.31 44.84 -68.54
N PHE A 176 30.98 44.47 -67.44
CA PHE A 176 30.32 43.87 -66.30
C PHE A 176 30.89 44.39 -64.99
N SER A 177 31.11 45.70 -64.91
CA SER A 177 32.03 46.35 -63.96
C SER A 177 31.77 45.97 -62.50
N ALA A 178 32.84 45.52 -61.84
CA ALA A 178 32.84 44.99 -60.48
C ALA A 178 33.47 45.99 -59.52
N PRO A 179 33.05 46.01 -58.26
CA PRO A 179 33.61 46.97 -57.31
C PRO A 179 35.04 46.62 -56.92
N ILE A 180 35.75 47.62 -56.39
CA ILE A 180 37.12 47.40 -55.97
C ILE A 180 37.17 46.58 -54.68
N GLN A 181 36.11 46.61 -53.88
CA GLN A 181 36.08 45.77 -52.68
C GLN A 181 35.93 44.30 -53.06
N GLU A 182 35.19 44.01 -54.13
CA GLU A 182 35.08 42.65 -54.61
C GLU A 182 36.39 42.15 -55.19
N VAL A 183 37.18 43.06 -55.77
CA VAL A 183 38.50 42.68 -56.26
C VAL A 183 39.45 42.39 -55.11
N LEU A 184 39.46 43.25 -54.09
CA LEU A 184 40.45 43.08 -53.03
C LEU A 184 40.08 41.96 -52.06
N GLN A 185 38.79 41.78 -51.73
CA GLN A 185 38.42 40.77 -50.76
C GLN A 185 38.42 39.36 -51.34
N ALA A 186 38.52 39.21 -52.66
CA ALA A 186 38.46 37.89 -53.27
C ALA A 186 39.80 37.16 -53.11
N LYS A 187 39.76 35.86 -53.33
CA LYS A 187 40.95 35.02 -53.23
C LYS A 187 41.43 34.49 -54.57
N SER A 188 40.60 34.56 -55.61
CA SER A 188 40.94 34.00 -56.91
C SER A 188 40.23 34.82 -57.97
N PRO A 189 40.73 34.79 -59.22
CA PRO A 189 39.98 35.42 -60.31
C PRO A 189 38.62 34.79 -60.59
N GLU A 190 38.52 33.47 -60.44
CA GLU A 190 37.25 32.80 -60.71
C GLU A 190 36.21 33.09 -59.65
N GLU A 191 36.63 33.55 -58.47
CA GLU A 191 35.66 34.02 -57.50
C GLU A 191 35.07 35.36 -57.91
N ILE A 192 35.84 36.17 -58.66
CA ILE A 192 35.29 37.41 -59.19
C ILE A 192 34.34 37.12 -60.33
N ILE A 193 34.70 36.20 -61.23
CA ILE A 193 33.78 35.83 -62.30
C ILE A 193 32.61 35.02 -61.75
N GLY A 194 32.90 33.87 -61.16
CA GLY A 194 31.85 32.96 -60.73
C GLY A 194 31.15 33.37 -59.45
CA MET B 1 -0.13 16.74 -85.78
C MET B 1 -1.57 16.48 -86.20
N ALA B 2 -1.84 16.66 -87.50
CA ALA B 2 -3.19 16.58 -88.02
C ALA B 2 -3.67 15.13 -88.05
N ARG B 3 -4.95 14.95 -88.38
CA ARG B 3 -5.58 13.64 -88.33
C ARG B 3 -5.03 12.68 -89.39
N LYS B 4 -4.50 13.23 -90.49
CA LYS B 4 -3.69 12.51 -91.48
C LYS B 4 -4.42 11.35 -92.14
N ARG B 5 -5.76 11.36 -92.11
CA ARG B 5 -6.55 10.32 -92.74
C ARG B 5 -7.35 10.87 -93.91
N THR B 6 -8.16 11.88 -93.66
CA THR B 6 -8.94 12.50 -94.71
C THR B 6 -9.09 13.97 -94.37
N SER B 7 -9.51 14.75 -95.37
CA SER B 7 -9.80 16.16 -95.13
C SER B 7 -10.98 16.32 -94.18
N LYS B 8 -12.17 15.89 -94.63
CA LYS B 8 -13.44 16.00 -93.90
C LYS B 8 -13.72 17.46 -93.50
N ASN B 9 -13.97 18.27 -94.53
CA ASN B 9 -14.15 19.71 -94.36
C ASN B 9 -15.39 20.02 -93.55
N ASP B 10 -15.20 20.39 -92.28
CA ASP B 10 -16.27 20.67 -91.35
C ASP B 10 -15.72 21.56 -90.25
N PRO B 11 -16.20 22.80 -90.12
CA PRO B 11 -15.57 23.72 -89.16
C PRO B 11 -15.90 23.41 -87.71
N LEU B 12 -17.04 22.78 -87.45
CA LEU B 12 -17.43 22.53 -86.08
C LEU B 12 -16.56 21.45 -85.45
N ARG B 13 -16.13 20.47 -86.24
CA ARG B 13 -15.17 19.48 -85.76
C ARG B 13 -13.82 20.12 -85.45
N MET B 14 -13.44 21.15 -86.22
CA MET B 14 -12.19 21.86 -85.98
C MET B 14 -12.22 22.55 -84.62
N TYR B 15 -13.26 23.34 -84.38
CA TYR B 15 -13.35 24.06 -83.10
C TYR B 15 -13.53 23.10 -81.94
N LEU B 16 -14.24 21.98 -82.15
CA LEU B 16 -14.45 21.06 -81.05
C LEU B 16 -13.20 20.26 -80.70
N ASN B 17 -12.36 19.91 -81.68
CA ASN B 17 -11.10 19.26 -81.34
C ASN B 17 -10.14 20.23 -80.68
N TYR B 18 -10.20 21.51 -81.06
CA TYR B 18 -9.38 22.53 -80.38
C TYR B 18 -9.77 22.66 -78.91
N VAL B 19 -11.09 22.74 -78.64
CA VAL B 19 -11.58 22.82 -77.27
C VAL B 19 -11.25 21.56 -76.48
N ARG B 20 -11.23 20.41 -77.15
CA ARG B 20 -10.87 19.17 -76.47
C ARG B 20 -9.40 19.15 -76.07
N LYS B 21 -8.51 19.67 -76.93
CA LYS B 21 -7.09 19.57 -76.62
C LYS B 21 -6.50 20.78 -75.92
N LEU B 22 -7.32 21.79 -75.60
CA LEU B 22 -6.85 22.86 -74.72
C LEU B 22 -6.52 22.39 -73.31
N GLN B 23 -6.97 21.22 -72.88
CA GLN B 23 -6.58 20.74 -71.57
C GLN B 23 -5.31 19.92 -71.58
N THR B 24 -4.55 19.94 -72.68
CA THR B 24 -3.27 19.26 -72.80
C THR B 24 -2.20 20.17 -73.38
N MET B 25 -2.60 21.17 -74.17
CA MET B 25 -1.66 22.18 -74.69
C MET B 25 -0.90 22.89 -73.57
N GLY B 26 -1.59 23.19 -72.47
CA GLY B 26 -1.00 23.93 -71.38
C GLY B 26 0.08 23.21 -70.62
N ASP B 27 0.17 21.89 -70.76
CA ASP B 27 1.25 21.10 -70.21
C ASP B 27 2.30 20.72 -71.24
N ALA B 28 1.89 20.55 -72.49
CA ALA B 28 2.85 20.25 -73.54
C ALA B 28 3.78 21.42 -73.79
N TYR B 29 3.33 22.65 -73.53
CA TYR B 29 4.20 23.81 -73.67
C TYR B 29 5.30 23.83 -72.60
N ASP B 30 4.90 23.56 -71.35
CA ASP B 30 5.84 23.43 -70.24
C ASP B 30 6.84 22.30 -70.46
N GLU B 31 6.42 21.22 -71.09
CA GLU B 31 7.36 20.17 -71.42
C GLU B 31 8.28 20.58 -72.56
N SER B 32 7.77 21.37 -73.52
CA SER B 32 8.53 21.71 -74.72
C SER B 32 9.63 22.72 -74.47
N ALA B 33 9.54 23.48 -73.38
CA ALA B 33 10.56 24.46 -72.98
C ALA B 33 12.02 23.99 -73.06
N LYS B 34 12.27 22.73 -72.69
CA LYS B 34 13.63 22.25 -72.46
C LYS B 34 14.44 22.13 -73.75
N TYR B 35 13.79 21.95 -74.89
CA TYR B 35 14.49 22.00 -76.17
C TYR B 35 14.16 23.26 -76.95
N ARG B 36 13.03 23.92 -76.64
CA ARG B 36 12.69 25.23 -77.18
C ARG B 36 13.81 26.23 -76.96
N ILE B 37 14.36 26.28 -75.75
CA ILE B 37 15.34 27.31 -75.41
C ILE B 37 16.64 27.13 -76.17
N ALA B 38 17.13 25.89 -76.28
CA ALA B 38 18.38 25.64 -76.98
C ALA B 38 18.24 25.82 -78.49
N ASN B 39 17.09 25.45 -79.05
CA ASN B 39 16.92 25.66 -80.48
C ASN B 39 16.82 27.14 -80.83
N PHE B 40 16.20 27.96 -79.95
CA PHE B 40 16.25 29.39 -80.21
C PHE B 40 17.64 29.97 -80.01
N GLU B 41 18.36 29.45 -79.01
CA GLU B 41 19.75 29.83 -78.72
C GLU B 41 20.61 29.73 -79.97
N ASN B 42 20.52 28.63 -80.69
CA ASN B 42 21.31 28.54 -81.92
C ASN B 42 20.51 28.80 -83.19
N GLY B 43 19.31 29.35 -83.11
CA GLY B 43 18.63 29.78 -84.31
C GLY B 43 18.51 31.28 -84.51
N PHE B 44 18.58 32.06 -83.44
CA PHE B 44 18.42 33.51 -83.58
C PHE B 44 19.66 34.17 -84.18
N LYS B 45 20.82 33.52 -84.11
CA LYS B 45 22.05 34.11 -84.60
C LYS B 45 22.03 34.33 -86.10
N SER B 46 21.32 33.47 -86.83
CA SER B 46 21.24 33.62 -88.28
C SER B 46 20.46 34.88 -88.67
N LEU B 47 19.33 35.13 -88.01
CA LEU B 47 18.59 36.37 -88.21
C LEU B 47 19.42 37.58 -87.88
N HIS B 48 20.11 37.57 -86.74
CA HIS B 48 20.80 38.79 -86.33
C HIS B 48 22.02 39.04 -87.23
N MET B 49 22.66 37.98 -87.70
CA MET B 49 23.77 38.15 -88.63
C MET B 49 23.31 38.64 -89.98
N VAL B 50 22.18 38.12 -90.49
CA VAL B 50 21.77 38.55 -91.83
C VAL B 50 21.21 39.97 -91.78
N GLU B 51 20.65 40.40 -90.65
CA GLU B 51 20.17 41.77 -90.56
C GLU B 51 21.33 42.75 -90.41
N ASN B 52 22.37 42.39 -89.66
CA ASN B 52 23.56 43.25 -89.61
C ASN B 52 24.28 43.30 -90.95
N GLU B 53 24.32 42.19 -91.68
CA GLU B 53 24.99 42.21 -92.97
C GLU B 53 24.21 43.03 -93.99
N PHE B 54 22.88 43.02 -93.91
CA PHE B 54 22.10 43.92 -94.74
C PHE B 54 22.35 45.38 -94.41
N LYS B 55 22.36 45.74 -93.12
CA LYS B 55 22.65 47.11 -92.73
C LYS B 55 24.00 47.58 -93.26
N GLN B 56 25.02 46.73 -93.10
CA GLN B 56 26.37 47.11 -93.50
C GLN B 56 26.49 47.26 -95.01
N TYR B 57 25.96 46.29 -95.76
CA TYR B 57 26.16 46.35 -97.20
C TYR B 57 25.27 47.40 -97.87
N LEU B 58 24.09 47.66 -97.29
CA LEU B 58 23.28 48.78 -97.76
C LEU B 58 23.98 50.11 -97.51
N ALA B 59 24.62 50.25 -96.34
CA ALA B 59 25.36 51.47 -96.05
C ALA B 59 26.53 51.65 -97.02
N ASN B 60 27.22 50.56 -97.37
CA ASN B 60 28.33 50.67 -98.32
C ASN B 60 27.87 51.05 -99.71
N VAL B 61 26.76 50.46 -100.19
CA VAL B 61 26.26 50.76 -101.53
C VAL B 61 25.74 52.20 -101.60
N ILE B 62 25.02 52.63 -100.57
CA ILE B 62 24.53 54.01 -100.53
C ILE B 62 25.66 55.02 -100.45
N ASP B 63 26.73 54.72 -99.71
CA ASP B 63 27.84 55.66 -99.63
C ASP B 63 28.63 55.70 -100.94
N GLU B 64 28.73 54.58 -101.64
CA GLU B 64 29.36 54.61 -102.96
C GLU B 64 28.50 55.32 -103.98
N ALA B 65 27.18 55.36 -103.77
CA ALA B 65 26.33 56.16 -104.64
C ALA B 65 26.43 57.65 -104.30
N ILE B 66 26.62 57.99 -103.03
CA ILE B 66 26.79 59.40 -102.64
C ILE B 66 28.12 59.94 -103.12
N LYS B 67 29.17 59.10 -103.14
CA LYS B 67 30.48 59.55 -103.62
C LYS B 67 30.48 59.84 -105.12
N SER B 68 29.47 59.37 -105.85
CA SER B 68 29.31 59.73 -107.25
C SER B 68 28.63 61.08 -107.45
N GLY B 69 28.31 61.80 -106.37
CA GLY B 69 27.83 63.16 -106.47
C GLY B 69 26.34 63.36 -106.27
N ALA B 70 25.61 62.34 -105.86
CA ALA B 70 24.18 62.50 -105.64
C ALA B 70 23.91 63.21 -104.32
N SER B 71 22.68 63.63 -104.15
CA SER B 71 22.26 64.33 -102.95
C SER B 71 21.58 63.37 -101.99
N PRO B 72 21.69 63.58 -100.67
CA PRO B 72 20.99 62.71 -99.72
C PRO B 72 19.49 62.91 -99.66
N GLN B 73 18.93 63.86 -100.41
CA GLN B 73 17.48 63.87 -100.60
C GLN B 73 17.05 63.00 -101.77
N ASP B 74 17.97 62.61 -102.67
CA ASP B 74 17.58 61.80 -103.81
C ASP B 74 17.22 60.38 -103.41
N LEU B 75 17.88 59.85 -102.39
CA LEU B 75 17.75 58.45 -102.00
C LEU B 75 17.51 58.34 -100.50
N PRO B 76 16.25 58.41 -100.06
CA PRO B 76 15.94 58.41 -98.63
C PRO B 76 16.32 57.14 -97.89
N TYR B 77 15.66 56.02 -98.22
CA TYR B 77 15.83 54.70 -97.63
C TYR B 77 15.92 54.73 -96.11
N VAL B 78 14.92 55.30 -95.44
CA VAL B 78 15.09 55.66 -94.06
C VAL B 78 14.61 54.57 -93.12
N ASN B 79 13.29 54.37 -93.08
CA ASN B 79 12.75 53.46 -92.08
C ASN B 79 11.94 52.32 -92.70
N GLU B 80 11.00 52.63 -93.59
CA GLU B 80 10.11 51.60 -94.10
C GLU B 80 10.60 50.99 -95.40
N ILE B 81 11.39 51.72 -96.17
CA ILE B 81 11.95 51.14 -97.39
C ILE B 81 13.06 50.16 -97.05
N LYS B 82 13.84 50.47 -96.00
CA LYS B 82 14.76 49.50 -95.45
C LYS B 82 14.02 48.30 -94.89
N LEU B 83 12.82 48.51 -94.34
CA LEU B 83 12.04 47.40 -93.83
C LEU B 83 11.54 46.51 -94.97
N ALA B 84 11.23 47.10 -96.13
CA ALA B 84 10.88 46.32 -97.32
C ALA B 84 12.05 45.46 -97.78
N LEU B 85 13.24 46.07 -97.86
CA LEU B 85 14.39 45.31 -98.32
C LEU B 85 14.82 44.26 -97.30
N MET B 86 14.54 44.50 -96.03
CA MET B 86 14.79 43.45 -95.06
C MET B 86 13.76 42.34 -95.15
N LYS B 87 12.53 42.65 -95.59
CA LYS B 87 11.55 41.59 -95.84
C LYS B 87 12.01 40.62 -96.91
N ILE B 88 12.50 41.16 -98.03
CA ILE B 88 12.96 40.25 -99.11
C ILE B 88 14.20 39.47 -98.68
N PHE B 89 15.11 40.11 -97.93
CA PHE B 89 16.29 39.35 -97.53
C PHE B 89 16.02 38.34 -96.42
N THR B 90 15.02 38.58 -95.57
CA THR B 90 14.69 37.61 -94.54
C THR B 90 13.92 36.43 -95.12
N SER B 91 13.12 36.66 -96.16
CA SER B 91 12.53 35.53 -96.86
C SER B 91 13.59 34.73 -97.60
N TRP B 92 14.66 35.39 -98.06
CA TRP B 92 15.78 34.66 -98.62
C TRP B 92 16.47 33.80 -97.56
N LEU B 93 16.55 34.32 -96.33
CA LEU B 93 17.05 33.51 -95.22
C LEU B 93 16.17 32.28 -94.97
N LYS B 94 14.85 32.43 -95.08
CA LYS B 94 13.97 31.28 -94.85
C LYS B 94 14.15 30.21 -95.92
N TYR B 95 14.07 30.61 -97.19
CA TYR B 95 14.14 29.60 -98.23
C TYR B 95 15.55 29.06 -98.42
N SER B 96 16.56 29.73 -97.87
CA SER B 96 17.88 29.11 -97.77
C SER B 96 18.02 28.24 -96.53
N ASN B 97 17.17 28.46 -95.53
CA ASN B 97 17.30 27.72 -94.28
C ASN B 97 16.75 26.32 -94.43
N GLU B 98 15.84 26.12 -95.38
CA GLU B 98 15.51 24.81 -95.86
C GLU B 98 16.56 24.36 -96.87
N LYS B 99 16.55 23.07 -97.20
CA LYS B 99 17.57 22.55 -98.12
C LYS B 99 17.01 22.55 -99.54
N LEU B 100 16.62 23.75 -99.99
CA LEU B 100 16.04 23.93 -101.31
C LEU B 100 17.12 24.13 -102.35
N GLY B 101 16.75 23.89 -103.61
CA GLY B 101 17.65 24.12 -104.72
C GLY B 101 17.83 25.60 -105.00
N ALA B 102 18.62 25.89 -106.04
CA ALA B 102 18.98 27.27 -106.30
C ALA B 102 17.83 28.07 -106.93
N ASN B 103 17.21 27.53 -107.98
CA ASN B 103 16.17 28.31 -108.64
C ASN B 103 14.87 28.35 -107.85
N GLU B 104 14.65 27.37 -106.97
CA GLU B 104 13.47 27.39 -106.12
C GLU B 104 13.56 28.53 -105.11
N ILE B 105 14.76 28.72 -104.56
CA ILE B 105 15.06 29.91 -103.76
C ILE B 105 14.87 31.17 -104.59
N ALA B 106 15.33 31.14 -105.85
CA ALA B 106 15.25 32.32 -106.71
C ALA B 106 13.81 32.74 -106.97
N ILE B 107 12.94 31.78 -107.27
CA ILE B 107 11.57 32.16 -107.59
C ILE B 107 10.73 32.43 -106.34
N ASN B 108 11.04 31.82 -105.19
CA ASN B 108 10.31 32.20 -103.99
C ASN B 108 10.71 33.60 -103.51
N VAL B 109 11.99 33.95 -103.61
CA VAL B 109 12.41 35.30 -103.27
C VAL B 109 11.87 36.30 -104.29
N ALA B 110 11.72 35.89 -105.55
CA ALA B 110 11.11 36.77 -106.54
C ALA B 110 9.63 37.01 -106.25
N GLY B 111 8.93 36.00 -105.75
CA GLY B 111 7.54 36.19 -105.36
C GLY B 111 7.40 37.12 -104.16
N THR B 112 8.26 36.95 -103.16
CA THR B 112 8.23 37.86 -102.01
C THR B 112 8.62 39.28 -102.42
N ALA B 113 9.54 39.41 -103.37
CA ALA B 113 9.89 40.71 -103.95
C ALA B 113 8.70 41.34 -104.65
N THR B 114 7.92 40.55 -105.38
CA THR B 114 6.73 41.05 -106.06
C THR B 114 5.73 41.61 -105.06
N MET B 115 5.43 40.84 -104.01
CA MET B 115 4.48 41.29 -103.00
C MET B 115 4.96 42.53 -102.25
N THR B 116 6.23 42.53 -101.84
CA THR B 116 6.76 43.63 -101.04
C THR B 116 6.90 44.91 -101.86
N LEU B 117 7.50 44.83 -103.04
CA LEU B 117 7.64 46.01 -103.88
C LEU B 117 6.33 46.41 -104.55
N THR B 118 5.30 45.58 -104.49
CA THR B 118 3.97 46.03 -104.85
C THR B 118 3.41 46.91 -103.75
N GLU B 119 3.49 46.44 -102.50
CA GLU B 119 2.79 47.09 -101.41
C GLU B 119 3.33 48.48 -101.10
N ASN B 120 4.59 48.58 -100.68
CA ASN B 120 5.07 49.77 -99.97
C ASN B 120 6.04 50.60 -100.82
N LEU B 121 5.77 50.77 -102.11
CA LEU B 121 6.45 51.86 -102.80
C LEU B 121 5.52 52.62 -103.73
N TYR B 122 4.22 52.60 -103.43
CA TYR B 122 3.27 53.47 -104.09
C TYR B 122 3.05 54.70 -103.22
N GLY B 123 3.35 55.87 -103.76
CA GLY B 123 3.18 57.10 -103.02
C GLY B 123 4.37 57.55 -102.22
N THR B 124 5.56 57.00 -102.50
CA THR B 124 6.72 57.43 -101.72
C THR B 124 7.99 57.64 -102.54
N ARG B 125 7.92 58.34 -103.68
CA ARG B 125 9.05 59.07 -104.27
C ARG B 125 10.11 58.14 -104.89
N VAL B 126 10.00 56.83 -104.71
CA VAL B 126 11.01 55.88 -105.15
C VAL B 126 10.37 54.94 -106.17
N SER B 127 10.83 55.01 -107.41
CA SER B 127 10.34 54.12 -108.46
C SER B 127 10.84 52.70 -108.21
N CYS B 128 10.17 51.75 -108.87
CA CYS B 128 10.51 50.35 -108.62
C CYS B 128 11.83 49.95 -109.27
N GLU B 129 12.18 50.59 -110.39
CA GLU B 129 13.39 50.22 -111.11
C GLU B 129 14.64 50.55 -110.30
N GLU B 130 14.61 51.66 -109.55
CA GLU B 130 15.74 52.01 -108.70
C GLU B 130 15.87 51.05 -107.53
N ALA B 131 14.74 50.60 -106.98
CA ALA B 131 14.77 49.65 -105.88
C ALA B 131 15.31 48.29 -106.34
N VAL B 132 14.94 47.88 -107.55
CA VAL B 132 15.40 46.59 -108.06
C VAL B 132 16.87 46.66 -108.46
N SER B 133 17.32 47.81 -108.95
CA SER B 133 18.75 48.01 -109.14
C SER B 133 19.51 47.97 -107.82
N LEU B 134 18.92 48.49 -106.75
CA LEU B 134 19.56 48.43 -105.44
C LEU B 134 19.64 47.00 -104.91
N ILE B 135 18.58 46.21 -105.11
CA ILE B 135 18.57 44.81 -104.68
C ILE B 135 19.60 44.00 -105.46
N ASN B 136 19.69 44.26 -106.78
CA ASN B 136 20.70 43.59 -107.59
C ASN B 136 22.11 43.99 -107.18
N SER B 137 22.30 45.24 -106.74
CA SER B 137 23.61 45.63 -106.24
C SER B 137 23.95 44.93 -104.93
N ILE B 138 22.97 44.75 -104.04
CA ILE B 138 23.26 44.07 -102.78
C ILE B 138 23.56 42.59 -103.01
N PHE B 139 22.84 41.95 -103.93
CA PHE B 139 23.18 40.56 -104.27
C PHE B 139 24.50 40.47 -105.04
N ALA B 140 24.90 41.53 -105.73
CA ALA B 140 26.24 41.53 -106.32
C ALA B 140 27.31 41.63 -105.25
N VAL B 141 27.01 42.29 -104.14
CA VAL B 141 27.96 42.36 -103.04
C VAL B 141 28.05 41.03 -102.30
N TRP B 142 26.90 40.42 -101.99
CA TRP B 142 26.87 39.16 -101.25
C TRP B 142 27.44 37.99 -102.04
N VAL B 143 26.80 37.60 -103.14
CA VAL B 143 27.16 36.36 -103.81
C VAL B 143 27.54 36.60 -105.26
N GLY B 144 27.31 37.82 -105.75
CA GLY B 144 27.73 38.18 -107.10
C GLY B 144 26.94 37.49 -108.18
N VAL B 145 25.63 37.76 -108.23
CA VAL B 145 24.73 37.11 -109.17
C VAL B 145 23.95 38.12 -110.00
N GLU B 146 23.31 39.10 -109.33
CA GLU B 146 22.32 40.04 -109.86
C GLU B 146 21.20 39.31 -110.58
N PRO B 147 20.29 38.64 -109.87
CA PRO B 147 19.35 37.73 -110.52
C PRO B 147 18.06 38.32 -111.05
N PHE B 148 17.58 39.46 -110.56
CA PHE B 148 16.20 39.86 -110.77
C PHE B 148 16.08 40.91 -111.86
N GLU B 149 15.17 40.66 -112.79
CA GLU B 149 14.70 41.63 -113.78
C GLU B 149 13.28 42.03 -113.42
N ALA B 150 12.98 43.32 -113.53
CA ALA B 150 11.69 43.82 -113.08
C ALA B 150 10.99 44.58 -114.17
N GLU B 151 9.75 44.96 -113.86
CA GLU B 151 8.92 45.77 -114.75
C GLU B 151 7.84 46.44 -113.93
N GLU B 152 7.44 47.62 -114.40
CA GLU B 152 6.30 48.35 -113.84
C GLU B 152 5.13 48.27 -114.81
N ARG B 153 4.95 47.07 -115.39
CA ARG B 153 4.13 46.88 -116.58
C ARG B 153 2.65 47.17 -116.30
N GLU B 154 2.21 46.90 -115.09
CA GLU B 154 0.86 47.24 -114.67
C GLU B 154 0.99 48.21 -113.49
N GLY B 155 -0.12 48.47 -112.80
CA GLY B 155 -0.13 49.38 -111.67
C GLY B 155 0.75 48.95 -110.50
N ALA B 156 1.07 47.66 -110.41
CA ALA B 156 1.99 47.14 -109.43
C ALA B 156 3.34 46.89 -110.07
N CYS B 157 4.36 46.60 -109.25
CA CYS B 157 5.66 46.23 -109.78
C CYS B 157 5.83 44.73 -109.72
N LEU B 158 6.42 44.16 -110.77
CA LEU B 158 6.53 42.71 -110.91
C LEU B 158 7.98 42.31 -111.08
N VAL B 159 8.44 41.38 -110.26
CA VAL B 159 9.83 40.91 -110.25
C VAL B 159 9.86 39.47 -110.72
N THR B 160 10.72 39.19 -111.68
CA THR B 160 10.94 37.84 -112.20
C THR B 160 12.44 37.55 -112.24
N PRO B 161 12.84 36.31 -111.99
CA PRO B 161 14.27 36.00 -111.95
C PRO B 161 14.85 35.69 -113.32
N ARG B 162 16.16 35.94 -113.44
CA ARG B 162 16.90 35.61 -114.64
C ARG B 162 17.87 34.47 -114.47
N SER B 163 18.30 34.19 -113.25
CA SER B 163 19.36 33.23 -113.00
C SER B 163 19.13 32.62 -111.62
N PRO B 164 19.61 31.40 -111.39
CA PRO B 164 19.43 30.79 -110.06
C PRO B 164 20.21 31.52 -108.98
N LEU B 165 19.73 31.39 -107.75
CA LEU B 165 20.25 32.14 -106.63
C LEU B 165 20.85 31.19 -105.60
N PRO B 166 22.07 31.43 -105.13
CA PRO B 166 22.67 30.57 -104.11
C PRO B 166 22.04 30.82 -102.76
N PRO B 167 22.14 29.88 -101.83
CA PRO B 167 21.64 30.10 -100.47
C PRO B 167 22.57 31.03 -99.68
N VAL B 168 22.14 31.35 -98.47
CA VAL B 168 22.84 32.32 -97.61
C VAL B 168 24.16 31.72 -97.13
N PRO B 169 25.27 32.46 -97.16
CA PRO B 169 26.56 31.98 -96.64
C PRO B 169 26.69 31.97 -95.12
N ILE B 170 25.67 31.46 -94.43
CA ILE B 170 25.64 31.39 -92.97
C ILE B 170 25.08 30.03 -92.59
N SER B 171 25.80 29.29 -91.75
CA SER B 171 25.40 27.97 -91.30
C SER B 171 24.81 28.08 -89.90
N SER B 172 23.64 27.48 -89.70
CA SER B 172 22.99 27.47 -88.39
C SER B 172 23.46 26.24 -87.61
N PRO B 173 24.24 26.40 -86.55
CA PRO B 173 24.89 25.24 -85.93
C PRO B 173 23.99 24.55 -84.91
N THR B 174 24.25 23.27 -84.72
CA THR B 174 23.57 22.46 -83.71
C THR B 174 24.36 22.37 -82.40
N GLY B 175 24.72 23.52 -81.85
CA GLY B 175 25.54 23.54 -80.66
C GLY B 175 24.75 23.33 -79.38
N PHE B 176 25.47 23.37 -78.26
CA PHE B 176 24.88 23.22 -76.95
C PHE B 176 25.52 24.15 -75.93
N SER B 177 25.76 25.41 -76.35
CA SER B 177 26.72 26.33 -75.73
C SER B 177 26.55 26.50 -74.22
N ALA B 178 27.65 26.29 -73.50
CA ALA B 178 27.72 26.28 -72.04
C ALA B 178 28.40 27.54 -71.53
N PRO B 179 28.05 28.00 -70.34
CA PRO B 179 28.66 29.23 -69.83
C PRO B 179 30.10 29.01 -69.40
N ILE B 180 30.84 30.12 -69.30
CA ILE B 180 32.24 30.04 -68.89
C ILE B 180 32.35 29.73 -67.40
N GLN B 181 31.33 30.06 -66.61
CA GLN B 181 31.37 29.70 -65.20
C GLN B 181 31.19 28.20 -65.03
N GLU B 182 30.40 27.56 -65.88
CA GLU B 182 30.26 26.12 -65.84
C GLU B 182 31.54 25.42 -66.27
N VAL B 183 32.30 26.05 -67.16
CA VAL B 183 33.59 25.50 -67.57
C VAL B 183 34.59 25.62 -66.43
N LEU B 184 34.66 26.78 -65.78
CA LEU B 184 35.70 26.98 -64.78
C LEU B 184 35.38 26.28 -63.46
N GLN B 185 34.12 26.25 -63.04
CA GLN B 185 33.80 25.66 -61.74
C GLN B 185 33.77 24.14 -61.78
N ALA B 186 33.79 23.53 -62.96
CA ALA B 186 33.70 22.09 -63.06
C ALA B 186 35.03 21.44 -62.72
N LYS B 187 34.99 20.13 -62.47
CA LYS B 187 36.17 19.36 -62.13
C LYS B 187 36.58 18.39 -63.22
N SER B 188 35.70 18.10 -64.17
CA SER B 188 35.97 17.11 -65.20
C SER B 188 35.21 17.50 -66.45
N PRO B 189 35.64 17.04 -67.62
CA PRO B 189 34.83 17.24 -68.83
C PRO B 189 33.46 16.57 -68.80
N GLU B 190 33.35 15.39 -68.19
CA GLU B 190 32.08 14.70 -68.14
C GLU B 190 31.10 15.38 -67.21
N GLU B 191 31.58 16.22 -66.29
CA GLU B 191 30.66 17.02 -65.50
C GLU B 191 30.06 18.14 -66.33
N ILE B 192 30.78 18.62 -67.35
CA ILE B 192 30.21 19.60 -68.26
C ILE B 192 29.20 18.94 -69.18
N ILE B 193 29.52 17.76 -69.71
CA ILE B 193 28.53 17.05 -70.53
C ILE B 193 27.40 16.51 -69.67
N GLY B 194 27.71 15.63 -68.73
CA GLY B 194 26.68 14.96 -67.94
C GLY B 194 26.06 15.82 -66.87
CA MET C 1 11.07 60.80 -62.17
C MET C 1 9.69 60.91 -62.81
N ALA C 2 9.52 61.90 -63.68
CA ALA C 2 8.22 62.21 -64.26
C ALA C 2 7.84 61.15 -65.29
N ARG C 3 6.60 61.26 -65.79
CA ARG C 3 6.05 60.25 -66.69
C ARG C 3 6.74 60.24 -68.04
N LYS C 4 7.33 61.36 -68.45
CA LYS C 4 8.27 61.48 -69.57
C LYS C 4 7.66 61.06 -70.91
N ARG C 5 6.33 61.06 -71.03
CA ARG C 5 5.66 60.71 -72.27
C ARG C 5 4.93 61.91 -72.84
N THR C 6 4.05 62.52 -72.07
CA THR C 6 3.33 63.69 -72.52
C THR C 6 3.07 64.57 -71.31
N SER C 7 2.69 65.82 -71.58
CA SER C 7 2.30 66.71 -70.50
C SER C 7 1.03 66.23 -69.82
N LYS C 8 -0.09 66.22 -70.55
CA LYS C 8 -1.42 65.84 -70.08
C LYS C 8 -1.81 66.67 -68.85
N ASN C 9 -2.02 67.96 -69.10
CA ASN C 9 -2.29 68.92 -68.04
C ASN C 9 -3.62 68.64 -67.36
N ASP C 10 -3.56 68.07 -66.16
CA ASP C 10 -4.72 67.68 -65.39
C ASP C 10 -4.32 67.60 -63.92
N PRO C 11 -4.88 68.46 -63.05
CA PRO C 11 -4.40 68.49 -61.66
C PRO C 11 -4.83 67.31 -60.83
N LEU C 12 -5.95 66.68 -61.17
CA LEU C 12 -6.44 65.59 -60.36
C LEU C 12 -5.58 64.35 -60.52
N ARG C 13 -5.02 64.14 -61.71
CA ARG C 13 -4.05 63.06 -61.91
C ARG C 13 -2.77 63.32 -61.11
N MET C 14 -2.38 64.60 -60.97
CA MET C 14 -1.21 64.94 -60.18
C MET C 14 -1.39 64.55 -58.73
N TYR C 15 -2.50 65.01 -58.13
CA TYR C 15 -2.74 64.69 -56.72
C TYR C 15 -2.96 63.20 -56.51
N LEU C 16 -3.58 62.53 -57.47
CA LEU C 16 -3.83 61.10 -57.29
C LEU C 16 -2.58 60.26 -57.42
N ASN C 17 -1.63 60.64 -58.30
CA ASN C 17 -0.37 59.91 -58.35
C ASN C 17 0.47 60.18 -57.12
N TYR C 18 0.36 61.39 -56.54
CA TYR C 18 1.06 61.67 -55.29
C TYR C 18 0.53 60.81 -54.15
N VAL C 19 -0.80 60.71 -54.05
CA VAL C 19 -1.42 59.87 -53.02
C VAL C 19 -1.09 58.40 -53.24
N ARG C 20 -0.94 57.98 -54.49
CA ARG C 20 -0.57 56.60 -54.77
C ARG C 20 0.86 56.31 -54.33
N LYS C 21 1.79 57.25 -54.52
CA LYS C 21 3.18 56.93 -54.22
C LYS C 21 3.63 57.37 -52.84
N LEU C 22 2.74 57.93 -52.02
CA LEU C 22 3.07 58.13 -50.61
C LEU C 22 3.29 56.84 -49.83
N GLN C 23 2.88 55.70 -50.34
CA GLN C 23 3.17 54.45 -49.64
C GLN C 23 4.49 53.83 -50.06
N THR C 24 5.34 54.56 -50.78
CA THR C 24 6.66 54.12 -51.20
C THR C 24 7.72 55.16 -50.91
N MET C 25 7.34 56.45 -50.88
CA MET C 25 8.26 57.52 -50.50
C MET C 25 8.87 57.30 -49.13
N GLY C 26 8.08 56.81 -48.17
CA GLY C 26 8.52 56.63 -46.81
C GLY C 26 9.57 55.56 -46.62
N ASP C 27 9.74 54.67 -47.59
CA ASP C 27 10.82 53.70 -47.58
C ASP C 27 11.98 54.08 -48.49
N ALA C 28 11.68 54.80 -49.58
CA ALA C 28 12.75 55.25 -50.45
C ALA C 28 13.64 56.28 -49.76
N TYR C 29 13.09 57.04 -48.81
CA TYR C 29 13.90 57.99 -48.05
C TYR C 29 14.90 57.27 -47.15
N ASP C 30 14.42 56.24 -46.43
CA ASP C 30 15.26 55.39 -45.59
C ASP C 30 16.34 54.69 -46.39
N GLU C 31 16.03 54.29 -47.62
CA GLU C 31 17.06 53.72 -48.47
C GLU C 31 18.05 54.77 -48.96
N SER C 32 17.58 56.00 -49.19
CA SER C 32 18.42 57.04 -49.78
C SER C 32 19.43 57.62 -48.81
N ALA C 33 19.21 57.46 -47.50
CA ALA C 33 20.14 57.91 -46.45
C ALA C 33 21.61 57.58 -46.67
N LYS C 34 21.90 56.40 -47.21
CA LYS C 34 23.26 55.87 -47.22
C LYS C 34 24.19 56.62 -48.17
N TYR C 35 23.66 57.25 -49.20
CA TYR C 35 24.46 58.13 -50.04
C TYR C 35 24.13 59.61 -49.82
N ARG C 36 22.94 59.89 -49.28
CA ARG C 36 22.57 61.24 -48.84
C ARG C 36 23.61 61.83 -47.91
N ILE C 37 24.05 61.05 -46.91
CA ILE C 37 24.93 61.58 -45.88
C ILE C 37 26.31 61.93 -46.43
N ALA C 38 26.88 61.06 -47.28
CA ALA C 38 28.20 61.33 -47.84
C ALA C 38 28.18 62.46 -48.85
N ASN C 39 27.10 62.59 -49.63
CA ASN C 39 27.05 63.70 -50.57
C ASN C 39 26.88 65.03 -49.86
N PHE C 40 26.16 65.07 -48.74
CA PHE C 40 26.14 66.31 -47.97
C PHE C 40 27.47 66.59 -47.31
N GLU C 41 28.13 65.53 -46.82
CA GLU C 41 29.47 65.60 -46.22
C GLU C 41 30.44 66.34 -47.11
N ASN C 42 30.47 65.99 -48.39
CA ASN C 42 31.38 66.74 -49.28
C ASN C 42 30.68 67.79 -50.14
N GLY C 43 29.44 68.15 -49.84
CA GLY C 43 28.84 69.28 -50.51
C GLY C 43 28.65 70.54 -49.69
N PHE C 44 28.59 70.42 -48.37
CA PHE C 44 28.36 71.59 -47.53
C PHE C 44 29.61 72.47 -47.40
N LYS C 45 30.79 71.92 -47.67
CA LYS C 45 32.02 72.67 -47.51
C LYS C 45 32.12 73.83 -48.49
N SER C 46 31.53 73.68 -49.68
CA SER C 46 31.57 74.75 -50.66
C SER C 46 30.76 75.96 -50.20
N LEU C 47 29.56 75.72 -49.65
CA LEU C 47 28.77 76.80 -49.06
C LEU C 47 29.50 77.49 -47.93
N HIS C 48 30.07 76.70 -47.02
CA HIS C 48 30.66 77.33 -45.84
C HIS C 48 31.94 78.10 -46.20
N MET C 49 32.68 77.61 -47.19
CA MET C 49 33.86 78.34 -47.64
C MET C 49 33.48 79.61 -48.39
N VAL C 50 32.44 79.57 -49.24
CA VAL C 50 32.12 80.79 -49.97
C VAL C 50 31.48 81.83 -49.06
N GLU C 51 30.79 81.40 -47.99
CA GLU C 51 30.24 82.38 -47.06
C GLU C 51 31.32 83.00 -46.18
N ASN C 52 32.31 82.21 -45.76
CA ASN C 52 33.44 82.80 -45.03
C ASN C 52 34.27 83.72 -45.91
N GLU C 53 34.44 83.37 -47.19
CA GLU C 53 35.22 84.24 -48.07
C GLU C 53 34.48 85.53 -48.35
N PHE C 54 33.16 85.50 -48.44
CA PHE C 54 32.39 86.73 -48.56
C PHE C 54 32.54 87.61 -47.31
N LYS C 55 32.41 87.01 -46.12
CA LYS C 55 32.59 87.78 -44.88
C LYS C 55 33.94 88.46 -44.83
N GLN C 56 35.00 87.70 -45.17
CA GLN C 56 36.35 88.22 -45.07
C GLN C 56 36.60 89.34 -46.08
N TYR C 57 36.19 89.13 -47.34
CA TYR C 57 36.51 90.12 -48.35
C TYR C 57 35.62 91.35 -48.24
N LEU C 58 34.38 91.19 -47.77
CA LEU C 58 33.56 92.36 -47.45
C LEU C 58 34.16 93.17 -46.31
N ALA C 59 34.68 92.49 -45.29
CA ALA C 59 35.33 93.20 -44.19
C ALA C 59 36.56 93.96 -44.67
N ASN C 60 37.34 93.37 -45.58
CA ASN C 60 38.52 94.05 -46.10
C ASN C 60 38.16 95.29 -46.93
N VAL C 61 37.14 95.16 -47.80
CA VAL C 61 36.74 96.29 -48.63
C VAL C 61 36.14 97.42 -47.80
N ILE C 62 35.31 97.07 -46.80
CA ILE C 62 34.73 98.08 -45.92
C ILE C 62 35.80 98.76 -45.08
N ASP C 63 36.82 98.03 -44.62
CA ASP C 63 37.86 98.66 -43.82
C ASP C 63 38.76 99.55 -44.68
N GLU C 64 38.98 99.18 -45.94
CA GLU C 64 39.73 100.07 -46.83
C GLU C 64 38.92 101.30 -47.21
N ALA C 65 37.59 101.20 -47.16
CA ALA C 65 36.77 102.40 -47.36
C ALA C 65 36.75 103.29 -46.12
N ILE C 66 36.81 102.69 -44.93
CA ILE C 66 36.86 103.47 -43.70
C ILE C 66 38.20 104.18 -43.56
N LYS C 67 39.29 103.55 -44.02
CA LYS C 67 40.60 104.19 -43.93
C LYS C 67 40.73 105.40 -44.86
N SER C 68 39.82 105.54 -45.82
CA SER C 68 39.76 106.75 -46.64
C SER C 68 39.01 107.90 -45.95
N GLY C 69 38.57 107.72 -44.72
CA GLY C 69 38.02 108.81 -43.94
C GLY C 69 36.51 108.86 -43.82
N ALA C 70 35.80 107.83 -44.26
CA ALA C 70 34.35 107.83 -44.15
C ALA C 70 33.93 107.50 -42.71
N SER C 71 32.66 107.71 -42.45
CA SER C 71 32.11 107.43 -41.13
C SER C 71 31.40 106.09 -41.12
N PRO C 72 31.38 105.38 -39.99
CA PRO C 72 30.65 104.10 -39.94
C PRO C 72 29.14 104.24 -39.92
N GLN C 73 28.59 105.46 -39.91
CA GLN C 73 27.18 105.62 -40.19
C GLN C 73 26.90 105.74 -41.68
N ASP C 74 27.91 106.03 -42.50
CA ASP C 74 27.67 106.20 -43.93
C ASP C 74 27.36 104.87 -44.61
N LEU C 75 27.96 103.79 -44.13
CA LEU C 75 27.88 102.47 -44.78
C LEU C 75 27.51 101.41 -43.76
N PRO C 76 26.22 101.19 -43.53
CA PRO C 76 25.79 100.24 -42.50
C PRO C 76 26.17 98.79 -42.75
N TYR C 77 25.60 98.18 -43.80
CA TYR C 77 25.80 96.80 -44.21
C TYR C 77 25.75 95.81 -43.06
N VAL C 78 24.67 95.82 -42.29
CA VAL C 78 24.69 95.17 -41.00
C VAL C 78 24.19 93.74 -41.07
N ASN C 79 22.90 93.57 -41.32
CA ASN C 79 22.32 92.24 -41.24
C ASN C 79 21.62 91.81 -42.52
N GLU C 80 20.76 92.65 -43.08
CA GLU C 80 19.98 92.23 -44.24
C GLU C 80 20.61 92.63 -45.55
N ILE C 81 21.43 93.69 -45.56
CA ILE C 81 22.11 94.05 -46.78
C ILE C 81 23.25 93.07 -47.06
N LYS C 82 23.92 92.61 -46.00
CA LYS C 82 24.84 91.49 -46.15
C LYS C 82 24.13 90.22 -46.61
N LEU C 83 22.88 90.05 -46.18
CA LEU C 83 22.12 88.89 -46.62
C LEU C 83 21.76 88.99 -48.10
N ALA C 84 21.52 90.20 -48.60
CA ALA C 84 21.33 90.42 -50.04
C ALA C 84 22.58 90.06 -50.84
N LEU C 85 23.74 90.54 -50.36
CA LEU C 85 24.96 90.27 -51.09
C LEU C 85 25.36 88.80 -50.99
N MET C 86 24.96 88.13 -49.91
CA MET C 86 25.19 86.70 -49.85
C MET C 86 24.23 85.95 -50.76
N LYS C 87 23.03 86.50 -51.01
CA LYS C 87 22.13 85.88 -52.00
C LYS C 87 22.74 85.86 -53.39
N ILE C 88 23.29 86.99 -53.82
CA ILE C 88 23.90 87.02 -55.16
C ILE C 88 25.15 86.14 -55.24
N PHE C 89 25.95 86.11 -54.16
CA PHE C 89 27.13 85.24 -54.25
C PHE C 89 26.82 83.76 -54.12
N THR C 90 25.73 83.40 -53.43
CA THR C 90 25.38 81.99 -53.34
C THR C 90 24.73 81.50 -54.63
N SER C 91 24.01 82.39 -55.33
CA SER C 91 23.55 82.01 -56.68
C SER C 91 24.71 81.89 -57.65
N TRP C 92 25.78 82.67 -57.43
CA TRP C 92 26.99 82.47 -58.22
C TRP C 92 27.63 81.12 -57.92
N LEU C 93 27.57 80.69 -56.66
CA LEU C 93 28.01 79.34 -56.31
C LEU C 93 27.19 78.28 -57.03
N LYS C 94 25.88 78.47 -57.15
CA LYS C 94 25.05 77.47 -57.84
C LYS C 94 25.38 77.39 -59.31
N TYR C 95 25.39 78.53 -60.00
CA TYR C 95 25.61 78.46 -61.44
C TYR C 95 27.07 78.17 -61.79
N SER C 96 27.98 78.29 -60.83
CA SER C 96 29.31 77.74 -61.04
C SER C 96 29.39 76.26 -60.67
N ASN C 97 28.45 75.77 -59.88
CA ASN C 97 28.52 74.38 -59.42
C ASN C 97 28.06 73.44 -60.52
N GLU C 98 27.25 73.95 -61.45
CA GLU C 98 27.04 73.28 -62.71
C GLU C 98 28.19 73.60 -63.64
N LYS C 99 28.29 72.85 -64.74
CA LYS C 99 29.41 73.06 -65.66
C LYS C 99 28.98 74.02 -66.78
N LEU C 100 28.56 75.21 -66.36
CA LEU C 100 28.09 76.23 -67.28
C LEU C 100 29.25 77.07 -67.80
N GLY C 101 29.01 77.71 -68.94
CA GLY C 101 29.98 78.61 -69.51
C GLY C 101 30.10 79.91 -68.73
N ALA C 102 30.97 80.79 -69.22
CA ALA C 102 31.27 82.01 -68.47
C ALA C 102 30.13 83.02 -68.53
N ASN C 103 29.64 83.34 -69.73
CA ASN C 103 28.61 84.37 -69.81
C ASN C 103 27.25 83.90 -69.33
N GLU C 104 27.01 82.58 -69.36
CA GLU C 104 25.76 82.06 -68.83
C GLU C 104 25.70 82.24 -67.32
N ILE C 105 26.83 81.99 -66.65
CA ILE C 105 26.99 82.35 -65.25
C ILE C 105 26.81 83.85 -65.06
N ALA C 106 27.38 84.65 -65.95
CA ALA C 106 27.30 86.12 -65.82
C ALA C 106 25.87 86.62 -65.88
N ILE C 107 25.09 86.11 -66.83
CA ILE C 107 23.73 86.63 -66.95
C ILE C 107 22.77 86.01 -65.95
N ASN C 108 23.01 84.79 -65.47
CA ASN C 108 22.16 84.29 -64.39
C ASN C 108 22.43 85.01 -63.07
N VAL C 109 23.69 85.32 -62.78
CA VAL C 109 24.01 86.10 -61.58
C VAL C 109 23.50 87.53 -61.74
N ALA C 110 23.49 88.06 -62.96
CA ALA C 110 22.92 89.38 -63.19
C ALA C 110 21.40 89.39 -62.96
N GLY C 111 20.72 88.31 -63.34
CA GLY C 111 19.30 88.23 -63.05
C GLY C 111 18.99 88.12 -61.57
N THR C 112 19.77 87.33 -60.84
CA THR C 112 19.59 87.23 -59.39
C THR C 112 19.94 88.57 -58.71
N ALA C 113 20.93 89.29 -59.25
CA ALA C 113 21.25 90.63 -58.78
C ALA C 113 20.09 91.59 -59.00
N THR C 114 19.42 91.49 -60.16
CA THR C 114 18.27 92.33 -60.44
C THR C 114 17.15 92.10 -59.44
N MET C 115 16.81 90.83 -59.20
CA MET C 115 15.74 90.51 -58.24
C MET C 115 16.09 90.94 -56.82
N THR C 116 17.32 90.65 -56.38
CA THR C 116 17.71 90.93 -55.01
C THR C 116 17.85 92.42 -54.76
N LEU C 117 18.56 93.14 -55.63
CA LEU C 117 18.70 94.58 -55.45
C LEU C 117 17.44 95.35 -55.83
N THR C 118 16.45 94.70 -56.43
CA THR C 118 15.14 95.30 -56.54
C THR C 118 14.43 95.23 -55.20
N GLU C 119 14.43 94.05 -54.58
CA GLU C 119 13.59 93.83 -53.40
C GLU C 119 14.03 94.65 -52.19
N ASN C 120 15.24 94.43 -51.69
CA ASN C 120 15.58 94.85 -50.33
C ASN C 120 16.58 96.01 -50.31
N LEU C 121 16.41 96.99 -51.19
CA LEU C 121 17.07 98.26 -50.90
C LEU C 121 16.18 99.45 -51.19
N TYR C 122 14.87 99.27 -51.12
CA TYR C 122 13.94 100.38 -51.13
C TYR C 122 13.58 100.71 -49.69
N GLY C 123 13.84 101.93 -49.28
CA GLY C 123 13.55 102.38 -47.95
C GLY C 123 14.64 102.16 -46.93
N THR C 124 15.88 101.91 -47.37
CA THR C 124 16.94 101.69 -46.39
C THR C 124 18.26 102.39 -46.74
N ARG C 125 18.25 103.66 -47.12
CA ARG C 125 19.39 104.58 -46.96
C ARG C 125 20.55 104.29 -47.93
N VAL C 126 20.49 103.19 -48.67
CA VAL C 126 21.59 102.75 -49.52
C VAL C 126 21.09 102.74 -50.96
N SER C 127 21.66 103.60 -51.79
CA SER C 127 21.32 103.65 -53.20
C SER C 127 21.86 102.41 -53.91
N CYS C 128 21.32 102.14 -55.11
CA CYS C 128 21.72 100.92 -55.81
C CYS C 128 23.11 101.05 -56.42
N GLU C 129 23.52 102.26 -56.79
CA GLU C 129 24.81 102.44 -57.44
C GLU C 129 25.97 102.13 -56.50
N GLU C 130 25.80 102.46 -55.21
CA GLU C 130 26.83 102.15 -54.22
C GLU C 130 26.92 100.65 -53.98
N ALA C 131 25.77 99.97 -53.98
CA ALA C 131 25.75 98.52 -53.80
C ALA C 131 26.41 97.81 -54.97
N VAL C 132 26.17 98.31 -56.19
CA VAL C 132 26.75 97.67 -57.37
C VAL C 132 28.24 97.96 -57.47
N SER C 133 28.67 99.15 -57.02
CA SER C 133 30.10 99.41 -56.89
C SER C 133 30.74 98.48 -55.86
N LEU C 134 30.02 98.17 -54.77
CA LEU C 134 30.55 97.24 -53.78
C LEU C 134 30.67 95.82 -54.33
N ILE C 135 29.67 95.38 -55.10
CA ILE C 135 29.71 94.05 -55.71
C ILE C 135 30.85 93.95 -56.72
N ASN C 136 31.04 95.01 -57.52
CA ASN C 136 32.15 95.03 -58.46
C ASN C 136 33.50 95.05 -57.74
N SER C 137 33.57 95.68 -56.56
CA SER C 137 34.81 95.62 -55.80
C SER C 137 35.08 94.22 -55.25
N ILE C 138 34.03 93.51 -54.83
CA ILE C 138 34.24 92.16 -54.30
C ILE C 138 34.65 91.20 -55.42
N PHE C 139 34.05 91.35 -56.60
CA PHE C 139 34.50 90.53 -57.73
C PHE C 139 35.88 90.95 -58.23
N ALA C 140 36.29 92.19 -58.00
CA ALA C 140 37.66 92.56 -58.31
C ALA C 140 38.63 91.92 -57.33
N VAL C 141 38.19 91.67 -56.10
CA VAL C 141 39.04 90.98 -55.13
C VAL C 141 39.14 89.49 -55.46
N TRP C 142 38.01 88.84 -55.75
CA TRP C 142 37.98 87.41 -56.04
C TRP C 142 38.69 87.06 -57.34
N VAL C 143 38.17 87.51 -58.48
CA VAL C 143 38.66 87.02 -59.76
C VAL C 143 39.16 88.16 -60.64
N GLY C 144 38.90 89.40 -60.23
CA GLY C 144 39.41 90.55 -60.93
C GLY C 144 38.76 90.78 -62.28
N VAL C 145 37.45 91.03 -62.28
CA VAL C 145 36.67 91.18 -63.50
C VAL C 145 35.91 92.50 -63.53
N GLU C 146 35.16 92.79 -62.45
CA GLU C 146 34.17 93.87 -62.33
C GLU C 146 33.16 93.81 -63.47
N PRO C 147 32.23 92.85 -63.46
CA PRO C 147 31.40 92.62 -64.65
C PRO C 147 30.13 93.44 -64.79
N PHE C 148 29.55 93.96 -63.71
CA PHE C 148 28.17 94.43 -63.74
C PHE C 148 28.09 95.94 -63.89
N GLU C 149 27.27 96.38 -64.84
CA GLU C 149 26.84 97.77 -64.98
C GLU C 149 25.37 97.85 -64.59
N ALA C 150 25.01 98.90 -63.85
CA ALA C 150 23.66 98.98 -63.31
C ALA C 150 23.01 100.29 -63.70
N GLU C 151 21.73 100.39 -63.36
CA GLU C 151 20.94 101.60 -63.56
C GLU C 151 19.75 101.58 -62.61
N GLU C 152 19.33 102.77 -62.22
CA GLU C 152 18.11 102.96 -61.44
C GLU C 152 17.03 103.56 -62.34
N ARG C 153 16.98 103.06 -63.59
CA ARG C 153 16.27 103.72 -64.67
C ARG C 153 14.76 103.77 -64.42
N GLU C 154 14.22 102.78 -63.76
CA GLU C 154 12.83 102.77 -63.35
C GLU C 154 12.81 102.71 -61.83
N GLY C 155 11.62 102.45 -61.26
CA GLY C 155 11.46 102.39 -59.82
C GLY C 155 12.26 101.29 -59.14
N ALA C 156 12.64 100.26 -59.89
CA ALA C 156 13.51 99.19 -59.42
C ALA C 156 14.92 99.41 -59.92
N CYS C 157 15.86 98.64 -59.40
CA CYS C 157 17.23 98.70 -59.90
C CYS C 157 17.48 97.52 -60.83
N LEU C 158 18.19 97.78 -61.93
CA LEU C 158 18.40 96.79 -62.97
C LEU C 158 19.88 96.60 -63.21
N VAL C 159 20.32 95.33 -63.18
CA VAL C 159 21.72 94.97 -63.32
C VAL C 159 21.88 94.20 -64.62
N THR C 160 22.84 94.60 -65.44
CA THR C 160 23.18 93.95 -66.69
C THR C 160 24.69 93.73 -66.77
N PRO C 161 25.13 92.63 -67.35
CA PRO C 161 26.57 92.35 -67.39
C PRO C 161 27.29 93.02 -68.55
N ARG C 162 28.58 93.27 -68.34
CA ARG C 162 29.45 93.81 -69.37
C ARG C 162 30.46 92.82 -69.90
N SER C 163 30.80 91.80 -69.12
CA SER C 163 31.89 90.89 -69.47
C SER C 163 31.57 89.53 -68.87
N PRO C 164 32.10 88.45 -69.46
CA PRO C 164 31.84 87.13 -68.89
C PRO C 164 32.48 86.94 -67.53
N LEU C 165 31.90 86.03 -66.75
CA LEU C 165 32.28 85.84 -65.36
C LEU C 165 32.84 84.44 -65.16
N PRO C 166 34.00 84.28 -64.53
CA PRO C 166 34.55 82.96 -64.29
C PRO C 166 33.79 82.25 -63.17
N PRO C 167 33.86 80.93 -63.10
CA PRO C 167 33.24 80.21 -61.99
C PRO C 167 34.04 80.36 -60.70
N VAL C 168 33.49 79.81 -59.63
CA VAL C 168 34.06 79.95 -58.28
C VAL C 168 35.35 79.16 -58.18
N PRO C 169 36.43 79.72 -57.59
CA PRO C 169 37.69 79.00 -57.40
C PRO C 169 37.68 77.98 -56.25
N ILE C 170 36.64 77.15 -56.19
CA ILE C 170 36.49 76.13 -55.16
C ILE C 170 35.97 74.87 -55.84
N SER C 171 36.65 73.75 -55.63
CA SER C 171 36.30 72.47 -56.21
C SER C 171 35.58 71.63 -55.15
N SER C 172 34.43 71.07 -55.52
CA SER C 172 33.67 70.20 -54.62
C SER C 172 34.14 68.75 -54.81
N PRO C 173 34.81 68.16 -53.83
CA PRO C 173 35.47 66.87 -54.06
C PRO C 173 34.53 65.70 -53.87
N THR C 174 34.84 64.60 -54.53
CA THR C 174 34.12 63.34 -54.40
C THR C 174 34.80 62.39 -53.40
N GLY C 175 35.05 62.88 -52.20
CA GLY C 175 35.75 62.09 -51.21
C GLY C 175 34.87 61.10 -50.49
N PHE C 176 35.49 60.37 -49.56
CA PHE C 176 34.79 59.40 -48.74
C PHE C 176 35.29 59.41 -47.30
N SER C 177 35.49 60.62 -46.75
CA SER C 177 36.33 60.88 -45.58
C SER C 177 36.02 60.02 -44.37
N ALA C 178 37.06 59.36 -43.85
CA ALA C 178 37.01 58.39 -42.78
C ALA C 178 37.57 58.97 -41.49
N PRO C 179 37.09 58.54 -40.33
CA PRO C 179 37.57 59.11 -39.08
C PRO C 179 38.98 58.64 -38.76
N ILE C 180 39.65 59.40 -37.87
CA ILE C 180 41.01 59.04 -37.48
C ILE C 180 41.01 57.82 -36.57
N GLN C 181 39.91 57.56 -35.86
CA GLN C 181 39.84 56.35 -35.05
C GLN C 181 39.74 55.11 -35.93
N GLU C 182 39.06 55.22 -37.07
CA GLU C 182 39.00 54.10 -38.00
C GLU C 182 40.35 53.86 -38.66
N VAL C 183 41.16 54.92 -38.83
CA VAL C 183 42.50 54.74 -39.35
C VAL C 183 43.39 54.06 -38.33
N LEU C 184 43.33 54.49 -37.07
CA LEU C 184 44.27 53.96 -36.08
C LEU C 184 43.88 52.57 -35.60
N GLN C 185 42.59 52.29 -35.44
CA GLN C 185 42.19 50.99 -34.90
C GLN C 185 42.25 49.89 -35.94
N ALA C 186 42.41 50.21 -37.22
CA ALA C 186 42.42 49.20 -38.26
C ALA C 186 43.75 48.47 -38.30
N LYS C 187 43.76 47.32 -38.97
CA LYS C 187 44.95 46.51 -39.12
C LYS C 187 45.50 46.49 -40.53
N SER C 188 44.73 46.93 -41.51
CA SER C 188 45.15 46.86 -42.90
C SER C 188 44.48 48.00 -43.65
N PRO C 189 45.03 48.42 -44.79
CA PRO C 189 44.33 49.39 -45.63
C PRO C 189 43.00 48.89 -46.19
N GLU C 190 42.91 47.61 -46.54
CA GLU C 190 41.67 47.08 -47.09
C GLU C 190 40.57 46.97 -46.05
N GLU C 191 40.93 46.99 -44.76
CA GLU C 191 39.90 47.08 -43.73
C GLU C 191 39.31 48.47 -43.68
N ILE C 192 40.08 49.49 -44.04
CA ILE C 192 39.55 50.85 -44.12
C ILE C 192 38.65 50.98 -45.35
N ILE C 193 39.09 50.44 -46.49
CA ILE C 193 38.22 50.47 -47.68
C ILE C 193 37.04 49.51 -47.51
N GLY C 194 37.32 48.22 -47.35
CA GLY C 194 36.27 47.22 -47.33
C GLY C 194 35.50 47.16 -46.03
CA MET D 1 -6.62 -8.42 -84.00
C MET D 1 -8.08 -8.78 -84.24
N ALA D 2 -8.41 -9.07 -85.49
CA ALA D 2 -9.80 -9.31 -85.89
C ALA D 2 -10.27 -10.66 -85.38
N ARG D 3 -11.57 -10.92 -85.55
CA ARG D 3 -12.19 -12.12 -85.01
C ARG D 3 -11.71 -13.38 -85.68
N LYS D 4 -11.24 -13.29 -86.94
CA LYS D 4 -10.48 -14.32 -87.65
C LYS D 4 -11.25 -15.63 -87.82
N ARG D 5 -12.57 -15.58 -87.72
CA ARG D 5 -13.40 -16.77 -87.90
C ARG D 5 -14.27 -16.64 -89.14
N THR D 6 -15.05 -15.59 -89.24
CA THR D 6 -15.90 -15.37 -90.41
C THR D 6 -16.02 -13.86 -90.60
N SER D 7 -16.50 -13.48 -91.78
CA SER D 7 -16.77 -12.08 -92.05
C SER D 7 -17.90 -11.57 -91.17
N LYS D 8 -19.11 -12.11 -91.37
CA LYS D 8 -20.33 -11.72 -90.66
C LYS D 8 -20.59 -10.21 -90.80
N ASN D 9 -20.91 -9.81 -92.03
CA ASN D 9 -21.07 -8.40 -92.37
C ASN D 9 -22.26 -7.79 -91.67
N ASP D 10 -21.99 -7.01 -90.63
CA ASP D 10 -23.02 -6.39 -89.81
C ASP D 10 -22.41 -5.18 -89.11
N PRO D 11 -22.87 -3.97 -89.42
CA PRO D 11 -22.20 -2.77 -88.88
C PRO D 11 -22.44 -2.54 -87.39
N LEU D 12 -23.58 -3.02 -86.88
CA LEU D 12 -23.89 -2.76 -85.49
C LEU D 12 -23.00 -3.57 -84.56
N ARG D 13 -22.61 -4.77 -84.97
CA ARG D 13 -21.62 -5.55 -84.22
C ARG D 13 -20.27 -4.85 -84.23
N MET D 14 -19.92 -4.18 -85.33
CA MET D 14 -18.65 -3.45 -85.41
C MET D 14 -18.60 -2.34 -84.39
N TYR D 15 -19.63 -1.49 -84.39
CA TYR D 15 -19.65 -0.36 -83.45
C TYR D 15 -19.78 -0.84 -82.02
N LEU D 16 -20.49 -1.94 -81.78
CA LEU D 16 -20.65 -2.41 -80.42
C LEU D 16 -19.38 -3.06 -79.86
N ASN D 17 -18.60 -3.74 -80.70
CA ASN D 17 -17.33 -4.27 -80.22
C ASN D 17 -16.32 -3.14 -79.99
N TYR D 18 -16.42 -2.07 -80.79
CA TYR D 18 -15.55 -0.91 -80.56
C TYR D 18 -15.87 -0.25 -79.22
N VAL D 19 -17.16 -0.07 -78.93
CA VAL D 19 -17.58 0.52 -77.65
C VAL D 19 -17.22 -0.39 -76.49
N ARG D 20 -17.23 -1.71 -76.71
CA ARG D 20 -16.83 -2.63 -75.65
C ARG D 20 -15.34 -2.53 -75.34
N LYS D 21 -14.51 -2.37 -76.36
CA LYS D 21 -13.06 -2.39 -76.11
C LYS D 21 -12.43 -1.01 -75.92
N LEU D 22 -13.23 0.06 -75.95
CA LEU D 22 -12.71 1.36 -75.53
C LEU D 22 -12.31 1.42 -74.05
N GLN D 23 -12.74 0.48 -73.22
CA GLN D 23 -12.30 0.50 -71.84
C GLN D 23 -11.01 -0.30 -71.62
N THR D 24 -10.33 -0.69 -72.69
CA THR D 24 -9.06 -1.40 -72.62
C THR D 24 -8.01 -0.78 -73.54
N MET D 25 -8.44 -0.11 -74.62
CA MET D 25 -7.53 0.62 -75.50
C MET D 25 -6.72 1.67 -74.75
N GLY D 26 -7.35 2.36 -73.80
CA GLY D 26 -6.71 3.44 -73.07
C GLY D 26 -5.58 2.99 -72.15
N ASP D 27 -5.51 1.71 -71.83
CA ASP D 27 -4.39 1.15 -71.08
C ASP D 27 -3.41 0.41 -71.96
N ALA D 28 -3.89 -0.19 -73.05
CA ALA D 28 -2.97 -0.86 -73.97
C ALA D 28 -2.06 0.13 -74.66
N TYR D 29 -2.50 1.38 -74.84
CA TYR D 29 -1.64 2.40 -75.43
C TYR D 29 -0.48 2.76 -74.49
N ASP D 30 -0.81 2.97 -73.21
CA ASP D 30 0.19 3.22 -72.17
C ASP D 30 1.17 2.07 -72.02
N GLU D 31 0.71 0.84 -72.20
CA GLU D 31 1.64 -0.28 -72.18
C GLU D 31 2.50 -0.32 -73.45
N SER D 32 1.94 0.08 -74.59
CA SER D 32 2.63 -0.03 -75.87
C SER D 32 3.75 0.98 -76.05
N ALA D 33 3.72 2.08 -75.30
CA ALA D 33 4.76 3.11 -75.32
C ALA D 33 6.21 2.62 -75.30
N LYS D 34 6.47 1.56 -74.52
CA LYS D 34 7.85 1.16 -74.21
C LYS D 34 8.59 0.57 -75.39
N TYR D 35 7.88 0.02 -76.37
CA TYR D 35 8.50 -0.39 -77.62
C TYR D 35 8.13 0.52 -78.79
N ARG D 36 7.02 1.26 -78.67
CA ARG D 36 6.66 2.30 -79.62
C ARG D 36 7.79 3.29 -79.83
N ILE D 37 8.41 3.75 -78.74
CA ILE D 37 9.40 4.82 -78.83
C ILE D 37 10.67 4.35 -79.54
N ALA D 38 11.15 3.14 -79.22
CA ALA D 38 12.37 2.64 -79.86
C ALA D 38 12.14 2.27 -81.33
N ASN D 39 10.96 1.76 -81.67
CA ASN D 39 10.71 1.45 -83.07
C ASN D 39 10.59 2.71 -83.91
N PHE D 40 10.03 3.79 -83.35
CA PHE D 40 10.06 5.05 -84.10
C PHE D 40 11.47 5.62 -84.19
N GLU D 41 12.24 5.47 -83.10
CA GLU D 41 13.63 5.90 -83.04
C GLU D 41 14.43 5.36 -84.22
N ASN D 42 14.30 4.06 -84.49
CA ASN D 42 15.02 3.54 -85.64
C ASN D 42 14.17 3.34 -86.89
N GLY D 43 12.97 3.91 -86.94
CA GLY D 43 12.22 3.90 -88.18
C GLY D 43 12.09 5.23 -88.90
N PHE D 44 12.24 6.35 -88.19
CA PHE D 44 12.07 7.64 -88.82
C PHE D 44 13.26 8.03 -89.68
N LYS D 45 14.42 7.41 -89.44
CA LYS D 45 15.64 7.77 -90.16
C LYS D 45 15.53 7.44 -91.64
N SER D 46 14.78 6.39 -91.99
CA SER D 46 14.62 6.02 -93.39
C SER D 46 13.83 7.08 -94.16
N LEU D 47 12.74 7.57 -93.56
CA LEU D 47 11.98 8.68 -94.17
C LEU D 47 12.83 9.92 -94.34
N HIS D 48 13.58 10.28 -93.29
CA HIS D 48 14.29 11.55 -93.39
C HIS D 48 15.46 11.45 -94.36
N MET D 49 16.09 10.28 -94.47
CA MET D 49 17.15 10.10 -95.44
C MET D 49 16.61 10.07 -96.86
N VAL D 50 15.46 9.42 -97.10
CA VAL D 50 14.97 9.36 -98.48
C VAL D 50 14.42 10.73 -98.91
N GLU D 51 13.92 11.53 -97.97
CA GLU D 51 13.46 12.87 -98.35
C GLU D 51 14.63 13.82 -98.62
N ASN D 52 15.71 13.72 -97.84
CA ASN D 52 16.88 14.51 -98.17
C ASN D 52 17.53 14.08 -99.47
N GLU D 53 17.54 12.77 -99.75
CA GLU D 53 18.13 12.32 -101.00
C GLU D 53 17.31 12.74 -102.20
N PHE D 54 15.98 12.79 -102.06
CA PHE D 54 15.15 13.34 -103.12
C PHE D 54 15.44 14.82 -103.35
N LYS D 55 15.52 15.61 -102.26
CA LYS D 55 15.82 17.04 -102.40
C LYS D 55 17.15 17.26 -103.13
N GLN D 56 18.18 16.51 -102.72
CA GLN D 56 19.50 16.69 -103.30
C GLN D 56 19.54 16.28 -104.76
N TYR D 57 18.97 15.13 -105.10
CA TYR D 57 19.09 14.67 -106.48
C TYR D 57 18.16 15.43 -107.42
N LEU D 58 17.02 15.90 -106.93
CA LEU D 58 16.18 16.80 -107.73
C LEU D 58 16.90 18.11 -107.99
N ALA D 59 17.60 18.64 -106.99
CA ALA D 59 18.37 19.87 -107.19
C ALA D 59 19.47 19.67 -108.21
N ASN D 60 20.14 18.52 -108.19
CA ASN D 60 21.21 18.25 -109.15
C ASN D 60 20.66 18.14 -110.58
N VAL D 61 19.54 17.42 -110.76
CA VAL D 61 18.98 17.25 -112.09
C VAL D 61 18.45 18.57 -112.64
N ILE D 62 17.79 19.37 -111.79
CA ILE D 62 17.29 20.68 -112.23
C ILE D 62 18.43 21.63 -112.56
N ASP D 63 19.54 21.58 -111.82
CA ASP D 63 20.65 22.47 -112.13
C ASP D 63 21.37 22.03 -113.40
N GLU D 64 21.44 20.73 -113.67
CA GLU D 64 21.99 20.28 -114.93
C GLU D 64 21.07 20.60 -116.11
N ALA D 65 19.77 20.73 -115.86
CA ALA D 65 18.88 21.20 -116.91
C ALA D 65 19.00 22.70 -117.14
N ILE D 66 19.26 23.47 -116.07
CA ILE D 66 19.44 24.92 -116.22
C ILE D 66 20.75 25.23 -116.93
N LYS D 67 21.80 24.42 -116.70
CA LYS D 67 23.08 24.64 -117.37
C LYS D 67 23.01 24.38 -118.87
N SER D 68 21.96 23.69 -119.34
CA SER D 68 21.72 23.55 -120.76
C SER D 68 21.03 24.75 -121.39
N GLY D 69 20.78 25.81 -120.63
CA GLY D 69 20.30 27.06 -121.18
C GLY D 69 18.82 27.34 -120.99
N ALA D 70 18.11 26.55 -120.21
CA ALA D 70 16.69 26.81 -119.99
C ALA D 70 16.49 27.95 -119.01
N SER D 71 15.28 28.42 -118.94
CA SER D 71 14.93 29.51 -118.03
C SER D 71 14.29 28.97 -116.76
N PRO D 72 14.47 29.64 -115.62
CA PRO D 72 13.82 29.17 -114.38
C PRO D 72 12.32 29.41 -114.34
N GLN D 73 11.73 30.04 -115.34
CA GLN D 73 10.28 30.02 -115.45
C GLN D 73 9.77 28.79 -116.21
N ASP D 74 10.65 28.10 -116.95
CA ASP D 74 10.19 26.94 -117.72
C ASP D 74 9.85 25.76 -116.82
N LEU D 75 10.56 25.61 -115.70
CA LEU D 75 10.46 24.44 -114.84
C LEU D 75 10.30 24.89 -113.39
N PRO D 76 9.06 25.13 -112.95
CA PRO D 76 8.83 25.64 -111.59
C PRO D 76 9.25 24.71 -110.46
N TYR D 77 8.56 23.56 -110.35
CA TYR D 77 8.76 22.53 -109.33
C TYR D 77 8.94 23.09 -107.93
N VAL D 78 7.97 23.88 -107.47
CA VAL D 78 8.21 24.72 -106.31
C VAL D 78 7.78 24.04 -105.02
N ASN D 79 6.47 23.88 -104.84
CA ASN D 79 5.98 23.40 -103.57
C ASN D 79 5.13 22.14 -103.69
N GLU D 80 4.15 22.14 -104.59
CA GLU D 80 3.24 21.01 -104.66
C GLU D 80 3.66 19.96 -105.68
N ILE D 81 4.41 20.36 -106.70
CA ILE D 81 4.89 19.38 -107.65
C ILE D 81 6.02 18.56 -107.04
N LYS D 82 6.86 19.20 -106.22
CA LYS D 82 7.81 18.46 -105.39
C LYS D 82 7.09 17.55 -104.41
N LEU D 83 5.92 17.97 -103.92
CA LEU D 83 5.16 17.13 -103.01
C LEU D 83 4.61 15.91 -103.74
N ALA D 84 4.23 16.06 -105.01
CA ALA D 84 3.82 14.92 -105.83
C ALA D 84 4.97 13.92 -106.01
N LEU D 85 6.15 14.44 -106.35
CA LEU D 85 7.28 13.54 -106.58
C LEU D 85 7.75 12.91 -105.27
N MET D 86 7.55 13.59 -104.15
CA MET D 86 7.84 12.96 -102.89
C MET D 86 6.80 11.89 -102.53
N LYS D 87 5.56 12.06 -102.99
CA LYS D 87 4.56 11.01 -102.79
C LYS D 87 4.97 9.71 -103.47
N ILE D 88 5.39 9.79 -104.73
CA ILE D 88 5.78 8.56 -105.44
C ILE D 88 7.05 7.96 -104.83
N PHE D 89 8.01 8.80 -104.40
CA PHE D 89 9.20 8.20 -103.81
C PHE D 89 8.98 7.66 -102.39
N THR D 90 8.03 8.21 -101.65
CA THR D 90 7.76 7.68 -100.32
C THR D 90 6.96 6.38 -100.41
N SER D 91 6.11 6.25 -101.42
CA SER D 91 5.47 4.95 -101.65
C SER D 91 6.48 3.92 -102.11
N TRP D 92 7.53 4.35 -102.82
CA TRP D 92 8.63 3.44 -103.13
C TRP D 92 9.37 3.01 -101.88
N LEU D 93 9.51 3.92 -100.91
CA LEU D 93 10.06 3.55 -99.61
C LEU D 93 9.21 2.51 -98.91
N LYS D 94 7.88 2.64 -99.00
CA LYS D 94 7.02 1.66 -98.32
C LYS D 94 7.12 0.29 -98.96
N TYR D 95 6.99 0.20 -100.28
CA TYR D 95 6.99 -1.12 -100.90
C TYR D 95 8.40 -1.71 -100.95
N SER D 96 9.44 -0.91 -100.73
CA SER D 96 10.75 -1.48 -100.48
C SER D 96 10.96 -1.86 -99.02
N ASN D 97 10.17 -1.29 -98.11
CA ASN D 97 10.37 -1.53 -96.70
C ASN D 97 9.80 -2.89 -96.31
N GLU D 98 8.85 -3.39 -97.09
CA GLU D 98 8.47 -4.78 -97.04
C GLU D 98 9.47 -5.58 -97.87
N LYS D 99 9.46 -6.89 -97.72
CA LYS D 99 10.41 -7.73 -98.45
C LYS D 99 9.78 -8.22 -99.75
N LEU D 100 9.37 -7.26 -100.57
CA LEU D 100 8.71 -7.54 -101.84
C LEU D 100 9.74 -7.75 -102.95
N GLY D 101 9.31 -8.42 -104.01
CA GLY D 101 10.15 -8.61 -105.18
C GLY D 101 10.32 -7.33 -105.97
N ALA D 102 11.05 -7.44 -107.08
CA ALA D 102 11.40 -6.25 -107.85
C ALA D 102 10.23 -5.71 -108.65
N ASN D 103 9.54 -6.56 -109.42
CA ASN D 103 8.47 -6.06 -110.26
C ASN D 103 7.22 -5.70 -109.46
N GLU D 104 7.04 -6.31 -108.29
CA GLU D 104 5.90 -5.95 -107.45
C GLU D 104 6.05 -4.54 -106.91
N ILE D 105 7.28 -4.18 -106.51
CA ILE D 105 7.63 -2.80 -106.21
C ILE D 105 7.39 -1.92 -107.43
N ALA D 106 7.78 -2.40 -108.61
CA ALA D 106 7.66 -1.59 -109.83
C ALA D 106 6.20 -1.27 -110.15
N ILE D 107 5.32 -2.25 -110.04
CA ILE D 107 3.94 -1.97 -110.41
C ILE D 107 3.16 -1.27 -109.31
N ASN D 108 3.53 -1.45 -108.03
CA ASN D 108 2.87 -0.63 -107.01
C ASN D 108 3.30 0.83 -107.08
N VAL D 109 4.58 1.09 -107.36
CA VAL D 109 5.01 2.47 -107.54
C VAL D 109 4.43 3.05 -108.82
N ALA D 110 4.20 2.23 -109.84
CA ALA D 110 3.54 2.70 -111.05
C ALA D 110 2.09 3.07 -110.79
N GLY D 111 1.41 2.30 -109.94
CA GLY D 111 0.04 2.66 -109.57
C GLY D 111 -0.04 3.96 -108.78
N THR D 112 0.89 4.14 -107.82
CA THR D 112 0.92 5.40 -107.06
C THR D 112 1.28 6.57 -107.97
N ALA D 113 2.16 6.33 -108.95
CA ALA D 113 2.47 7.34 -109.96
C ALA D 113 1.25 7.71 -110.79
N THR D 114 0.42 6.71 -111.15
CA THR D 114 -0.80 6.97 -111.91
C THR D 114 -1.74 7.87 -111.12
N MET D 115 -1.99 7.53 -109.85
CA MET D 115 -2.89 8.33 -109.02
C MET D 115 -2.35 9.74 -108.80
N THR D 116 -1.07 9.86 -108.47
CA THR D 116 -0.50 11.16 -108.14
C THR D 116 -0.39 12.05 -109.36
N LEU D 117 0.15 11.55 -110.47
CA LEU D 117 0.24 12.36 -111.67
C LEU D 117 -1.10 12.53 -112.38
N THR D 118 -2.13 11.79 -111.98
CA THR D 118 -3.48 12.12 -112.42
C THR D 118 -3.98 13.34 -111.67
N GLU D 119 -3.82 13.33 -110.33
CA GLU D 119 -4.48 14.35 -109.52
C GLU D 119 -3.92 15.75 -109.75
N ASN D 120 -2.63 15.96 -109.45
CA ASN D 120 -2.12 17.31 -109.25
C ASN D 120 -1.18 17.77 -110.37
N LEU D 121 -1.53 17.47 -111.62
CA LEU D 121 -0.89 18.24 -112.69
C LEU D 121 -1.87 18.63 -113.78
N TYR D 122 -3.15 18.75 -113.43
CA TYR D 122 -4.13 19.35 -114.31
C TYR D 122 -4.30 20.81 -113.92
N GLY D 123 -4.03 21.71 -114.85
CA GLY D 123 -4.15 23.13 -114.60
C GLY D 123 -2.91 23.80 -114.07
N THR D 124 -1.75 23.17 -114.19
CA THR D 124 -0.55 23.82 -113.68
C THR D 124 0.68 23.70 -114.58
N ARG D 125 0.55 23.95 -115.89
CA ARG D 125 1.65 24.40 -116.75
C ARG D 125 2.67 23.30 -117.05
N VAL D 126 2.56 22.13 -116.41
CA VAL D 126 3.54 21.06 -116.53
C VAL D 126 2.85 19.84 -117.12
N SER D 127 3.25 19.46 -118.32
CA SER D 127 2.71 18.27 -118.96
C SER D 127 3.21 17.02 -118.26
N CYS D 128 2.52 15.91 -118.50
CA CYS D 128 2.86 14.68 -117.78
C CYS D 128 4.13 14.04 -118.32
N GLU D 129 4.44 14.24 -119.60
CA GLU D 129 5.61 13.61 -120.21
C GLU D 129 6.90 14.19 -119.63
N GLU D 130 6.91 15.47 -119.32
CA GLU D 130 8.08 16.09 -118.71
C GLU D 130 8.28 15.61 -117.29
N ALA D 131 7.18 15.41 -116.56
CA ALA D 131 7.26 14.91 -115.18
C ALA D 131 7.76 13.46 -115.16
N VAL D 132 7.33 12.65 -116.13
CA VAL D 132 7.77 11.26 -116.16
C VAL D 132 9.21 11.15 -116.63
N SER D 133 9.64 12.05 -117.53
CA SER D 133 11.06 12.14 -117.85
C SER D 133 11.89 12.55 -116.63
N LEU D 134 11.35 13.43 -115.79
CA LEU D 134 12.07 13.82 -114.58
C LEU D 134 12.16 12.67 -113.58
N ILE D 135 11.09 11.89 -113.44
CA ILE D 135 11.10 10.72 -112.54
C ILE D 135 12.09 9.68 -113.04
N ASN D 136 12.11 9.45 -114.35
CA ASN D 136 13.08 8.52 -114.92
C ASN D 136 14.50 9.01 -114.76
N SER D 137 14.73 10.32 -114.80
CA SER D 137 16.06 10.84 -114.53
C SER D 137 16.48 10.64 -113.08
N ILE D 138 15.54 10.81 -112.14
CA ILE D 138 15.88 10.62 -110.73
C ILE D 138 16.17 9.15 -110.43
N PHE D 139 15.40 8.23 -111.03
CA PHE D 139 15.73 6.81 -110.87
C PHE D 139 16.99 6.43 -111.62
N ALA D 140 17.37 7.16 -112.66
CA ALA D 140 18.67 6.92 -113.28
C ALA D 140 19.80 7.37 -112.37
N VAL D 141 19.56 8.39 -111.55
CA VAL D 141 20.57 8.83 -110.60
C VAL D 141 20.70 7.84 -109.43
N TRP D 142 19.56 7.41 -108.87
CA TRP D 142 19.56 6.48 -107.73
C TRP D 142 20.10 5.10 -108.09
N VAL D 143 19.39 4.36 -108.94
CA VAL D 143 19.72 2.96 -109.14
C VAL D 143 20.02 2.67 -110.61
N GLY D 144 19.76 3.63 -111.48
CA GLY D 144 20.11 3.49 -112.89
C GLY D 144 19.26 2.47 -113.61
N VAL D 145 17.95 2.73 -113.70
CA VAL D 145 17.00 1.81 -114.29
C VAL D 145 16.18 2.48 -115.39
N GLU D 146 15.58 3.64 -115.09
CA GLU D 146 14.57 4.35 -115.87
C GLU D 146 13.40 3.44 -116.22
N PRO D 147 12.54 3.09 -115.27
CA PRO D 147 11.56 2.02 -115.51
C PRO D 147 10.24 2.41 -116.16
N PHE D 148 9.80 3.67 -116.07
CA PHE D 148 8.40 3.99 -116.35
C PHE D 148 8.23 4.58 -117.74
N GLU D 149 7.26 4.04 -118.47
CA GLU D 149 6.75 4.60 -119.71
C GLU D 149 5.35 5.14 -119.45
N ALA D 150 5.05 6.32 -120.00
CA ALA D 150 3.79 6.97 -119.69
C ALA D 150 3.02 7.31 -120.94
N GLU D 151 1.80 7.79 -120.74
CA GLU D 151 0.94 8.26 -121.81
C GLU D 151 -0.10 9.19 -121.23
N GLU D 152 -0.53 10.14 -122.05
CA GLU D 152 -1.63 11.05 -121.74
C GLU D 152 -2.84 10.64 -122.56
N ARG D 153 -3.05 9.32 -122.67
CA ARG D 153 -3.95 8.75 -123.67
C ARG D 153 -5.40 9.15 -123.44
N GLU D 154 -5.78 9.33 -122.20
CA GLU D 154 -7.10 9.83 -121.84
C GLU D 154 -6.91 11.14 -121.11
N GLY D 155 -7.99 11.65 -120.50
CA GLY D 155 -7.92 12.91 -119.76
C GLY D 155 -6.98 12.91 -118.57
N ALA D 156 -6.67 11.73 -118.04
CA ALA D 156 -5.69 11.56 -116.98
C ALA D 156 -4.38 11.07 -117.56
N CYS D 157 -3.33 11.07 -116.74
CA CYS D 157 -2.05 10.51 -117.17
C CYS D 157 -1.89 9.13 -116.59
N LEU D 158 -1.36 8.20 -117.40
CA LEU D 158 -1.26 6.81 -117.01
C LEU D 158 0.19 6.34 -117.10
N VAL D 159 0.69 5.75 -116.03
CA VAL D 159 2.07 5.30 -115.92
C VAL D 159 2.08 3.78 -115.85
N THR D 160 2.90 3.15 -116.68
CA THR D 160 3.07 1.71 -116.70
C THR D 160 4.56 1.39 -116.71
N PRO D 161 4.98 0.31 -116.06
CA PRO D 161 6.41 0.00 -115.98
C PRO D 161 6.91 -0.79 -117.19
N ARG D 162 8.21 -0.62 -117.44
CA ARG D 162 8.89 -1.37 -118.49
C ARG D 162 9.87 -2.40 -117.96
N SER D 163 10.37 -2.23 -116.75
CA SER D 163 11.43 -3.07 -116.23
C SER D 163 11.28 -3.14 -114.72
N PRO D 164 11.76 -4.20 -114.08
CA PRO D 164 11.66 -4.30 -112.62
C PRO D 164 12.48 -3.25 -111.91
N LEU D 165 12.08 -2.93 -110.69
CA LEU D 165 12.66 -1.83 -109.93
C LEU D 165 13.31 -2.37 -108.67
N PRO D 166 14.55 -2.01 -108.37
CA PRO D 166 15.20 -2.47 -107.14
C PRO D 166 14.66 -1.73 -105.94
N PRO D 167 14.79 -2.29 -104.74
CA PRO D 167 14.37 -1.59 -103.53
C PRO D 167 15.35 -0.47 -103.16
N VAL D 168 14.98 0.27 -102.13
CA VAL D 168 15.72 1.47 -101.72
C VAL D 168 17.06 1.05 -101.11
N PRO D 169 18.18 1.71 -101.46
CA PRO D 169 19.49 1.42 -100.87
C PRO D 169 19.70 1.95 -99.45
N ILE D 170 18.72 1.74 -98.58
CA ILE D 170 18.76 2.18 -97.19
C ILE D 170 18.22 1.06 -96.32
N SER D 171 18.99 0.66 -95.31
CA SER D 171 18.60 -0.41 -94.40
C SER D 171 18.09 0.20 -93.11
N SER D 172 16.93 -0.26 -92.65
CA SER D 172 16.36 0.19 -91.39
C SER D 172 16.86 -0.68 -90.24
N PRO D 173 17.70 -0.17 -89.36
CA PRO D 173 18.37 -1.04 -88.39
C PRO D 173 17.53 -1.30 -87.15
N THR D 174 17.81 -2.44 -86.53
CA THR D 174 17.18 -2.83 -85.27
C THR D 174 18.03 -2.47 -84.06
N GLY D 175 18.43 -1.21 -83.96
CA GLY D 175 19.31 -0.78 -82.90
C GLY D 175 18.59 -0.51 -81.59
N PHE D 176 19.37 -0.09 -80.60
CA PHE D 176 18.84 0.24 -79.29
C PHE D 176 19.54 1.47 -78.71
N SER D 177 19.75 2.49 -79.55
CA SER D 177 20.75 3.55 -79.34
C SER D 177 20.66 4.25 -77.99
N ALA D 178 21.79 4.29 -77.29
CA ALA D 178 21.94 4.79 -75.94
C ALA D 178 22.65 6.13 -75.93
N PRO D 179 22.36 7.00 -74.98
CA PRO D 179 23.01 8.32 -74.96
C PRO D 179 24.47 8.24 -74.56
N ILE D 180 25.22 9.29 -74.90
CA ILE D 180 26.63 9.33 -74.56
C ILE D 180 26.83 9.56 -73.07
N GLN D 181 25.85 10.19 -72.39
CA GLN D 181 25.96 10.34 -70.94
C GLN D 181 25.80 9.01 -70.24
N GLU D 182 24.95 8.13 -70.78
CA GLU D 182 24.81 6.79 -70.20
C GLU D 182 26.06 5.96 -70.44
N VAL D 183 26.78 6.21 -71.53
CA VAL D 183 28.04 5.53 -71.77
C VAL D 183 29.11 6.02 -70.80
N LEU D 184 29.22 7.33 -70.60
CA LEU D 184 30.31 7.86 -69.79
C LEU D 184 30.06 7.68 -68.30
N GLN D 185 28.82 7.84 -67.84
CA GLN D 185 28.57 7.74 -66.41
C GLN D 185 28.52 6.30 -65.90
N ALA D 186 28.49 5.32 -66.79
CA ALA D 186 28.39 3.93 -66.36
C ALA D 186 29.74 3.42 -65.88
N LYS D 187 29.70 2.29 -65.17
CA LYS D 187 30.91 1.66 -64.65
C LYS D 187 31.26 0.35 -65.33
N SER D 188 30.33 -0.23 -66.08
CA SER D 188 30.53 -1.53 -66.70
C SER D 188 29.71 -1.58 -67.97
N PRO D 189 30.08 -2.45 -68.92
CA PRO D 189 29.20 -2.67 -70.09
C PRO D 189 27.83 -3.25 -69.75
N GLU D 190 27.77 -4.13 -68.76
CA GLU D 190 26.48 -4.74 -68.40
C GLU D 190 25.56 -3.76 -67.71
N GLU D 191 26.09 -2.65 -67.18
CA GLU D 191 25.23 -1.60 -66.69
C GLU D 191 24.57 -0.85 -67.83
N ILE D 192 25.25 -0.78 -68.99
CA ILE D 192 24.63 -0.17 -70.16
C ILE D 192 23.56 -1.08 -70.73
N ILE D 193 23.85 -2.38 -70.82
CA ILE D 193 22.83 -3.32 -71.28
C ILE D 193 21.73 -3.49 -70.24
N GLY D 194 22.10 -3.98 -69.05
CA GLY D 194 21.11 -4.32 -68.04
C GLY D 194 20.54 -3.13 -67.32
CA MET E 1 15.01 73.72 -39.91
C MET E 1 13.67 74.05 -40.54
N ALA E 2 13.53 75.29 -41.01
CA ALA E 2 12.25 75.78 -41.52
C ALA E 2 11.94 75.16 -42.87
N ARG E 3 10.73 75.43 -43.36
CA ARG E 3 10.24 74.80 -44.58
C ARG E 3 11.00 75.27 -45.82
N LYS E 4 11.58 76.47 -45.77
CA LYS E 4 12.57 76.99 -46.73
C LYS E 4 12.04 77.07 -48.16
N ARG E 5 10.72 77.10 -48.33
CA ARG E 5 10.13 77.21 -49.65
C ARG E 5 9.40 78.54 -49.81
N THR E 6 8.47 78.83 -48.91
CA THR E 6 7.74 80.09 -48.96
C THR E 6 7.41 80.48 -47.53
N SER E 7 7.02 81.74 -47.36
CA SER E 7 6.56 82.20 -46.06
C SER E 7 5.26 81.50 -45.66
N LYS E 8 4.18 81.75 -46.41
CA LYS E 8 2.84 81.22 -46.16
C LYS E 8 2.37 81.56 -44.75
N ASN E 9 2.14 82.86 -44.54
CA ASN E 9 1.79 83.38 -43.22
C ASN E 9 0.44 82.86 -42.75
N ASP E 10 0.47 81.91 -41.83
CA ASP E 10 -0.73 81.26 -41.31
C ASP E 10 -0.41 80.68 -39.95
N PRO E 11 -1.02 81.16 -38.87
CA PRO E 11 -0.61 80.71 -37.53
C PRO E 11 -1.05 79.30 -37.19
N LEU E 12 -2.15 78.83 -37.80
CA LEU E 12 -2.65 77.52 -37.45
C LEU E 12 -1.76 76.43 -38.00
N ARG E 13 -1.14 76.65 -39.16
CA ARG E 13 -0.13 75.73 -39.67
C ARG E 13 1.09 75.68 -38.76
N MET E 14 1.44 76.82 -38.15
CA MET E 14 2.59 76.86 -37.24
C MET E 14 2.34 75.99 -36.02
N TYR E 15 1.19 76.19 -35.37
CA TYR E 15 0.89 75.40 -34.18
C TYR E 15 0.68 73.93 -34.52
N LEU E 16 0.13 73.64 -35.69
CA LEU E 16 -0.11 72.25 -36.04
C LEU E 16 1.18 71.50 -36.40
N ASN E 17 2.14 72.17 -37.03
CA ASN E 17 3.42 71.51 -37.27
C ASN E 17 4.20 71.33 -35.98
N TYR E 18 4.03 72.26 -35.02
CA TYR E 18 4.67 72.08 -33.71
C TYR E 18 4.10 70.87 -32.98
N VAL E 19 2.78 70.73 -32.99
CA VAL E 19 2.13 69.58 -32.36
C VAL E 19 2.49 68.29 -33.07
N ARG E 20 2.71 68.34 -34.39
CA ARG E 20 3.13 67.15 -35.10
C ARG E 20 4.54 66.71 -34.72
N LYS E 21 5.45 67.66 -34.53
CA LYS E 21 6.84 67.27 -34.28
C LYS E 21 7.21 67.19 -32.81
N LEU E 22 6.26 67.41 -31.90
CA LEU E 22 6.52 67.11 -30.49
C LEU E 22 6.73 65.63 -30.20
N GLN E 23 6.36 64.74 -31.11
CA GLN E 23 6.65 63.32 -30.89
C GLN E 23 8.01 62.89 -31.43
N THR E 24 8.86 63.83 -31.80
CA THR E 24 10.21 63.57 -32.27
C THR E 24 11.25 64.44 -31.57
N MET E 25 10.84 65.63 -31.11
CA MET E 25 11.71 66.51 -30.33
C MET E 25 12.27 65.81 -29.09
N GLY E 26 11.42 65.02 -28.42
CA GLY E 26 11.80 64.37 -27.18
C GLY E 26 12.88 63.30 -27.33
N ASP E 27 13.11 62.82 -28.54
CA ASP E 27 14.21 61.90 -28.82
C ASP E 27 15.39 62.59 -29.47
N ALA E 28 15.14 63.64 -30.25
CA ALA E 28 16.25 64.37 -30.84
C ALA E 28 17.07 65.10 -29.79
N TYR E 29 16.46 65.46 -28.67
CA TYR E 29 17.21 66.09 -27.57
C TYR E 29 18.18 65.10 -26.93
N ASP E 30 17.68 63.88 -26.65
CA ASP E 30 18.50 62.79 -26.13
C ASP E 30 19.63 62.41 -27.07
N GLU E 31 19.40 62.49 -28.38
CA GLU E 31 20.48 62.24 -29.31
C GLU E 31 21.47 63.41 -29.33
N SER E 32 20.99 64.64 -29.15
CA SER E 32 21.84 65.82 -29.28
C SER E 32 22.79 66.02 -28.12
N ALA E 33 22.49 65.41 -26.97
CA ALA E 33 23.36 65.45 -25.78
C ALA E 33 24.86 65.23 -26.01
N LYS E 34 25.19 64.32 -26.92
CA LYS E 34 26.56 63.82 -27.05
C LYS E 34 27.53 64.86 -27.62
N TYR E 35 27.02 65.82 -28.40
CA TYR E 35 27.85 66.95 -28.82
C TYR E 35 27.47 68.24 -28.11
N ARG E 36 26.25 68.32 -27.55
CA ARG E 36 25.84 69.42 -26.70
C ARG E 36 26.82 69.64 -25.55
N ILE E 37 27.23 68.56 -24.88
CA ILE E 37 28.05 68.69 -23.68
C ILE E 37 29.45 69.21 -24.00
N ALA E 38 30.06 68.71 -25.07
CA ALA E 38 31.41 69.16 -25.42
C ALA E 38 31.41 70.58 -25.97
N ASN E 39 30.37 70.97 -26.72
CA ASN E 39 30.34 72.34 -27.21
C ASN E 39 30.13 73.33 -26.07
N PHE E 40 29.33 72.97 -25.06
CA PHE E 40 29.25 73.86 -23.89
C PHE E 40 30.56 73.88 -23.11
N GLU E 41 31.21 72.72 -23.00
CA GLU E 41 32.51 72.57 -22.34
C GLU E 41 33.51 73.59 -22.86
N ASN E 42 33.61 73.72 -24.17
CA ASN E 42 34.54 74.73 -24.69
C ASN E 42 33.86 76.02 -25.15
N GLY E 43 32.61 76.25 -24.81
CA GLY E 43 32.02 77.55 -25.07
C GLY E 43 31.76 78.43 -23.87
N PHE E 44 31.64 77.84 -22.67
CA PHE E 44 31.35 78.65 -21.49
C PHE E 44 32.56 79.43 -20.99
N LYS E 45 33.77 79.00 -21.38
CA LYS E 45 34.99 79.65 -20.90
C LYS E 45 35.10 81.08 -21.39
N SER E 46 34.57 81.36 -22.59
CA SER E 46 34.63 82.71 -23.12
C SER E 46 33.78 83.68 -22.31
N LEU E 47 32.57 83.26 -21.94
CA LEU E 47 31.72 84.06 -21.05
C LEU E 47 32.37 84.30 -19.71
N HIS E 48 32.93 83.24 -19.11
CA HIS E 48 33.44 83.41 -17.76
C HIS E 48 34.71 84.26 -17.76
N MET E 49 35.51 84.16 -18.82
CA MET E 49 36.70 85.00 -18.92
C MET E 49 36.34 86.45 -19.18
N VAL E 50 35.34 86.71 -20.03
CA VAL E 50 35.03 88.11 -20.31
C VAL E 50 34.32 88.76 -19.12
N GLU E 51 33.60 87.99 -18.31
CA GLU E 51 32.98 88.56 -17.13
C GLU E 51 33.99 88.84 -16.03
N ASN E 52 34.98 87.95 -15.87
CA ASN E 52 36.06 88.24 -14.91
C ASN E 52 36.91 89.42 -15.37
N GLU E 53 37.16 89.54 -16.68
CA GLU E 53 37.95 90.67 -17.15
C GLU E 53 37.22 91.98 -16.99
N PHE E 54 35.89 91.98 -17.16
CA PHE E 54 35.11 93.17 -16.87
C PHE E 54 35.17 93.54 -15.40
N LYS E 55 35.00 92.56 -14.49
CA LYS E 55 35.09 92.84 -13.06
C LYS E 55 36.44 93.47 -12.69
N GLN E 56 37.52 92.88 -13.21
CA GLN E 56 38.86 93.33 -12.88
C GLN E 56 39.14 94.73 -13.41
N TYR E 57 38.79 94.99 -14.67
CA TYR E 57 39.14 96.27 -15.25
C TYR E 57 38.22 97.38 -14.77
N LEU E 58 36.96 97.06 -14.44
CA LEU E 58 36.10 98.03 -13.79
C LEU E 58 36.62 98.40 -12.40
N ALA E 59 37.11 97.39 -11.65
CA ALA E 59 37.70 97.66 -10.34
C ALA E 59 38.93 98.56 -10.45
N ASN E 60 39.76 98.33 -11.47
CA ASN E 60 40.95 99.15 -11.65
C ASN E 60 40.61 100.59 -12.01
N VAL E 61 39.64 100.78 -12.92
CA VAL E 61 39.25 102.14 -13.32
C VAL E 61 38.60 102.89 -12.17
N ILE E 62 37.73 102.22 -11.41
CA ILE E 62 37.09 102.84 -10.26
C ILE E 62 38.09 103.19 -9.17
N ASP E 63 39.09 102.33 -8.95
CA ASP E 63 40.09 102.65 -7.92
C ASP E 63 41.00 103.79 -8.35
N GLU E 64 41.30 103.89 -9.66
CA GLU E 64 42.07 105.03 -10.14
C GLU E 64 41.25 106.31 -10.10
N ALA E 65 39.92 106.21 -10.16
CA ALA E 65 39.10 107.40 -9.96
C ALA E 65 39.00 107.79 -8.49
N ILE E 66 39.02 106.80 -7.59
CA ILE E 66 38.98 107.10 -6.15
C ILE E 66 40.30 107.71 -5.71
N LYS E 67 41.42 107.29 -6.29
CA LYS E 67 42.73 107.86 -5.92
C LYS E 67 42.86 109.32 -6.35
N SER E 68 42.00 109.80 -7.25
CA SER E 68 41.95 111.22 -7.58
C SER E 68 41.16 112.04 -6.58
N GLY E 69 40.65 111.44 -5.51
CA GLY E 69 40.05 112.18 -4.43
C GLY E 69 38.53 112.18 -4.38
N ALA E 70 37.86 111.37 -5.19
CA ALA E 70 36.41 111.32 -5.16
C ALA E 70 35.93 110.50 -3.97
N SER E 71 34.64 110.61 -3.71
CA SER E 71 34.03 109.89 -2.61
C SER E 71 33.35 108.62 -3.11
N PRO E 72 33.29 107.55 -2.31
CA PRO E 72 32.58 106.34 -2.75
C PRO E 72 31.07 106.46 -2.76
N GLN E 73 30.50 107.59 -2.35
CA GLN E 73 29.09 107.83 -2.64
C GLN E 73 28.89 108.49 -4.00
N ASP E 74 29.94 109.05 -4.61
CA ASP E 74 29.76 109.71 -5.89
C ASP E 74 29.51 108.72 -7.02
N LEU E 75 30.10 107.52 -6.94
CA LEU E 75 30.09 106.54 -8.01
C LEU E 75 29.69 105.18 -7.45
N PRO E 76 28.39 104.89 -7.37
CA PRO E 76 27.93 103.63 -6.77
C PRO E 76 28.36 102.37 -7.50
N TYR E 77 27.85 102.17 -8.73
CA TYR E 77 28.10 101.02 -9.60
C TYR E 77 28.01 99.69 -8.87
N VAL E 78 26.89 99.42 -8.22
CA VAL E 78 26.87 98.35 -7.23
C VAL E 78 26.41 97.04 -7.83
N ASN E 79 25.12 96.97 -8.20
CA ASN E 79 24.57 95.70 -8.63
C ASN E 79 23.95 95.75 -10.01
N GLU E 80 23.09 96.74 -10.27
CA GLU E 80 22.38 96.75 -11.55
C GLU E 80 23.07 97.60 -12.60
N ILE E 81 23.86 98.58 -12.19
CA ILE E 81 24.60 99.35 -13.17
C ILE E 81 25.77 98.55 -13.71
N LYS E 82 26.40 97.73 -12.85
CA LYS E 82 27.36 96.74 -13.34
C LYS E 82 26.68 95.73 -14.25
N LEU E 83 25.42 95.41 -13.98
CA LEU E 83 24.70 94.47 -14.84
C LEU E 83 24.43 95.09 -16.21
N ALA E 84 24.19 96.40 -16.26
CA ALA E 84 24.06 97.11 -17.53
C ALA E 84 25.36 97.08 -18.33
N LEU E 85 26.47 97.35 -17.66
CA LEU E 85 27.74 97.36 -18.38
C LEU E 85 28.16 95.94 -18.78
N MET E 86 27.73 94.94 -18.03
CA MET E 86 27.97 93.58 -18.47
C MET E 86 27.08 93.21 -19.64
N LYS E 87 25.88 93.80 -19.74
CA LYS E 87 25.05 93.57 -20.93
C LYS E 87 25.73 94.05 -22.19
N ILE E 88 26.28 95.27 -22.17
CA ILE E 88 26.94 95.77 -23.38
C ILE E 88 28.21 94.97 -23.69
N PHE E 89 28.96 94.56 -22.66
CA PHE E 89 30.16 93.79 -22.99
C PHE E 89 29.87 92.36 -23.40
N THR E 90 28.76 91.77 -22.96
CA THR E 90 28.43 90.42 -23.39
C THR E 90 27.86 90.43 -24.81
N SER E 91 27.16 91.50 -25.19
CA SER E 91 26.77 91.62 -26.58
C SER E 91 27.98 91.86 -27.48
N TRP E 92 29.02 92.51 -26.95
CA TRP E 92 30.28 92.61 -27.68
C TRP E 92 30.93 91.25 -27.85
N LEU E 93 30.81 90.39 -26.83
CA LEU E 93 31.26 89.00 -26.96
C LEU E 93 30.50 88.27 -28.06
N LYS E 94 29.19 88.49 -28.17
CA LYS E 94 28.43 87.79 -29.20
C LYS E 94 28.82 88.24 -30.60
N TYR E 95 28.86 89.55 -30.84
CA TYR E 95 29.14 90.00 -32.19
C TYR E 95 30.61 89.85 -32.55
N SER E 96 31.49 89.62 -31.56
CA SER E 96 32.83 89.18 -31.87
C SER E 96 32.93 87.68 -32.05
N ASN E 97 31.96 86.93 -31.53
CA ASN E 97 32.03 85.48 -31.60
C ASN E 97 31.64 84.99 -32.99
N GLU E 98 30.88 85.79 -33.71
CA GLU E 98 30.73 85.61 -35.14
C GLU E 98 31.92 86.25 -35.83
N LYS E 99 32.10 85.93 -37.12
CA LYS E 99 33.25 86.46 -37.84
C LYS E 99 32.87 87.75 -38.56
N LEU E 100 32.40 88.71 -37.77
CA LEU E 100 31.95 89.99 -38.29
C LEU E 100 33.11 90.97 -38.44
N GLY E 101 32.92 91.98 -39.28
CA GLY E 101 33.91 93.02 -39.44
C GLY E 101 33.96 93.95 -38.24
N ALA E 102 34.82 94.96 -38.34
CA ALA E 102 35.06 95.82 -37.20
C ALA E 102 33.92 96.79 -36.94
N ASN E 103 33.47 97.52 -37.98
CA ASN E 103 32.43 98.51 -37.75
C ASN E 103 31.06 97.88 -37.55
N GLU E 104 30.84 96.66 -38.04
CA GLU E 104 29.57 95.99 -37.80
C GLU E 104 29.44 95.62 -36.33
N ILE E 105 30.54 95.15 -35.74
CA ILE E 105 30.63 94.99 -34.29
C ILE E 105 30.40 96.32 -33.59
N ALA E 106 30.99 97.40 -34.12
CA ALA E 106 30.89 98.72 -33.48
C ALA E 106 29.44 99.21 -33.44
N ILE E 107 28.72 99.06 -34.53
CA ILE E 107 27.36 99.59 -34.54
C ILE E 107 26.36 98.65 -33.87
N ASN E 108 26.61 97.33 -33.84
CA ASN E 108 25.71 96.49 -33.06
C ASN E 108 25.91 96.69 -31.56
N VAL E 109 27.15 96.88 -31.11
CA VAL E 109 27.39 97.19 -29.70
C VAL E 109 26.87 98.58 -29.37
N ALA E 110 26.89 99.51 -30.32
CA ALA E 110 26.31 100.83 -30.09
C ALA E 110 24.78 100.75 -29.95
N GLY E 111 24.15 99.88 -30.73
CA GLY E 111 22.71 99.69 -30.56
C GLY E 111 22.33 99.07 -29.23
N THR E 112 23.10 98.06 -28.80
CA THR E 112 22.85 97.47 -27.48
C THR E 112 23.13 98.47 -26.37
N ALA E 113 24.14 99.33 -26.56
CA ALA E 113 24.40 100.42 -25.63
C ALA E 113 23.24 101.40 -25.56
N THR E 114 22.62 101.71 -26.71
CA THR E 114 21.47 102.60 -26.74
C THR E 114 20.31 102.02 -25.94
N MET E 115 19.98 100.75 -26.18
CA MET E 115 18.88 100.11 -25.45
C MET E 115 19.16 100.01 -23.96
N THR E 116 20.36 99.58 -23.59
CA THR E 116 20.68 99.36 -22.19
C THR E 116 20.78 100.67 -21.42
N LEU E 117 21.52 101.65 -21.94
CA LEU E 117 21.62 102.93 -21.25
C LEU E 117 20.36 103.77 -21.40
N THR E 118 19.41 103.38 -22.24
CA THR E 118 18.09 103.98 -22.20
C THR E 118 17.31 103.43 -21.01
N GLU E 119 17.31 102.11 -20.85
CA GLU E 119 16.42 101.48 -19.88
C GLU E 119 16.78 101.83 -18.44
N ASN E 120 17.97 101.44 -17.99
CA ASN E 120 18.24 101.35 -16.55
C ASN E 120 19.21 102.43 -16.06
N LEU E 121 19.07 103.67 -16.54
CA LEU E 121 19.69 104.74 -15.79
C LEU E 121 18.80 105.97 -15.69
N TYR E 122 17.48 105.76 -15.75
CA TYR E 122 16.52 106.80 -15.41
C TYR E 122 16.08 106.60 -13.97
N GLY E 123 16.31 107.61 -13.15
CA GLY E 123 15.94 107.54 -11.76
C GLY E 123 16.98 106.98 -10.83
N THR E 124 18.24 106.91 -11.25
CA THR E 124 19.26 106.36 -10.36
C THR E 124 20.58 107.13 -10.37
N ARG E 125 20.56 108.46 -10.28
CA ARG E 125 21.67 109.26 -9.75
C ARG E 125 22.88 109.33 -10.68
N VAL E 126 22.89 108.57 -11.77
CA VAL E 126 24.03 108.47 -12.67
C VAL E 126 23.61 108.96 -14.04
N SER E 127 24.20 110.07 -14.48
CA SER E 127 23.93 110.61 -15.80
C SER E 127 24.54 109.71 -16.87
N CYS E 128 24.07 109.88 -18.11
CA CYS E 128 24.52 108.99 -19.17
C CYS E 128 25.92 109.32 -19.63
N GLU E 129 26.34 110.59 -19.52
CA GLU E 129 27.64 111.00 -19.99
C GLU E 129 28.76 110.37 -19.16
N GLU E 130 28.53 110.23 -17.86
CA GLU E 130 29.52 109.58 -16.99
C GLU E 130 29.61 108.09 -17.29
N ALA E 131 28.49 107.46 -17.59
CA ALA E 131 28.49 106.03 -17.93
C ALA E 131 29.21 105.78 -19.26
N VAL E 132 29.03 106.69 -20.22
CA VAL E 132 29.67 106.51 -21.51
C VAL E 132 31.16 106.82 -21.42
N SER E 133 31.55 107.77 -20.57
CA SER E 133 32.97 107.97 -20.27
C SER E 133 33.58 106.74 -19.60
N LEU E 134 32.80 106.06 -18.75
CA LEU E 134 33.31 104.84 -18.12
C LEU E 134 33.48 103.71 -19.13
N ILE E 135 32.53 103.57 -20.05
CA ILE E 135 32.63 102.55 -21.09
C ILE E 135 33.82 102.81 -22.01
N ASN E 136 34.02 104.08 -22.36
CA ASN E 136 35.18 104.45 -23.17
C ASN E 136 36.49 104.20 -22.43
N SER E 137 36.50 104.38 -21.12
CA SER E 137 37.69 104.05 -20.35
C SER E 137 37.96 102.56 -20.32
N ILE E 138 36.91 101.74 -20.23
CA ILE E 138 37.12 100.29 -20.20
C ILE E 138 37.60 99.79 -21.57
N PHE E 139 37.06 100.34 -22.65
CA PHE E 139 37.59 99.98 -23.97
C PHE E 139 38.98 100.55 -24.22
N ALA E 140 39.34 101.64 -23.54
CA ALA E 140 40.73 102.09 -23.61
C ALA E 140 41.67 101.14 -22.89
N VAL E 141 41.18 100.48 -21.85
CA VAL E 141 41.98 99.49 -21.14
C VAL E 141 42.14 98.21 -21.98
N TRP E 142 41.02 97.71 -22.53
CA TRP E 142 41.04 96.47 -23.32
C TRP E 142 41.83 96.61 -24.62
N VAL E 143 41.35 97.44 -25.55
CA VAL E 143 41.92 97.43 -26.89
C VAL E 143 42.42 98.82 -27.28
N GLY E 144 42.12 99.82 -26.47
CA GLY E 144 42.64 101.15 -26.69
C GLY E 144 42.05 101.84 -27.91
N VAL E 145 40.74 102.07 -27.89
CA VAL E 145 40.02 102.63 -29.01
C VAL E 145 39.23 103.88 -28.61
N GLU E 146 38.43 103.78 -27.55
CA GLU E 146 37.41 104.73 -27.09
C GLU E 146 36.45 105.09 -28.24
N PRO E 147 35.55 104.18 -28.62
CA PRO E 147 34.79 104.38 -29.86
C PRO E 147 33.51 105.20 -29.77
N PHE E 148 32.87 105.31 -28.60
CA PHE E 148 31.47 105.75 -28.54
C PHE E 148 31.37 107.21 -28.14
N GLU E 149 30.59 107.96 -28.92
CA GLU E 149 30.14 109.31 -28.58
C GLU E 149 28.65 109.25 -28.26
N ALA E 150 28.24 109.96 -27.23
CA ALA E 150 26.86 109.85 -26.76
C ALA E 150 26.20 111.21 -26.69
N GLU E 151 24.90 111.17 -26.40
CA GLU E 151 24.11 112.38 -26.20
C GLU E 151 22.87 112.01 -25.40
N GLU E 152 22.40 112.98 -24.63
CA GLU E 152 21.14 112.89 -23.90
C GLU E 152 20.10 113.76 -24.59
N ARG E 153 20.12 113.73 -25.92
CA ARG E 153 19.44 114.74 -26.75
C ARG E 153 17.93 114.70 -26.58
N GLU E 154 17.38 113.53 -26.34
CA GLU E 154 15.98 113.37 -26.04
C GLU E 154 15.87 112.78 -24.63
N GLY E 155 14.66 112.34 -24.26
CA GLY E 155 14.44 111.76 -22.94
C GLY E 155 15.22 110.50 -22.66
N ALA E 156 15.66 109.79 -23.70
CA ALA E 156 16.53 108.63 -23.59
C ALA E 156 17.96 109.03 -23.91
N CYS E 157 18.89 108.12 -23.64
CA CYS E 157 20.28 108.35 -24.02
C CYS E 157 20.60 107.59 -25.30
N LEU E 158 21.35 108.22 -26.19
CA LEU E 158 21.63 107.67 -27.50
C LEU E 158 23.14 107.57 -27.72
N VAL E 159 23.59 106.38 -28.12
CA VAL E 159 25.01 106.10 -28.31
C VAL E 159 25.25 105.84 -29.78
N THR E 160 26.24 106.51 -30.34
CA THR E 160 26.65 106.34 -31.73
C THR E 160 28.16 106.17 -31.79
N PRO E 161 28.67 105.34 -32.71
CA PRO E 161 30.11 105.10 -32.76
C PRO E 161 30.86 106.15 -33.58
N ARG E 162 32.14 106.30 -33.22
CA ARG E 162 33.04 107.17 -33.94
C ARG E 162 34.11 106.44 -34.73
N SER E 163 34.43 105.21 -34.36
CA SER E 163 35.55 104.49 -34.94
C SER E 163 35.23 103.00 -34.88
N PRO E 164 35.80 102.19 -35.77
CA PRO E 164 35.55 100.76 -35.74
C PRO E 164 36.12 100.11 -34.50
N LEU E 165 35.53 98.97 -34.12
CA LEU E 165 35.83 98.31 -32.87
C LEU E 165 36.41 96.92 -33.16
N PRO E 166 37.54 96.56 -32.56
CA PRO E 166 38.11 95.23 -32.78
C PRO E 166 37.32 94.17 -32.03
N PRO E 167 37.41 92.91 -32.42
CA PRO E 167 36.75 91.85 -31.68
C PRO E 167 37.49 91.53 -30.38
N VAL E 168 36.89 90.63 -29.60
CA VAL E 168 37.38 90.29 -28.26
C VAL E 168 38.69 89.51 -28.39
N PRO E 169 39.72 89.84 -27.58
CA PRO E 169 40.99 89.09 -27.58
C PRO E 169 40.95 87.73 -26.87
N ILE E 170 39.93 86.93 -27.17
CA ILE E 170 39.74 85.61 -26.57
C ILE E 170 39.28 84.67 -27.68
N SER E 171 39.99 83.55 -27.84
CA SER E 171 39.67 82.56 -28.86
C SER E 171 38.92 81.41 -28.21
N SER E 172 37.81 81.01 -28.81
CA SER E 172 37.03 79.87 -28.33
C SER E 172 37.53 78.59 -28.99
N PRO E 173 38.17 77.69 -28.25
CA PRO E 173 38.86 76.56 -28.89
C PRO E 173 37.93 75.40 -29.17
N THR E 174 38.31 74.61 -30.16
CA THR E 174 37.61 73.37 -30.53
C THR E 174 38.25 72.14 -29.89
N GLY E 175 38.44 72.17 -28.59
CA GLY E 175 39.11 71.08 -27.91
C GLY E 175 38.20 69.90 -27.63
N PHE E 176 38.79 68.89 -26.99
CA PHE E 176 38.07 67.68 -26.61
C PHE E 176 38.50 67.19 -25.23
N SER E 177 38.65 68.12 -24.28
CA SER E 177 39.43 67.96 -23.05
C SER E 177 39.08 66.72 -22.24
N ALA E 178 40.10 65.92 -21.93
CA ALA E 178 40.02 64.63 -21.28
C ALA E 178 40.50 64.73 -19.84
N PRO E 179 39.97 63.90 -18.94
CA PRO E 179 40.39 63.99 -17.53
C PRO E 179 41.80 63.45 -17.33
N ILE E 180 42.40 63.83 -16.21
CA ILE E 180 43.74 63.37 -15.88
C ILE E 180 43.73 61.90 -15.47
N GLN E 181 42.60 61.40 -14.96
CA GLN E 181 42.51 59.98 -14.64
C GLN E 181 42.47 59.14 -15.90
N GLU E 182 41.85 59.64 -16.96
CA GLU E 182 41.86 58.94 -18.24
C GLU E 182 43.25 58.94 -18.86
N VAL E 183 44.04 59.99 -18.60
CA VAL E 183 45.41 60.02 -19.09
C VAL E 183 46.27 59.01 -18.32
N LEU E 184 46.13 58.97 -16.99
CA LEU E 184 47.03 58.14 -16.22
C LEU E 184 46.65 56.65 -16.27
N GLN E 185 45.36 56.33 -16.28
CA GLN E 185 44.96 54.93 -16.28
C GLN E 185 45.09 54.26 -17.63
N ALA E 186 45.30 55.02 -18.70
CA ALA E 186 45.38 54.44 -20.03
C ALA E 186 46.74 53.78 -20.26
N LYS E 187 46.79 52.94 -21.29
CA LYS E 187 48.01 52.24 -21.65
C LYS E 187 48.64 52.72 -22.94
N SER E 188 47.91 53.48 -23.75
CA SER E 188 48.39 53.91 -25.05
C SER E 188 47.73 55.24 -25.37
N PRO E 189 48.34 56.05 -26.26
CA PRO E 189 47.65 57.25 -26.74
C PRO E 189 46.36 56.98 -27.51
N GLU E 190 46.32 55.90 -28.29
CA GLU E 190 45.12 55.59 -29.06
C GLU E 190 43.98 55.12 -28.19
N GLU E 191 44.26 54.68 -26.96
CA GLU E 191 43.19 54.40 -26.03
C GLU E 191 42.56 55.69 -25.52
N ILE E 192 43.34 56.77 -25.45
CA ILE E 192 42.78 58.06 -25.08
C ILE E 192 41.94 58.62 -26.22
N ILE E 193 42.44 58.52 -27.45
CA ILE E 193 41.64 58.96 -28.59
C ILE E 193 40.47 58.01 -28.84
N GLY E 194 40.77 56.75 -29.15
CA GLY E 194 39.75 55.80 -29.53
C GLY E 194 38.91 55.29 -28.38
CA MET F 1 -13.05 -31.17 -73.09
C MET F 1 -14.52 -31.56 -73.11
N ALA F 2 -14.92 -32.27 -74.15
CA ALA F 2 -16.31 -32.60 -74.38
C ALA F 2 -16.77 -33.67 -73.40
N ARG F 3 -18.08 -33.95 -73.40
CA ARG F 3 -18.67 -34.87 -72.44
C ARG F 3 -18.22 -36.31 -72.64
N LYS F 4 -17.83 -36.66 -73.87
CA LYS F 4 -17.11 -37.90 -74.20
C LYS F 4 -17.89 -39.17 -73.86
N ARG F 5 -19.21 -39.06 -73.72
CA ARG F 5 -20.04 -40.22 -73.43
C ARG F 5 -20.97 -40.54 -74.59
N THR F 6 -21.76 -39.56 -75.02
CA THR F 6 -22.67 -39.74 -76.14
C THR F 6 -22.79 -38.41 -76.85
N SER F 7 -23.33 -38.46 -78.06
CA SER F 7 -23.62 -37.24 -78.80
C SER F 7 -24.70 -36.42 -78.10
N LYS F 8 -25.91 -36.97 -78.04
CA LYS F 8 -27.11 -36.34 -77.46
C LYS F 8 -27.36 -34.96 -78.11
N ASN F 9 -27.73 -35.02 -79.39
CA ASN F 9 -27.91 -33.83 -80.20
C ASN F 9 -29.08 -32.97 -79.70
N ASP F 10 -28.75 -31.89 -79.02
CA ASP F 10 -29.73 -30.99 -78.41
C ASP F 10 -29.07 -29.63 -78.24
N PRO F 11 -29.56 -28.60 -78.92
CA PRO F 11 -28.85 -27.30 -78.88
C PRO F 11 -29.02 -26.56 -77.56
N LEU F 12 -30.12 -26.80 -76.86
CA LEU F 12 -30.36 -26.05 -75.64
C LEU F 12 -29.42 -26.50 -74.52
N ARG F 13 -29.06 -27.78 -74.51
CA ARG F 13 -28.03 -28.25 -73.57
C ARG F 13 -26.68 -27.64 -73.90
N MET F 14 -26.39 -27.40 -75.18
CA MET F 14 -25.13 -26.79 -75.57
C MET F 14 -25.02 -25.37 -75.02
N TYR F 15 -26.05 -24.56 -75.28
CA TYR F 15 -26.02 -23.18 -74.80
C TYR F 15 -26.06 -23.11 -73.28
N LEU F 16 -26.77 -24.04 -72.64
CA LEU F 16 -26.85 -24.00 -71.18
C LEU F 16 -25.56 -24.43 -70.50
N ASN F 17 -24.83 -25.39 -71.08
CA ASN F 17 -23.53 -25.73 -70.51
C ASN F 17 -22.51 -24.61 -70.74
N TYR F 18 -22.64 -23.89 -71.87
CA TYR F 18 -21.77 -22.75 -72.10
C TYR F 18 -22.01 -21.65 -71.07
N VAL F 19 -23.28 -21.34 -70.81
CA VAL F 19 -23.64 -20.34 -69.80
C VAL F 19 -23.21 -20.78 -68.41
N ARG F 20 -23.24 -22.09 -68.14
CA ARG F 20 -22.79 -22.58 -66.85
C ARG F 20 -21.29 -22.42 -66.67
N LYS F 21 -20.50 -22.65 -67.73
CA LYS F 21 -19.05 -22.60 -67.55
C LYS F 21 -18.41 -21.26 -67.89
N LEU F 22 -19.20 -20.25 -68.25
CA LEU F 22 -18.66 -18.90 -68.34
C LEU F 22 -18.19 -18.33 -67.02
N GLN F 23 -18.57 -18.90 -65.89
CA GLN F 23 -18.05 -18.41 -64.61
C GLN F 23 -16.76 -19.11 -64.20
N THR F 24 -16.13 -19.87 -65.10
CA THR F 24 -14.85 -20.53 -64.84
C THR F 24 -13.86 -20.29 -65.97
N MET F 25 -14.36 -20.05 -67.20
CA MET F 25 -13.49 -19.69 -68.32
C MET F 25 -12.63 -18.46 -68.03
N GLY F 26 -13.21 -17.47 -67.36
CA GLY F 26 -12.52 -16.21 -67.09
C GLY F 26 -11.36 -16.32 -66.13
N ASP F 27 -11.27 -17.41 -65.38
CA ASP F 27 -10.12 -17.69 -64.53
C ASP F 27 -9.18 -18.72 -65.14
N ALA F 28 -9.72 -19.65 -65.93
CA ALA F 28 -8.86 -20.62 -66.59
C ALA F 28 -7.97 -19.96 -67.63
N TYR F 29 -8.43 -18.86 -68.21
CA TYR F 29 -7.59 -18.13 -69.18
C TYR F 29 -6.39 -17.48 -68.48
N ASP F 30 -6.64 -16.83 -67.33
CA ASP F 30 -5.59 -16.24 -66.50
C ASP F 30 -4.60 -17.28 -66.02
N GLU F 31 -5.08 -18.49 -65.72
CA GLU F 31 -4.15 -19.54 -65.35
C GLU F 31 -3.37 -20.05 -66.55
N SER F 32 -3.98 -20.07 -67.75
CA SER F 32 -3.36 -20.64 -68.93
C SER F 32 -2.26 -19.78 -69.51
N ALA F 33 -2.24 -18.49 -69.19
CA ALA F 33 -1.19 -17.56 -69.64
C ALA F 33 0.25 -18.03 -69.51
N LYS F 34 0.56 -18.75 -68.42
CA LYS F 34 1.94 -19.04 -68.06
C LYS F 34 2.61 -20.03 -69.00
N TYR F 35 1.86 -20.89 -69.68
CA TYR F 35 2.41 -21.72 -70.73
C TYR F 35 1.99 -21.28 -72.12
N ARG F 36 0.89 -20.51 -72.22
CA ARG F 36 0.47 -19.87 -73.45
C ARG F 36 1.59 -19.05 -74.06
N ILE F 37 2.27 -18.24 -73.24
CA ILE F 37 3.26 -17.30 -73.75
C ILE F 37 4.48 -18.02 -74.31
N ALA F 38 4.98 -19.04 -73.61
CA ALA F 38 6.15 -19.77 -74.08
C ALA F 38 5.85 -20.62 -75.31
N ASN F 39 4.65 -21.20 -75.39
CA ASN F 39 4.33 -21.98 -76.57
C ASN F 39 4.17 -21.10 -77.80
N PHE F 40 3.64 -19.87 -77.63
CA PHE F 40 3.63 -18.97 -78.79
C PHE F 40 5.03 -18.49 -79.14
N GLU F 41 5.86 -18.25 -78.11
CA GLU F 41 7.26 -17.87 -78.27
C GLU F 41 8.00 -18.80 -79.21
N ASN F 42 7.84 -20.12 -79.00
CA ASN F 42 8.50 -21.02 -79.93
C ASN F 42 7.57 -21.64 -80.99
N GLY F 43 6.38 -21.09 -81.18
CA GLY F 43 5.57 -21.53 -82.30
C GLY F 43 5.41 -20.54 -83.43
N PHE F 44 5.58 -19.25 -83.16
CA PHE F 44 5.39 -18.25 -84.21
C PHE F 44 6.54 -18.22 -85.21
N LYS F 45 7.71 -18.73 -84.82
CA LYS F 45 8.88 -18.68 -85.68
C LYS F 45 8.69 -19.52 -86.94
N SER F 46 7.93 -20.60 -86.85
CA SER F 46 7.70 -21.44 -88.03
C SER F 46 6.86 -20.72 -89.07
N LEU F 47 5.81 -20.02 -88.65
CA LEU F 47 5.03 -19.18 -89.56
C LEU F 47 5.87 -18.11 -90.20
N HIS F 48 6.66 -17.40 -89.39
CA HIS F 48 7.38 -16.27 -89.97
C HIS F 48 8.49 -16.72 -90.91
N MET F 49 9.10 -17.88 -90.61
CA MET F 49 10.11 -18.42 -91.51
C MET F 49 9.49 -18.93 -92.80
N VAL F 50 8.33 -19.60 -92.74
CA VAL F 50 7.78 -20.12 -93.98
C VAL F 50 7.20 -19.00 -94.84
N GLU F 51 6.76 -17.90 -94.23
CA GLU F 51 6.28 -16.78 -95.04
C GLU F 51 7.43 -16.01 -95.67
N ASN F 52 8.55 -15.86 -94.97
CA ASN F 52 9.71 -15.25 -95.61
C ASN F 52 10.28 -16.14 -96.70
N GLU F 53 10.28 -17.45 -96.50
CA GLU F 53 10.81 -18.33 -97.54
C GLU F 53 9.92 -18.34 -98.77
N PHE F 54 8.60 -18.22 -98.59
CA PHE F 54 7.72 -18.06 -99.74
C PHE F 54 7.99 -16.77 -100.49
N LYS F 55 8.13 -15.64 -99.76
CA LYS F 55 8.43 -14.37 -100.41
C LYS F 55 9.71 -14.45 -101.23
N GLN F 56 10.76 -15.03 -100.65
CA GLN F 56 12.06 -15.09 -101.30
C GLN F 56 12.02 -15.99 -102.54
N TYR F 57 11.43 -17.18 -102.41
CA TYR F 57 11.47 -18.10 -103.53
C TYR F 57 10.50 -17.70 -104.64
N LEU F 58 9.38 -17.06 -104.29
CA LEU F 58 8.52 -16.48 -105.31
C LEU F 58 9.22 -15.37 -106.06
N ALA F 59 9.97 -14.52 -105.34
CA ALA F 59 10.72 -13.47 -106.01
C ALA F 59 11.77 -14.03 -106.95
N ASN F 60 12.44 -15.12 -106.55
CA ASN F 60 13.45 -15.73 -107.42
C ASN F 60 12.84 -16.34 -108.67
N VAL F 61 11.70 -17.05 -108.52
CA VAL F 61 11.06 -17.67 -109.68
C VAL F 61 10.51 -16.61 -110.64
N ILE F 62 9.89 -15.55 -110.10
CA ILE F 62 9.38 -14.48 -110.95
C ILE F 62 10.51 -13.73 -111.65
N ASP F 63 11.65 -13.53 -111.00
CA ASP F 63 12.74 -12.84 -111.66
C ASP F 63 13.40 -13.72 -112.72
N GLU F 64 13.44 -15.03 -112.51
CA GLU F 64 13.93 -15.91 -113.56
C GLU F 64 12.96 -16.00 -114.73
N ALA F 65 11.66 -15.76 -114.48
CA ALA F 65 10.73 -15.69 -115.59
C ALA F 65 10.83 -14.36 -116.34
N ILE F 66 11.15 -13.27 -115.63
CA ILE F 66 11.32 -11.97 -116.28
C ILE F 66 12.61 -11.97 -117.12
N LYS F 67 13.65 -12.66 -116.67
CA LYS F 67 14.89 -12.71 -117.44
C LYS F 67 14.74 -13.50 -118.74
N SER F 68 13.67 -14.28 -118.88
CA SER F 68 13.35 -14.92 -120.15
C SER F 68 12.63 -14.00 -121.14
N GLY F 69 12.43 -12.73 -120.78
CA GLY F 69 11.91 -11.76 -121.72
C GLY F 69 10.45 -11.39 -121.58
N ALA F 70 9.78 -11.83 -120.52
CA ALA F 70 8.38 -11.50 -120.34
C ALA F 70 8.23 -10.07 -119.82
N SER F 71 7.02 -9.58 -119.87
CA SER F 71 6.73 -8.23 -119.39
C SER F 71 6.15 -8.28 -117.98
N PRO F 72 6.40 -7.25 -117.15
CA PRO F 72 5.82 -7.23 -115.80
C PRO F 72 4.32 -6.96 -115.77
N GLN F 73 3.67 -6.71 -116.90
CA GLN F 73 2.22 -6.75 -116.93
C GLN F 73 1.68 -8.15 -117.17
N ASP F 74 2.51 -9.08 -117.66
CA ASP F 74 2.02 -10.42 -117.94
C ASP F 74 1.72 -11.20 -116.67
N LEU F 75 2.49 -10.96 -115.61
CA LEU F 75 2.43 -11.75 -114.39
C LEU F 75 2.35 -10.81 -113.18
N PRO F 76 1.13 -10.40 -112.80
CA PRO F 76 0.98 -9.44 -111.70
C PRO F 76 1.45 -9.93 -110.34
N TYR F 77 0.77 -10.94 -109.79
CA TYR F 77 1.03 -11.54 -108.48
C TYR F 77 1.27 -10.52 -107.38
N VAL F 78 0.34 -9.61 -107.18
CA VAL F 78 0.65 -8.42 -106.41
C VAL F 78 0.27 -8.58 -104.95
N ASN F 79 -1.02 -8.64 -104.66
CA ASN F 79 -1.46 -8.63 -103.27
C ASN F 79 -2.31 -9.84 -102.90
N GLU F 80 -3.33 -10.14 -103.69
CA GLU F 80 -4.25 -11.20 -103.31
C GLU F 80 -3.89 -12.54 -103.91
N ILE F 81 -3.19 -12.55 -105.04
CA ILE F 81 -2.77 -13.82 -105.61
C ILE F 81 -1.60 -14.38 -104.80
N LYS F 82 -0.72 -13.52 -104.30
CA LYS F 82 0.27 -13.93 -103.32
C LYS F 82 -0.40 -14.42 -102.04
N LEU F 83 -1.53 -13.82 -101.67
CA LEU F 83 -2.24 -14.28 -100.49
C LEU F 83 -2.84 -15.66 -100.70
N ALA F 84 -3.28 -15.96 -101.92
CA ALA F 84 -3.73 -17.32 -102.26
C ALA F 84 -2.61 -18.33 -102.14
N LEU F 85 -1.44 -17.99 -102.69
CA LEU F 85 -0.33 -18.94 -102.64
C LEU F 85 0.21 -19.07 -101.22
N MET F 86 0.07 -18.04 -100.42
CA MET F 86 0.44 -18.20 -99.01
C MET F 86 -0.59 -19.03 -98.26
N LYS F 87 -1.86 -19.02 -98.68
CA LYS F 87 -2.85 -19.91 -98.08
C LYS F 87 -2.48 -21.38 -98.27
N ILE F 88 -2.12 -21.75 -99.51
CA ILE F 88 -1.76 -23.16 -99.73
C ILE F 88 -0.46 -23.53 -99.01
N PHE F 89 0.51 -22.61 -98.96
CA PHE F 89 1.73 -22.99 -98.26
C PHE F 89 1.58 -22.99 -96.73
N THR F 90 0.68 -22.20 -96.18
CA THR F 90 0.48 -22.21 -94.74
C THR F 90 -0.33 -23.44 -94.32
N SER F 91 -1.24 -23.91 -95.19
CA SER F 91 -1.89 -25.19 -94.90
C SER F 91 -0.91 -26.34 -95.01
N TRP F 92 0.10 -26.20 -95.89
CA TRP F 92 1.18 -27.18 -95.91
C TRP F 92 1.99 -27.16 -94.62
N LEU F 93 2.19 -25.97 -94.05
CA LEU F 93 2.81 -25.86 -92.74
C LEU F 93 1.99 -26.57 -91.67
N LYS F 94 0.65 -26.46 -91.72
CA LYS F 94 -0.17 -27.11 -90.70
C LYS F 94 -0.11 -28.63 -90.81
N TYR F 95 -0.31 -29.16 -92.01
CA TYR F 95 -0.33 -30.62 -92.13
C TYR F 95 1.06 -31.23 -92.03
N SER F 96 2.11 -30.42 -92.15
CA SER F 96 3.44 -30.89 -91.78
C SER F 96 3.72 -30.73 -90.30
N ASN F 97 2.97 -29.86 -89.62
CA ASN F 97 3.25 -29.59 -88.22
C ASN F 97 2.71 -30.71 -87.35
N GLU F 98 1.71 -31.43 -87.86
CA GLU F 98 1.34 -32.71 -87.30
C GLU F 98 2.28 -33.78 -87.84
N LYS F 99 2.27 -34.95 -87.23
CA LYS F 99 3.19 -36.01 -87.66
C LYS F 99 2.49 -36.91 -88.67
N LEU F 100 2.04 -36.30 -89.75
CA LEU F 100 1.31 -37.00 -90.81
C LEU F 100 2.28 -37.60 -91.81
N GLY F 101 1.80 -38.60 -92.55
CA GLY F 101 2.57 -39.20 -93.61
C GLY F 101 2.70 -38.29 -94.81
N ALA F 102 3.37 -38.81 -95.84
CA ALA F 102 3.69 -37.97 -97.00
C ALA F 102 2.47 -37.73 -97.88
N ASN F 103 1.74 -38.78 -98.26
CA ASN F 103 0.62 -38.58 -99.17
C ASN F 103 -0.58 -37.95 -98.50
N GLU F 104 -0.70 -38.09 -97.18
CA GLU F 104 -1.79 -37.44 -96.46
C GLU F 104 -1.61 -35.93 -96.48
N ILE F 105 -0.37 -35.49 -96.29
CA ILE F 105 0.00 -34.09 -96.52
C ILE F 105 -0.30 -33.70 -97.95
N ALA F 106 0.03 -34.57 -98.92
CA ALA F 106 -0.15 -34.25 -100.33
C ALA F 106 -1.61 -34.03 -100.67
N ILE F 107 -2.50 -34.89 -100.18
CA ILE F 107 -3.90 -34.74 -100.55
C ILE F 107 -4.61 -33.67 -99.73
N ASN F 108 -4.18 -33.38 -98.49
CA ASN F 108 -4.77 -32.25 -97.78
C ASN F 108 -4.36 -30.92 -98.40
N VAL F 109 -3.10 -30.80 -98.82
CA VAL F 109 -2.67 -29.59 -99.50
C VAL F 109 -3.32 -29.48 -100.87
N ALA F 110 -3.59 -30.61 -101.52
CA ALA F 110 -4.32 -30.58 -102.79
C ALA F 110 -5.76 -30.12 -102.60
N GLY F 111 -6.40 -30.51 -101.50
CA GLY F 111 -7.74 -30.02 -101.22
C GLY F 111 -7.78 -28.53 -100.92
N THR F 112 -6.80 -28.03 -100.15
CA THR F 112 -6.72 -26.60 -99.90
C THR F 112 -6.40 -25.83 -101.18
N ALA F 113 -5.59 -26.42 -102.06
CA ALA F 113 -5.33 -25.84 -103.37
C ALA F 113 -6.59 -25.77 -104.21
N THR F 114 -7.43 -26.81 -104.15
CA THR F 114 -8.69 -26.80 -104.89
C THR F 114 -9.59 -25.67 -104.43
N MET F 115 -9.77 -25.53 -103.11
CA MET F 115 -10.62 -24.46 -102.58
C MET F 115 -10.07 -23.08 -102.89
N THR F 116 -8.77 -22.88 -102.69
CA THR F 116 -8.19 -21.56 -102.87
C THR F 116 -8.14 -21.16 -104.35
N LEU F 117 -7.66 -22.04 -105.22
CA LEU F 117 -7.63 -21.70 -106.64
C LEU F 117 -9.01 -21.78 -107.29
N THR F 118 -10.01 -22.30 -106.60
CA THR F 118 -11.38 -22.12 -107.05
C THR F 118 -11.85 -20.70 -106.77
N GLU F 119 -11.62 -20.24 -105.54
CA GLU F 119 -12.23 -18.98 -105.10
C GLU F 119 -11.67 -17.77 -105.83
N ASN F 120 -10.38 -17.50 -105.70
CA ASN F 120 -9.85 -16.17 -106.02
C ASN F 120 -8.97 -16.16 -107.27
N LEU F 121 -9.39 -16.87 -108.31
CA LEU F 121 -8.80 -16.55 -109.62
C LEU F 121 -9.84 -16.54 -110.73
N TYR F 122 -11.10 -16.29 -110.38
CA TYR F 122 -12.12 -16.02 -111.38
C TYR F 122 -12.26 -14.51 -111.51
N GLY F 123 -12.05 -14.00 -112.72
CA GLY F 123 -12.16 -12.59 -112.97
C GLY F 123 -10.89 -11.80 -112.79
N THR F 124 -9.73 -12.45 -112.73
CA THR F 124 -8.51 -11.69 -112.54
C THR F 124 -7.33 -12.15 -113.40
N ARG F 125 -7.52 -12.37 -114.70
CA ARG F 125 -6.47 -12.28 -115.73
C ARG F 125 -5.48 -13.45 -115.66
N VAL F 126 -5.55 -14.29 -114.65
CA VAL F 126 -4.58 -15.35 -114.43
C VAL F 126 -5.30 -16.69 -114.51
N SER F 127 -4.97 -17.49 -115.51
CA SER F 127 -5.54 -18.82 -115.67
C SER F 127 -5.01 -19.75 -114.58
N CYS F 128 -5.72 -20.87 -114.37
CA CYS F 128 -5.33 -21.75 -113.30
C CYS F 128 -4.10 -22.57 -113.63
N GLU F 129 -3.86 -22.84 -114.91
CA GLU F 129 -2.73 -23.67 -115.32
C GLU F 129 -1.41 -22.96 -115.04
N GLU F 130 -1.38 -21.64 -115.21
CA GLU F 130 -0.17 -20.88 -114.92
C GLU F 130 0.10 -20.83 -113.42
N ALA F 131 -0.96 -20.73 -112.62
CA ALA F 131 -0.81 -20.72 -111.17
C ALA F 131 -0.31 -22.07 -110.66
N VAL F 132 -0.79 -23.16 -111.25
CA VAL F 132 -0.36 -24.48 -110.81
C VAL F 132 1.06 -24.78 -111.28
N SER F 133 1.44 -24.26 -112.45
CA SER F 133 2.84 -24.33 -112.85
C SER F 133 3.74 -23.53 -111.91
N LEU F 134 3.25 -22.39 -111.41
CA LEU F 134 4.03 -21.62 -110.45
C LEU F 134 4.17 -22.34 -109.12
N ILE F 135 3.10 -23.00 -108.65
CA ILE F 135 3.17 -23.76 -107.40
C ILE F 135 4.12 -24.94 -107.54
N ASN F 136 4.08 -25.63 -108.68
CA ASN F 136 5.01 -26.72 -108.94
C ASN F 136 6.45 -26.23 -109.02
N SER F 137 6.66 -25.01 -109.54
CA SER F 137 8.01 -24.46 -109.54
C SER F 137 8.50 -24.14 -108.13
N ILE F 138 7.62 -23.64 -107.27
CA ILE F 138 8.03 -23.33 -105.91
C ILE F 138 8.33 -24.60 -105.12
N PHE F 139 7.54 -25.65 -105.31
CA PHE F 139 7.87 -26.93 -104.68
C PHE F 139 9.10 -27.59 -105.30
N ALA F 140 9.42 -27.27 -106.55
CA ALA F 140 10.68 -27.74 -107.11
C ALA F 140 11.86 -27.02 -106.48
N VAL F 141 11.66 -25.77 -106.06
CA VAL F 141 12.72 -25.04 -105.38
C VAL F 141 12.90 -25.56 -103.95
N TRP F 142 11.79 -25.74 -103.21
CA TRP F 142 11.86 -26.20 -101.82
C TRP F 142 12.37 -27.63 -101.68
N VAL F 143 11.63 -28.60 -102.19
CA VAL F 143 11.93 -30.01 -101.89
C VAL F 143 12.16 -30.80 -103.17
N GLY F 144 11.85 -30.20 -104.32
CA GLY F 144 12.13 -30.83 -105.60
C GLY F 144 11.24 -32.03 -105.88
N VAL F 145 9.94 -31.79 -105.97
CA VAL F 145 8.94 -32.85 -106.16
C VAL F 145 8.07 -32.59 -107.39
N GLU F 146 7.49 -31.38 -107.48
CA GLU F 146 6.44 -30.97 -108.42
C GLU F 146 5.26 -31.93 -108.36
N PRO F 147 4.44 -31.91 -107.30
CA PRO F 147 3.45 -32.97 -107.10
C PRO F 147 2.10 -32.80 -107.78
N PHE F 148 1.66 -31.59 -108.13
CA PHE F 148 0.26 -31.35 -108.43
C PHE F 148 0.01 -31.29 -109.92
N GLU F 149 -1.00 -32.04 -110.37
CA GLU F 149 -1.58 -31.94 -111.70
C GLU F 149 -2.96 -31.32 -111.58
N ALA F 150 -3.28 -30.41 -112.50
CA ALA F 150 -4.52 -29.66 -112.38
C ALA F 150 -5.36 -29.77 -113.64
N GLU F 151 -6.56 -29.22 -113.55
CA GLU F 151 -7.48 -29.16 -114.67
C GLU F 151 -8.49 -28.05 -114.42
N GLU F 152 -8.96 -27.44 -115.50
CA GLU F 152 -10.03 -26.47 -115.47
C GLU F 152 -11.30 -27.11 -116.03
N ARG F 153 -11.51 -28.37 -115.67
CA ARG F 153 -12.46 -29.25 -116.35
C ARG F 153 -13.90 -28.77 -116.21
N GLU F 154 -14.21 -28.14 -115.09
CA GLU F 154 -15.51 -27.53 -114.87
C GLU F 154 -15.28 -26.04 -114.66
N GLY F 155 -16.32 -25.32 -114.22
CA GLY F 155 -16.22 -23.89 -113.98
C GLY F 155 -15.21 -23.49 -112.92
N ALA F 156 -14.88 -24.41 -112.01
CA ALA F 156 -13.84 -24.21 -111.01
C ALA F 156 -12.56 -24.90 -111.45
N CYS F 157 -11.47 -24.64 -110.74
CA CYS F 157 -10.22 -25.33 -111.00
C CYS F 157 -10.02 -26.43 -109.97
N LEU F 158 -9.54 -27.58 -110.42
CA LEU F 158 -9.41 -28.76 -109.58
C LEU F 158 -7.98 -29.25 -109.57
N VAL F 159 -7.43 -29.44 -108.37
CA VAL F 159 -6.05 -29.85 -108.18
C VAL F 159 -6.04 -31.24 -107.57
N THR F 160 -5.27 -32.15 -108.18
CA THR F 160 -5.09 -33.51 -107.69
C THR F 160 -3.61 -33.84 -107.66
N PRO F 161 -3.15 -34.62 -106.69
CA PRO F 161 -1.73 -34.92 -106.57
C PRO F 161 -1.28 -36.08 -107.44
N ARG F 162 -0.01 -36.05 -107.81
CA ARG F 162 0.62 -37.13 -108.55
C ARG F 162 1.62 -37.93 -107.74
N SER F 163 2.18 -37.35 -106.69
CA SER F 163 3.27 -37.98 -105.96
C SER F 163 3.19 -37.50 -104.52
N PRO F 164 3.71 -38.28 -103.57
CA PRO F 164 3.68 -37.85 -102.16
C PRO F 164 4.56 -36.63 -101.92
N LEU F 165 4.21 -35.89 -100.87
CA LEU F 165 4.84 -34.61 -100.58
C LEU F 165 5.55 -34.68 -99.24
N PRO F 166 6.81 -34.27 -99.16
CA PRO F 166 7.52 -34.27 -97.88
C PRO F 166 7.04 -33.15 -96.99
N PRO F 167 7.25 -33.24 -95.67
CA PRO F 167 6.89 -32.15 -94.77
C PRO F 167 7.88 -31.00 -94.88
N VAL F 168 7.58 -29.92 -94.16
CA VAL F 168 8.34 -28.67 -94.23
C VAL F 168 9.71 -28.88 -93.59
N PRO F 169 10.80 -28.41 -94.20
CA PRO F 169 12.15 -28.50 -93.61
C PRO F 169 12.43 -27.50 -92.48
N ILE F 170 11.50 -27.37 -91.55
CA ILE F 170 11.63 -26.47 -90.41
C ILE F 170 11.12 -27.20 -89.18
N SER F 171 11.94 -27.23 -88.13
CA SER F 171 11.60 -27.90 -86.88
C SER F 171 11.16 -26.86 -85.86
N SER F 172 10.02 -27.10 -85.22
CA SER F 172 9.52 -26.22 -84.18
C SER F 172 10.09 -26.65 -82.82
N PRO F 173 10.97 -25.87 -82.21
CA PRO F 173 11.70 -26.35 -81.04
C PRO F 173 10.91 -26.15 -79.75
N THR F 174 11.22 -26.98 -78.76
CA THR F 174 10.66 -26.89 -77.42
C THR F 174 11.58 -26.14 -76.46
N GLY F 175 11.98 -24.94 -76.85
CA GLY F 175 12.92 -24.17 -76.05
C GLY F 175 12.27 -23.45 -74.89
N PHE F 176 13.10 -22.73 -74.15
CA PHE F 176 12.65 -21.93 -73.02
C PHE F 176 13.38 -20.59 -72.94
N SER F 177 13.55 -19.94 -74.10
CA SER F 177 14.55 -18.90 -74.34
C SER F 177 14.54 -17.76 -73.32
N ALA F 178 15.70 -17.50 -72.74
CA ALA F 178 15.94 -16.56 -71.65
C ALA F 178 16.64 -15.32 -72.17
N PRO F 179 16.41 -14.15 -71.56
CA PRO F 179 17.05 -12.93 -72.05
C PRO F 179 18.53 -12.89 -71.72
N ILE F 180 19.26 -12.05 -72.45
CA ILE F 180 20.70 -11.92 -72.21
C ILE F 180 20.96 -11.18 -70.91
N GLN F 181 20.03 -10.34 -70.45
CA GLN F 181 20.22 -9.68 -69.17
C GLN F 181 20.09 -10.67 -68.02
N GLU F 182 19.22 -11.67 -68.17
CA GLU F 182 19.11 -12.72 -67.16
C GLU F 182 20.34 -13.60 -67.14
N VAL F 183 21.00 -13.76 -68.29
CA VAL F 183 22.25 -14.51 -68.33
C VAL F 183 23.36 -13.74 -67.65
N LEU F 184 23.48 -12.44 -67.94
CA LEU F 184 24.61 -11.69 -67.42
C LEU F 184 24.45 -11.32 -65.95
N GLN F 185 23.24 -10.98 -65.51
CA GLN F 185 23.06 -10.55 -64.13
C GLN F 185 23.05 -11.72 -63.14
N ALA F 186 22.95 -12.96 -63.62
CA ALA F 186 22.88 -14.10 -62.72
C ALA F 186 24.25 -14.43 -62.16
N LYS F 187 24.25 -15.24 -61.09
CA LYS F 187 25.48 -15.66 -60.44
C LYS F 187 25.78 -17.13 -60.64
N SER F 188 24.81 -17.93 -61.09
CA SER F 188 25.00 -19.36 -61.21
C SER F 188 24.10 -19.85 -62.34
N PRO F 189 24.41 -21.00 -62.93
CA PRO F 189 23.47 -21.60 -63.90
C PRO F 189 22.13 -22.00 -63.32
N GLU F 190 22.11 -22.47 -62.07
CA GLU F 190 20.86 -22.89 -61.46
C GLU F 190 19.96 -21.71 -61.12
N GLU F 191 20.53 -20.50 -61.05
CA GLU F 191 19.68 -19.32 -60.90
C GLU F 191 18.98 -19.00 -62.22
N ILE F 192 19.59 -19.36 -63.35
CA ILE F 192 18.91 -19.19 -64.64
C ILE F 192 17.82 -20.23 -64.79
N ILE F 193 18.09 -21.49 -64.42
CA ILE F 193 17.04 -22.50 -64.48
C ILE F 193 16.01 -22.28 -63.38
N GLY F 194 16.43 -22.33 -62.13
CA GLY F 194 15.50 -22.26 -61.00
C GLY F 194 14.98 -20.87 -60.73
CA MET G 1 17.48 77.89 -14.29
C MET G 1 16.16 78.42 -14.83
N ALA G 2 16.02 79.74 -14.83
CA ALA G 2 14.76 80.38 -15.20
C ALA G 2 14.53 80.28 -16.70
N ARG G 3 13.33 80.71 -17.13
CA ARG G 3 12.92 80.56 -18.52
C ARG G 3 13.73 81.44 -19.45
N LYS G 4 14.29 82.55 -18.95
CA LYS G 4 15.31 83.37 -19.62
C LYS G 4 14.84 83.95 -20.95
N ARG G 5 13.53 84.05 -21.16
CA ARG G 5 13.00 84.62 -22.38
C ARG G 5 12.25 85.92 -22.10
N THR G 6 11.27 85.87 -21.20
CA THR G 6 10.53 87.06 -20.84
C THR G 6 10.11 86.91 -19.39
N SER G 7 9.68 88.02 -18.80
CA SER G 7 9.15 87.98 -17.44
C SER G 7 7.86 87.19 -17.40
N LYS G 8 6.81 87.68 -18.05
CA LYS G 8 5.46 87.10 -18.09
C LYS G 8 4.92 86.92 -16.67
N ASN G 9 4.66 88.05 -16.02
CA ASN G 9 4.24 88.06 -14.63
C ASN G 9 2.88 87.42 -14.44
N ASP G 10 2.88 86.20 -13.92
CA ASP G 10 1.67 85.41 -13.73
C ASP G 10 1.95 84.36 -12.66
N PRO G 11 1.26 84.44 -11.50
CA PRO G 11 1.62 83.54 -10.40
C PRO G 11 1.19 82.10 -10.62
N LEU G 12 0.14 81.88 -11.40
CA LEU G 12 -0.36 80.53 -11.57
C LEU G 12 0.59 79.69 -12.42
N ARG G 13 1.26 80.32 -13.39
CA ARG G 13 2.30 79.64 -14.14
C ARG G 13 3.48 79.28 -13.25
N MET G 14 3.78 80.13 -12.26
CA MET G 14 4.87 79.85 -11.33
C MET G 14 4.58 78.59 -10.52
N TYR G 15 3.40 78.55 -9.90
CA TYR G 15 3.06 77.39 -9.09
C TYR G 15 2.91 76.13 -9.94
N LEU G 16 2.42 76.27 -11.17
CA LEU G 16 2.23 75.09 -11.99
C LEU G 16 3.54 74.54 -12.53
N ASN G 17 4.52 75.39 -12.83
CA ASN G 17 5.82 74.86 -13.22
C ASN G 17 6.54 74.23 -12.04
N TYR G 18 6.31 74.75 -10.83
CA TYR G 18 6.88 74.12 -9.63
C TYR G 18 6.31 72.73 -9.42
N VAL G 19 4.99 72.60 -9.54
CA VAL G 19 4.33 71.30 -9.40
C VAL G 19 4.76 70.35 -10.51
N ARG G 20 5.04 70.87 -11.70
CA ARG G 20 5.51 70.01 -12.77
C ARG G 20 6.91 69.47 -12.50
N LYS G 21 7.80 70.29 -11.93
CA LYS G 21 9.18 69.84 -11.76
C LYS G 21 9.49 69.23 -10.40
N LEU G 22 8.48 69.12 -9.52
CA LEU G 22 8.68 68.34 -8.30
C LEU G 22 8.91 66.84 -8.56
N GLN G 23 8.60 66.34 -9.74
CA GLN G 23 8.91 64.94 -10.02
C GLN G 23 10.30 64.73 -10.60
N THR G 24 11.15 65.74 -10.57
CA THR G 24 12.53 65.66 -11.03
C THR G 24 13.51 66.24 -10.01
N MET G 25 13.06 67.19 -9.19
CA MET G 25 13.88 67.72 -8.09
C MET G 25 14.38 66.64 -7.15
N GLY G 26 13.53 65.65 -6.86
CA GLY G 26 13.86 64.60 -5.92
C GLY G 26 14.95 63.66 -6.37
N ASP G 27 15.25 63.63 -7.67
CA ASP G 27 16.39 62.89 -8.20
C ASP G 27 17.58 63.76 -8.49
N ALA G 28 17.35 65.03 -8.86
CA ALA G 28 18.47 65.93 -9.10
C ALA G 28 19.22 66.23 -7.82
N TYR G 29 18.55 66.16 -6.67
CA TYR G 29 19.23 66.36 -5.39
C TYR G 29 20.19 65.20 -5.09
N ASP G 30 19.71 63.97 -5.29
CA ASP G 30 20.53 62.76 -5.15
C ASP G 30 21.71 62.75 -6.10
N GLU G 31 21.53 63.28 -7.30
CA GLU G 31 22.67 63.40 -8.20
C GLU G 31 23.63 64.49 -7.76
N SER G 32 23.12 65.58 -7.17
CA SER G 32 23.94 66.73 -6.83
C SER G 32 24.83 66.51 -5.63
N ALA G 33 24.50 65.52 -4.78
CA ALA G 33 25.31 65.14 -3.62
C ALA G 33 26.81 65.02 -3.83
N LYS G 34 27.22 64.49 -4.99
CA LYS G 34 28.60 64.08 -5.21
C LYS G 34 29.56 65.25 -5.33
N TYR G 35 29.09 66.43 -5.73
CA TYR G 35 29.90 67.63 -5.68
C TYR G 35 29.48 68.59 -4.57
N ARG G 36 28.23 68.46 -4.09
CA ARG G 36 27.74 69.18 -2.93
C ARG G 36 28.66 68.98 -1.74
N ILE G 37 29.06 67.74 -1.47
CA ILE G 37 29.82 67.42 -0.26
C ILE G 37 31.21 68.03 -0.30
N ALA G 38 31.90 67.94 -1.44
CA ALA G 38 33.25 68.49 -1.54
C ALA G 38 33.25 70.01 -1.54
N ASN G 39 32.24 70.64 -2.16
CA ASN G 39 32.21 72.10 -2.13
C ASN G 39 31.91 72.62 -0.72
N PHE G 40 31.08 71.92 0.05
CA PHE G 40 30.93 72.33 1.45
C PHE G 40 32.18 72.07 2.26
N GLU G 41 32.85 70.95 1.98
CA GLU G 41 34.12 70.58 2.61
C GLU G 41 35.13 71.72 2.55
N ASN G 42 35.29 72.31 1.37
CA ASN G 42 36.22 73.43 1.30
C ASN G 42 35.54 74.81 1.28
N GLY G 43 34.26 74.90 1.63
CA GLY G 43 33.67 76.21 1.82
C GLY G 43 33.33 76.60 3.24
N PHE G 44 33.17 75.62 4.14
CA PHE G 44 32.80 75.94 5.51
C PHE G 44 33.97 76.51 6.31
N LYS G 45 35.20 76.25 5.86
CA LYS G 45 36.38 76.67 6.61
C LYS G 45 36.49 78.20 6.66
N SER G 46 36.02 78.89 5.62
CA SER G 46 36.07 80.34 5.61
C SER G 46 35.17 80.95 6.67
N LEU G 47 33.95 80.42 6.80
CA LEU G 47 33.04 80.85 7.87
C LEU G 47 33.63 80.59 9.24
N HIS G 48 34.17 79.39 9.45
CA HIS G 48 34.61 79.07 10.81
C HIS G 48 35.86 79.86 11.17
N MET G 49 36.72 80.15 10.19
CA MET G 49 37.89 80.98 10.46
C MET G 49 37.51 82.42 10.71
N VAL G 50 36.55 82.97 9.95
CA VAL G 50 36.22 84.38 10.18
C VAL G 50 35.44 84.55 11.49
N GLU G 51 34.70 83.54 11.92
CA GLU G 51 34.01 83.66 13.20
C GLU G 51 34.97 83.52 14.38
N ASN G 52 35.97 82.63 14.27
CA ASN G 52 36.99 82.57 15.32
C ASN G 52 37.84 83.84 15.36
N GLU G 53 38.14 84.42 14.19
CA GLU G 53 38.94 85.64 14.19
C GLU G 53 38.16 86.81 14.77
N PHE G 54 36.85 86.85 14.54
CA PHE G 54 36.03 87.87 15.20
C PHE G 54 36.01 87.69 16.70
N LYS G 55 35.82 86.46 17.20
CA LYS G 55 35.84 86.20 18.64
C LYS G 55 37.15 86.65 19.27
N GLN G 56 38.27 86.30 18.62
CA GLN G 56 39.59 86.61 19.18
C GLN G 56 39.86 88.10 19.19
N TYR G 57 39.57 88.79 18.08
CA TYR G 57 39.91 90.20 18.03
C TYR G 57 38.95 91.06 18.83
N LEU G 58 37.68 90.64 18.95
CA LEU G 58 36.77 91.31 19.86
C LEU G 58 37.22 91.15 21.30
N ALA G 59 37.69 89.96 21.67
CA ALA G 59 38.20 89.75 23.03
C ALA G 59 39.42 90.61 23.30
N ASN G 60 40.31 90.77 22.31
CA ASN G 60 41.50 91.61 22.51
C ASN G 60 41.13 93.08 22.67
N VAL G 61 40.21 93.59 21.84
CA VAL G 61 39.81 94.99 21.93
C VAL G 61 39.08 95.28 23.23
N ILE G 62 38.19 94.38 23.65
CA ILE G 62 37.48 94.55 24.91
C ILE G 62 38.43 94.48 26.11
N ASP G 63 39.44 93.61 26.07
CA ASP G 63 40.37 93.55 27.18
C ASP G 63 41.29 94.76 27.23
N GLU G 64 41.65 95.31 26.06
CA GLU G 64 42.41 96.56 26.07
C GLU G 64 41.56 97.74 26.53
N ALA G 65 40.24 97.66 26.36
CA ALA G 65 39.38 98.70 26.92
C ALA G 65 39.21 98.54 28.42
N ILE G 66 39.19 97.30 28.92
CA ILE G 66 39.09 97.06 30.36
C ILE G 66 40.38 97.48 31.07
N LYS G 67 41.53 97.29 30.43
CA LYS G 67 42.80 97.70 31.04
C LYS G 67 42.93 99.22 31.17
N SER G 68 42.10 99.98 30.47
CA SER G 68 42.03 101.42 30.65
C SER G 68 41.18 101.83 31.84
N GLY G 69 40.64 100.89 32.60
CA GLY G 69 39.96 101.20 33.84
C GLY G 69 38.45 101.17 33.80
N ALA G 70 37.84 100.71 32.72
CA ALA G 70 36.39 100.65 32.66
C ALA G 70 35.86 99.46 33.45
N SER G 71 34.56 99.46 33.67
CA SER G 71 33.91 98.39 34.41
C SER G 71 33.28 97.39 33.44
N PRO G 72 33.21 96.10 33.81
CA PRO G 72 32.56 95.12 32.93
C PRO G 72 31.04 95.24 32.87
N GLN G 73 30.43 96.15 33.64
CA GLN G 73 29.04 96.48 33.39
C GLN G 73 28.87 97.57 32.34
N ASP G 74 29.94 98.31 32.03
CA ASP G 74 29.82 99.39 31.05
C ASP G 74 29.64 98.85 29.63
N LEU G 75 30.26 97.71 29.32
CA LEU G 75 30.31 97.18 27.97
C LEU G 75 29.92 95.70 27.99
N PRO G 76 28.61 95.41 27.88
CA PRO G 76 28.16 94.02 27.98
C PRO G 76 28.65 93.10 26.86
N TYR G 77 28.21 93.35 25.62
CA TYR G 77 28.52 92.60 24.41
C TYR G 77 28.43 91.09 24.61
N VAL G 78 27.28 90.60 25.07
CA VAL G 78 27.22 89.25 25.60
C VAL G 78 26.82 88.25 24.55
N ASN G 79 25.56 88.31 24.12
CA ASN G 79 25.05 87.27 23.24
C ASN G 79 24.50 87.81 21.92
N GLU G 80 23.64 88.82 21.99
CA GLU G 80 22.99 89.29 20.77
C GLU G 80 23.72 90.45 20.12
N ILE G 81 24.47 91.22 20.90
CA ILE G 81 25.23 92.31 20.30
C ILE G 81 26.44 91.75 19.57
N LYS G 82 27.05 90.68 20.11
CA LYS G 82 28.03 89.93 19.35
C LYS G 82 27.44 89.30 18.11
N LEU G 83 26.17 88.91 18.17
CA LEU G 83 25.51 88.34 17.00
C LEU G 83 25.29 89.40 15.93
N ALA G 84 25.03 90.65 16.34
CA ALA G 84 24.95 91.76 15.40
C ALA G 84 26.28 92.02 14.71
N LEU G 85 27.36 92.03 15.50
CA LEU G 85 28.66 92.30 14.90
C LEU G 85 29.12 91.13 14.04
N MET G 86 28.68 89.92 14.36
CA MET G 86 28.97 88.81 13.48
C MET G 86 28.14 88.88 12.20
N LYS G 87 26.94 89.46 12.25
CA LYS G 87 26.17 89.67 11.03
C LYS G 87 26.91 90.58 10.04
N ILE G 88 27.43 91.71 10.53
CA ILE G 88 28.13 92.61 9.61
C ILE G 88 29.43 91.98 9.11
N PHE G 89 30.15 91.22 9.96
CA PHE G 89 31.37 90.63 9.45
C PHE G 89 31.14 89.43 8.53
N THR G 90 30.02 88.72 8.68
CA THR G 90 29.74 87.62 7.78
C THR G 90 29.24 88.13 6.43
N SER G 91 28.53 89.26 6.42
CA SER G 91 28.21 89.88 5.15
C SER G 91 29.46 90.42 4.46
N TRP G 92 30.44 90.84 5.24
CA TRP G 92 31.74 91.20 4.66
C TRP G 92 32.42 89.99 4.05
N LEU G 93 32.28 88.82 4.69
CA LEU G 93 32.77 87.58 4.09
C LEU G 93 32.08 87.27 2.77
N LYS G 94 30.77 87.53 2.68
CA LYS G 94 30.06 87.23 1.43
C LYS G 94 30.52 88.16 0.30
N TYR G 95 30.54 89.46 0.55
CA TYR G 95 30.88 90.38 -0.54
C TYR G 95 32.37 90.36 -0.85
N SER G 96 33.20 89.79 0.04
CA SER G 96 34.56 89.50 -0.34
C SER G 96 34.70 88.16 -1.03
N ASN G 97 33.72 87.27 -0.87
CA ASN G 97 33.83 85.94 -1.44
C ASN G 97 33.52 85.97 -2.94
N GLU G 98 32.78 86.97 -3.37
CA GLU G 98 32.70 87.32 -4.76
C GLU G 98 33.92 88.17 -5.13
N LYS G 99 34.15 88.34 -6.43
CA LYS G 99 35.33 89.09 -6.85
C LYS G 99 34.95 90.55 -7.09
N LEU G 100 34.43 91.17 -6.04
CA LEU G 100 33.98 92.55 -6.09
C LEU G 100 35.12 93.51 -5.81
N GLY G 101 34.95 94.75 -6.25
CA GLY G 101 35.92 95.79 -5.98
C GLY G 101 35.90 96.23 -4.52
N ALA G 102 36.75 97.21 -4.22
CA ALA G 102 36.91 97.61 -2.81
C ALA G 102 35.73 98.42 -2.30
N ASN G 103 35.33 99.46 -3.03
CA ASN G 103 34.25 100.31 -2.52
C ASN G 103 32.88 99.65 -2.62
N GLU G 104 32.72 98.69 -3.53
CA GLU G 104 31.46 97.97 -3.61
C GLU G 104 31.25 97.09 -2.39
N ILE G 105 32.34 96.45 -1.93
CA ILE G 105 32.35 95.79 -0.64
C ILE G 105 32.07 96.78 0.48
N ALA G 106 32.67 97.97 0.40
CA ALA G 106 32.50 98.97 1.46
C ALA G 106 31.05 99.41 1.60
N ILE G 107 30.38 99.67 0.48
CA ILE G 107 29.01 100.16 0.59
C ILE G 107 28.01 99.05 0.83
N ASN G 108 28.28 97.81 0.40
CA ASN G 108 27.36 96.73 0.78
C ASN G 108 27.48 96.39 2.26
N VAL G 109 28.69 96.40 2.82
CA VAL G 109 28.85 96.19 4.25
C VAL G 109 28.29 97.36 5.04
N ALA G 110 28.35 98.59 4.48
CA ALA G 110 27.72 99.73 5.13
C ALA G 110 26.20 99.60 5.15
N GLY G 111 25.61 99.06 4.08
CA GLY G 111 24.17 98.83 4.10
C GLY G 111 23.75 97.77 5.09
N THR G 112 24.52 96.68 5.18
CA THR G 112 24.21 95.65 6.18
C THR G 112 24.42 96.18 7.60
N ALA G 113 25.41 97.06 7.78
CA ALA G 113 25.61 97.75 9.05
C ALA G 113 24.42 98.63 9.40
N THR G 114 23.86 99.33 8.41
CA THR G 114 22.69 100.17 8.64
C THR G 114 21.51 99.35 9.12
N MET G 115 21.22 98.24 8.42
CA MET G 115 20.09 97.39 8.81
C MET G 115 20.30 96.76 10.19
N THR G 116 21.49 96.23 10.44
CA THR G 116 21.75 95.52 11.69
C THR G 116 21.78 96.46 12.88
N LEU G 117 22.52 97.57 12.78
CA LEU G 117 22.56 98.52 13.88
C LEU G 117 21.30 99.36 13.98
N THR G 118 20.40 99.30 12.99
CA THR G 118 19.07 99.84 13.19
C THR G 118 18.25 98.90 14.06
N GLU G 119 18.27 97.60 13.74
CA GLU G 119 17.34 96.68 14.37
C GLU G 119 17.63 96.47 15.85
N ASN G 120 18.79 95.96 16.21
CA ASN G 120 19.00 95.36 17.53
C ASN G 120 19.92 96.20 18.42
N LEU G 121 19.78 97.51 18.40
CA LEU G 121 20.35 98.26 19.52
C LEU G 121 19.42 99.36 20.01
N TYR G 122 18.12 99.20 19.81
CA TYR G 122 17.12 100.04 20.43
C TYR G 122 16.61 99.34 21.68
N GLY G 123 16.78 99.98 22.83
CA GLY G 123 16.33 99.42 24.09
C GLY G 123 17.35 98.57 24.81
N THR G 124 18.63 98.66 24.45
CA THR G 124 19.61 97.83 25.14
C THR G 124 20.92 98.55 25.48
N ARG G 125 20.87 99.77 26.03
CA ARG G 125 21.93 100.33 26.87
C ARG G 125 23.18 100.73 26.09
N VAL G 126 23.26 100.41 24.80
CA VAL G 126 24.45 100.63 23.99
C VAL G 126 24.09 101.59 22.87
N SER G 127 24.67 102.78 22.88
CA SER G 127 24.45 103.75 21.83
C SER G 127 25.13 103.30 20.54
N CYS G 128 24.71 103.89 19.42
CA CYS G 128 25.23 103.44 18.14
C CYS G 128 26.66 103.92 17.90
N GLU G 129 27.03 105.07 18.48
CA GLU G 129 28.36 105.62 18.24
C GLU G 129 29.45 104.74 18.86
N GLU G 130 29.15 104.14 20.02
CA GLU G 130 30.10 103.23 20.64
C GLU G 130 30.26 101.95 19.84
N ALA G 131 29.15 101.46 19.27
CA ALA G 131 29.21 100.25 18.44
C ALA G 131 29.99 100.50 17.16
N VAL G 132 29.84 101.68 16.57
CA VAL G 132 30.56 101.97 15.34
C VAL G 132 32.03 102.24 15.60
N SER G 133 32.35 102.82 16.77
CA SER G 133 33.74 102.90 17.19
C SER G 133 34.35 101.52 17.41
N LEU G 134 33.56 100.57 17.92
CA LEU G 134 34.05 99.21 18.10
C LEU G 134 34.29 98.51 16.76
N ILE G 135 33.39 98.72 15.80
CA ILE G 135 33.56 98.13 14.47
C ILE G 135 34.79 98.71 13.78
N ASN G 136 34.99 100.03 13.91
CA ASN G 136 36.17 100.66 13.33
C ASN G 136 37.44 100.16 14.01
N SER G 137 37.39 99.85 15.31
CA SER G 137 38.56 99.28 15.97
C SER G 137 38.86 97.87 15.47
N ILE G 138 37.82 97.08 15.21
CA ILE G 138 38.05 95.71 14.72
C ILE G 138 38.61 95.74 13.31
N PHE G 139 38.11 96.64 12.46
CA PHE G 139 38.71 96.78 11.13
C PHE G 139 40.10 97.40 11.18
N ALA G 140 40.41 98.17 12.21
CA ALA G 140 41.78 98.63 12.38
C ALA G 140 42.70 97.48 12.77
N VAL G 141 42.18 96.49 13.48
CA VAL G 141 42.98 95.31 13.82
C VAL G 141 43.19 94.41 12.61
N TRP G 142 42.11 94.15 11.85
CA TRP G 142 42.20 93.27 10.68
C TRP G 142 43.03 93.86 9.55
N VAL G 143 42.60 94.97 8.95
CA VAL G 143 43.22 95.44 7.72
C VAL G 143 43.72 96.87 7.89
N GLY G 144 43.36 97.53 8.99
CA GLY G 144 43.86 98.85 9.28
C GLY G 144 43.32 99.92 8.35
N VAL G 145 42.00 100.13 8.39
CA VAL G 145 41.32 101.07 7.50
C VAL G 145 40.49 102.07 8.28
N GLU G 146 39.64 101.60 9.20
CA GLU G 146 38.58 102.32 9.90
C GLU G 146 37.68 103.06 8.92
N PRO G 147 36.81 102.36 8.18
CA PRO G 147 36.11 102.98 7.06
C PRO G 147 34.81 103.71 7.38
N PHE G 148 34.10 103.39 8.46
CA PHE G 148 32.71 103.78 8.60
C PHE G 148 32.55 105.00 9.49
N GLU G 149 31.79 105.99 9.00
CA GLU G 149 31.30 107.11 9.77
C GLU G 149 29.81 106.94 9.96
N ALA G 150 29.32 107.24 11.16
CA ALA G 150 27.93 106.97 11.48
C ALA G 150 27.23 108.20 12.00
N GLU G 151 25.93 108.07 12.19
CA GLU G 151 25.10 109.12 12.75
C GLU G 151 23.83 108.50 13.31
N GLU G 152 23.30 109.13 14.35
CA GLU G 152 22.01 108.78 14.93
C GLU G 152 20.99 109.83 14.55
N ARG G 153 21.08 110.29 13.30
CA ARG G 153 20.42 111.52 12.85
C ARG G 153 18.89 111.41 12.91
N GLU G 154 18.37 110.23 12.69
CA GLU G 154 16.94 109.98 12.84
C GLU G 154 16.78 108.92 13.94
N GLY G 155 15.57 108.38 14.06
CA GLY G 155 15.30 107.36 15.08
C GLY G 155 16.10 106.08 14.93
N ALA G 156 16.59 105.80 13.73
CA ALA G 156 17.48 104.68 13.47
C ALA G 156 18.92 105.16 13.38
N CYS G 157 19.86 104.22 13.35
CA CYS G 157 21.26 104.57 13.16
C CYS G 157 21.65 104.32 11.71
N LEU G 158 22.44 105.23 11.15
CA LEU G 158 22.79 105.18 9.74
C LEU G 158 24.30 105.17 9.58
N VAL G 159 24.80 104.21 8.81
CA VAL G 159 26.23 104.00 8.61
C VAL G 159 26.54 104.29 7.15
N THR G 160 27.55 105.13 6.91
CA THR G 160 28.03 105.45 5.59
C THR G 160 29.55 105.32 5.55
N PRO G 161 30.11 104.89 4.43
CA PRO G 161 31.56 104.68 4.36
C PRO G 161 32.33 105.94 4.02
N ARG G 162 33.58 105.97 4.48
CA ARG G 162 34.50 107.05 4.16
C ARG G 162 35.62 106.64 3.22
N SER G 163 35.95 105.36 3.14
CA SER G 163 37.11 104.89 2.40
C SER G 163 36.82 103.49 1.91
N PRO G 164 37.45 103.05 0.82
CA PRO G 164 37.22 101.69 0.32
C PRO G 164 37.75 100.64 1.29
N LEU G 165 37.16 99.45 1.20
CA LEU G 165 37.42 98.38 2.13
C LEU G 165 38.04 97.20 1.41
N PRO G 166 39.15 96.65 1.90
CA PRO G 166 39.75 95.49 1.25
C PRO G 166 38.96 94.23 1.53
N PRO G 167 39.09 93.19 0.73
CA PRO G 167 38.41 91.92 1.00
C PRO G 167 39.09 91.16 2.13
N VAL G 168 38.47 90.05 2.51
CA VAL G 168 38.92 89.25 3.67
C VAL G 168 40.25 88.58 3.35
N PRO G 169 41.22 88.59 4.26
CA PRO G 169 42.51 87.90 4.06
C PRO G 169 42.46 86.37 4.23
N ILE G 170 41.46 85.73 3.63
CA ILE G 170 41.28 84.29 3.69
C ILE G 170 40.89 83.80 2.30
N SER G 171 41.63 82.81 1.79
CA SER G 171 41.38 82.25 0.47
C SER G 171 40.63 80.94 0.62
N SER G 172 39.56 80.78 -0.14
CA SER G 172 38.78 79.55 -0.14
C SER G 172 39.33 78.58 -1.17
N PRO G 173 39.96 77.48 -0.78
CA PRO G 173 40.71 76.67 -1.74
C PRO G 173 39.81 75.66 -2.47
N THR G 174 40.26 75.29 -3.66
CA THR G 174 39.60 74.27 -4.47
C THR G 174 40.25 72.89 -4.29
N GLY G 175 40.36 72.45 -3.04
CA GLY G 175 41.01 71.20 -2.76
C GLY G 175 40.13 69.98 -2.97
N PHE G 176 40.71 68.81 -2.70
CA PHE G 176 40.00 67.55 -2.81
C PHE G 176 40.37 66.60 -1.68
N SER G 177 40.45 67.13 -0.45
CA SER G 177 41.17 66.54 0.67
C SER G 177 40.80 65.08 0.96
N ALA G 178 41.83 64.24 1.02
CA ALA G 178 41.74 62.80 1.16
C ALA G 178 42.15 62.38 2.56
N PRO G 179 41.59 61.28 3.09
CA PRO G 179 41.94 60.86 4.45
C PRO G 179 43.34 60.29 4.52
N ILE G 180 43.89 60.25 5.74
CA ILE G 180 45.23 59.70 5.93
C ILE G 180 45.21 58.18 5.80
N GLN G 181 44.07 57.54 6.04
CA GLN G 181 44.00 56.09 5.83
C GLN G 181 44.05 55.75 4.35
N GLU G 182 43.46 56.61 3.52
CA GLU G 182 43.55 56.40 2.07
C GLU G 182 44.96 56.63 1.56
N VAL G 183 45.72 57.52 2.21
CA VAL G 183 47.11 57.72 1.86
C VAL G 183 47.96 56.52 2.25
N LEU G 184 47.76 56.00 3.46
CA LEU G 184 48.63 54.93 3.95
C LEU G 184 48.29 53.58 3.33
N GLN G 185 47.01 53.27 3.15
CA GLN G 185 46.63 51.96 2.64
C GLN G 185 46.84 51.82 1.14
N ALA G 186 47.10 52.92 0.43
CA ALA G 186 47.25 52.85 -1.02
C ALA G 186 48.63 52.31 -1.40
N LYS G 187 48.75 51.91 -2.66
CA LYS G 187 50.00 51.37 -3.18
C LYS G 187 50.68 52.29 -4.17
N SER G 188 49.97 53.29 -4.70
CA SER G 188 50.50 54.15 -5.73
C SER G 188 49.83 55.51 -5.60
N PRO G 189 50.46 56.58 -6.11
CA PRO G 189 49.77 57.87 -6.16
C PRO G 189 48.53 57.89 -7.05
N GLU G 190 48.55 57.16 -8.16
CA GLU G 190 47.40 57.15 -9.05
C GLU G 190 46.23 56.39 -8.46
N GLU G 191 46.46 55.55 -7.45
CA GLU G 191 45.35 54.94 -6.75
C GLU G 191 44.68 55.96 -5.83
N ILE G 192 45.42 56.96 -5.35
CA ILE G 192 44.81 58.03 -4.57
C ILE G 192 44.03 58.95 -5.48
N ILE G 193 44.58 59.31 -6.64
CA ILE G 193 43.83 60.12 -7.59
C ILE G 193 42.69 59.32 -8.22
N GLY G 194 43.03 58.25 -8.93
CA GLY G 194 42.05 57.50 -9.70
C GLY G 194 41.17 56.60 -8.84
CA MET H 1 -18.92 -48.44 -54.50
C MET H 1 -20.39 -48.78 -54.31
N ALA H 2 -20.86 -49.81 -55.02
CA ALA H 2 -22.26 -50.17 -55.03
C ALA H 2 -22.66 -50.81 -53.71
N ARG H 3 -23.97 -51.05 -53.56
CA ARG H 3 -24.51 -51.55 -52.30
C ARG H 3 -24.08 -52.97 -52.01
N LYS H 4 -23.74 -53.75 -53.05
CA LYS H 4 -23.05 -55.04 -52.95
C LYS H 4 -23.82 -56.09 -52.15
N ARG H 5 -25.13 -55.92 -51.99
CA ARG H 5 -25.95 -56.87 -51.26
C ARG H 5 -26.94 -57.56 -52.19
N THR H 6 -27.75 -56.78 -52.89
CA THR H 6 -28.70 -57.33 -53.83
C THR H 6 -28.88 -56.33 -54.96
N SER H 7 -29.47 -56.80 -56.05
CA SER H 7 -29.80 -55.92 -57.16
C SER H 7 -30.83 -54.89 -56.74
N LYS H 8 -32.05 -55.35 -56.43
CA LYS H 8 -33.21 -54.52 -56.06
C LYS H 8 -33.50 -53.47 -57.14
N ASN H 9 -33.94 -53.98 -58.29
CA ASN H 9 -34.15 -53.13 -59.46
C ASN H 9 -35.28 -52.14 -59.25
N ASP H 10 -34.93 -50.88 -59.00
CA ASP H 10 -35.86 -49.82 -58.72
C ASP H 10 -35.21 -48.49 -59.07
N PRO H 11 -35.72 -47.76 -60.06
CA PRO H 11 -35.01 -46.55 -60.50
C PRO H 11 -35.11 -45.38 -59.53
N LEU H 12 -36.17 -45.33 -58.74
CA LEU H 12 -36.34 -44.20 -57.85
C LEU H 12 -35.35 -44.24 -56.70
N ARG H 13 -34.99 -45.43 -56.24
CA ARG H 13 -33.91 -45.57 -55.26
C ARG H 13 -32.57 -45.14 -55.84
N MET H 14 -32.35 -45.38 -57.14
CA MET H 14 -31.12 -44.96 -57.79
C MET H 14 -30.98 -43.45 -57.78
N TYR H 15 -32.02 -42.76 -58.25
CA TYR H 15 -31.96 -41.30 -58.29
C TYR H 15 -31.92 -40.70 -56.89
N LEU H 16 -32.58 -41.33 -55.93
CA LEU H 16 -32.60 -40.77 -54.59
C LEU H 16 -31.27 -40.96 -53.87
N ASN H 17 -30.57 -42.08 -54.11
CA ASN H 17 -29.24 -42.22 -53.51
C ASN H 17 -28.25 -41.28 -54.18
N TYR H 18 -28.43 -41.01 -55.47
CA TYR H 18 -27.57 -40.03 -56.14
C TYR H 18 -27.75 -38.63 -55.56
N VAL H 19 -29.01 -38.23 -55.36
CA VAL H 19 -29.31 -36.93 -54.76
C VAL H 19 -28.81 -36.86 -53.32
N ARG H 20 -28.82 -37.98 -52.61
CA ARG H 20 -28.31 -37.99 -51.24
C ARG H 20 -26.80 -37.80 -51.21
N LYS H 21 -26.07 -38.41 -52.16
CA LYS H 21 -24.60 -38.34 -52.08
C LYS H 21 -23.98 -37.23 -52.90
N LEU H 22 -24.80 -36.39 -53.56
CA LEU H 22 -24.26 -35.17 -54.16
C LEU H 22 -23.71 -34.17 -53.15
N GLN H 23 -24.04 -34.30 -51.87
CA GLN H 23 -23.44 -33.40 -50.88
C GLN H 23 -22.13 -33.93 -50.30
N THR H 24 -21.56 -34.97 -50.90
CA THR H 24 -20.27 -35.52 -50.50
C THR H 24 -19.33 -35.72 -51.68
N MET H 25 -19.89 -35.92 -52.88
CA MET H 25 -19.10 -36.00 -54.11
C MET H 25 -18.21 -34.77 -54.31
N GLY H 26 -18.76 -33.59 -54.01
CA GLY H 26 -18.06 -32.34 -54.25
C GLY H 26 -16.84 -32.13 -53.37
N ASP H 27 -16.71 -32.88 -52.27
CA ASP H 27 -15.51 -32.86 -51.44
C ASP H 27 -14.62 -34.06 -51.70
N ALA H 28 -15.19 -35.20 -52.06
CA ALA H 28 -14.37 -36.37 -52.39
C ALA H 28 -13.55 -36.13 -53.64
N TYR H 29 -14.03 -35.29 -54.56
CA TYR H 29 -13.24 -34.97 -55.74
C TYR H 29 -12.00 -34.14 -55.39
N ASP H 30 -12.20 -33.12 -54.55
CA ASP H 30 -11.11 -32.31 -54.02
C ASP H 30 -10.10 -33.12 -53.25
N GLU H 31 -10.55 -34.14 -52.52
CA GLU H 31 -9.60 -35.01 -51.85
C GLU H 31 -8.89 -35.93 -52.83
N SER H 32 -9.56 -36.35 -53.91
CA SER H 32 -9.00 -37.33 -54.83
C SER H 32 -7.93 -36.75 -55.74
N ALA H 33 -7.91 -35.42 -55.91
CA ALA H 33 -6.88 -34.73 -56.70
C ALA H 33 -5.43 -35.17 -56.48
N LYS H 34 -5.07 -35.46 -55.23
CA LYS H 34 -3.67 -35.63 -54.85
C LYS H 34 -3.05 -36.90 -55.41
N TYR H 35 -3.85 -37.93 -55.70
CA TYR H 35 -3.34 -39.08 -56.42
C TYR H 35 -3.84 -39.15 -57.85
N ARG H 36 -4.95 -38.46 -58.16
CA ARG H 36 -5.43 -38.29 -59.52
C ARG H 36 -4.34 -37.76 -60.44
N ILE H 37 -3.62 -36.73 -59.99
CA ILE H 37 -2.65 -36.04 -60.85
C ILE H 37 -1.46 -36.94 -61.17
N ALA H 38 -0.94 -37.66 -60.18
CA ALA H 38 0.21 -38.53 -60.42
C ALA H 38 -0.15 -39.75 -61.25
N ASN H 39 -1.36 -40.30 -61.06
CA ASN H 39 -1.74 -41.44 -61.87
C ASN H 39 -1.96 -41.05 -63.32
N PHE H 40 -2.49 -39.84 -63.58
CA PHE H 40 -2.55 -39.40 -64.97
C PHE H 40 -1.17 -39.10 -65.54
N GLU H 41 -0.29 -38.54 -64.71
CA GLU H 41 1.10 -38.26 -65.07
C GLU H 41 1.78 -39.49 -65.64
N ASN H 42 1.64 -40.63 -64.98
CA ASN H 42 2.25 -41.83 -65.55
C ASN H 42 1.26 -42.75 -66.27
N GLY H 43 0.05 -42.29 -66.58
CA GLY H 43 -0.81 -43.07 -67.43
C GLY H 43 -1.03 -42.55 -68.84
N PHE H 44 -0.84 -41.25 -69.06
CA PHE H 44 -1.08 -40.69 -70.38
C PHE H 44 0.01 -41.03 -71.38
N LYS H 45 1.20 -41.40 -70.89
CA LYS H 45 2.33 -41.69 -71.78
C LYS H 45 2.07 -42.91 -72.64
N SER H 46 1.31 -43.88 -72.13
CA SER H 46 1.01 -45.07 -72.92
C SER H 46 0.13 -44.74 -74.12
N LEU H 47 -0.91 -43.92 -73.91
CA LEU H 47 -1.74 -43.45 -75.02
C LEU H 47 -0.93 -42.69 -76.05
N HIS H 48 -0.08 -41.76 -75.59
CA HIS H 48 0.60 -40.91 -76.56
C HIS H 48 1.66 -41.70 -77.32
N MET H 49 2.28 -42.69 -76.68
CA MET H 49 3.24 -43.53 -77.36
C MET H 49 2.55 -44.45 -78.36
N VAL H 50 1.41 -45.03 -78.00
CA VAL H 50 0.78 -45.95 -78.94
C VAL H 50 0.17 -45.20 -80.12
N GLU H 51 -0.25 -43.94 -79.93
CA GLU H 51 -0.78 -43.17 -81.05
C GLU H 51 0.34 -42.71 -81.98
N ASN H 52 1.50 -42.33 -81.43
CA ASN H 52 2.64 -42.01 -82.30
C ASN H 52 3.15 -43.24 -83.03
N GLU H 53 3.15 -44.40 -82.38
CA GLU H 53 3.62 -45.60 -83.06
C GLU H 53 2.66 -46.02 -84.17
N PHE H 54 1.36 -45.82 -83.97
CA PHE H 54 0.42 -46.06 -85.06
C PHE H 54 0.64 -45.12 -86.23
N LYS H 55 0.82 -43.82 -85.95
CA LYS H 55 1.10 -42.87 -87.03
C LYS H 55 2.33 -43.26 -87.83
N GLN H 56 3.41 -43.61 -87.13
CA GLN H 56 4.67 -43.93 -87.79
C GLN H 56 4.56 -45.21 -88.62
N TYR H 57 3.97 -46.26 -88.05
CA TYR H 57 3.96 -47.52 -88.78
C TYR H 57 2.93 -47.52 -89.90
N LEU H 58 1.83 -46.77 -89.74
CA LEU H 58 0.91 -46.58 -90.85
C LEU H 58 1.58 -45.82 -91.99
N ALA H 59 2.37 -44.79 -91.66
CA ALA H 59 3.09 -44.06 -92.69
C ALA H 59 4.09 -44.94 -93.42
N ASN H 60 4.77 -45.83 -92.69
CA ASN H 60 5.73 -46.73 -93.33
C ASN H 60 5.05 -47.73 -94.26
N VAL H 61 3.92 -48.31 -93.81
CA VAL H 61 3.22 -49.29 -94.65
C VAL H 61 2.62 -48.63 -95.88
N ILE H 62 2.04 -47.44 -95.73
CA ILE H 62 1.49 -46.72 -96.87
C ILE H 62 2.57 -46.30 -97.86
N ASP H 63 3.75 -45.90 -97.36
CA ASP H 63 4.81 -45.52 -98.29
C ASP H 63 5.40 -46.73 -99.01
N GLU H 64 5.45 -47.88 -98.34
CA GLU H 64 5.89 -49.09 -99.03
C GLU H 64 4.85 -49.57 -100.04
N ALA H 65 3.58 -49.22 -99.82
CA ALA H 65 2.57 -49.53 -100.85
C ALA H 65 2.64 -48.56 -102.02
N ILE H 66 3.00 -47.29 -101.75
CA ILE H 66 3.15 -46.32 -102.84
C ILE H 66 4.38 -46.64 -103.68
N LYS H 67 5.45 -47.15 -103.07
CA LYS H 67 6.65 -47.49 -103.83
C LYS H 67 6.42 -48.69 -104.76
N SER H 68 5.34 -49.44 -104.57
CA SER H 68 4.95 -50.49 -105.51
C SER H 68 4.20 -49.95 -106.71
N GLY H 69 4.01 -48.64 -106.82
CA GLY H 69 3.44 -48.05 -108.02
C GLY H 69 1.99 -47.63 -107.95
N ALA H 70 1.38 -47.66 -106.77
CA ALA H 70 -0.01 -47.25 -106.66
C ALA H 70 -0.12 -45.73 -106.67
N SER H 71 -1.34 -45.26 -106.82
CA SER H 71 -1.61 -43.82 -106.85
C SER H 71 -2.10 -43.35 -105.48
N PRO H 72 -1.81 -42.10 -105.09
CA PRO H 72 -2.32 -41.60 -103.80
C PRO H 72 -3.81 -41.31 -103.80
N GLN H 73 -4.51 -41.46 -104.91
CA GLN H 73 -5.97 -41.47 -104.85
C GLN H 73 -6.52 -42.86 -104.56
N ASP H 74 -5.72 -43.91 -104.72
CA ASP H 74 -6.24 -45.26 -104.48
C ASP H 74 -6.46 -45.53 -103.01
N LEU H 75 -5.64 -44.95 -102.14
CA LEU H 75 -5.64 -45.24 -100.71
C LEU H 75 -5.65 -43.94 -99.92
N PRO H 76 -6.84 -43.40 -99.64
CA PRO H 76 -6.94 -42.10 -98.95
C PRO H 76 -6.39 -42.09 -97.53
N TYR H 77 -7.04 -42.83 -96.62
CA TYR H 77 -6.72 -42.94 -95.20
C TYR H 77 -6.42 -41.60 -94.54
N VAL H 78 -7.34 -40.64 -94.64
CA VAL H 78 -6.99 -39.27 -94.35
C VAL H 78 -7.27 -38.89 -92.91
N ASN H 79 -8.56 -38.83 -92.56
CA ASN H 79 -8.91 -38.31 -91.25
C ASN H 79 -9.74 -39.29 -90.44
N GLU H 80 -10.81 -39.83 -91.01
CA GLU H 80 -11.72 -40.67 -90.23
C GLU H 80 -11.39 -42.14 -90.34
N ILE H 81 -10.75 -42.57 -91.43
CA ILE H 81 -10.35 -43.96 -91.53
C ILE H 81 -9.16 -44.24 -90.62
N LYS H 82 -8.25 -43.25 -90.52
CA LYS H 82 -7.21 -43.32 -89.50
C LYS H 82 -7.80 -43.31 -88.10
N LEU H 83 -8.92 -42.61 -87.92
CA LEU H 83 -9.56 -42.59 -86.61
C LEU H 83 -10.17 -43.94 -86.28
N ALA H 84 -10.68 -44.66 -87.30
CA ALA H 84 -11.15 -46.02 -87.11
C ALA H 84 -10.03 -46.96 -86.70
N LEU H 85 -8.89 -46.86 -87.39
CA LEU H 85 -7.79 -47.75 -87.05
C LEU H 85 -7.16 -47.38 -85.71
N MET H 86 -7.26 -46.13 -85.32
CA MET H 86 -6.82 -45.78 -83.98
C MET H 86 -7.80 -46.27 -82.92
N LYS H 87 -9.10 -46.39 -83.26
CA LYS H 87 -10.05 -46.99 -82.33
C LYS H 87 -9.70 -48.43 -82.01
N ILE H 88 -9.40 -49.23 -83.04
CA ILE H 88 -9.07 -50.63 -82.78
C ILE H 88 -7.73 -50.75 -82.03
N PHE H 89 -6.76 -49.90 -82.36
CA PHE H 89 -5.50 -50.02 -81.62
C PHE H 89 -5.55 -49.47 -80.20
N THR H 90 -6.43 -48.52 -79.92
CA THR H 90 -6.56 -48.02 -78.56
C THR H 90 -7.34 -49.01 -77.70
N SER H 91 -8.30 -49.73 -78.29
CA SER H 91 -8.93 -50.81 -77.54
C SER H 91 -7.95 -51.95 -77.28
N TRP H 92 -6.99 -52.15 -78.19
CA TRP H 92 -5.93 -53.10 -77.92
C TRP H 92 -5.05 -52.64 -76.76
N LEU H 93 -4.82 -51.32 -76.67
CA LEU H 93 -4.13 -50.77 -75.50
C LEU H 93 -4.90 -51.04 -74.22
N LYS H 94 -6.22 -50.92 -74.24
CA LYS H 94 -7.00 -51.16 -73.02
C LYS H 94 -6.94 -52.62 -72.58
N TYR H 95 -7.21 -53.54 -73.51
CA TYR H 95 -7.24 -54.93 -73.09
C TYR H 95 -5.85 -55.50 -72.85
N SER H 96 -4.80 -54.81 -73.31
CA SER H 96 -3.46 -55.15 -72.86
C SER H 96 -3.10 -54.48 -71.56
N ASN H 97 -3.81 -53.41 -71.19
CA ASN H 97 -3.46 -52.67 -69.99
C ASN H 97 -3.95 -53.39 -68.75
N GLU H 98 -4.97 -54.22 -68.92
CA GLU H 98 -5.33 -55.22 -67.92
C GLU H 98 -4.40 -56.42 -68.10
N LYS H 99 -4.39 -57.31 -67.11
CA LYS H 99 -3.49 -58.46 -67.18
C LYS H 99 -4.25 -59.65 -67.77
N LEU H 100 -4.76 -59.46 -68.99
CA LEU H 100 -5.53 -60.46 -69.68
C LEU H 100 -4.62 -61.41 -70.46
N GLY H 101 -5.16 -62.59 -70.76
CA GLY H 101 -4.44 -63.55 -71.57
C GLY H 101 -4.38 -63.13 -73.03
N ALA H 102 -3.76 -63.99 -73.84
CA ALA H 102 -3.51 -63.62 -75.22
C ALA H 102 -4.77 -63.68 -76.08
N ASN H 103 -5.51 -64.79 -76.03
CA ASN H 103 -6.68 -64.90 -76.89
C ASN H 103 -7.85 -64.05 -76.42
N GLU H 104 -7.89 -63.70 -75.13
CA GLU H 104 -8.94 -62.82 -74.64
C GLU H 104 -8.76 -61.42 -75.20
N ILE H 105 -7.50 -60.96 -75.25
CA ILE H 105 -7.15 -59.74 -75.98
C ILE H 105 -7.53 -59.88 -77.44
N ALA H 106 -7.24 -61.04 -78.05
CA ALA H 106 -7.51 -61.24 -79.47
C ALA H 106 -8.98 -61.12 -79.80
N ILE H 107 -9.84 -61.74 -78.99
CA ILE H 107 -11.26 -61.69 -79.32
C ILE H 107 -11.92 -60.39 -78.90
N ASN H 108 -11.42 -59.70 -77.87
CA ASN H 108 -11.99 -58.38 -77.58
C ASN H 108 -11.59 -57.36 -78.65
N VAL H 109 -10.36 -57.42 -79.14
CA VAL H 109 -9.97 -56.53 -80.23
C VAL H 109 -10.69 -56.91 -81.52
N ALA H 110 -11.00 -58.20 -81.71
CA ALA H 110 -11.79 -58.60 -82.86
C ALA H 110 -13.22 -58.08 -82.79
N GLY H 111 -13.80 -58.03 -81.58
CA GLY H 111 -15.11 -57.45 -81.43
C GLY H 111 -15.14 -55.95 -81.69
N THR H 112 -14.13 -55.23 -81.19
CA THR H 112 -14.03 -53.81 -81.46
C THR H 112 -13.78 -53.54 -82.94
N ALA H 113 -13.01 -54.42 -83.59
CA ALA H 113 -12.82 -54.36 -85.04
C ALA H 113 -14.13 -54.56 -85.79
N THR H 114 -14.96 -55.48 -85.33
CA THR H 114 -16.26 -55.72 -85.95
C THR H 114 -17.13 -54.49 -85.88
N MET H 115 -17.24 -53.88 -84.69
CA MET H 115 -18.06 -52.67 -84.53
C MET H 115 -17.53 -51.50 -85.34
N THR H 116 -16.21 -51.27 -85.29
CA THR H 116 -15.63 -50.12 -85.96
C THR H 116 -15.68 -50.27 -87.47
N LEU H 117 -15.25 -51.40 -88.01
CA LEU H 117 -15.29 -51.59 -89.45
C LEU H 117 -16.70 -51.87 -89.97
N THR H 118 -17.67 -52.09 -89.08
CA THR H 118 -19.05 -52.05 -89.51
C THR H 118 -19.50 -50.62 -89.72
N GLU H 119 -19.21 -49.76 -88.74
CA GLU H 119 -19.80 -48.41 -88.75
C GLU H 119 -19.27 -47.55 -89.89
N ASN H 120 -17.97 -47.27 -89.94
CA ASN H 120 -17.46 -46.16 -90.73
C ASN H 120 -16.65 -46.61 -91.95
N LEU H 121 -17.11 -47.64 -92.65
CA LEU H 121 -16.61 -47.81 -94.01
C LEU H 121 -17.70 -48.18 -94.99
N TYR H 122 -18.93 -47.79 -94.70
CA TYR H 122 -20.01 -47.87 -95.68
C TYR H 122 -20.16 -46.50 -96.33
N GLY H 123 -20.00 -46.47 -97.64
CA GLY H 123 -20.12 -45.23 -98.38
C GLY H 123 -18.85 -44.45 -98.54
N THR H 124 -17.69 -45.07 -98.31
CA THR H 124 -16.45 -44.31 -98.47
C THR H 124 -15.32 -45.07 -99.17
N ARG H 125 -15.60 -45.73 -100.29
CA ARG H 125 -14.60 -46.03 -101.33
C ARG H 125 -13.59 -47.12 -100.91
N VAL H 126 -13.61 -47.56 -99.66
CA VAL H 126 -12.64 -48.50 -99.12
C VAL H 126 -13.36 -49.75 -98.69
N SER H 127 -13.09 -50.86 -99.36
CA SER H 127 -13.68 -52.14 -99.00
C SER H 127 -13.09 -52.64 -97.69
N CYS H 128 -13.79 -53.60 -97.06
CA CYS H 128 -13.35 -54.05 -95.75
C CYS H 128 -12.12 -54.95 -95.84
N GLU H 129 -11.97 -55.68 -96.95
CA GLU H 129 -10.86 -56.61 -97.09
C GLU H 129 -9.52 -55.88 -97.15
N GLU H 130 -9.50 -54.71 -97.79
CA GLU H 130 -8.28 -53.91 -97.84
C GLU H 130 -7.93 -53.34 -96.47
N ALA H 131 -8.95 -52.94 -95.70
CA ALA H 131 -8.71 -52.42 -94.36
C ALA H 131 -8.19 -53.51 -93.43
N VAL H 132 -8.71 -54.73 -93.58
CA VAL H 132 -8.25 -55.82 -92.71
C VAL H 132 -6.86 -56.29 -93.12
N SER H 133 -6.54 -56.24 -94.41
CA SER H 133 -5.17 -56.47 -94.84
C SER H 133 -4.22 -55.41 -94.28
N LEU H 134 -4.68 -54.16 -94.19
CA LEU H 134 -3.85 -53.11 -93.61
C LEU H 134 -3.63 -53.32 -92.11
N ILE H 135 -4.67 -53.74 -91.39
CA ILE H 135 -4.54 -54.02 -89.96
C ILE H 135 -3.60 -55.19 -89.72
N ASN H 136 -3.71 -56.23 -90.54
CA ASN H 136 -2.80 -57.36 -90.43
C ASN H 136 -1.37 -56.96 -90.76
N SER H 137 -1.18 -56.02 -91.68
CA SER H 137 0.17 -55.53 -91.95
C SER H 137 0.73 -54.75 -90.77
N ILE H 138 -0.10 -53.94 -90.10
CA ILE H 138 0.40 -53.18 -88.96
C ILE H 138 0.73 -54.10 -87.79
N PHE H 139 -0.08 -55.14 -87.56
CA PHE H 139 0.28 -56.10 -86.53
C PHE H 139 1.47 -56.97 -86.94
N ALA H 140 1.72 -57.13 -88.24
CA ALA H 140 2.96 -57.79 -88.64
C ALA H 140 4.17 -56.92 -88.36
N VAL H 141 3.99 -55.59 -88.41
CA VAL H 141 5.09 -54.69 -88.08
C VAL H 141 5.35 -54.68 -86.57
N TRP H 142 4.29 -54.56 -85.77
CA TRP H 142 4.43 -54.49 -84.31
C TRP H 142 4.94 -55.80 -83.71
N VAL H 143 4.17 -56.87 -83.79
CA VAL H 143 4.49 -58.08 -83.03
C VAL H 143 4.65 -59.28 -83.96
N GLY H 144 4.28 -59.12 -85.22
CA GLY H 144 4.49 -60.18 -86.20
C GLY H 144 3.58 -61.37 -85.99
N VAL H 145 2.27 -61.15 -86.11
CA VAL H 145 1.26 -62.18 -85.86
C VAL H 145 0.34 -62.37 -87.05
N GLU H 146 -0.25 -61.26 -87.54
CA GLU H 146 -1.35 -61.18 -88.51
C GLU H 146 -2.53 -62.03 -88.06
N PRO H 147 -3.29 -61.62 -87.04
CA PRO H 147 -4.27 -62.52 -86.43
C PRO H 147 -5.65 -62.58 -87.05
N PHE H 148 -6.11 -61.56 -87.78
CA PHE H 148 -7.52 -61.42 -88.08
C PHE H 148 -7.85 -61.89 -89.48
N GLU H 149 -8.88 -62.72 -89.59
CA GLU H 149 -9.53 -63.09 -90.83
C GLU H 149 -10.89 -62.43 -90.88
N ALA H 150 -11.28 -61.90 -92.04
CA ALA H 150 -12.51 -61.13 -92.12
C ALA H 150 -13.40 -61.67 -93.22
N GLU H 151 -14.60 -61.10 -93.29
CA GLU H 151 -15.58 -61.41 -94.30
C GLU H 151 -16.56 -60.27 -94.42
N GLU H 152 -17.10 -60.08 -95.63
CA GLU H 152 -18.17 -59.14 -95.89
C GLU H 152 -19.46 -59.91 -96.12
N ARG H 153 -19.66 -60.95 -95.32
CA ARG H 153 -20.64 -62.00 -95.60
C ARG H 153 -22.07 -61.46 -95.56
N GLU H 154 -22.33 -60.48 -94.72
CA GLU H 154 -23.61 -59.80 -94.68
C GLU H 154 -23.36 -58.33 -95.02
N GLY H 155 -24.37 -57.49 -94.81
CA GLY H 155 -24.26 -56.07 -95.11
C GLY H 155 -23.20 -55.34 -94.30
N ALA H 156 -22.81 -55.89 -93.15
CA ALA H 156 -21.73 -55.36 -92.33
C ALA H 156 -20.47 -56.20 -92.56
N CYS H 157 -19.35 -55.71 -92.05
CA CYS H 157 -18.11 -56.48 -92.10
C CYS H 157 -17.86 -57.15 -90.76
N LEU H 158 -17.41 -58.39 -90.80
CA LEU H 158 -17.24 -59.20 -89.60
C LEU H 158 -15.81 -59.68 -89.49
N VAL H 159 -15.20 -59.45 -88.33
CA VAL H 159 -13.80 -59.80 -88.08
C VAL H 159 -13.77 -60.88 -87.01
N THR H 160 -13.03 -61.95 -87.29
CA THR H 160 -12.83 -63.06 -86.36
C THR H 160 -11.34 -63.39 -86.28
N PRO H 161 -10.85 -63.79 -85.12
CA PRO H 161 -9.41 -64.05 -84.99
C PRO H 161 -9.02 -65.46 -85.40
N ARG H 162 -7.77 -65.58 -85.82
CA ARG H 162 -7.19 -66.87 -86.16
C ARG H 162 -6.14 -67.35 -85.16
N SER H 163 -5.52 -66.46 -84.42
CA SER H 163 -4.40 -66.80 -83.57
C SER H 163 -4.40 -65.84 -82.39
N PRO H 164 -3.82 -66.24 -81.25
CA PRO H 164 -3.78 -65.35 -80.09
C PRO H 164 -2.89 -64.14 -80.33
N LEU H 165 -3.19 -63.06 -79.61
CA LEU H 165 -2.54 -61.78 -79.82
C LEU H 165 -1.75 -61.38 -78.58
N PRO H 166 -0.49 -60.99 -78.71
CA PRO H 166 0.28 -60.56 -77.55
C PRO H 166 -0.15 -59.17 -77.09
N PRO H 167 0.13 -58.80 -75.84
CA PRO H 167 -0.18 -57.46 -75.38
C PRO H 167 0.81 -56.44 -75.93
N VAL H 168 0.55 -55.17 -75.62
CA VAL H 168 1.31 -54.05 -76.17
C VAL H 168 2.71 -54.04 -75.57
N PRO H 169 3.77 -53.84 -76.37
CA PRO H 169 5.15 -53.74 -75.84
C PRO H 169 5.49 -52.42 -75.17
N ILE H 170 4.61 -51.94 -74.29
CA ILE H 170 4.79 -50.70 -73.56
C ILE H 170 4.36 -50.93 -72.12
N SER H 171 5.23 -50.60 -71.17
CA SER H 171 4.96 -50.79 -69.74
C SER H 171 4.57 -49.43 -69.15
N SER H 172 3.48 -49.41 -68.40
CA SER H 172 3.03 -48.21 -67.72
C SER H 172 3.66 -48.14 -66.34
N PRO H 173 4.57 -47.21 -66.08
CA PRO H 173 5.37 -47.26 -64.84
C PRO H 173 4.66 -46.59 -63.68
N THR H 174 5.02 -47.04 -62.48
CA THR H 174 4.53 -46.46 -61.22
C THR H 174 5.50 -45.44 -60.65
N GLY H 175 5.88 -44.46 -61.46
CA GLY H 175 6.85 -43.48 -61.02
C GLY H 175 6.27 -42.38 -60.17
N PHE H 176 7.14 -41.46 -59.78
CA PHE H 176 6.75 -40.30 -58.98
C PHE H 176 7.49 -39.04 -59.43
N SER H 177 7.60 -38.86 -60.75
CA SER H 177 8.60 -37.99 -61.39
C SER H 177 8.63 -36.56 -60.83
N ALA H 178 9.83 -36.14 -60.43
CA ALA H 178 10.12 -34.87 -59.78
C ALA H 178 10.80 -33.91 -60.73
N PRO H 179 10.60 -32.60 -60.58
CA PRO H 179 11.22 -31.64 -61.49
C PRO H 179 12.72 -31.53 -61.27
N ILE H 180 13.41 -31.00 -62.29
CA ILE H 180 14.85 -30.83 -62.18
C ILE H 180 15.20 -29.67 -61.24
N GLN H 181 14.29 -28.71 -61.07
CA GLN H 181 14.55 -27.65 -60.10
C GLN H 181 14.48 -28.17 -58.68
N GLU H 182 13.59 -29.14 -58.43
CA GLU H 182 13.53 -29.75 -57.10
C GLU H 182 14.76 -30.60 -56.83
N VAL H 183 15.36 -31.17 -57.88
CA VAL H 183 16.61 -31.91 -57.71
C VAL H 183 17.76 -30.96 -57.41
N LEU H 184 17.85 -29.86 -58.15
CA LEU H 184 19.02 -28.99 -57.98
C LEU H 184 18.94 -28.13 -56.73
N GLN H 185 17.75 -27.63 -56.39
CA GLN H 185 17.65 -26.73 -55.23
C GLN H 185 17.68 -27.47 -53.90
N ALA H 186 17.56 -28.80 -53.91
CA ALA H 186 17.53 -29.55 -52.66
C ALA H 186 18.94 -29.70 -52.08
N LYS H 187 18.99 -30.06 -50.80
CA LYS H 187 20.24 -30.25 -50.10
C LYS H 187 20.55 -31.71 -49.78
N SER H 188 19.55 -32.58 -49.86
CA SER H 188 19.71 -33.98 -49.47
C SER H 188 18.76 -34.81 -50.31
N PRO H 189 19.04 -36.11 -50.47
CA PRO H 189 18.06 -36.99 -51.12
C PRO H 189 16.74 -37.13 -50.37
N GLU H 190 16.79 -37.13 -49.04
CA GLU H 190 15.56 -37.27 -48.25
C GLU H 190 14.69 -36.03 -48.31
N GLU H 191 15.26 -34.89 -48.70
CA GLU H 191 14.44 -33.72 -48.95
C GLU H 191 13.66 -33.87 -50.26
N ILE H 192 14.21 -34.62 -51.21
CA ILE H 192 13.47 -34.90 -52.43
C ILE H 192 12.35 -35.91 -52.16
N ILE H 193 12.65 -36.95 -51.38
CA ILE H 193 11.60 -37.91 -51.02
C ILE H 193 10.62 -37.28 -50.04
N GLY H 194 11.11 -36.89 -48.86
CA GLY H 194 10.25 -36.41 -47.80
C GLY H 194 9.73 -35.01 -48.00
CA MET I 1 18.84 72.73 11.16
C MET I 1 17.53 73.42 10.77
N ALA I 2 17.36 74.66 11.22
CA ALA I 2 16.11 75.38 11.04
C ALA I 2 15.96 75.82 9.59
N ARG I 3 14.77 76.36 9.27
CA ARG I 3 14.44 76.71 7.90
C ARG I 3 15.27 77.87 7.37
N LYS I 4 15.77 78.73 8.27
CA LYS I 4 16.82 79.73 8.00
C LYS I 4 16.41 80.76 6.93
N ARG I 5 15.11 80.92 6.69
CA ARG I 5 14.62 81.88 5.73
C ARG I 5 13.84 82.99 6.41
N THR I 6 12.81 82.64 7.17
CA THR I 6 12.03 83.61 7.90
C THR I 6 11.54 82.96 9.18
N SER I 7 11.07 83.79 10.10
CA SER I 7 10.47 83.28 11.32
C SER I 7 9.18 82.51 11.02
N LYS I 8 8.17 83.21 10.51
CA LYS I 8 6.84 82.67 10.20
C LYS I 8 6.23 82.00 11.44
N ASN I 9 5.91 82.83 12.43
CA ASN I 9 5.43 82.35 13.71
C ASN I 9 4.06 81.68 13.58
N ASP I 10 4.06 80.35 13.63
CA ASP I 10 2.87 79.55 13.47
C ASP I 10 3.11 78.19 14.13
N PRO I 11 2.37 77.85 15.19
CA PRO I 11 2.69 76.62 15.92
C PRO I 11 2.30 75.34 15.20
N LEU I 12 1.29 75.42 14.33
CA LEU I 12 0.83 74.21 13.66
C LEU I 12 1.83 73.74 12.63
N ARG I 13 2.54 74.67 11.97
CA ARG I 13 3.63 74.30 11.09
C ARG I 13 4.78 73.65 11.86
N MET I 14 5.01 74.09 13.10
CA MET I 14 6.05 73.50 13.93
C MET I 14 5.75 72.04 14.22
N TYR I 15 4.55 71.77 14.73
CA TYR I 15 4.19 70.40 15.06
C TYR I 15 4.10 69.53 13.81
N LEU I 16 3.66 70.09 12.69
CA LEU I 16 3.54 69.28 11.49
C LEU I 16 4.89 68.96 10.86
N ASN I 17 5.87 69.86 10.94
CA ASN I 17 7.19 69.50 10.46
C ASN I 17 7.87 68.50 11.38
N TYR I 18 7.57 68.55 12.68
CA TYR I 18 8.10 67.55 13.60
C TYR I 18 7.54 66.17 13.28
N VAL I 19 6.23 66.09 13.05
CA VAL I 19 5.59 64.82 12.69
C VAL I 19 6.10 64.32 11.34
N ARG I 20 6.42 65.22 10.43
CA ARG I 20 6.96 64.80 9.14
C ARG I 20 8.36 64.20 9.29
N LYS I 21 9.20 64.77 10.15
CA LYS I 21 10.58 64.30 10.22
C LYS I 21 10.83 63.26 11.30
N LEU I 22 9.79 62.83 12.03
CA LEU I 22 9.94 61.67 12.90
C LEU I 22 10.21 60.37 12.15
N GLN I 23 9.98 60.30 10.85
CA GLN I 23 10.32 59.09 10.12
C GLN I 23 11.74 59.11 9.57
N THR I 24 12.58 60.05 10.01
CA THR I 24 13.98 60.13 9.61
C THR I 24 14.88 60.32 10.83
N MET I 25 14.37 60.91 11.91
CA MET I 25 15.13 61.03 13.16
C MET I 25 15.60 59.68 13.68
N GLY I 26 14.76 58.65 13.57
CA GLY I 26 15.07 57.33 14.09
C GLY I 26 16.20 56.62 13.39
N ASP I 27 16.56 57.06 12.19
CA ASP I 27 17.74 56.54 11.50
C ASP I 27 18.94 57.47 11.59
N ALA I 28 18.69 58.78 11.67
CA ALA I 28 19.80 59.71 11.84
C ALA I 28 20.49 59.53 13.18
N TYR I 29 19.75 59.08 14.19
CA TYR I 29 20.37 58.80 15.49
C TYR I 29 21.33 57.62 15.42
N ASP I 30 20.89 56.53 14.77
CA ASP I 30 21.71 55.35 14.52
C ASP I 30 22.95 55.68 13.69
N GLU I 31 22.82 56.61 12.75
CA GLU I 31 24.00 57.03 12.01
C GLU I 31 24.91 57.90 12.86
N SER I 32 24.35 58.70 13.76
CA SER I 32 25.13 59.66 14.53
C SER I 32 25.97 59.03 15.62
N ALA I 33 25.62 57.81 16.04
CA ALA I 33 26.37 57.04 17.05
C ALA I 33 27.89 57.01 16.88
N LYS I 34 28.36 56.92 15.64
CA LYS I 34 29.76 56.62 15.36
C LYS I 34 30.71 57.76 15.72
N TYR I 35 30.23 59.00 15.73
CA TYR I 35 31.02 60.10 16.25
C TYR I 35 30.51 60.61 17.59
N ARG I 36 29.25 60.32 17.92
CA ARG I 36 28.70 60.58 19.25
C ARG I 36 29.55 59.98 20.35
N ILE I 37 29.96 58.71 20.17
CA ILE I 37 30.66 58.00 21.23
C ILE I 37 32.05 58.58 21.48
N ALA I 38 32.78 58.90 20.43
CA ALA I 38 34.13 59.45 20.60
C ALA I 38 34.11 60.88 21.13
N ASN I 39 33.11 61.68 20.73
CA ASN I 39 33.05 63.03 21.27
C ASN I 39 32.67 63.03 22.75
N PHE I 40 31.82 62.09 23.18
CA PHE I 40 31.59 61.99 24.62
C PHE I 40 32.80 61.46 25.36
N GLU I 41 33.51 60.50 24.74
CA GLU I 41 34.76 59.94 25.27
C GLU I 41 35.73 61.03 25.66
N ASN I 42 35.95 62.00 24.77
CA ASN I 42 36.85 63.08 25.15
C ASN I 42 36.16 64.36 25.58
N GLY I 43 34.86 64.33 25.87
CA GLY I 43 34.22 65.49 26.47
C GLY I 43 33.81 65.35 27.93
N PHE I 44 33.63 64.12 28.41
CA PHE I 44 33.18 63.94 29.78
C PHE I 44 34.30 64.18 30.80
N LYS I 45 35.55 64.10 30.36
CA LYS I 45 36.69 64.24 31.27
C LYS I 45 36.76 65.63 31.85
N SER I 46 36.33 66.65 31.10
CA SER I 46 36.36 68.01 31.62
C SER I 46 35.38 68.21 32.77
N LEU I 47 34.16 67.66 32.64
CA LEU I 47 33.20 67.68 33.73
C LEU I 47 33.73 66.97 34.95
N HIS I 48 34.28 65.77 34.75
CA HIS I 48 34.67 64.99 35.93
C HIS I 48 35.87 65.61 36.62
N MET I 49 36.78 66.22 35.85
CA MET I 49 37.92 66.90 36.46
C MET I 49 37.49 68.17 37.19
N VAL I 50 36.56 68.94 36.62
CA VAL I 50 36.19 70.18 37.31
C VAL I 50 35.35 69.88 38.55
N GLU I 51 34.60 68.78 38.56
CA GLU I 51 33.85 68.44 39.75
C GLU I 51 34.75 67.89 40.86
N ASN I 52 35.77 67.10 40.49
CA ASN I 52 36.73 66.68 41.51
C ASN I 52 37.55 67.85 42.04
N GLU I 53 37.91 68.80 41.18
CA GLU I 53 38.68 69.95 41.65
C GLU I 53 37.86 70.84 42.57
N PHE I 54 36.55 70.96 42.29
CA PHE I 54 35.68 71.67 43.22
C PHE I 54 35.59 70.97 44.56
N LYS I 55 35.41 69.64 44.57
CA LYS I 55 35.36 68.90 45.83
C LYS I 55 36.63 69.10 46.65
N GLN I 56 37.77 68.99 45.99
CA GLN I 56 39.06 69.09 46.68
C GLN I 56 39.29 70.49 47.23
N TYR I 57 39.05 71.52 46.43
CA TYR I 57 39.37 72.86 46.89
C TYR I 57 38.35 73.38 47.89
N LEU I 58 37.09 72.94 47.79
CA LEU I 58 36.11 73.25 48.83
C LEU I 58 36.49 72.59 50.15
N ALA I 59 36.97 71.33 50.09
CA ALA I 59 37.42 70.67 51.31
C ALA I 59 38.61 71.38 51.94
N ASN I 60 39.54 71.88 51.12
CA ASN I 60 40.70 72.59 51.65
C ASN I 60 40.30 73.92 52.30
N VAL I 61 39.40 74.67 51.66
CA VAL I 61 38.97 75.96 52.22
C VAL I 61 38.18 75.77 53.51
N ILE I 62 37.29 74.78 53.53
CA ILE I 62 36.51 74.50 54.73
C ILE I 62 37.40 74.01 55.87
N ASP I 63 38.42 73.21 55.57
CA ASP I 63 39.30 72.76 56.65
C ASP I 63 40.18 73.88 57.18
N GLU I 64 40.60 74.80 56.30
CA GLU I 64 41.33 75.96 56.78
C GLU I 64 40.44 76.91 57.59
N ALA I 65 39.13 76.89 57.33
CA ALA I 65 38.22 77.67 58.17
C ALA I 65 37.97 76.98 59.51
N ILE I 66 37.97 75.65 59.53
CA ILE I 66 37.79 74.92 60.79
C ILE I 66 39.03 75.05 61.67
N LYS I 67 40.23 75.11 61.07
CA LYS I 67 41.45 75.28 61.85
C LYS I 67 41.55 76.65 62.51
N SER I 68 40.73 77.61 62.08
CA SER I 68 40.63 78.90 62.75
C SER I 68 39.71 78.86 63.97
N GLY I 69 39.15 77.71 64.32
CA GLY I 69 38.41 77.56 65.55
C GLY I 69 36.90 77.54 65.42
N ALA I 70 36.35 77.49 64.22
CA ALA I 70 34.91 77.46 64.05
C ALA I 70 34.37 76.07 64.35
N SER I 71 33.06 75.98 64.48
CA SER I 71 32.39 74.72 64.75
C SER I 71 31.83 74.12 63.47
N PRO I 72 31.77 72.80 63.36
CA PRO I 72 31.18 72.19 62.15
C PRO I 72 29.67 72.32 62.07
N GLN I 73 29.00 72.89 63.06
CA GLN I 73 27.62 73.29 62.86
C GLN I 73 27.48 74.67 62.27
N ASP I 74 28.55 75.48 62.29
CA ASP I 74 28.45 76.84 61.75
C ASP I 74 28.35 76.84 60.24
N LEU I 75 29.01 75.89 59.57
CA LEU I 75 29.14 75.86 58.13
C LEU I 75 28.78 74.48 57.60
N PRO I 76 27.49 74.23 57.33
CA PRO I 76 27.05 72.90 56.90
C PRO I 76 27.61 72.43 55.56
N TYR I 77 27.23 73.11 54.47
CA TYR I 77 27.62 72.83 53.08
C TYR I 77 27.55 71.35 52.74
N VAL I 78 26.39 70.73 52.93
CA VAL I 78 26.34 69.27 52.95
C VAL I 78 26.01 68.71 51.59
N ASN I 79 24.77 68.91 51.14
CA ASN I 79 24.33 68.26 49.93
C ASN I 79 23.84 69.23 48.86
N GLU I 80 22.95 70.14 49.22
CA GLU I 80 22.36 71.02 48.23
C GLU I 80 23.09 72.33 48.07
N ILE I 81 23.79 72.78 49.10
CA ILE I 81 24.55 74.01 48.97
C ILE I 81 25.81 73.74 48.15
N LYS I 82 26.41 72.56 48.31
CA LYS I 82 27.45 72.12 47.40
C LYS I 82 26.92 71.98 45.98
N LEU I 83 25.66 71.57 45.84
CA LEU I 83 25.08 71.47 44.51
C LEU I 83 24.89 72.84 43.87
N ALA I 84 24.58 73.85 44.67
CA ALA I 84 24.52 75.23 44.19
C ALA I 84 25.89 75.72 43.70
N LEU I 85 26.92 75.46 44.50
CA LEU I 85 28.25 75.91 44.11
C LEU I 85 28.78 75.12 42.92
N MET I 86 28.34 73.88 42.76
CA MET I 86 28.70 73.16 41.56
C MET I 86 27.93 73.66 40.35
N LYS I 87 26.72 74.20 40.55
CA LYS I 87 26.01 74.82 39.43
C LYS I 87 26.77 76.02 38.87
N ILE I 88 27.24 76.90 39.75
CA ILE I 88 27.99 78.07 39.25
C ILE I 88 29.31 77.66 38.63
N PHE I 89 30.00 76.66 39.19
CA PHE I 89 31.27 76.27 38.57
C PHE I 89 31.09 75.49 37.28
N THR I 90 29.99 74.77 37.11
CA THR I 90 29.77 74.05 35.86
C THR I 90 29.32 75.00 34.76
N SER I 91 28.61 76.06 35.11
CA SER I 91 28.33 77.10 34.11
C SER I 91 29.59 77.84 33.73
N TRP I 92 30.54 77.96 34.66
CA TRP I 92 31.85 78.50 34.32
C TRP I 92 32.59 77.59 33.36
N LEU I 93 32.45 76.27 33.53
CA LEU I 93 32.99 75.32 32.57
C LEU I 93 32.37 75.50 31.19
N LYS I 94 31.06 75.77 31.12
CA LYS I 94 30.42 75.94 29.81
C LYS I 94 30.91 77.20 29.11
N TYR I 95 30.89 78.34 29.80
CA TYR I 95 31.27 79.56 29.12
C TYR I 95 32.78 79.67 28.91
N SER I 96 33.57 78.83 29.58
CA SER I 96 34.96 78.69 29.20
C SER I 96 35.16 77.68 28.09
N ASN I 97 34.19 76.79 27.87
CA ASN I 97 34.35 75.75 26.87
C ASN I 97 34.11 76.30 25.48
N GLU I 98 33.37 77.39 25.39
CA GLU I 98 33.36 78.21 24.20
C GLU I 98 34.57 79.13 24.22
N LYS I 99 34.88 79.75 23.08
CA LYS I 99 36.05 80.60 23.01
C LYS I 99 35.66 82.05 23.29
N LEU I 100 35.08 82.26 24.46
CA LEU I 100 34.60 83.57 24.87
C LEU I 100 35.72 84.37 25.54
N GLY I 101 35.53 85.68 25.56
CA GLY I 101 36.47 86.56 26.22
C GLY I 101 36.36 86.46 27.73
N ALA I 102 37.18 87.27 28.42
CA ALA I 102 37.27 87.15 29.87
C ALA I 102 36.04 87.73 30.58
N ASN I 103 35.66 88.96 30.25
CA ASN I 103 34.54 89.57 30.96
C ASN I 103 33.19 88.98 30.56
N GLU I 104 33.09 88.41 29.37
CA GLU I 104 31.84 87.76 28.96
C GLU I 104 31.61 86.51 29.79
N ILE I 105 32.67 85.75 30.05
CA ILE I 105 32.65 84.66 31.02
C ILE I 105 32.27 85.20 32.40
N ALA I 106 32.85 86.35 32.78
CA ALA I 106 32.62 86.90 34.11
C ALA I 106 31.16 87.26 34.32
N ILE I 107 30.53 87.90 33.34
CA ILE I 107 29.15 88.32 33.53
C ILE I 107 28.16 87.19 33.31
N ASN I 108 28.47 86.18 32.49
CA ASN I 108 27.57 85.04 32.41
C ASN I 108 27.61 84.20 33.69
N VAL I 109 28.80 84.02 34.27
CA VAL I 109 28.89 83.32 35.54
C VAL I 109 28.27 84.14 36.66
N ALA I 110 28.33 85.47 36.57
CA ALA I 110 27.64 86.31 37.55
C ALA I 110 26.13 86.19 37.44
N GLY I 111 25.61 86.06 36.23
CA GLY I 111 24.17 85.83 36.07
C GLY I 111 23.72 84.49 36.60
N THR I 112 24.51 83.44 36.35
CA THR I 112 24.18 82.12 36.90
C THR I 112 24.30 82.12 38.43
N ALA I 113 25.26 82.87 38.96
CA ALA I 113 25.37 83.07 40.40
C ALA I 113 24.16 83.77 40.98
N THR I 114 23.64 84.77 40.27
CA THR I 114 22.45 85.48 40.72
C THR I 114 21.26 84.54 40.81
N MET I 115 21.02 83.75 39.74
CA MET I 115 19.89 82.81 39.75
C MET I 115 20.04 81.74 40.82
N THR I 116 21.24 81.16 40.93
CA THR I 116 21.44 80.05 41.86
C THR I 116 21.40 80.52 43.31
N LEU I 117 22.12 81.59 43.66
CA LEU I 117 22.08 82.08 45.02
C LEU I 117 20.80 82.83 45.34
N THR I 118 19.96 83.12 44.35
CA THR I 118 18.60 83.55 44.64
C THR I 118 17.76 82.38 45.09
N GLU I 119 17.82 81.28 44.33
CA GLU I 119 16.88 80.17 44.54
C GLU I 119 17.09 79.46 45.88
N ASN I 120 18.26 78.86 46.08
CA ASN I 120 18.40 77.83 47.12
C ASN I 120 19.27 78.30 48.30
N LEU I 121 19.09 79.54 48.74
CA LEU I 121 19.59 79.85 50.08
C LEU I 121 18.62 80.70 50.87
N TYR I 122 17.33 80.62 50.55
CA TYR I 122 16.28 81.19 51.39
C TYR I 122 15.73 80.08 52.27
N GLY I 123 15.83 80.29 53.59
CA GLY I 123 15.34 79.32 54.53
C GLY I 123 16.34 78.27 54.96
N THR I 124 17.63 78.47 54.73
CA THR I 124 18.59 77.46 55.14
C THR I 124 19.86 78.01 55.77
N ARG I 125 19.76 78.95 56.72
CA ARG I 125 20.76 79.18 57.76
C ARG I 125 22.05 79.84 57.24
N VAL I 126 22.19 79.99 55.92
CA VAL I 126 23.42 80.49 55.31
C VAL I 126 23.09 81.77 54.57
N SER I 127 23.65 82.89 55.04
CA SER I 127 23.47 84.18 54.39
C SER I 127 24.22 84.20 53.07
N CYS I 128 23.85 85.16 52.20
CA CYS I 128 24.44 85.20 50.87
C CYS I 128 25.86 85.72 50.90
N GLU I 129 26.19 86.59 51.86
CA GLU I 129 27.51 87.19 51.92
C GLU I 129 28.58 86.15 52.24
N GLU I 130 28.24 85.19 53.09
CA GLU I 130 29.19 84.11 53.40
C GLU I 130 29.40 83.20 52.21
N ALA I 131 28.34 82.93 51.45
CA ALA I 131 28.46 82.10 50.25
C ALA I 131 29.30 82.78 49.18
N VAL I 132 29.15 84.10 49.04
CA VAL I 132 29.92 84.82 48.03
C VAL I 132 31.38 84.97 48.45
N SER I 133 31.63 85.10 49.76
CA SER I 133 33.00 85.03 50.26
C SER I 133 33.62 83.66 50.01
N LEU I 134 32.82 82.59 50.12
CA LEU I 134 33.34 81.26 49.83
C LEU I 134 33.65 81.07 48.35
N ILE I 135 32.79 81.61 47.46
CA ILE I 135 33.04 81.53 46.02
C ILE I 135 34.29 82.32 45.65
N ASN I 136 34.46 83.50 46.24
CA ASN I 136 35.66 84.29 46.00
C ASN I 136 36.90 83.60 46.53
N SER I 137 36.79 82.85 47.63
CA SER I 137 37.93 82.09 48.10
C SER I 137 38.29 80.94 47.16
N ILE I 138 37.28 80.27 46.58
CA ILE I 138 37.57 79.18 45.65
C ILE I 138 38.19 79.71 44.37
N PHE I 139 37.72 80.85 43.87
CA PHE I 139 38.38 81.45 42.70
C PHE I 139 39.75 82.02 43.04
N ALA I 140 39.99 82.37 44.31
CA ALA I 140 41.34 82.74 44.69
C ALA I 140 42.27 81.53 44.70
N VAL I 141 41.73 80.35 44.98
CA VAL I 141 42.54 79.13 44.93
C VAL I 141 42.82 78.72 43.49
N TRP I 142 41.79 78.74 42.63
CA TRP I 142 41.96 78.33 41.22
C TRP I 142 42.84 79.28 40.43
N VAL I 143 42.40 80.52 40.24
CA VAL I 143 43.08 81.41 39.29
C VAL I 143 43.55 82.69 39.98
N GLY I 144 43.11 82.91 41.22
CA GLY I 144 43.57 84.05 41.98
C GLY I 144 43.05 85.37 41.47
N VAL I 145 41.73 85.55 41.50
CA VAL I 145 41.08 86.74 40.97
C VAL I 145 40.19 87.41 42.01
N GLU I 146 39.30 86.64 42.65
CA GLU I 146 38.20 87.07 43.51
C GLU I 146 37.34 88.10 42.80
N PRO I 147 36.52 87.70 41.82
CA PRO I 147 35.85 88.68 40.95
C PRO I 147 34.52 89.25 41.43
N PHE I 148 33.78 88.57 42.30
CA PHE I 148 32.37 88.89 42.49
C PHE I 148 32.14 89.71 43.74
N GLU I 149 31.39 90.80 43.58
CA GLU I 149 30.84 91.59 44.67
C GLU I 149 29.33 91.35 44.71
N ALA I 150 28.79 91.20 45.92
CA ALA I 150 27.39 90.84 46.05
C ALA I 150 26.64 91.81 46.93
N GLU I 151 25.33 91.62 46.99
CA GLU I 151 24.45 92.41 47.84
C GLU I 151 23.17 91.61 48.08
N GLU I 152 22.58 91.84 49.24
CA GLU I 152 21.27 91.31 49.59
C GLU I 152 20.25 92.43 49.55
N ARG I 153 20.38 93.29 48.54
CA ARG I 153 19.73 94.60 48.53
C ARG I 153 18.21 94.48 48.47
N GLU I 154 17.71 93.45 47.81
CA GLU I 154 16.30 93.16 47.79
C GLU I 154 16.10 91.79 48.43
N GLY I 155 14.89 91.22 48.28
CA GLY I 155 14.59 89.92 48.87
C GLY I 155 15.42 88.77 48.31
N ALA I 156 15.98 88.93 47.12
CA ALA I 156 16.90 87.99 46.53
C ALA I 156 18.33 88.47 46.70
N CYS I 157 19.29 87.60 46.39
CA CYS I 157 20.69 88.00 46.41
C CYS I 157 21.16 88.28 44.99
N LEU I 158 21.95 89.33 44.83
CA LEU I 158 22.37 89.78 43.51
C LEU I 158 23.90 89.82 43.44
N VAL I 159 24.46 89.19 42.42
CA VAL I 159 25.89 89.08 42.23
C VAL I 159 26.28 89.86 40.98
N THR I 160 27.28 90.73 41.11
CA THR I 160 27.82 91.51 40.01
C THR I 160 29.33 91.40 40.02
N PRO I 161 29.96 91.39 38.84
CA PRO I 161 31.41 91.22 38.78
C PRO I 161 32.18 92.53 38.95
N ARG I 162 33.40 92.39 39.45
CA ARG I 162 34.32 93.50 39.59
C ARG I 162 35.48 93.46 38.62
N SER I 163 35.84 92.29 38.12
CA SER I 163 37.05 92.12 37.32
C SER I 163 36.81 90.98 36.35
N PRO I 164 37.51 90.96 35.22
CA PRO I 164 37.34 89.86 34.27
C PRO I 164 37.83 88.53 34.82
N LEU I 165 37.27 87.45 34.28
CA LEU I 165 37.52 86.13 34.80
C LEU I 165 38.20 85.27 33.74
N PRO I 166 39.29 84.58 34.05
CA PRO I 166 39.95 83.72 33.07
C PRO I 166 39.15 82.45 32.85
N PRO I 167 39.35 81.77 31.73
CA PRO I 167 38.69 80.49 31.51
C PRO I 167 39.32 79.37 32.34
N VAL I 168 38.72 78.20 32.26
CA VAL I 168 39.10 77.04 33.08
C VAL I 168 40.47 76.52 32.62
N PRO I 169 41.40 76.22 33.53
CA PRO I 169 42.71 75.64 33.17
C PRO I 169 42.68 74.16 32.79
N ILE I 170 41.73 73.77 31.95
CA ILE I 170 41.57 72.39 31.50
C ILE I 170 41.26 72.43 30.01
N SER I 171 42.04 71.69 29.21
CA SER I 171 41.88 71.63 27.76
C SER I 171 41.15 70.34 27.40
N SER I 172 40.11 70.46 26.57
CA SER I 172 39.36 69.31 26.10
C SER I 172 39.99 68.78 24.82
N PRO I 173 40.61 67.60 24.84
CA PRO I 173 41.42 67.18 23.70
C PRO I 173 40.58 66.51 22.62
N THR I 174 41.10 66.57 21.40
CA THR I 174 40.50 65.89 20.24
C THR I 174 41.16 64.55 19.96
N GLY I 175 41.22 63.70 20.97
CA GLY I 175 41.89 62.42 20.83
C GLY I 175 41.04 61.37 20.16
N PHE I 176 41.63 60.17 20.03
CA PHE I 176 40.95 59.04 19.44
C PHE I 176 41.28 57.74 20.18
N SER I 177 41.29 57.81 21.52
CA SER I 177 41.97 56.85 22.40
C SER I 177 41.62 55.40 22.15
N ALA I 178 42.65 54.58 21.95
CA ALA I 178 42.59 53.18 21.57
C ALA I 178 42.94 52.29 22.75
N PRO I 179 42.38 51.09 22.83
CA PRO I 179 42.67 50.21 23.97
C PRO I 179 44.07 49.65 23.91
N ILE I 180 44.56 49.18 25.06
CA ILE I 180 45.89 48.61 25.13
C ILE I 180 45.92 47.23 24.46
N GLN I 181 44.78 46.54 24.40
CA GLN I 181 44.75 45.26 23.69
C GLN I 181 44.88 45.47 22.20
N GLU I 182 44.32 46.57 21.67
CA GLU I 182 44.48 46.88 20.26
C GLU I 182 45.92 47.28 19.95
N VAL I 183 46.61 47.87 20.90
CA VAL I 183 48.03 48.20 20.72
C VAL I 183 48.87 46.93 20.70
N LEU I 184 48.63 46.02 21.65
CA LEU I 184 49.50 44.85 21.76
C LEU I 184 49.21 43.80 20.70
N GLN I 185 47.94 43.58 20.35
CA GLN I 185 47.63 42.53 19.39
C GLN I 185 47.91 42.94 17.95
N ALA I 186 48.18 44.20 17.68
CA ALA I 186 48.41 44.66 16.32
C ALA I 186 49.80 44.29 15.85
N LYS I 187 50.00 44.36 14.54
CA LYS I 187 51.28 44.03 13.93
C LYS I 187 51.99 45.26 13.36
N SER I 188 51.29 46.37 13.19
CA SER I 188 51.85 47.54 12.54
C SER I 188 51.16 48.76 13.12
N PRO I 189 51.79 49.94 13.06
CA PRO I 189 51.08 51.18 13.43
C PRO I 189 49.89 51.50 12.53
N GLU I 190 49.97 51.22 11.24
CA GLU I 190 48.87 51.52 10.35
C GLU I 190 47.68 50.60 10.56
N GLU I 191 47.88 49.46 11.21
CA GLU I 191 46.75 48.64 11.61
C GLU I 191 46.01 49.27 12.78
N ILE I 192 46.71 50.02 13.62
CA ILE I 192 46.04 50.75 14.70
C ILE I 192 45.28 51.94 14.13
N ILE I 193 45.88 52.67 13.20
CA ILE I 193 45.16 53.78 12.56
C ILE I 193 44.08 53.25 11.63
N GLY I 194 44.47 52.51 10.60
CA GLY I 194 43.54 52.06 9.58
C GLY I 194 42.65 50.93 10.01
CA MET J 1 -23.83 -57.86 -30.73
C MET J 1 -25.29 -58.09 -30.35
N ALA J 2 -25.79 -59.29 -30.63
CA ALA J 2 -27.19 -59.60 -30.45
C ALA J 2 -27.53 -59.72 -28.96
N ARG J 3 -28.83 -59.87 -28.68
CA ARG J 3 -29.31 -59.88 -27.30
C ARG J 3 -28.85 -61.11 -26.54
N LYS J 4 -28.58 -62.22 -27.24
CA LYS J 4 -27.89 -63.40 -26.74
C LYS J 4 -28.61 -64.08 -25.57
N ARG J 5 -29.91 -63.84 -25.42
CA ARG J 5 -30.69 -64.46 -24.36
C ARG J 5 -31.73 -65.40 -24.94
N THR J 6 -32.59 -64.91 -25.83
CA THR J 6 -33.58 -65.74 -26.46
C THR J 6 -33.81 -65.21 -27.86
N SER J 7 -34.47 -66.02 -28.68
CA SER J 7 -34.85 -65.57 -30.01
C SER J 7 -35.86 -64.44 -29.95
N LYS J 8 -37.07 -64.74 -29.43
CA LYS J 8 -38.19 -63.81 -29.33
C LYS J 8 -38.53 -63.21 -30.69
N ASN J 9 -39.05 -64.07 -31.56
CA ASN J 9 -39.32 -63.70 -32.95
C ASN J 9 -40.43 -62.67 -33.04
N ASP J 10 -40.05 -61.42 -33.28
CA ASP J 10 -40.98 -60.30 -33.34
C ASP J 10 -40.34 -59.20 -34.17
N PRO J 11 -40.90 -58.85 -35.32
CA PRO J 11 -40.22 -57.89 -36.22
C PRO J 11 -40.25 -56.46 -35.71
N LEU J 12 -41.27 -56.11 -34.93
CA LEU J 12 -41.39 -54.73 -34.51
C LEU J 12 -40.34 -54.38 -33.46
N ARG J 13 -39.96 -55.35 -32.63
CA ARG J 13 -38.83 -55.14 -31.72
C ARG J 13 -37.53 -54.97 -32.48
N MET J 14 -37.38 -55.66 -33.61
CA MET J 14 -36.18 -55.54 -34.43
C MET J 14 -36.04 -54.12 -34.96
N TYR J 15 -37.09 -53.62 -35.60
CA TYR J 15 -37.03 -52.27 -36.17
C TYR J 15 -36.92 -51.21 -35.08
N LEU J 16 -37.54 -51.44 -33.92
CA LEU J 16 -37.47 -50.44 -32.87
C LEU J 16 -36.11 -50.40 -32.19
N ASN J 17 -35.43 -51.54 -32.05
CA ASN J 17 -34.08 -51.49 -31.51
C ASN J 17 -33.11 -50.87 -32.51
N TYR J 18 -33.37 -51.06 -33.80
CA TYR J 18 -32.53 -50.41 -34.82
C TYR J 18 -32.69 -48.89 -34.76
N VAL J 19 -33.93 -48.41 -34.65
CA VAL J 19 -34.19 -46.98 -34.55
C VAL J 19 -33.61 -46.42 -33.25
N ARG J 20 -33.60 -47.21 -32.19
CA ARG J 20 -33.01 -46.75 -30.93
C ARG J 20 -31.50 -46.60 -31.05
N LYS J 21 -30.83 -47.51 -31.75
CA LYS J 21 -29.36 -47.45 -31.77
C LYS J 21 -28.78 -46.71 -32.97
N LEU J 22 -29.62 -46.15 -33.84
CA LEU J 22 -29.12 -45.23 -34.86
C LEU J 22 -28.51 -43.94 -34.29
N GLN J 23 -28.77 -43.61 -33.04
CA GLN J 23 -28.13 -42.43 -32.46
C GLN J 23 -26.79 -42.75 -31.80
N THR J 24 -26.24 -43.95 -32.02
CA THR J 24 -24.94 -44.35 -31.51
C THR J 24 -24.08 -44.97 -32.59
N MET J 25 -24.70 -45.57 -33.62
CA MET J 25 -23.96 -46.11 -34.77
C MET J 25 -23.10 -45.04 -35.44
N GLY J 26 -23.61 -43.82 -35.55
CA GLY J 26 -22.92 -42.75 -36.25
C GLY J 26 -21.66 -42.26 -35.57
N ASP J 27 -21.48 -42.58 -34.29
CA ASP J 27 -20.24 -42.30 -33.58
C ASP J 27 -19.36 -43.52 -33.43
N ALA J 28 -19.96 -44.71 -33.34
CA ALA J 28 -19.16 -45.92 -33.27
C ALA J 28 -18.39 -46.17 -34.56
N TYR J 29 -18.93 -45.70 -35.69
CA TYR J 29 -18.21 -45.83 -36.95
C TYR J 29 -16.95 -44.96 -36.98
N ASP J 30 -17.09 -43.70 -36.54
CA ASP J 30 -15.98 -42.77 -36.40
C ASP J 30 -14.92 -43.28 -35.43
N GLU J 31 -15.34 -43.97 -34.38
CA GLU J 31 -14.37 -44.56 -33.48
C GLU J 31 -13.70 -45.79 -34.10
N SER J 32 -14.43 -46.54 -34.92
CA SER J 32 -13.93 -47.80 -35.48
C SER J 32 -12.91 -47.60 -36.58
N ALA J 33 -12.88 -46.43 -37.20
CA ALA J 33 -11.91 -46.08 -38.24
C ALA J 33 -10.44 -46.45 -37.95
N LYS J 34 -10.01 -46.28 -36.70
CA LYS J 34 -8.59 -46.33 -36.35
C LYS J 34 -8.01 -47.73 -36.45
N TYR J 35 -8.82 -48.78 -36.33
CA TYR J 35 -8.37 -50.12 -36.60
C TYR J 35 -8.93 -50.69 -37.89
N ARG J 36 -10.06 -50.12 -38.37
CA ARG J 36 -10.61 -50.43 -39.69
C ARG J 36 -9.56 -50.29 -40.78
N ILE J 37 -8.83 -49.18 -40.76
CA ILE J 37 -7.91 -48.86 -41.86
C ILE J 37 -6.73 -49.85 -41.91
N ALA J 38 -6.16 -50.17 -40.75
CA ALA J 38 -5.02 -51.09 -40.72
C ALA J 38 -5.43 -52.53 -41.04
N ASN J 39 -6.63 -52.95 -40.60
CA ASN J 39 -7.06 -54.30 -40.93
C ASN J 39 -7.36 -54.44 -42.42
N PHE J 40 -7.89 -53.39 -43.06
CA PHE J 40 -8.03 -53.47 -44.51
C PHE J 40 -6.68 -53.43 -45.21
N GLU J 41 -5.75 -52.62 -44.69
CA GLU J 41 -4.38 -52.51 -45.18
C GLU J 41 -3.74 -53.88 -45.33
N ASN J 42 -3.84 -54.71 -44.29
CA ASN J 42 -3.27 -56.05 -44.43
C ASN J 42 -4.29 -57.15 -44.72
N GLY J 43 -5.51 -56.80 -45.12
CA GLY J 43 -6.43 -57.82 -45.60
C GLY J 43 -6.73 -57.81 -47.09
N PHE J 44 -6.53 -56.68 -47.76
CA PHE J 44 -6.85 -56.62 -49.18
C PHE J 44 -5.81 -57.32 -50.05
N LYS J 45 -4.61 -57.52 -49.52
CA LYS J 45 -3.53 -58.12 -50.30
C LYS J 45 -3.83 -59.56 -50.66
N SER J 46 -4.57 -60.28 -49.81
CA SER J 46 -4.91 -61.66 -50.10
C SER J 46 -5.85 -61.76 -51.29
N LEU J 47 -6.86 -60.90 -51.34
CA LEU J 47 -7.75 -60.84 -52.50
C LEU J 47 -7.00 -60.50 -53.77
N HIS J 48 -6.13 -59.49 -53.71
CA HIS J 48 -5.50 -59.06 -54.96
C HIS J 48 -4.49 -60.09 -55.44
N MET J 49 -3.84 -60.79 -54.51
CA MET J 49 -2.92 -61.84 -54.90
C MET J 49 -3.65 -63.05 -55.47
N VAL J 50 -4.78 -63.43 -54.88
CA VAL J 50 -5.46 -64.62 -55.40
C VAL J 50 -6.13 -64.31 -56.73
N GLU J 51 -6.53 -63.06 -56.97
CA GLU J 51 -7.11 -62.73 -58.27
C GLU J 51 -6.04 -62.65 -59.36
N ASN J 52 -4.86 -62.13 -59.03
CA ASN J 52 -3.78 -62.16 -60.02
C ASN J 52 -3.31 -63.57 -60.29
N GLU J 53 -3.27 -64.44 -59.26
CA GLU J 53 -2.85 -65.81 -59.50
C GLU J 53 -3.85 -66.57 -60.34
N PHE J 54 -5.15 -66.29 -60.16
CA PHE J 54 -6.15 -66.88 -61.04
C PHE J 54 -5.98 -66.42 -62.48
N LYS J 55 -5.79 -65.11 -62.71
CA LYS J 55 -5.57 -64.60 -64.06
C LYS J 55 -4.38 -65.28 -64.72
N GLN J 56 -3.27 -65.39 -63.99
CA GLN J 56 -2.04 -65.94 -64.56
C GLN J 56 -2.19 -67.43 -64.88
N TYR J 57 -2.76 -68.20 -63.94
CA TYR J 57 -2.81 -69.64 -64.17
C TYR J 57 -3.90 -70.01 -65.16
N LEU J 58 -4.98 -69.24 -65.24
CA LEU J 58 -5.96 -69.43 -66.30
C LEU J 58 -5.36 -69.14 -67.66
N ALA J 59 -4.55 -68.08 -67.76
CA ALA J 59 -3.88 -67.76 -69.02
C ALA J 59 -2.92 -68.88 -69.43
N ASN J 60 -2.21 -69.46 -68.47
CA ASN J 60 -1.28 -70.55 -68.80
C ASN J 60 -2.01 -71.80 -69.27
N VAL J 61 -3.11 -72.17 -68.60
CA VAL J 61 -3.87 -73.36 -68.98
C VAL J 61 -4.52 -73.17 -70.35
N ILE J 62 -5.09 -71.99 -70.59
CA ILE J 62 -5.71 -71.71 -71.89
C ILE J 62 -4.68 -71.69 -73.01
N ASP J 63 -3.48 -71.16 -72.76
CA ASP J 63 -2.47 -71.16 -73.81
C ASP J 63 -1.92 -72.55 -74.07
N GLU J 64 -1.82 -73.39 -73.04
CA GLU J 64 -1.44 -74.78 -73.28
C GLU J 64 -2.53 -75.56 -74.01
N ALA J 65 -3.79 -75.14 -73.87
CA ALA J 65 -4.84 -75.76 -74.65
C ALA J 65 -4.84 -75.28 -76.10
N ILE J 66 -4.46 -74.01 -76.32
CA ILE J 66 -4.37 -73.49 -77.69
C ILE J 66 -3.19 -74.10 -78.42
N LYS J 67 -2.09 -74.38 -77.72
CA LYS J 67 -0.93 -75.01 -78.36
C LYS J 67 -1.20 -76.44 -78.80
N SER J 68 -2.28 -77.06 -78.30
CA SER J 68 -2.71 -78.36 -78.79
C SER J 68 -3.54 -78.28 -80.07
N GLY J 69 -3.73 -77.08 -80.63
CA GLY J 69 -4.35 -76.94 -81.93
C GLY J 69 -5.79 -76.50 -81.93
N ALA J 70 -6.35 -76.10 -80.79
CA ALA J 70 -7.72 -75.64 -80.77
C ALA J 70 -7.83 -74.22 -81.32
N SER J 71 -9.06 -73.80 -81.56
CA SER J 71 -9.33 -72.47 -82.08
C SER J 71 -9.74 -71.54 -80.95
N PRO J 72 -9.43 -70.24 -81.05
CA PRO J 72 -9.87 -69.31 -80.00
C PRO J 72 -11.36 -68.99 -80.02
N GLN J 73 -12.12 -69.53 -80.97
CA GLN J 73 -13.57 -69.48 -80.84
C GLN J 73 -14.11 -70.66 -80.05
N ASP J 74 -13.32 -71.72 -79.87
CA ASP J 74 -13.83 -72.89 -79.14
C ASP J 74 -13.98 -72.61 -77.65
N LEU J 75 -13.11 -71.78 -77.10
CA LEU J 75 -13.03 -71.54 -75.65
C LEU J 75 -12.99 -70.05 -75.37
N PRO J 76 -14.17 -69.42 -75.26
CA PRO J 76 -14.23 -67.96 -75.07
C PRO J 76 -13.61 -67.45 -73.76
N TYR J 77 -14.21 -67.80 -72.62
CA TYR J 77 -13.81 -67.41 -71.27
C TYR J 77 -13.47 -65.93 -71.16
N VAL J 78 -14.39 -65.06 -71.54
CA VAL J 78 -14.02 -63.67 -71.78
C VAL J 78 -14.23 -62.81 -70.55
N ASN J 79 -15.50 -62.60 -70.19
CA ASN J 79 -15.78 -61.64 -69.12
C ASN J 79 -16.57 -62.25 -67.97
N GLU J 80 -17.67 -62.93 -68.26
CA GLU J 80 -18.52 -63.42 -67.20
C GLU J 80 -18.20 -64.85 -66.78
N ILE J 81 -17.62 -65.64 -67.68
CA ILE J 81 -17.24 -66.99 -67.30
C ILE J 81 -16.00 -66.94 -66.43
N LYS J 82 -15.08 -66.02 -66.72
CA LYS J 82 -13.99 -65.73 -65.79
C LYS J 82 -14.51 -65.22 -64.46
N LEU J 83 -15.61 -64.47 -64.49
CA LEU J 83 -16.19 -63.98 -63.24
C LEU J 83 -16.79 -65.12 -62.43
N ALA J 84 -17.34 -66.13 -63.10
CA ALA J 84 -17.81 -67.33 -62.41
C ALA J 84 -16.66 -68.09 -61.74
N LEU J 85 -15.57 -68.26 -62.48
CA LEU J 85 -14.44 -69.00 -61.92
C LEU J 85 -13.75 -68.20 -60.82
N MET J 86 -13.82 -66.88 -60.88
CA MET J 86 -13.32 -66.09 -59.78
C MET J 86 -14.25 -66.15 -58.57
N LYS J 87 -15.55 -66.35 -58.79
CA LYS J 87 -16.46 -66.56 -57.66
C LYS J 87 -16.09 -67.81 -56.87
N ILE J 88 -15.85 -68.92 -57.56
CA ILE J 88 -15.51 -70.15 -56.82
C ILE J 88 -14.13 -70.02 -56.16
N PHE J 89 -13.17 -69.36 -56.81
CA PHE J 89 -11.88 -69.24 -56.15
C PHE J 89 -11.86 -68.23 -55.01
N THR J 90 -12.72 -67.22 -55.05
CA THR J 90 -12.77 -66.27 -53.94
C THR J 90 -13.51 -66.86 -52.75
N SER J 91 -14.50 -67.73 -52.99
CA SER J 91 -15.10 -68.46 -51.89
C SER J 91 -14.10 -69.45 -51.29
N TRP J 92 -13.20 -69.98 -52.11
CA TRP J 92 -12.12 -70.79 -51.57
C TRP J 92 -11.18 -69.98 -50.70
N LEU J 93 -10.94 -68.71 -51.09
CA LEU J 93 -10.19 -67.81 -50.23
C LEU J 93 -10.88 -67.58 -48.90
N LYS J 94 -12.21 -67.45 -48.90
CA LYS J 94 -12.92 -67.23 -47.63
C LYS J 94 -12.84 -68.43 -46.72
N TYR J 95 -13.16 -69.62 -47.24
CA TYR J 95 -13.17 -70.78 -46.35
C TYR J 95 -11.77 -71.25 -45.99
N SER J 96 -10.75 -70.78 -46.72
CA SER J 96 -9.39 -70.97 -46.24
C SER J 96 -8.96 -69.88 -45.28
N ASN J 97 -9.63 -68.74 -45.28
CA ASN J 97 -9.22 -67.63 -44.44
C ASN J 97 -9.66 -67.85 -43.00
N GLU J 98 -10.68 -68.68 -42.81
CA GLU J 98 -10.98 -69.24 -41.52
C GLU J 98 -10.08 -70.46 -41.30
N LYS J 99 -10.00 -70.93 -40.06
CA LYS J 99 -9.13 -72.05 -39.76
C LYS J 99 -9.92 -73.36 -39.85
N LEU J 100 -10.48 -73.59 -41.02
CA LEU J 100 -11.30 -74.77 -41.28
C LEU J 100 -10.43 -75.95 -41.71
N GLY J 101 -10.98 -77.15 -41.55
CA GLY J 101 -10.32 -78.35 -42.01
C GLY J 101 -10.32 -78.47 -43.52
N ALA J 102 -9.75 -79.58 -44.00
CA ALA J 102 -9.58 -79.73 -45.44
C ALA J 102 -10.88 -80.06 -46.15
N ASN J 103 -11.62 -81.06 -45.67
CA ASN J 103 -12.84 -81.45 -46.39
C ASN J 103 -13.96 -80.46 -46.19
N GLU J 104 -13.95 -79.69 -45.10
CA GLU J 104 -14.97 -78.67 -44.91
C GLU J 104 -14.82 -77.55 -45.94
N ILE J 105 -13.56 -77.17 -46.21
CA ILE J 105 -13.25 -76.30 -47.33
C ILE J 105 -13.69 -76.93 -48.64
N ALA J 106 -13.45 -78.24 -48.80
CA ALA J 106 -13.78 -78.92 -50.05
C ALA J 106 -15.29 -78.90 -50.32
N ILE J 107 -16.10 -79.18 -49.31
CA ILE J 107 -17.53 -79.22 -49.56
C ILE J 107 -18.17 -77.84 -49.59
N ASN J 108 -17.61 -76.83 -48.90
CA ASN J 108 -18.16 -75.49 -49.08
C ASN J 108 -17.82 -74.92 -50.45
N VAL J 109 -16.61 -75.18 -50.96
CA VAL J 109 -16.27 -74.75 -52.31
C VAL J 109 -17.06 -75.54 -53.34
N ALA J 110 -17.39 -76.80 -53.05
CA ALA J 110 -18.24 -77.57 -53.94
C ALA J 110 -19.67 -77.02 -53.98
N GLY J 111 -20.17 -76.54 -52.85
CA GLY J 111 -21.49 -75.92 -52.85
C GLY J 111 -21.52 -74.61 -53.63
N THR J 112 -20.47 -73.78 -53.46
CA THR J 112 -20.40 -72.54 -54.23
C THR J 112 -20.22 -72.83 -55.72
N ALA J 113 -19.49 -73.90 -56.05
CA ALA J 113 -19.38 -74.36 -57.44
C ALA J 113 -20.73 -74.78 -57.99
N THR J 114 -21.54 -75.47 -57.20
CA THR J 114 -22.87 -75.88 -57.63
C THR J 114 -23.73 -74.68 -57.96
N MET J 115 -23.77 -73.69 -57.05
CA MET J 115 -24.58 -72.49 -57.29
C MET J 115 -24.09 -71.69 -58.50
N THR J 116 -22.78 -71.49 -58.59
CA THR J 116 -22.23 -70.66 -59.66
C THR J 116 -22.35 -71.33 -61.02
N LEU J 117 -21.96 -72.60 -61.13
CA LEU J 117 -22.08 -73.29 -62.41
C LEU J 117 -23.51 -73.70 -62.72
N THR J 118 -24.43 -73.56 -61.78
CA THR J 118 -25.84 -73.66 -62.11
C THR J 118 -26.29 -72.39 -62.79
N GLU J 119 -25.95 -71.23 -62.22
CA GLU J 119 -26.52 -69.97 -62.66
C GLU J 119 -26.07 -69.58 -64.07
N ASN J 120 -24.77 -69.36 -64.27
CA ASN J 120 -24.30 -68.61 -65.43
C ASN J 120 -23.55 -69.48 -66.45
N LEU J 121 -24.06 -70.69 -66.71
CA LEU J 121 -23.62 -71.33 -67.94
C LEU J 121 -24.77 -72.01 -68.68
N TYR J 122 -25.99 -71.52 -68.48
CA TYR J 122 -27.12 -71.90 -69.31
C TYR J 122 -27.30 -70.87 -70.40
N GLY J 123 -27.21 -71.30 -71.65
CA GLY J 123 -27.37 -70.41 -72.77
C GLY J 123 -26.11 -69.75 -73.27
N THR J 124 -24.93 -70.28 -72.89
CA THR J 124 -23.70 -69.64 -73.36
C THR J 124 -22.62 -70.63 -73.80
N ARG J 125 -22.95 -71.65 -74.60
CA ARG J 125 -22.01 -72.31 -75.51
C ARG J 125 -20.99 -73.21 -74.79
N VAL J 126 -20.94 -73.16 -73.46
CA VAL J 126 -19.94 -73.87 -72.67
C VAL J 126 -20.65 -74.89 -71.79
N SER J 127 -20.41 -76.16 -72.02
CA SER J 127 -20.98 -77.22 -71.21
C SER J 127 -20.32 -77.23 -69.84
N CYS J 128 -20.99 -77.88 -68.88
CA CYS J 128 -20.48 -77.86 -67.51
C CYS J 128 -19.26 -78.76 -67.33
N GLU J 129 -19.17 -79.83 -68.13
CA GLU J 129 -18.07 -80.78 -67.98
C GLU J 129 -16.73 -80.14 -68.36
N GLU J 130 -16.75 -79.27 -69.37
CA GLU J 130 -15.53 -78.58 -69.76
C GLU J 130 -15.11 -77.56 -68.71
N ALA J 131 -16.07 -76.90 -68.08
CA ALA J 131 -15.78 -75.94 -67.02
C ALA J 131 -15.20 -76.64 -65.79
N VAL J 132 -15.72 -77.82 -65.47
CA VAL J 132 -15.24 -78.54 -64.30
C VAL J 132 -13.87 -79.16 -64.58
N SER J 133 -13.62 -79.57 -65.82
CA SER J 133 -12.27 -79.97 -66.20
C SER J 133 -11.29 -78.80 -66.10
N LEU J 134 -11.74 -77.58 -66.44
CA LEU J 134 -10.88 -76.41 -66.32
C LEU J 134 -10.58 -76.09 -64.86
N ILE J 135 -11.58 -76.20 -63.98
CA ILE J 135 -11.38 -75.95 -62.55
C ILE J 135 -10.42 -76.98 -61.96
N ASN J 136 -10.58 -78.25 -62.35
CA ASN J 136 -9.67 -79.29 -61.89
C ASN J 136 -8.25 -79.06 -62.41
N SER J 137 -8.11 -78.50 -63.61
CA SER J 137 -6.78 -78.17 -64.10
C SER J 137 -6.15 -77.03 -63.32
N ILE J 138 -6.95 -76.02 -62.92
CA ILE J 138 -6.39 -74.91 -62.16
C ILE J 138 -5.99 -75.36 -60.76
N PHE J 139 -6.80 -76.24 -60.13
CA PHE J 139 -6.37 -76.79 -58.85
C PHE J 139 -5.21 -77.77 -58.98
N ALA J 140 -5.03 -78.37 -60.14
CA ALA J 140 -3.83 -79.17 -60.36
C ALA J 140 -2.60 -78.28 -60.47
N VAL J 141 -2.76 -77.06 -60.97
CA VAL J 141 -1.65 -76.12 -61.04
C VAL J 141 -1.31 -75.58 -59.64
N TRP J 142 -2.33 -75.15 -58.88
CA TRP J 142 -2.12 -74.58 -57.55
C TRP J 142 -1.57 -75.60 -56.55
N VAL J 143 -2.36 -76.62 -56.21
CA VAL J 143 -2.00 -77.48 -55.09
C VAL J 143 -1.89 -78.93 -55.53
N GLY J 144 -2.32 -79.23 -56.75
CA GLY J 144 -2.17 -80.56 -57.30
C GLY J 144 -3.07 -81.59 -56.64
N VAL J 145 -4.38 -81.41 -56.76
CA VAL J 145 -5.37 -82.26 -56.11
C VAL J 145 -6.37 -82.82 -57.11
N GLU J 146 -6.97 -81.96 -57.93
CA GLU J 146 -8.12 -82.20 -58.81
C GLU J 146 -9.28 -82.82 -58.02
N PRO J 147 -9.98 -82.05 -57.19
CA PRO J 147 -10.93 -82.65 -56.25
C PRO J 147 -12.34 -82.90 -56.75
N PHE J 148 -12.83 -82.20 -57.77
CA PHE J 148 -14.27 -82.14 -58.03
C PHE J 148 -14.67 -83.08 -59.15
N GLU J 149 -15.70 -83.87 -58.90
CA GLU J 149 -16.42 -84.64 -59.90
C GLU J 149 -17.79 -84.02 -60.11
N ALA J 150 -18.22 -83.92 -61.36
CA ALA J 150 -19.45 -83.21 -61.66
C ALA J 150 -20.41 -84.08 -62.45
N GLU J 151 -21.61 -83.54 -62.64
CA GLU J 151 -22.64 -84.19 -63.44
C GLU J 151 -23.63 -83.12 -63.90
N GLU J 152 -24.22 -83.37 -65.07
CA GLU J 152 -25.31 -82.56 -65.60
C GLU J 152 -26.61 -83.33 -65.48
N ARG J 153 -26.77 -84.02 -64.34
CA ARG J 153 -27.77 -85.08 -64.19
C ARG J 153 -29.19 -84.54 -64.28
N GLU J 154 -29.39 -83.32 -63.83
CA GLU J 154 -30.68 -82.63 -63.97
C GLU J 154 -30.44 -81.40 -64.82
N GLY J 155 -31.44 -80.51 -64.87
CA GLY J 155 -31.33 -79.29 -65.66
C GLY J 155 -30.24 -78.34 -65.22
N ALA J 156 -29.79 -78.45 -63.97
CA ALA J 156 -28.66 -77.70 -63.45
C ALA J 156 -27.42 -78.58 -63.42
N CYS J 157 -26.27 -77.98 -63.17
CA CYS J 157 -25.05 -78.73 -63.01
C CYS J 157 -24.72 -78.89 -61.54
N LEU J 158 -24.27 -80.08 -61.15
CA LEU J 158 -24.05 -80.40 -59.75
C LEU J 158 -22.61 -80.85 -59.55
N VAL J 159 -21.94 -80.24 -58.58
CA VAL J 159 -20.53 -80.49 -58.29
C VAL J 159 -20.44 -81.14 -56.91
N THR J 160 -19.73 -82.25 -56.82
CA THR J 160 -19.48 -82.96 -55.58
C THR J 160 -17.99 -83.27 -55.46
N PRO J 161 -17.42 -83.24 -54.26
CA PRO J 161 -15.99 -83.46 -54.10
C PRO J 161 -15.63 -84.94 -54.02
N ARG J 162 -14.39 -85.23 -54.42
CA ARG J 162 -13.83 -86.56 -54.31
C ARG J 162 -12.74 -86.69 -53.27
N SER J 163 -12.08 -85.59 -52.91
CA SER J 163 -10.92 -85.63 -52.05
C SER J 163 -10.85 -84.32 -51.29
N PRO J 164 -10.22 -84.31 -50.12
CA PRO J 164 -10.12 -83.06 -49.36
C PRO J 164 -9.24 -82.03 -50.06
N LEU J 165 -9.48 -80.76 -49.73
CA LEU J 165 -8.85 -79.65 -50.42
C LEU J 165 -8.00 -78.86 -49.45
N PRO J 166 -6.74 -78.56 -49.78
CA PRO J 166 -5.91 -77.77 -48.89
C PRO J 166 -6.30 -76.30 -48.93
N PRO J 167 -5.97 -75.53 -47.91
CA PRO J 167 -6.25 -74.08 -47.93
C PRO J 167 -5.29 -73.35 -48.87
N VAL J 168 -5.54 -72.06 -49.02
CA VAL J 168 -4.80 -71.21 -49.97
C VAL J 168 -3.37 -71.02 -49.47
N PRO J 169 -2.35 -71.14 -50.34
CA PRO J 169 -0.95 -70.89 -49.96
C PRO J 169 -0.56 -69.42 -49.80
N ILE J 170 -1.39 -68.64 -49.10
CA ILE J 170 -1.17 -67.22 -48.88
C ILE J 170 -1.53 -66.92 -47.44
N SER J 171 -0.60 -66.30 -46.71
CA SER J 171 -0.80 -65.96 -45.30
C SER J 171 -1.15 -64.47 -45.20
N SER J 172 -2.21 -64.17 -44.46
CA SER J 172 -2.61 -62.79 -44.23
C SER J 172 -1.92 -62.24 -42.99
N PRO J 173 -0.98 -61.31 -43.13
CA PRO J 173 -0.13 -60.93 -42.00
C PRO J 173 -0.78 -59.89 -41.11
N THR J 174 -0.35 -59.88 -39.85
CA THR J 174 -0.78 -58.89 -38.86
C THR J 174 0.22 -57.75 -38.73
N GLY J 175 0.57 -57.13 -39.85
CA GLY J 175 1.57 -56.09 -39.84
C GLY J 175 1.03 -54.73 -39.41
N PHE J 176 1.93 -53.75 -39.41
CA PHE J 176 1.58 -52.38 -39.06
C PHE J 176 2.29 -51.38 -39.96
N SER J 177 2.33 -51.67 -41.26
CA SER J 177 3.30 -51.10 -42.22
C SER J 177 3.37 -49.58 -42.21
N ALA J 178 4.59 -49.06 -42.05
CA ALA J 178 4.90 -47.66 -41.90
C ALA J 178 5.54 -47.11 -43.17
N PRO J 179 5.35 -45.82 -43.47
CA PRO J 179 5.93 -45.26 -44.71
C PRO J 179 7.43 -45.11 -44.61
N ILE J 180 8.07 -45.00 -45.77
CA ILE J 180 9.52 -44.83 -45.81
C ILE J 180 9.91 -43.43 -45.36
N GLN J 181 9.02 -42.44 -45.49
CA GLN J 181 9.32 -41.11 -44.99
C GLN J 181 9.33 -41.09 -43.48
N GLU J 182 8.46 -41.88 -42.85
CA GLU J 182 8.47 -41.99 -41.39
C GLU J 182 9.72 -42.72 -40.89
N VAL J 183 10.25 -43.63 -41.70
CA VAL J 183 11.51 -44.29 -41.34
C VAL J 183 12.67 -43.32 -41.45
N LEU J 184 12.74 -42.55 -42.54
CA LEU J 184 13.91 -41.71 -42.75
C LEU J 184 13.89 -40.46 -41.89
N GLN J 185 12.73 -39.84 -41.68
CA GLN J 185 12.69 -38.60 -40.92
C GLN J 185 12.78 -38.81 -39.41
N ALA J 186 12.67 -40.06 -38.94
CA ALA J 186 12.71 -40.31 -37.52
C ALA J 186 14.13 -40.27 -36.98
N LYS J 187 14.25 -40.16 -35.66
CA LYS J 187 15.55 -40.11 -35.01
C LYS J 187 15.86 -41.37 -34.20
N SER J 188 14.86 -42.19 -33.92
CA SER J 188 15.04 -43.36 -33.07
C SER J 188 14.04 -44.42 -33.51
N PRO J 189 14.31 -45.70 -33.22
CA PRO J 189 13.29 -46.73 -33.46
C PRO J 189 12.02 -46.56 -32.63
N GLU J 190 12.13 -46.10 -31.39
CA GLU J 190 10.96 -45.93 -30.56
C GLU J 190 10.09 -44.77 -31.01
N GLU J 191 10.63 -43.84 -31.81
CA GLU J 191 9.80 -42.83 -32.41
C GLU J 191 8.95 -43.41 -33.53
N ILE J 192 9.45 -44.47 -34.19
CA ILE J 192 8.64 -45.16 -35.20
C ILE J 192 7.55 -45.97 -34.53
N ILE J 193 7.88 -46.68 -33.45
CA ILE J 193 6.85 -47.42 -32.72
C ILE J 193 5.92 -46.46 -31.97
N GLY J 194 6.48 -45.69 -31.04
CA GLY J 194 5.68 -44.84 -30.17
C GLY J 194 5.16 -43.59 -30.84
CA MET K 1 18.92 58.84 33.19
C MET K 1 17.63 59.61 33.00
N ALA K 2 17.40 60.62 33.85
CA ALA K 2 16.15 61.35 33.87
C ALA K 2 16.06 62.28 32.66
N ARG K 3 14.88 62.89 32.50
CA ARG K 3 14.61 63.71 31.33
C ARG K 3 15.44 64.98 31.29
N LYS K 4 15.89 65.47 32.45
CA LYS K 4 16.92 66.51 32.61
C LYS K 4 16.54 67.84 31.96
N ARG K 5 15.26 68.07 31.72
CA ARG K 5 14.79 69.32 31.14
C ARG K 5 13.95 70.12 32.12
N THR K 6 12.90 69.51 32.66
CA THR K 6 12.06 70.16 33.64
C THR K 6 11.52 69.09 34.57
N SER K 7 10.99 69.55 35.70
CA SER K 7 10.34 68.63 36.64
C SER K 7 9.10 68.02 36.01
N LYS K 8 8.09 68.85 35.74
CA LYS K 8 6.78 68.45 35.18
C LYS K 8 6.13 67.38 36.06
N ASN K 9 5.74 67.81 37.27
CA ASN K 9 5.21 66.90 38.27
C ASN K 9 3.87 66.31 37.84
N ASP K 10 3.90 65.06 37.41
CA ASP K 10 2.72 64.36 36.91
C ASP K 10 2.96 62.86 37.06
N PRO K 11 2.17 62.17 37.89
CA PRO K 11 2.48 60.75 38.16
C PRO K 11 2.16 59.82 37.00
N LEU K 12 1.19 60.20 36.16
CA LEU K 12 0.79 59.30 35.09
C LEU K 12 1.85 59.23 34.01
N ARG K 13 2.56 60.33 33.76
CA ARG K 13 3.71 60.30 32.87
C ARG K 13 4.83 59.42 33.42
N MET K 14 5.00 59.40 34.74
CA MET K 14 6.01 58.55 35.36
C MET K 14 5.72 57.08 35.10
N TYR K 15 4.50 56.65 35.42
CA TYR K 15 4.15 55.25 35.22
C TYR K 15 4.14 54.87 33.75
N LEU K 16 3.76 55.80 32.87
CA LEU K 16 3.70 55.47 31.46
C LEU K 16 5.09 55.39 30.83
N ASN K 17 6.05 56.21 31.28
CA ASN K 17 7.41 56.05 30.77
C ASN K 17 8.05 54.78 31.30
N TYR K 18 7.69 54.38 32.52
CA TYR K 18 8.19 53.12 33.06
C TYR K 18 7.68 51.93 32.24
N VAL K 19 6.38 51.94 31.92
CA VAL K 19 5.78 50.88 31.10
C VAL K 19 6.36 50.89 29.69
N ARG K 20 6.72 52.07 29.18
CA ARG K 20 7.33 52.12 27.86
C ARG K 20 8.73 51.52 27.85
N LYS K 21 9.51 51.74 28.92
CA LYS K 21 10.90 51.27 28.89
C LYS K 21 11.12 49.91 29.53
N LEU K 22 10.05 49.26 30.01
CA LEU K 22 10.18 47.86 30.41
C LEU K 22 10.51 46.91 29.27
N GLN K 23 10.35 47.32 28.02
CA GLN K 23 10.76 46.45 26.92
C GLN K 23 12.19 46.66 26.49
N THR K 24 12.99 47.39 27.28
CA THR K 24 14.41 47.61 27.02
C THR K 24 15.25 47.35 28.26
N MET K 25 14.67 47.52 29.46
CA MET K 25 15.36 47.18 30.71
C MET K 25 15.84 45.74 30.74
N GLY K 26 15.02 44.81 30.22
CA GLY K 26 15.33 43.40 30.26
C GLY K 26 16.51 42.98 29.42
N ASP K 27 16.94 43.82 28.47
CA ASP K 27 18.14 43.59 27.70
C ASP K 27 19.32 44.43 28.18
N ALA K 28 19.04 45.61 28.71
CA ALA K 28 20.12 46.43 29.26
C ALA K 28 20.75 45.79 30.49
N TYR K 29 19.97 44.99 31.23
CA TYR K 29 20.54 44.28 32.37
C TYR K 29 21.53 43.20 31.94
N ASP K 30 21.14 42.41 30.92
CA ASP K 30 22.00 41.41 30.32
C ASP K 30 23.26 42.01 29.73
N GLU K 31 23.17 43.21 29.17
CA GLU K 31 24.37 43.88 28.68
C GLU K 31 25.22 44.38 29.84
N SER K 32 24.59 44.82 30.94
CA SER K 32 25.32 45.44 32.04
C SER K 32 26.12 44.45 32.88
N ALA K 33 25.76 43.17 32.82
CA ALA K 33 26.49 42.10 33.53
C ALA K 33 28.01 42.13 33.44
N LYS K 34 28.54 42.49 32.26
CA LYS K 34 29.96 42.31 31.98
C LYS K 34 30.86 43.25 32.76
N TYR K 35 30.36 44.41 33.20
CA TYR K 35 31.10 45.25 34.11
C TYR K 35 30.51 45.24 35.52
N ARG K 36 29.24 44.85 35.66
CA ARG K 36 28.62 44.63 36.96
C ARG K 36 29.44 43.68 37.82
N ILE K 37 29.88 42.56 37.22
CA ILE K 37 30.54 41.51 38.00
C ILE K 37 31.90 41.98 38.52
N ALA K 38 32.69 42.65 37.68
CA ALA K 38 34.01 43.10 38.11
C ALA K 38 33.93 44.25 39.11
N ASN K 39 32.94 45.14 38.96
CA ASN K 39 32.82 46.22 39.94
C ASN K 39 32.38 45.68 41.30
N PHE K 40 31.52 44.65 41.33
CA PHE K 40 31.22 44.05 42.62
C PHE K 40 32.41 43.29 43.19
N GLU K 41 33.17 42.62 42.30
CA GLU K 41 34.40 41.91 42.66
C GLU K 41 35.34 42.79 43.47
N ASN K 42 35.57 44.01 43.00
CA ASN K 42 36.43 44.89 43.79
C ASN K 42 35.68 45.94 44.62
N GLY K 43 34.37 45.79 44.79
CA GLY K 43 33.69 46.66 45.74
C GLY K 43 33.21 46.01 47.02
N PHE K 44 33.02 44.69 47.02
CA PHE K 44 32.51 44.03 48.22
C PHE K 44 33.57 43.89 49.32
N LYS K 45 34.86 43.98 48.94
CA LYS K 45 35.93 43.80 49.90
C LYS K 45 35.95 44.89 50.94
N SER K 46 35.54 46.10 50.58
CA SER K 46 35.51 47.20 51.54
C SER K 46 34.48 46.97 52.64
N LEU K 47 33.28 46.51 52.25
CA LEU K 47 32.27 46.14 53.23
C LEU K 47 32.74 45.02 54.15
N HIS K 48 33.33 43.98 53.57
CA HIS K 48 33.67 42.84 54.42
C HIS K 48 34.83 43.17 55.34
N MET K 49 35.76 44.02 54.88
CA MET K 49 36.85 44.44 55.75
C MET K 49 36.36 45.36 56.86
N VAL K 50 35.45 46.29 56.56
CA VAL K 50 35.02 47.20 57.62
C VAL K 50 34.12 46.48 58.62
N GLU K 51 33.40 45.45 58.21
CA GLU K 51 32.60 44.69 59.16
C GLU K 51 33.46 43.80 60.04
N ASN K 52 34.51 43.19 59.48
CA ASN K 52 35.43 42.43 60.33
C ASN K 52 36.20 43.35 61.28
N GLU K 53 36.57 44.54 60.83
CA GLU K 53 37.29 45.44 61.71
C GLU K 53 36.41 45.95 62.84
N PHE K 54 35.12 46.17 62.56
CA PHE K 54 34.19 46.49 63.64
C PHE K 54 34.05 45.36 64.65
N LYS K 55 33.89 44.12 64.17
CA LYS K 55 33.80 42.97 65.08
C LYS K 55 35.02 42.87 65.98
N GLN K 56 36.21 43.01 65.38
CA GLN K 56 37.45 42.86 66.14
C GLN K 56 37.62 43.97 67.17
N TYR K 57 37.40 45.22 66.76
CA TYR K 57 37.67 46.31 67.69
C TYR K 57 36.59 46.44 68.75
N LEU K 58 35.35 46.06 68.43
CA LEU K 58 34.31 45.98 69.46
C LEU K 58 34.65 44.89 70.48
N ALA K 59 35.15 43.75 70.01
CA ALA K 59 35.55 42.69 70.92
C ALA K 59 36.69 43.13 71.84
N ASN K 60 37.65 43.89 71.29
CA ASN K 60 38.77 44.36 72.11
C ASN K 60 38.30 45.38 73.16
N VAL K 61 37.43 46.31 72.78
CA VAL K 61 36.96 47.32 73.74
C VAL K 61 36.09 46.67 74.83
N ILE K 62 35.22 45.73 74.45
CA ILE K 62 34.39 45.05 75.43
C ILE K 62 35.23 44.19 76.37
N ASP K 63 36.29 43.55 75.87
CA ASP K 63 37.12 42.74 76.75
C ASP K 63 37.97 43.60 77.68
N GLU K 64 38.39 44.79 77.22
CA GLU K 64 39.08 45.70 78.12
C GLU K 64 38.13 46.30 79.16
N ALA K 65 36.83 46.37 78.84
CA ALA K 65 35.87 46.79 79.86
C ALA K 65 35.58 45.68 80.85
N ILE K 66 35.59 44.42 80.40
CA ILE K 66 35.37 43.29 81.31
C ILE K 66 36.56 43.11 82.25
N LYS K 67 37.77 43.39 81.76
CA LYS K 67 38.96 43.26 82.61
C LYS K 67 39.00 44.31 83.73
N SER K 68 38.18 45.36 83.62
CA SER K 68 38.02 46.32 84.70
C SER K 68 37.04 45.85 85.77
N GLY K 69 36.49 44.65 85.66
CA GLY K 69 35.69 44.07 86.71
C GLY K 69 34.19 44.10 86.51
N ALA K 70 33.72 44.48 85.34
CA ALA K 70 32.28 44.50 85.10
C ALA K 70 31.75 43.09 84.85
N SER K 71 30.44 42.97 84.88
CA SER K 71 29.79 41.69 84.65
C SER K 71 29.30 41.59 83.21
N PRO K 72 29.27 40.39 82.63
CA PRO K 72 28.76 40.25 81.26
C PRO K 72 27.24 40.39 81.14
N GLN K 73 26.52 40.57 82.24
CA GLN K 73 25.14 41.01 82.12
C GLN K 73 25.01 42.52 82.04
N ASP K 74 26.05 43.28 82.42
CA ASP K 74 25.95 44.73 82.39
C ASP K 74 25.93 45.28 80.96
N LEU K 75 26.63 44.62 80.04
CA LEU K 75 26.84 45.10 78.69
C LEU K 75 26.54 44.00 77.69
N PRO K 76 25.27 43.87 77.28
CA PRO K 76 24.88 42.77 76.39
C PRO K 76 25.51 42.81 75.00
N TYR K 77 25.17 43.83 74.20
CA TYR K 77 25.63 44.05 72.83
C TYR K 77 25.62 42.79 71.98
N VAL K 78 24.46 42.15 71.87
CA VAL K 78 24.44 40.78 71.38
C VAL K 78 24.18 40.74 69.88
N ASN K 79 22.96 41.08 69.48
CA ASN K 79 22.60 40.90 68.08
C ASN K 79 22.14 42.18 67.41
N GLU K 80 21.21 42.91 68.02
CA GLU K 80 20.65 44.07 67.37
C GLU K 80 21.36 45.37 67.73
N ILE K 81 22.00 45.42 68.89
CA ILE K 81 22.75 46.61 69.24
C ILE K 81 24.05 46.66 68.45
N LYS K 82 24.66 45.49 68.21
CA LYS K 82 25.76 45.41 67.25
C LYS K 82 25.30 45.78 65.86
N LEU K 83 24.05 45.46 65.51
CA LEU K 83 23.55 45.82 64.20
C LEU K 83 23.36 47.33 64.08
N ALA K 84 22.98 48.00 65.18
CA ALA K 84 22.92 49.45 65.21
C ALA K 84 24.30 50.08 65.00
N LEU K 85 25.31 49.56 65.71
CA LEU K 85 26.64 50.13 65.57
C LEU K 85 27.24 49.82 64.22
N MET K 86 26.84 48.71 63.61
CA MET K 86 27.27 48.46 62.25
C MET K 86 26.56 49.36 61.26
N LYS K 87 25.32 49.78 61.56
CA LYS K 87 24.65 50.77 60.70
C LYS K 87 25.42 52.08 60.65
N ILE K 88 25.83 52.60 61.81
CA ILE K 88 26.57 53.87 61.79
C ILE K 88 27.94 53.71 61.14
N PHE K 89 28.61 52.58 61.35
CA PHE K 89 29.91 52.44 60.70
C PHE K 89 29.82 52.16 59.20
N THR K 90 28.75 51.54 58.73
CA THR K 90 28.61 51.32 57.30
C THR K 90 28.19 52.60 56.58
N SER K 91 27.43 53.47 57.25
CA SER K 91 27.19 54.79 56.67
C SER K 91 28.46 55.62 56.64
N TRP K 92 29.35 55.40 57.61
CA TRP K 92 30.67 56.04 57.54
C TRP K 92 31.47 55.52 56.37
N LEU K 93 31.34 54.23 56.06
CA LEU K 93 31.95 53.68 54.85
C LEU K 93 31.39 54.34 53.59
N LYS K 94 30.09 54.61 53.55
CA LYS K 94 29.51 55.24 52.35
C LYS K 94 30.02 56.66 52.17
N TYR K 95 29.93 57.48 53.22
CA TYR K 95 30.32 58.88 53.05
C TYR K 95 31.83 59.04 52.96
N SER K 96 32.60 58.02 53.33
CA SER K 96 34.02 58.03 53.00
C SER K 96 34.29 57.48 51.61
N ASN K 97 33.35 56.73 51.04
CA ASN K 97 33.58 56.10 49.75
C ASN K 97 33.41 57.12 48.64
N GLU K 98 32.64 58.18 48.89
CA GLU K 98 32.67 59.37 48.07
C GLU K 98 33.87 60.21 48.49
N LYS K 99 34.21 61.20 47.66
CA LYS K 99 35.38 62.03 47.96
C LYS K 99 34.93 63.28 48.71
N LEU K 100 34.29 63.06 49.85
CA LEU K 100 33.77 64.13 50.67
C LEU K 100 34.82 64.65 51.63
N GLY K 101 34.62 65.87 52.11
CA GLY K 101 35.50 66.45 53.10
C GLY K 101 35.33 65.82 54.46
N ALA K 102 36.08 66.34 55.43
CA ALA K 102 36.11 65.71 56.75
C ALA K 102 34.84 66.00 57.55
N ASN K 103 34.44 67.27 57.65
CA ASN K 103 33.28 67.58 58.48
C ASN K 103 31.97 67.17 57.83
N GLU K 104 31.94 67.05 56.50
CA GLU K 104 30.74 66.59 55.84
C GLU K 104 30.47 65.13 56.15
N ILE K 105 31.54 64.34 56.17
CA ILE K 105 31.49 62.97 56.70
C ILE K 105 31.04 62.98 58.15
N ALA K 106 31.58 63.92 58.94
CA ALA K 106 31.26 63.97 60.37
C ALA K 106 29.79 64.22 60.62
N ILE K 107 29.20 65.17 59.89
CA ILE K 107 27.81 65.48 60.15
C ILE K 107 26.84 64.50 59.49
N ASN K 108 27.22 63.86 58.38
CA ASN K 108 26.35 62.82 57.86
C ASN K 108 26.34 61.58 58.75
N VAL K 109 27.50 61.21 59.30
CA VAL K 109 27.55 60.09 60.24
C VAL K 109 26.85 60.46 61.54
N ALA K 110 26.89 61.74 61.93
CA ALA K 110 26.14 62.18 63.11
C ALA K 110 24.64 62.10 62.89
N GLY K 111 24.17 62.41 61.67
CA GLY K 111 22.76 62.25 61.37
C GLY K 111 22.30 60.80 61.37
N THR K 112 23.12 59.91 60.80
CA THR K 112 22.80 58.48 60.84
C THR K 112 22.84 57.94 62.26
N ALA K 113 23.76 58.46 63.08
CA ALA K 113 23.80 58.13 64.50
C ALA K 113 22.55 58.58 65.22
N THR K 114 22.04 59.77 64.89
CA THR K 114 20.81 60.27 65.49
C THR K 114 19.64 59.35 65.18
N MET K 115 19.47 58.99 63.90
CA MET K 115 18.37 58.11 63.51
C MET K 115 18.49 56.73 64.13
N THR K 116 19.69 56.14 64.09
CA THR K 116 19.86 54.78 64.59
C THR K 116 19.74 54.70 66.10
N LEU K 117 20.42 55.59 66.84
CA LEU K 117 20.31 55.56 68.29
C LEU K 117 18.99 56.14 68.78
N THR K 118 18.20 56.76 67.92
CA THR K 118 16.83 57.06 68.27
C THR K 118 15.98 55.80 68.22
N GLU K 119 16.11 55.04 67.13
CA GLU K 119 15.18 53.94 66.89
C GLU K 119 15.34 52.80 67.90
N ASN K 120 16.50 52.16 67.93
CA ASN K 120 16.62 50.83 68.54
C ASN K 120 17.42 50.86 69.86
N LEU K 121 17.19 51.87 70.70
CA LEU K 121 17.61 51.67 72.08
C LEU K 121 16.59 52.19 73.08
N TYR K 122 15.32 52.21 72.68
CA TYR K 122 14.22 52.45 73.61
C TYR K 122 13.65 51.11 74.01
N GLY K 123 13.68 50.82 75.31
CA GLY K 123 13.16 49.58 75.83
C GLY K 123 14.16 48.45 75.91
N THR K 124 15.46 48.74 75.83
CA THR K 124 16.42 47.64 75.90
C THR K 124 17.64 47.93 76.76
N ARG K 125 17.48 48.48 77.98
CA ARG K 125 18.43 48.32 79.08
C ARG K 125 19.72 49.13 78.90
N VAL K 126 19.93 49.73 77.73
CA VAL K 126 21.17 50.42 77.40
C VAL K 126 20.85 51.88 77.15
N SER K 127 21.36 52.75 78.01
CA SER K 127 21.19 54.18 77.85
C SER K 127 22.00 54.69 76.66
N CYS K 128 21.65 55.88 76.18
CA CYS K 128 22.31 56.39 74.98
C CYS K 128 23.71 56.89 75.27
N GLU K 129 23.98 57.35 76.49
CA GLU K 129 25.29 57.90 76.82
C GLU K 129 26.35 56.81 76.81
N GLU K 130 26.00 55.60 77.24
CA GLU K 130 26.95 54.49 77.21
C GLU K 130 27.24 54.06 75.78
N ALA K 131 26.22 54.09 74.92
CA ALA K 131 26.42 53.74 73.51
C ALA K 131 27.30 54.76 72.80
N VAL K 132 27.13 56.03 73.13
CA VAL K 132 27.93 57.07 72.47
C VAL K 132 29.36 57.05 73.01
N SER K 133 29.54 56.71 74.29
CA SER K 133 30.89 56.47 74.80
C SER K 133 31.55 55.29 74.11
N LEU K 134 30.77 54.25 73.79
CA LEU K 134 31.33 53.11 73.08
C LEU K 134 31.72 53.47 71.65
N ILE K 135 30.89 54.27 70.97
CA ILE K 135 31.21 54.71 69.61
C ILE K 135 32.46 55.58 69.60
N ASN K 136 32.58 56.48 70.59
CA ASN K 136 33.78 57.31 70.70
C ASN K 136 35.01 56.47 71.01
N SER K 137 34.85 55.38 71.77
CA SER K 137 35.99 54.50 72.01
C SER K 137 36.41 53.76 70.74
N ILE K 138 35.44 53.35 69.91
CA ILE K 138 35.80 52.65 68.68
C ILE K 138 36.47 53.60 67.69
N PHE K 139 36.01 54.85 67.60
CA PHE K 139 36.71 55.82 66.76
C PHE K 139 38.04 56.23 67.36
N ALA K 140 38.23 56.12 68.68
CA ALA K 140 39.54 56.33 69.24
C ALA K 140 40.49 55.20 68.87
N VAL K 141 39.96 53.99 68.69
CA VAL K 141 40.79 52.87 68.25
C VAL K 141 41.17 53.01 66.77
N TRP K 142 40.18 53.32 65.92
CA TRP K 142 40.42 53.44 64.48
C TRP K 142 41.32 54.61 64.11
N VAL K 143 40.86 55.84 64.36
CA VAL K 143 41.57 57.00 63.82
C VAL K 143 41.98 57.95 64.94
N GLY K 144 41.47 57.72 66.14
CA GLY K 144 41.87 58.52 67.29
C GLY K 144 41.35 59.93 67.26
N VAL K 145 40.04 60.09 67.28
CA VAL K 145 39.38 61.39 67.17
C VAL K 145 38.43 61.65 68.33
N GLU K 146 37.53 60.69 68.60
CA GLU K 146 36.38 60.79 69.51
C GLU K 146 35.52 62.00 69.16
N PRO K 147 34.77 61.97 68.06
CA PRO K 147 34.13 63.20 67.57
C PRO K 147 32.76 63.56 68.14
N PHE K 148 31.99 62.62 68.68
CA PHE K 148 30.57 62.84 68.89
C PHE K 148 30.26 63.17 70.33
N GLU K 149 29.49 64.24 70.53
CA GLU K 149 28.87 64.58 71.80
C GLU K 149 27.37 64.35 71.68
N ALA K 150 26.77 63.78 72.71
CA ALA K 150 25.37 63.39 72.63
C ALA K 150 24.56 63.99 73.76
N GLU K 151 23.25 63.79 73.68
CA GLU K 151 22.32 64.21 74.71
C GLU K 151 21.05 63.39 74.58
N GLU K 152 20.39 63.18 75.71
CA GLU K 152 19.09 62.55 75.78
C GLU K 152 18.04 63.62 76.08
N ARG K 153 18.21 64.78 75.46
CA ARG K 153 17.52 66.02 75.87
C ARG K 153 16.02 65.92 75.69
N GLU K 154 15.57 65.19 74.69
CA GLU K 154 14.16 64.92 74.49
C GLU K 154 13.96 63.41 74.59
N GLY K 155 12.77 62.94 74.20
CA GLY K 155 12.48 61.51 74.26
C GLY K 155 13.36 60.64 73.38
N ALA K 156 13.97 61.22 72.35
CA ALA K 156 14.94 60.53 71.51
C ALA K 156 16.35 60.93 71.92
N CYS K 157 17.34 60.23 71.37
CA CYS K 157 18.72 60.59 71.61
C CYS K 157 19.26 61.35 70.41
N LEU K 158 20.04 62.41 70.68
CA LEU K 158 20.51 63.29 69.63
C LEU K 158 22.04 63.36 69.66
N VAL K 159 22.66 63.14 68.50
CA VAL K 159 24.10 63.10 68.36
C VAL K 159 24.53 64.28 67.50
N THR K 160 25.51 65.04 67.98
CA THR K 160 26.08 66.16 67.27
C THR K 160 27.61 66.06 67.30
N PRO K 161 28.29 66.48 66.24
CA PRO K 161 29.74 66.33 66.20
C PRO K 161 30.48 67.50 66.86
N ARG K 162 31.67 67.19 67.34
CA ARG K 162 32.55 68.19 67.92
C ARG K 162 33.77 68.50 67.06
N SER K 163 34.18 67.59 66.21
CA SER K 163 35.42 67.71 65.46
C SER K 163 35.26 66.98 64.14
N PRO K 164 36.01 67.37 63.11
CA PRO K 164 35.91 66.69 61.82
C PRO K 164 36.40 65.25 61.89
N LEU K 165 35.89 64.43 60.98
CA LEU K 165 36.14 63.00 61.00
C LEU K 165 36.89 62.58 59.74
N PRO K 166 37.98 61.83 59.85
CA PRO K 166 38.70 61.38 58.67
C PRO K 166 37.94 60.26 57.97
N PRO K 167 38.21 60.01 56.69
CA PRO K 167 37.59 58.90 56.00
C PRO K 167 38.20 57.57 56.41
N VAL K 168 37.63 56.50 55.89
CA VAL K 168 38.00 55.12 56.26
C VAL K 168 39.39 54.80 55.72
N PRO K 169 40.28 54.19 56.51
CA PRO K 169 41.62 53.79 56.04
C PRO K 169 41.64 52.54 55.16
N ILE K 170 40.74 52.47 54.19
CA ILE K 170 40.64 51.35 53.26
C ILE K 170 40.40 51.91 51.87
N SER K 171 41.23 51.50 50.91
CA SER K 171 41.15 51.96 49.53
C SER K 171 40.45 50.88 48.69
N SER K 172 39.45 51.29 47.91
CA SER K 172 38.75 50.37 47.03
C SER K 172 39.46 50.33 45.67
N PRO K 173 40.10 49.23 45.30
CA PRO K 173 40.98 49.24 44.13
C PRO K 173 40.20 48.99 42.84
N THR K 174 40.78 49.49 41.74
CA THR K 174 40.25 49.27 40.39
C THR K 174 40.95 48.11 39.68
N GLY K 175 40.98 46.95 40.33
CA GLY K 175 41.68 45.82 39.78
C GLY K 175 40.89 45.06 38.74
N PHE K 176 41.51 44.00 38.23
CA PHE K 176 40.88 43.14 37.23
C PHE K 176 41.21 41.67 37.49
N SER K 177 41.15 41.26 38.76
CA SER K 177 41.81 40.05 39.28
C SER K 177 41.50 38.77 38.50
N ALA K 178 42.56 38.09 38.10
CA ALA K 178 42.53 36.92 37.24
C ALA K 178 42.85 35.66 38.05
N PRO K 179 42.31 34.50 37.66
CA PRO K 179 42.57 33.28 38.43
C PRO K 179 43.98 32.78 38.25
N ILE K 180 44.41 31.94 39.19
CA ILE K 180 45.76 31.38 39.11
C ILE K 180 45.84 30.33 38.01
N GLN K 181 44.72 29.70 37.64
CA GLN K 181 44.75 28.77 36.53
C GLN K 181 44.95 29.49 35.21
N GLU K 182 44.40 30.70 35.08
CA GLU K 182 44.63 31.49 33.88
C GLU K 182 46.06 31.98 33.80
N VAL K 183 46.71 32.20 34.95
CA VAL K 183 48.11 32.56 34.96
C VAL K 183 48.98 31.39 34.55
N LEU K 184 48.71 30.21 35.09
CA LEU K 184 49.59 29.07 34.84
C LEU K 184 49.38 28.47 33.45
N GLN K 185 48.14 28.39 32.98
CA GLN K 185 47.89 27.74 31.69
C GLN K 185 48.24 28.64 30.51
N ALA K 186 48.49 29.92 30.72
CA ALA K 186 48.78 30.82 29.63
C ALA K 186 50.20 30.64 29.13
N LYS K 187 50.47 31.17 27.94
CA LYS K 187 51.78 31.09 27.32
C LYS K 187 52.49 32.44 27.26
N SER K 188 51.79 33.54 27.46
CA SER K 188 52.36 34.86 27.32
C SER K 188 51.60 35.81 28.24
N PRO K 189 52.21 36.93 28.63
CA PRO K 189 51.46 37.95 29.37
C PRO K 189 50.30 38.57 28.60
N GLU K 190 50.45 38.76 27.29
CA GLU K 190 49.39 39.36 26.51
C GLU K 190 48.21 38.42 26.32
N GLU K 191 48.41 37.12 26.53
CA GLU K 191 47.27 36.21 26.55
C GLU K 191 46.46 36.38 27.83
N ILE K 192 47.10 36.79 28.92
CA ILE K 192 46.37 37.09 30.15
C ILE K 192 45.61 38.40 30.00
N ILE K 193 46.26 39.42 29.42
CA ILE K 193 45.53 40.68 29.18
C ILE K 193 44.51 40.51 28.07
N GLY K 194 44.97 40.18 26.86
CA GLY K 194 44.11 40.13 25.70
C GLY K 194 43.21 38.91 25.65
CA MET L 1 -27.48 -58.15 -4.95
C MET L 1 -28.92 -58.19 -4.45
N ALA L 2 -29.44 -59.40 -4.25
CA ALA L 2 -30.84 -59.60 -3.91
C ALA L 2 -31.09 -59.18 -2.45
N ARG L 3 -32.37 -59.18 -2.07
CA ARG L 3 -32.78 -58.70 -0.75
C ARG L 3 -32.29 -59.59 0.37
N LYS L 4 -32.06 -60.88 0.09
CA LYS L 4 -31.33 -61.83 0.95
C LYS L 4 -31.99 -62.03 2.32
N ARG L 5 -33.29 -61.72 2.43
CA ARG L 5 -34.01 -61.90 3.67
C ARG L 5 -35.08 -62.98 3.53
N THR L 6 -35.98 -62.81 2.56
CA THR L 6 -37.01 -63.80 2.31
C THR L 6 -37.31 -63.78 0.83
N SER L 7 -38.02 -64.83 0.38
CA SER L 7 -38.46 -64.87 -1.00
C SER L 7 -39.48 -63.76 -1.28
N LYS L 8 -40.64 -63.84 -0.64
CA LYS L 8 -41.76 -62.91 -0.82
C LYS L 8 -42.18 -62.82 -2.29
N ASN L 9 -42.73 -63.93 -2.77
CA ASN L 9 -43.08 -64.06 -4.18
C ASN L 9 -44.20 -63.12 -4.57
N ASP L 10 -43.83 -62.04 -5.26
CA ASP L 10 -44.76 -60.99 -5.67
C ASP L 10 -44.15 -60.27 -6.87
N PRO L 11 -44.78 -60.34 -8.05
CA PRO L 11 -44.14 -59.78 -9.25
C PRO L 11 -44.15 -58.26 -9.30
N LEU L 12 -45.12 -57.64 -8.65
CA LEU L 12 -45.22 -56.19 -8.72
C LEU L 12 -44.11 -55.51 -7.93
N ARG L 13 -43.69 -56.13 -6.82
CA ARG L 13 -42.52 -55.64 -6.09
C ARG L 13 -41.25 -55.78 -6.93
N MET L 14 -41.16 -56.83 -7.75
CA MET L 14 -40.01 -57.02 -8.62
C MET L 14 -39.90 -55.90 -9.63
N TYR L 15 -40.99 -55.63 -10.35
CA TYR L 15 -40.95 -54.57 -11.35
C TYR L 15 -40.78 -53.21 -10.72
N LEU L 16 -41.33 -52.99 -9.53
CA LEU L 16 -41.21 -51.69 -8.91
C LEU L 16 -39.82 -51.43 -8.35
N ASN L 17 -39.13 -52.45 -7.85
CA ASN L 17 -37.75 -52.24 -7.44
C ASN L 17 -36.84 -52.05 -8.63
N TYR L 18 -37.15 -52.68 -9.77
CA TYR L 18 -36.38 -52.45 -10.99
C TYR L 18 -36.53 -51.01 -11.46
N VAL L 19 -37.77 -50.50 -11.47
CA VAL L 19 -38.02 -49.11 -11.86
C VAL L 19 -37.37 -48.13 -10.89
N ARG L 20 -37.29 -48.50 -9.60
CA ARG L 20 -36.64 -47.64 -8.64
C ARG L 20 -35.14 -47.57 -8.87
N LYS L 21 -34.50 -48.69 -9.24
CA LYS L 21 -33.04 -48.67 -9.35
C LYS L 21 -32.52 -48.41 -10.76
N LEU L 22 -33.42 -48.17 -11.73
CA LEU L 22 -32.96 -47.69 -13.03
C LEU L 22 -32.33 -46.30 -12.98
N GLN L 23 -32.52 -45.53 -11.93
CA GLN L 23 -31.84 -44.25 -11.84
C GLN L 23 -30.47 -44.34 -11.17
N THR L 24 -29.94 -45.54 -10.99
CA THR L 24 -28.61 -45.77 -10.42
C THR L 24 -27.80 -46.75 -11.26
N MET L 25 -28.49 -47.66 -11.97
CA MET L 25 -27.81 -48.58 -12.89
C MET L 25 -26.98 -47.85 -13.94
N GLY L 26 -27.50 -46.73 -14.45
CA GLY L 26 -26.85 -45.99 -15.51
C GLY L 26 -25.55 -45.32 -15.11
N ASP L 27 -25.30 -45.17 -13.82
CA ASP L 27 -24.03 -44.68 -13.31
C ASP L 27 -23.13 -45.78 -12.78
N ALA L 28 -23.73 -46.85 -12.25
CA ALA L 28 -22.94 -47.97 -11.78
C ALA L 28 -22.24 -48.68 -12.94
N TYR L 29 -22.83 -48.64 -14.15
CA TYR L 29 -22.18 -49.23 -15.31
C TYR L 29 -20.92 -48.45 -15.70
N ASP L 30 -21.04 -47.11 -15.73
CA ASP L 30 -19.91 -46.21 -15.99
C ASP L 30 -18.81 -46.37 -14.95
N GLU L 31 -19.17 -46.62 -13.70
CA GLU L 31 -18.15 -46.89 -12.71
C GLU L 31 -17.52 -48.26 -12.89
N SER L 32 -18.31 -49.25 -13.35
CA SER L 32 -17.84 -50.63 -13.44
C SER L 32 -16.86 -50.85 -14.59
N ALA L 33 -16.88 -49.98 -15.60
CA ALA L 33 -15.95 -50.05 -16.73
C ALA L 33 -14.47 -50.31 -16.41
N LYS L 34 -13.99 -49.72 -15.31
CA LYS L 34 -12.55 -49.67 -15.04
C LYS L 34 -11.97 -51.03 -14.67
N TYR L 35 -12.78 -51.95 -14.14
CA TYR L 35 -12.34 -53.31 -13.93
C TYR L 35 -12.98 -54.29 -14.92
N ARG L 36 -14.12 -53.91 -15.51
CA ARG L 36 -14.74 -54.65 -16.59
C ARG L 36 -13.76 -54.92 -17.73
N ILE L 37 -13.01 -53.89 -18.14
CA ILE L 37 -12.16 -54.01 -19.32
C ILE L 37 -11.00 -54.97 -19.06
N ALA L 38 -10.35 -54.88 -17.90
CA ALA L 38 -9.23 -55.75 -17.60
C ALA L 38 -9.65 -57.19 -17.37
N ASN L 39 -10.83 -57.40 -16.76
CA ASN L 39 -11.27 -58.78 -16.57
C ASN L 39 -11.65 -59.43 -17.89
N PHE L 40 -12.22 -58.67 -18.83
CA PHE L 40 -12.43 -59.26 -20.15
C PHE L 40 -11.13 -59.49 -20.89
N GLU L 41 -10.17 -58.56 -20.73
CA GLU L 41 -8.82 -58.67 -21.30
C GLU L 41 -8.19 -60.02 -20.98
N ASN L 42 -8.25 -60.42 -19.72
CA ASN L 42 -7.69 -61.73 -19.40
C ASN L 42 -8.72 -62.84 -19.23
N GLY L 43 -9.96 -62.63 -19.67
CA GLY L 43 -10.90 -63.73 -19.70
C GLY L 43 -11.27 -64.26 -21.07
N PHE L 44 -11.12 -63.44 -22.11
CA PHE L 44 -11.52 -63.88 -23.45
C PHE L 44 -10.52 -64.86 -24.06
N LYS L 45 -9.28 -64.89 -23.55
CA LYS L 45 -8.26 -65.74 -24.12
C LYS L 45 -8.59 -67.21 -23.93
N SER L 46 -9.27 -67.57 -22.84
CA SER L 46 -9.63 -68.96 -22.61
C SER L 46 -10.64 -69.45 -23.64
N LEU L 47 -11.65 -68.65 -23.95
CA LEU L 47 -12.60 -68.98 -25.01
C LEU L 47 -11.91 -69.13 -26.34
N HIS L 48 -11.04 -68.18 -26.69
CA HIS L 48 -10.47 -68.23 -28.03
C HIS L 48 -9.49 -69.38 -28.18
N MET L 49 -8.79 -69.72 -27.09
CA MET L 49 -7.89 -70.88 -27.13
C MET L 49 -8.66 -72.18 -27.19
N VAL L 50 -9.77 -72.31 -26.45
CA VAL L 50 -10.48 -73.58 -26.48
C VAL L 50 -11.22 -73.76 -27.81
N GLU L 51 -11.63 -72.67 -28.45
CA GLU L 51 -12.27 -72.81 -29.75
C GLU L 51 -11.26 -73.14 -30.84
N ASN L 52 -10.06 -72.56 -30.79
CA ASN L 52 -9.04 -72.96 -31.75
C ASN L 52 -8.57 -74.39 -31.52
N GLU L 53 -8.49 -74.83 -30.26
CA GLU L 53 -8.07 -76.21 -30.01
C GLU L 53 -9.13 -77.20 -30.47
N PHE L 54 -10.41 -76.85 -30.35
CA PHE L 54 -11.46 -77.69 -30.91
C PHE L 54 -11.37 -77.77 -32.42
N LYS L 55 -11.18 -76.63 -33.11
CA LYS L 55 -11.03 -76.64 -34.57
C LYS L 55 -9.89 -77.54 -35.00
N GLN L 56 -8.73 -77.40 -34.34
CA GLN L 56 -7.55 -78.14 -34.73
C GLN L 56 -7.72 -79.64 -34.49
N TYR L 57 -8.23 -80.03 -33.31
CA TYR L 57 -8.30 -81.45 -33.01
C TYR L 57 -9.45 -82.13 -33.75
N LEU L 58 -10.52 -81.41 -34.04
CA LEU L 58 -11.57 -81.94 -34.92
C LEU L 58 -11.03 -82.16 -36.32
N ALA L 59 -10.23 -81.22 -36.84
CA ALA L 59 -9.62 -81.40 -38.15
C ALA L 59 -8.70 -82.60 -38.19
N ASN L 60 -7.92 -82.82 -37.12
CA ASN L 60 -7.02 -83.97 -37.08
C ASN L 60 -7.78 -85.30 -37.04
N VAL L 61 -8.84 -85.37 -36.23
CA VAL L 61 -9.61 -86.62 -36.14
C VAL L 61 -10.35 -86.91 -37.44
N ILE L 62 -10.93 -85.87 -38.07
CA ILE L 62 -11.62 -86.07 -39.34
C ILE L 62 -10.65 -86.46 -40.45
N ASP L 63 -9.42 -85.91 -40.45
CA ASP L 63 -8.48 -86.29 -41.49
C ASP L 63 -7.94 -87.70 -41.27
N GLU L 64 -7.80 -88.12 -40.01
CA GLU L 64 -7.42 -89.52 -39.77
C GLU L 64 -8.56 -90.47 -40.10
N ALA L 65 -9.81 -90.01 -40.06
CA ALA L 65 -10.90 -90.85 -40.52
C ALA L 65 -10.96 -90.90 -42.05
N ILE L 66 -10.60 -89.81 -42.72
CA ILE L 66 -10.58 -89.80 -44.19
C ILE L 66 -9.45 -90.67 -44.72
N LYS L 67 -8.31 -90.71 -44.01
CA LYS L 67 -7.19 -91.54 -44.46
C LYS L 67 -7.49 -93.03 -44.34
N SER L 68 -8.53 -93.41 -43.59
CA SER L 68 -9.00 -94.79 -43.57
C SER L 68 -9.89 -95.14 -44.75
N GLY L 69 -10.11 -94.23 -45.69
CA GLY L 69 -10.80 -94.54 -46.92
C GLY L 69 -12.24 -94.10 -47.01
N ALA L 70 -12.73 -93.31 -46.07
CA ALA L 70 -14.11 -92.84 -46.13
C ALA L 70 -14.24 -91.70 -47.14
N SER L 71 -15.47 -91.38 -47.46
CA SER L 71 -15.76 -90.32 -48.40
C SER L 71 -16.12 -89.03 -47.66
N PRO L 72 -15.82 -87.86 -48.23
CA PRO L 72 -16.19 -86.60 -47.56
C PRO L 72 -17.68 -86.28 -47.62
N GLN L 73 -18.50 -87.10 -48.28
CA GLN L 73 -19.93 -86.98 -48.10
C GLN L 73 -20.43 -87.80 -46.92
N ASP L 74 -19.64 -88.74 -46.41
CA ASP L 74 -20.11 -89.56 -45.29
C ASP L 74 -20.18 -88.77 -44.00
N LEU L 75 -19.27 -87.81 -43.81
CA LEU L 75 -19.11 -87.09 -42.55
C LEU L 75 -19.07 -85.59 -42.83
N PRO L 76 -20.23 -84.93 -42.88
CA PRO L 76 -20.27 -83.51 -43.22
C PRO L 76 -19.58 -82.58 -42.22
N TYR L 77 -20.13 -82.49 -41.00
CA TYR L 77 -19.66 -81.65 -39.90
C TYR L 77 -19.30 -80.24 -40.33
N VAL L 78 -20.26 -79.54 -40.95
CA VAL L 78 -19.90 -78.33 -41.68
C VAL L 78 -20.04 -77.09 -40.83
N ASN L 79 -21.28 -76.73 -40.51
CA ASN L 79 -21.50 -75.46 -39.84
C ASN L 79 -22.23 -75.60 -38.51
N GLU L 80 -23.35 -76.32 -38.49
CA GLU L 80 -24.14 -76.38 -37.28
C GLU L 80 -23.81 -77.58 -36.40
N ILE L 81 -23.28 -78.65 -36.99
CA ILE L 81 -22.88 -79.78 -36.16
C ILE L 81 -21.58 -79.45 -35.42
N LYS L 82 -20.69 -78.71 -36.08
CA LYS L 82 -19.54 -78.14 -35.36
C LYS L 82 -20.00 -77.17 -34.28
N LEU L 83 -21.09 -76.46 -34.52
CA LEU L 83 -21.59 -75.55 -33.50
C LEU L 83 -22.16 -76.32 -32.30
N ALA L 84 -22.75 -77.48 -32.54
CA ALA L 84 -23.19 -78.36 -31.45
C ALA L 84 -22.00 -78.85 -30.62
N LEU L 85 -20.94 -79.30 -31.30
CA LEU L 85 -19.80 -79.81 -30.56
C LEU L 85 -19.05 -78.68 -29.86
N MET L 86 -19.12 -77.47 -30.39
CA MET L 86 -18.55 -76.35 -29.67
C MET L 86 -19.41 -75.96 -28.47
N LYS L 87 -20.73 -76.19 -28.53
CA LYS L 87 -21.58 -75.98 -27.36
C LYS L 87 -21.17 -76.86 -26.19
N ILE L 88 -20.97 -78.16 -26.45
CA ILE L 88 -20.58 -79.06 -25.35
C ILE L 88 -19.17 -78.73 -24.84
N PHE L 89 -18.25 -78.36 -25.74
CA PHE L 89 -16.92 -78.05 -25.22
C PHE L 89 -16.85 -76.69 -24.52
N THR L 90 -17.70 -75.75 -24.87
CA THR L 90 -17.69 -74.46 -24.18
C THR L 90 -18.38 -74.57 -22.81
N SER L 91 -19.37 -75.46 -22.69
CA SER L 91 -19.90 -75.73 -21.36
C SER L 91 -18.89 -76.47 -20.50
N TRP L 92 -18.03 -77.28 -21.13
CA TRP L 92 -16.92 -77.87 -20.38
C TRP L 92 -15.94 -76.81 -19.91
N LEU L 93 -15.72 -75.78 -20.73
CA LEU L 93 -14.92 -74.64 -20.30
C LEU L 93 -15.54 -73.93 -19.09
N LYS L 94 -16.88 -73.79 -19.07
CA LYS L 94 -17.51 -73.12 -17.94
C LYS L 94 -17.38 -73.92 -16.66
N TYR L 95 -17.73 -75.21 -16.70
CA TYR L 95 -17.70 -75.97 -15.46
C TYR L 95 -16.28 -76.31 -15.04
N SER L 96 -15.30 -76.17 -15.93
CA SER L 96 -13.91 -76.20 -15.48
C SER L 96 -13.43 -74.86 -14.99
N ASN L 97 -14.11 -73.77 -15.37
CA ASN L 97 -13.65 -72.44 -15.00
C ASN L 97 -14.01 -72.13 -13.55
N GLU L 98 -15.03 -72.80 -13.03
CA GLU L 98 -15.25 -72.88 -11.61
C GLU L 98 -14.35 -73.95 -11.02
N LYS L 99 -14.21 -73.96 -9.70
CA LYS L 99 -13.31 -74.91 -9.06
C LYS L 99 -14.10 -76.15 -8.64
N LEU L 100 -14.74 -76.78 -9.63
CA LEU L 100 -15.56 -77.95 -9.40
C LEU L 100 -14.73 -79.22 -9.44
N GLY L 101 -15.27 -80.27 -8.84
CA GLY L 101 -14.62 -81.57 -8.87
C GLY L 101 -14.71 -82.22 -10.22
N ALA L 102 -14.18 -83.44 -10.32
CA ALA L 102 -14.07 -84.09 -11.61
C ALA L 102 -15.42 -84.63 -12.10
N ASN L 103 -16.14 -85.38 -11.25
CA ASN L 103 -17.38 -85.97 -11.72
C ASN L 103 -18.50 -84.95 -11.84
N GLU L 104 -18.43 -83.85 -11.10
CA GLU L 104 -19.44 -82.80 -11.23
C GLU L 104 -19.33 -82.12 -12.59
N ILE L 105 -18.10 -81.89 -13.04
CA ILE L 105 -17.83 -81.48 -14.41
C ILE L 105 -18.36 -82.54 -15.39
N ALA L 106 -18.13 -83.82 -15.09
CA ALA L 106 -18.53 -84.90 -15.99
C ALA L 106 -20.03 -84.94 -16.19
N ILE L 107 -20.80 -84.81 -15.10
CA ILE L 107 -22.24 -84.92 -15.25
C ILE L 107 -22.88 -83.62 -15.74
N ASN L 108 -22.28 -82.46 -15.48
CA ASN L 108 -22.84 -81.24 -16.10
C ASN L 108 -22.57 -81.20 -17.60
N VAL L 109 -21.39 -81.65 -18.03
CA VAL L 109 -21.12 -81.73 -19.47
C VAL L 109 -21.97 -82.83 -20.11
N ALA L 110 -22.29 -83.89 -19.38
CA ALA L 110 -23.19 -84.92 -19.89
C ALA L 110 -24.60 -84.39 -20.06
N GLY L 111 -25.05 -83.52 -19.14
CA GLY L 111 -26.36 -82.92 -19.30
C GLY L 111 -26.43 -81.96 -20.48
N THR L 112 -25.38 -81.15 -20.68
CA THR L 112 -25.33 -80.27 -21.84
C THR L 112 -25.24 -81.07 -23.13
N ALA L 113 -24.53 -82.21 -23.10
CA ALA L 113 -24.50 -83.13 -24.23
C ALA L 113 -25.86 -83.69 -24.54
N THR L 114 -26.63 -84.04 -23.51
CA THR L 114 -28.00 -84.54 -23.70
C THR L 114 -28.87 -83.52 -24.40
N MET L 115 -28.87 -82.28 -23.90
CA MET L 115 -29.68 -81.22 -24.52
C MET L 115 -29.25 -80.92 -25.95
N THR L 116 -27.94 -80.79 -26.18
CA THR L 116 -27.46 -80.40 -27.49
C THR L 116 -27.65 -81.51 -28.52
N LEU L 117 -27.26 -82.74 -28.19
CA LEU L 117 -27.45 -83.84 -29.13
C LEU L 117 -28.90 -84.30 -29.21
N THR L 118 -29.77 -83.83 -28.32
CA THR L 118 -31.20 -84.00 -28.53
C THR L 118 -31.68 -83.04 -29.60
N GLU L 119 -31.30 -81.76 -29.48
CA GLU L 119 -31.90 -80.73 -30.33
C GLU L 119 -31.51 -80.87 -31.80
N ASN L 120 -30.24 -80.77 -32.12
CA ASN L 120 -29.83 -80.48 -33.49
C ASN L 120 -29.14 -81.68 -34.18
N LEU L 121 -29.66 -82.88 -33.97
CA LEU L 121 -29.29 -83.93 -34.91
C LEU L 121 -30.48 -84.81 -35.30
N TYR L 122 -31.68 -84.25 -35.23
CA TYR L 122 -32.86 -84.88 -35.81
C TYR L 122 -33.09 -84.29 -37.19
N GLY L 123 -33.07 -85.14 -38.21
CA GLY L 123 -33.29 -84.71 -39.56
C GLY L 123 -32.04 -84.30 -40.31
N THR L 124 -30.86 -84.68 -39.84
CA THR L 124 -29.65 -84.28 -40.56
C THR L 124 -28.60 -85.38 -40.68
N ARG L 125 -28.96 -86.60 -41.05
CA ARG L 125 -28.08 -87.57 -41.70
C ARG L 125 -27.03 -88.17 -40.76
N VAL L 126 -26.91 -87.67 -39.53
CA VAL L 126 -25.87 -88.07 -38.61
C VAL L 126 -26.53 -88.68 -37.38
N SER L 127 -26.31 -89.97 -37.16
CA SER L 127 -26.83 -90.65 -36.00
C SER L 127 -26.10 -90.19 -34.74
N CYS L 128 -26.71 -90.45 -33.59
CA CYS L 128 -26.14 -89.95 -32.34
C CYS L 128 -24.92 -90.75 -31.92
N GLU L 129 -24.86 -92.04 -32.28
CA GLU L 129 -23.75 -92.89 -31.86
C GLU L 129 -22.45 -92.46 -32.51
N GLU L 130 -22.51 -92.01 -33.76
CA GLU L 130 -21.31 -91.52 -34.44
C GLU L 130 -20.84 -90.20 -33.83
N ALA L 131 -21.77 -89.34 -33.44
CA ALA L 131 -21.40 -88.08 -32.80
C ALA L 131 -20.77 -88.31 -31.43
N VAL L 132 -21.28 -89.29 -30.68
CA VAL L 132 -20.72 -89.56 -29.36
C VAL L 132 -19.38 -90.26 -29.46
N SER L 133 -19.19 -91.09 -30.49
CA SER L 133 -17.86 -91.62 -30.78
C SER L 133 -16.88 -90.52 -31.15
N LEU L 134 -17.35 -89.49 -31.87
CA LEU L 134 -16.48 -88.38 -32.21
C LEU L 134 -16.11 -87.55 -30.98
N ILE L 135 -17.06 -87.32 -30.08
CA ILE L 135 -16.79 -86.60 -28.84
C ILE L 135 -15.80 -87.36 -27.96
N ASN L 136 -15.98 -88.69 -27.88
CA ASN L 136 -15.04 -89.51 -27.12
C ASN L 136 -13.65 -89.52 -27.75
N SER L 137 -13.58 -89.43 -29.08
CA SER L 137 -12.28 -89.32 -29.73
C SER L 137 -11.60 -87.98 -29.42
N ILE L 138 -12.37 -86.89 -29.38
CA ILE L 138 -11.78 -85.59 -29.09
C ILE L 138 -11.31 -85.52 -27.64
N PHE L 139 -12.08 -86.11 -26.71
CA PHE L 139 -11.59 -86.17 -25.33
C PHE L 139 -10.44 -87.15 -25.16
N ALA L 140 -10.33 -88.14 -26.04
CA ALA L 140 -9.13 -88.97 -26.02
C ALA L 140 -7.91 -88.21 -26.50
N VAL L 141 -8.10 -87.25 -27.39
CA VAL L 141 -6.99 -86.42 -27.85
C VAL L 141 -6.57 -85.42 -26.76
N TRP L 142 -7.56 -84.74 -26.15
CA TRP L 142 -7.26 -83.74 -25.12
C TRP L 142 -6.67 -84.34 -23.84
N VAL L 143 -7.44 -85.15 -23.12
CA VAL L 143 -7.02 -85.58 -21.79
C VAL L 143 -6.94 -87.09 -21.69
N GLY L 144 -7.44 -87.79 -22.70
CA GLY L 144 -7.32 -89.23 -22.75
C GLY L 144 -8.18 -89.94 -21.73
N VAL L 145 -9.50 -89.78 -21.84
CA VAL L 145 -10.45 -90.33 -20.88
C VAL L 145 -11.50 -91.19 -21.57
N GLU L 146 -12.15 -90.66 -22.61
CA GLU L 146 -13.35 -91.18 -23.29
C GLU L 146 -14.46 -91.45 -22.28
N PRO L 147 -15.12 -90.43 -21.74
CA PRO L 147 -16.01 -90.64 -20.60
C PRO L 147 -17.45 -91.02 -20.90
N PHE L 148 -17.99 -90.71 -22.08
CA PHE L 148 -19.44 -90.72 -22.27
C PHE L 148 -19.90 -91.98 -22.97
N GLU L 149 -20.92 -92.61 -22.41
CA GLU L 149 -21.69 -93.67 -23.04
C GLU L 149 -23.07 -93.13 -23.38
N ALA L 150 -23.57 -93.49 -24.56
CA ALA L 150 -24.81 -92.90 -25.03
C ALA L 150 -25.81 -93.97 -25.41
N GLU L 151 -27.02 -93.52 -25.73
CA GLU L 151 -28.09 -94.38 -26.19
C GLU L 151 -29.11 -93.53 -26.95
N GLU L 152 -29.75 -94.15 -27.92
CA GLU L 152 -30.87 -93.57 -28.66
C GLU L 152 -32.16 -94.22 -28.20
N ARG L 153 -32.26 -94.46 -26.89
CA ARG L 153 -33.25 -95.37 -26.32
C ARG L 153 -34.67 -94.87 -26.53
N GLU L 154 -34.86 -93.56 -26.53
CA GLU L 154 -36.13 -92.95 -26.84
C GLU L 154 -35.95 -92.09 -28.09
N GLY L 155 -36.95 -91.26 -28.40
CA GLY L 155 -36.88 -90.41 -29.58
C GLY L 155 -35.77 -89.39 -29.56
N ALA L 156 -35.25 -89.05 -28.37
CA ALA L 156 -34.09 -88.19 -28.21
C ALA L 156 -32.85 -89.03 -27.94
N CYS L 157 -31.69 -88.40 -27.97
CA CYS L 157 -30.46 -89.08 -27.61
C CYS L 157 -30.06 -88.71 -26.19
N LEU L 158 -29.59 -89.69 -25.43
CA LEU L 158 -29.30 -89.51 -24.02
C LEU L 158 -27.84 -89.88 -23.74
N VAL L 159 -27.12 -88.97 -23.09
CA VAL L 159 -25.70 -89.14 -22.80
C VAL L 159 -25.54 -89.25 -21.28
N THR L 160 -24.82 -90.28 -20.84
CA THR L 160 -24.50 -90.50 -19.45
C THR L 160 -23.02 -90.78 -19.30
N PRO L 161 -22.40 -90.34 -18.21
CA PRO L 161 -20.95 -90.53 -18.06
C PRO L 161 -20.59 -91.88 -17.47
N ARG L 162 -19.38 -92.33 -17.81
CA ARG L 162 -18.81 -93.54 -17.25
C ARG L 162 -17.67 -93.31 -16.29
N SER L 163 -16.99 -92.18 -16.39
CA SER L 163 -15.77 -91.93 -15.63
C SER L 163 -15.66 -90.43 -15.38
N PRO L 164 -14.98 -90.02 -14.32
CA PRO L 164 -14.82 -88.58 -14.06
C PRO L 164 -13.99 -87.90 -15.12
N LEU L 165 -14.21 -86.59 -15.27
CA LEU L 165 -13.62 -85.81 -16.34
C LEU L 165 -12.72 -84.73 -15.75
N PRO L 166 -11.48 -84.60 -16.22
CA PRO L 166 -10.59 -83.55 -15.71
C PRO L 166 -10.99 -82.20 -16.24
N PRO L 167 -10.59 -81.11 -15.59
CA PRO L 167 -10.87 -79.78 -16.11
C PRO L 167 -9.96 -79.43 -17.29
N VAL L 168 -10.21 -78.28 -17.87
CA VAL L 168 -9.52 -77.84 -19.10
C VAL L 168 -8.07 -77.51 -18.77
N PRO L 169 -7.11 -77.95 -19.59
CA PRO L 169 -5.68 -77.61 -19.40
C PRO L 169 -5.29 -76.19 -19.80
N ILE L 170 -6.08 -75.21 -19.38
CA ILE L 170 -5.84 -73.80 -19.69
C ILE L 170 -6.13 -73.00 -18.42
N SER L 171 -5.16 -72.18 -18.00
CA SER L 171 -5.29 -71.35 -16.81
C SER L 171 -5.62 -69.93 -17.22
N SER L 172 -6.64 -69.36 -16.59
CA SER L 172 -7.03 -67.97 -16.84
C SER L 172 -6.26 -67.04 -15.91
N PRO L 173 -5.34 -66.24 -16.42
CA PRO L 173 -4.42 -65.50 -15.54
C PRO L 173 -5.03 -64.19 -15.05
N THR L 174 -4.53 -63.76 -13.90
CA THR L 174 -4.90 -62.46 -13.31
C THR L 174 -3.89 -61.37 -13.64
N GLY L 175 -3.61 -61.20 -14.92
CA GLY L 175 -2.61 -60.24 -15.34
C GLY L 175 -3.12 -58.81 -15.38
N PHE L 176 -2.22 -57.91 -15.78
CA PHE L 176 -2.54 -56.50 -15.91
C PHE L 176 -1.87 -55.90 -17.15
N SER L 177 -1.90 -56.63 -18.27
CA SER L 177 -0.99 -56.47 -19.41
C SER L 177 -0.92 -55.04 -19.95
N ALA L 178 0.31 -54.53 -20.05
CA ALA L 178 0.64 -53.16 -20.41
C ALA L 178 1.20 -53.11 -21.82
N PRO L 179 1.00 -52.01 -22.56
CA PRO L 179 1.51 -51.94 -23.93
C PRO L 179 3.02 -51.80 -23.97
N ILE L 180 3.59 -52.11 -25.13
CA ILE L 180 5.03 -52.00 -25.30
C ILE L 180 5.45 -50.54 -25.39
N GLN L 181 4.56 -49.64 -25.83
CA GLN L 181 4.90 -48.23 -25.85
C GLN L 181 4.97 -47.67 -24.43
N GLU L 182 4.15 -48.17 -23.52
CA GLU L 182 4.23 -47.75 -22.12
C GLU L 182 5.50 -48.28 -21.47
N VAL L 183 5.99 -49.43 -21.92
CA VAL L 183 7.26 -49.95 -21.42
C VAL L 183 8.42 -49.11 -21.92
N LEU L 184 8.42 -48.78 -23.20
CA LEU L 184 9.58 -48.09 -23.76
C LEU L 184 9.62 -46.61 -23.41
N GLN L 185 8.47 -45.94 -23.37
CA GLN L 185 8.47 -44.50 -23.10
C GLN L 185 8.65 -44.17 -21.62
N ALA L 186 8.56 -45.16 -20.73
CA ALA L 186 8.67 -44.90 -19.31
C ALA L 186 10.13 -44.70 -18.91
N LYS L 187 10.31 -44.14 -17.71
CA LYS L 187 11.64 -43.89 -17.17
C LYS L 187 11.99 -44.77 -16.00
N SER L 188 11.01 -45.43 -15.40
CA SER L 188 11.24 -46.23 -14.20
C SER L 188 10.21 -47.35 -14.17
N PRO L 189 10.50 -48.45 -13.46
CA PRO L 189 9.46 -49.47 -13.27
C PRO L 189 8.23 -49.00 -12.50
N GLU L 190 8.42 -48.13 -11.52
CA GLU L 190 7.28 -47.65 -10.74
C GLU L 190 6.39 -46.71 -11.53
N GLU L 191 6.90 -46.14 -12.62
CA GLU L 191 6.04 -45.38 -13.51
C GLU L 191 5.13 -46.31 -14.31
N ILE L 192 5.59 -47.54 -14.57
CA ILE L 192 4.73 -48.53 -15.23
C ILE L 192 3.67 -49.02 -14.26
N ILE L 193 4.06 -49.32 -13.01
CA ILE L 193 3.06 -49.72 -12.03
C ILE L 193 2.19 -48.54 -11.62
N GLY L 194 2.78 -47.51 -11.05
CA GLY L 194 2.04 -46.39 -10.50
C GLY L 194 1.48 -45.45 -11.54
CA MET M 1 18.22 38.03 48.83
C MET M 1 16.91 38.83 48.86
N ALA M 2 16.63 39.45 50.00
CA ALA M 2 15.36 40.13 50.21
C ALA M 2 15.31 41.43 49.41
N ARG M 3 14.13 42.07 49.42
CA ARG M 3 13.90 43.24 48.59
C ARG M 3 14.71 44.44 49.05
N LYS M 4 15.09 44.49 50.33
CA LYS M 4 16.08 45.40 50.90
C LYS M 4 15.71 46.87 50.75
N ARG M 5 14.44 47.18 50.54
CA ARG M 5 13.98 48.54 50.40
C ARG M 5 13.07 48.93 51.57
N THR M 6 12.00 48.18 51.79
CA THR M 6 11.11 48.44 52.90
C THR M 6 10.56 47.11 53.36
N SER M 7 9.95 47.13 54.55
CA SER M 7 9.27 45.95 55.06
C SER M 7 8.08 45.60 54.19
N LYS M 8 7.06 46.47 54.18
CA LYS M 8 5.79 46.28 53.46
C LYS M 8 5.12 44.97 53.86
N ASN M 9 4.67 44.94 55.11
CA ASN M 9 4.10 43.74 55.70
C ASN M 9 2.80 43.34 55.02
N ASP M 10 2.87 42.32 54.18
CA ASP M 10 1.74 41.84 53.40
C ASP M 10 2.00 40.38 53.01
N PRO M 11 1.20 39.44 53.50
CA PRO M 11 1.52 38.02 53.27
C PRO M 11 1.26 37.56 51.84
N LEU M 12 0.34 38.21 51.14
CA LEU M 12 0.01 37.75 49.81
C LEU M 12 1.12 38.08 48.82
N ARG M 13 1.83 39.19 49.03
CA ARG M 13 3.02 39.49 48.24
C ARG M 13 4.12 38.47 48.50
N MET M 14 4.22 37.97 49.74
CA MET M 14 5.22 36.96 50.07
C MET M 14 4.97 35.68 49.29
N TYR M 15 3.74 35.17 49.36
CA TYR M 15 3.44 33.92 48.66
C TYR M 15 3.51 34.11 47.15
N LEU M 16 3.15 35.27 46.65
CA LEU M 16 3.17 35.47 45.21
C LEU M 16 4.59 35.62 44.67
N ASN M 17 5.51 36.23 45.42
CA ASN M 17 6.89 36.26 44.97
C ASN M 17 7.53 34.89 45.06
N TYR M 18 7.12 34.08 46.03
CA TYR M 18 7.62 32.71 46.11
C TYR M 18 7.17 31.89 44.90
N VAL M 19 5.89 32.00 44.53
CA VAL M 19 5.36 31.30 43.36
C VAL M 19 6.01 31.81 42.09
N ARG M 20 6.37 33.10 42.04
CA ARG M 20 7.04 33.63 40.86
C ARG M 20 8.45 33.07 40.72
N LYS M 21 9.18 32.90 41.82
CA LYS M 21 10.57 32.47 41.70
C LYS M 21 10.79 30.98 41.84
N LEU M 22 9.71 30.19 41.99
CA LEU M 22 9.86 28.73 41.88
C LEU M 22 10.27 28.26 40.49
N GLN M 23 10.15 29.08 39.46
CA GLN M 23 10.62 28.66 38.15
C GLN M 23 12.09 29.01 37.90
N THR M 24 12.82 29.41 38.94
CA THR M 24 14.24 29.71 38.85
C THR M 24 15.04 29.03 39.96
N MET M 25 14.39 28.77 41.10
CA MET M 25 15.02 28.02 42.19
C MET M 25 15.54 26.65 41.73
N GLY M 26 14.76 25.97 40.88
CA GLY M 26 15.09 24.63 40.43
C GLY M 26 16.32 24.54 39.56
N ASP M 27 16.77 25.66 38.99
CA ASP M 27 18.03 25.72 38.26
C ASP M 27 19.15 26.33 39.06
N ALA M 28 18.83 27.26 39.97
CA ALA M 28 19.87 27.83 40.82
C ALA M 28 20.44 26.79 41.77
N TYR M 29 19.65 25.79 42.14
CA TYR M 29 20.17 24.72 42.99
C TYR M 29 21.20 23.86 42.25
N ASP M 30 20.87 23.49 41.01
CA ASP M 30 21.79 22.77 40.13
C ASP M 30 23.06 23.54 39.86
N GLU M 31 22.97 24.85 39.76
CA GLU M 31 24.18 25.65 39.61
C GLU M 31 24.97 25.72 40.91
N SER M 32 24.29 25.73 42.05
CA SER M 32 24.94 25.92 43.35
C SER M 32 25.71 24.71 43.82
N ALA M 33 25.39 23.53 43.29
CA ALA M 33 26.10 22.28 43.61
C ALA M 33 27.63 22.34 43.63
N LYS M 34 28.20 23.09 42.69
CA LYS M 34 29.64 23.03 42.42
C LYS M 34 30.49 23.62 43.55
N TYR M 35 29.93 24.55 44.32
CA TYR M 35 30.61 25.03 45.52
C TYR M 35 29.96 24.52 46.81
N ARG M 36 28.69 24.10 46.73
CA ARG M 36 28.01 23.43 47.82
C ARG M 36 28.80 22.24 48.33
N ILE M 37 29.30 21.40 47.41
CA ILE M 37 29.94 20.14 47.79
C ILE M 37 31.26 20.40 48.51
N ALA M 38 32.08 21.32 48.01
CA ALA M 38 33.36 21.60 48.64
C ALA M 38 33.21 22.32 49.99
N ASN M 39 32.21 23.20 50.10
CA ASN M 39 32.02 23.86 51.40
C ASN M 39 31.52 22.88 52.45
N PHE M 40 30.69 21.90 52.07
CA PHE M 40 30.33 20.88 53.05
C PHE M 40 31.51 19.97 53.36
N GLU M 41 32.32 19.65 52.35
CA GLU M 41 33.55 18.86 52.50
C GLU M 41 34.43 19.40 53.62
N ASN M 42 34.66 20.71 53.62
CA ASN M 42 35.47 21.25 54.71
C ASN M 42 34.66 21.94 55.81
N GLY M 43 33.34 21.73 55.87
CA GLY M 43 32.60 22.22 57.01
C GLY M 43 32.07 21.15 57.95
N PHE M 44 31.90 19.91 57.47
CA PHE M 44 31.35 18.87 58.34
C PHE M 44 32.37 18.37 59.36
N LYS M 45 33.66 18.58 59.11
CA LYS M 45 34.69 18.06 60.00
C LYS M 45 34.63 18.72 61.37
N SER M 46 34.22 19.98 61.43
CA SER M 46 34.12 20.66 62.71
C SER M 46 33.04 20.06 63.60
N LEU M 47 31.87 19.76 63.02
CA LEU M 47 30.81 19.06 63.75
C LEU M 47 31.27 17.70 64.23
N HIS M 48 31.90 16.93 63.36
CA HIS M 48 32.23 15.56 63.75
C HIS M 48 33.34 15.54 64.80
N MET M 49 34.27 16.51 64.72
CA MET M 49 35.31 16.59 65.74
C MET M 49 34.75 17.06 67.08
N VAL M 50 33.82 18.03 67.07
CA VAL M 50 33.33 18.50 68.37
C VAL M 50 32.40 17.47 69.01
N GLU M 51 31.72 16.66 68.20
CA GLU M 51 30.88 15.61 68.79
C GLU M 51 31.72 14.46 69.34
N ASN M 52 32.81 14.10 68.65
CA ASN M 52 33.70 13.09 69.23
C ASN M 52 34.40 13.60 70.48
N GLU M 53 34.78 14.88 70.51
CA GLU M 53 35.44 15.40 71.69
C GLU M 53 34.49 15.48 72.87
N PHE M 54 33.20 15.77 72.62
CA PHE M 54 32.22 15.70 73.69
C PHE M 54 32.06 14.29 74.22
N LYS M 55 31.94 13.29 73.32
CA LYS M 55 31.83 11.90 73.76
C LYS M 55 33.00 11.49 74.63
N GLN M 56 34.22 11.83 74.20
CA GLN M 56 35.42 11.42 74.91
C GLN M 56 35.53 12.09 76.27
N TYR M 57 35.30 13.40 76.32
CA TYR M 57 35.50 14.10 77.59
C TYR M 57 34.37 13.83 78.56
N LEU M 58 33.15 13.59 78.07
CA LEU M 58 32.07 13.15 78.95
C LEU M 58 32.38 11.78 79.52
N ALA M 59 32.92 10.87 78.71
CA ALA M 59 33.30 9.55 79.22
C ALA M 59 34.38 9.65 80.29
N ASN M 60 35.36 10.55 80.09
CA ASN M 60 36.42 10.71 81.09
C ASN M 60 35.88 11.28 82.41
N VAL M 61 35.01 12.29 82.34
CA VAL M 61 34.46 12.89 83.56
C VAL M 61 33.57 11.91 84.30
N ILE M 62 32.73 11.16 83.56
CA ILE M 62 31.87 10.16 84.20
C ILE M 62 32.68 9.03 84.81
N ASP M 63 33.78 8.60 84.17
CA ASP M 63 34.58 7.54 84.76
C ASP M 63 35.35 8.02 85.98
N GLU M 64 35.78 9.29 85.99
CA GLU M 64 36.40 9.82 87.19
C GLU M 64 35.39 10.02 88.31
N ALA M 65 34.11 10.19 87.99
CA ALA M 65 33.09 10.23 89.03
C ALA M 65 32.76 8.83 89.54
N ILE M 66 32.84 7.82 88.68
CA ILE M 66 32.59 6.44 89.11
C ILE M 66 33.74 5.94 89.98
N LYS M 67 34.97 6.37 89.70
CA LYS M 67 36.12 5.95 90.52
C LYS M 67 36.08 6.53 91.92
N SER M 68 35.25 7.55 92.16
CA SER M 68 35.02 8.07 93.50
C SER M 68 33.99 7.25 94.28
N GLY M 69 33.47 6.16 93.71
CA GLY M 69 32.64 5.24 94.44
C GLY M 69 31.14 5.34 94.20
N ALA M 70 30.71 6.11 93.21
CA ALA M 70 29.30 6.22 92.92
C ALA M 70 28.81 4.98 92.15
N SER M 71 27.50 4.86 92.06
CA SER M 71 26.89 3.74 91.36
C SER M 71 26.48 4.16 89.96
N PRO M 72 26.50 3.24 88.99
CA PRO M 72 26.05 3.59 87.63
C PRO M 72 24.55 3.76 87.49
N GLN M 73 23.77 3.55 88.55
CA GLN M 73 22.37 3.99 88.52
C GLN M 73 22.22 5.43 88.98
N ASP M 74 23.24 6.01 89.64
CA ASP M 74 23.11 7.38 90.13
C ASP M 74 23.15 8.39 88.99
N LEU M 75 23.90 8.10 87.94
CA LEU M 75 24.17 9.04 86.86
C LEU M 75 23.94 8.37 85.51
N PRO M 76 22.69 8.38 85.02
CA PRO M 76 22.37 7.68 83.76
C PRO M 76 23.07 8.21 82.53
N TYR M 77 22.75 9.44 82.12
CA TYR M 77 23.27 10.14 80.95
C TYR M 77 23.33 9.27 79.70
N VAL M 78 22.18 8.70 79.32
CA VAL M 78 22.22 7.59 78.37
C VAL M 78 22.04 8.08 76.94
N ASN M 79 20.83 8.55 76.62
CA ASN M 79 20.54 8.87 75.23
C ASN M 79 20.09 10.31 75.03
N GLU M 80 19.12 10.77 75.83
CA GLU M 80 18.57 12.10 75.59
C GLU M 80 19.23 13.18 76.42
N ILE M 81 19.81 12.81 77.57
CA ILE M 81 20.51 13.81 78.36
C ILE M 81 21.86 14.13 77.70
N LYS M 82 22.50 13.13 77.10
CA LYS M 82 23.65 13.39 76.24
C LYS M 82 23.25 14.23 75.03
N LEU M 83 22.03 14.05 74.53
CA LEU M 83 21.58 14.86 73.41
C LEU M 83 21.36 16.30 73.82
N ALA M 84 20.92 16.54 75.06
CA ALA M 84 20.83 17.89 75.61
C ALA M 84 22.20 18.55 75.71
N LEU M 85 23.18 17.82 76.23
CA LEU M 85 24.51 18.40 76.39
C LEU M 85 25.18 18.59 75.04
N MET M 86 24.83 17.77 74.05
CA MET M 86 25.35 18.02 72.72
C MET M 86 24.65 19.22 72.08
N LYS M 87 23.40 19.51 72.44
CA LYS M 87 22.75 20.72 71.96
C LYS M 87 23.49 21.98 72.41
N ILE M 88 23.83 22.05 73.70
CA ILE M 88 24.55 23.24 74.17
C ILE M 88 25.95 23.33 73.58
N PHE M 89 26.63 22.19 73.41
CA PHE M 89 27.97 22.30 72.82
C PHE M 89 27.96 22.57 71.32
N THR M 90 26.92 22.16 70.61
CA THR M 90 26.85 22.45 69.18
C THR M 90 26.46 23.90 68.95
N SER M 91 25.64 24.48 69.84
CA SER M 91 25.40 25.91 69.75
C SER M 91 26.65 26.71 70.09
N TRP M 92 27.50 26.17 70.96
CA TRP M 92 28.80 26.78 71.19
C TRP M 92 29.67 26.72 69.95
N LEU M 93 29.59 25.62 69.20
CA LEU M 93 30.26 25.54 67.91
C LEU M 93 29.76 26.61 66.95
N LYS M 94 28.45 26.87 66.94
CA LYS M 94 27.92 27.88 66.01
C LYS M 94 28.40 29.28 66.37
N TYR M 95 28.25 29.67 67.64
CA TYR M 95 28.62 31.03 67.99
C TYR M 95 30.13 31.22 68.05
N SER M 96 30.90 30.14 68.07
CA SER M 96 32.33 30.26 67.85
C SER M 96 32.68 30.25 66.37
N ASN M 97 31.78 29.74 65.52
CA ASN M 97 32.09 29.63 64.10
C ASN M 97 31.96 30.97 63.41
N GLU M 98 31.16 31.85 63.99
CA GLU M 98 31.21 33.25 63.65
C GLU M 98 32.36 33.91 64.39
N LYS M 99 32.72 35.12 63.99
CA LYS M 99 33.86 35.79 64.63
C LYS M 99 33.35 36.70 65.75
N LEU M 100 32.65 36.08 66.70
CA LEU M 100 32.07 36.79 67.82
C LEU M 100 33.08 36.93 68.95
N GLY M 101 32.81 37.91 69.83
CA GLY M 101 33.64 38.11 71.00
C GLY M 101 33.41 37.03 72.04
N ALA M 102 34.11 37.17 73.17
CA ALA M 102 34.08 36.11 74.17
C ALA M 102 32.76 36.09 74.96
N ASN M 103 32.34 37.24 75.48
CA ASN M 103 31.13 37.24 76.30
C ASN M 103 29.86 37.08 75.48
N GLU M 104 29.90 37.46 74.20
CA GLU M 104 28.73 37.26 73.34
C GLU M 104 28.49 35.78 73.11
N ILE M 105 29.58 35.03 72.90
CA ILE M 105 29.52 33.57 72.91
C ILE M 105 29.00 33.06 74.25
N ALA M 106 29.48 33.65 75.35
CA ALA M 106 29.10 33.19 76.69
C ALA M 106 27.60 33.35 76.92
N ILE M 107 27.03 34.48 76.55
CA ILE M 107 25.63 34.68 76.84
C ILE M 107 24.71 34.00 75.81
N ASN M 108 25.16 33.80 74.57
CA ASN M 108 24.33 33.00 73.67
C ASN M 108 24.31 31.52 74.06
N VAL M 109 25.45 30.98 74.50
CA VAL M 109 25.47 29.61 74.98
C VAL M 109 24.70 29.50 76.30
N ALA M 110 24.70 30.55 77.12
CA ALA M 110 23.88 30.54 78.33
C ALA M 110 22.39 30.54 78.01
N GLY M 111 21.98 31.26 76.96
CA GLY M 111 20.59 31.21 76.55
C GLY M 111 20.16 29.86 76.02
N THR M 112 21.03 29.24 75.21
CA THR M 112 20.73 27.89 74.72
C THR M 112 20.72 26.88 75.87
N ALA M 113 21.59 27.07 76.86
CA ALA M 113 21.56 26.26 78.06
C ALA M 113 20.27 26.41 78.84
N THR M 114 19.75 27.65 78.92
CA THR M 114 18.48 27.89 79.59
C THR M 114 17.35 27.15 78.92
N MET M 115 17.24 27.27 77.58
CA MET M 115 16.18 26.58 76.85
C MET M 115 16.30 25.06 76.94
N THR M 116 17.51 24.53 76.77
CA THR M 116 17.69 23.09 76.76
C THR M 116 17.50 22.47 78.13
N LEU M 117 18.12 23.04 79.17
CA LEU M 117 17.94 22.50 80.51
C LEU M 117 16.59 22.87 81.10
N THR M 118 15.83 23.76 80.47
CA THR M 118 14.43 23.91 80.84
C THR M 118 13.61 22.74 80.30
N GLU M 119 13.81 22.42 79.01
CA GLU M 119 12.92 21.47 78.34
C GLU M 119 13.06 20.04 78.89
N ASN M 120 14.23 19.44 78.77
CA ASN M 120 14.34 17.99 78.87
C ASN M 120 15.07 17.54 80.15
N LEU M 121 14.79 18.18 81.28
CA LEU M 121 15.14 17.51 82.53
C LEU M 121 14.06 17.65 83.59
N TYR M 122 12.81 17.81 83.15
CA TYR M 122 11.66 17.69 84.04
C TYR M 122 11.10 16.28 83.92
N GLY M 123 11.07 15.57 85.03
CA GLY M 123 10.56 14.22 85.05
C GLY M 123 11.57 13.14 84.77
N THR M 124 12.86 13.43 84.86
CA THR M 124 13.84 12.39 84.60
C THR M 124 15.02 12.36 85.57
N ARG M 125 14.79 12.43 86.89
CA ARG M 125 15.68 11.89 87.92
C ARG M 125 16.96 12.72 88.10
N VAL M 126 17.22 13.70 87.22
CA VAL M 126 18.46 14.46 87.23
C VAL M 126 18.12 15.91 87.51
N SER M 127 18.57 16.43 88.64
CA SER M 127 18.38 17.83 88.99
C SER M 127 19.23 18.72 88.11
N CYS M 128 18.89 20.00 88.05
CA CYS M 128 19.59 20.90 87.16
C CYS M 128 20.97 21.26 87.67
N GLU M 129 21.16 21.27 89.00
CA GLU M 129 22.44 21.66 89.57
C GLU M 129 23.53 20.66 89.23
N GLU M 130 23.18 19.37 89.18
CA GLU M 130 24.15 18.34 88.82
C GLU M 130 24.53 18.45 87.34
N ALA M 131 23.55 18.78 86.49
CA ALA M 131 23.82 18.95 85.06
C ALA M 131 24.71 20.16 84.81
N VAL M 132 24.50 21.24 85.56
CA VAL M 132 25.32 22.44 85.36
C VAL M 132 26.72 22.24 85.93
N SER M 133 26.84 21.47 87.01
CA SER M 133 28.17 21.06 87.47
C SER M 133 28.88 20.19 86.44
N LEU M 134 28.14 19.34 85.74
CA LEU M 134 28.76 18.52 84.69
C LEU M 134 29.21 19.37 83.51
N ILE M 135 28.40 20.36 83.11
CA ILE M 135 28.78 21.26 82.02
C ILE M 135 30.01 22.08 82.39
N ASN M 136 30.06 22.57 83.64
CA ASN M 136 31.23 23.30 84.09
C ASN M 136 32.47 22.41 84.16
N SER M 137 32.29 21.12 84.47
CA SER M 137 33.44 20.21 84.44
C SER M 137 33.93 19.98 83.01
N ILE M 138 33.02 19.89 82.04
CA ILE M 138 33.45 19.67 80.66
C ILE M 138 34.15 20.91 80.12
N PHE M 139 33.66 22.11 80.46
CA PHE M 139 34.39 23.31 80.05
C PHE M 139 35.68 23.50 80.82
N ALA M 140 35.79 22.92 82.02
CA ALA M 140 37.09 22.92 82.69
C ALA M 140 38.08 21.99 82.00
N VAL M 141 37.58 20.93 81.37
CA VAL M 141 38.46 20.04 80.61
C VAL M 141 38.89 20.69 79.30
N TRP M 142 37.94 21.29 78.56
CA TRP M 142 38.26 21.91 77.27
C TRP M 142 39.15 23.14 77.40
N VAL M 143 38.66 24.21 78.03
CA VAL M 143 39.36 25.48 77.98
C VAL M 143 39.70 25.98 79.38
N GLY M 144 39.13 25.33 80.40
CA GLY M 144 39.46 25.66 81.77
C GLY M 144 38.91 27.00 82.22
N VAL M 145 37.60 27.13 82.23
CA VAL M 145 36.92 28.39 82.54
C VAL M 145 35.91 28.21 83.68
N GLU M 146 35.01 27.22 83.54
CA GLU M 146 33.82 26.99 84.35
C GLU M 146 32.96 28.24 84.42
N PRO M 147 32.26 28.61 83.34
CA PRO M 147 31.62 29.92 83.28
C PRO M 147 30.21 30.06 83.87
N PHE M 148 29.44 28.98 83.99
CA PHE M 148 28.01 29.12 84.19
C PHE M 148 27.62 28.90 85.65
N GLU M 149 26.82 29.83 86.18
CA GLU M 149 26.13 29.70 87.45
C GLU M 149 24.65 29.52 87.16
N ALA M 150 24.01 28.62 87.90
CA ALA M 150 22.62 28.29 87.61
C ALA M 150 21.75 28.44 88.84
N GLU M 151 20.45 28.28 88.61
CA GLU M 151 19.46 28.31 89.68
C GLU M 151 18.20 27.58 89.20
N GLU M 152 17.50 26.99 90.15
CA GLU M 152 16.21 26.38 89.92
C GLU M 152 15.12 27.25 90.52
N ARG M 153 15.30 28.58 90.36
CA ARG M 153 14.57 29.57 91.14
C ARG M 153 13.08 29.55 90.86
N GLU M 154 12.70 29.22 89.64
CA GLU M 154 11.31 29.04 89.29
C GLU M 154 11.13 27.59 88.83
N GLY M 155 9.97 27.28 88.23
CA GLY M 155 9.70 25.93 87.77
C GLY M 155 10.64 25.42 86.69
N ALA M 156 11.29 26.33 85.97
CA ALA M 156 12.32 25.99 84.99
C ALA M 156 13.70 26.22 85.59
N CYS M 157 14.72 25.76 84.88
CA CYS M 157 16.09 26.02 85.30
C CYS M 157 16.68 27.16 84.48
N LEU M 158 17.41 28.04 85.14
CA LEU M 158 17.93 29.25 84.51
C LEU M 158 19.44 29.31 84.64
N VAL M 159 20.12 29.52 83.52
CA VAL M 159 21.57 29.53 83.46
C VAL M 159 22.02 30.94 83.09
N THR M 160 22.95 31.48 83.86
CA THR M 160 23.54 32.79 83.62
C THR M 160 25.06 32.69 83.70
N PRO M 161 25.78 33.45 82.89
CA PRO M 161 27.24 33.33 82.89
C PRO M 161 27.92 34.18 83.95
N ARG M 162 29.09 33.73 84.36
CA ARG M 162 29.93 34.47 85.29
C ARG M 162 31.17 35.05 84.68
N SER M 163 31.65 34.51 83.56
CA SER M 163 32.92 34.89 82.98
C SER M 163 32.84 34.68 81.48
N PRO M 164 33.64 35.42 80.70
CA PRO M 164 33.60 35.23 79.25
C PRO M 164 34.13 33.86 78.83
N LEU M 165 33.68 33.42 77.65
CA LEU M 165 33.95 32.07 77.19
C LEU M 165 34.77 32.12 75.90
N PRO M 166 35.87 31.38 75.81
CA PRO M 166 36.65 31.38 74.57
C PRO M 166 35.96 30.59 73.48
N PRO M 167 36.30 30.82 72.22
CA PRO M 167 35.73 30.02 71.14
C PRO M 167 36.35 28.63 71.08
N VAL M 168 35.82 27.81 70.18
CA VAL M 168 36.21 26.39 70.08
C VAL M 168 37.63 26.30 69.53
N PRO M 169 38.49 25.45 70.10
CA PRO M 169 39.86 25.23 69.58
C PRO M 169 39.95 24.38 68.32
N ILE M 170 39.10 24.67 67.33
CA ILE M 170 39.07 23.94 66.07
C ILE M 170 38.88 24.96 64.95
N SER M 171 39.77 24.92 63.96
CA SER M 171 39.74 25.83 62.83
C SER M 171 39.11 25.12 61.63
N SER M 172 38.15 25.77 61.00
CA SER M 172 37.51 25.23 59.80
C SER M 172 38.28 25.68 58.55
N PRO M 173 38.97 24.78 57.86
CA PRO M 173 39.90 25.21 56.81
C PRO M 173 39.20 25.44 55.48
N THR M 174 39.81 26.29 54.67
CA THR M 174 39.37 26.57 53.30
C THR M 174 40.12 25.74 52.26
N GLY M 175 40.14 24.42 52.46
CA GLY M 175 40.90 23.55 51.58
C GLY M 175 40.16 23.22 50.30
N PHE M 176 40.83 22.41 49.48
CA PHE M 176 40.27 21.95 48.21
C PHE M 176 40.61 20.50 47.94
N SER M 177 40.50 19.65 48.98
CA SER M 177 41.15 18.35 49.08
C SER M 177 40.91 17.43 47.88
N ALA M 178 42.01 16.94 47.31
CA ALA M 178 42.05 16.14 46.10
C ALA M 178 42.35 14.69 46.43
N PRO M 179 41.85 13.75 45.62
CA PRO M 179 42.09 12.33 45.93
C PRO M 179 43.53 11.92 45.65
N ILE M 180 43.93 10.80 46.25
CA ILE M 180 45.29 10.31 46.05
C ILE M 180 45.45 9.71 44.66
N GLN M 181 44.36 9.26 44.03
CA GLN M 181 44.48 8.78 42.66
C GLN M 181 44.71 9.93 41.70
N GLU M 182 44.15 11.10 41.98
CA GLU M 182 44.41 12.27 41.14
C GLU M 182 45.84 12.76 41.32
N VAL M 183 46.42 12.56 42.51
CA VAL M 183 47.82 12.90 42.72
C VAL M 183 48.72 11.94 41.97
N LEU M 184 48.45 10.64 42.05
CA LEU M 184 49.37 9.68 41.45
C LEU M 184 49.24 9.60 39.93
N GLN M 185 48.03 9.69 39.40
CA GLN M 185 47.86 9.55 37.96
C GLN M 185 48.25 10.80 37.18
N ALA M 186 48.46 11.93 37.85
CA ALA M 186 48.78 13.16 37.15
C ALA M 186 50.24 13.17 36.71
N LYS M 187 50.55 14.09 35.80
CA LYS M 187 51.89 14.24 35.27
C LYS M 187 52.57 15.52 35.72
N SER M 188 51.84 16.48 36.26
CA SER M 188 52.38 17.77 36.63
C SER M 188 51.57 18.32 37.79
N PRO M 189 52.14 19.23 38.58
CA PRO M 189 51.33 19.92 39.60
C PRO M 189 50.19 20.77 39.03
N GLU M 190 50.41 21.42 37.89
CA GLU M 190 49.37 22.25 37.30
C GLU M 190 48.23 21.43 36.74
N GLU M 191 48.43 20.15 36.49
CA GLU M 191 47.32 19.29 36.12
C GLU M 191 46.44 18.99 37.33
N ILE M 192 47.03 18.99 38.53
CA ILE M 192 46.23 18.83 39.74
C ILE M 192 45.45 20.11 40.02
N ILE M 193 46.09 21.27 39.88
CA ILE M 193 45.36 22.53 40.07
C ILE M 193 44.40 22.77 38.91
N GLY M 194 44.92 22.89 37.70
CA GLY M 194 44.12 23.25 36.55
C GLY M 194 43.25 22.13 36.02
CA MET N 1 -29.76 -49.19 19.40
C MET N 1 -31.17 -49.02 19.96
N ALA N 2 -31.68 -50.07 20.60
CA ALA N 2 -33.05 -50.10 21.05
C ALA N 2 -33.23 -49.21 22.27
N ARG N 3 -34.49 -49.04 22.70
CA ARG N 3 -34.82 -48.11 23.77
C ARG N 3 -34.27 -48.56 25.11
N LYS N 4 -34.06 -49.86 25.30
CA LYS N 4 -33.30 -50.45 26.40
C LYS N 4 -33.89 -50.15 27.78
N ARG N 5 -35.16 -49.80 27.84
CA ARG N 5 -35.82 -49.51 29.10
C ARG N 5 -36.91 -50.55 29.40
N THR N 6 -37.85 -50.71 28.48
CA THR N 6 -38.90 -51.70 28.65
C THR N 6 -39.27 -52.20 27.27
N SER N 7 -40.01 -53.32 27.27
CA SER N 7 -40.53 -53.84 26.01
C SER N 7 -41.55 -52.90 25.40
N LYS N 8 -42.68 -52.71 26.09
CA LYS N 8 -43.80 -51.88 25.66
C LYS N 8 -44.30 -52.31 24.27
N ASN N 9 -44.88 -53.51 24.24
CA ASN N 9 -45.31 -54.13 22.98
C ASN N 9 -46.44 -53.36 22.33
N ASP N 10 -46.11 -52.61 21.29
CA ASP N 10 -47.05 -51.75 20.58
C ASP N 10 -46.52 -51.52 19.18
N PRO N 11 -47.20 -51.99 18.14
CA PRO N 11 -46.63 -51.90 16.78
C PRO N 11 -46.63 -50.49 16.20
N LEU N 12 -47.56 -49.66 16.64
CA LEU N 12 -47.67 -48.33 16.05
C LEU N 12 -46.51 -47.45 16.50
N ARG N 13 -46.03 -47.63 17.74
CA ARG N 13 -44.83 -46.95 18.17
C ARG N 13 -43.61 -47.39 17.38
N MET N 14 -43.57 -48.67 16.98
CA MET N 14 -42.46 -49.19 16.19
C MET N 14 -42.40 -48.49 14.84
N TYR N 15 -43.52 -48.48 14.13
CA TYR N 15 -43.54 -47.84 12.81
C TYR N 15 -43.33 -46.35 12.91
N LEU N 16 -43.83 -45.72 13.96
CA LEU N 16 -43.66 -44.27 14.08
C LEU N 16 -42.24 -43.87 14.44
N ASN N 17 -41.53 -44.66 15.23
CA ASN N 17 -40.13 -44.35 15.48
C ASN N 17 -39.28 -44.61 14.25
N TYR N 18 -39.67 -45.59 13.43
CA TYR N 18 -38.95 -45.83 12.17
C TYR N 18 -39.13 -44.64 11.23
N VAL N 19 -40.36 -44.14 11.10
CA VAL N 19 -40.63 -42.98 10.25
C VAL N 19 -39.93 -41.73 10.79
N ARG N 20 -39.79 -41.63 12.11
CA ARG N 20 -39.08 -40.49 12.68
C ARG N 20 -37.59 -40.53 12.36
N LYS N 21 -36.98 -41.71 12.38
CA LYS N 21 -35.53 -41.77 12.20
C LYS N 21 -35.09 -42.05 10.77
N LEU N 22 -36.03 -42.15 9.82
CA LEU N 22 -35.64 -42.17 8.41
C LEU N 22 -35.00 -40.87 7.92
N GLN N 23 -35.13 -39.77 8.66
CA GLN N 23 -34.45 -38.55 8.24
C GLN N 23 -33.05 -38.42 8.83
N THR N 24 -32.51 -39.50 9.41
CA THR N 24 -31.15 -39.54 9.94
C THR N 24 -30.40 -40.77 9.48
N MET N 25 -31.11 -41.86 9.17
CA MET N 25 -30.49 -43.06 8.60
C MET N 25 -29.72 -42.77 7.32
N GLY N 26 -30.26 -41.88 6.48
CA GLY N 26 -29.66 -41.59 5.19
C GLY N 26 -28.34 -40.85 5.26
N ASP N 27 -28.03 -40.25 6.41
CA ASP N 27 -26.73 -39.64 6.64
C ASP N 27 -25.82 -40.50 7.48
N ALA N 28 -26.38 -41.30 8.39
CA ALA N 28 -25.56 -42.20 9.18
C ALA N 28 -24.93 -43.29 8.31
N TYR N 29 -25.59 -43.66 7.21
CA TYR N 29 -25.00 -44.63 6.30
C TYR N 29 -23.76 -44.07 5.59
N ASP N 30 -23.87 -42.84 5.09
CA ASP N 30 -22.77 -42.11 4.48
C ASP N 30 -21.61 -41.91 5.45
N GLU N 31 -21.91 -41.69 6.72
CA GLU N 31 -20.84 -41.61 7.70
C GLU N 31 -20.23 -42.98 7.99
N SER N 32 -21.02 -44.04 7.95
CA SER N 32 -20.56 -45.37 8.33
C SER N 32 -19.66 -46.01 7.29
N ALA N 33 -19.72 -45.55 6.04
CA ALA N 33 -18.86 -46.04 4.95
C ALA N 33 -17.37 -46.20 5.28
N LYS N 34 -16.83 -45.27 6.06
CA LYS N 34 -15.37 -45.16 6.23
C LYS N 34 -14.77 -46.31 7.04
N TYR N 35 -15.55 -46.96 7.89
CA TYR N 35 -15.11 -48.17 8.54
C TYR N 35 -15.80 -49.42 8.01
N ARG N 36 -16.98 -49.24 7.38
CA ARG N 36 -17.65 -50.32 6.66
C ARG N 36 -16.73 -50.99 5.65
N ILE N 37 -16.01 -50.19 4.86
CA ILE N 37 -15.22 -50.73 3.77
C ILE N 37 -14.04 -51.57 4.29
N ALA N 38 -13.34 -51.08 5.31
CA ALA N 38 -12.19 -51.82 5.84
C ALA N 38 -12.61 -53.07 6.59
N ASN N 39 -13.75 -53.03 7.29
CA ASN N 39 -14.20 -54.23 7.98
C ASN N 39 -14.64 -55.31 7.00
N PHE N 40 -15.25 -54.92 5.87
CA PHE N 40 -15.54 -55.93 4.85
C PHE N 40 -14.27 -56.44 4.19
N GLU N 41 -13.31 -55.54 3.96
CA GLU N 41 -12.00 -55.87 3.40
C GLU N 41 -11.35 -57.02 4.15
N ASN N 42 -11.35 -56.95 5.48
CA ASN N 42 -10.76 -58.08 6.21
C ASN N 42 -11.80 -59.03 6.81
N GLY N 43 -13.05 -58.97 6.39
CA GLY N 43 -14.00 -59.99 6.80
C GLY N 43 -14.45 -60.95 5.72
N PHE N 44 -14.34 -60.56 4.45
CA PHE N 44 -14.81 -61.44 3.38
C PHE N 44 -13.85 -62.59 3.11
N LYS N 45 -12.59 -62.46 3.53
CA LYS N 45 -11.59 -63.49 3.25
C LYS N 45 -11.91 -64.79 3.97
N SER N 46 -12.55 -64.71 5.14
CA SER N 46 -12.89 -65.92 5.87
C SER N 46 -13.95 -66.74 5.15
N LEU N 47 -14.99 -66.07 4.62
CA LEU N 47 -15.99 -66.74 3.79
C LEU N 47 -15.37 -67.37 2.56
N HIS N 48 -14.52 -66.62 1.86
CA HIS N 48 -14.03 -67.16 0.59
C HIS N 48 -13.05 -68.31 0.83
N MET N 49 -12.30 -68.25 1.92
CA MET N 49 -11.41 -69.36 2.25
C MET N 49 -12.17 -70.59 2.69
N VAL N 50 -13.24 -70.42 3.49
CA VAL N 50 -13.95 -71.61 3.95
C VAL N 50 -14.76 -72.23 2.81
N GLU N 51 -15.20 -71.44 1.84
CA GLU N 51 -15.91 -72.01 0.71
C GLU N 51 -14.98 -72.72 -0.25
N ASN N 52 -13.77 -72.19 -0.46
CA ASN N 52 -12.79 -72.93 -1.27
C ASN N 52 -12.33 -74.19 -0.56
N GLU N 53 -12.17 -74.16 0.76
CA GLU N 53 -11.75 -75.37 1.46
C GLU N 53 -12.84 -76.44 1.44
N PHE N 54 -14.10 -76.03 1.49
CA PHE N 54 -15.19 -77.00 1.32
C PHE N 54 -15.17 -77.62 -0.07
N LYS N 55 -15.02 -76.80 -1.12
CA LYS N 55 -14.95 -77.32 -2.48
C LYS N 55 -13.83 -78.34 -2.64
N GLN N 56 -12.65 -78.00 -2.12
CA GLN N 56 -11.48 -78.86 -2.27
C GLN N 56 -11.64 -80.17 -1.51
N TYR N 57 -12.09 -80.09 -0.26
CA TYR N 57 -12.15 -81.32 0.54
C TYR N 57 -13.32 -82.20 0.14
N LEU N 58 -14.42 -81.60 -0.33
CA LEU N 58 -15.50 -82.40 -0.90
C LEU N 58 -15.05 -83.11 -2.17
N ALA N 59 -14.27 -82.43 -3.01
CA ALA N 59 -13.74 -83.07 -4.22
C ALA N 59 -12.81 -84.23 -3.87
N ASN N 60 -11.99 -84.07 -2.82
CA ASN N 60 -11.09 -85.15 -2.43
C ASN N 60 -11.85 -86.35 -1.88
N VAL N 61 -12.87 -86.12 -1.05
CA VAL N 61 -13.63 -87.23 -0.48
C VAL N 61 -14.44 -87.95 -1.56
N ILE N 62 -15.05 -87.20 -2.48
CA ILE N 62 -15.80 -87.81 -3.57
C ILE N 62 -14.89 -88.59 -4.51
N ASP N 63 -13.67 -88.10 -4.77
CA ASP N 63 -12.77 -88.85 -5.65
C ASP N 63 -12.24 -90.10 -4.97
N GLU N 64 -12.03 -90.05 -3.65
CA GLU N 64 -11.64 -91.27 -2.94
C GLU N 64 -12.79 -92.27 -2.86
N ALA N 65 -14.03 -91.79 -2.93
CA ALA N 65 -15.15 -92.72 -3.01
C ALA N 65 -15.31 -93.31 -4.41
N ILE N 66 -14.98 -92.53 -5.45
CA ILE N 66 -15.04 -93.04 -6.82
C ILE N 66 -13.93 -94.07 -7.06
N LYS N 67 -12.76 -93.87 -6.44
CA LYS N 67 -11.67 -94.84 -6.61
C LYS N 67 -11.96 -96.18 -5.96
N SER N 68 -12.96 -96.25 -5.08
CA SER N 68 -13.43 -97.52 -4.54
C SER N 68 -14.39 -98.25 -5.47
N GLY N 69 -14.65 -97.73 -6.67
CA GLY N 69 -15.41 -98.44 -7.67
C GLY N 69 -16.85 -98.03 -7.85
N ALA N 70 -17.29 -96.94 -7.21
CA ALA N 70 -18.67 -96.51 -7.38
C ALA N 70 -18.85 -95.80 -8.72
N SER N 71 -20.10 -95.59 -9.07
CA SER N 71 -20.43 -94.91 -10.32
C SER N 71 -20.76 -93.44 -10.06
N PRO N 72 -20.47 -92.56 -11.02
CA PRO N 72 -20.81 -91.14 -10.83
C PRO N 72 -22.29 -90.83 -10.92
N GLN N 73 -23.15 -91.81 -11.21
CA GLN N 73 -24.58 -91.61 -11.01
C GLN N 73 -25.01 -91.94 -9.60
N ASP N 74 -24.20 -92.65 -8.81
CA ASP N 74 -24.60 -93.02 -7.46
C ASP N 74 -24.60 -91.81 -6.53
N LEU N 75 -23.68 -90.87 -6.75
CA LEU N 75 -23.46 -89.75 -5.83
C LEU N 75 -23.43 -88.45 -6.63
N PRO N 76 -24.59 -87.83 -6.85
CA PRO N 76 -24.65 -86.62 -7.67
C PRO N 76 -23.91 -85.42 -7.10
N TYR N 77 -24.38 -84.89 -5.97
CA TYR N 77 -23.85 -83.72 -5.25
C TYR N 77 -23.52 -82.56 -6.18
N VAL N 78 -24.50 -82.10 -6.97
CA VAL N 78 -24.17 -81.24 -8.09
C VAL N 78 -24.27 -79.78 -7.73
N ASN N 79 -25.49 -79.31 -7.51
CA ASN N 79 -25.67 -77.87 -7.32
C ASN N 79 -26.33 -77.52 -5.99
N GLU N 80 -27.45 -78.17 -5.66
CA GLU N 80 -28.19 -77.77 -4.47
C GLU N 80 -27.81 -78.58 -3.24
N ILE N 81 -27.31 -79.80 -3.43
CA ILE N 81 -26.87 -80.58 -2.28
C ILE N 81 -25.54 -80.04 -1.77
N LYS N 82 -24.67 -79.58 -2.68
CA LYS N 82 -23.49 -78.83 -2.28
C LYS N 82 -23.88 -77.53 -1.59
N LEU N 83 -24.99 -76.93 -2.01
CA LEU N 83 -25.44 -75.71 -1.36
C LEU N 83 -25.93 -75.98 0.05
N ALA N 84 -26.54 -77.15 0.27
CA ALA N 84 -26.91 -77.57 1.63
C ALA N 84 -25.70 -77.76 2.52
N LEU N 85 -24.68 -78.44 1.99
CA LEU N 85 -23.49 -78.68 2.80
C LEU N 85 -22.70 -77.40 3.02
N MET N 86 -22.81 -76.45 2.10
CA MET N 86 -22.19 -75.15 2.35
C MET N 86 -22.99 -74.36 3.38
N LYS N 87 -24.31 -74.57 3.47
CA LYS N 87 -25.09 -73.93 4.52
C LYS N 87 -24.62 -74.35 5.91
N ILE N 88 -24.44 -75.66 6.12
CA ILE N 88 -24.00 -76.11 7.44
C ILE N 88 -22.57 -75.66 7.73
N PHE N 89 -21.69 -75.65 6.71
CA PHE N 89 -20.33 -75.19 7.02
C PHE N 89 -20.21 -73.68 7.20
N THR N 90 -21.09 -72.90 6.57
CA THR N 90 -21.04 -71.46 6.77
C THR N 90 -21.64 -71.07 8.11
N SER N 91 -22.64 -71.83 8.59
CA SER N 91 -23.10 -71.61 9.95
C SER N 91 -22.04 -72.02 10.97
N TRP N 92 -21.21 -73.01 10.63
CA TRP N 92 -20.07 -73.32 11.48
C TRP N 92 -19.06 -72.18 11.49
N LEU N 93 -18.89 -71.51 10.35
CA LEU N 93 -18.07 -70.31 10.31
C LEU N 93 -18.62 -69.22 11.22
N LYS N 94 -19.95 -69.05 11.25
CA LYS N 94 -20.52 -68.00 12.10
C LYS N 94 -20.33 -68.30 13.57
N TYR N 95 -20.68 -69.51 14.01
CA TYR N 95 -20.59 -69.78 15.43
C TYR N 95 -19.15 -69.99 15.88
N SER N 96 -18.21 -70.18 14.95
CA SER N 96 -16.81 -70.08 15.31
C SER N 96 -16.30 -68.65 15.27
N ASN N 97 -16.99 -67.76 14.56
CA ASN N 97 -16.51 -66.40 14.41
C ASN N 97 -16.79 -65.59 15.67
N GLU N 98 -17.77 -66.02 16.44
CA GLU N 98 -17.93 -65.58 17.81
C GLU N 98 -16.99 -66.39 18.70
N LYS N 99 -16.79 -65.93 19.93
CA LYS N 99 -15.86 -66.62 20.81
C LYS N 99 -16.63 -67.61 21.69
N LEU N 100 -17.31 -68.53 21.01
CA LEU N 100 -18.13 -69.53 21.68
C LEU N 100 -17.30 -70.75 22.06
N GLY N 101 -17.80 -71.51 23.03
CA GLY N 101 -17.18 -72.75 23.43
C GLY N 101 -17.34 -73.84 22.40
N ALA N 102 -16.80 -75.01 22.72
CA ALA N 102 -16.78 -76.09 21.73
C ALA N 102 -18.15 -76.74 21.54
N ASN N 103 -18.81 -77.12 22.62
CA ASN N 103 -20.09 -77.81 22.46
C ASN N 103 -21.22 -76.88 22.05
N GLU N 104 -21.09 -75.58 22.34
CA GLU N 104 -22.10 -74.64 21.89
C GLU N 104 -22.07 -74.49 20.38
N ILE N 105 -20.86 -74.45 19.82
CA ILE N 105 -20.67 -74.56 18.37
C ILE N 105 -21.24 -75.88 17.87
N ALA N 106 -21.00 -76.98 18.59
CA ALA N 106 -21.46 -78.30 18.15
C ALA N 106 -22.97 -78.38 18.06
N ILE N 107 -23.67 -77.85 19.06
CA ILE N 107 -25.12 -77.98 19.03
C ILE N 107 -25.78 -76.93 18.15
N ASN N 108 -25.17 -75.76 17.95
CA ASN N 108 -25.75 -74.83 16.97
C ASN N 108 -25.57 -75.33 15.54
N VAL N 109 -24.42 -75.93 15.23
CA VAL N 109 -24.22 -76.52 13.91
C VAL N 109 -25.11 -77.75 13.74
N ALA N 110 -25.38 -78.48 14.82
CA ALA N 110 -26.31 -79.60 14.74
C ALA N 110 -27.74 -79.14 14.47
N GLY N 111 -28.13 -78.01 15.05
CA GLY N 111 -29.45 -77.45 14.74
C GLY N 111 -29.58 -76.99 13.30
N THR N 112 -28.54 -76.32 12.79
CA THR N 112 -28.56 -75.91 11.39
C THR N 112 -28.53 -77.12 10.45
N ALA N 113 -27.83 -78.18 10.85
CA ALA N 113 -27.85 -79.44 10.12
C ALA N 113 -29.24 -80.06 10.11
N THR N 114 -29.95 -79.99 11.23
CA THR N 114 -31.32 -80.51 11.29
C THR N 114 -32.23 -79.78 10.32
N MET N 115 -32.19 -78.44 10.35
CA MET N 115 -33.04 -77.66 9.44
C MET N 115 -32.69 -77.88 7.97
N THR N 116 -31.40 -77.88 7.65
CA THR N 116 -30.97 -77.99 6.26
C THR N 116 -31.23 -79.38 5.70
N LEU N 117 -30.83 -80.43 6.43
CA LEU N 117 -31.07 -81.78 5.95
C LEU N 117 -32.52 -82.21 6.11
N THR N 118 -33.34 -81.44 6.81
CA THR N 118 -34.77 -81.65 6.75
C THR N 118 -35.31 -81.12 5.44
N GLU N 119 -34.93 -79.89 5.08
CA GLU N 119 -35.56 -79.21 3.94
C GLU N 119 -35.26 -79.87 2.61
N ASN N 120 -33.99 -79.92 2.20
CA ASN N 120 -33.66 -80.15 0.79
C ASN N 120 -33.02 -81.52 0.56
N LEU N 121 -33.52 -82.56 1.21
CA LEU N 121 -33.21 -83.89 0.69
C LEU N 121 -34.42 -84.81 0.68
N TYR N 122 -35.61 -84.25 0.61
CA TYR N 122 -36.81 -85.02 0.35
C TYR N 122 -37.12 -84.95 -1.13
N GLY N 123 -37.17 -86.10 -1.78
CA GLY N 123 -37.44 -86.17 -3.19
C GLY N 123 -36.25 -86.09 -4.10
N THR N 124 -35.03 -86.29 -3.58
CA THR N 124 -33.87 -86.21 -4.46
C THR N 124 -32.82 -87.29 -4.23
N ARG N 125 -33.22 -88.56 -4.12
CA ARG N 125 -32.37 -89.73 -4.43
C ARG N 125 -31.26 -89.96 -3.39
N VAL N 126 -31.09 -89.05 -2.43
CA VAL N 126 -29.99 -89.13 -1.47
C VAL N 126 -30.60 -89.25 -0.08
N SER N 127 -30.36 -90.38 0.57
CA SER N 127 -30.83 -90.61 1.93
C SER N 127 -30.04 -89.74 2.90
N CYS N 128 -30.58 -89.56 4.10
CA CYS N 128 -29.94 -88.67 5.06
C CYS N 128 -28.69 -89.29 5.68
N GLU N 129 -28.67 -90.62 5.80
CA GLU N 129 -27.54 -91.30 6.43
C GLU N 129 -26.27 -91.14 5.61
N GLU N 130 -26.39 -91.16 4.29
CA GLU N 130 -25.24 -90.97 3.43
C GLU N 130 -24.72 -89.54 3.50
N ALA N 131 -25.63 -88.57 3.61
CA ALA N 131 -25.23 -87.17 3.73
C ALA N 131 -24.53 -86.92 5.06
N VAL N 132 -25.00 -87.56 6.14
CA VAL N 132 -24.38 -87.35 7.43
C VAL N 132 -23.04 -88.07 7.52
N SER N 133 -22.91 -89.22 6.85
CA SER N 133 -21.60 -89.85 6.71
C SER N 133 -20.64 -88.96 5.92
N LEU N 134 -21.14 -88.25 4.90
CA LEU N 134 -20.29 -87.34 4.15
C LEU N 134 -19.85 -86.15 4.98
N ILE N 135 -20.74 -85.60 5.80
CA ILE N 135 -20.40 -84.48 6.68
C ILE N 135 -19.37 -84.91 7.72
N ASN N 136 -19.55 -86.11 8.28
CA ASN N 136 -18.58 -86.64 9.23
C ASN N 136 -17.23 -86.89 8.57
N SER N 137 -17.22 -87.28 7.30
CA SER N 137 -15.95 -87.43 6.59
C SER N 137 -15.26 -86.08 6.37
N ILE N 138 -16.03 -85.03 6.06
CA ILE N 138 -15.41 -83.73 5.84
C ILE N 138 -14.87 -83.16 7.15
N PHE N 139 -15.59 -83.36 8.26
CA PHE N 139 -15.03 -82.93 9.54
C PHE N 139 -13.87 -83.83 9.99
N ALA N 140 -13.80 -85.07 9.52
CA ALA N 140 -12.61 -85.87 9.78
C ALA N 140 -11.42 -85.34 9.00
N VAL N 141 -11.66 -84.75 7.83
CA VAL N 141 -10.57 -84.16 7.06
C VAL N 141 -10.10 -82.85 7.70
N TRP N 142 -11.04 -81.97 8.08
CA TRP N 142 -10.70 -80.68 8.67
C TRP N 142 -10.04 -80.80 10.04
N VAL N 143 -10.76 -81.30 11.04
CA VAL N 143 -10.28 -81.22 12.41
C VAL N 143 -10.19 -82.61 13.04
N GLY N 144 -10.75 -83.61 12.37
CA GLY N 144 -10.64 -84.99 12.83
C GLY N 144 -11.44 -85.26 14.08
N VAL N 145 -12.76 -85.13 13.98
CA VAL N 145 -13.67 -85.28 15.12
C VAL N 145 -14.75 -86.31 14.84
N GLU N 146 -15.45 -86.16 13.70
CA GLU N 146 -16.68 -86.86 13.32
C GLU N 146 -17.74 -86.74 14.41
N PRO N 147 -18.36 -85.58 14.59
CA PRO N 147 -19.20 -85.35 15.76
C PRO N 147 -20.65 -85.78 15.69
N PHE N 148 -21.26 -85.90 14.51
CA PHE N 148 -22.71 -85.95 14.40
C PHE N 148 -23.21 -87.37 14.22
N GLU N 149 -24.21 -87.74 15.02
CA GLU N 149 -25.00 -88.94 14.85
C GLU N 149 -26.40 -88.52 14.40
N ALA N 150 -26.97 -89.26 13.45
CA ALA N 150 -28.23 -88.85 12.86
C ALA N 150 -29.25 -89.97 12.94
N GLU N 151 -30.48 -89.63 12.54
CA GLU N 151 -31.57 -90.57 12.46
C GLU N 151 -32.61 -90.03 11.51
N GLU N 152 -33.32 -90.95 10.86
CA GLU N 152 -34.46 -90.64 10.02
C GLU N 152 -35.74 -91.06 10.74
N ARG N 153 -35.77 -90.82 12.05
CA ARG N 153 -36.73 -91.44 12.95
C ARG N 153 -38.16 -91.02 12.65
N GLU N 154 -38.34 -89.79 12.20
CA GLU N 154 -39.63 -89.30 11.76
C GLU N 154 -39.52 -88.96 10.28
N GLY N 155 -40.52 -88.27 9.74
CA GLY N 155 -40.52 -87.89 8.34
C GLY N 155 -39.39 -86.95 7.94
N ALA N 156 -38.82 -86.23 8.90
CA ALA N 156 -37.66 -85.39 8.68
C ALA N 156 -36.41 -86.10 9.18
N CYS N 157 -35.25 -85.55 8.86
CA CYS N 157 -34.00 -86.08 9.38
C CYS N 157 -33.52 -85.24 10.55
N LEU N 158 -33.01 -85.90 11.59
CA LEU N 158 -32.64 -85.22 12.83
C LEU N 158 -31.19 -85.51 13.14
N VAL N 159 -30.42 -84.45 13.40
CA VAL N 159 -28.99 -84.53 13.66
C VAL N 159 -28.75 -84.10 15.11
N THR N 160 -28.01 -84.92 15.85
CA THR N 160 -27.62 -84.64 17.21
C THR N 160 -26.13 -84.89 17.38
N PRO N 161 -25.45 -84.09 18.20
CA PRO N 161 -24.00 -84.25 18.34
C PRO N 161 -23.60 -85.30 19.35
N ARG N 162 -22.41 -85.86 19.14
CA ARG N 162 -21.83 -86.82 20.06
C ARG N 162 -20.63 -86.29 20.82
N SER N 163 -19.96 -85.27 20.30
CA SER N 163 -18.70 -84.80 20.86
C SER N 163 -18.58 -83.32 20.54
N PRO N 164 -17.83 -82.57 21.36
CA PRO N 164 -17.67 -81.14 21.09
C PRO N 164 -16.88 -80.89 19.81
N LEU N 165 -17.12 -79.71 19.23
CA LEU N 165 -16.57 -79.38 17.92
C LEU N 165 -15.64 -78.19 18.04
N PRO N 166 -14.43 -78.25 17.50
CA PRO N 166 -13.52 -77.11 17.56
C PRO N 166 -13.94 -76.02 16.58
N PRO N 167 -13.51 -74.78 16.79
CA PRO N 167 -13.81 -73.71 15.84
C PRO N 167 -12.97 -73.83 14.58
N VAL N 168 -13.25 -72.95 13.63
CA VAL N 168 -12.62 -72.99 12.30
C VAL N 168 -11.15 -72.59 12.42
N PRO N 169 -10.23 -73.32 11.76
CA PRO N 169 -8.80 -72.95 11.76
C PRO N 169 -8.43 -71.78 10.86
N ILE N 170 -9.20 -70.69 10.94
CA ILE N 170 -8.97 -69.50 10.14
C ILE N 170 -9.18 -68.30 11.05
N SER N 171 -8.19 -67.40 11.10
CA SER N 171 -8.25 -66.20 11.93
C SER N 171 -8.61 -65.01 11.05
N SER N 172 -9.58 -64.23 11.50
CA SER N 172 -9.98 -63.03 10.78
C SER N 172 -9.17 -61.83 11.28
N PRO N 173 -8.27 -61.28 10.47
CA PRO N 173 -7.31 -60.30 11.00
C PRO N 173 -7.88 -58.90 11.02
N THR N 174 -7.33 -58.09 11.91
CA THR N 174 -7.66 -56.66 12.03
C THR N 174 -6.67 -55.78 11.27
N GLY N 175 -6.45 -56.08 9.99
CA GLY N 175 -5.47 -55.35 9.22
C GLY N 175 -5.98 -54.02 8.70
N PHE N 176 -5.10 -53.33 7.96
CA PHE N 176 -5.44 -52.06 7.35
C PHE N 176 -4.84 -51.94 5.95
N SER N 177 -4.93 -53.03 5.17
CA SER N 177 -4.08 -53.29 4.00
C SER N 177 -4.02 -52.16 2.99
N ALA N 178 -2.81 -51.73 2.66
CA ALA N 178 -2.50 -50.60 1.81
C ALA N 178 -2.01 -51.06 0.44
N PRO N 179 -2.25 -50.30 -0.61
CA PRO N 179 -1.81 -50.73 -1.95
C PRO N 179 -0.31 -50.63 -2.11
N ILE N 180 0.21 -51.35 -3.11
CA ILE N 180 1.63 -51.33 -3.38
C ILE N 180 2.06 -50.01 -4.01
N GLN N 181 1.14 -49.31 -4.68
CA GLN N 181 1.48 -48.00 -5.23
C GLN N 181 1.64 -46.98 -4.11
N GLU N 182 0.85 -47.11 -3.04
CA GLU N 182 1.01 -46.23 -1.88
C GLU N 182 2.32 -46.51 -1.15
N VAL N 183 2.78 -47.76 -1.18
CA VAL N 183 4.08 -48.09 -0.59
C VAL N 183 5.21 -47.50 -1.42
N LEU N 184 5.15 -47.65 -2.74
CA LEU N 184 6.28 -47.23 -3.56
C LEU N 184 6.33 -45.72 -3.75
N GLN N 185 5.18 -45.06 -3.90
CA GLN N 185 5.21 -43.62 -4.16
C GLN N 185 5.46 -42.80 -2.91
N ALA N 186 5.42 -43.40 -1.73
CA ALA N 186 5.61 -42.65 -0.49
C ALA N 186 7.08 -42.35 -0.26
N LYS N 187 7.33 -41.40 0.65
CA LYS N 187 8.69 -41.00 1.00
C LYS N 187 9.10 -41.43 2.39
N SER N 188 8.15 -41.81 3.24
CA SER N 188 8.43 -42.13 4.63
C SER N 188 7.41 -43.15 5.10
N PRO N 189 7.73 -43.93 6.14
CA PRO N 189 6.70 -44.80 6.73
C PRO N 189 5.52 -44.06 7.34
N GLU N 190 5.76 -42.90 7.94
CA GLU N 190 4.67 -42.15 8.55
C GLU N 190 3.74 -41.53 7.53
N GLU N 191 4.18 -41.41 6.27
CA GLU N 191 3.28 -40.99 5.22
C GLU N 191 2.33 -42.13 4.85
N ILE N 192 2.77 -43.37 5.02
CA ILE N 192 1.87 -44.51 4.80
C ILE N 192 0.87 -44.61 5.93
N ILE N 193 1.32 -44.44 7.18
CA ILE N 193 0.38 -44.46 8.30
C ILE N 193 -0.47 -43.20 8.30
N GLY N 194 0.16 -42.04 8.44
CA GLY N 194 -0.56 -40.79 8.59
C GLY N 194 -1.16 -40.26 7.31
CA MET O 1 17.17 13.03 56.02
C MET O 1 15.85 13.75 56.25
N ALA O 2 15.50 13.94 57.52
CA ALA O 2 14.21 14.49 57.90
C ALA O 2 14.17 15.99 57.60
N ARG O 3 12.99 16.58 57.77
CA ARG O 3 12.76 17.97 57.41
C ARG O 3 13.52 18.93 58.31
N LYS O 4 13.84 18.52 59.54
CA LYS O 4 14.78 19.17 60.45
C LYS O 4 14.39 20.60 60.81
N ARG O 5 13.12 20.96 60.66
CA ARG O 5 12.65 22.29 61.00
C ARG O 5 11.67 22.23 62.17
N THR O 6 10.62 21.44 62.05
CA THR O 6 9.65 21.29 63.13
C THR O 6 9.11 19.88 63.06
N SER O 7 8.44 19.48 64.15
CA SER O 7 7.77 18.20 64.16
C SER O 7 6.63 18.16 63.16
N LYS O 8 5.59 18.98 63.41
CA LYS O 8 4.37 19.07 62.60
C LYS O 8 3.70 17.70 62.47
N ASN O 9 3.19 17.23 63.60
CA ASN O 9 2.62 15.89 63.70
C ASN O 9 1.36 15.75 62.85
N ASP O 10 1.50 15.10 61.71
CA ASP O 10 0.41 14.93 60.76
C ASP O 10 0.72 13.71 59.90
N PRO O 11 -0.08 12.65 59.97
CA PRO O 11 0.28 11.41 59.26
C PRO O 11 0.11 11.48 57.76
N LEU O 12 -0.80 12.33 57.28
CA LEU O 12 -1.05 12.38 55.86
C LEU O 12 0.10 13.03 55.11
N ARG O 13 0.77 14.00 55.73
CA ARG O 13 1.99 14.56 55.17
C ARG O 13 3.10 13.53 55.11
N MET O 14 3.15 12.62 56.10
CA MET O 14 4.16 11.55 56.10
C MET O 14 3.97 10.63 54.91
N TYR O 15 2.75 10.13 54.73
CA TYR O 15 2.50 9.21 53.62
C TYR O 15 2.65 9.92 52.28
N LEU O 16 2.29 11.19 52.20
CA LEU O 16 2.38 11.89 50.93
C LEU O 16 3.82 12.22 50.55
N ASN O 17 4.69 12.53 51.52
CA ASN O 17 6.09 12.73 51.18
C ASN O 17 6.76 11.41 50.81
N TYR O 18 6.31 10.30 51.41
CA TYR O 18 6.83 8.99 51.02
C TYR O 18 6.46 8.65 49.58
N VAL O 19 5.20 8.89 49.21
CA VAL O 19 4.75 8.65 47.84
C VAL O 19 5.44 9.59 46.86
N ARG O 20 5.77 10.80 47.29
CA ARG O 20 6.50 11.72 46.42
C ARG O 20 7.93 11.25 46.16
N LYS O 21 8.59 10.70 47.17
CA LYS O 21 10.00 10.35 46.98
C LYS O 21 10.24 8.90 46.59
N LEU O 22 9.18 8.10 46.39
CA LEU O 22 9.36 6.79 45.79
C LEU O 22 9.84 6.83 44.34
N GLN O 23 9.76 7.97 43.67
CA GLN O 23 10.30 8.04 42.32
C GLN O 23 11.77 8.47 42.28
N THR O 24 12.44 8.47 43.44
CA THR O 24 13.86 8.78 43.53
C THR O 24 14.62 7.76 44.38
N MET O 25 13.92 7.09 45.32
CA MET O 25 14.51 6.01 46.10
C MET O 25 15.08 4.90 45.21
N GLY O 26 14.35 4.56 44.13
CA GLY O 26 14.74 3.47 43.26
C GLY O 26 16.02 3.71 42.48
N ASP O 27 16.47 4.95 42.36
CA ASP O 27 17.76 5.27 41.77
C ASP O 27 18.83 5.57 42.79
N ALA O 28 18.44 6.10 43.95
CA ALA O 28 19.42 6.33 45.01
C ALA O 28 19.97 5.04 45.56
N TYR O 29 19.19 3.96 45.51
CA TYR O 29 19.68 2.66 45.96
C TYR O 29 20.77 2.12 45.02
N ASP O 30 20.51 2.21 43.70
CA ASP O 30 21.48 1.85 42.67
C ASP O 30 22.75 2.66 42.76
N GLU O 31 22.64 3.94 43.13
CA GLU O 31 23.84 4.74 43.33
C GLU O 31 24.56 4.34 44.62
N SER O 32 23.82 3.94 45.65
CA SER O 32 24.41 3.66 46.95
C SER O 32 25.18 2.36 47.01
N ALA O 33 24.90 1.45 46.09
CA ALA O 33 25.62 0.17 45.97
C ALA O 33 27.15 0.22 46.10
N LYS O 34 27.75 1.26 45.52
CA LYS O 34 29.20 1.30 45.33
C LYS O 34 29.98 1.46 46.62
N TYR O 35 29.37 2.05 47.66
CA TYR O 35 29.97 2.07 48.98
C TYR O 35 29.27 1.13 49.95
N ARG O 36 28.02 0.77 49.67
CA ARG O 36 27.30 -0.26 50.42
C ARG O 36 28.09 -1.55 50.51
N ILE O 37 28.65 -2.00 49.37
CA ILE O 37 29.30 -3.31 49.33
C ILE O 37 30.58 -3.32 50.16
N ALA O 38 31.40 -2.27 50.07
CA ALA O 38 32.64 -2.23 50.82
C ALA O 38 32.41 -2.04 52.32
N ASN O 39 31.39 -1.27 52.69
CA ASN O 39 31.12 -1.11 54.11
C ASN O 39 30.59 -2.41 54.73
N PHE O 40 29.80 -3.19 53.98
CA PHE O 40 29.42 -4.49 54.51
C PHE O 40 30.59 -5.45 54.56
N GLU O 41 31.46 -5.38 53.53
CA GLU O 41 32.70 -6.16 53.46
C GLU O 41 33.51 -6.06 54.73
N ASN O 42 33.71 -4.84 55.22
CA ASN O 42 34.46 -4.71 56.47
C ASN O 42 33.58 -4.47 57.70
N GLY O 43 32.26 -4.68 57.61
CA GLY O 43 31.45 -4.63 58.80
C GLY O 43 30.90 -5.97 59.28
N PHE O 44 30.79 -6.96 58.39
CA PHE O 44 30.22 -8.24 58.80
C PHE O 44 31.19 -9.08 59.63
N LYS O 45 32.49 -8.79 59.54
CA LYS O 45 33.49 -9.58 60.24
C LYS O 45 33.35 -9.46 61.74
N SER O 46 32.90 -8.30 62.23
CA SER O 46 32.73 -8.12 63.67
C SER O 46 31.61 -8.99 64.22
N LEU O 47 30.48 -9.08 63.51
CA LEU O 47 29.41 -9.98 63.89
C LEU O 47 29.87 -11.43 63.87
N HIS O 48 30.56 -11.84 62.82
CA HIS O 48 30.89 -13.26 62.72
C HIS O 48 31.96 -13.64 63.76
N MET O 49 32.86 -12.72 64.08
CA MET O 49 33.85 -13.00 65.11
C MET O 49 33.21 -13.04 66.49
N VAL O 50 32.27 -12.13 66.79
CA VAL O 50 31.71 -12.14 68.13
C VAL O 50 30.77 -13.34 68.31
N GLU O 51 30.14 -13.82 67.24
CA GLU O 51 29.30 -15.00 67.37
C GLU O 51 30.14 -16.27 67.52
N ASN O 52 31.27 -16.37 66.81
CA ASN O 52 32.15 -17.51 67.03
C ASN O 52 32.77 -17.47 68.42
N GLU O 53 33.12 -16.29 68.92
CA GLU O 53 33.72 -16.21 70.25
C GLU O 53 32.70 -16.57 71.33
N PHE O 54 31.44 -16.21 71.13
CA PHE O 54 30.39 -16.66 72.05
C PHE O 54 30.23 -18.17 72.03
N LYS O 55 30.18 -18.78 70.84
CA LYS O 55 30.08 -20.23 70.75
C LYS O 55 31.22 -20.92 71.49
N GLN O 56 32.45 -20.45 71.25
CA GLN O 56 33.62 -21.08 71.84
C GLN O 56 33.64 -20.94 73.35
N TYR O 57 33.39 -19.73 73.85
CA TYR O 57 33.51 -19.53 75.29
C TYR O 57 32.34 -20.13 76.06
N LEU O 58 31.15 -20.18 75.44
CA LEU O 58 30.04 -20.91 76.05
C LEU O 58 30.34 -22.40 76.12
N ALA O 59 30.94 -22.95 75.06
CA ALA O 59 31.33 -24.36 75.09
C ALA O 59 32.35 -24.65 76.17
N ASN O 60 33.32 -23.74 76.37
CA ASN O 60 34.33 -23.94 77.41
C ASN O 60 33.72 -23.87 78.81
N VAL O 61 32.82 -22.91 79.05
CA VAL O 61 32.21 -22.78 80.38
C VAL O 61 31.30 -23.97 80.68
N ILE O 62 30.52 -24.41 79.68
CA ILE O 62 29.64 -25.57 79.87
C ILE O 62 30.44 -26.85 80.09
N ASP O 63 31.58 -27.01 79.40
CA ASP O 63 32.38 -28.21 79.61
C ASP O 63 33.08 -28.20 80.96
N GLU O 64 33.48 -27.01 81.45
CA GLU O 64 34.03 -26.94 82.80
C GLU O 64 32.96 -27.16 83.86
N ALA O 65 31.69 -26.88 83.54
CA ALA O 65 30.63 -27.22 84.47
C ALA O 65 30.31 -28.71 84.44
N ILE O 66 30.44 -29.35 83.28
CA ILE O 66 30.20 -30.79 83.18
C ILE O 66 31.31 -31.57 83.87
N LYS O 67 32.56 -31.07 83.83
CA LYS O 67 33.66 -31.75 84.50
C LYS O 67 33.54 -31.70 86.02
N SER O 68 32.68 -30.83 86.55
CA SER O 68 32.37 -30.82 87.98
C SER O 68 31.33 -31.87 88.37
N GLY O 69 30.85 -32.69 87.42
CA GLY O 69 30.01 -33.81 87.74
C GLY O 69 28.53 -33.63 87.46
N ALA O 70 28.13 -32.56 86.79
CA ALA O 70 26.73 -32.36 86.48
C ALA O 70 26.30 -33.25 85.31
N SER O 71 25.00 -33.33 85.10
CA SER O 71 24.45 -34.12 84.02
C SER O 71 24.10 -33.24 82.83
N PRO O 72 24.18 -33.75 81.60
CA PRO O 72 23.80 -32.94 80.44
C PRO O 72 22.30 -32.73 80.29
N GLN O 73 21.47 -33.31 81.16
CA GLN O 73 20.09 -32.88 81.21
C GLN O 73 19.87 -31.70 82.14
N ASP O 74 20.84 -31.40 83.02
CA ASP O 74 20.66 -30.29 83.95
C ASP O 74 20.73 -28.94 83.26
N LEU O 75 21.55 -28.84 82.21
CA LEU O 75 21.85 -27.58 81.55
C LEU O 75 21.70 -27.73 80.05
N PRO O 76 20.48 -27.55 79.52
CA PRO O 76 20.24 -27.75 78.09
C PRO O 76 20.98 -26.82 77.15
N TYR O 77 20.65 -25.52 77.20
CA TYR O 77 21.21 -24.45 76.38
C TYR O 77 21.35 -24.83 74.91
N VAL O 78 20.24 -25.22 74.28
CA VAL O 78 20.34 -25.91 73.01
C VAL O 78 20.22 -24.95 71.84
N ASN O 79 19.03 -24.40 71.64
CA ASN O 79 18.79 -23.61 70.44
C ASN O 79 18.32 -22.20 70.75
N GLU O 80 17.31 -22.05 71.60
CA GLU O 80 16.74 -20.73 71.82
C GLU O 80 17.34 -20.02 73.01
N ILE O 81 17.87 -20.76 73.97
CA ILE O 81 18.52 -20.11 75.11
C ILE O 81 19.88 -19.57 74.68
N LYS O 82 20.57 -20.29 73.80
CA LYS O 82 21.75 -19.73 73.14
C LYS O 82 21.40 -18.52 72.30
N LEU O 83 20.22 -18.52 71.70
CA LEU O 83 19.80 -17.37 70.92
C LEU O 83 19.53 -16.16 71.81
N ALA O 84 19.03 -16.39 73.02
CA ALA O 84 18.88 -15.31 74.01
C ALA O 84 20.23 -14.72 74.41
N LEU O 85 21.20 -15.60 74.70
CA LEU O 85 22.50 -15.10 75.11
C LEU O 85 23.24 -14.45 73.95
N MET O 86 22.96 -14.87 72.73
CA MET O 86 23.53 -14.15 71.60
C MET O 86 22.85 -12.81 71.38
N LYS O 87 21.57 -12.67 71.76
CA LYS O 87 20.92 -11.36 71.70
C LYS O 87 21.61 -10.35 72.61
N ILE O 88 21.89 -10.74 73.86
CA ILE O 88 22.55 -9.79 74.77
C ILE O 88 23.98 -9.49 74.32
N PHE O 89 24.69 -10.50 73.79
CA PHE O 89 26.06 -10.18 73.36
C PHE O 89 26.11 -9.40 72.05
N THR O 90 25.12 -9.54 71.18
CA THR O 90 25.12 -8.76 69.95
C THR O 90 24.70 -7.31 70.22
N SER O 91 23.83 -7.09 71.22
CA SER O 91 23.56 -5.72 71.63
C SER O 91 24.78 -5.10 72.30
N TRP O 92 25.59 -5.92 72.96
CA TRP O 92 26.87 -5.41 73.47
C TRP O 92 27.80 -5.03 72.33
N LEU O 93 27.78 -5.79 71.24
CA LEU O 93 28.52 -5.41 70.04
C LEU O 93 28.04 -4.07 69.49
N LYS O 94 26.73 -3.82 69.51
CA LYS O 94 26.23 -2.55 68.97
C LYS O 94 26.66 -1.38 69.82
N TYR O 95 26.44 -1.46 71.13
CA TYR O 95 26.76 -0.31 71.97
C TYR O 95 28.26 -0.15 72.17
N SER O 96 29.05 -1.17 71.86
CA SER O 96 30.49 -0.96 71.76
C SER O 96 30.91 -0.46 70.39
N ASN O 97 30.07 -0.63 69.38
CA ASN O 97 30.45 -0.24 68.03
C ASN O 97 30.32 1.26 67.85
N GLU O 98 29.48 1.89 68.66
CA GLU O 98 29.50 3.33 68.84
C GLU O 98 30.61 3.67 69.84
N LYS O 99 30.97 4.94 69.90
CA LYS O 99 32.06 5.35 70.80
C LYS O 99 31.47 5.80 72.14
N LEU O 100 30.75 4.88 72.77
CA LEU O 100 30.10 5.15 74.05
C LEU O 100 31.04 4.88 75.20
N GLY O 101 30.72 5.48 76.35
CA GLY O 101 31.48 5.25 77.56
C GLY O 101 31.22 3.86 78.13
N ALA O 102 31.86 3.60 79.28
CA ALA O 102 31.80 2.26 79.83
C ALA O 102 30.45 1.96 80.49
N ASN O 103 29.98 2.85 81.37
CA ASN O 103 28.73 2.55 82.06
C ASN O 103 27.50 2.69 81.18
N GLU O 104 27.60 3.49 80.12
CA GLU O 104 26.48 3.61 79.19
C GLU O 104 26.28 2.31 78.42
N ILE O 105 27.40 1.68 78.03
CA ILE O 105 27.37 0.32 77.51
C ILE O 105 26.79 -0.64 78.55
N ALA O 106 27.21 -0.48 79.81
CA ALA O 106 26.77 -1.38 80.87
C ALA O 106 25.26 -1.32 81.08
N ILE O 107 24.69 -0.12 81.10
CA ILE O 107 23.26 -0.04 81.36
C ILE O 107 22.41 -0.32 80.12
N ASN O 108 22.92 -0.07 78.91
CA ASN O 108 22.16 -0.49 77.74
C ASN O 108 22.15 -2.01 77.58
N VAL O 109 23.28 -2.66 77.87
CA VAL O 109 23.30 -4.12 77.83
C VAL O 109 22.47 -4.70 78.97
N ALA O 110 22.41 -4.00 80.11
CA ALA O 110 21.53 -4.45 81.20
C ALA O 110 20.06 -4.34 80.82
N GLY O 111 19.69 -3.29 80.08
CA GLY O 111 18.32 -3.20 79.60
C GLY O 111 17.95 -4.27 78.60
N THR O 112 18.87 -4.57 77.67
CA THR O 112 18.62 -5.65 76.72
C THR O 112 18.57 -7.00 77.42
N ALA O 113 19.38 -7.18 78.47
CA ALA O 113 19.32 -8.36 79.30
C ALA O 113 17.98 -8.49 80.01
N THR O 114 17.44 -7.37 80.50
CA THR O 114 16.14 -7.38 81.15
C THR O 114 15.05 -7.84 80.19
N MET O 115 15.01 -7.26 78.99
CA MET O 115 14.00 -7.64 78.00
C MET O 115 14.14 -9.09 77.56
N THR O 116 15.37 -9.52 77.27
CA THR O 116 15.58 -10.86 76.75
C THR O 116 15.33 -11.93 77.81
N LEU O 117 15.89 -11.77 79.01
CA LEU O 117 15.66 -12.75 80.06
C LEU O 117 14.27 -12.62 80.68
N THR O 118 13.52 -11.57 80.36
CA THR O 118 12.11 -11.56 80.68
C THR O 118 11.35 -12.45 79.72
N GLU O 119 11.61 -12.30 78.42
CA GLU O 119 10.77 -12.96 77.41
C GLU O 119 10.91 -14.47 77.43
N ASN O 120 12.10 -14.99 77.16
CA ASN O 120 12.24 -16.40 76.75
C ASN O 120 12.92 -17.26 77.81
N LEU O 121 12.56 -17.07 79.08
CA LEU O 121 12.87 -18.13 80.03
C LEU O 121 11.73 -18.39 81.00
N TYR O 122 10.51 -18.08 80.59
CA TYR O 122 9.32 -18.51 81.32
C TYR O 122 8.79 -19.78 80.68
N GLY O 123 8.72 -20.85 81.46
CA GLY O 123 8.23 -22.12 80.97
C GLY O 123 9.28 -23.02 80.38
N THR O 124 10.56 -22.79 80.65
CA THR O 124 11.58 -23.66 80.07
C THR O 124 12.71 -24.04 81.04
N ARG O 125 12.41 -24.43 82.28
CA ARG O 125 13.26 -25.30 83.10
C ARG O 125 14.51 -24.59 83.62
N VAL O 126 14.79 -23.37 83.17
CA VAL O 126 16.01 -22.65 83.52
C VAL O 126 15.63 -21.38 84.27
N SER O 127 16.02 -21.31 85.54
CA SER O 127 15.78 -20.14 86.34
C SER O 127 16.66 -18.98 85.88
N CYS O 128 16.28 -17.77 86.27
CA CYS O 128 17.01 -16.60 85.79
C CYS O 128 18.36 -16.44 86.48
N GLU O 129 18.49 -16.90 87.72
CA GLU O 129 19.73 -16.74 88.46
C GLU O 129 20.85 -17.56 87.85
N GLU O 130 20.54 -18.74 87.33
CA GLU O 130 21.54 -19.57 86.67
C GLU O 130 21.99 -18.95 85.35
N ALA O 131 21.05 -18.34 84.63
CA ALA O 131 21.38 -17.68 83.37
C ALA O 131 22.26 -16.45 83.61
N VAL O 132 21.99 -15.71 84.67
CA VAL O 132 22.79 -14.52 84.96
C VAL O 132 24.16 -14.91 85.50
N SER O 133 24.25 -16.01 86.24
CA SER O 133 25.56 -16.55 86.60
C SER O 133 26.34 -16.99 85.37
N LEU O 134 25.66 -17.54 84.37
CA LEU O 134 26.34 -17.93 83.14
C LEU O 134 26.83 -16.72 82.35
N ILE O 135 26.02 -15.66 82.30
CA ILE O 135 26.44 -14.43 81.60
C ILE O 135 27.63 -13.79 82.31
N ASN O 136 27.61 -13.77 83.65
CA ASN O 136 28.74 -13.25 84.40
C ASN O 136 29.99 -14.11 84.21
N SER O 137 29.83 -15.42 84.04
CA SER O 137 30.99 -16.26 83.75
C SER O 137 31.56 -15.96 82.36
N ILE O 138 30.70 -15.71 81.37
CA ILE O 138 31.20 -15.42 80.03
C ILE O 138 31.91 -14.07 79.99
N PHE O 139 31.37 -13.07 80.71
CA PHE O 139 32.09 -11.80 80.80
C PHE O 139 33.34 -11.90 81.66
N ALA O 140 33.41 -12.87 82.57
CA ALA O 140 34.67 -13.10 83.27
C ALA O 140 35.71 -13.71 82.34
N VAL O 141 35.26 -14.48 81.36
CA VAL O 141 36.19 -15.05 80.38
C VAL O 141 36.68 -13.98 79.41
N TRP O 142 35.75 -13.15 78.88
CA TRP O 142 36.12 -12.11 77.91
C TRP O 142 36.97 -11.01 78.52
N VAL O 143 36.44 -10.24 79.46
CA VAL O 143 37.12 -9.02 79.90
C VAL O 143 37.37 -9.06 81.40
N GLY O 144 36.77 -10.03 82.09
CA GLY O 144 37.02 -10.21 83.51
C GLY O 144 36.44 -9.11 84.37
N VAL O 145 35.11 -8.99 84.36
CA VAL O 145 34.39 -7.93 85.07
C VAL O 145 33.33 -8.51 86.00
N GLU O 146 32.46 -9.38 85.48
CA GLU O 146 31.23 -9.89 86.09
C GLU O 146 30.35 -8.74 86.55
N PRO O 147 29.69 -8.02 85.64
CA PRO O 147 29.03 -6.76 86.02
C PRO O 147 27.59 -6.86 86.53
N PHE O 148 26.84 -7.91 86.23
CA PHE O 148 25.39 -7.86 86.38
C PHE O 148 24.95 -8.57 87.64
N GLU O 149 24.10 -7.90 88.42
CA GLU O 149 23.34 -8.47 89.53
C GLU O 149 21.88 -8.53 89.12
N ALA O 150 21.23 -9.64 89.46
CA ALA O 150 19.87 -9.85 88.99
C ALA O 150 18.93 -10.15 90.15
N GLU O 151 17.64 -10.22 89.81
CA GLU O 151 16.60 -10.57 90.76
C GLU O 151 15.39 -11.08 89.99
N GLU O 152 14.66 -11.98 90.63
CA GLU O 152 13.38 -12.47 90.13
C GLU O 152 12.26 -11.86 90.94
N ARG O 153 12.41 -10.58 91.27
CA ARG O 153 11.62 -9.93 92.32
C ARG O 153 10.15 -9.85 91.97
N GLU O 154 9.83 -9.72 90.70
CA GLU O 154 8.47 -9.77 90.22
C GLU O 154 8.34 -10.97 89.28
N GLY O 155 7.23 -11.04 88.55
CA GLY O 155 7.01 -12.14 87.62
C GLY O 155 8.01 -12.22 86.48
N ALA O 156 8.67 -11.13 86.17
CA ALA O 156 9.75 -11.09 85.19
C ALA O 156 11.09 -11.09 85.90
N CYS O 157 12.16 -11.26 85.13
CA CYS O 157 13.51 -11.16 85.69
C CYS O 157 14.10 -9.81 85.36
N LEU O 158 14.79 -9.21 86.32
CA LEU O 158 15.30 -7.86 86.19
C LEU O 158 16.81 -7.85 86.42
N VAL O 159 17.54 -7.26 85.48
CA VAL O 159 18.99 -7.22 85.49
C VAL O 159 19.43 -5.77 85.68
N THR O 160 20.31 -5.54 86.65
CA THR O 160 20.89 -4.23 86.91
C THR O 160 22.40 -4.35 87.03
N PRO O 161 23.15 -3.35 86.58
CA PRO O 161 24.61 -3.45 86.62
C PRO O 161 25.21 -3.03 87.95
N ARG O 162 26.37 -3.60 88.23
CA ARG O 162 27.14 -3.25 89.42
C ARG O 162 28.41 -2.47 89.10
N SER O 163 28.95 -2.59 87.91
CA SER O 163 30.24 -2.01 87.56
C SER O 163 30.24 -1.68 86.08
N PRO O 164 31.06 -0.71 85.66
CA PRO O 164 31.10 -0.38 84.23
C PRO O 164 31.67 -1.50 83.39
N LEU O 165 31.29 -1.50 82.11
CA LEU O 165 31.61 -2.59 81.21
C LEU O 165 32.49 -2.08 80.08
N PRO O 166 33.61 -2.73 79.77
CA PRO O 166 34.45 -2.31 78.67
C PRO O 166 33.83 -2.66 77.33
N PRO O 167 34.22 -1.99 76.25
CA PRO O 167 33.73 -2.35 74.93
C PRO O 167 34.38 -3.64 74.42
N VAL O 168 33.92 -4.08 73.25
CA VAL O 168 34.34 -5.37 72.68
C VAL O 168 35.78 -5.26 72.20
N PRO O 169 36.63 -6.26 72.49
CA PRO O 169 38.03 -6.27 71.99
C PRO O 169 38.20 -6.62 70.52
N ILE O 170 37.39 -6.00 69.66
CA ILE O 170 37.43 -6.24 68.21
C ILE O 170 37.30 -4.88 67.53
N SER O 171 38.22 -4.58 66.64
CA SER O 171 38.23 -3.31 65.90
C SER O 171 37.68 -3.55 64.50
N SER O 172 36.74 -2.71 64.09
CA SER O 172 36.16 -2.80 62.74
C SER O 172 36.99 -1.93 61.79
N PRO O 173 37.73 -2.52 60.85
CA PRO O 173 38.69 -1.75 60.08
C PRO O 173 38.06 -1.07 58.87
N THR O 174 38.70 0.02 58.45
CA THR O 174 38.31 0.75 57.25
C THR O 174 39.12 0.34 56.02
N GLY O 175 39.17 -0.95 55.75
CA GLY O 175 39.98 -1.44 54.66
C GLY O 175 39.32 -1.30 53.31
N PHE O 176 40.04 -1.77 52.29
CA PHE O 176 39.55 -1.74 50.92
C PHE O 176 39.94 -3.01 50.17
N SER O 177 39.79 -4.17 50.82
CA SER O 177 40.47 -5.42 50.49
C SER O 177 40.30 -5.85 49.04
N ALA O 178 41.44 -6.11 48.38
CA ALA O 178 41.56 -6.42 46.97
C ALA O 178 41.87 -7.90 46.77
N PRO O 179 41.43 -8.50 45.67
CA PRO O 179 41.69 -9.93 45.46
C PRO O 179 43.15 -10.20 45.13
N ILE O 180 43.54 -11.46 45.32
CA ILE O 180 44.91 -11.86 45.04
C ILE O 180 45.16 -11.91 43.53
N GLN O 181 44.12 -12.12 42.72
CA GLN O 181 44.30 -12.08 41.28
C GLN O 181 44.56 -10.66 40.80
N GLU O 182 43.96 -9.67 41.45
CA GLU O 182 44.24 -8.28 41.10
C GLU O 182 45.65 -7.88 41.52
N VAL O 183 46.17 -8.49 42.58
CA VAL O 183 47.55 -8.25 42.98
C VAL O 183 48.52 -8.87 41.98
N LEU O 184 48.27 -10.11 41.58
CA LEU O 184 49.23 -10.80 40.73
C LEU O 184 49.19 -10.33 39.28
N GLN O 185 47.99 -10.06 38.75
CA GLN O 185 47.89 -9.68 37.34
C GLN O 185 48.29 -8.23 37.08
N ALA O 186 48.45 -7.43 38.12
CA ALA O 186 48.78 -6.02 37.93
C ALA O 186 50.26 -5.85 37.60
N LYS O 187 50.59 -4.66 37.09
CA LYS O 187 51.95 -4.33 36.72
C LYS O 187 52.60 -3.30 37.63
N SER O 188 51.81 -2.59 38.43
CA SER O 188 52.31 -1.52 39.26
C SER O 188 51.42 -1.42 40.49
N PRO O 189 51.94 -0.85 41.59
CA PRO O 189 51.06 -0.57 42.74
C PRO O 189 49.94 0.43 42.45
N GLU O 190 50.20 1.44 41.62
CA GLU O 190 49.17 2.43 41.32
C GLU O 190 48.08 1.87 40.44
N GLU O 191 48.32 0.75 39.76
CA GLU O 191 47.25 0.08 39.05
C GLU O 191 46.32 -0.63 40.03
N ILE O 192 46.84 -1.06 41.18
CA ILE O 192 45.99 -1.64 42.22
C ILE O 192 45.17 -0.55 42.90
N ILE O 193 45.79 0.59 43.20
CA ILE O 193 45.04 1.70 43.79
C ILE O 193 44.12 2.33 42.74
N GLY O 194 44.71 2.87 41.67
CA GLY O 194 43.95 3.62 40.69
C GLY O 194 43.12 2.75 39.75
CA MET P 1 -30.72 -32.14 39.06
C MET P 1 -32.09 -31.75 39.58
N ALA P 2 -32.58 -32.50 40.58
CA ALA P 2 -33.92 -32.34 41.09
C ALA P 2 -34.03 -31.06 41.91
N ARG P 3 -35.27 -30.73 42.31
CA ARG P 3 -35.53 -29.48 43.00
C ARG P 3 -34.92 -29.43 44.38
N LYS P 4 -34.70 -30.59 45.01
CA LYS P 4 -33.88 -30.77 46.21
C LYS P 4 -34.39 -29.98 47.42
N ARG P 5 -35.66 -29.60 47.42
CA ARG P 5 -36.26 -28.87 48.53
C ARG P 5 -37.32 -29.71 49.23
N THR P 6 -38.31 -30.17 48.47
CA THR P 6 -39.35 -31.01 49.03
C THR P 6 -39.81 -31.97 47.95
N SER P 7 -40.54 -33.00 48.37
CA SER P 7 -41.13 -33.93 47.41
C SER P 7 -42.18 -33.23 46.56
N LYS P 8 -43.27 -32.79 47.19
CA LYS P 8 -44.42 -32.14 46.54
C LYS P 8 -44.99 -33.02 45.43
N ASN P 9 -45.57 -34.14 45.85
CA ASN P 9 -46.06 -35.16 44.92
C ASN P 9 -47.22 -34.64 44.09
N ASP P 10 -46.95 -34.32 42.84
CA ASP P 10 -47.92 -33.76 41.92
C ASP P 10 -47.46 -34.04 40.50
N PRO P 11 -48.21 -34.83 39.73
CA PRO P 11 -47.70 -35.25 38.40
C PRO P 11 -47.74 -34.13 37.36
N LEU P 12 -48.65 -33.19 37.52
CA LEU P 12 -48.78 -32.15 36.50
C LEU P 12 -47.60 -31.18 36.55
N ARG P 13 -47.06 -30.94 37.75
CA ARG P 13 -45.83 -30.15 37.86
C ARG P 13 -44.65 -30.89 37.22
N MET P 14 -44.63 -32.22 37.30
CA MET P 14 -43.57 -33.00 36.68
C MET P 14 -43.58 -32.83 35.17
N TYR P 15 -44.75 -33.06 34.56
CA TYR P 15 -44.84 -32.93 33.11
C TYR P 15 -44.61 -31.50 32.65
N LEU P 16 -45.04 -30.53 33.44
CA LEU P 16 -44.88 -29.14 33.03
C LEU P 16 -43.44 -28.66 33.15
N ASN P 17 -42.68 -29.14 34.15
CA ASN P 17 -41.27 -28.78 34.19
C ASN P 17 -40.50 -29.48 33.09
N TYR P 18 -40.92 -30.69 32.70
CA TYR P 18 -40.28 -31.36 31.57
C TYR P 18 -40.49 -30.59 30.27
N VAL P 19 -41.74 -30.14 30.03
CA VAL P 19 -42.05 -29.35 28.84
C VAL P 19 -41.32 -28.01 28.87
N ARG P 20 -41.11 -27.45 30.06
CA ARG P 20 -40.37 -26.20 30.15
C ARG P 20 -38.90 -26.39 29.79
N LYS P 21 -38.29 -27.49 30.21
CA LYS P 21 -36.85 -27.64 29.98
C LYS P 21 -36.48 -28.42 28.72
N LEU P 22 -37.48 -28.82 27.92
CA LEU P 22 -37.17 -29.35 26.60
C LEU P 22 -36.55 -28.32 25.65
N GLN P 23 -36.64 -27.03 25.95
CA GLN P 23 -35.98 -26.05 25.10
C GLN P 23 -34.54 -25.76 25.53
N THR P 24 -33.98 -26.57 26.42
CA THR P 24 -32.60 -26.43 26.87
C THR P 24 -31.86 -27.77 26.84
N MET P 25 -32.60 -28.89 26.97
CA MET P 25 -32.01 -30.22 26.84
C MET P 25 -31.30 -30.41 25.50
N GLY P 26 -31.90 -29.89 24.42
CA GLY P 26 -31.37 -30.07 23.09
C GLY P 26 -30.05 -29.38 22.82
N ASP P 27 -29.66 -28.42 23.67
CA ASP P 27 -28.35 -27.80 23.60
C ASP P 27 -27.40 -28.33 24.65
N ALA P 28 -27.92 -28.74 25.81
CA ALA P 28 -27.05 -29.32 26.83
C ALA P 28 -26.48 -30.65 26.38
N TYR P 29 -27.18 -31.37 25.51
CA TYR P 29 -26.65 -32.62 24.97
C TYR P 29 -25.45 -32.38 24.05
N ASP P 30 -25.60 -31.39 23.15
CA ASP P 30 -24.51 -30.95 22.28
C ASP P 30 -23.31 -30.45 23.04
N GLU P 31 -23.54 -29.79 24.18
CA GLU P 31 -22.41 -29.38 25.01
C GLU P 31 -21.79 -30.57 25.72
N SER P 32 -22.59 -31.57 26.11
CA SER P 32 -22.11 -32.69 26.91
C SER P 32 -21.27 -33.68 26.13
N ALA P 33 -21.40 -33.68 24.80
CA ALA P 33 -20.60 -34.54 23.92
C ALA P 33 -19.09 -34.61 24.20
N LYS P 34 -18.50 -33.46 24.58
CA LYS P 34 -17.05 -33.34 24.63
C LYS P 34 -16.41 -34.14 25.75
N TYR P 35 -17.14 -34.42 26.82
CA TYR P 35 -16.66 -35.34 27.85
C TYR P 35 -17.39 -36.68 27.82
N ARG P 36 -18.59 -36.72 27.23
CA ARG P 36 -19.31 -37.96 26.97
C ARG P 36 -18.45 -38.97 26.22
N ILE P 37 -17.76 -38.52 25.17
CA ILE P 37 -17.03 -39.43 24.30
C ILE P 37 -15.83 -40.05 25.02
N ALA P 38 -15.08 -39.25 25.77
CA ALA P 38 -13.91 -39.76 26.47
C ALA P 38 -14.29 -40.66 27.64
N ASN P 39 -15.39 -40.35 28.33
CA ASN P 39 -15.79 -41.22 29.43
C ASN P 39 -16.29 -42.56 28.91
N PHE P 40 -16.97 -42.59 27.74
CA PHE P 40 -17.31 -43.89 27.17
C PHE P 40 -16.08 -44.63 26.67
N GLU P 41 -15.13 -43.89 26.10
CA GLU P 41 -13.85 -44.42 25.62
C GLU P 41 -13.16 -45.25 26.70
N ASN P 42 -13.08 -44.71 27.91
CA ASN P 42 -12.47 -45.51 28.97
C ASN P 42 -13.47 -46.17 29.92
N GLY P 43 -14.75 -46.23 29.56
CA GLY P 43 -15.67 -47.03 30.35
C GLY P 43 -16.17 -48.30 29.71
N PHE P 44 -16.14 -48.39 28.38
CA PHE P 44 -16.67 -49.58 27.72
C PHE P 44 -15.72 -50.77 27.84
N LYS P 45 -14.44 -50.52 28.11
CA LYS P 45 -13.47 -51.60 28.18
C LYS P 45 -13.75 -52.56 29.32
N SER P 46 -14.31 -52.07 30.42
CA SER P 46 -14.63 -52.93 31.55
C SER P 46 -15.73 -53.93 31.21
N LEU P 47 -16.78 -53.46 30.53
CA LEU P 47 -17.83 -54.36 30.04
C LEU P 47 -17.28 -55.40 29.08
N HIS P 48 -16.47 -54.96 28.12
CA HIS P 48 -16.04 -55.93 27.11
C HIS P 48 -15.06 -56.94 27.69
N MET P 49 -14.24 -56.52 28.66
CA MET P 49 -13.34 -57.45 29.31
C MET P 49 -14.09 -58.43 30.20
N VAL P 50 -15.11 -57.97 30.93
CA VAL P 50 -15.80 -58.90 31.82
C VAL P 50 -16.67 -59.87 31.02
N GLU P 51 -17.16 -59.46 29.85
CA GLU P 51 -17.94 -60.38 29.03
C GLU P 51 -17.04 -61.41 28.35
N ASN P 52 -15.85 -61.01 27.90
CA ASN P 52 -14.92 -62.00 27.36
C ASN P 52 -14.43 -62.96 28.45
N GLU P 53 -14.20 -62.46 29.66
CA GLU P 53 -13.75 -63.34 30.72
C GLU P 53 -14.82 -64.33 31.14
N PHE P 54 -16.09 -63.90 31.10
CA PHE P 54 -17.18 -64.84 31.34
C PHE P 54 -17.24 -65.92 30.26
N LYS P 55 -17.14 -65.52 28.98
CA LYS P 55 -17.15 -66.51 27.90
C LYS P 55 -16.04 -67.53 28.06
N GLN P 56 -14.82 -67.05 28.37
CA GLN P 56 -13.67 -67.94 28.47
C GLN P 56 -13.79 -68.89 29.65
N TYR P 57 -14.17 -68.36 30.82
CA TYR P 57 -14.19 -69.22 32.00
C TYR P 57 -15.40 -70.16 32.00
N LEU P 58 -16.51 -69.75 31.39
CA LEU P 58 -17.63 -70.67 31.19
C LEU P 58 -17.24 -71.79 30.25
N ALA P 59 -16.51 -71.47 29.18
CA ALA P 59 -16.04 -72.51 28.26
C ALA P 59 -15.10 -73.49 28.94
N ASN P 60 -14.22 -72.99 29.82
CA ASN P 60 -13.30 -73.88 30.53
C ASN P 60 -14.04 -74.80 31.51
N VAL P 61 -15.01 -74.26 32.25
CA VAL P 61 -15.74 -75.08 33.22
C VAL P 61 -16.61 -76.12 32.51
N ILE P 62 -17.26 -75.73 31.42
CA ILE P 62 -18.07 -76.68 30.64
C ILE P 62 -17.22 -77.76 30.00
N ASP P 63 -16.02 -77.42 29.53
CA ASP P 63 -15.17 -78.44 28.93
C ASP P 63 -14.59 -79.38 29.98
N GLU P 64 -14.31 -78.88 31.19
CA GLU P 64 -13.89 -79.78 32.25
C GLU P 64 -15.04 -80.65 32.74
N ALA P 65 -16.29 -80.20 32.57
CA ALA P 65 -17.42 -81.08 32.88
C ALA P 65 -17.63 -82.12 31.79
N ILE P 66 -17.36 -81.77 30.54
CA ILE P 66 -17.49 -82.74 29.44
C ILE P 66 -16.41 -83.80 29.52
N LYS P 67 -15.20 -83.43 29.96
CA LYS P 67 -14.12 -84.41 30.10
C LYS P 67 -14.38 -85.43 31.20
N SER P 68 -15.34 -85.16 32.09
CA SER P 68 -15.78 -86.14 33.08
C SER P 68 -16.78 -87.14 32.51
N GLY P 69 -17.11 -87.06 31.22
CA GLY P 69 -17.92 -88.07 30.58
C GLY P 69 -19.36 -87.72 30.33
N ALA P 70 -19.77 -86.48 30.56
CA ALA P 70 -21.15 -86.09 30.33
C ALA P 70 -21.41 -85.90 28.83
N SER P 71 -22.67 -85.80 28.48
CA SER P 71 -23.08 -85.61 27.10
C SER P 71 -23.38 -84.14 26.83
N PRO P 72 -23.15 -83.65 25.61
CA PRO P 72 -23.47 -82.26 25.31
C PRO P 72 -24.96 -81.97 25.18
N GLN P 73 -25.83 -82.97 25.29
CA GLN P 73 -27.24 -82.68 25.49
C GLN P 73 -27.61 -82.48 26.95
N ASP P 74 -26.75 -82.89 27.88
CA ASP P 74 -27.08 -82.74 29.30
C ASP P 74 -27.03 -81.29 29.74
N LEU P 75 -26.13 -80.50 29.16
CA LEU P 75 -25.86 -79.13 29.60
C LEU P 75 -25.85 -78.20 28.40
N PRO P 76 -27.03 -77.67 28.02
CA PRO P 76 -27.13 -76.83 26.84
C PRO P 76 -26.35 -75.52 26.90
N TYR P 77 -26.77 -74.61 27.79
CA TYR P 77 -26.20 -73.28 28.01
C TYR P 77 -25.91 -72.52 26.72
N VAL P 78 -26.93 -72.36 25.88
CA VAL P 78 -26.67 -71.97 24.50
C VAL P 78 -26.74 -70.47 24.33
N ASN P 79 -27.95 -69.91 24.43
CA ASN P 79 -28.12 -68.50 24.11
C ASN P 79 -28.71 -67.69 25.25
N GLU P 80 -29.80 -68.15 25.85
CA GLU P 80 -30.47 -67.36 26.86
C GLU P 80 -30.02 -67.69 28.27
N ILE P 81 -29.54 -68.90 28.50
CA ILE P 81 -29.04 -69.23 29.82
C ILE P 81 -27.68 -68.57 30.05
N LYS P 82 -26.87 -68.49 28.99
CA LYS P 82 -25.67 -67.67 29.04
C LYS P 82 -26.02 -66.20 29.24
N LEU P 83 -27.15 -65.75 28.69
CA LEU P 83 -27.56 -64.38 28.89
C LEU P 83 -27.98 -64.12 30.32
N ALA P 84 -28.58 -65.12 30.98
CA ALA P 84 -28.88 -65.03 32.41
C ALA P 84 -27.61 -64.91 33.25
N LEU P 85 -26.62 -65.76 32.96
CA LEU P 85 -25.40 -65.72 33.74
C LEU P 85 -24.60 -64.45 33.44
N MET P 86 -24.74 -63.89 32.25
CA MET P 86 -24.12 -62.61 31.99
C MET P 86 -24.85 -61.49 32.70
N LYS P 87 -26.17 -61.63 32.93
CA LYS P 87 -26.90 -60.64 33.72
C LYS P 87 -26.35 -60.55 35.14
N ILE P 88 -26.17 -61.70 35.80
CA ILE P 88 -25.65 -61.67 37.17
C ILE P 88 -24.20 -61.17 37.21
N PHE P 89 -23.39 -61.53 36.22
CA PHE P 89 -22.01 -61.04 36.28
C PHE P 89 -21.89 -59.56 35.90
N THR P 90 -22.79 -59.03 35.09
CA THR P 90 -22.72 -57.62 34.75
C THR P 90 -23.26 -56.77 35.90
N SER P 91 -24.22 -57.28 36.66
CA SER P 91 -24.61 -56.58 37.87
C SER P 91 -23.50 -56.62 38.92
N TRP P 92 -22.70 -57.69 38.91
CA TRP P 92 -21.51 -57.70 39.76
C TRP P 92 -20.50 -56.65 39.33
N LEU P 93 -20.38 -56.44 38.01
CA LEU P 93 -19.56 -55.34 37.50
C LEU P 93 -20.07 -53.99 37.98
N LYS P 94 -21.39 -53.79 38.02
CA LYS P 94 -21.92 -52.50 38.47
C LYS P 94 -21.64 -52.26 39.95
N TYR P 95 -21.98 -53.23 40.80
CA TYR P 95 -21.81 -52.98 42.22
C TYR P 95 -20.34 -53.04 42.64
N SER P 96 -19.46 -53.58 41.79
CA SER P 96 -18.04 -53.38 42.02
C SER P 96 -17.53 -52.08 41.46
N ASN P 97 -18.26 -51.48 40.51
CA ASN P 97 -17.78 -50.26 39.87
C ASN P 97 -17.99 -49.06 40.77
N GLU P 98 -18.94 -49.17 41.68
CA GLU P 98 -19.02 -48.26 42.81
C GLU P 98 -18.03 -48.72 43.88
N LYS P 99 -17.77 -47.87 44.86
CA LYS P 99 -16.80 -48.22 45.89
C LYS P 99 -17.52 -48.82 47.09
N LEU P 100 -18.24 -49.90 46.83
CA LEU P 100 -19.02 -50.58 47.84
C LEU P 100 -18.18 -51.60 48.59
N GLY P 101 -18.63 -51.95 49.78
CA GLY P 101 -17.98 -52.98 50.57
C GLY P 101 -18.20 -54.37 50.00
N ALA P 102 -17.66 -55.36 50.69
CA ALA P 102 -17.68 -56.72 50.16
C ALA P 102 -19.06 -57.37 50.27
N ASN P 103 -19.67 -57.33 51.45
CA ASN P 103 -20.95 -58.00 51.61
C ASN P 103 -22.09 -57.25 50.95
N GLU P 104 -21.96 -55.95 50.75
CA GLU P 104 -22.99 -55.20 50.05
C GLU P 104 -23.03 -55.60 48.58
N ILE P 105 -21.86 -55.79 47.98
CA ILE P 105 -21.74 -56.41 46.67
C ILE P 105 -22.35 -57.80 46.69
N ALA P 106 -22.07 -58.58 47.74
CA ALA P 106 -22.55 -59.96 47.82
C ALA P 106 -24.06 -60.03 47.84
N ILE P 107 -24.71 -59.18 48.63
CA ILE P 107 -26.16 -59.27 48.72
C ILE P 107 -26.87 -58.60 47.55
N ASN P 108 -26.27 -57.58 46.91
CA ASN P 108 -26.89 -57.06 45.70
C ASN P 108 -26.79 -58.03 44.53
N VAL P 109 -25.66 -58.72 44.40
CA VAL P 109 -25.54 -59.75 43.37
C VAL P 109 -26.43 -60.94 43.69
N ALA P 110 -26.65 -61.23 44.98
CA ALA P 110 -27.58 -62.29 45.35
C ALA P 110 -29.02 -61.92 45.00
N GLY P 111 -29.38 -60.64 45.15
CA GLY P 111 -30.71 -60.22 44.73
C GLY P 111 -30.92 -60.28 43.23
N THR P 112 -29.90 -59.86 42.46
CA THR P 112 -30.00 -59.98 41.01
C THR P 112 -30.02 -61.44 40.57
N ALA P 113 -29.30 -62.31 41.28
CA ALA P 113 -29.37 -63.74 41.05
C ALA P 113 -30.75 -64.30 41.32
N THR P 114 -31.40 -63.83 42.38
CA THR P 114 -32.77 -64.25 42.70
C THR P 114 -33.72 -63.90 41.58
N MET P 115 -33.69 -62.64 41.11
CA MET P 115 -34.58 -62.21 40.04
C MET P 115 -34.30 -62.95 38.73
N THR P 116 -33.03 -63.08 38.36
CA THR P 116 -32.69 -63.69 37.08
C THR P 116 -32.97 -65.18 37.07
N LEU P 117 -32.53 -65.92 38.10
CA LEU P 117 -32.80 -67.34 38.15
C LEU P 117 -34.24 -67.66 38.52
N THR P 118 -35.02 -66.67 38.94
CA THR P 118 -36.46 -66.86 39.02
C THR P 118 -37.07 -66.82 37.63
N GLU P 119 -36.70 -65.80 36.84
CA GLU P 119 -37.40 -65.56 35.58
C GLU P 119 -37.16 -66.67 34.56
N ASN P 120 -35.93 -66.87 34.12
CA ASN P 120 -35.67 -67.59 32.88
C ASN P 120 -35.03 -68.97 33.12
N LEU P 121 -35.52 -69.71 34.11
CA LEU P 121 -35.22 -71.13 34.08
C LEU P 121 -36.43 -71.97 34.48
N TYR P 122 -37.63 -71.44 34.26
CA TYR P 122 -38.85 -72.24 34.35
C TYR P 122 -39.24 -72.69 32.96
N GLY P 123 -39.31 -74.00 32.77
CA GLY P 123 -39.67 -74.56 31.48
C GLY P 123 -38.52 -74.82 30.55
N THR P 124 -37.28 -74.86 31.05
CA THR P 124 -36.17 -75.11 30.14
C THR P 124 -35.11 -76.07 30.69
N ARG P 125 -35.51 -77.21 31.26
CA ARG P 125 -34.67 -78.42 31.34
C ARG P 125 -33.52 -78.31 32.34
N VAL P 126 -33.28 -77.12 32.90
CA VAL P 126 -32.14 -76.86 33.78
C VAL P 126 -32.66 -76.48 35.15
N SER P 127 -32.40 -77.31 36.15
CA SER P 127 -32.80 -77.02 37.51
C SER P 127 -31.94 -75.89 38.07
N CYS P 128 -32.43 -75.28 39.16
CA CYS P 128 -31.73 -74.12 39.70
C CYS P 128 -30.47 -74.51 40.44
N GLU P 129 -30.43 -75.72 41.02
CA GLU P 129 -29.27 -76.14 41.80
C GLU P 129 -28.04 -76.32 40.92
N GLU P 130 -28.25 -76.80 39.70
CA GLU P 130 -27.13 -76.95 38.76
C GLU P 130 -26.61 -75.60 38.30
N ALA P 131 -27.51 -74.63 38.11
CA ALA P 131 -27.10 -73.29 37.71
C ALA P 131 -26.33 -72.59 38.82
N VAL P 132 -26.74 -72.81 40.07
CA VAL P 132 -26.05 -72.16 41.18
C VAL P 132 -24.71 -72.83 41.45
N SER P 133 -24.61 -74.14 41.22
CA SER P 133 -23.32 -74.81 41.24
C SER P 133 -22.40 -74.28 40.15
N LEU P 134 -22.95 -73.97 38.97
CA LEU P 134 -22.14 -73.41 37.90
C LEU P 134 -21.65 -72.00 38.24
N ILE P 135 -22.52 -71.18 38.85
CA ILE P 135 -22.12 -69.83 39.26
C ILE P 135 -21.04 -69.89 40.33
N ASN P 136 -21.19 -70.80 41.29
CA ASN P 136 -20.17 -70.97 42.31
C ASN P 136 -18.86 -71.48 41.73
N SER P 137 -18.91 -72.29 40.67
CA SER P 137 -17.68 -72.71 40.01
C SER P 137 -17.00 -71.55 39.29
N ILE P 138 -17.79 -70.66 38.67
CA ILE P 138 -17.19 -69.53 37.97
C ILE P 138 -16.57 -68.55 38.96
N PHE P 139 -17.23 -68.32 40.10
CA PHE P 139 -16.60 -67.48 41.12
C PHE P 139 -15.42 -68.17 41.81
N ALA P 140 -15.38 -69.51 41.80
CA ALA P 140 -14.18 -70.18 42.26
C ALA P 140 -13.02 -70.00 41.29
N VAL P 141 -13.32 -69.86 40.00
CA VAL P 141 -12.27 -69.59 39.02
C VAL P 141 -11.77 -68.16 39.13
N TRP P 142 -12.69 -67.19 39.22
CA TRP P 142 -12.31 -65.78 39.29
C TRP P 142 -11.58 -65.42 40.58
N VAL P 143 -12.26 -65.51 41.73
CA VAL P 143 -11.69 -64.96 42.96
C VAL P 143 -11.58 -66.04 44.03
N GLY P 144 -12.17 -67.20 43.78
CA GLY P 144 -12.04 -68.32 44.70
C GLY P 144 -12.78 -68.12 46.01
N VAL P 145 -14.10 -68.00 45.93
CA VAL P 145 -14.94 -67.72 47.09
C VAL P 145 -16.04 -68.76 47.25
N GLU P 146 -16.81 -69.02 46.17
CA GLU P 146 -18.06 -69.78 46.12
C GLU P 146 -19.05 -69.26 47.15
N PRO P 147 -19.67 -68.09 46.93
CA PRO P 147 -20.44 -67.45 48.00
C PRO P 147 -21.89 -67.84 48.15
N PHE P 148 -22.55 -68.37 47.11
CA PHE P 148 -24.02 -68.42 47.10
C PHE P 148 -24.53 -69.80 47.46
N GLU P 149 -25.47 -69.83 48.39
CA GLU P 149 -26.29 -71.00 48.70
C GLU P 149 -27.70 -70.75 48.20
N ALA P 150 -28.32 -71.76 47.60
CA ALA P 150 -29.61 -71.56 46.98
C ALA P 150 -30.63 -72.56 47.49
N GLU P 151 -31.87 -72.35 47.06
CA GLU P 151 -32.97 -73.25 47.37
C GLU P 151 -34.07 -73.05 46.34
N GLU P 152 -34.81 -74.13 46.10
CA GLU P 152 -36.00 -74.11 45.25
C GLU P 152 -37.23 -74.23 46.13
N ARG P 153 -37.18 -73.53 47.28
CA ARG P 153 -38.10 -73.78 48.40
C ARG P 153 -39.54 -73.46 48.03
N GLU P 154 -39.75 -72.47 47.18
CA GLU P 154 -41.06 -72.15 46.66
C GLU P 154 -41.02 -72.35 45.15
N GLY P 155 -42.06 -71.87 44.45
CA GLY P 155 -42.12 -72.01 43.00
C GLY P 155 -41.03 -71.30 42.24
N ALA P 156 -40.40 -70.30 42.85
CA ALA P 156 -39.24 -69.61 42.30
C ALA P 156 -37.97 -70.13 42.95
N CYS P 157 -36.83 -69.75 42.41
CA CYS P 157 -35.55 -70.09 43.02
C CYS P 157 -35.02 -68.89 43.79
N LEU P 158 -34.46 -69.15 44.97
CA LEU P 158 -34.02 -68.10 45.86
C LEU P 158 -32.54 -68.28 46.19
N VAL P 159 -31.76 -67.21 46.01
CA VAL P 159 -30.33 -67.22 46.22
C VAL P 159 -30.00 -66.32 47.40
N THR P 160 -29.23 -66.84 48.34
CA THR P 160 -28.76 -66.09 49.50
C THR P 160 -27.27 -66.30 49.67
N PRO P 161 -26.54 -65.28 50.13
CA PRO P 161 -25.09 -65.40 50.24
C PRO P 161 -24.64 -66.04 51.54
N ARG P 162 -23.47 -66.66 51.48
CA ARG P 162 -22.83 -67.25 52.65
C ARG P 162 -21.60 -66.50 53.11
N SER P 163 -20.94 -65.75 52.23
CA SER P 163 -19.66 -65.14 52.52
C SER P 163 -19.55 -63.86 51.70
N PRO P 164 -18.77 -62.89 52.15
CA PRO P 164 -18.61 -61.65 51.39
C PRO P 164 -17.89 -61.88 50.06
N LEU P 165 -18.16 -60.99 49.11
CA LEU P 165 -17.68 -61.16 47.74
C LEU P 165 -16.74 -60.01 47.39
N PRO P 166 -15.57 -60.30 46.84
CA PRO P 166 -14.64 -59.22 46.46
C PRO P 166 -15.12 -58.55 45.19
N PRO P 167 -14.67 -57.32 44.92
CA PRO P 167 -15.02 -56.65 43.67
C PRO P 167 -14.25 -57.23 42.49
N VAL P 168 -14.57 -56.73 41.30
CA VAL P 168 -14.02 -57.25 40.04
C VAL P 168 -12.55 -56.88 39.94
N PRO P 169 -11.67 -57.80 39.54
CA PRO P 169 -10.24 -57.50 39.34
C PRO P 169 -9.91 -56.72 38.06
N ILE P 170 -10.67 -55.67 37.79
CA ILE P 170 -10.48 -54.83 36.61
C ILE P 170 -10.65 -53.38 37.04
N SER P 171 -9.66 -52.55 36.72
CA SER P 171 -9.66 -51.14 37.07
C SER P 171 -10.07 -50.32 35.84
N SER P 172 -11.03 -49.41 36.02
CA SER P 172 -11.46 -48.53 34.96
C SER P 172 -10.61 -47.26 34.95
N PRO P 173 -9.76 -47.05 33.97
CA PRO P 173 -8.77 -45.97 34.05
C PRO P 173 -9.34 -44.63 33.60
N THR P 174 -8.74 -43.58 34.12
CA THR P 174 -9.05 -42.20 33.74
C THR P 174 -8.10 -41.66 32.67
N GLY P 175 -7.96 -42.39 31.59
CA GLY P 175 -7.02 -42.01 30.55
C GLY P 175 -7.56 -40.95 29.61
N PHE P 176 -6.72 -40.58 28.64
CA PHE P 176 -7.08 -39.59 27.63
C PHE P 176 -6.55 -40.00 26.26
N SER P 177 -6.68 -41.29 25.91
CA SER P 177 -5.90 -41.97 24.87
C SER P 177 -5.90 -41.26 23.52
N ALA P 178 -4.70 -41.01 23.00
CA ALA P 178 -4.43 -40.25 21.80
C ALA P 178 -4.01 -41.19 20.67
N PRO P 179 -4.31 -40.83 19.41
CA PRO P 179 -3.95 -41.72 18.30
C PRO P 179 -2.45 -41.72 18.04
N ILE P 180 -2.00 -42.76 17.34
CA ILE P 180 -0.58 -42.86 17.02
C ILE P 180 -0.19 -41.86 15.93
N GLN P 181 -1.15 -41.43 15.11
CA GLN P 181 -0.83 -40.41 14.12
C GLN P 181 -0.62 -39.05 14.78
N GLU P 182 -1.34 -38.78 15.87
CA GLU P 182 -1.12 -37.55 16.62
C GLU P 182 0.22 -37.58 17.35
N VAL P 183 0.68 -38.77 17.73
CA VAL P 183 2.00 -38.90 18.34
C VAL P 183 3.10 -38.66 17.30
N LEU P 184 2.96 -39.28 16.13
CA LEU P 184 4.04 -39.19 15.16
C LEU P 184 4.09 -37.85 14.44
N GLN P 185 2.94 -37.26 14.12
CA GLN P 185 2.95 -36.01 13.37
C GLN P 185 3.28 -34.79 14.23
N ALA P 186 3.29 -34.95 15.56
CA ALA P 186 3.54 -33.81 16.42
C ALA P 186 5.03 -33.48 16.46
N LYS P 187 5.33 -32.27 16.96
CA LYS P 187 6.70 -31.81 17.08
C LYS P 187 7.18 -31.72 18.52
N SER P 188 6.29 -31.75 19.49
CA SER P 188 6.65 -31.57 20.89
C SER P 188 5.65 -32.34 21.73
N PRO P 189 6.02 -32.70 22.96
CA PRO P 189 5.03 -33.28 23.88
C PRO P 189 3.88 -32.35 24.24
N GLU P 190 4.15 -31.05 24.38
CA GLU P 190 3.09 -30.11 24.74
C GLU P 190 2.12 -29.88 23.61
N GLU P 191 2.50 -30.22 22.37
CA GLU P 191 1.54 -30.19 21.28
C GLU P 191 0.56 -31.36 21.39
N ILE P 192 1.01 -32.47 21.97
CA ILE P 192 0.11 -33.59 22.21
C ILE P 192 -0.84 -33.27 23.36
N ILE P 193 -0.32 -32.68 24.43
CA ILE P 193 -1.20 -32.27 25.53
C ILE P 193 -2.05 -31.07 25.13
N GLY P 194 -1.41 -29.95 24.81
CA GLY P 194 -2.12 -28.71 24.54
C GLY P 194 -2.79 -28.67 23.18
CA MET Q 1 16.29 -12.90 53.80
C MET Q 1 14.95 -12.32 54.21
N ALA Q 2 14.53 -12.60 55.44
CA ALA Q 2 13.22 -12.21 55.92
C ALA Q 2 13.15 -10.71 56.17
N ARG Q 3 11.95 -10.22 56.47
CA ARG Q 3 11.72 -8.78 56.62
C ARG Q 3 12.42 -8.21 57.84
N LYS Q 4 12.67 -9.04 58.86
CA LYS Q 4 13.56 -8.74 59.99
C LYS Q 4 13.12 -7.53 60.81
N ARG Q 5 11.86 -7.15 60.72
CA ARG Q 5 11.34 -6.03 61.49
C ARG Q 5 10.32 -6.50 62.52
N THR Q 6 9.28 -7.20 62.06
CA THR Q 6 8.26 -7.72 62.97
C THR Q 6 7.75 -9.01 62.38
N SER Q 7 7.04 -9.78 63.21
CA SER Q 7 6.40 -10.99 62.74
C SER Q 7 5.30 -10.66 61.73
N LYS Q 8 4.25 -9.99 62.19
CA LYS Q 8 3.07 -9.62 61.41
C LYS Q 8 2.43 -10.86 60.77
N ASN Q 9 1.87 -11.70 61.62
CA ASN Q 9 1.32 -12.99 61.21
C ASN Q 9 0.11 -12.81 60.31
N ASP Q 10 0.32 -13.02 59.02
CA ASP Q 10 -0.72 -12.84 58.00
C ASP Q 10 -0.34 -13.67 56.79
N PRO Q 11 -1.13 -14.69 56.44
CA PRO Q 11 -0.71 -15.60 55.35
C PRO Q 11 -0.80 -15.00 53.96
N LEU Q 12 -1.71 -14.04 53.78
CA LEU Q 12 -1.89 -13.49 52.45
C LEU Q 12 -0.71 -12.61 52.05
N ARG Q 13 -0.09 -11.92 53.01
CA ARG Q 13 1.14 -11.20 52.74
C ARG Q 13 2.27 -12.14 52.38
N MET Q 14 2.29 -13.34 52.98
CA MET Q 14 3.32 -14.33 52.66
C MET Q 14 3.22 -14.77 51.22
N TYR Q 15 2.02 -15.19 50.80
CA TYR Q 15 1.85 -15.64 49.43
C TYR Q 15 2.05 -14.51 48.44
N LEU Q 16 1.65 -13.30 48.79
CA LEU Q 16 1.80 -12.19 47.86
C LEU Q 16 3.25 -11.74 47.70
N ASN Q 17 4.05 -11.80 48.76
CA ASN Q 17 5.47 -11.49 48.59
C ASN Q 17 6.18 -12.58 47.81
N TYR Q 18 5.73 -13.83 47.96
CA TYR Q 18 6.30 -14.93 47.15
C TYR Q 18 6.01 -14.72 45.67
N VAL Q 19 4.76 -14.38 45.34
CA VAL Q 19 4.38 -14.11 43.95
C VAL Q 19 5.11 -12.89 43.41
N ARG Q 20 5.38 -11.91 44.26
CA ARG Q 20 6.13 -10.74 43.81
C ARG Q 20 7.58 -11.09 43.48
N LYS Q 21 8.21 -11.96 44.26
CA LYS Q 21 9.63 -12.22 44.04
C LYS Q 21 9.92 -13.43 43.17
N LEU Q 22 8.89 -14.10 42.65
CA LEU Q 22 9.12 -15.12 41.63
C LEU Q 22 9.67 -14.57 40.32
N GLN Q 23 9.61 -13.26 40.09
CA GLN Q 23 10.21 -12.71 38.88
C GLN Q 23 11.67 -12.30 39.07
N THR Q 24 12.29 -12.71 40.19
CA THR Q 24 13.70 -12.45 40.47
C THR Q 24 14.42 -13.70 40.93
N MET Q 25 13.70 -14.65 41.54
CA MET Q 25 14.28 -15.94 41.91
C MET Q 25 14.90 -16.67 40.72
N GLY Q 26 14.25 -16.60 39.55
CA GLY Q 26 14.70 -17.31 38.38
C GLY Q 26 16.00 -16.81 37.79
N ASP Q 27 16.43 -15.60 38.16
CA ASP Q 27 17.73 -15.10 37.78
C ASP Q 27 18.75 -15.19 38.90
N ALA Q 28 18.30 -15.09 40.16
CA ALA Q 28 19.22 -15.24 41.27
C ALA Q 28 19.77 -16.66 41.36
N TYR Q 29 19.01 -17.65 40.88
CA TYR Q 29 19.51 -19.02 40.86
C TYR Q 29 20.65 -19.19 39.85
N ASP Q 30 20.46 -18.63 38.64
CA ASP Q 30 21.48 -18.61 37.61
C ASP Q 30 22.72 -17.87 38.05
N GLU Q 31 22.57 -16.81 38.84
CA GLU Q 31 23.74 -16.14 39.38
C GLU Q 31 24.41 -16.95 40.47
N SER Q 32 23.63 -17.71 41.26
CA SER Q 32 24.15 -18.42 42.41
C SER Q 32 24.95 -19.66 42.04
N ALA Q 33 24.75 -20.18 40.83
CA ALA Q 33 25.49 -21.35 40.32
C ALA Q 33 27.01 -21.33 40.53
N LYS Q 34 27.62 -20.15 40.39
CA LYS Q 34 29.08 -20.05 40.30
C LYS Q 34 29.78 -20.36 41.62
N TYR Q 35 29.12 -20.17 42.75
CA TYR Q 35 29.65 -20.62 44.02
C TYR Q 35 28.93 -21.84 44.57
N ARG Q 36 27.69 -22.08 44.11
CA ARG Q 36 26.95 -23.31 44.41
C ARG Q 36 27.76 -24.56 44.07
N ILE Q 37 28.39 -24.57 42.89
CA ILE Q 37 29.07 -25.77 42.42
C ILE Q 37 30.31 -26.08 43.26
N ALA Q 38 31.10 -25.07 43.58
CA ALA Q 38 32.32 -25.30 44.36
C ALA Q 38 32.00 -25.65 45.81
N ASN Q 39 30.95 -25.06 46.39
CA ASN Q 39 30.61 -25.43 47.76
C ASN Q 39 30.07 -26.85 47.85
N PHE Q 40 29.34 -27.31 46.83
CA PHE Q 40 28.96 -28.73 46.84
C PHE Q 40 30.16 -29.63 46.60
N GLU Q 41 31.08 -29.20 45.72
CA GLU Q 41 32.32 -29.91 45.43
C GLU Q 41 33.07 -30.26 46.70
N ASN Q 42 33.22 -29.28 47.61
CA ASN Q 42 33.90 -29.62 48.86
C ASN Q 42 32.96 -29.83 50.04
N GLY Q 43 31.66 -29.99 49.81
CA GLY Q 43 30.78 -30.39 50.90
C GLY Q 43 30.23 -31.80 50.85
N PHE Q 44 30.20 -32.40 49.66
CA PHE Q 44 29.63 -33.75 49.55
C PHE Q 44 30.57 -34.83 50.07
N LYS Q 45 31.87 -34.52 50.16
CA LYS Q 45 32.85 -35.51 50.60
C LYS Q 45 32.63 -35.93 52.04
N SER Q 46 32.13 -35.02 52.88
CA SER Q 46 31.89 -35.36 54.28
C SER Q 46 30.77 -36.38 54.41
N LEU Q 47 29.67 -36.20 53.67
CA LEU Q 47 28.60 -37.19 53.64
C LEU Q 47 29.09 -38.53 53.14
N HIS Q 48 29.85 -38.55 52.05
CA HIS Q 48 30.21 -39.83 51.47
C HIS Q 48 31.23 -40.56 52.35
N MET Q 49 32.09 -39.80 53.03
CA MET Q 49 33.03 -40.43 53.95
C MET Q 49 32.33 -40.95 55.19
N VAL Q 50 31.37 -40.22 55.74
CA VAL Q 50 30.74 -40.71 56.96
C VAL Q 50 29.82 -41.89 56.65
N GLU Q 51 29.26 -41.96 55.44
CA GLU Q 51 28.43 -43.12 55.10
C GLU Q 51 29.28 -44.36 54.84
N ASN Q 52 30.44 -44.19 54.20
CA ASN Q 52 31.34 -45.34 54.05
C ASN Q 52 31.90 -45.80 55.40
N GLU Q 53 32.20 -44.86 56.30
CA GLU Q 53 32.72 -45.27 57.60
C GLU Q 53 31.66 -45.98 58.43
N PHE Q 54 30.40 -45.58 58.30
CA PHE Q 54 29.32 -46.32 58.95
C PHE Q 54 29.19 -47.73 58.39
N LYS Q 55 29.21 -47.87 57.05
CA LYS Q 55 29.14 -49.21 56.45
C LYS Q 55 30.26 -50.11 56.94
N GLN Q 56 31.49 -49.58 56.96
CA GLN Q 56 32.65 -50.38 57.34
C GLN Q 56 32.59 -50.78 58.82
N TYR Q 57 32.28 -49.83 59.70
CA TYR Q 57 32.33 -50.16 61.12
C TYR Q 57 31.14 -50.99 61.56
N LEU Q 58 29.98 -50.82 60.90
CA LEU Q 58 28.86 -51.72 61.15
C LEU Q 58 29.19 -53.13 60.70
N ALA Q 59 29.86 -53.28 59.56
CA ALA Q 59 30.26 -54.60 59.09
C ALA Q 59 31.25 -55.25 60.07
N ASN Q 60 32.17 -54.47 60.62
CA ASN Q 60 33.13 -55.02 61.58
C ASN Q 60 32.46 -55.47 62.88
N VAL Q 61 31.53 -54.65 63.39
CA VAL Q 61 30.86 -55.01 64.65
C VAL Q 61 29.95 -56.23 64.45
N ILE Q 62 29.23 -56.28 63.33
CA ILE Q 62 28.37 -57.43 63.05
C ILE Q 62 29.20 -58.70 62.84
N ASP Q 63 30.36 -58.61 62.20
CA ASP Q 63 31.17 -59.81 62.01
C ASP Q 63 31.81 -60.27 63.32
N GLU Q 64 32.15 -59.34 64.21
CA GLU Q 64 32.64 -59.75 65.52
C GLU Q 64 31.52 -60.33 66.38
N ALA Q 65 30.27 -59.96 66.12
CA ALA Q 65 29.16 -60.61 66.80
C ALA Q 65 28.88 -62.00 66.23
N ILE Q 66 29.07 -62.18 64.92
CA ILE Q 66 28.87 -63.49 64.31
C ILE Q 66 29.96 -64.46 64.75
N LYS Q 67 31.20 -63.98 64.95
CA LYS Q 67 32.28 -64.85 65.39
C LYS Q 67 32.08 -65.35 66.82
N SER Q 68 31.19 -64.71 67.59
CA SER Q 68 30.80 -65.22 68.89
C SER Q 68 29.77 -66.33 68.83
N GLY Q 69 29.37 -66.76 67.63
CA GLY Q 69 28.52 -67.93 67.49
C GLY Q 69 27.06 -67.67 67.21
N ALA Q 70 26.67 -66.42 66.94
CA ALA Q 70 25.27 -66.13 66.65
C ALA Q 70 24.93 -66.54 65.22
N SER Q 71 23.65 -66.56 64.93
CA SER Q 71 23.17 -66.91 63.61
C SER Q 71 22.85 -65.67 62.80
N PRO Q 72 23.00 -65.70 61.47
CA PRO Q 72 22.66 -64.54 60.65
C PRO Q 72 21.17 -64.29 60.50
N GLN Q 73 20.31 -65.14 61.06
CA GLN Q 73 18.91 -64.77 61.19
C GLN Q 73 18.64 -63.99 62.47
N ASP Q 74 19.55 -64.02 63.45
CA ASP Q 74 19.30 -63.32 64.70
C ASP Q 74 19.39 -61.81 64.53
N LEU Q 75 20.25 -61.34 63.64
CA LEU Q 75 20.55 -59.92 63.49
C LEU Q 75 20.47 -59.53 62.02
N PRO Q 76 19.28 -59.17 61.53
CA PRO Q 76 19.11 -58.86 60.10
C PRO Q 76 19.89 -57.65 59.61
N TYR Q 77 19.53 -56.45 60.08
CA TYR Q 77 20.11 -55.17 59.73
C TYR Q 77 20.32 -54.99 58.23
N VAL Q 78 19.26 -55.14 57.45
CA VAL Q 78 19.43 -55.34 56.02
C VAL Q 78 19.35 -54.02 55.26
N ASN Q 79 18.16 -53.45 55.21
CA ASN Q 79 17.96 -52.28 54.36
C ASN Q 79 17.45 -51.06 55.12
N GLU Q 80 16.39 -51.22 55.91
CA GLU Q 80 15.78 -50.07 56.56
C GLU Q 80 16.31 -49.83 57.96
N ILE Q 81 16.80 -50.87 58.63
CA ILE Q 81 17.38 -50.65 59.94
C ILE Q 81 18.75 -49.99 59.81
N LYS Q 82 19.50 -50.36 58.76
CA LYS Q 82 20.70 -49.61 58.41
C LYS Q 82 20.37 -48.18 58.04
N LEU Q 83 19.21 -47.96 57.42
CA LEU Q 83 18.81 -46.61 57.08
C LEU Q 83 18.49 -45.80 58.32
N ALA Q 84 17.92 -46.43 59.35
CA ALA Q 84 17.71 -45.78 60.64
C ALA Q 84 19.02 -45.38 61.29
N LEU Q 85 19.99 -46.29 61.30
CA LEU Q 85 21.26 -45.97 61.94
C LEU Q 85 22.05 -44.95 61.12
N MET Q 86 21.82 -44.91 59.82
CA MET Q 86 22.43 -43.84 59.05
C MET Q 86 21.74 -42.50 59.28
N LYS Q 87 20.44 -42.51 59.62
CA LYS Q 87 19.77 -41.27 59.99
C LYS Q 87 20.39 -40.65 61.23
N ILE Q 88 20.62 -41.46 62.28
CA ILE Q 88 21.21 -40.89 63.50
C ILE Q 88 22.66 -40.45 63.25
N PHE Q 89 23.42 -41.20 62.45
CA PHE Q 89 24.79 -40.75 62.23
C PHE Q 89 24.90 -39.55 61.29
N THR Q 90 23.95 -39.37 60.37
CA THR Q 90 23.99 -38.21 59.51
C THR Q 90 23.53 -36.95 60.25
N SER Q 91 22.61 -37.10 61.21
CA SER Q 91 22.29 -35.96 62.07
C SER Q 91 23.47 -35.61 62.98
N TRP Q 92 24.27 -36.62 63.35
CA TRP Q 92 25.50 -36.33 64.07
C TRP Q 92 26.49 -35.56 63.19
N LEU Q 93 26.52 -35.89 61.90
CA LEU Q 93 27.31 -35.10 60.96
C LEU Q 93 26.84 -33.65 60.89
N LYS Q 94 25.52 -33.43 60.92
CA LYS Q 94 25.03 -32.05 60.84
C LYS Q 94 25.39 -31.26 62.09
N TYR Q 95 25.11 -31.80 63.27
CA TYR Q 95 25.35 -31.02 64.48
C TYR Q 95 26.84 -30.93 64.80
N SER Q 96 27.67 -31.79 64.19
CA SER Q 96 29.11 -31.55 64.24
C SER Q 96 29.58 -30.59 63.17
N ASN Q 97 28.80 -30.40 62.12
CA ASN Q 97 29.24 -29.55 61.02
C ASN Q 97 29.08 -28.08 61.38
N GLU Q 98 28.19 -27.79 62.32
CA GLU Q 98 28.19 -26.51 62.99
C GLU Q 98 29.23 -26.54 64.10
N LYS Q 99 29.56 -25.37 64.64
CA LYS Q 99 30.59 -25.31 65.67
C LYS Q 99 29.93 -25.36 67.05
N LEU Q 100 29.20 -26.45 67.27
CA LEU Q 100 28.48 -26.65 68.52
C LEU Q 100 29.37 -27.31 69.56
N GLY Q 101 28.99 -27.16 70.82
CA GLY Q 101 29.68 -27.80 71.91
C GLY Q 101 29.42 -29.30 71.95
N ALA Q 102 30.01 -29.95 72.96
CA ALA Q 102 29.95 -31.41 73.00
C ALA Q 102 28.58 -31.92 73.43
N ASN Q 103 28.04 -31.40 74.54
CA ASN Q 103 26.77 -31.93 75.02
C ASN Q 103 25.59 -31.48 74.17
N GLU Q 104 25.72 -30.36 73.47
CA GLU Q 104 24.65 -29.92 72.58
C GLU Q 104 24.51 -30.87 71.40
N ILE Q 105 25.66 -31.31 70.87
CA ILE Q 105 25.68 -32.41 69.90
C ILE Q 105 25.09 -33.66 70.50
N ALA Q 106 25.43 -33.96 71.77
CA ALA Q 106 24.95 -35.18 72.41
C ALA Q 106 23.43 -35.21 72.54
N ILE Q 107 22.84 -34.10 72.95
CA ILE Q 107 21.40 -34.12 73.15
C ILE Q 107 20.63 -33.94 71.85
N ASN Q 108 21.19 -33.27 70.83
CA ASN Q 108 20.48 -33.25 69.55
C ASN Q 108 20.52 -34.62 68.86
N VAL Q 109 21.65 -35.33 68.96
CA VAL Q 109 21.70 -36.68 68.41
C VAL Q 109 20.82 -37.63 69.22
N ALA Q 110 20.69 -37.38 70.53
CA ALA Q 110 19.78 -38.18 71.34
C ALA Q 110 18.32 -37.95 70.95
N GLY Q 111 17.96 -36.70 70.60
CA GLY Q 111 16.62 -36.45 70.13
C GLY Q 111 16.33 -37.09 68.79
N THR Q 112 17.28 -37.04 67.87
CA THR Q 112 17.10 -37.72 66.58
C THR Q 112 17.05 -39.23 66.75
N ALA Q 113 17.82 -39.76 67.71
CA ALA Q 113 17.74 -41.17 68.07
C ALA Q 113 16.37 -41.54 68.62
N THR Q 114 15.78 -40.66 69.43
CA THR Q 114 14.44 -40.91 69.97
C THR Q 114 13.41 -41.01 68.85
N MET Q 115 13.43 -40.03 67.94
CA MET Q 115 12.48 -40.03 66.82
C MET Q 115 12.67 -41.24 65.91
N THR Q 116 13.92 -41.54 65.55
CA THR Q 116 14.19 -42.61 64.59
C THR Q 116 13.90 -43.98 65.20
N LEU Q 117 14.40 -44.25 66.40
CA LEU Q 117 14.13 -45.54 67.03
C LEU Q 117 12.71 -45.65 67.58
N THR Q 118 11.96 -44.55 67.61
CA THR Q 118 10.53 -44.66 67.84
C THR Q 118 9.84 -45.16 66.58
N GLU Q 119 10.16 -44.55 65.43
CA GLU Q 119 9.38 -44.81 64.22
C GLU Q 119 9.56 -46.23 63.70
N ASN Q 120 10.78 -46.62 63.33
CA ASN Q 120 10.96 -47.78 62.45
C ASN Q 120 11.60 -48.97 63.18
N LEU Q 121 11.18 -49.24 64.41
CA LEU Q 121 11.46 -50.57 64.93
C LEU Q 121 10.28 -51.17 65.70
N TYR Q 122 9.07 -50.73 65.36
CA TYR Q 122 7.87 -51.39 65.82
C TYR Q 122 7.40 -52.36 64.74
N GLY Q 123 7.31 -53.63 65.09
CA GLY Q 123 6.87 -54.63 64.15
C GLY Q 123 7.96 -55.28 63.34
N THR Q 124 9.22 -55.14 63.74
CA THR Q 124 10.29 -55.76 62.95
C THR Q 124 11.38 -56.44 63.78
N ARG Q 125 11.02 -57.26 64.77
CA ARG Q 125 11.84 -58.35 65.28
C ARG Q 125 13.06 -57.88 66.09
N VAL Q 126 13.33 -56.57 66.12
CA VAL Q 126 14.53 -56.03 66.75
C VAL Q 126 14.08 -55.12 67.89
N SER Q 127 14.40 -55.49 69.11
CA SER Q 127 14.10 -54.68 70.28
C SER Q 127 14.97 -53.44 70.30
N CYS Q 128 14.55 -52.44 71.08
CA CYS Q 128 15.28 -51.18 71.08
C CYS Q 128 16.60 -51.27 71.84
N GLU Q 129 16.66 -52.15 72.85
CA GLU Q 129 17.86 -52.26 73.67
C GLU Q 129 19.04 -52.80 72.86
N GLU Q 130 18.77 -53.72 71.95
CA GLU Q 130 19.82 -54.26 71.09
C GLU Q 130 20.32 -53.21 70.10
N ALA Q 131 19.40 -52.38 69.58
CA ALA Q 131 19.79 -51.32 68.67
C ALA Q 131 20.63 -50.25 69.37
N VAL Q 132 20.29 -49.94 70.62
CA VAL Q 132 21.05 -48.93 71.35
C VAL Q 132 22.40 -49.47 71.79
N SER Q 133 22.48 -50.77 72.09
CA SER Q 133 23.77 -51.41 72.31
C SER Q 133 24.63 -51.38 71.04
N LEU Q 134 24.00 -51.54 69.88
CA LEU Q 134 24.75 -51.47 68.62
C LEU Q 134 25.26 -50.05 68.35
N ILE Q 135 24.44 -49.04 68.63
CA ILE Q 135 24.85 -47.64 68.45
C ILE Q 135 26.00 -47.30 69.39
N ASN Q 136 25.91 -47.76 70.65
CA ASN Q 136 26.99 -47.54 71.60
C ASN Q 136 28.26 -48.26 71.19
N SER Q 137 28.14 -49.43 70.55
CA SER Q 137 29.33 -50.10 70.04
C SER Q 137 29.96 -49.34 68.87
N ILE Q 138 29.14 -48.75 68.00
CA ILE Q 138 29.71 -48.00 66.87
C ILE Q 138 30.39 -46.72 67.37
N PHE Q 139 29.80 -46.04 68.36
CA PHE Q 139 30.48 -44.88 68.93
C PHE Q 139 31.70 -45.29 69.76
N ALA Q 140 31.74 -46.51 70.28
CA ALA Q 140 32.97 -46.97 70.91
C ALA Q 140 34.06 -47.22 69.88
N VAL Q 141 33.68 -47.60 68.66
CA VAL Q 141 34.67 -47.77 67.60
C VAL Q 141 35.18 -46.42 67.10
N TRP Q 142 34.27 -45.46 66.85
CA TRP Q 142 34.65 -44.15 66.33
C TRP Q 142 35.46 -43.33 67.34
N VAL Q 143 34.86 -42.95 68.46
CA VAL Q 143 35.49 -41.98 69.34
C VAL Q 143 35.67 -42.53 70.74
N GLY Q 144 35.07 -43.69 71.01
CA GLY Q 144 35.24 -44.35 72.29
C GLY Q 144 34.59 -43.63 73.45
N VAL Q 145 33.26 -43.52 73.40
CA VAL Q 145 32.49 -42.79 74.40
C VAL Q 145 31.41 -43.65 75.02
N GLU Q 146 30.58 -44.29 74.17
CA GLU Q 146 29.33 -44.98 74.50
C GLU Q 146 28.39 -44.08 75.29
N PRO Q 147 27.77 -43.07 74.66
CA PRO Q 147 27.07 -42.04 75.41
C PRO Q 147 25.62 -42.32 75.79
N PHE Q 148 24.89 -43.19 75.09
CA PHE Q 148 23.44 -43.20 75.18
C PHE Q 148 22.95 -44.31 76.08
N GLU Q 149 22.05 -43.96 77.00
CA GLU Q 149 21.26 -44.89 77.79
C GLU Q 149 19.81 -44.82 77.31
N ALA Q 150 19.17 -45.97 77.20
CA ALA Q 150 17.83 -46.00 76.61
C ALA Q 150 16.85 -46.69 77.54
N GLU Q 151 15.58 -46.65 77.13
CA GLU Q 151 14.50 -47.31 77.83
C GLU Q 151 13.35 -47.51 76.88
N GLU Q 152 12.59 -48.58 77.11
CA GLU Q 152 11.36 -48.86 76.40
C GLU Q 152 10.18 -48.59 77.32
N ARG Q 153 10.29 -47.51 78.09
CA ARG Q 153 9.45 -47.27 79.26
C ARG Q 153 7.98 -47.08 78.87
N GLU Q 154 7.73 -46.51 77.71
CA GLU Q 154 6.39 -46.38 77.18
C GLU Q 154 6.34 -47.17 75.87
N GLY Q 155 5.27 -46.98 75.10
CA GLY Q 155 5.11 -47.68 73.83
C GLY Q 155 6.17 -47.35 72.80
N ALA Q 156 6.83 -46.21 72.92
CA ALA Q 156 7.95 -45.82 72.08
C ALA Q 156 9.25 -46.08 72.81
N CYS Q 157 10.36 -45.97 72.10
CA CYS Q 157 11.67 -46.07 72.72
C CYS Q 157 12.26 -44.68 72.93
N LEU Q 158 12.88 -44.46 74.08
CA LEU Q 158 13.38 -43.15 74.46
C LEU Q 158 14.87 -43.22 74.76
N VAL Q 159 15.63 -42.33 74.13
CA VAL Q 159 17.09 -42.30 74.24
C VAL Q 159 17.48 -41.01 74.95
N THR Q 160 18.30 -41.13 75.98
CA THR Q 160 18.84 -40.00 76.72
C THR Q 160 20.35 -40.15 76.87
N PRO Q 161 21.09 -39.06 76.85
CA PRO Q 161 22.55 -39.17 76.91
C PRO Q 161 23.08 -39.24 78.35
N ARG Q 162 24.25 -39.87 78.48
CA ARG Q 162 24.94 -39.96 79.74
C ARG Q 162 26.21 -39.12 79.80
N SER Q 163 26.80 -38.80 78.65
CA SER Q 163 28.10 -38.16 78.62
C SER Q 163 28.16 -37.31 77.36
N PRO Q 164 28.98 -36.25 77.34
CA PRO Q 164 29.09 -35.43 76.13
C PRO Q 164 29.73 -36.18 74.97
N LEU Q 165 29.40 -35.73 73.76
CA LEU Q 165 29.80 -36.43 72.54
C LEU Q 165 30.72 -35.55 71.72
N PRO Q 166 31.86 -36.05 71.27
CA PRO Q 166 32.75 -35.25 70.43
C PRO Q 166 32.20 -35.11 69.02
N PRO Q 167 32.63 -34.10 68.28
CA PRO Q 167 32.21 -33.97 66.87
C PRO Q 167 32.91 -34.99 65.99
N VAL Q 168 32.52 -34.99 64.72
CA VAL Q 168 32.99 -35.98 63.75
C VAL Q 168 34.45 -35.72 63.42
N PRO Q 169 35.32 -36.74 63.38
CA PRO Q 169 36.73 -36.58 62.99
C PRO Q 169 36.98 -36.38 61.50
N ILE Q 170 36.21 -35.50 60.86
CA ILE Q 170 36.32 -35.21 59.44
C ILE Q 170 36.19 -33.70 59.28
N SER Q 171 37.16 -33.09 58.60
CA SER Q 171 37.17 -31.65 58.36
C SER Q 171 36.69 -31.38 56.93
N SER Q 172 35.76 -30.45 56.79
CA SER Q 172 35.26 -30.05 55.48
C SER Q 172 36.10 -28.91 54.94
N PRO Q 173 36.90 -29.12 53.89
CA PRO Q 173 37.89 -28.13 53.50
C PRO Q 173 37.30 -27.06 52.58
N THR Q 174 37.93 -25.90 52.61
CA THR Q 174 37.59 -24.77 51.73
C THR Q 174 38.47 -24.72 50.48
N GLY Q 175 38.56 -25.83 49.76
CA GLY Q 175 39.43 -25.91 48.62
C GLY Q 175 38.84 -25.30 47.37
N PHE Q 176 39.63 -25.37 46.29
CA PHE Q 176 39.20 -24.86 44.99
C PHE Q 176 39.65 -25.77 43.86
N SER Q 177 39.49 -27.09 44.06
CA SER Q 177 40.21 -28.15 43.34
C SER Q 177 40.12 -28.03 41.82
N ALA Q 178 41.29 -28.04 41.18
CA ALA Q 178 41.49 -27.83 39.76
C ALA Q 178 41.84 -29.14 39.07
N PRO Q 179 41.47 -29.31 37.79
CA PRO Q 179 41.77 -30.56 37.11
C PRO Q 179 43.24 -30.70 36.79
N ILE Q 180 43.66 -31.95 36.54
CA ILE Q 180 45.05 -32.21 36.20
C ILE Q 180 45.37 -31.73 34.79
N GLN Q 181 44.37 -31.64 33.91
CA GLN Q 181 44.62 -31.09 32.58
C GLN Q 181 44.89 -29.59 32.65
N GLU Q 182 44.22 -28.89 33.58
CA GLU Q 182 44.49 -27.47 33.77
C GLU Q 182 45.87 -27.24 34.37
N VAL Q 183 46.35 -28.19 35.18
CA VAL Q 183 47.71 -28.10 35.70
C VAL Q 183 48.74 -28.33 34.61
N LEU Q 184 48.54 -29.35 33.77
CA LEU Q 184 49.56 -29.68 32.79
C LEU Q 184 49.56 -28.74 31.59
N GLN Q 185 48.40 -28.29 31.14
CA GLN Q 185 48.36 -27.44 29.95
C GLN Q 185 48.74 -26.00 30.24
N ALA Q 186 48.84 -25.61 31.51
CA ALA Q 186 49.15 -24.23 31.85
C ALA Q 186 50.63 -23.94 31.68
N LYS Q 187 50.96 -22.65 31.63
CA LYS Q 187 52.34 -22.21 31.48
C LYS Q 187 52.91 -21.57 32.73
N SER Q 188 52.06 -21.20 33.69
CA SER Q 188 52.50 -20.48 34.87
C SER Q 188 51.56 -20.83 36.01
N PRO Q 189 52.00 -20.68 37.27
CA PRO Q 189 51.07 -20.83 38.39
C PRO Q 189 49.94 -19.80 38.42
N GLU Q 190 50.22 -18.56 38.02
CA GLU Q 190 49.20 -17.53 38.03
C GLU Q 190 48.15 -17.75 36.95
N GLU Q 191 48.45 -18.55 35.93
CA GLU Q 191 47.42 -18.93 34.97
C GLU Q 191 46.46 -19.94 35.59
N ILE Q 192 46.94 -20.75 36.54
CA ILE Q 192 46.05 -21.65 37.25
C ILE Q 192 45.18 -20.89 38.23
N ILE Q 193 45.76 -19.93 38.95
CA ILE Q 193 44.95 -19.10 39.85
C ILE Q 193 44.07 -18.14 39.05
N GLY Q 194 44.70 -17.26 38.28
CA GLY Q 194 43.98 -16.20 37.58
C GLY Q 194 43.23 -16.68 36.36
CA MET R 1 -30.60 -9.20 51.40
C MET R 1 -31.95 -8.63 51.82
N ALA R 2 -32.37 -8.97 53.04
CA ALA R 2 -33.69 -8.61 53.53
C ALA R 2 -33.75 -7.12 53.84
N ARG R 3 -34.96 -6.64 54.16
CA ARG R 3 -35.20 -5.22 54.37
C ARG R 3 -34.50 -4.69 55.62
N LYS R 4 -34.25 -5.56 56.60
CA LYS R 4 -33.37 -5.32 57.75
C LYS R 4 -33.82 -4.14 58.62
N ARG R 5 -35.09 -3.76 58.55
CA ARG R 5 -35.61 -2.68 59.35
C ARG R 5 -36.64 -3.19 60.35
N THR R 6 -37.67 -3.88 59.87
CA THR R 6 -38.68 -4.44 60.74
C THR R 6 -39.20 -5.71 60.09
N SER R 7 -39.90 -6.51 60.87
CA SER R 7 -40.54 -7.70 60.34
C SER R 7 -41.64 -7.32 59.35
N LYS R 8 -42.69 -6.67 59.83
CA LYS R 8 -43.88 -6.28 59.06
C LYS R 8 -44.50 -7.48 58.36
N ASN R 9 -45.07 -8.36 59.18
CA ASN R 9 -45.60 -9.63 58.70
C ASN R 9 -46.82 -9.42 57.80
N ASP R 10 -46.61 -9.57 56.50
CA ASP R 10 -47.63 -9.34 55.49
C ASP R 10 -47.24 -10.13 54.24
N PRO R 11 -48.03 -11.13 53.85
CA PRO R 11 -47.59 -12.00 52.73
C PRO R 11 -47.69 -11.32 51.36
N LEU R 12 -48.58 -10.36 51.21
CA LEU R 12 -48.77 -9.74 49.91
C LEU R 12 -47.59 -8.85 49.55
N ARG R 13 -46.98 -8.21 50.55
CA ARG R 13 -45.74 -7.47 50.32
C ARG R 13 -44.60 -8.40 49.92
N MET R 14 -44.59 -9.62 50.47
CA MET R 14 -43.56 -10.59 50.12
C MET R 14 -43.65 -10.97 48.65
N TYR R 15 -44.84 -11.37 48.21
CA TYR R 15 -45.01 -11.76 46.82
C TYR R 15 -44.81 -10.59 45.87
N LEU R 16 -45.20 -9.39 46.29
CA LEU R 16 -45.05 -8.25 45.40
C LEU R 16 -43.61 -7.79 45.27
N ASN R 17 -42.81 -7.89 46.33
CA ASN R 17 -41.39 -7.57 46.18
C ASN R 17 -40.67 -8.63 45.36
N TYR R 18 -41.12 -9.89 45.45
CA TYR R 18 -40.54 -10.94 44.60
C TYR R 18 -40.82 -10.67 43.13
N VAL R 19 -42.07 -10.31 42.81
CA VAL R 19 -42.45 -9.99 41.43
C VAL R 19 -41.72 -8.75 40.94
N ARG R 20 -41.45 -7.80 41.84
CA ARG R 20 -40.70 -6.61 41.44
C ARG R 20 -39.25 -6.94 41.10
N LYS R 21 -38.61 -7.85 41.86
CA LYS R 21 -37.20 -8.09 41.63
C LYS R 21 -36.90 -9.27 40.71
N LEU R 22 -37.93 -9.92 40.16
CA LEU R 22 -37.69 -10.89 39.09
C LEU R 22 -37.13 -10.27 37.81
N GLN R 23 -37.20 -8.96 37.64
CA GLN R 23 -36.58 -8.36 36.46
C GLN R 23 -35.13 -7.96 36.68
N THR R 24 -34.51 -8.41 37.78
CA THR R 24 -33.11 -8.15 38.08
C THR R 24 -32.39 -9.43 38.50
N MET R 25 -33.11 -10.41 39.05
CA MET R 25 -32.53 -11.71 39.37
C MET R 25 -31.90 -12.39 38.15
N GLY R 26 -32.55 -12.27 36.99
CA GLY R 26 -32.09 -12.93 35.78
C GLY R 26 -30.78 -12.40 35.23
N ASP R 27 -30.36 -11.21 35.65
CA ASP R 27 -29.05 -10.68 35.30
C ASP R 27 -28.03 -10.82 36.43
N ALA R 28 -28.50 -10.78 37.68
CA ALA R 28 -27.59 -10.99 38.79
C ALA R 28 -27.03 -12.40 38.82
N TYR R 29 -27.79 -13.37 38.30
CA TYR R 29 -27.28 -14.74 38.22
C TYR R 29 -26.14 -14.85 37.21
N ASP R 30 -26.32 -14.25 36.04
CA ASP R 30 -25.29 -14.18 35.00
C ASP R 30 -24.05 -13.46 35.49
N GLU R 31 -24.22 -12.44 36.32
CA GLU R 31 -23.05 -11.79 36.90
C GLU R 31 -22.39 -12.65 37.96
N SER R 32 -23.18 -13.44 38.70
CA SER R 32 -22.65 -14.20 39.83
C SER R 32 -21.86 -15.42 39.41
N ALA R 33 -22.05 -15.90 38.18
CA ALA R 33 -21.29 -17.02 37.61
C ALA R 33 -19.79 -17.03 37.84
N LYS R 34 -19.17 -15.84 37.75
CA LYS R 34 -17.71 -15.73 37.67
C LYS R 34 -17.02 -16.10 38.98
N TYR R 35 -17.69 -15.96 40.12
CA TYR R 35 -17.17 -16.47 41.38
C TYR R 35 -17.89 -17.71 41.86
N ARG R 36 -19.12 -17.94 41.38
CA ARG R 36 -19.85 -19.18 41.62
C ARG R 36 -19.03 -20.39 41.25
N ILE R 37 -18.41 -20.35 40.06
CA ILE R 37 -17.72 -21.54 39.54
C ILE R 37 -16.49 -21.89 40.36
N ALA R 38 -15.70 -20.88 40.74
CA ALA R 38 -14.49 -21.15 41.53
C ALA R 38 -14.81 -21.57 42.96
N ASN R 39 -15.87 -21.01 43.55
CA ASN R 39 -16.22 -21.43 44.90
C ASN R 39 -16.76 -22.85 44.92
N PHE R 40 -17.48 -23.27 43.87
CA PHE R 40 -17.87 -24.68 43.82
C PHE R 40 -16.66 -25.58 43.56
N GLU R 41 -15.74 -25.11 42.70
CA GLU R 41 -14.48 -25.80 42.39
C GLU R 41 -13.75 -26.20 43.66
N ASN R 42 -13.60 -25.27 44.60
CA ASN R 42 -12.94 -25.67 45.84
C ASN R 42 -13.88 -25.92 47.00
N GLY R 43 -15.18 -26.08 46.75
CA GLY R 43 -16.06 -26.52 47.82
C GLY R 43 -16.61 -27.92 47.70
N PHE R 44 -16.64 -28.48 46.49
CA PHE R 44 -17.20 -29.82 46.32
C PHE R 44 -16.26 -30.91 46.80
N LYS R 45 -14.97 -30.61 46.91
CA LYS R 45 -13.98 -31.62 47.30
C LYS R 45 -14.21 -32.10 48.72
N SER R 46 -14.72 -31.24 49.60
CA SER R 46 -14.96 -31.64 50.98
C SER R 46 -16.08 -32.67 51.07
N LEU R 47 -17.17 -32.45 50.32
CA LEU R 47 -18.24 -33.45 50.24
C LEU R 47 -17.76 -34.76 49.70
N HIS R 48 -16.99 -34.71 48.60
CA HIS R 48 -16.63 -35.98 47.98
C HIS R 48 -15.61 -36.75 48.83
N MET R 49 -14.74 -36.03 49.55
CA MET R 49 -13.81 -36.68 50.44
C MET R 49 -14.51 -37.27 51.65
N VAL R 50 -15.49 -36.55 52.22
CA VAL R 50 -16.13 -37.10 53.42
C VAL R 50 -17.05 -38.27 53.06
N GLU R 51 -17.60 -38.29 51.84
CA GLU R 51 -18.42 -39.43 51.45
C GLU R 51 -17.57 -40.65 51.13
N ASN R 52 -16.39 -40.46 50.51
CA ASN R 52 -15.50 -41.60 50.32
C ASN R 52 -14.95 -42.11 51.63
N GLU R 53 -14.66 -41.21 52.58
CA GLU R 53 -14.15 -41.67 53.87
C GLU R 53 -15.20 -42.43 54.66
N PHE R 54 -16.47 -42.02 54.55
CA PHE R 54 -17.54 -42.80 55.14
C PHE R 54 -17.67 -44.18 54.52
N LYS R 55 -17.64 -44.27 53.18
CA LYS R 55 -17.71 -45.57 52.52
C LYS R 55 -16.59 -46.49 52.98
N GLN R 56 -15.36 -45.96 53.03
CA GLN R 56 -14.20 -46.78 53.39
C GLN R 56 -14.26 -47.25 54.85
N TYR R 57 -14.59 -46.33 55.77
CA TYR R 57 -14.55 -46.73 57.16
C TYR R 57 -15.74 -47.57 57.56
N LEU R 58 -16.90 -47.38 56.91
CA LEU R 58 -18.01 -48.29 57.11
C LEU R 58 -17.68 -49.68 56.60
N ALA R 59 -17.00 -49.77 55.45
CA ALA R 59 -16.60 -51.07 54.94
C ALA R 59 -15.62 -51.77 55.88
N ASN R 60 -14.70 -51.01 56.48
CA ASN R 60 -13.74 -51.61 57.41
C ASN R 60 -14.42 -52.11 58.68
N VAL R 61 -15.35 -51.32 59.23
CA VAL R 61 -16.04 -51.73 60.47
C VAL R 61 -16.94 -52.93 60.22
N ILE R 62 -17.66 -52.94 59.08
CA ILE R 62 -18.51 -54.07 58.74
C ILE R 62 -17.68 -55.34 58.48
N ASP R 63 -16.51 -55.22 57.86
CA ASP R 63 -15.69 -56.41 57.63
C ASP R 63 -15.07 -56.92 58.91
N GLU R 64 -14.73 -56.02 59.84
CA GLU R 64 -14.25 -56.49 61.14
C GLU R 64 -15.37 -57.12 61.97
N ALA R 65 -16.62 -56.74 61.72
CA ALA R 65 -17.73 -57.42 62.37
C ALA R 65 -18.02 -58.78 61.73
N ILE R 66 -17.81 -58.90 60.41
CA ILE R 66 -17.99 -60.19 59.74
C ILE R 66 -16.91 -61.18 60.15
N LYS R 67 -15.68 -60.70 60.37
CA LYS R 67 -14.60 -61.58 60.79
C LYS R 67 -14.81 -62.15 62.19
N SER R 68 -15.71 -61.56 62.97
CA SER R 68 -16.10 -62.12 64.26
C SER R 68 -17.13 -63.23 64.14
N GLY R 69 -17.53 -63.60 62.93
CA GLY R 69 -18.37 -64.76 62.72
C GLY R 69 -19.83 -64.49 62.45
N ALA R 70 -20.22 -63.23 62.23
CA ALA R 70 -21.62 -62.94 61.94
C ALA R 70 -21.95 -63.28 60.49
N SER R 71 -23.23 -63.28 60.19
CA SER R 71 -23.70 -63.59 58.86
C SER R 71 -24.01 -62.30 58.10
N PRO R 72 -23.84 -62.29 56.77
CA PRO R 72 -24.19 -61.07 56.00
C PRO R 72 -25.68 -60.83 55.86
N GLN R 73 -26.55 -61.70 56.37
CA GLN R 73 -27.94 -61.33 56.51
C GLN R 73 -28.23 -60.62 57.82
N ASP R 74 -27.32 -60.69 58.80
CA ASP R 74 -27.58 -60.04 60.09
C ASP R 74 -27.50 -58.53 59.98
N LEU R 75 -26.63 -58.01 59.12
CA LEU R 75 -26.33 -56.60 59.02
C LEU R 75 -26.40 -56.14 57.57
N PRO R 76 -27.58 -55.76 57.09
CA PRO R 76 -27.75 -55.39 55.68
C PRO R 76 -26.97 -54.15 55.24
N TYR R 77 -27.33 -52.99 55.77
CA TYR R 77 -26.75 -51.68 55.48
C TYR R 77 -26.54 -51.44 54.00
N VAL R 78 -27.59 -51.56 53.20
CA VAL R 78 -27.40 -51.69 51.76
C VAL R 78 -27.48 -50.34 51.07
N ASN R 79 -28.68 -49.76 51.02
CA ASN R 79 -28.86 -48.56 50.23
C ASN R 79 -29.39 -47.38 51.04
N GLU R 80 -30.45 -47.58 51.81
CA GLU R 80 -31.06 -46.45 52.51
C GLU R 80 -30.54 -46.27 53.92
N ILE R 81 -30.06 -47.34 54.54
CA ILE R 81 -29.48 -47.19 55.88
C ILE R 81 -28.12 -46.52 55.78
N LYS R 82 -27.35 -46.84 54.73
CA LYS R 82 -26.16 -46.07 54.42
C LYS R 82 -26.49 -44.62 54.10
N LEU R 83 -27.65 -44.38 53.48
CA LEU R 83 -28.05 -43.02 53.19
C LEU R 83 -28.38 -42.25 54.47
N ALA R 84 -28.95 -42.95 55.47
CA ALA R 84 -29.18 -42.35 56.79
C ALA R 84 -27.86 -41.97 57.47
N LEU R 85 -26.90 -42.89 57.44
CA LEU R 85 -25.63 -42.59 58.10
C LEU R 85 -24.84 -41.53 57.34
N MET R 86 -25.05 -41.43 56.04
CA MET R 86 -24.44 -40.33 55.30
C MET R 86 -25.14 -39.01 55.61
N LYS R 87 -26.44 -39.03 55.93
CA LYS R 87 -27.11 -37.81 56.35
C LYS R 87 -26.49 -37.24 57.62
N ILE R 88 -26.28 -38.10 58.63
CA ILE R 88 -25.70 -37.59 59.88
C ILE R 88 -24.25 -37.13 59.67
N PHE R 89 -23.48 -37.84 58.83
CA PHE R 89 -22.11 -37.38 58.64
C PHE R 89 -21.99 -36.14 57.76
N THR R 90 -22.94 -35.93 56.85
CA THR R 90 -22.90 -34.72 56.03
C THR R 90 -23.36 -33.50 56.83
N SER R 91 -24.29 -33.69 57.77
CA SER R 91 -24.61 -32.61 58.68
C SER R 91 -23.45 -32.29 59.61
N TRP R 92 -22.64 -33.30 59.94
CA TRP R 92 -21.41 -33.05 60.68
C TRP R 92 -20.42 -32.24 59.85
N LEU R 93 -20.38 -32.50 58.54
CA LEU R 93 -19.59 -31.67 57.63
C LEU R 93 -20.05 -30.23 57.64
N LYS R 94 -21.38 -30.01 57.66
CA LYS R 94 -21.88 -28.63 57.65
C LYS R 94 -21.53 -27.89 58.93
N TYR R 95 -21.81 -28.49 60.08
CA TYR R 95 -21.56 -27.76 61.32
C TYR R 95 -20.09 -27.69 61.66
N SER R 96 -19.25 -28.50 61.01
CA SER R 96 -17.81 -28.28 61.09
C SER R 96 -17.33 -27.27 60.07
N ASN R 97 -18.11 -27.03 59.02
CA ASN R 97 -17.66 -26.13 57.96
C ASN R 97 -17.83 -24.68 58.38
N GLU R 98 -18.73 -24.43 59.32
CA GLU R 98 -18.74 -23.19 60.05
C GLU R 98 -17.71 -23.26 61.16
N LYS R 99 -17.38 -22.12 61.76
CA LYS R 99 -16.36 -22.10 62.80
C LYS R 99 -17.01 -22.22 64.17
N LEU R 100 -17.75 -23.31 64.35
CA LEU R 100 -18.49 -23.57 65.58
C LEU R 100 -17.60 -24.28 66.59
N GLY R 101 -17.99 -24.17 67.86
CA GLY R 101 -17.30 -24.87 68.92
C GLY R 101 -17.55 -26.36 68.89
N ALA R 102 -16.97 -27.06 69.87
CA ALA R 102 -17.03 -28.52 69.85
C ALA R 102 -18.40 -29.05 70.25
N ASN R 103 -18.95 -28.58 71.37
CA ASN R 103 -20.22 -29.14 71.82
C ASN R 103 -21.39 -28.65 70.99
N GLU R 104 -21.27 -27.49 70.34
CA GLU R 104 -22.33 -27.02 69.47
C GLU R 104 -22.45 -27.92 68.24
N ILE R 105 -21.31 -28.33 67.70
CA ILE R 105 -21.27 -29.39 66.68
C ILE R 105 -21.88 -30.67 67.22
N ALA R 106 -21.54 -31.02 68.47
CA ALA R 106 -22.02 -32.27 69.06
C ALA R 106 -23.54 -32.30 69.17
N ILE R 107 -24.14 -31.21 69.64
CA ILE R 107 -25.58 -31.24 69.83
C ILE R 107 -26.35 -31.01 68.53
N ASN R 108 -25.78 -30.30 67.55
CA ASN R 108 -26.47 -30.22 66.26
C ASN R 108 -26.43 -31.55 65.51
N VAL R 109 -25.30 -32.26 65.58
CA VAL R 109 -25.24 -33.59 64.98
C VAL R 109 -26.11 -34.57 65.75
N ALA R 110 -26.27 -34.38 67.06
CA ALA R 110 -27.18 -35.22 67.83
C ALA R 110 -28.64 -34.98 67.44
N GLY R 111 -28.99 -33.72 67.15
CA GLY R 111 -30.34 -33.45 66.67
C GLY R 111 -30.62 -34.04 65.30
N THR R 112 -29.66 -33.93 64.39
CA THR R 112 -29.83 -34.55 63.07
C THR R 112 -29.88 -36.08 63.18
N ALA R 113 -29.11 -36.65 64.13
CA ALA R 113 -29.19 -38.07 64.42
C ALA R 113 -30.57 -38.46 64.93
N THR R 114 -31.17 -37.63 65.79
CA THR R 114 -32.50 -37.89 66.31
C THR R 114 -33.53 -37.94 65.18
N MET R 115 -33.50 -36.93 64.31
CA MET R 115 -34.45 -36.89 63.18
C MET R 115 -34.25 -38.05 62.22
N THR R 116 -33.00 -38.33 61.86
CA THR R 116 -32.72 -39.35 60.86
C THR R 116 -33.00 -40.76 61.40
N LEU R 117 -32.52 -41.08 62.59
CA LEU R 117 -32.79 -42.39 63.16
C LEU R 117 -34.21 -42.52 63.69
N THR R 118 -34.97 -41.43 63.77
CA THR R 118 -36.40 -41.56 63.98
C THR R 118 -37.08 -42.00 62.70
N GLU R 119 -36.75 -41.34 61.59
CA GLU R 119 -37.51 -41.54 60.36
C GLU R 119 -37.34 -42.94 59.78
N ASN R 120 -36.12 -43.31 59.39
CA ASN R 120 -35.93 -44.43 58.47
C ASN R 120 -35.30 -45.66 59.15
N LEU R 121 -35.72 -45.98 60.36
CA LEU R 121 -35.43 -47.33 60.83
C LEU R 121 -36.62 -47.96 61.55
N TYR R 122 -37.82 -47.51 61.22
CA TYR R 122 -39.04 -48.19 61.65
C TYR R 122 -39.50 -49.10 60.53
N GLY R 123 -39.58 -50.40 60.81
CA GLY R 123 -40.01 -51.36 59.83
C GLY R 123 -38.92 -51.97 59.00
N THR R 124 -37.65 -51.85 59.42
CA THR R 124 -36.59 -52.43 58.61
C THR R 124 -35.51 -53.14 59.41
N ARG R 125 -35.87 -54.00 60.37
CA ARG R 125 -35.04 -55.13 60.83
C ARG R 125 -33.83 -54.68 61.67
N VAL R 126 -33.56 -53.38 61.76
CA VAL R 126 -32.38 -52.86 62.43
C VAL R 126 -32.84 -52.00 63.59
N SER R 127 -32.51 -52.43 64.81
CA SER R 127 -32.83 -51.66 66.00
C SER R 127 -31.95 -50.43 66.08
N CYS R 128 -32.38 -49.46 66.90
CA CYS R 128 -31.66 -48.20 66.96
C CYS R 128 -30.35 -48.33 67.72
N GLU R 129 -30.29 -49.25 68.70
CA GLU R 129 -29.09 -49.39 69.52
C GLU R 129 -27.90 -49.90 68.70
N GLU R 130 -28.17 -50.78 67.74
CA GLU R 130 -27.11 -51.27 66.87
C GLU R 130 -26.61 -50.18 65.93
N ALA R 131 -27.52 -49.33 65.45
CA ALA R 131 -27.14 -48.23 64.58
C ALA R 131 -26.30 -47.20 65.33
N VAL R 132 -26.64 -46.94 66.59
CA VAL R 132 -25.90 -45.96 67.36
C VAL R 132 -24.55 -46.53 67.79
N SER R 133 -24.47 -47.84 68.03
CA SER R 133 -23.17 -48.47 68.24
C SER R 133 -22.31 -48.39 66.98
N LEU R 134 -22.93 -48.50 65.80
CA LEU R 134 -22.17 -48.37 64.56
C LEU R 134 -21.66 -46.94 64.35
N ILE R 135 -22.48 -45.94 64.67
CA ILE R 135 -22.07 -44.54 64.55
C ILE R 135 -20.93 -44.24 65.52
N ASN R 136 -21.03 -44.75 66.75
CA ASN R 136 -19.96 -44.57 67.72
C ASN R 136 -18.68 -45.28 67.28
N SER R 137 -18.79 -46.42 66.59
CA SER R 137 -17.61 -47.07 66.06
C SER R 137 -16.97 -46.25 64.94
N ILE R 138 -17.78 -45.62 64.08
CA ILE R 138 -17.21 -44.83 62.99
C ILE R 138 -16.54 -43.57 63.54
N PHE R 139 -17.13 -42.94 64.56
CA PHE R 139 -16.44 -41.80 65.19
C PHE R 139 -15.24 -42.24 66.01
N ALA R 140 -15.20 -43.49 66.47
CA ALA R 140 -13.98 -43.98 67.09
C ALA R 140 -12.88 -44.17 66.06
N VAL R 141 -13.24 -44.50 64.82
CA VAL R 141 -12.26 -44.62 63.76
C VAL R 141 -11.73 -43.25 63.33
N TRP R 142 -12.65 -42.29 63.11
CA TRP R 142 -12.27 -40.94 62.66
C TRP R 142 -11.46 -40.17 63.70
N VAL R 143 -12.08 -39.84 64.83
CA VAL R 143 -11.46 -38.90 65.76
C VAL R 143 -11.29 -39.53 67.14
N GLY R 144 -11.89 -40.69 67.35
CA GLY R 144 -11.71 -41.41 68.60
C GLY R 144 -12.38 -40.75 69.78
N VAL R 145 -13.70 -40.63 69.74
CA VAL R 145 -14.47 -39.95 70.76
C VAL R 145 -15.57 -40.84 71.33
N GLU R 146 -16.39 -41.44 70.46
CA GLU R 146 -17.64 -42.15 70.74
C GLU R 146 -18.58 -41.27 71.56
N PRO R 147 -19.20 -40.25 70.97
CA PRO R 147 -19.92 -39.25 71.78
C PRO R 147 -21.36 -39.55 72.13
N PHE R 148 -22.08 -40.38 71.39
CA PHE R 148 -23.54 -40.40 71.47
C PHE R 148 -24.04 -41.56 72.31
N GLU R 149 -24.93 -41.25 73.24
CA GLU R 149 -25.73 -42.21 73.99
C GLU R 149 -27.17 -42.11 73.50
N ALA R 150 -27.81 -43.27 73.33
CA ALA R 150 -29.15 -43.28 72.74
C ALA R 150 -30.13 -44.00 73.62
N GLU R 151 -31.39 -43.94 73.21
CA GLU R 151 -32.48 -44.63 73.88
C GLU R 151 -33.63 -44.80 72.90
N GLU R 152 -34.38 -45.88 73.08
CA GLU R 152 -35.61 -46.13 72.35
C GLU R 152 -36.80 -45.90 73.28
N ARG R 153 -36.70 -44.85 74.10
CA ARG R 153 -37.55 -44.66 75.27
C ARG R 153 -39.01 -44.46 74.89
N GLU R 154 -39.26 -43.84 73.75
CA GLU R 154 -40.60 -43.69 73.21
C GLU R 154 -40.63 -44.42 71.86
N GLY R 155 -41.70 -44.19 71.10
CA GLY R 155 -41.86 -44.84 69.80
C GLY R 155 -40.79 -44.47 68.78
N ALA R 156 -40.13 -43.33 68.97
CA ALA R 156 -39.01 -42.91 68.15
C ALA R 156 -37.71 -43.18 68.89
N CYS R 157 -36.58 -43.04 68.18
CA CYS R 157 -35.29 -43.18 68.82
C CYS R 157 -34.70 -41.80 69.08
N LEU R 158 -34.08 -41.63 70.25
CA LEU R 158 -33.59 -40.34 70.68
C LEU R 158 -32.11 -40.41 70.99
N VAL R 159 -31.34 -39.50 70.40
CA VAL R 159 -29.88 -39.47 70.53
C VAL R 159 -29.49 -38.22 71.29
N THR R 160 -28.68 -38.38 72.32
CA THR R 160 -28.16 -37.29 73.11
C THR R 160 -26.65 -37.44 73.27
N PRO R 161 -25.89 -36.34 73.30
CA PRO R 161 -24.43 -36.45 73.37
C PRO R 161 -23.92 -36.59 74.79
N ARG R 162 -22.75 -37.22 74.90
CA ARG R 162 -22.06 -37.37 76.17
C ARG R 162 -20.80 -36.54 76.27
N SER R 163 -20.19 -36.17 75.16
CA SER R 163 -18.90 -35.51 75.15
C SER R 163 -18.83 -34.61 73.92
N PRO R 164 -18.02 -33.56 73.96
CA PRO R 164 -17.90 -32.68 72.79
C PRO R 164 -17.26 -33.38 71.61
N LEU R 165 -17.57 -32.87 70.41
CA LEU R 165 -17.18 -33.51 69.18
C LEU R 165 -16.25 -32.60 68.39
N PRO R 166 -15.10 -33.08 67.93
CA PRO R 166 -14.21 -32.23 67.13
C PRO R 166 -14.74 -32.04 65.73
N PRO R 167 -14.30 -31.00 65.03
CA PRO R 167 -14.73 -30.81 63.64
C PRO R 167 -14.01 -31.78 62.70
N VAL R 168 -14.41 -31.73 61.44
CA VAL R 168 -13.93 -32.68 60.42
C VAL R 168 -12.46 -32.40 60.12
N PRO R 169 -11.59 -33.42 60.03
CA PRO R 169 -10.18 -33.24 59.67
C PRO R 169 -9.91 -32.98 58.18
N ILE R 170 -10.68 -32.06 57.58
CA ILE R 170 -10.57 -31.71 56.18
C ILE R 170 -10.70 -30.20 56.08
N SER R 171 -9.73 -29.55 55.43
CA SER R 171 -9.71 -28.10 55.25
C SER R 171 -10.18 -27.77 53.85
N SER R 172 -11.12 -26.83 53.74
CA SER R 172 -11.61 -26.38 52.44
C SER R 172 -10.77 -25.21 51.95
N PRO R 173 -9.96 -25.38 50.91
CA PRO R 173 -8.97 -24.37 50.56
C PRO R 173 -9.56 -23.26 49.69
N THR R 174 -8.93 -22.10 49.77
CA THR R 174 -9.27 -20.94 48.94
C THR R 174 -8.37 -20.83 47.70
N GLY R 175 -8.28 -21.91 46.94
CA GLY R 175 -7.40 -21.93 45.80
C GLY R 175 -7.98 -21.26 44.57
N PHE R 176 -7.20 -21.29 43.50
CA PHE R 176 -7.61 -20.72 42.22
C PHE R 176 -7.16 -21.59 41.06
N SER R 177 -7.31 -22.91 41.19
CA SER R 177 -6.59 -23.93 40.43
C SER R 177 -6.66 -23.76 38.91
N ALA R 178 -5.49 -23.73 38.28
CA ALA R 178 -5.29 -23.45 36.88
C ALA R 178 -4.93 -24.74 36.13
N PRO R 179 -5.29 -24.84 34.85
CA PRO R 179 -4.99 -26.07 34.11
C PRO R 179 -3.51 -26.20 33.79
N ILE R 180 -3.10 -27.44 33.49
CA ILE R 180 -1.69 -27.68 33.15
C ILE R 180 -1.37 -27.13 31.76
N GLN R 181 -2.36 -27.00 30.88
CA GLN R 181 -2.10 -26.40 29.58
C GLN R 181 -1.84 -24.90 29.72
N GLU R 182 -2.52 -24.25 30.67
CA GLU R 182 -2.24 -22.84 30.92
C GLU R 182 -0.87 -22.64 31.54
N VAL R 183 -0.39 -23.61 32.31
CA VAL R 183 0.96 -23.55 32.85
C VAL R 183 1.99 -23.72 31.76
N LEU R 184 1.80 -24.70 30.88
CA LEU R 184 2.83 -25.00 29.88
C LEU R 184 2.84 -24.00 28.74
N GLN R 185 1.68 -23.53 28.28
CA GLN R 185 1.65 -22.63 27.13
C GLN R 185 2.03 -21.20 27.50
N ALA R 186 2.11 -20.86 28.78
CA ALA R 186 2.41 -19.50 29.18
C ALA R 186 3.89 -19.21 29.03
N LYS R 187 4.23 -17.92 29.05
CA LYS R 187 5.60 -17.47 28.93
C LYS R 187 6.16 -16.89 30.21
N SER R 188 5.31 -16.55 31.17
CA SER R 188 5.75 -15.89 32.39
C SER R 188 4.80 -16.29 33.51
N PRO R 189 5.23 -16.20 34.77
CA PRO R 189 4.28 -16.40 35.87
C PRO R 189 3.17 -15.37 35.95
N GLU R 190 3.44 -14.11 35.59
CA GLU R 190 2.41 -13.09 35.65
C GLU R 190 1.37 -13.25 34.55
N GLU R 191 1.69 -14.01 33.51
CA GLU R 191 0.66 -14.35 32.53
C GLU R 191 -0.29 -15.39 33.09
N ILE R 192 0.17 -16.24 34.01
CA ILE R 192 -0.72 -17.18 34.67
C ILE R 192 -1.60 -16.45 35.67
N ILE R 193 -1.02 -15.53 36.45
CA ILE R 193 -1.84 -14.74 37.37
C ILE R 193 -2.70 -13.75 36.60
N GLY R 194 -2.08 -12.82 35.88
CA GLY R 194 -2.81 -11.75 35.22
C GLY R 194 -3.55 -12.17 33.98
CA MET S 1 16.05 -36.36 42.49
C MET S 1 14.68 -35.96 43.01
N ALA S 2 14.21 -36.66 44.04
CA ALA S 2 12.87 -36.46 44.54
C ALA S 2 12.76 -35.16 45.31
N ARG S 3 11.54 -34.81 45.71
CA ARG S 3 11.27 -33.52 46.33
C ARG S 3 11.90 -33.41 47.71
N LYS S 4 12.12 -34.55 48.39
CA LYS S 4 12.95 -34.67 49.60
C LYS S 4 12.44 -33.84 50.77
N ARG S 5 11.17 -33.45 50.75
CA ARG S 5 10.59 -32.67 51.84
C ARG S 5 9.53 -33.48 52.57
N THR S 6 8.53 -33.98 51.85
CA THR S 6 7.49 -34.78 52.46
C THR S 6 7.03 -35.79 51.42
N SER S 7 6.30 -36.79 51.89
CA SER S 7 5.71 -37.77 50.98
C SER S 7 4.65 -37.10 50.10
N LYS S 8 3.56 -36.64 50.72
CA LYS S 8 2.41 -36.02 50.05
C LYS S 8 1.83 -36.94 48.98
N ASN S 9 1.25 -38.05 49.45
CA ASN S 9 0.75 -39.10 48.58
C ASN S 9 -0.42 -38.62 47.74
N ASP S 10 -0.15 -38.35 46.46
CA ASP S 10 -1.13 -37.82 45.52
C ASP S 10 -0.68 -38.17 44.11
N PRO S 11 -1.43 -39.00 43.38
CA PRO S 11 -0.94 -39.47 42.07
C PRO S 11 -0.97 -38.42 40.98
N LEU S 12 -1.88 -37.45 41.11
CA LEU S 12 -2.02 -36.46 40.05
C LEU S 12 -0.84 -35.49 40.05
N ARG S 13 -0.29 -35.19 41.22
CA ARG S 13 0.95 -34.42 41.29
C ARG S 13 2.12 -35.17 40.68
N MET S 14 2.13 -36.51 40.82
CA MET S 14 3.19 -37.31 40.23
C MET S 14 3.17 -37.21 38.72
N TYR S 15 2.00 -37.46 38.12
CA TYR S 15 1.91 -37.39 36.66
C TYR S 15 2.13 -35.98 36.15
N LEU S 16 1.69 -34.97 36.90
CA LEU S 16 1.86 -33.61 36.42
C LEU S 16 3.31 -33.13 36.51
N ASN S 17 4.06 -33.56 37.51
CA ASN S 17 5.48 -33.21 37.55
C ASN S 17 6.25 -33.95 36.47
N TYR S 18 5.82 -35.18 36.13
CA TYR S 18 6.45 -35.90 35.04
C TYR S 18 6.23 -35.19 33.70
N VAL S 19 4.99 -34.75 33.45
CA VAL S 19 4.67 -34.02 32.23
C VAL S 19 5.40 -32.68 32.19
N ARG S 20 5.61 -32.05 33.36
CA ARG S 20 6.36 -30.81 33.38
C ARG S 20 7.83 -31.01 33.03
N LYS S 21 8.44 -32.10 33.49
CA LYS S 21 9.87 -32.26 33.26
C LYS S 21 10.23 -33.09 32.04
N LEU S 22 9.24 -33.54 31.26
CA LEU S 22 9.54 -34.12 29.96
C LEU S 22 10.15 -33.13 28.96
N GLN S 23 10.06 -31.83 29.20
CA GLN S 23 10.72 -30.89 28.31
C GLN S 23 12.15 -30.58 28.71
N THR S 24 12.73 -31.34 29.63
CA THR S 24 14.11 -31.20 30.07
C THR S 24 14.84 -32.53 30.10
N MET S 25 14.11 -33.64 30.28
CA MET S 25 14.69 -34.99 30.20
C MET S 25 15.39 -35.24 28.86
N GLY S 26 14.79 -34.76 27.77
CA GLY S 26 15.31 -35.00 26.44
C GLY S 26 16.63 -34.33 26.14
N ASP S 27 17.02 -33.33 26.93
CA ASP S 27 18.33 -32.72 26.83
C ASP S 27 19.30 -33.19 27.90
N ALA S 28 18.78 -33.55 29.08
CA ALA S 28 19.64 -34.09 30.12
C ALA S 28 20.22 -35.45 29.72
N TYR S 29 19.50 -36.20 28.89
CA TYR S 29 20.04 -37.48 28.41
C TYR S 29 21.22 -37.27 27.47
N ASP S 30 21.08 -36.32 26.54
CA ASP S 30 22.16 -35.93 25.63
C ASP S 30 23.37 -35.39 26.36
N GLU S 31 23.15 -34.69 27.47
CA GLU S 31 24.27 -34.24 28.27
C GLU S 31 24.90 -35.40 29.04
N SER S 32 24.10 -36.38 29.47
CA SER S 32 24.58 -37.45 30.32
C SER S 32 25.42 -38.48 29.58
N ALA S 33 25.29 -38.55 28.25
CA ALA S 33 26.09 -39.45 27.39
C ALA S 33 27.58 -39.51 27.68
N LYS S 34 28.19 -38.34 28.00
CA LYS S 34 29.64 -38.21 28.03
C LYS S 34 30.28 -38.98 29.19
N TYR S 35 29.56 -39.20 30.28
CA TYR S 35 30.03 -40.08 31.33
C TYR S 35 29.31 -41.41 31.38
N ARG S 36 28.11 -41.48 30.79
CA ARG S 36 27.39 -42.73 30.59
C ARG S 36 28.24 -43.78 29.89
N ILE S 37 28.92 -43.36 28.81
CA ILE S 37 29.64 -44.32 27.97
C ILE S 37 30.85 -44.90 28.71
N ALA S 38 31.60 -44.07 29.42
CA ALA S 38 32.78 -44.56 30.14
C ALA S 38 32.41 -45.41 31.35
N ASN S 39 31.31 -45.06 32.04
CA ASN S 39 30.92 -45.90 33.17
C ASN S 39 30.40 -47.25 32.71
N PHE S 40 29.73 -47.32 31.57
CA PHE S 40 29.38 -48.65 31.05
C PHE S 40 30.60 -49.42 30.57
N GLU S 41 31.55 -48.70 29.96
CA GLU S 41 32.83 -49.25 29.50
C GLU S 41 33.51 -50.03 30.61
N ASN S 42 33.61 -49.45 31.79
CA ASN S 42 34.23 -50.20 32.88
C ASN S 42 33.24 -50.82 33.87
N GLY S 43 31.95 -50.89 33.52
CA GLY S 43 31.03 -51.64 34.36
C GLY S 43 30.52 -52.94 33.77
N PHE S 44 30.55 -53.09 32.44
CA PHE S 44 30.02 -54.31 31.84
C PHE S 44 30.95 -55.50 32.01
N LYS S 45 32.23 -55.24 32.26
CA LYS S 45 33.22 -56.32 32.37
C LYS S 45 32.94 -57.22 33.56
N SER S 46 32.38 -56.67 34.63
CA SER S 46 32.08 -57.49 35.80
C SER S 46 30.97 -58.49 35.51
N LEU S 47 29.92 -58.07 34.82
CA LEU S 47 28.87 -58.99 34.38
C LEU S 47 29.41 -60.06 33.46
N HIS S 48 30.21 -59.67 32.49
CA HIS S 48 30.62 -60.68 31.51
C HIS S 48 31.61 -61.67 32.12
N MET S 49 32.44 -61.20 33.07
CA MET S 49 33.34 -62.11 33.76
C MET S 49 32.60 -63.05 34.69
N VAL S 50 31.59 -62.55 35.42
CA VAL S 50 30.90 -63.45 36.35
C VAL S 50 30.02 -64.45 35.60
N GLU S 51 29.53 -64.08 34.41
CA GLU S 51 28.74 -65.05 33.63
C GLU S 51 29.63 -66.11 33.00
N ASN S 52 30.83 -65.72 32.52
CA ASN S 52 31.75 -66.74 32.03
C ASN S 52 32.25 -67.64 33.15
N GLU S 53 32.48 -67.09 34.33
CA GLU S 53 32.94 -67.93 35.43
C GLU S 53 31.87 -68.90 35.90
N PHE S 54 30.60 -68.47 35.86
CA PHE S 54 29.51 -69.40 36.13
C PHE S 54 29.43 -70.52 35.11
N LYS S 55 29.53 -70.18 33.81
CA LYS S 55 29.51 -71.21 32.77
C LYS S 55 30.63 -72.23 32.97
N GLN S 56 31.83 -71.75 33.25
CA GLN S 56 33.00 -72.63 33.38
C GLN S 56 32.88 -73.52 34.60
N TYR S 57 32.50 -72.94 35.75
CA TYR S 57 32.50 -73.75 36.97
C TYR S 57 31.29 -74.69 37.02
N LEU S 58 30.16 -74.29 36.41
CA LEU S 58 29.05 -75.23 36.25
C LEU S 58 29.43 -76.39 35.35
N ALA S 59 30.16 -76.11 34.26
CA ALA S 59 30.62 -77.20 33.39
C ALA S 59 31.56 -78.15 34.12
N ASN S 60 32.44 -77.61 34.96
CA ASN S 60 33.36 -78.46 35.71
C ASN S 60 32.64 -79.34 36.72
N VAL S 61 31.67 -78.76 37.45
CA VAL S 61 30.94 -79.55 38.46
C VAL S 61 30.08 -80.62 37.80
N ILE S 62 29.40 -80.26 36.69
CA ILE S 62 28.60 -81.25 35.97
C ILE S 62 29.45 -82.36 35.37
N ASP S 63 30.64 -82.04 34.87
CA ASP S 63 31.49 -83.09 34.31
C ASP S 63 32.06 -83.99 35.41
N GLU S 64 32.36 -83.43 36.58
CA GLU S 64 32.78 -84.28 37.69
C GLU S 64 31.63 -85.13 38.22
N ALA S 65 30.39 -84.69 38.04
CA ALA S 65 29.26 -85.55 38.39
C ALA S 65 29.03 -86.64 37.35
N ILE S 66 29.29 -86.35 36.08
CA ILE S 66 29.16 -87.36 35.03
C ILE S 66 30.25 -88.41 35.15
N LYS S 67 31.45 -88.03 35.58
CA LYS S 67 32.54 -89.00 35.74
C LYS S 67 32.27 -89.97 36.89
N SER S 68 31.33 -89.66 37.78
CA SER S 68 30.90 -90.60 38.80
C SER S 68 29.89 -91.62 38.29
N GLY S 69 29.55 -91.60 37.00
CA GLY S 69 28.73 -92.64 36.41
C GLY S 69 27.28 -92.29 36.16
N ALA S 70 26.88 -91.04 36.33
CA ALA S 70 25.50 -90.66 36.08
C ALA S 70 25.23 -90.54 34.58
N SER S 71 23.97 -90.46 34.24
CA SER S 71 23.56 -90.32 32.85
C SER S 71 23.26 -88.86 32.52
N PRO S 72 23.48 -88.43 31.27
CA PRO S 72 23.15 -87.04 30.91
C PRO S 72 21.67 -86.77 30.78
N GLN S 73 20.80 -87.76 30.96
CA GLN S 73 19.38 -87.46 31.13
C GLN S 73 19.03 -87.19 32.59
N ASP S 74 19.90 -87.56 33.54
CA ASP S 74 19.57 -87.35 34.95
C ASP S 74 19.63 -85.88 35.33
N LEU S 75 20.53 -85.13 34.70
CA LEU S 75 20.81 -83.74 35.08
C LEU S 75 20.80 -82.86 33.84
N PRO S 76 19.62 -82.34 33.46
CA PRO S 76 19.51 -81.55 32.23
C PRO S 76 20.29 -80.25 32.23
N TYR S 77 19.88 -79.30 33.09
CA TYR S 77 20.45 -77.96 33.24
C TYR S 77 20.73 -77.27 31.92
N VAL S 78 19.71 -77.14 31.07
CA VAL S 78 19.97 -76.80 29.68
C VAL S 78 19.90 -75.31 29.44
N ASN S 79 18.69 -74.75 29.53
CA ASN S 79 18.52 -73.36 29.14
C ASN S 79 17.94 -72.50 30.26
N GLU S 80 16.85 -72.93 30.87
CA GLU S 80 16.19 -72.08 31.85
C GLU S 80 16.64 -72.35 33.27
N ILE S 81 17.12 -73.56 33.56
CA ILE S 81 17.63 -73.83 34.89
C ILE S 81 18.99 -73.16 35.08
N LYS S 82 19.80 -73.13 34.01
CA LYS S 82 21.00 -72.30 34.02
C LYS S 82 20.66 -70.83 34.15
N LEU S 83 19.52 -70.41 33.59
CA LEU S 83 19.11 -69.02 33.73
C LEU S 83 18.71 -68.71 35.16
N ALA S 84 18.11 -69.67 35.86
CA ALA S 84 17.81 -69.52 37.29
C ALA S 84 19.09 -69.37 38.11
N LEU S 85 20.07 -70.23 37.85
CA LEU S 85 21.30 -70.16 38.61
C LEU S 85 22.11 -68.90 38.27
N MET S 86 21.96 -68.40 37.06
CA MET S 86 22.57 -67.12 36.74
C MET S 86 21.84 -65.97 37.40
N LYS S 87 20.53 -66.10 37.64
CA LYS S 87 19.82 -65.07 38.39
C LYS S 87 20.37 -64.93 39.81
N ILE S 88 20.56 -66.05 40.51
CA ILE S 88 21.07 -65.96 41.88
C ILE S 88 22.52 -65.45 41.89
N PHE S 89 23.34 -65.87 40.90
CA PHE S 89 24.72 -65.36 40.94
C PHE S 89 24.84 -63.91 40.49
N THR S 90 23.93 -63.42 39.65
CA THR S 90 23.99 -62.02 39.25
C THR S 90 23.47 -61.11 40.37
N SER S 91 22.50 -61.60 41.16
CA SER S 91 22.13 -60.84 42.35
C SER S 91 23.24 -60.84 43.38
N TRP S 92 24.04 -61.91 43.41
CA TRP S 92 25.24 -61.89 44.25
C TRP S 92 26.25 -60.86 43.77
N LEU S 93 26.35 -60.71 42.44
CA LEU S 93 27.17 -59.63 41.88
C LEU S 93 26.68 -58.25 42.31
N LYS S 94 25.35 -58.05 42.35
CA LYS S 94 24.83 -56.75 42.74
C LYS S 94 25.11 -56.44 44.21
N TYR S 95 24.79 -57.37 45.09
CA TYR S 95 24.97 -57.07 46.51
C TYR S 95 26.43 -57.11 46.92
N SER S 96 27.31 -57.67 46.10
CA SER S 96 28.74 -57.48 46.31
C SER S 96 29.24 -56.19 45.68
N ASN S 97 28.51 -55.64 44.72
CA ASN S 97 28.98 -54.46 44.01
C ASN S 97 28.77 -53.22 44.86
N GLU S 98 27.83 -53.28 45.79
CA GLU S 98 27.76 -52.32 46.88
C GLU S 98 28.75 -52.74 47.96
N LYS S 99 29.03 -51.84 48.89
CA LYS S 99 30.01 -52.14 49.93
C LYS S 99 29.29 -52.69 51.17
N LEU S 100 28.57 -53.78 50.96
CA LEU S 100 27.78 -54.41 52.01
C LEU S 100 28.64 -55.40 52.79
N GLY S 101 28.19 -55.71 54.00
CA GLY S 101 28.84 -56.70 54.82
C GLY S 101 28.62 -58.11 54.31
N ALA S 102 29.17 -59.08 55.05
CA ALA S 102 29.14 -60.45 54.58
C ALA S 102 27.77 -61.09 54.72
N ASN S 103 27.16 -61.00 55.91
CA ASN S 103 25.88 -61.66 56.11
C ASN S 103 24.73 -60.95 55.42
N GLU S 104 24.87 -59.64 55.16
CA GLU S 104 23.83 -58.93 54.44
C GLU S 104 23.78 -59.39 52.99
N ILE S 105 24.95 -59.61 52.39
CA ILE S 105 25.06 -60.29 51.10
C ILE S 105 24.45 -61.68 51.19
N ALA S 106 24.73 -62.41 52.28
CA ALA S 106 24.26 -63.79 52.41
C ALA S 106 22.73 -63.86 52.45
N ILE S 107 22.10 -62.96 53.21
CA ILE S 107 20.64 -63.04 53.31
C ILE S 107 19.93 -62.43 52.11
N ASN S 108 20.53 -61.44 51.43
CA ASN S 108 19.89 -60.97 50.20
C ASN S 108 19.99 -62.00 49.08
N VAL S 109 21.13 -62.69 48.97
CA VAL S 109 21.24 -63.76 47.98
C VAL S 109 20.35 -64.94 48.36
N ALA S 110 20.13 -65.18 49.66
CA ALA S 110 19.20 -66.21 50.08
C ALA S 110 17.76 -65.85 49.73
N GLY S 111 17.40 -64.58 49.82
CA GLY S 111 16.07 -64.17 49.40
C GLY S 111 15.85 -64.30 47.91
N THR S 112 16.86 -63.92 47.11
CA THR S 112 16.76 -64.09 45.66
C THR S 112 16.72 -65.58 45.28
N ALA S 113 17.46 -66.41 46.03
CA ALA S 113 17.39 -67.85 45.86
C ALA S 113 16.01 -68.40 46.16
N THR S 114 15.35 -67.87 47.21
CA THR S 114 14.00 -68.29 47.55
C THR S 114 13.03 -67.97 46.42
N MET S 115 13.07 -66.75 45.91
CA MET S 115 12.17 -66.36 44.82
C MET S 115 12.44 -67.15 43.55
N THR S 116 13.70 -67.31 43.17
CA THR S 116 14.04 -67.96 41.92
C THR S 116 13.76 -69.46 41.98
N LEU S 117 14.19 -70.15 43.03
CA LEU S 117 13.93 -71.57 43.15
C LEU S 117 12.48 -71.87 43.55
N THR S 118 11.71 -70.85 43.92
CA THR S 118 10.27 -71.04 44.02
C THR S 118 9.66 -71.07 42.64
N GLU S 119 10.02 -70.09 41.80
CA GLU S 119 9.32 -69.90 40.53
C GLU S 119 9.54 -71.05 39.55
N ASN S 120 10.78 -71.27 39.13
CA ASN S 120 11.03 -72.04 37.91
C ASN S 120 11.65 -73.42 38.20
N LEU S 121 11.19 -74.11 39.24
CA LEU S 121 11.48 -75.53 39.26
C LEU S 121 10.27 -76.36 39.70
N TYR S 122 9.07 -75.84 39.48
CA TYR S 122 7.85 -76.62 39.61
C TYR S 122 7.46 -77.14 38.24
N GLY S 123 7.38 -78.46 38.10
CA GLY S 123 7.01 -79.06 36.85
C GLY S 123 8.15 -79.37 35.92
N THR S 124 9.39 -79.39 36.41
CA THR S 124 10.50 -79.68 35.51
C THR S 124 11.56 -80.61 36.09
N ARG S 125 11.17 -81.73 36.72
CA ARG S 125 12.00 -82.94 36.85
C ARG S 125 13.16 -82.78 37.84
N VAL S 126 13.40 -81.56 38.34
CA VAL S 126 14.55 -81.28 39.19
C VAL S 126 14.04 -80.83 40.55
N SER S 127 14.30 -81.62 41.58
CA SER S 127 13.92 -81.27 42.94
C SER S 127 14.78 -80.11 43.45
N CYS S 128 14.29 -79.45 44.50
CA CYS S 128 14.99 -78.27 44.99
C CYS S 128 16.27 -78.64 45.74
N GLU S 129 16.30 -79.81 46.37
CA GLU S 129 17.47 -80.20 47.16
C GLU S 129 18.70 -80.42 46.28
N GLU S 130 18.48 -80.95 45.08
CA GLU S 130 19.59 -81.16 44.15
C GLU S 130 20.11 -79.82 43.62
N ALA S 131 19.21 -78.87 43.39
CA ALA S 131 19.61 -77.55 42.93
C ALA S 131 20.40 -76.80 44.00
N VAL S 132 20.00 -76.95 45.27
CA VAL S 132 20.69 -76.26 46.35
C VAL S 132 22.03 -76.92 46.64
N SER S 133 22.12 -78.24 46.46
CA SER S 133 23.41 -78.91 46.51
C SER S 133 24.33 -78.43 45.39
N LEU S 134 23.77 -78.17 44.20
CA LEU S 134 24.57 -77.65 43.10
C LEU S 134 25.07 -76.24 43.37
N ILE S 135 24.22 -75.39 43.95
CA ILE S 135 24.61 -74.02 44.29
C ILE S 135 25.70 -74.03 45.37
N ASN S 136 25.55 -74.90 46.36
CA ASN S 136 26.58 -75.04 47.39
C ASN S 136 27.89 -75.56 46.81
N SER S 137 27.83 -76.43 45.80
CA SER S 137 29.05 -76.88 45.15
C SER S 137 29.72 -75.74 44.37
N ILE S 138 28.94 -74.89 43.71
CA ILE S 138 29.54 -73.78 42.96
C ILE S 138 30.17 -72.76 43.91
N PHE S 139 29.51 -72.48 45.04
CA PHE S 139 30.15 -71.61 46.03
C PHE S 139 31.33 -72.27 46.72
N ALA S 140 31.37 -73.60 46.77
CA ALA S 140 32.57 -74.26 47.27
C ALA S 140 33.72 -74.11 46.28
N VAL S 141 33.40 -74.03 44.99
CA VAL S 141 34.45 -73.82 43.98
C VAL S 141 34.97 -72.37 44.03
N TRP S 142 34.05 -71.40 44.08
CA TRP S 142 34.42 -69.98 44.09
C TRP S 142 35.17 -69.57 45.36
N VAL S 143 34.50 -69.61 46.51
CA VAL S 143 35.06 -69.01 47.71
C VAL S 143 35.18 -70.03 48.83
N GLY S 144 34.60 -71.21 48.64
CA GLY S 144 34.73 -72.29 49.60
C GLY S 144 34.00 -72.03 50.91
N VAL S 145 32.68 -71.92 50.83
CA VAL S 145 31.85 -71.58 51.99
C VAL S 145 30.74 -72.61 52.19
N GLU S 146 29.98 -72.91 51.13
CA GLU S 146 28.72 -73.68 51.13
C GLU S 146 27.73 -73.11 52.14
N PRO S 147 27.12 -71.95 51.86
CA PRO S 147 26.36 -71.25 52.91
C PRO S 147 24.90 -71.65 53.09
N PHE S 148 24.23 -72.21 52.09
CA PHE S 148 22.77 -72.26 52.08
C PHE S 148 22.26 -73.62 52.50
N GLU S 149 21.32 -73.62 53.45
CA GLU S 149 20.50 -74.78 53.81
C GLU S 149 19.09 -74.54 53.31
N ALA S 150 18.47 -75.57 52.76
CA ALA S 150 17.17 -75.40 52.13
C ALA S 150 16.15 -76.37 52.69
N GLU S 151 14.91 -76.19 52.26
CA GLU S 151 13.80 -77.06 52.63
C GLU S 151 12.70 -76.91 51.59
N GLU S 152 11.97 -78.00 51.40
CA GLU S 152 10.77 -78.01 50.56
C GLU S 152 9.54 -78.09 51.46
N ARG S 153 9.59 -77.34 52.57
CA ARG S 153 8.69 -77.54 53.70
C ARG S 153 7.24 -77.22 53.33
N GLU S 154 7.04 -76.29 52.44
CA GLU S 154 5.71 -75.97 51.91
C GLU S 154 5.75 -76.24 50.41
N GLY S 155 4.71 -75.80 49.70
CA GLY S 155 4.62 -76.00 48.26
C GLY S 155 5.73 -75.32 47.46
N ALA S 156 6.36 -74.31 48.02
CA ALA S 156 7.51 -73.64 47.43
C ALA S 156 8.78 -74.13 48.10
N CYS S 157 9.93 -73.78 47.53
CA CYS S 157 11.20 -74.09 48.15
C CYS S 157 11.75 -72.86 48.86
N LEU S 158 12.32 -73.07 50.05
CA LEU S 158 12.76 -71.98 50.90
C LEU S 158 14.23 -72.15 51.22
N VAL S 159 15.01 -71.09 50.99
CA VAL S 159 16.46 -71.09 51.19
C VAL S 159 16.79 -70.14 52.32
N THR S 160 17.56 -70.62 53.29
CA THR S 160 18.03 -69.83 54.41
C THR S 160 19.54 -70.02 54.57
N PRO S 161 20.27 -68.98 54.98
CA PRO S 161 21.72 -69.11 55.09
C PRO S 161 22.18 -69.68 56.42
N ARG S 162 23.35 -70.32 56.38
CA ARG S 162 23.99 -70.85 57.57
C ARG S 162 25.23 -70.09 57.99
N SER S 163 25.88 -69.38 57.06
CA SER S 163 27.16 -68.75 57.33
C SER S 163 27.27 -67.52 56.45
N PRO S 164 28.06 -66.52 56.85
CA PRO S 164 28.22 -65.32 56.03
C PRO S 164 28.91 -65.62 54.71
N LEU S 165 28.65 -64.77 53.72
CA LEU S 165 29.11 -64.98 52.37
C LEU S 165 30.05 -63.87 51.96
N PRO S 166 31.23 -64.17 51.42
CA PRO S 166 32.14 -63.12 50.96
C PRO S 166 31.67 -62.49 49.67
N PRO S 167 32.11 -61.28 49.35
CA PRO S 167 31.75 -60.67 48.07
C PRO S 167 32.52 -61.30 46.92
N VAL S 168 32.18 -60.86 45.71
CA VAL S 168 32.72 -61.44 44.47
C VAL S 168 34.19 -61.07 44.35
N PRO S 169 35.08 -62.01 43.98
CA PRO S 169 36.50 -61.72 43.75
C PRO S 169 36.83 -61.00 42.44
N ILE S 170 36.07 -59.96 42.13
CA ILE S 170 36.24 -59.17 40.91
C ILE S 170 36.09 -57.71 41.28
N SER S 171 37.08 -56.89 40.91
CA SER S 171 37.07 -55.46 41.21
C SER S 171 36.67 -54.71 39.94
N SER S 172 35.71 -53.78 40.10
CA SER S 172 35.27 -52.95 38.99
C SER S 172 36.12 -51.68 38.93
N PRO S 173 36.97 -51.52 37.93
CA PRO S 173 37.96 -50.44 37.96
C PRO S 173 37.39 -49.12 37.45
N THR S 174 38.00 -48.03 37.92
CA THR S 174 37.67 -46.68 37.48
C THR S 174 38.63 -46.19 36.39
N GLY S 175 38.76 -46.97 35.32
CA GLY S 175 39.69 -46.63 34.27
C GLY S 175 39.15 -45.62 33.29
N PHE S 176 39.99 -45.29 32.30
CA PHE S 176 39.62 -44.36 31.26
C PHE S 176 40.14 -44.82 29.89
N SER S 177 40.00 -46.12 29.61
CA SER S 177 40.77 -46.85 28.60
C SER S 177 40.76 -46.20 27.21
N ALA S 178 41.96 -45.97 26.67
CA ALA S 178 42.22 -45.27 25.43
C ALA S 178 42.63 -46.26 24.34
N PRO S 179 42.33 -45.96 23.07
CA PRO S 179 42.69 -46.90 22.00
C PRO S 179 44.17 -46.90 21.74
N ILE S 180 44.62 -47.98 21.08
CA ILE S 180 46.04 -48.10 20.74
C ILE S 180 46.42 -47.15 19.62
N GLN S 181 45.46 -46.75 18.78
CA GLN S 181 45.77 -45.77 17.75
C GLN S 181 46.00 -44.39 18.35
N GLU S 182 45.28 -44.07 19.43
CA GLU S 182 45.51 -42.81 20.12
C GLU S 182 46.86 -42.81 20.84
N VAL S 183 47.32 -43.98 21.28
CA VAL S 183 48.64 -44.08 21.89
C VAL S 183 49.72 -43.90 20.83
N LEU S 184 49.58 -44.56 19.68
CA LEU S 184 50.66 -44.52 18.70
C LEU S 184 50.70 -43.21 17.92
N GLN S 185 49.55 -42.64 17.58
CA GLN S 185 49.56 -41.42 16.78
C GLN S 185 49.90 -40.17 17.58
N ALA S 186 49.91 -40.26 18.92
CA ALA S 186 50.18 -39.08 19.73
C ALA S 186 51.66 -38.76 19.75
N LYS S 187 51.97 -37.53 20.19
CA LYS S 187 53.34 -37.06 20.28
C LYS S 187 53.83 -36.91 21.71
N SER S 188 52.94 -36.90 22.68
CA SER S 188 53.31 -36.65 24.06
C SER S 188 52.32 -37.38 24.96
N PRO S 189 52.69 -37.69 26.19
CA PRO S 189 51.71 -38.24 27.15
C PRO S 189 50.57 -37.28 27.47
N GLU S 190 50.83 -35.98 27.55
CA GLU S 190 49.79 -35.03 27.88
C GLU S 190 48.80 -34.85 26.74
N GLU S 191 49.17 -35.23 25.52
CA GLU S 191 48.20 -35.25 24.44
C GLU S 191 47.23 -36.41 24.60
N ILE S 192 47.67 -37.51 25.23
CA ILE S 192 46.77 -38.61 25.52
C ILE S 192 45.83 -38.23 26.67
N ILE S 193 46.37 -37.60 27.71
CA ILE S 193 45.49 -37.14 28.79
C ILE S 193 44.64 -35.96 28.34
N GLY S 194 45.28 -34.86 27.97
CA GLY S 194 44.57 -33.63 27.65
C GLY S 194 43.89 -33.64 26.30
CA MET T 1 -29.77 16.61 54.77
C MET T 1 -31.09 17.32 55.02
N ALA T 2 -31.45 17.45 56.30
CA ALA T 2 -32.74 17.98 56.69
C ALA T 2 -32.79 19.49 56.46
N ARG T 3 -33.97 20.07 56.65
CA ARG T 3 -34.20 21.48 56.35
C ARG T 3 -33.44 22.40 57.29
N LYS T 4 -33.14 21.93 58.51
CA LYS T 4 -32.20 22.55 59.45
C LYS T 4 -32.60 23.96 59.87
N ARG T 5 -33.86 24.32 59.72
CA ARG T 5 -34.34 25.63 60.12
C ARG T 5 -35.32 25.52 61.29
N THR T 6 -36.37 24.74 61.12
CA THR T 6 -37.35 24.54 62.18
C THR T 6 -37.89 23.13 62.05
N SER T 7 -38.55 22.68 63.12
CA SER T 7 -39.22 21.39 63.07
C SER T 7 -40.37 21.41 62.06
N LYS T 8 -41.40 22.21 62.34
CA LYS T 8 -42.62 22.33 61.53
C LYS T 8 -43.28 20.97 61.34
N ASN T 9 -43.81 20.45 62.44
CA ASN T 9 -44.38 19.10 62.47
C ASN T 9 -45.63 19.01 61.61
N ASP T 10 -45.48 18.41 60.44
CA ASP T 10 -46.57 18.27 59.48
C ASP T 10 -46.24 17.10 58.57
N PRO T 11 -47.05 16.03 58.58
CA PRO T 11 -46.69 14.83 57.83
C PRO T 11 -46.84 14.96 56.32
N LEU T 12 -47.74 15.83 55.89
CA LEU T 12 -47.99 15.94 54.46
C LEU T 12 -46.83 16.63 53.75
N ARG T 13 -46.17 17.58 54.43
CA ARG T 13 -44.95 18.17 53.89
C ARG T 13 -43.84 17.13 53.79
N MET T 14 -43.80 16.17 54.74
CA MET T 14 -42.78 15.12 54.71
C MET T 14 -42.95 14.25 53.46
N TYR T 15 -44.17 13.75 53.26
CA TYR T 15 -44.41 12.88 52.11
C TYR T 15 -44.26 13.64 50.80
N LEU T 16 -44.63 14.93 50.78
CA LEU T 16 -44.52 15.67 49.54
C LEU T 16 -43.08 16.03 49.18
N ASN T 17 -42.23 16.28 50.17
CA ASN T 17 -40.82 16.50 49.84
C ASN T 17 -40.15 15.21 49.42
N TYR T 18 -40.60 14.07 49.97
CA TYR T 18 -40.07 12.78 49.52
C TYR T 18 -40.43 12.52 48.07
N VAL T 19 -41.69 12.76 47.71
CA VAL T 19 -42.14 12.59 46.32
C VAL T 19 -41.43 13.55 45.39
N ARG T 20 -41.11 14.76 45.88
CA ARG T 20 -40.38 15.71 45.04
C ARG T 20 -38.95 15.25 44.77
N LYS T 21 -38.28 14.66 45.77
CA LYS T 21 -36.88 14.31 45.57
C LYS T 21 -36.64 12.88 45.12
N LEU T 22 -37.69 12.11 44.89
CA LEU T 22 -37.51 10.81 44.22
C LEU T 22 -37.02 10.92 42.78
N GLN T 23 -37.09 12.09 42.15
CA GLN T 23 -36.54 12.22 40.81
C GLN T 23 -35.08 12.65 40.81
N THR T 24 -34.40 12.60 41.96
CA THR T 24 -32.99 12.91 42.09
C THR T 24 -32.24 11.86 42.89
N MET T 25 -32.94 11.15 43.79
CA MET T 25 -32.35 10.03 44.53
C MET T 25 -31.79 8.96 43.59
N GLY T 26 -32.49 8.67 42.50
CA GLY T 26 -32.10 7.63 41.58
C GLY T 26 -30.82 7.89 40.82
N ASP T 27 -30.38 9.14 40.77
CA ASP T 27 -29.08 9.49 40.20
C ASP T 27 -28.02 9.74 41.24
N ALA T 28 -28.41 10.23 42.42
CA ALA T 28 -27.44 10.42 43.49
C ALA T 28 -26.89 9.09 43.98
N TYR T 29 -27.68 8.01 43.88
CA TYR T 29 -27.18 6.69 44.26
C TYR T 29 -26.09 6.20 43.31
N ASP T 30 -26.33 6.35 42.00
CA ASP T 30 -25.36 6.04 40.97
C ASP T 30 -24.10 6.85 41.10
N GLU T 31 -24.21 8.11 41.52
CA GLU T 31 -23.01 8.89 41.77
C GLU T 31 -22.30 8.45 43.04
N SER T 32 -23.04 8.00 44.05
CA SER T 32 -22.47 7.66 45.35
C SER T 32 -21.69 6.37 45.35
N ALA T 33 -21.95 5.48 44.38
CA ALA T 33 -21.24 4.21 44.22
C ALA T 33 -19.71 4.26 44.35
N LYS T 34 -19.10 5.33 43.82
CA LYS T 34 -17.65 5.38 43.64
C LYS T 34 -16.89 5.48 44.96
N TYR T 35 -17.50 6.02 46.01
CA TYR T 35 -16.91 5.98 47.33
C TYR T 35 -17.60 5.01 48.26
N ARG T 36 -18.87 4.66 47.95
CA ARG T 36 -19.59 3.60 48.65
C ARG T 36 -18.79 2.30 48.69
N ILE T 37 -18.23 1.91 47.54
CA ILE T 37 -17.58 0.60 47.44
C ILE T 37 -16.30 0.55 48.28
N ALA T 38 -15.49 1.60 48.24
CA ALA T 38 -14.24 1.61 49.00
C ALA T 38 -14.48 1.73 50.50
N ASN T 39 -15.50 2.49 50.90
CA ASN T 39 -15.79 2.58 52.33
C ASN T 39 -16.32 1.27 52.89
N PHE T 40 -17.10 0.52 52.10
CA PHE T 40 -17.49 -0.81 52.57
C PHE T 40 -16.30 -1.77 52.57
N GLU T 41 -15.43 -1.66 51.56
CA GLU T 41 -14.20 -2.43 51.47
C GLU T 41 -13.39 -2.38 52.75
N ASN T 42 -13.20 -1.18 53.28
CA ASN T 42 -12.46 -1.12 54.55
C ASN T 42 -13.34 -0.92 55.78
N GLY T 43 -14.65 -1.13 55.67
CA GLY T 43 -15.48 -1.15 56.87
C GLY T 43 -16.03 -2.50 57.28
N PHE T 44 -16.13 -3.44 56.34
CA PHE T 44 -16.70 -4.74 56.69
C PHE T 44 -15.74 -5.61 57.49
N LYS T 45 -14.44 -5.32 57.42
CA LYS T 45 -13.44 -6.15 58.08
C LYS T 45 -13.59 -6.08 59.60
N SER T 46 -14.05 -4.95 60.14
CA SER T 46 -14.23 -4.83 61.58
C SER T 46 -15.34 -5.74 62.08
N LEU T 47 -16.46 -5.79 61.36
CA LEU T 47 -17.55 -6.71 61.69
C LEU T 47 -17.09 -8.16 61.62
N HIS T 48 -16.38 -8.52 60.55
CA HIS T 48 -16.05 -9.93 60.40
C HIS T 48 -14.99 -10.36 61.41
N MET T 49 -14.10 -9.45 61.78
CA MET T 49 -13.11 -9.77 62.81
C MET T 49 -13.75 -9.87 64.19
N VAL T 50 -14.69 -8.98 64.51
CA VAL T 50 -15.27 -9.06 65.85
C VAL T 50 -16.21 -10.26 65.98
N GLU T 51 -16.82 -10.69 64.87
CA GLU T 51 -17.67 -11.88 64.95
C GLU T 51 -16.84 -13.16 65.04
N ASN T 52 -15.70 -13.22 64.33
CA ASN T 52 -14.81 -14.37 64.52
C ASN T 52 -14.19 -14.40 65.91
N GLU T 53 -13.85 -13.23 66.46
CA GLU T 53 -13.27 -13.21 67.80
C GLU T 53 -14.29 -13.62 68.85
N PHE T 54 -15.56 -13.25 68.67
CA PHE T 54 -16.61 -13.74 69.55
C PHE T 54 -16.76 -15.25 69.47
N LYS T 55 -16.81 -15.81 68.25
CA LYS T 55 -16.91 -17.26 68.09
C LYS T 55 -15.77 -17.98 68.80
N GLN T 56 -14.54 -17.49 68.60
CA GLN T 56 -13.37 -18.15 69.17
C GLN T 56 -13.36 -18.07 70.68
N TYR T 57 -13.62 -16.89 71.24
CA TYR T 57 -13.50 -16.76 72.69
C TYR T 57 -14.68 -17.38 73.42
N LEU T 58 -15.87 -17.41 72.79
CA LEU T 58 -16.97 -18.17 73.36
C LEU T 58 -16.67 -19.65 73.36
N ALA T 59 -16.06 -20.16 72.29
CA ALA T 59 -15.68 -21.57 72.26
C ALA T 59 -14.65 -21.90 73.33
N ASN T 60 -13.70 -21.00 73.57
CA ASN T 60 -12.70 -21.24 74.61
C ASN T 60 -13.31 -21.25 76.01
N VAL T 61 -14.21 -20.29 76.29
CA VAL T 61 -14.83 -20.22 77.62
C VAL T 61 -15.75 -21.42 77.85
N ILE T 62 -16.52 -21.82 76.85
CA ILE T 62 -17.39 -22.99 76.97
C ILE T 62 -16.58 -24.28 77.14
N ASP T 63 -15.45 -24.40 76.45
CA ASP T 63 -14.65 -25.62 76.61
C ASP T 63 -13.95 -25.65 77.97
N GLU T 64 -13.56 -24.50 78.50
CA GLU T 64 -13.02 -24.48 79.86
C GLU T 64 -14.10 -24.75 80.90
N ALA T 65 -15.36 -24.45 80.59
CA ALA T 65 -16.44 -24.85 81.50
C ALA T 65 -16.75 -26.33 81.40
N ILE T 66 -16.61 -26.92 80.21
CA ILE T 66 -16.85 -28.35 80.04
C ILE T 66 -15.74 -29.16 80.71
N LYS T 67 -14.50 -28.66 80.70
CA LYS T 67 -13.39 -29.36 81.35
C LYS T 67 -13.53 -29.38 82.87
N SER T 68 -14.38 -28.54 83.43
CA SER T 68 -14.71 -28.60 84.86
C SER T 68 -15.75 -29.65 85.19
N GLY T 69 -16.21 -30.43 84.21
CA GLY T 69 -17.07 -31.56 84.47
C GLY T 69 -18.54 -31.38 84.19
N ALA T 70 -18.93 -30.28 83.56
CA ALA T 70 -20.34 -30.07 83.25
C ALA T 70 -20.75 -30.90 82.04
N SER T 71 -22.04 -30.98 81.83
CA SER T 71 -22.59 -31.73 80.71
C SER T 71 -22.94 -30.79 79.56
N PRO T 72 -22.85 -31.25 78.31
CA PRO T 72 -23.22 -30.38 77.18
C PRO T 72 -24.73 -30.17 77.03
N GLN T 73 -25.56 -30.79 77.86
CA GLN T 73 -26.95 -30.37 77.93
C GLN T 73 -27.16 -29.23 78.91
N ASP T 74 -26.21 -28.97 79.81
CA ASP T 74 -26.39 -27.90 80.79
C ASP T 74 -26.31 -26.52 80.14
N LEU T 75 -25.49 -26.37 79.11
CA LEU T 75 -25.19 -25.07 78.51
C LEU T 75 -25.34 -25.17 76.99
N PRO T 76 -26.55 -24.95 76.47
CA PRO T 76 -26.78 -25.11 75.03
C PRO T 76 -26.03 -24.13 74.14
N TYR T 77 -26.36 -22.83 74.25
CA TYR T 77 -25.79 -21.73 73.47
C TYR T 77 -25.66 -22.03 71.99
N VAL T 78 -26.75 -22.41 71.34
CA VAL T 78 -26.65 -23.04 70.04
C VAL T 78 -26.76 -22.03 68.92
N ASN T 79 -27.95 -21.47 68.73
CA ASN T 79 -28.18 -20.63 67.57
C ASN T 79 -28.66 -19.23 67.93
N GLU T 80 -29.67 -19.12 68.78
CA GLU T 80 -30.25 -17.81 69.06
C GLU T 80 -29.66 -17.16 70.28
N ILE T 81 -29.13 -17.94 71.22
CA ILE T 81 -28.50 -17.34 72.37
C ILE T 81 -27.13 -16.77 71.99
N LYS T 82 -26.43 -17.46 71.08
CA LYS T 82 -25.25 -16.88 70.46
C LYS T 82 -25.59 -15.63 69.67
N LEU T 83 -26.78 -15.60 69.06
CA LEU T 83 -27.19 -14.41 68.33
C LEU T 83 -27.46 -13.25 69.27
N ALA T 84 -27.98 -13.52 70.47
CA ALA T 84 -28.13 -12.50 71.49
C ALA T 84 -26.78 -11.93 71.93
N LEU T 85 -25.82 -12.81 72.19
CA LEU T 85 -24.52 -12.33 72.63
C LEU T 85 -23.77 -11.63 71.51
N MET T 86 -24.05 -11.99 70.27
CA MET T 86 -23.47 -11.23 69.17
C MET T 86 -24.15 -9.88 69.01
N LYS T 87 -25.43 -9.76 69.38
CA LYS T 87 -26.08 -8.45 69.39
C LYS T 87 -25.40 -7.48 70.34
N ILE T 88 -25.12 -7.92 71.57
CA ILE T 88 -24.48 -7.01 72.52
C ILE T 88 -23.04 -6.70 72.09
N PHE T 89 -22.33 -7.67 71.53
CA PHE T 89 -20.96 -7.34 71.11
C PHE T 89 -20.89 -6.50 69.85
N THR T 90 -21.89 -6.59 68.97
CA THR T 90 -21.88 -5.76 67.77
C THR T 90 -22.30 -4.33 68.11
N SER T 91 -23.18 -4.16 69.11
CA SER T 91 -23.45 -2.81 69.58
C SER T 91 -22.24 -2.21 70.28
N TRP T 92 -21.42 -3.06 70.91
CA TRP T 92 -20.15 -2.57 71.44
C TRP T 92 -19.21 -2.14 70.34
N LEU T 93 -19.23 -2.86 69.21
CA LEU T 93 -18.48 -2.42 68.03
C LEU T 93 -18.96 -1.06 67.53
N LYS T 94 -20.27 -0.81 67.55
CA LYS T 94 -20.76 0.49 67.07
C LYS T 94 -20.35 1.63 67.99
N TYR T 95 -20.57 1.48 69.29
CA TYR T 95 -20.27 2.60 70.18
C TYR T 95 -18.77 2.74 70.39
N SER T 96 -17.96 1.74 70.04
CA SER T 96 -16.53 1.95 69.96
C SER T 96 -16.10 2.53 68.63
N ASN T 97 -16.93 2.38 67.60
CA ASN T 97 -16.54 2.84 66.26
C ASN T 97 -16.68 4.35 66.15
N GLU T 98 -17.52 4.93 66.99
CA GLU T 98 -17.50 6.36 67.23
C GLU T 98 -16.40 6.66 68.25
N LYS T 99 -16.04 7.93 68.37
CA LYS T 99 -14.97 8.30 69.29
C LYS T 99 -15.56 8.69 70.65
N LEU T 100 -16.28 7.74 71.23
CA LEU T 100 -16.95 7.96 72.51
C LEU T 100 -16.01 7.64 73.66
N GLY T 101 -16.33 8.19 74.83
CA GLY T 101 -15.59 7.90 76.04
C GLY T 101 -15.84 6.49 76.55
N ALA T 102 -15.22 6.18 77.68
CA ALA T 102 -15.28 4.81 78.19
C ALA T 102 -16.63 4.48 78.81
N ASN T 103 -17.11 5.33 79.72
CA ASN T 103 -18.36 5.00 80.40
C ASN T 103 -19.57 5.18 79.51
N GLU T 104 -19.48 6.03 78.49
CA GLU T 104 -20.59 6.18 77.56
C GLU T 104 -20.79 4.92 76.73
N ILE T 105 -19.67 4.31 76.31
CA ILE T 105 -19.69 2.98 75.74
C ILE T 105 -20.26 1.98 76.73
N ALA T 106 -19.86 2.08 78.00
CA ALA T 106 -20.31 1.13 79.02
C ALA T 106 -21.82 1.17 79.22
N ILE T 107 -22.39 2.37 79.29
CA ILE T 107 -23.82 2.44 79.55
C ILE T 107 -24.65 2.21 78.29
N ASN T 108 -24.14 2.52 77.09
CA ASN T 108 -24.90 2.15 75.90
C ASN T 108 -24.90 0.64 75.67
N VAL T 109 -23.77 -0.03 75.93
CA VAL T 109 -23.74 -1.48 75.84
C VAL T 109 -24.58 -2.12 76.95
N ALA T 110 -24.66 -1.47 78.12
CA ALA T 110 -25.54 -1.97 79.18
C ALA T 110 -27.01 -1.83 78.79
N GLY T 111 -27.38 -0.76 78.09
CA GLY T 111 -28.74 -0.64 77.62
C GLY T 111 -29.10 -1.67 76.56
N THR T 112 -28.19 -1.92 75.63
CA THR T 112 -28.43 -2.96 74.63
C THR T 112 -28.48 -4.35 75.27
N ALA T 113 -27.67 -4.57 76.32
CA ALA T 113 -27.73 -5.80 77.10
C ALA T 113 -29.08 -5.95 77.80
N THR T 114 -29.63 -4.86 78.33
CA THR T 114 -30.93 -4.88 78.96
C THR T 114 -32.02 -5.31 77.98
N MET T 115 -32.04 -4.68 76.80
CA MET T 115 -33.05 -5.01 75.79
C MET T 115 -32.90 -6.45 75.29
N THR T 116 -31.67 -6.86 74.99
CA THR T 116 -31.45 -8.18 74.41
C THR T 116 -31.71 -9.29 75.42
N LEU T 117 -31.16 -9.18 76.64
CA LEU T 117 -31.40 -10.21 77.64
C LEU T 117 -32.79 -10.11 78.25
N THR T 118 -33.53 -9.04 77.97
CA THR T 118 -34.95 -9.05 78.28
C THR T 118 -35.70 -9.91 77.29
N GLU T 119 -35.44 -9.70 75.99
CA GLU T 119 -36.27 -10.30 74.95
C GLU T 119 -36.12 -11.82 74.90
N ASN T 120 -34.92 -12.33 74.62
CA ASN T 120 -34.78 -13.70 74.14
C ASN T 120 -34.12 -14.63 75.18
N LEU T 121 -34.47 -14.48 76.45
CA LEU T 121 -34.18 -15.60 77.35
C LEU T 121 -35.32 -15.89 78.30
N TYR T 122 -36.55 -15.56 77.90
CA TYR T 122 -37.73 -16.03 78.60
C TYR T 122 -38.25 -17.27 77.89
N GLY T 123 -38.33 -18.37 78.62
CA GLY T 123 -38.81 -19.61 78.08
C GLY T 123 -37.76 -20.50 77.46
N THR T 124 -36.48 -20.26 77.74
CA THR T 124 -35.45 -21.12 77.15
C THR T 124 -34.33 -21.53 78.10
N ARG T 125 -34.65 -21.98 79.31
CA ARG T 125 -33.80 -22.88 80.10
C ARG T 125 -32.55 -22.20 80.66
N VAL T 126 -32.27 -20.96 80.28
CA VAL T 126 -31.04 -20.26 80.65
C VAL T 126 -31.44 -19.03 81.45
N SER T 127 -31.05 -19.01 82.73
CA SER T 127 -31.31 -17.86 83.60
C SER T 127 -30.43 -16.70 83.18
N CYS T 128 -30.80 -15.49 83.63
CA CYS T 128 -30.07 -14.31 83.20
C CYS T 128 -28.72 -14.18 83.90
N GLU T 129 -28.61 -14.69 85.12
CA GLU T 129 -27.38 -14.56 85.88
C GLU T 129 -26.25 -15.35 85.24
N GLU T 130 -26.56 -16.51 84.67
CA GLU T 130 -25.55 -17.30 83.98
C GLU T 130 -25.10 -16.63 82.69
N ALA T 131 -26.03 -15.99 81.98
CA ALA T 131 -25.69 -15.27 80.76
C ALA T 131 -24.81 -14.06 81.05
N VAL T 132 -25.09 -13.37 82.16
CA VAL T 132 -24.30 -12.18 82.50
C VAL T 132 -22.93 -12.58 83.02
N SER T 133 -22.84 -13.73 83.72
CA SER T 133 -21.54 -14.28 84.07
C SER T 133 -20.74 -14.67 82.82
N LEU T 134 -21.42 -15.18 81.79
CA LEU T 134 -20.73 -15.51 80.55
C LEU T 134 -20.24 -14.26 79.82
N ILE T 135 -21.03 -13.20 79.80
CA ILE T 135 -20.62 -11.94 79.18
C ILE T 135 -19.43 -11.34 79.92
N ASN T 136 -19.47 -11.38 81.26
CA ASN T 136 -18.34 -10.89 82.04
C ASN T 136 -17.09 -11.73 81.82
N SER T 137 -17.25 -13.03 81.58
CA SER T 137 -16.09 -13.85 81.26
C SER T 137 -15.51 -13.50 79.90
N ILE T 138 -16.36 -13.21 78.91
CA ILE T 138 -15.85 -12.85 77.59
C ILE T 138 -15.15 -11.50 77.62
N PHE T 139 -15.69 -10.54 78.37
CA PHE T 139 -14.98 -9.27 78.52
C PHE T 139 -13.72 -9.40 79.38
N ALA T 140 -13.66 -10.41 80.26
CA ALA T 140 -12.40 -10.68 80.95
C ALA T 140 -11.37 -11.25 80.00
N VAL T 141 -11.80 -11.98 78.98
CA VAL T 141 -10.86 -12.49 77.98
C VAL T 141 -10.37 -11.38 77.07
N TRP T 142 -11.28 -10.53 76.57
CA TRP T 142 -10.93 -9.45 75.64
C TRP T 142 -10.07 -8.37 76.31
N VAL T 143 -10.62 -7.65 77.28
CA VAL T 143 -9.95 -6.46 77.78
C VAL T 143 -9.71 -6.56 79.28
N GLY T 144 -10.29 -7.56 79.93
CA GLY T 144 -10.05 -7.80 81.33
C GLY T 144 -10.65 -6.74 82.24
N VAL T 145 -11.98 -6.62 82.22
CA VAL T 145 -12.70 -5.59 82.97
C VAL T 145 -13.76 -6.21 83.87
N GLU T 146 -14.63 -7.07 83.31
CA GLU T 146 -15.86 -7.60 83.89
C GLU T 146 -16.76 -6.48 84.39
N PRO T 147 -17.41 -5.71 83.50
CA PRO T 147 -18.07 -4.48 83.94
C PRO T 147 -19.50 -4.60 84.44
N PHE T 148 -20.27 -5.63 84.08
CA PHE T 148 -21.71 -5.59 84.23
C PHE T 148 -22.16 -6.35 85.46
N GLU T 149 -23.02 -5.71 86.26
CA GLU T 149 -23.77 -6.33 87.34
C GLU T 149 -25.23 -6.39 86.92
N ALA T 150 -25.89 -7.51 87.19
CA ALA T 150 -27.25 -7.70 86.71
C ALA T 150 -28.19 -8.05 87.85
N GLU T 151 -29.48 -8.12 87.50
CA GLU T 151 -30.52 -8.50 88.42
C GLU T 151 -31.72 -8.98 87.63
N GLU T 152 -32.47 -9.91 88.22
CA GLU T 152 -33.73 -10.38 87.69
C GLU T 152 -34.87 -9.81 88.52
N ARG T 153 -34.72 -8.54 88.91
CA ARG T 153 -35.50 -7.93 89.99
C ARG T 153 -36.99 -7.85 89.62
N GLU T 154 -37.29 -7.67 88.36
CA GLU T 154 -38.66 -7.69 87.87
C GLU T 154 -38.77 -8.84 86.87
N GLY T 155 -39.88 -8.89 86.13
CA GLY T 155 -40.10 -9.95 85.16
C GLY T 155 -39.09 -9.98 84.02
N ALA T 156 -38.41 -8.87 83.76
CA ALA T 156 -37.34 -8.78 82.79
C ALA T 156 -36.00 -8.81 83.51
N CYS T 157 -34.93 -8.96 82.74
CA CYS T 157 -33.59 -8.88 83.32
C CYS T 157 -32.99 -7.51 83.05
N LEU T 158 -32.31 -6.95 84.05
CA LEU T 158 -31.79 -5.60 83.97
C LEU T 158 -30.29 -5.59 84.21
N VAL T 159 -29.56 -4.97 83.30
CA VAL T 159 -28.10 -4.92 83.34
C VAL T 159 -27.67 -3.48 83.58
N THR T 160 -26.80 -3.29 84.56
CA THR T 160 -26.23 -1.99 84.89
C THR T 160 -24.71 -2.12 85.02
N PRO T 161 -23.97 -1.09 84.61
CA PRO T 161 -22.51 -1.20 84.66
C PRO T 161 -21.91 -0.84 86.00
N ARG T 162 -20.74 -1.42 86.27
CA ARG T 162 -19.98 -1.11 87.48
C ARG T 162 -18.72 -0.32 87.21
N SER T 163 -18.17 -0.38 86.01
CA SER T 163 -16.88 0.20 85.71
C SER T 163 -16.87 0.60 84.24
N PRO T 164 -16.06 1.58 83.85
CA PRO T 164 -16.00 1.99 82.45
C PRO T 164 -15.42 0.91 81.56
N LEU T 165 -15.80 0.96 80.29
CA LEU T 165 -15.47 -0.10 79.34
C LEU T 165 -14.58 0.47 78.23
N PRO T 166 -13.46 -0.17 77.92
CA PRO T 166 -12.61 0.32 76.83
C PRO T 166 -13.23 0.02 75.47
N PRO T 167 -12.83 0.73 74.43
CA PRO T 167 -13.31 0.42 73.08
C PRO T 167 -12.66 -0.84 72.53
N VAL T 168 -13.11 -1.23 71.34
CA VAL T 168 -12.69 -2.48 70.71
C VAL T 168 -11.24 -2.35 70.25
N PRO T 169 -10.38 -3.36 70.49
CA PRO T 169 -8.99 -3.35 70.01
C PRO T 169 -8.80 -3.64 68.52
N ILE T 170 -9.60 -2.98 67.69
CA ILE T 170 -9.56 -3.15 66.23
C ILE T 170 -9.69 -1.77 65.61
N SER T 171 -8.75 -1.41 64.73
CA SER T 171 -8.75 -0.12 64.05
C SER T 171 -9.29 -0.30 62.63
N SER T 172 -10.23 0.55 62.25
CA SER T 172 -10.79 0.52 60.91
C SER T 172 -9.97 1.43 60.00
N PRO T 173 -9.22 0.88 59.05
CA PRO T 173 -8.25 1.69 58.31
C PRO T 173 -8.88 2.43 57.13
N THR T 174 -8.24 3.53 56.76
CA THR T 174 -8.63 4.32 55.59
C THR T 174 -7.79 3.97 54.35
N GLY T 175 -7.75 2.69 54.02
CA GLY T 175 -6.93 2.24 52.92
C GLY T 175 -7.58 2.44 51.57
N PHE T 176 -6.85 2.02 50.53
CA PHE T 176 -7.34 2.11 49.15
C PHE T 176 -6.94 0.87 48.36
N SER T 177 -7.09 -0.31 48.97
CA SER T 177 -6.41 -1.55 48.58
C SER T 177 -6.57 -1.92 47.11
N ALA T 178 -5.43 -2.15 46.45
CA ALA T 178 -5.30 -2.40 45.02
C ALA T 178 -4.98 -3.86 44.77
N PRO T 179 -5.41 -4.41 43.63
CA PRO T 179 -5.15 -5.83 43.36
C PRO T 179 -3.70 -6.09 43.04
N ILE T 180 -3.30 -7.36 43.17
CA ILE T 180 -1.93 -7.73 42.87
C ILE T 180 -1.66 -7.72 41.37
N GLN T 181 -2.70 -7.89 40.54
CA GLN T 181 -2.51 -7.79 39.11
C GLN T 181 -2.24 -6.35 38.70
N GLU T 182 -2.86 -5.39 39.38
CA GLU T 182 -2.58 -3.98 39.10
C GLU T 182 -1.17 -3.60 39.54
N VAL T 183 -0.65 -4.26 40.58
CA VAL T 183 0.72 -4.03 40.99
C VAL T 183 1.70 -4.61 39.98
N LEU T 184 1.46 -5.83 39.52
CA LEU T 184 2.43 -6.48 38.65
C LEU T 184 2.38 -5.95 37.22
N GLN T 185 1.20 -5.66 36.69
CA GLN T 185 1.10 -5.22 35.30
C GLN T 185 1.50 -3.75 35.11
N ALA T 186 1.66 -2.99 36.18
CA ALA T 186 1.99 -1.59 36.06
C ALA T 186 3.46 -1.39 35.75
N LYS T 187 3.79 -0.18 35.29
CA LYS T 187 5.17 0.16 34.94
C LYS T 187 5.80 1.15 35.91
N SER T 188 5.00 1.82 36.73
CA SER T 188 5.49 2.86 37.61
C SER T 188 4.60 2.91 38.84
N PRO T 189 5.10 3.42 39.96
CA PRO T 189 4.22 3.65 41.12
C PRO T 189 3.10 4.66 40.86
N GLU T 190 3.37 5.70 40.08
CA GLU T 190 2.35 6.71 39.82
C GLU T 190 1.25 6.18 38.91
N GLU T 191 1.50 5.10 38.18
CA GLU T 191 0.43 4.46 37.44
C GLU T 191 -0.51 3.70 38.38
N ILE T 192 0.02 3.23 39.51
CA ILE T 192 -0.84 2.60 40.52
C ILE T 192 -1.66 3.66 41.23
N ILE T 193 -1.05 4.78 41.60
CA ILE T 193 -1.81 5.86 42.23
C ILE T 193 -2.72 6.54 41.20
N GLY T 194 -2.13 7.13 40.16
CA GLY T 194 -2.89 7.92 39.20
C GLY T 194 -3.69 7.10 38.22
CA MET U 1 16.87 -54.27 23.59
C MET U 1 15.47 -54.08 24.15
N ALA U 2 14.95 -55.09 24.84
CA ALA U 2 13.58 -55.10 25.31
C ALA U 2 13.42 -54.14 26.49
N ARG U 3 12.16 -53.97 26.91
CA ARG U 3 11.84 -52.99 27.94
C ARG U 3 12.39 -53.38 29.30
N LYS U 4 12.61 -54.68 29.54
CA LYS U 4 13.38 -55.22 30.67
C LYS U 4 12.80 -54.85 32.03
N ARG U 5 11.52 -54.49 32.09
CA ARG U 5 10.87 -54.15 33.34
C ARG U 5 9.79 -55.16 33.69
N THR U 6 8.84 -55.37 32.79
CA THR U 6 7.79 -56.35 33.00
C THR U 6 7.40 -56.92 31.66
N SER U 7 6.67 -58.03 31.70
CA SER U 7 6.14 -58.61 30.47
C SER U 7 5.12 -57.69 29.83
N LYS U 8 3.99 -57.47 30.52
CA LYS U 8 2.86 -56.66 30.05
C LYS U 8 2.36 -57.14 28.69
N ASN U 9 1.78 -58.34 28.71
CA ASN U 9 1.34 -59.02 27.50
C ASN U 9 0.21 -58.28 26.81
N ASP U 10 0.54 -57.57 25.74
CA ASP U 10 -0.41 -56.75 25.00
C ASP U 10 0.11 -56.58 23.58
N PRO U 11 -0.58 -57.10 22.57
CA PRO U 11 -0.01 -57.06 21.20
C PRO U 11 -0.03 -55.68 20.56
N LEU U 12 -0.96 -54.83 20.96
CA LEU U 12 -1.06 -53.53 20.32
C LEU U 12 0.09 -52.63 20.73
N ARG U 13 0.59 -52.76 21.97
CA ARG U 13 1.80 -52.05 22.37
C ARG U 13 3.01 -52.54 21.59
N MET U 14 3.05 -53.84 21.25
CA MET U 14 4.15 -54.38 20.46
C MET U 14 4.20 -53.75 19.09
N TYR U 15 3.07 -53.77 18.38
CA TYR U 15 3.04 -53.19 17.04
C TYR U 15 3.26 -51.68 17.07
N LEU U 16 2.78 -51.01 18.11
CA LEU U 16 2.93 -49.57 18.15
C LEU U 16 4.36 -49.15 18.48
N ASN U 17 5.08 -49.91 19.31
CA ASN U 17 6.49 -49.59 19.53
C ASN U 17 7.32 -49.90 18.30
N TYR U 18 6.93 -50.92 17.54
CA TYR U 18 7.63 -51.21 16.29
C TYR U 18 7.46 -50.07 15.29
N VAL U 19 6.23 -49.57 15.15
CA VAL U 19 5.95 -48.45 14.25
C VAL U 19 6.65 -47.19 14.72
N ARG U 20 6.80 -47.02 16.04
CA ARG U 20 7.51 -45.86 16.55
C ARG U 20 9.00 -45.92 16.22
N LYS U 21 9.61 -47.11 16.30
CA LYS U 21 11.07 -47.17 16.10
C LYS U 21 11.50 -47.51 14.68
N LEU U 22 10.55 -47.65 13.76
CA LEU U 22 10.93 -47.73 12.35
C LEU U 22 11.57 -46.46 11.79
N GLN U 23 11.44 -45.33 12.47
CA GLN U 23 12.12 -44.13 12.01
C GLN U 23 13.53 -43.98 12.58
N THR U 24 14.07 -45.03 13.20
CA THR U 24 15.42 -45.04 13.73
C THR U 24 16.18 -46.29 13.32
N MET U 25 15.47 -47.40 13.06
CA MET U 25 16.08 -48.62 12.55
C MET U 25 16.85 -48.38 11.25
N GLY U 26 16.29 -47.54 10.37
CA GLY U 26 16.88 -47.30 9.06
C GLY U 26 18.20 -46.56 9.09
N ASP U 27 18.53 -45.91 10.20
CA ASP U 27 19.84 -45.30 10.40
C ASP U 27 20.75 -46.12 11.28
N ALA U 28 20.19 -46.88 12.22
CA ALA U 28 21.02 -47.75 13.05
C ALA U 28 21.63 -48.87 12.23
N TYR U 29 20.98 -49.28 11.15
CA TYR U 29 21.56 -50.30 10.28
C TYR U 29 22.79 -49.78 9.53
N ASP U 30 22.67 -48.55 8.98
CA ASP U 30 23.78 -47.87 8.33
C ASP U 30 24.94 -47.63 9.28
N GLU U 31 24.65 -47.35 10.55
CA GLU U 31 25.73 -47.22 11.52
C GLU U 31 26.34 -48.58 11.86
N SER U 32 25.54 -49.64 11.87
CA SER U 32 26.01 -50.95 12.30
C SER U 32 26.90 -51.65 11.30
N ALA U 33 26.83 -51.24 10.02
CA ALA U 33 27.68 -51.77 8.96
C ALA U 33 29.18 -51.92 9.28
N LYS U 34 29.73 -50.96 10.02
CA LYS U 34 31.18 -50.84 10.17
C LYS U 34 31.79 -51.96 11.02
N TYR U 35 31.00 -52.57 11.91
CA TYR U 35 31.46 -53.76 12.62
C TYR U 35 30.75 -55.02 12.15
N ARG U 36 29.58 -54.88 11.50
CA ARG U 36 28.90 -55.97 10.85
C ARG U 36 29.80 -56.70 9.86
N ILE U 37 30.53 -55.94 9.03
CA ILE U 37 31.32 -56.53 7.95
C ILE U 37 32.49 -57.34 8.50
N ALA U 38 33.20 -56.80 9.50
CA ALA U 38 34.34 -57.52 10.05
C ALA U 38 33.93 -58.74 10.86
N ASN U 39 32.79 -58.66 11.57
CA ASN U 39 32.36 -59.84 12.31
C ASN U 39 31.90 -60.95 11.38
N PHE U 40 31.28 -60.61 10.24
CA PHE U 40 30.99 -61.67 9.28
C PHE U 40 32.24 -62.21 8.62
N GLU U 41 33.21 -61.31 8.35
CA GLU U 41 34.52 -61.68 7.80
C GLU U 41 35.17 -62.79 8.59
N ASN U 42 35.19 -62.67 9.92
CA ASN U 42 35.77 -63.76 10.70
C ASN U 42 34.74 -64.69 11.34
N GLY U 43 33.48 -64.64 10.93
CA GLY U 43 32.54 -65.64 11.38
C GLY U 43 32.08 -66.65 10.36
N PHE U 44 32.17 -66.31 9.07
CA PHE U 44 31.70 -67.24 8.04
C PHE U 44 32.66 -68.41 7.81
N LYS U 45 33.92 -68.26 8.22
CA LYS U 45 34.91 -69.30 7.99
C LYS U 45 34.59 -70.57 8.75
N SER U 46 33.98 -70.43 9.92
CA SER U 46 33.63 -71.61 10.72
C SER U 46 32.56 -72.45 10.03
N LEU U 47 31.53 -71.81 9.48
CA LEU U 47 30.52 -72.51 8.69
C LEU U 47 31.13 -73.19 7.48
N HIS U 48 31.97 -72.48 6.75
CA HIS U 48 32.46 -73.07 5.50
C HIS U 48 33.43 -74.22 5.78
N MET U 49 34.20 -74.12 6.87
CA MET U 49 35.09 -75.20 7.23
C MET U 49 34.32 -76.42 7.74
N VAL U 50 33.26 -76.21 8.53
CA VAL U 50 32.56 -77.38 9.05
C VAL U 50 31.74 -78.05 7.94
N GLU U 51 31.28 -77.29 6.94
CA GLU U 51 30.56 -77.91 5.84
C GLU U 51 31.50 -78.67 4.91
N ASN U 52 32.71 -78.15 4.66
CA ASN U 52 33.67 -78.92 3.89
C ASN U 52 34.15 -80.16 4.64
N GLU U 53 34.30 -80.07 5.96
CA GLU U 53 34.73 -81.24 6.71
C GLU U 53 33.65 -82.31 6.75
N PHE U 54 32.38 -81.91 6.79
CA PHE U 54 31.30 -82.87 6.67
C PHE U 54 31.30 -83.55 5.30
N LYS U 55 31.45 -82.78 4.22
CA LYS U 55 31.51 -83.37 2.88
C LYS U 55 32.63 -84.39 2.77
N GLN U 56 33.81 -84.03 3.27
CA GLN U 56 34.98 -84.90 3.14
C GLN U 56 34.82 -86.17 3.96
N TYR U 57 34.38 -86.04 5.22
CA TYR U 57 34.33 -87.23 6.06
C TYR U 57 33.15 -88.12 5.71
N LEU U 58 32.04 -87.54 5.21
CA LEU U 58 30.96 -88.37 4.69
C LEU U 58 31.40 -89.13 3.45
N ALA U 59 32.17 -88.49 2.57
CA ALA U 59 32.70 -89.18 1.40
C ALA U 59 33.62 -90.33 1.79
N ASN U 60 34.46 -90.12 2.82
CA ASN U 60 35.36 -91.18 3.26
C ASN U 60 34.60 -92.37 3.86
N VAL U 61 33.59 -92.09 4.69
CA VAL U 61 32.82 -93.17 5.32
C VAL U 61 32.01 -93.94 4.28
N ILE U 62 31.39 -93.23 3.32
CA ILE U 62 30.63 -93.89 2.26
C ILE U 62 31.53 -94.71 1.36
N ASP U 63 32.75 -94.24 1.07
CA ASP U 63 33.64 -95.02 0.22
C ASP U 63 34.19 -96.24 0.95
N GLU U 64 34.40 -96.14 2.26
CA GLU U 64 34.79 -97.33 3.02
C GLU U 64 33.64 -98.32 3.15
N ALA U 65 32.39 -97.84 3.07
CA ALA U 65 31.27 -98.78 3.04
C ALA U 65 31.12 -99.42 1.67
N ILE U 66 31.44 -98.70 0.59
CA ILE U 66 31.37 -99.26 -0.75
C ILE U 66 32.47 -100.30 -0.96
N LYS U 67 33.66 -100.08 -0.36
CA LYS U 67 34.74 -101.05 -0.48
C LYS U 67 34.45 -102.37 0.22
N SER U 68 33.46 -102.39 1.11
CA SER U 68 32.99 -103.63 1.71
C SER U 68 32.02 -104.40 0.82
N GLY U 69 31.76 -103.93 -0.39
CA GLY U 69 30.99 -104.69 -1.36
C GLY U 69 29.55 -104.29 -1.55
N ALA U 70 29.11 -103.18 -0.96
CA ALA U 70 27.74 -102.73 -1.14
C ALA U 70 27.54 -102.09 -2.51
N SER U 71 26.30 -101.90 -2.86
CA SER U 71 25.95 -101.28 -4.13
C SER U 71 25.63 -99.80 -3.94
N PRO U 72 25.91 -98.95 -4.93
CA PRO U 72 25.57 -97.52 -4.80
C PRO U 72 24.08 -97.22 -4.91
N GLN U 73 23.23 -98.21 -5.14
CA GLN U 73 21.81 -98.00 -4.94
C GLN U 73 21.38 -98.26 -3.51
N ASP U 74 22.20 -98.95 -2.71
CA ASP U 74 21.80 -99.24 -1.33
C ASP U 74 21.82 -98.01 -0.45
N LEU U 75 22.73 -97.08 -0.72
CA LEU U 75 22.96 -95.92 0.14
C LEU U 75 22.99 -94.65 -0.70
N PRO U 76 21.82 -94.04 -0.95
CA PRO U 76 21.76 -92.86 -1.82
C PRO U 76 22.51 -91.64 -1.32
N TYR U 77 22.03 -91.05 -0.20
CA TYR U 77 22.58 -89.87 0.45
C TYR U 77 22.90 -88.75 -0.52
N VAL U 78 21.92 -88.32 -1.32
CA VAL U 78 22.23 -87.51 -2.49
C VAL U 78 22.14 -86.04 -2.20
N ASN U 79 20.92 -85.55 -1.97
CA ASN U 79 20.74 -84.11 -1.86
C ASN U 79 20.09 -83.70 -0.54
N GLU U 80 18.99 -84.32 -0.17
CA GLU U 80 18.26 -83.89 1.00
C GLU U 80 18.65 -84.64 2.26
N ILE U 81 19.14 -85.86 2.13
CA ILE U 81 19.58 -86.59 3.30
C ILE U 81 20.92 -86.03 3.78
N LYS U 82 21.78 -85.63 2.85
CA LYS U 82 22.96 -84.85 3.21
C LYS U 82 22.58 -83.52 3.84
N LEU U 83 21.47 -82.93 3.40
CA LEU U 83 21.03 -81.68 3.99
C LEU U 83 20.54 -81.89 5.42
N ALA U 84 19.93 -83.05 5.70
CA ALA U 84 19.56 -83.42 7.07
C ALA U 84 20.79 -83.56 7.97
N LEU U 85 21.81 -84.27 7.47
CA LEU U 85 23.00 -84.47 8.28
C LEU U 85 23.79 -83.18 8.44
N MET U 86 23.68 -82.28 7.47
CA MET U 86 24.30 -80.97 7.67
C MET U 86 23.51 -80.13 8.66
N LYS U 87 22.18 -80.34 8.77
CA LYS U 87 21.41 -79.65 9.80
C LYS U 87 21.89 -80.01 11.20
N ILE U 88 22.07 -81.31 11.45
CA ILE U 88 22.52 -81.71 12.80
C ILE U 88 23.96 -81.24 13.06
N PHE U 89 24.82 -81.28 12.05
CA PHE U 89 26.19 -80.82 12.32
C PHE U 89 26.30 -79.29 12.43
N THR U 90 25.43 -78.54 11.77
CA THR U 90 25.48 -77.10 11.90
C THR U 90 24.89 -76.64 13.24
N SER U 91 23.90 -77.38 13.75
CA SER U 91 23.44 -77.09 15.11
C SER U 91 24.51 -77.46 16.13
N TRP U 92 25.32 -78.46 15.83
CA TRP U 92 26.48 -78.74 16.68
C TRP U 92 27.48 -77.61 16.64
N LEU U 93 27.66 -76.99 15.48
CA LEU U 93 28.48 -75.78 15.38
C LEU U 93 27.93 -74.65 16.23
N LYS U 94 26.61 -74.49 16.27
CA LYS U 94 26.03 -73.40 17.08
C LYS U 94 26.25 -73.63 18.56
N TYR U 95 25.89 -74.82 19.04
CA TYR U 95 25.99 -75.04 20.48
C TYR U 95 27.44 -75.22 20.93
N SER U 96 28.36 -75.45 20.01
CA SER U 96 29.77 -75.34 20.35
C SER U 96 30.29 -73.92 20.24
N ASN U 97 29.58 -73.06 19.51
CA ASN U 97 30.07 -71.71 19.29
C ASN U 97 29.80 -70.84 20.51
N GLU U 98 28.81 -71.24 21.31
CA GLU U 98 28.67 -70.73 22.66
C GLU U 98 29.62 -71.50 23.57
N LYS U 99 29.83 -70.99 24.78
CA LYS U 99 30.76 -71.64 25.69
C LYS U 99 29.99 -72.59 26.61
N LEU U 100 29.30 -73.54 25.99
CA LEU U 100 28.49 -74.50 26.71
C LEU U 100 29.31 -75.70 27.13
N GLY U 101 28.81 -76.42 28.13
CA GLY U 101 29.45 -77.64 28.58
C GLY U 101 29.28 -78.77 27.60
N ALA U 102 29.81 -79.93 27.97
CA ALA U 102 29.84 -81.06 27.03
C ALA U 102 28.47 -81.70 26.87
N ASN U 103 27.81 -82.04 27.98
CA ASN U 103 26.53 -82.74 27.86
C ASN U 103 25.40 -81.83 27.41
N GLU U 104 25.53 -80.52 27.64
CA GLU U 104 24.51 -79.59 27.16
C GLU U 104 24.54 -79.51 25.64
N ILE U 105 25.74 -79.50 25.07
CA ILE U 105 25.92 -79.68 23.63
C ILE U 105 25.34 -81.02 23.18
N ALA U 106 25.58 -82.08 23.96
CA ALA U 106 25.13 -83.42 23.58
C ALA U 106 23.62 -83.49 23.50
N ILE U 107 22.92 -82.92 24.49
CA ILE U 107 21.48 -83.05 24.47
C ILE U 107 20.80 -82.04 23.54
N ASN U 108 21.41 -80.88 23.28
CA ASN U 108 20.83 -80.00 22.28
C ASN U 108 21.00 -80.57 20.87
N VAL U 109 22.15 -81.17 20.58
CA VAL U 109 22.33 -81.83 19.29
C VAL U 109 21.45 -83.06 19.17
N ALA U 110 21.18 -83.74 20.30
CA ALA U 110 20.24 -84.86 20.27
C ALA U 110 18.82 -84.40 19.98
N GLY U 111 18.43 -83.24 20.51
CA GLY U 111 17.11 -82.72 20.19
C GLY U 111 16.97 -82.31 18.73
N THR U 112 18.01 -81.67 18.18
CA THR U 112 17.99 -81.31 16.77
C THR U 112 18.01 -82.57 15.89
N ALA U 113 18.71 -83.61 16.33
CA ALA U 113 18.68 -84.90 15.65
C ALA U 113 17.29 -85.52 15.67
N THR U 114 16.59 -85.40 16.80
CA THR U 114 15.23 -85.91 16.89
C THR U 114 14.31 -85.23 15.90
N MET U 115 14.34 -83.89 15.86
CA MET U 115 13.50 -83.14 14.93
C MET U 115 13.83 -83.44 13.47
N THR U 116 15.13 -83.44 13.14
CA THR U 116 15.53 -83.61 11.75
C THR U 116 15.28 -85.04 11.26
N LEU U 117 15.69 -86.05 12.03
CA LEU U 117 15.44 -87.42 11.61
C LEU U 117 13.99 -87.84 11.80
N THR U 118 13.18 -87.03 12.47
CA THR U 118 11.74 -87.25 12.42
C THR U 118 11.18 -86.77 11.09
N GLU U 119 11.57 -85.56 10.67
CA GLU U 119 10.92 -84.93 9.52
C GLU U 119 11.22 -85.66 8.20
N ASN U 120 12.48 -85.72 7.80
CA ASN U 120 12.81 -86.01 6.40
C ASN U 120 13.45 -87.39 6.22
N LEU U 121 12.94 -88.41 6.92
CA LEU U 121 13.26 -89.75 6.45
C LEU U 121 12.05 -90.68 6.50
N TYR U 122 10.85 -90.11 6.41
CA TYR U 122 9.65 -90.90 6.19
C TYR U 122 9.33 -90.89 4.71
N GLY U 123 9.29 -92.07 4.11
CA GLY U 123 8.99 -92.20 2.72
C GLY U 123 10.19 -92.16 1.79
N THR U 124 11.40 -92.34 2.31
CA THR U 124 12.55 -92.29 1.42
C THR U 124 13.60 -93.37 1.69
N ARG U 125 13.21 -94.64 1.87
CA ARG U 125 14.05 -95.80 1.59
C ARG U 125 15.16 -96.01 2.64
N VAL U 126 15.35 -95.06 3.56
CA VAL U 126 16.45 -95.09 4.51
C VAL U 126 15.86 -95.15 5.92
N SER U 127 16.09 -96.25 6.61
CA SER U 127 15.64 -96.41 7.98
C SER U 127 16.44 -95.51 8.90
N CYS U 128 15.90 -95.28 10.10
CA CYS U 128 16.55 -94.34 11.01
C CYS U 128 17.79 -94.94 11.65
N GLU U 129 17.83 -96.26 11.83
CA GLU U 129 18.96 -96.91 12.49
C GLU U 129 20.22 -96.79 11.66
N GLU U 130 20.09 -96.87 10.33
CA GLU U 130 21.24 -96.72 9.46
C GLU U 130 21.76 -95.29 9.46
N ALA U 131 20.85 -94.31 9.54
CA ALA U 131 21.25 -92.92 9.59
C ALA U 131 21.96 -92.60 10.91
N VAL U 132 21.50 -93.19 12.01
CA VAL U 132 22.13 -92.92 13.30
C VAL U 132 23.47 -93.65 13.40
N SER U 133 23.60 -94.82 12.78
CA SER U 133 24.90 -95.45 12.66
C SER U 133 25.86 -94.61 11.83
N LEU U 134 25.35 -93.95 10.79
CA LEU U 134 26.20 -93.08 9.98
C LEU U 134 26.65 -91.84 10.76
N ILE U 135 25.75 -91.25 11.56
CA ILE U 135 26.10 -90.10 12.39
C ILE U 135 27.13 -90.49 13.44
N ASN U 136 26.96 -91.66 14.05
CA ASN U 136 27.94 -92.15 15.02
C ASN U 136 29.29 -92.43 14.37
N SER U 137 29.28 -92.87 13.11
CA SER U 137 30.55 -93.06 12.41
C SER U 137 31.24 -91.73 12.11
N ILE U 138 30.47 -90.69 11.77
CA ILE U 138 31.08 -89.40 11.48
C ILE U 138 31.65 -88.77 12.77
N PHE U 139 30.93 -88.91 13.89
CA PHE U 139 31.50 -88.45 15.15
C PHE U 139 32.65 -89.31 15.63
N ALA U 140 32.72 -90.57 15.21
CA ALA U 140 33.91 -91.36 15.50
C ALA U 140 35.10 -90.87 14.68
N VAL U 141 34.85 -90.33 13.50
CA VAL U 141 35.94 -89.78 12.70
C VAL U 141 36.42 -88.45 13.27
N TRP U 142 35.47 -87.55 13.62
CA TRP U 142 35.83 -86.23 14.15
C TRP U 142 36.49 -86.29 15.51
N VAL U 143 35.77 -86.74 16.54
CA VAL U 143 36.27 -86.61 17.91
C VAL U 143 36.36 -87.97 18.60
N GLY U 144 35.80 -88.99 17.97
CA GLY U 144 35.91 -90.35 18.50
C GLY U 144 35.11 -90.57 19.75
N VAL U 145 33.78 -90.43 19.66
CA VAL U 145 32.89 -90.53 20.82
C VAL U 145 31.80 -91.57 20.59
N GLU U 146 31.09 -91.47 19.45
CA GLU U 146 29.87 -92.20 19.10
C GLU U 146 28.82 -92.02 20.19
N PRO U 147 28.19 -90.85 20.32
CA PRO U 147 27.36 -90.57 21.50
C PRO U 147 25.90 -91.00 21.45
N PHE U 148 25.30 -91.18 20.27
CA PHE U 148 23.85 -91.22 20.18
C PHE U 148 23.33 -92.65 20.06
N GLU U 149 22.35 -92.98 20.89
CA GLU U 149 21.54 -94.19 20.77
C GLU U 149 20.15 -93.79 20.33
N ALA U 150 19.58 -94.57 19.41
CA ALA U 150 18.31 -94.19 18.81
C ALA U 150 17.29 -95.29 18.94
N GLU U 151 16.06 -94.96 18.53
CA GLU U 151 14.97 -95.92 18.51
C GLU U 151 13.91 -95.42 17.54
N GLU U 152 13.20 -96.37 16.93
CA GLU U 152 12.06 -96.08 16.08
C GLU U 152 10.78 -96.47 16.83
N ARG U 153 10.77 -96.17 18.13
CA ARG U 153 9.80 -96.75 19.07
C ARG U 153 8.38 -96.34 18.76
N GLU U 154 8.19 -95.14 18.24
CA GLU U 154 6.90 -94.67 17.79
C GLU U 154 7.01 -94.39 16.30
N GLY U 155 5.99 -93.72 15.74
CA GLY U 155 5.99 -93.40 14.32
C GLY U 155 7.12 -92.48 13.88
N ALA U 156 7.69 -91.72 14.80
CA ALA U 156 8.86 -90.89 14.54
C ALA U 156 10.11 -91.59 15.05
N CYS U 157 11.27 -91.05 14.71
CA CYS U 157 12.52 -91.57 15.24
C CYS U 157 13.00 -90.67 16.38
N LEU U 158 13.52 -91.27 17.43
CA LEU U 158 13.90 -90.56 18.63
C LEU U 158 15.36 -90.82 18.96
N VAL U 159 16.13 -89.76 19.17
CA VAL U 159 17.56 -89.82 19.42
C VAL U 159 17.81 -89.34 20.84
N THR U 160 18.55 -90.12 21.60
CA THR U 160 18.95 -89.78 22.96
C THR U 160 20.45 -90.02 23.13
N PRO U 161 21.13 -89.20 23.91
CA PRO U 161 22.58 -89.34 24.05
C PRO U 161 22.98 -90.35 25.11
N ARG U 162 24.17 -90.93 24.91
CA ARG U 162 24.76 -91.85 25.87
C ARG U 162 25.96 -91.27 26.59
N SER U 163 26.64 -90.29 26.02
CA SER U 163 27.90 -89.80 26.55
C SER U 163 28.02 -88.33 26.18
N PRO U 164 28.77 -87.55 26.95
CA PRO U 164 28.94 -86.13 26.61
C PRO U 164 29.72 -85.93 25.32
N LEU U 165 29.48 -84.79 24.68
CA LEU U 165 30.01 -84.51 23.37
C LEU U 165 30.95 -83.32 23.43
N PRO U 166 32.16 -83.41 22.88
CA PRO U 166 33.07 -82.26 22.88
C PRO U 166 32.64 -81.22 21.88
N PRO U 167 33.07 -79.98 22.02
CA PRO U 167 32.77 -78.94 21.03
C PRO U 167 33.60 -79.12 19.76
N VAL U 168 33.32 -78.29 18.78
CA VAL U 168 33.94 -78.38 17.45
C VAL U 168 35.41 -77.99 17.54
N PRO U 169 36.32 -78.74 16.91
CA PRO U 169 37.75 -78.39 16.88
C PRO U 169 38.12 -77.25 15.93
N ILE U 170 37.36 -76.16 15.96
CA ILE U 170 37.58 -75.00 15.11
C ILE U 170 37.37 -73.76 15.97
N SER U 171 38.36 -72.86 15.97
CA SER U 171 38.32 -71.63 16.75
C SER U 171 37.95 -70.47 15.83
N SER U 172 36.97 -69.68 16.23
CA SER U 172 36.57 -68.50 15.47
C SER U 172 37.39 -67.29 15.91
N PRO U 173 38.28 -66.78 15.08
CA PRO U 173 39.25 -65.77 15.54
C PRO U 173 38.69 -64.37 15.51
N THR U 174 39.25 -63.52 16.36
CA THR U 174 38.92 -62.10 16.42
C THR U 174 39.90 -61.24 15.62
N GLY U 175 40.10 -61.60 14.36
CA GLY U 175 41.08 -60.90 13.54
C GLY U 175 40.57 -59.61 12.96
N PHE U 176 41.44 -58.96 12.20
CA PHE U 176 41.11 -57.71 11.52
C PHE U 176 41.71 -57.65 10.12
N SER U 177 41.61 -58.77 9.39
CA SER U 177 42.45 -59.09 8.23
C SER U 177 42.49 -57.99 7.16
N ALA U 178 43.71 -57.59 6.81
CA ALA U 178 44.02 -56.49 5.91
C ALA U 178 44.50 -57.02 4.57
N PRO U 179 44.26 -56.30 3.47
CA PRO U 179 44.68 -56.79 2.16
C PRO U 179 46.19 -56.70 1.98
N ILE U 180 46.69 -57.47 1.01
CA ILE U 180 48.12 -57.46 0.74
C ILE U 180 48.54 -56.17 0.04
N GLN U 181 47.62 -55.50 -0.66
CA GLN U 181 47.95 -54.22 -1.26
C GLN U 181 48.12 -53.15 -0.18
N GLU U 182 47.34 -53.23 0.90
CA GLU U 182 47.51 -52.30 2.00
C GLU U 182 48.81 -52.55 2.74
N VAL U 183 49.28 -53.80 2.77
CA VAL U 183 50.57 -54.11 3.36
C VAL U 183 51.71 -53.56 2.50
N LEU U 184 51.63 -53.77 1.19
CA LEU U 184 52.75 -53.38 0.34
C LEU U 184 52.82 -51.88 0.08
N GLN U 185 51.66 -51.22 -0.09
CA GLN U 185 51.69 -49.80 -0.40
C GLN U 185 51.96 -48.92 0.81
N ALA U 186 51.91 -49.47 2.01
CA ALA U 186 52.11 -48.67 3.21
C ALA U 186 53.59 -48.36 3.42
N LYS U 187 53.85 -47.38 4.28
CA LYS U 187 55.21 -46.97 4.60
C LYS U 187 55.63 -47.33 6.02
N SER U 188 54.68 -47.66 6.89
CA SER U 188 54.98 -47.93 8.28
C SER U 188 53.96 -48.93 8.79
N PRO U 189 54.28 -49.66 9.87
CA PRO U 189 53.26 -50.50 10.51
C PRO U 189 52.08 -49.73 11.10
N GLU U 190 52.32 -48.54 11.65
CA GLU U 190 51.24 -47.76 12.23
C GLU U 190 50.31 -47.19 11.17
N GLU U 191 50.75 -47.11 9.92
CA GLU U 191 49.83 -46.76 8.86
C GLU U 191 48.88 -47.90 8.55
N ILE U 192 49.32 -49.15 8.77
CA ILE U 192 48.42 -50.28 8.60
C ILE U 192 47.41 -50.34 9.75
N ILE U 193 47.88 -50.12 10.98
CA ILE U 193 46.95 -50.08 12.11
C ILE U 193 46.10 -48.81 12.05
N GLY U 194 46.73 -47.65 12.13
CA GLY U 194 46.01 -46.39 12.23
C GLY U 194 45.40 -45.93 10.94
CA MET V 1 -28.85 41.98 48.72
C MET V 1 -30.16 42.76 48.77
N ALA V 2 -30.46 43.33 49.94
CA ALA V 2 -31.72 44.00 50.17
C ALA V 2 -31.77 45.33 49.43
N ARG V 3 -32.95 45.96 49.45
CA ARG V 3 -33.19 47.18 48.68
C ARG V 3 -32.38 48.36 49.21
N LYS V 4 -32.01 48.35 50.50
CA LYS V 4 -31.03 49.23 51.12
C LYS V 4 -31.41 50.71 51.02
N ARG V 5 -32.68 51.02 50.82
CA ARG V 5 -33.14 52.39 50.75
C ARG V 5 -34.05 52.73 51.92
N THR V 6 -35.11 51.96 52.10
CA THR V 6 -36.03 52.16 53.21
C THR V 6 -36.58 50.81 53.61
N SER V 7 -37.20 50.77 54.79
CA SER V 7 -37.87 49.56 55.24
C SER V 7 -39.06 49.24 54.35
N LYS V 8 -40.08 50.12 54.36
CA LYS V 8 -41.33 49.97 53.62
C LYS V 8 -42.01 48.63 53.96
N ASN V 9 -42.48 48.55 55.21
CA ASN V 9 -43.03 47.31 55.73
C ASN V 9 -44.34 46.95 55.02
N ASP V 10 -44.25 45.96 54.14
CA ASP V 10 -45.38 45.52 53.33
C ASP V 10 -45.11 44.09 52.88
N PRO V 11 -45.92 43.11 53.32
CA PRO V 11 -45.59 41.71 53.02
C PRO V 11 -45.82 41.31 51.57
N LEU V 12 -46.75 42.00 50.89
CA LEU V 12 -47.07 41.60 49.53
C LEU V 12 -45.94 41.97 48.58
N ARG V 13 -45.25 43.07 48.84
CA ARG V 13 -44.05 43.41 48.07
C ARG V 13 -42.95 42.39 48.29
N MET V 14 -42.86 41.83 49.51
CA MET V 14 -41.85 40.81 49.80
C MET V 14 -42.09 39.56 48.97
N TYR V 15 -43.32 39.04 49.00
CA TYR V 15 -43.61 37.84 48.25
C TYR V 15 -43.54 38.08 46.75
N LEU V 16 -43.89 39.28 46.29
CA LEU V 16 -43.85 39.54 44.87
C LEU V 16 -42.43 39.71 44.34
N ASN V 17 -41.53 40.29 45.13
CA ASN V 17 -40.14 40.36 44.69
C ASN V 17 -39.49 38.98 44.71
N TYR V 18 -39.91 38.12 45.66
CA TYR V 18 -39.41 36.75 45.67
C TYR V 18 -39.84 35.98 44.42
N VAL V 19 -41.12 36.12 44.05
CA VAL V 19 -41.63 35.47 42.85
C VAL V 19 -40.98 36.04 41.59
N ARG V 20 -40.63 37.32 41.61
CA ARG V 20 -39.94 37.91 40.47
C ARG V 20 -38.53 37.36 40.31
N LYS V 21 -37.82 37.15 41.42
CA LYS V 21 -36.42 36.73 41.28
C LYS V 21 -36.20 35.22 41.35
N LEU V 22 -37.27 34.43 41.46
CA LEU V 22 -37.13 32.99 41.29
C LEU V 22 -36.70 32.57 39.88
N GLN V 23 -36.82 33.44 38.89
CA GLN V 23 -36.33 33.08 37.56
C GLN V 23 -34.87 33.45 37.34
N THR V 24 -34.14 33.81 38.40
CA THR V 24 -32.72 34.11 38.34
C THR V 24 -31.93 33.39 39.42
N MET V 25 -32.59 33.06 40.55
CA MET V 25 -31.96 32.26 41.60
C MET V 25 -31.44 30.92 41.08
N GLY V 26 -32.20 30.28 40.20
CA GLY V 26 -31.86 28.96 39.69
C GLY V 26 -30.63 28.92 38.82
N ASP V 27 -30.18 30.07 38.32
CA ASP V 27 -28.92 30.17 37.59
C ASP V 27 -27.80 30.75 38.44
N ALA V 28 -28.13 31.63 39.38
CA ALA V 28 -27.10 32.16 40.26
C ALA V 28 -26.54 31.09 41.18
N TYR V 29 -27.32 30.06 41.50
CA TYR V 29 -26.81 28.95 42.30
C TYR V 29 -25.77 28.13 41.53
N ASP V 30 -26.08 27.82 40.26
CA ASP V 30 -25.16 27.14 39.36
C ASP V 30 -23.89 27.92 39.13
N GLU V 31 -23.99 29.25 39.10
CA GLU V 31 -22.77 30.05 38.99
C GLU V 31 -22.00 30.06 40.30
N SER V 32 -22.69 30.02 41.44
CA SER V 32 -22.05 30.16 42.74
C SER V 32 -21.27 28.92 43.17
N ALA V 33 -21.58 27.76 42.58
CA ALA V 33 -20.88 26.50 42.85
C ALA V 33 -19.35 26.57 42.88
N LYS V 34 -18.77 27.36 41.98
CA LYS V 34 -17.32 27.32 41.73
C LYS V 34 -16.49 27.87 42.89
N TYR V 35 -17.06 28.75 43.70
CA TYR V 35 -16.40 29.17 44.93
C TYR V 35 -17.05 28.60 46.17
N ARG V 36 -18.31 28.19 46.06
CA ARG V 36 -19.01 27.47 47.13
C ARG V 36 -18.21 26.24 47.58
N ILE V 37 -17.70 25.46 46.62
CA ILE V 37 -17.06 24.19 46.96
C ILE V 37 -15.75 24.41 47.70
N ALA V 38 -14.93 25.36 47.25
CA ALA V 38 -13.65 25.62 47.91
C ALA V 38 -13.82 26.27 49.28
N ASN V 39 -14.82 27.14 49.43
CA ASN V 39 -15.02 27.74 50.75
C ASN V 39 -15.53 26.71 51.75
N PHE V 40 -16.36 25.75 51.32
CA PHE V 40 -16.71 24.67 52.24
C PHE V 40 -15.53 23.76 52.54
N GLU V 41 -14.71 23.50 51.50
CA GLU V 41 -13.49 22.71 51.63
C GLU V 41 -12.62 23.19 52.78
N ASN V 42 -12.39 24.50 52.85
CA ASN V 42 -11.60 24.99 53.96
C ASN V 42 -12.41 25.62 55.08
N GLY V 43 -13.73 25.42 55.12
CA GLY V 43 -14.49 25.84 56.28
C GLY V 43 -15.02 24.74 57.17
N PHE V 44 -15.17 23.53 56.63
CA PHE V 44 -15.73 22.43 57.44
C PHE V 44 -14.72 21.89 58.46
N LYS V 45 -13.43 22.12 58.23
CA LYS V 45 -12.40 21.56 59.10
C LYS V 45 -12.47 22.14 60.50
N SER V 46 -12.90 23.41 60.62
CA SER V 46 -13.00 24.03 61.93
C SER V 46 -14.09 23.38 62.78
N LEU V 47 -15.25 23.11 62.17
CA LEU V 47 -16.31 22.37 62.86
C LEU V 47 -15.86 20.99 63.28
N HIS V 48 -15.20 20.27 62.37
CA HIS V 48 -14.89 18.88 62.71
C HIS V 48 -13.78 18.82 63.77
N MET V 49 -12.86 19.78 63.74
CA MET V 49 -11.83 19.82 64.77
C MET V 49 -12.40 20.23 66.12
N VAL V 50 -13.32 21.20 66.15
CA VAL V 50 -13.83 21.62 67.46
C VAL V 50 -14.76 20.55 68.05
N GLU V 51 -15.43 19.76 67.19
CA GLU V 51 -16.27 18.70 67.73
C GLU V 51 -15.43 17.52 68.24
N ASN V 52 -14.34 17.19 67.54
CA ASN V 52 -13.45 16.16 68.08
C ASN V 52 -12.76 16.62 69.35
N GLU V 53 -12.38 17.90 69.45
CA GLU V 53 -11.74 18.37 70.66
C GLU V 53 -12.70 18.39 71.83
N PHE V 54 -13.98 18.69 71.59
CA PHE V 54 -14.98 18.56 72.64
C PHE V 54 -15.14 17.12 73.11
N LYS V 55 -15.25 16.17 72.17
CA LYS V 55 -15.36 14.76 72.53
C LYS V 55 -14.19 14.31 73.40
N GLN V 56 -12.97 14.68 72.99
CA GLN V 56 -11.76 14.24 73.68
C GLN V 56 -11.68 14.85 75.07
N TYR V 57 -11.91 16.16 75.19
CA TYR V 57 -11.72 16.79 76.49
C TYR V 57 -12.86 16.48 77.45
N LEU V 58 -14.07 16.26 76.93
CA LEU V 58 -15.16 15.77 77.78
C LEU V 58 -14.85 14.37 78.29
N ALA V 59 -14.29 13.51 77.44
CA ALA V 59 -13.92 12.17 77.89
C ALA V 59 -12.85 12.22 78.97
N ASN V 60 -11.87 13.13 78.82
CA ASN V 60 -10.83 13.26 79.83
C ASN V 60 -11.36 13.75 81.17
N VAL V 61 -12.25 14.76 81.14
CA VAL V 61 -12.80 15.30 82.39
C VAL V 61 -13.70 14.29 83.08
N ILE V 62 -14.53 13.57 82.30
CA ILE V 62 -15.38 12.54 82.88
C ILE V 62 -14.58 11.38 83.45
N ASP V 63 -13.48 11.00 82.80
CA ASP V 63 -12.68 9.91 83.34
C ASP V 63 -11.91 10.34 84.59
N GLU V 64 -11.49 11.60 84.66
CA GLU V 64 -10.88 12.08 85.89
C GLU V 64 -11.90 12.22 87.01
N ALA V 65 -13.18 12.41 86.68
CA ALA V 65 -14.20 12.39 87.72
C ALA V 65 -14.52 10.97 88.17
N ILE V 66 -14.45 10.00 87.26
CA ILE V 66 -14.69 8.60 87.62
C ILE V 66 -13.55 8.06 88.48
N LYS V 67 -12.31 8.51 88.22
CA LYS V 67 -11.18 8.06 89.03
C LYS V 67 -11.23 8.57 90.46
N SER V 68 -12.07 9.58 90.74
CA SER V 68 -12.32 10.04 92.10
C SER V 68 -13.35 9.18 92.84
N GLY V 69 -13.85 8.12 92.21
CA GLY V 69 -14.69 7.16 92.91
C GLY V 69 -16.17 7.26 92.64
N ALA V 70 -16.60 8.08 91.68
CA ALA V 70 -18.02 8.19 91.39
C ALA V 70 -18.50 7.00 90.56
N SER V 71 -19.80 6.87 90.46
CA SER V 71 -20.41 5.79 89.71
C SER V 71 -20.81 6.26 88.32
N PRO V 72 -20.78 5.40 87.30
CA PRO V 72 -21.21 5.81 85.96
C PRO V 72 -22.72 5.99 85.82
N GLN V 73 -23.51 5.72 86.86
CA GLN V 73 -24.89 6.16 86.83
C GLN V 73 -25.06 7.58 87.35
N ASP V 74 -24.05 8.12 88.05
CA ASP V 74 -24.19 9.47 88.61
C ASP V 74 -24.14 10.52 87.51
N LEU V 75 -23.37 10.29 86.46
CA LEU V 75 -23.11 11.28 85.43
C LEU V 75 -23.32 10.66 84.05
N PRO V 76 -24.56 10.71 83.54
CA PRO V 76 -24.87 10.05 82.26
C PRO V 76 -24.16 10.64 81.05
N TYR V 77 -24.48 11.90 80.70
CA TYR V 77 -23.96 12.65 79.56
C TYR V 77 -23.90 11.84 78.28
N VAL V 78 -25.03 11.28 77.85
CA VAL V 78 -24.99 10.22 76.86
C VAL V 78 -25.16 10.77 75.46
N ASN V 79 -26.35 11.25 75.15
CA ASN V 79 -26.64 11.63 73.78
C ASN V 79 -27.10 13.08 73.64
N GLU V 80 -28.08 13.50 74.43
CA GLU V 80 -28.63 14.83 74.26
C GLU V 80 -27.98 15.87 75.15
N ILE V 81 -27.41 15.46 76.28
CA ILE V 81 -26.71 16.42 77.12
C ILE V 81 -25.36 16.78 76.49
N LYS V 82 -24.72 15.81 75.85
CA LYS V 82 -23.56 16.11 75.01
C LYS V 82 -23.94 17.01 73.84
N LEU V 83 -25.16 16.84 73.32
CA LEU V 83 -25.61 17.70 72.24
C LEU V 83 -25.84 19.13 72.72
N ALA V 84 -26.29 19.30 73.96
CA ALA V 84 -26.39 20.63 74.56
C ALA V 84 -25.01 21.29 74.70
N LEU V 85 -24.04 20.54 75.21
CA LEU V 85 -22.72 21.12 75.40
C LEU V 85 -22.03 21.37 74.06
N MET V 86 -22.37 20.59 73.04
CA MET V 86 -21.85 20.90 71.72
C MET V 86 -22.54 22.13 71.13
N LYS V 87 -23.80 22.39 71.50
CA LYS V 87 -24.45 23.63 71.06
C LYS V 87 -23.72 24.86 71.57
N ILE V 88 -23.38 24.88 72.87
CA ILE V 88 -22.68 26.05 73.41
C ILE V 88 -21.27 26.17 72.83
N PHE V 89 -20.58 25.04 72.61
CA PHE V 89 -19.24 25.18 72.04
C PHE V 89 -19.24 25.52 70.56
N THR V 90 -20.28 25.14 69.82
CA THR V 90 -20.33 25.50 68.41
C THR V 90 -20.73 26.96 68.24
N SER V 91 -21.55 27.49 69.14
CA SER V 91 -21.80 28.93 69.12
C SER V 91 -20.55 29.71 69.51
N TRP V 92 -19.71 29.13 70.37
CA TRP V 92 -18.41 29.73 70.64
C TRP V 92 -17.53 29.74 69.40
N LEU V 93 -17.61 28.67 68.59
CA LEU V 93 -16.92 28.65 67.31
C LEU V 93 -17.42 29.76 66.38
N LYS V 94 -18.73 30.02 66.37
CA LYS V 94 -19.24 31.07 65.49
C LYS V 94 -18.78 32.45 65.92
N TYR V 95 -18.94 32.78 67.20
CA TYR V 95 -18.58 34.13 67.62
C TYR V 95 -17.08 34.32 67.70
N SER V 96 -16.29 33.24 67.69
CA SER V 96 -14.86 33.38 67.47
C SER V 96 -14.50 33.44 66.01
N ASN V 97 -15.39 32.96 65.12
CA ASN V 97 -15.07 32.91 63.70
C ASN V 97 -15.21 34.28 63.07
N GLU V 98 -16.01 35.14 63.69
CA GLU V 98 -15.97 36.56 63.40
C GLU V 98 -14.82 37.18 64.20
N LYS V 99 -14.46 38.41 63.85
CA LYS V 99 -13.33 39.06 64.53
C LYS V 99 -13.85 39.91 65.68
N LEU V 100 -14.55 39.25 66.60
CA LEU V 100 -15.15 39.91 67.75
C LEU V 100 -14.15 40.00 68.89
N GLY V 101 -14.42 40.93 69.81
CA GLY V 101 -13.61 41.07 71.00
C GLY V 101 -13.84 39.95 71.98
N ALA V 102 -13.16 40.04 73.12
CA ALA V 102 -13.20 38.94 74.08
C ALA V 102 -14.50 38.88 74.85
N ASN V 103 -14.95 40.00 75.42
CA ASN V 103 -16.16 39.95 76.23
C ASN V 103 -17.42 39.84 75.39
N GLU V 104 -17.37 40.26 74.13
CA GLU V 104 -18.53 40.11 73.26
C GLU V 104 -18.76 38.63 72.95
N ILE V 105 -17.67 37.90 72.72
CA ILE V 105 -17.73 36.44 72.66
C ILE V 105 -18.25 35.86 73.97
N ALA V 106 -17.79 36.41 75.11
CA ALA V 106 -18.18 35.89 76.41
C ALA V 106 -19.67 36.02 76.65
N ILE V 107 -20.24 37.18 76.32
CA ILE V 107 -21.66 37.36 76.60
C ILE V 107 -22.56 36.72 75.54
N ASN V 108 -22.11 36.57 74.30
CA ASN V 108 -22.92 35.82 73.35
C ASN V 108 -22.93 34.33 73.67
N VAL V 109 -21.80 33.78 74.10
CA VAL V 109 -21.78 32.38 74.53
C VAL V 109 -22.55 32.19 75.82
N ALA V 110 -22.58 33.22 76.69
CA ALA V 110 -23.40 33.15 77.89
C ALA V 110 -24.89 33.15 77.56
N GLY V 111 -25.28 33.92 76.54
CA GLY V 111 -26.68 33.89 76.12
C GLY V 111 -27.09 32.57 75.52
N THR V 112 -26.22 31.98 74.69
CA THR V 112 -26.51 30.66 74.13
C THR V 112 -26.53 29.59 75.23
N ALA V 113 -25.67 29.74 76.24
CA ALA V 113 -25.70 28.87 77.41
C ALA V 113 -27.00 29.00 78.18
N THR V 114 -27.53 30.22 78.31
CA THR V 114 -28.80 30.43 78.98
C THR V 114 -29.92 29.71 78.27
N MET V 115 -30.02 29.89 76.94
CA MET V 115 -31.07 29.23 76.16
C MET V 115 -30.95 27.72 76.20
N THR V 116 -29.74 27.20 76.00
CA THR V 116 -29.55 25.76 75.92
C THR V 116 -29.75 25.08 77.27
N LEU V 117 -29.14 25.60 78.33
CA LEU V 117 -29.33 25.00 79.64
C LEU V 117 -30.69 25.34 80.25
N THR V 118 -31.45 26.25 79.65
CA THR V 118 -32.85 26.38 80.02
C THR V 118 -33.65 25.24 79.42
N GLU V 119 -33.45 24.98 78.12
CA GLU V 119 -34.33 24.05 77.40
C GLU V 119 -34.19 22.61 77.88
N ASN V 120 -33.02 22.02 77.74
CA ASN V 120 -32.90 20.56 77.77
C ASN V 120 -32.18 20.05 79.04
N LEU V 121 -32.48 20.64 80.19
CA LEU V 121 -32.13 19.91 81.41
C LEU V 121 -33.22 19.99 82.46
N TYR V 122 -34.46 20.18 82.03
CA TYR V 122 -35.61 20.01 82.90
C TYR V 122 -36.18 18.61 82.71
N GLY V 123 -36.21 17.84 83.79
CA GLY V 123 -36.73 16.50 83.74
C GLY V 123 -35.71 15.43 83.42
N THR V 124 -34.41 15.73 83.55
CA THR V 124 -33.42 14.70 83.24
C THR V 124 -32.25 14.63 84.21
N ARG V 125 -32.50 14.64 85.53
CA ARG V 125 -31.62 14.06 86.54
C ARG V 125 -30.33 14.88 86.77
N VAL V 126 -30.08 15.90 85.96
CA VAL V 126 -28.84 16.66 86.00
C VAL V 126 -29.19 18.11 86.34
N SER V 127 -28.74 18.57 87.50
CA SER V 127 -28.94 19.94 87.91
C SER V 127 -28.08 20.87 87.07
N CYS V 128 -28.44 22.16 87.08
CA CYS V 128 -27.73 23.10 86.22
C CYS V 128 -26.35 23.44 86.77
N GLU V 129 -26.17 23.39 88.09
CA GLU V 129 -24.90 23.76 88.69
C GLU V 129 -23.80 22.78 88.32
N GLU V 130 -24.15 21.49 88.21
CA GLU V 130 -23.18 20.48 87.80
C GLU V 130 -22.79 20.66 86.34
N ALA V 131 -23.76 21.02 85.50
CA ALA V 131 -23.48 21.25 84.08
C ALA V 131 -22.58 22.48 83.89
N VAL V 132 -22.80 23.52 84.69
CA VAL V 132 -22.00 24.73 84.55
C VAL V 132 -20.60 24.52 85.12
N SER V 133 -20.48 23.69 86.17
CA SER V 133 -19.16 23.27 86.62
C SER V 133 -18.44 22.45 85.56
N LEU V 134 -19.16 21.62 84.81
CA LEU V 134 -18.54 20.87 83.73
C LEU V 134 -18.08 21.76 82.59
N ILE V 135 -18.88 22.77 82.24
CA ILE V 135 -18.50 23.72 81.19
C ILE V 135 -17.27 24.52 81.61
N ASN V 136 -17.24 24.96 82.88
CA ASN V 136 -16.07 25.67 83.38
C ASN V 136 -14.84 24.78 83.41
N SER V 137 -15.00 23.48 83.66
CA SER V 137 -13.87 22.58 83.59
C SER V 137 -13.35 22.42 82.17
N ILE V 138 -14.26 22.36 81.18
CA ILE V 138 -13.81 22.21 79.80
C ILE V 138 -13.11 23.48 79.32
N PHE V 139 -13.61 24.66 79.70
CA PHE V 139 -12.88 25.88 79.36
C PHE V 139 -11.59 26.03 80.15
N ALA V 140 -11.49 25.40 81.33
CA ALA V 140 -10.20 25.37 82.01
C ALA V 140 -9.20 24.48 81.27
N VAL V 141 -9.69 23.44 80.59
CA VAL V 141 -8.81 22.59 79.81
C VAL V 141 -8.36 23.31 78.53
N TRP V 142 -9.30 23.94 77.81
CA TRP V 142 -8.99 24.62 76.55
C TRP V 142 -8.10 25.84 76.75
N VAL V 143 -8.59 26.87 77.42
CA VAL V 143 -7.89 28.15 77.44
C VAL V 143 -7.58 28.59 78.87
N GLY V 144 -8.14 27.89 79.85
CA GLY V 144 -7.83 28.16 81.24
C GLY V 144 -8.39 29.48 81.73
N VAL V 145 -9.70 29.61 81.74
CA VAL V 145 -10.38 30.84 82.11
C VAL V 145 -11.40 30.61 83.22
N GLU V 146 -12.30 29.62 83.03
CA GLU V 146 -13.50 29.36 83.83
C GLU V 146 -14.37 30.60 83.94
N PRO V 147 -15.06 31.01 82.87
CA PRO V 147 -15.70 32.33 82.87
C PRO V 147 -17.10 32.43 83.45
N PHE V 148 -17.88 31.35 83.52
CA PHE V 148 -19.32 31.46 83.71
C PHE V 148 -19.71 31.19 85.16
N GLU V 149 -20.52 32.09 85.72
CA GLU V 149 -21.22 31.90 86.97
C GLU V 149 -22.70 31.73 86.67
N ALA V 150 -23.34 30.80 87.36
CA ALA V 150 -24.73 30.47 87.04
C ALA V 150 -25.61 30.56 88.27
N GLU V 151 -26.91 30.40 88.03
CA GLU V 151 -27.91 30.38 89.08
C GLU V 151 -29.14 29.68 88.57
N GLU V 152 -29.86 29.03 89.48
CA GLU V 152 -31.15 28.43 89.21
C GLU V 152 -32.24 29.28 89.85
N ARG V 153 -32.07 30.61 89.74
CA ARG V 153 -32.81 31.56 90.58
C ARG V 153 -34.30 31.54 90.28
N GLU V 154 -34.67 31.27 89.05
CA GLU V 154 -36.06 31.11 88.66
C GLU V 154 -36.23 29.68 88.15
N GLY V 155 -37.37 29.39 87.52
CA GLY V 155 -37.64 28.06 86.99
C GLY V 155 -36.69 27.61 85.90
N ALA V 156 -36.03 28.56 85.22
CA ALA V 156 -35.00 28.26 84.24
C ALA V 156 -33.63 28.47 84.86
N CYS V 157 -32.60 28.05 84.14
CA CYS V 157 -31.23 28.29 84.59
C CYS V 157 -30.64 29.46 83.83
N LEU V 158 -29.91 30.32 84.52
CA LEU V 158 -29.40 31.56 83.96
C LEU V 158 -27.89 31.62 84.10
N VAL V 159 -27.21 31.87 82.99
CA VAL V 159 -25.74 31.90 82.94
C VAL V 159 -25.30 33.32 82.65
N THR V 160 -24.38 33.84 83.45
CA THR V 160 -23.79 35.15 83.28
C THR V 160 -22.27 35.04 83.36
N PRO V 161 -21.54 35.85 82.59
CA PRO V 161 -20.08 35.74 82.59
C PRO V 161 -19.43 36.54 83.71
N ARG V 162 -18.25 36.07 84.10
CA ARG V 162 -17.42 36.76 85.08
C ARG V 162 -16.18 37.39 84.49
N SER V 163 -15.69 36.89 83.36
CA SER V 163 -14.41 37.31 82.82
C SER V 163 -14.48 37.17 81.30
N PRO V 164 -13.68 37.93 80.57
CA PRO V 164 -13.70 37.82 79.10
C PRO V 164 -13.17 36.48 78.63
N LEU V 165 -13.60 36.08 77.43
CA LEU V 165 -13.32 34.76 76.90
C LEU V 165 -12.50 34.88 75.63
N PRO V 166 -11.40 34.14 75.50
CA PRO V 166 -10.60 34.21 74.28
C PRO V 166 -11.28 33.46 73.15
N PRO V 167 -10.93 33.74 71.90
CA PRO V 167 -11.49 33.00 70.78
C PRO V 167 -10.87 31.61 70.67
N VAL V 168 -11.39 30.83 69.73
CA VAL V 168 -11.00 29.43 69.55
C VAL V 168 -9.57 29.36 69.01
N PRO V 169 -8.71 28.49 69.55
CA PRO V 169 -7.33 28.30 69.04
C PRO V 169 -7.24 27.50 67.74
N ILE V 170 -8.07 27.83 66.76
CA ILE V 170 -8.10 27.16 65.47
C ILE V 170 -8.27 28.23 64.40
N SER V 171 -7.38 28.24 63.41
CA SER V 171 -7.40 29.21 62.31
C SER V 171 -8.01 28.55 61.09
N SER V 172 -8.97 29.23 60.48
CA SER V 172 -9.60 28.74 59.25
C SER V 172 -8.83 29.25 58.03
N PRO V 173 -8.13 28.39 57.30
CA PRO V 173 -7.19 28.86 56.28
C PRO V 173 -7.87 29.15 54.95
N THR V 174 -7.27 30.04 54.19
CA THR V 174 -7.70 30.38 52.84
C THR V 174 -6.94 29.59 51.77
N GLY V 175 -6.91 28.28 51.91
CA GLY V 175 -6.15 27.46 50.99
C GLY V 175 -6.87 27.18 49.68
N PHE V 176 -6.20 26.41 48.84
CA PHE V 176 -6.74 26.01 47.55
C PHE V 176 -6.39 24.56 47.21
N SER V 177 -6.51 23.67 48.21
CA SER V 177 -5.85 22.37 48.26
C SER V 177 -6.09 21.50 47.01
N ALA V 178 -4.98 21.05 46.43
CA ALA V 178 -4.93 20.31 45.18
C ALA V 178 -4.62 18.83 45.44
N PRO V 179 -5.11 17.92 44.60
CA PRO V 179 -4.87 16.50 44.83
C PRO V 179 -3.43 16.11 44.55
N ILE V 180 -3.03 14.97 45.10
CA ILE V 180 -1.67 14.49 44.89
C ILE V 180 -1.49 13.97 43.47
N GLN V 181 -2.57 13.53 42.81
CA GLN V 181 -2.45 13.11 41.43
C GLN V 181 -2.20 14.31 40.51
N GLU V 182 -2.78 15.46 40.85
CA GLU V 182 -2.51 16.67 40.08
C GLU V 182 -1.08 17.16 40.29
N VAL V 183 -0.52 16.90 41.47
CA VAL V 183 0.89 17.24 41.71
C VAL V 183 1.80 16.32 40.92
N LEU V 184 1.53 15.02 40.93
CA LEU V 184 2.47 14.08 40.30
C LEU V 184 2.34 14.07 38.78
N GLN V 185 1.13 14.19 38.24
CA GLN V 185 0.97 14.11 36.79
C GLN V 185 1.36 15.39 36.08
N ALA V 186 1.57 16.49 36.80
CA ALA V 186 1.89 17.76 36.17
C ALA V 186 3.35 17.80 35.74
N LYS V 187 3.66 18.76 34.87
CA LYS V 187 5.01 18.93 34.36
C LYS V 187 5.69 20.19 34.88
N SER V 188 4.93 21.12 35.45
CA SER V 188 5.47 22.40 35.88
C SER V 188 4.65 22.89 37.05
N PRO V 189 5.21 23.76 37.90
CA PRO V 189 4.39 24.40 38.93
C PRO V 189 3.26 25.27 38.40
N GLU V 190 3.48 25.97 37.29
CA GLU V 190 2.45 26.83 36.74
C GLU V 190 1.31 26.04 36.13
N GLU V 191 1.52 24.77 35.81
CA GLU V 191 0.41 23.92 35.40
C GLU V 191 -0.47 23.58 36.59
N ILE V 192 0.11 23.51 37.79
CA ILE V 192 -0.70 23.30 38.98
C ILE V 192 -1.49 24.56 39.33
N ILE V 193 -0.84 25.72 39.24
CA ILE V 193 -1.58 26.97 39.47
C ILE V 193 -2.54 27.26 38.33
N GLY V 194 -2.01 27.44 37.12
CA GLY V 194 -2.80 27.85 35.99
C GLY V 194 -3.67 26.75 35.40
CA MET W 1 18.98 -64.29 -0.34
C MET W 1 17.54 -64.31 0.16
N ALA W 2 17.03 -65.51 0.42
CA ALA W 2 15.63 -65.70 0.78
C ALA W 2 15.38 -65.22 2.21
N ARG W 3 14.11 -65.20 2.60
CA ARG W 3 13.71 -64.65 3.90
C ARG W 3 14.21 -65.50 5.06
N LYS W 4 14.44 -66.79 4.83
CA LYS W 4 15.16 -67.71 5.73
C LYS W 4 14.51 -67.85 7.11
N ARG W 5 13.22 -67.53 7.21
CA ARG W 5 12.51 -67.66 8.47
C ARG W 5 11.43 -68.73 8.38
N THR W 6 10.53 -68.62 7.42
CA THR W 6 9.49 -69.60 7.21
C THR W 6 9.18 -69.66 5.74
N SER W 7 8.48 -70.72 5.34
CA SER W 7 8.01 -70.82 3.96
C SER W 7 7.01 -69.73 3.64
N LYS W 8 5.85 -69.77 4.29
CA LYS W 8 4.72 -68.85 4.09
C LYS W 8 4.30 -68.82 2.61
N ASN W 9 3.73 -69.96 2.18
CA ASN W 9 3.38 -70.15 0.78
C ASN W 9 2.26 -69.21 0.35
N ASP W 10 2.63 -68.17 -0.39
CA ASP W 10 1.70 -67.15 -0.84
C ASP W 10 2.29 -66.47 -2.07
N PRO W 11 1.66 -66.60 -3.24
CA PRO W 11 2.29 -66.09 -4.47
C PRO W 11 2.29 -64.57 -4.58
N LEU W 12 1.32 -63.92 -3.95
CA LEU W 12 1.22 -62.48 -4.09
C LEU W 12 2.34 -61.78 -3.34
N ARG W 13 2.77 -62.33 -2.21
CA ARG W 13 3.94 -61.82 -1.51
C ARG W 13 5.20 -61.99 -2.34
N MET W 14 5.28 -63.08 -3.12
CA MET W 14 6.43 -63.32 -3.99
C MET W 14 6.54 -62.23 -5.04
N TYR W 15 5.45 -62.00 -5.77
CA TYR W 15 5.47 -60.99 -6.82
C TYR W 15 5.66 -59.59 -6.25
N LEU W 16 5.10 -59.33 -5.07
CA LEU W 16 5.24 -57.99 -4.50
C LEU W 16 6.63 -57.72 -3.97
N ASN W 17 7.32 -58.72 -3.43
CA ASN W 17 8.71 -58.50 -3.03
C ASN W 17 9.62 -58.35 -4.24
N TYR W 18 9.28 -59.04 -5.34
CA TYR W 18 10.05 -58.86 -6.57
C TYR W 18 9.91 -57.43 -7.11
N VAL W 19 8.67 -56.93 -7.13
CA VAL W 19 8.42 -55.56 -7.59
C VAL W 19 9.07 -54.55 -6.66
N ARG W 20 9.14 -54.86 -5.36
CA ARG W 20 9.81 -53.95 -4.44
C ARG W 20 11.31 -53.89 -4.69
N LYS W 21 11.95 -55.02 -5.00
CA LYS W 21 13.40 -55.01 -5.12
C LYS W 21 13.91 -54.82 -6.55
N LEU W 22 13.02 -54.63 -7.52
CA LEU W 22 13.46 -54.20 -8.85
C LEU W 22 14.10 -52.81 -8.87
N GLN W 23 13.92 -52.00 -7.84
CA GLN W 23 14.59 -50.71 -7.82
C GLN W 23 15.97 -50.77 -7.15
N THR W 24 16.50 -51.97 -6.92
CA THR W 24 17.83 -52.16 -6.35
C THR W 24 18.63 -53.20 -7.14
N MET W 25 17.95 -54.14 -7.82
CA MET W 25 18.62 -55.09 -8.70
C MET W 25 19.44 -54.40 -9.79
N GLY W 26 18.92 -53.31 -10.34
CA GLY W 26 19.57 -52.62 -11.44
C GLY W 26 20.87 -51.94 -11.08
N ASP W 27 21.12 -51.72 -9.79
CA ASP W 27 22.40 -51.22 -9.32
C ASP W 27 23.29 -52.30 -8.75
N ALA W 28 22.69 -53.34 -8.16
CA ALA W 28 23.50 -54.44 -7.65
C ALA W 28 24.18 -55.21 -8.78
N TYR W 29 23.59 -55.20 -9.98
CA TYR W 29 24.23 -55.84 -11.13
C TYR W 29 25.48 -55.09 -11.56
N ASP W 30 25.37 -53.76 -11.65
CA ASP W 30 26.49 -52.88 -11.96
C ASP W 30 27.60 -52.98 -10.92
N GLU W 31 27.24 -53.18 -9.65
CA GLU W 31 28.27 -53.40 -8.65
C GLU W 31 28.89 -54.79 -8.78
N SER W 32 28.12 -55.79 -9.19
CA SER W 32 28.58 -57.17 -9.22
C SER W 32 29.54 -57.46 -10.36
N ALA W 33 29.53 -56.63 -11.41
CA ALA W 33 30.44 -56.74 -12.55
C ALA W 33 31.92 -57.00 -12.23
N LYS W 34 32.42 -56.35 -11.16
CA LYS W 34 33.86 -56.30 -10.90
C LYS W 34 34.44 -57.64 -10.48
N TYR W 35 33.64 -58.53 -9.89
CA TYR W 35 34.07 -59.89 -9.64
C TYR W 35 33.43 -60.90 -10.57
N ARG W 36 32.28 -60.55 -11.17
CA ARG W 36 31.65 -61.34 -12.22
C ARG W 36 32.63 -61.67 -13.34
N ILE W 37 33.36 -60.65 -13.81
CA ILE W 37 34.22 -60.82 -14.98
C ILE W 37 35.38 -61.77 -14.70
N ALA W 38 36.02 -61.62 -13.53
CA ALA W 38 37.16 -62.49 -13.21
C ALA W 38 36.73 -63.93 -12.91
N ASN W 39 35.57 -64.10 -12.28
CA ASN W 39 35.11 -65.46 -12.03
C ASN W 39 34.72 -66.18 -13.32
N PHE W 40 34.16 -65.46 -14.29
CA PHE W 40 33.93 -66.10 -15.58
C PHE W 40 35.24 -66.37 -16.32
N GLU W 41 36.20 -65.44 -16.20
CA GLU W 41 37.54 -65.58 -16.78
C GLU W 41 38.16 -66.90 -16.40
N ASN W 42 38.12 -67.26 -15.12
CA ASN W 42 38.68 -68.54 -14.75
C ASN W 42 37.65 -69.65 -14.53
N GLY W 43 36.41 -69.45 -14.96
CA GLY W 43 35.46 -70.55 -14.94
C GLY W 43 35.07 -71.13 -16.28
N PHE W 44 35.23 -70.37 -17.36
CA PHE W 44 34.82 -70.86 -18.68
C PHE W 44 35.81 -71.87 -19.24
N LYS W 45 37.05 -71.87 -18.75
CA LYS W 45 38.08 -72.76 -19.29
C LYS W 45 37.75 -74.22 -19.04
N SER W 46 37.06 -74.52 -17.92
CA SER W 46 36.71 -75.90 -17.63
C SER W 46 35.69 -76.44 -18.62
N LEU W 47 34.68 -75.64 -18.96
CA LEU W 47 33.73 -76.03 -20.00
C LEU W 47 34.41 -76.24 -21.34
N HIS W 48 35.27 -75.30 -21.73
CA HIS W 48 35.82 -75.42 -23.08
C HIS W 48 36.81 -76.57 -23.17
N MET W 49 37.52 -76.88 -22.07
CA MET W 49 38.41 -78.02 -22.07
C MET W 49 37.64 -79.33 -22.07
N VAL W 50 36.54 -79.42 -21.30
CA VAL W 50 35.83 -80.70 -21.28
C VAL W 50 35.08 -80.93 -22.59
N GLU W 51 34.67 -79.87 -23.28
CA GLU W 51 34.02 -80.07 -24.57
C GLU W 51 35.02 -80.44 -25.66
N ASN W 52 36.22 -79.86 -25.64
CA ASN W 52 37.24 -80.31 -26.58
C ASN W 52 37.69 -81.74 -26.30
N GLU W 53 37.79 -82.12 -25.02
CA GLU W 53 38.20 -83.48 -24.71
C GLU W 53 37.15 -84.49 -25.12
N PHE W 54 35.86 -84.13 -25.01
CA PHE W 54 34.81 -84.99 -25.53
C PHE W 54 34.89 -85.15 -27.03
N LYS W 55 35.08 -84.04 -27.76
CA LYS W 55 35.21 -84.11 -29.22
C LYS W 55 36.35 -85.03 -29.63
N GLN W 56 37.51 -84.86 -28.98
CA GLN W 56 38.70 -85.63 -29.34
C GLN W 56 38.53 -87.11 -29.03
N TYR W 57 38.02 -87.43 -27.84
CA TYR W 57 37.96 -88.85 -27.47
C TYR W 57 36.81 -89.56 -28.18
N LEU W 58 35.72 -88.84 -28.50
CA LEU W 58 34.68 -89.42 -29.34
C LEU W 58 35.20 -89.70 -30.73
N ALA W 59 36.01 -88.78 -31.29
CA ALA W 59 36.60 -89.01 -32.60
C ALA W 59 37.53 -90.22 -32.59
N ASN W 60 38.30 -90.39 -31.51
CA ASN W 60 39.20 -91.55 -31.44
C ASN W 60 38.44 -92.86 -31.33
N VAL W 61 37.39 -92.90 -30.52
CA VAL W 61 36.61 -94.14 -30.36
C VAL W 61 35.87 -94.49 -31.64
N ILE W 62 35.29 -93.49 -32.31
CA ILE W 62 34.60 -93.73 -33.57
C ILE W 62 35.56 -94.17 -34.66
N ASP W 63 36.77 -93.63 -34.70
CA ASP W 63 37.72 -94.05 -35.72
C ASP W 63 38.25 -95.46 -35.45
N GLU W 64 38.41 -95.83 -34.17
CA GLU W 64 38.77 -97.20 -33.87
C GLU W 64 37.64 -98.17 -34.15
N ALA W 65 36.40 -97.71 -34.13
CA ALA W 65 35.29 -98.57 -34.55
C ALA W 65 35.21 -98.68 -36.06
N ILE W 66 35.57 -97.62 -36.80
CA ILE W 66 35.59 -97.68 -38.26
C ILE W 66 36.72 -98.57 -38.75
N LYS W 67 37.86 -98.58 -38.05
CA LYS W 67 38.98 -99.44 -38.46
C LYS W 67 38.68 -100.92 -38.28
N SER W 68 37.64 -101.26 -37.52
CA SER W 68 37.17 -102.63 -37.42
C SER W 68 36.27 -103.04 -38.58
N GLY W 69 36.05 -102.17 -39.56
CA GLY W 69 35.35 -102.54 -40.77
C GLY W 69 33.90 -102.09 -40.88
N ALA W 70 33.42 -101.27 -39.96
CA ALA W 70 32.05 -100.80 -40.04
C ALA W 70 31.91 -99.71 -41.10
N SER W 71 30.67 -99.39 -41.43
CA SER W 71 30.38 -98.37 -42.41
C SER W 71 30.03 -97.06 -41.73
N PRO W 72 30.33 -95.91 -42.35
CA PRO W 72 29.96 -94.63 -41.73
C PRO W 72 28.48 -94.31 -41.80
N GLN W 73 27.66 -95.15 -42.41
CA GLN W 73 26.21 -95.02 -42.23
C GLN W 73 25.72 -95.78 -41.01
N ASP W 74 26.52 -96.70 -40.46
CA ASP W 74 26.06 -97.48 -39.30
C ASP W 74 26.00 -96.63 -38.05
N LEU W 75 26.90 -95.66 -37.91
CA LEU W 75 27.07 -94.89 -36.68
C LEU W 75 27.12 -93.40 -37.02
N PRO W 76 25.95 -92.75 -37.10
CA PRO W 76 25.91 -91.33 -37.51
C PRO W 76 26.60 -90.37 -36.55
N TYR W 77 26.07 -90.22 -35.33
CA TYR W 77 26.55 -89.33 -34.27
C TYR W 77 26.90 -87.94 -34.77
N VAL W 78 25.95 -87.27 -35.41
CA VAL W 78 26.31 -86.10 -36.20
C VAL W 78 26.17 -84.82 -35.41
N ASN W 79 24.93 -84.45 -35.09
CA ASN W 79 24.72 -83.14 -34.48
C ASN W 79 24.00 -83.22 -33.14
N GLU W 80 22.88 -83.95 -33.08
CA GLU W 80 22.09 -83.95 -31.86
C GLU W 80 22.43 -85.10 -30.94
N ILE W 81 22.96 -86.20 -31.47
CA ILE W 81 23.36 -87.29 -30.61
C ILE W 81 24.65 -86.94 -29.89
N LYS W 82 25.56 -86.22 -30.57
CA LYS W 82 26.70 -85.63 -29.90
C LYS W 82 26.26 -84.61 -28.86
N LEU W 83 25.16 -83.90 -29.12
CA LEU W 83 24.66 -82.96 -28.14
C LEU W 83 24.11 -83.66 -26.90
N ALA W 84 23.51 -84.85 -27.09
CA ALA W 84 23.08 -85.66 -25.96
C ALA W 84 24.27 -86.12 -25.11
N LEU W 85 25.32 -86.60 -25.78
CA LEU W 85 26.48 -87.08 -25.02
C LEU W 85 27.23 -85.92 -24.38
N MET W 86 27.16 -84.74 -24.96
CA MET W 86 27.73 -83.59 -24.29
C MET W 86 26.87 -83.15 -23.11
N LYS W 87 25.56 -83.39 -23.15
CA LYS W 87 24.72 -83.11 -21.98
C LYS W 87 25.14 -83.95 -20.79
N ILE W 88 25.33 -85.25 -20.99
CA ILE W 88 25.72 -86.10 -19.85
C ILE W 88 27.13 -85.75 -19.37
N PHE W 89 28.05 -85.42 -20.29
CA PHE W 89 29.39 -85.09 -19.78
C PHE W 89 29.47 -83.71 -19.14
N THR W 90 28.61 -82.77 -19.54
CA THR W 90 28.62 -81.47 -18.89
C THR W 90 27.95 -81.51 -17.53
N SER W 91 26.95 -82.38 -17.35
CA SER W 91 26.43 -82.61 -16.01
C SER W 91 27.45 -83.31 -15.12
N TRP W 92 28.31 -84.13 -15.73
CA TRP W 92 29.41 -84.70 -14.96
C TRP W 92 30.41 -83.62 -14.54
N LEU W 93 30.62 -82.62 -15.41
CA LEU W 93 31.42 -81.47 -15.03
C LEU W 93 30.81 -80.71 -13.85
N LYS W 94 29.48 -80.57 -13.83
CA LYS W 94 28.85 -79.84 -12.73
C LYS W 94 28.98 -80.59 -11.41
N TYR W 95 28.64 -81.87 -11.40
CA TYR W 95 28.68 -82.59 -10.12
C TYR W 95 30.09 -82.92 -9.69
N SER W 96 31.08 -82.80 -10.59
CA SER W 96 32.45 -82.82 -10.16
C SER W 96 32.94 -81.45 -9.73
N ASN W 97 32.27 -80.39 -10.15
CA ASN W 97 32.74 -79.04 -9.84
C ASN W 97 32.38 -78.67 -8.41
N GLU W 98 31.37 -79.32 -7.86
CA GLU W 98 31.15 -79.32 -6.43
C GLU W 98 32.06 -80.36 -5.80
N LYS W 99 32.21 -80.32 -4.48
CA LYS W 99 33.11 -81.25 -3.80
C LYS W 99 32.31 -82.47 -3.32
N LEU W 100 31.68 -83.13 -4.28
CA LEU W 100 30.84 -84.29 -4.00
C LEU W 100 31.68 -85.57 -3.98
N GLY W 101 31.15 -86.60 -3.33
CA GLY W 101 31.78 -87.89 -3.31
C GLY W 101 31.69 -88.60 -4.64
N ALA W 102 32.22 -89.82 -4.68
CA ALA W 102 32.31 -90.54 -5.94
C ALA W 102 30.97 -91.09 -6.40
N ASN W 103 30.25 -91.80 -5.52
CA ASN W 103 29.00 -92.41 -5.95
C ASN W 103 27.88 -91.40 -6.10
N GLU W 104 27.97 -90.26 -5.42
CA GLU W 104 26.96 -89.22 -5.59
C GLU W 104 27.05 -88.61 -6.98
N ILE W 105 28.29 -88.40 -7.44
CA ILE W 105 28.54 -88.04 -8.83
C ILE W 105 28.01 -89.14 -9.76
N ALA W 106 28.24 -90.40 -9.40
CA ALA W 106 27.84 -91.52 -10.25
C ALA W 106 26.32 -91.57 -10.43
N ILE W 107 25.57 -91.39 -9.35
CA ILE W 107 24.12 -91.51 -9.49
C ILE W 107 23.49 -90.23 -10.03
N ASN W 108 24.08 -89.05 -9.83
CA ASN W 108 23.53 -87.88 -10.49
C ASN W 108 23.78 -87.90 -12.00
N VAL W 109 24.96 -88.37 -12.42
CA VAL W 109 25.22 -88.51 -13.85
C VAL W 109 24.37 -89.64 -14.44
N ALA W 110 24.05 -90.67 -13.65
CA ALA W 110 23.15 -91.71 -14.12
C ALA W 110 21.73 -91.18 -14.30
N GLY W 111 21.29 -90.28 -13.41
CA GLY W 111 19.98 -89.68 -13.60
C GLY W 111 19.91 -88.78 -14.82
N THR W 112 20.96 -87.98 -15.05
CA THR W 112 20.98 -87.15 -16.26
C THR W 112 21.07 -88.00 -17.52
N ALA W 113 21.79 -89.14 -17.44
CA ALA W 113 21.81 -90.11 -18.53
C ALA W 113 20.44 -90.69 -18.81
N THR W 114 19.67 -90.98 -17.75
CA THR W 114 18.32 -91.50 -17.91
C THR W 114 17.43 -90.50 -18.65
N MET W 115 17.45 -89.24 -18.21
CA MET W 115 16.63 -88.22 -18.86
C MET W 115 17.05 -87.97 -20.30
N THR W 116 18.35 -87.86 -20.55
CA THR W 116 18.83 -87.53 -21.88
C THR W 116 18.64 -88.68 -22.86
N LEU W 117 19.02 -89.90 -22.48
CA LEU W 117 18.82 -91.03 -23.36
C LEU W 117 17.37 -91.49 -23.42
N THR W 118 16.51 -90.98 -22.54
CA THR W 118 15.08 -91.16 -22.75
C THR W 118 14.59 -90.25 -23.86
N GLU W 119 14.97 -88.97 -23.79
CA GLU W 119 14.37 -87.97 -24.67
C GLU W 119 14.74 -88.18 -26.14
N ASN W 120 16.03 -88.09 -26.48
CA ASN W 120 16.43 -87.87 -27.87
C ASN W 120 17.10 -89.09 -28.49
N LEU W 121 16.59 -90.29 -28.23
CA LEU W 121 16.95 -91.38 -29.12
C LEU W 121 15.76 -92.27 -29.47
N TYR W 122 14.56 -91.71 -29.42
CA TYR W 122 13.38 -92.37 -29.96
C TYR W 122 13.14 -91.84 -31.36
N GLY W 123 13.15 -92.73 -32.35
CA GLY W 123 12.92 -92.35 -33.72
C GLY W 123 14.16 -91.98 -34.49
N THR W 124 15.35 -92.34 -34.01
CA THR W 124 16.55 -91.98 -34.76
C THR W 124 17.61 -93.07 -34.82
N ARG W 125 17.22 -94.32 -35.15
CA ARG W 125 18.11 -95.32 -35.76
C ARG W 125 19.17 -95.88 -34.80
N VAL W 126 19.30 -95.31 -33.60
CA VAL W 126 20.35 -95.67 -32.66
C VAL W 126 19.69 -96.23 -31.41
N SER W 127 19.91 -97.51 -31.14
CA SER W 127 19.39 -98.14 -29.94
C SER W 127 20.13 -97.62 -28.71
N CYS W 128 19.52 -97.84 -27.54
CA CYS W 128 20.11 -97.28 -26.32
C CYS W 128 21.33 -98.07 -25.87
N GLU W 129 21.38 -99.37 -26.17
CA GLU W 129 22.49 -100.20 -25.72
C GLU W 129 23.80 -99.80 -26.39
N GLU W 130 23.72 -99.40 -27.66
CA GLU W 130 24.91 -98.95 -28.37
C GLU W 130 25.40 -97.61 -27.82
N ALA W 131 24.48 -96.73 -27.46
CA ALA W 131 24.84 -95.44 -26.88
C ALA W 131 25.49 -95.61 -25.52
N VAL W 132 24.98 -96.55 -24.72
CA VAL W 132 25.54 -96.76 -23.39
C VAL W 132 26.88 -97.46 -23.48
N SER W 133 27.06 -98.35 -24.47
CA SER W 133 28.38 -98.89 -24.74
C SER W 133 29.36 -97.80 -25.16
N LEU W 134 28.89 -96.82 -25.93
CA LEU W 134 29.76 -95.71 -26.31
C LEU W 134 30.15 -94.84 -25.13
N ILE W 135 29.20 -94.58 -24.23
CA ILE W 135 29.49 -93.79 -23.03
C ILE W 135 30.48 -94.53 -22.13
N ASN W 136 30.29 -95.84 -21.97
CA ASN W 136 31.24 -96.63 -21.20
C ASN W 136 32.62 -96.66 -21.84
N SER W 137 32.69 -96.64 -23.17
CA SER W 137 33.99 -96.55 -23.81
C SER W 137 34.66 -95.21 -23.58
N ILE W 138 33.89 -94.12 -23.58
CA ILE W 138 34.50 -92.80 -23.35
C ILE W 138 34.97 -92.68 -21.90
N PHE W 139 34.21 -93.21 -20.94
CA PHE W 139 34.71 -93.21 -19.57
C PHE W 139 35.86 -94.19 -19.37
N ALA W 140 35.97 -95.22 -20.20
CA ALA W 140 37.16 -96.06 -20.15
C ALA W 140 38.38 -95.31 -20.68
N VAL W 141 38.18 -94.40 -21.60
CA VAL W 141 39.29 -93.57 -22.10
C VAL W 141 39.72 -92.54 -21.06
N TRP W 142 38.74 -91.83 -20.47
CA TRP W 142 39.03 -90.78 -19.49
C TRP W 142 39.64 -91.33 -18.20
N VAL W 143 38.88 -92.11 -17.44
CA VAL W 143 39.30 -92.47 -16.09
C VAL W 143 39.38 -93.98 -15.92
N GLY W 144 38.88 -94.73 -16.90
CA GLY W 144 38.99 -96.17 -16.88
C GLY W 144 38.13 -96.83 -15.83
N VAL W 145 36.82 -96.67 -15.94
CA VAL W 145 35.87 -97.18 -14.95
C VAL W 145 34.81 -98.07 -15.59
N GLU W 146 34.16 -97.58 -16.66
CA GLU W 146 32.96 -98.13 -17.30
C GLU W 146 31.85 -98.36 -16.28
N PRO W 147 31.20 -97.30 -15.77
CA PRO W 147 30.31 -97.46 -14.62
C PRO W 147 28.87 -97.85 -14.90
N PHE W 148 28.33 -97.60 -16.09
CA PHE W 148 26.88 -97.61 -16.27
C PHE W 148 26.41 -98.91 -16.91
N GLU W 149 25.39 -99.51 -16.31
CA GLU W 149 24.61 -100.60 -16.88
C GLU W 149 23.24 -100.07 -17.25
N ALA W 150 22.73 -100.47 -18.40
CA ALA W 150 21.48 -99.91 -18.89
C ALA W 150 20.48 -100.99 -19.22
N GLU W 151 19.27 -100.55 -19.55
CA GLU W 151 18.19 -101.43 -19.96
C GLU W 151 17.17 -100.62 -20.75
N GLU W 152 16.52 -101.28 -21.68
CA GLU W 152 15.40 -100.72 -22.45
C GLU W 152 14.10 -101.35 -21.95
N ARG W 153 14.01 -101.54 -20.63
CA ARG W 153 13.03 -102.41 -20.02
C ARG W 153 11.60 -101.92 -20.23
N GLU W 154 11.43 -100.62 -20.30
CA GLU W 154 10.14 -100.02 -20.62
C GLU W 154 10.32 -99.22 -21.91
N GLY W 155 9.32 -98.40 -22.25
CA GLY W 155 9.39 -97.59 -23.46
C GLY W 155 10.50 -96.58 -23.49
N ALA W 156 11.03 -96.20 -22.34
CA ALA W 156 12.19 -95.33 -22.22
C ALA W 156 13.42 -96.16 -21.92
N CYS W 157 14.59 -95.53 -21.98
CA CYS W 157 15.82 -96.19 -21.60
C CYS W 157 16.23 -95.76 -20.21
N LEU W 158 16.70 -96.71 -19.40
CA LEU W 158 17.01 -96.46 -18.00
C LEU W 158 18.45 -96.83 -17.71
N VAL W 159 19.18 -95.90 -17.11
CA VAL W 159 20.61 -96.05 -16.82
C VAL W 159 20.78 -96.09 -15.31
N THR W 160 21.49 -97.10 -14.83
CA THR W 160 21.82 -97.26 -13.42
C THR W 160 23.31 -97.54 -13.27
N PRO W 161 23.95 -97.05 -12.21
CA PRO W 161 25.39 -97.24 -12.06
C PRO W 161 25.75 -98.56 -11.41
N ARG W 162 26.96 -99.02 -11.73
CA ARG W 162 27.53 -100.22 -11.13
C ARG W 162 28.68 -99.94 -10.18
N SER W 163 29.36 -98.82 -10.34
CA SER W 163 30.57 -98.54 -9.59
C SER W 163 30.69 -97.04 -9.41
N PRO W 164 31.38 -96.57 -8.38
CA PRO W 164 31.54 -95.13 -8.18
C PRO W 164 32.37 -94.49 -9.28
N LEU W 165 32.15 -93.19 -9.48
CA LEU W 165 32.74 -92.46 -10.59
C LEU W 165 33.64 -91.36 -10.06
N PRO W 166 34.88 -91.25 -10.53
CA PRO W 166 35.77 -90.18 -10.08
C PRO W 166 35.37 -88.85 -10.68
N PRO W 167 35.78 -87.74 -10.07
CA PRO W 167 35.49 -86.42 -10.65
C PRO W 167 36.40 -86.14 -11.85
N VAL W 168 36.14 -85.00 -12.48
CA VAL W 168 36.82 -84.62 -13.72
C VAL W 168 38.27 -84.29 -13.43
N PRO W 169 39.24 -84.76 -14.23
CA PRO W 169 40.66 -84.41 -14.06
C PRO W 169 41.06 -83.02 -14.52
N ILE W 170 40.27 -82.01 -14.14
CA ILE W 170 40.50 -80.62 -14.51
C ILE W 170 40.23 -79.76 -13.29
N SER W 171 41.20 -78.93 -12.91
CA SER W 171 41.09 -78.05 -11.75
C SER W 171 40.75 -76.64 -12.23
N SER W 172 39.74 -76.04 -11.61
CA SER W 172 39.35 -74.68 -11.92
C SER W 172 40.12 -73.69 -11.04
N PRO W 173 41.04 -72.92 -11.59
CA PRO W 173 41.96 -72.15 -10.74
C PRO W 173 41.37 -70.82 -10.31
N THR W 174 41.87 -70.33 -9.18
CA THR W 174 41.50 -69.02 -8.65
C THR W 174 42.52 -67.94 -9.04
N GLY W 175 42.79 -67.82 -10.33
CA GLY W 175 43.79 -66.89 -10.79
C GLY W 175 43.28 -65.46 -10.90
N PHE W 176 44.18 -64.58 -11.34
CA PHE W 176 43.85 -63.18 -11.54
C PHE W 176 44.51 -62.63 -12.80
N SER W 177 44.48 -63.42 -13.88
CA SER W 177 45.37 -63.30 -15.03
C SER W 177 45.45 -61.90 -15.64
N ALA W 178 46.67 -61.39 -15.76
CA ALA W 178 47.00 -60.04 -16.20
C ALA W 178 47.56 -60.06 -17.61
N PRO W 179 47.35 -58.99 -18.39
CA PRO W 179 47.85 -58.98 -19.76
C PRO W 179 49.36 -58.84 -19.82
N ILE W 180 49.93 -59.21 -20.97
CA ILE W 180 51.38 -59.10 -21.15
C ILE W 180 51.80 -57.65 -21.32
N GLN W 181 50.89 -56.78 -21.78
CA GLN W 181 51.23 -55.36 -21.87
C GLN W 181 51.33 -54.75 -20.48
N GLU W 182 50.49 -55.21 -19.54
CA GLU W 182 50.60 -54.72 -18.17
C GLU W 182 51.87 -55.22 -17.50
N VAL W 183 52.36 -56.40 -17.90
CA VAL W 183 53.63 -56.89 -17.38
C VAL W 183 54.79 -56.07 -17.92
N LEU W 184 54.78 -55.80 -19.23
CA LEU W 184 55.94 -55.14 -19.83
C LEU W 184 55.97 -53.65 -19.53
N GLN W 185 54.83 -52.97 -19.51
CA GLN W 185 54.84 -51.53 -19.31
C GLN W 185 55.03 -51.14 -17.85
N ALA W 186 54.94 -52.08 -16.92
CA ALA W 186 55.06 -51.75 -15.51
C ALA W 186 56.51 -51.53 -15.12
N LYS W 187 56.72 -50.92 -13.96
CA LYS W 187 58.04 -50.65 -13.45
C LYS W 187 58.40 -51.49 -12.22
N SER W 188 57.42 -52.11 -11.59
CA SER W 188 57.65 -52.86 -10.36
C SER W 188 56.63 -53.98 -10.29
N PRO W 189 56.91 -55.04 -9.53
CA PRO W 189 55.88 -56.06 -9.28
C PRO W 189 54.66 -55.55 -8.52
N GLU W 190 54.85 -54.63 -7.58
CA GLU W 190 53.72 -54.12 -6.82
C GLU W 190 52.83 -53.21 -7.64
N GLU W 191 53.33 -52.69 -8.77
CA GLU W 191 52.46 -51.97 -9.69
C GLU W 191 51.55 -52.94 -10.43
N ILE W 192 52.00 -54.18 -10.64
CA ILE W 192 51.13 -55.18 -11.25
C ILE W 192 50.09 -55.64 -10.25
N ILE W 193 50.48 -55.88 -9.00
CA ILE W 193 49.49 -56.24 -7.98
C ILE W 193 48.62 -55.04 -7.63
N GLY W 194 49.22 -53.99 -7.10
CA GLY W 194 48.47 -52.84 -6.61
C GLY W 194 47.92 -51.95 -7.68
CA MET X 1 -27.94 63.39 33.99
C MET X 1 -29.24 64.17 33.83
N ALA X 2 -29.47 65.13 34.72
CA ALA X 2 -30.73 65.86 34.77
C ALA X 2 -30.81 66.85 33.61
N ARG X 3 -31.98 67.46 33.46
CA ARG X 3 -32.25 68.34 32.32
C ARG X 3 -31.42 69.61 32.35
N LYS X 4 -30.98 70.04 33.54
CA LYS X 4 -29.96 71.08 33.74
C LYS X 4 -30.33 72.42 33.15
N ARG X 5 -31.62 72.67 32.91
CA ARG X 5 -32.07 73.94 32.38
C ARG X 5 -32.92 74.68 33.41
N THR X 6 -33.97 74.05 33.90
CA THR X 6 -34.83 74.67 34.90
C THR X 6 -35.36 73.56 35.79
N SER X 7 -35.91 73.97 36.93
CA SER X 7 -36.56 73.01 37.82
C SER X 7 -37.80 72.42 37.16
N LYS X 8 -38.81 73.26 36.91
CA LYS X 8 -40.10 72.89 36.34
C LYS X 8 -40.76 71.78 37.16
N ASN X 9 -41.16 72.15 38.38
CA ASN X 9 -41.71 71.19 39.34
C ASN X 9 -43.04 70.63 38.87
N ASP X 10 -43.01 69.40 38.39
CA ASP X 10 -44.18 68.72 37.86
C ASP X 10 -43.94 67.22 37.93
N PRO X 11 -44.72 66.48 38.73
CA PRO X 11 -44.42 65.06 38.94
C PRO X 11 -44.73 64.18 37.74
N LEU X 12 -45.70 64.59 36.92
CA LEU X 12 -46.09 63.74 35.80
C LEU X 12 -45.01 63.72 34.72
N ARG X 13 -44.30 64.83 34.54
CA ARG X 13 -43.15 64.84 33.64
C ARG X 13 -42.04 63.94 34.16
N MET X 14 -41.89 63.85 35.49
CA MET X 14 -40.87 62.99 36.08
C MET X 14 -41.15 61.53 35.75
N TYR X 15 -42.38 61.09 36.03
CA TYR X 15 -42.72 59.69 35.77
C TYR X 15 -42.72 59.38 34.28
N LEU X 16 -43.10 60.35 33.45
CA LEU X 16 -43.15 60.09 32.02
C LEU X 16 -41.76 60.03 31.40
N ASN X 17 -40.80 60.83 31.88
CA ASN X 17 -39.44 60.69 31.38
C ASN X 17 -38.79 59.40 31.86
N TYR X 18 -39.17 58.95 33.06
CA TYR X 18 -38.67 57.66 33.54
C TYR X 18 -39.18 56.51 32.67
N VAL X 19 -40.47 56.53 32.35
CA VAL X 19 -41.05 55.50 31.48
C VAL X 19 -40.47 55.58 30.07
N ARG X 20 -40.11 56.78 29.62
CA ARG X 20 -39.49 56.90 28.30
C ARG X 20 -38.10 56.30 28.28
N LYS X 21 -37.32 56.47 29.36
CA LYS X 21 -35.93 56.01 29.31
C LYS X 21 -35.71 54.62 29.90
N LEU X 22 -36.78 53.95 30.34
CA LEU X 22 -36.64 52.53 30.69
C LEU X 22 -36.30 51.64 29.50
N GLN X 23 -36.47 52.09 28.26
CA GLN X 23 -36.06 51.27 27.13
C GLN X 23 -34.60 51.51 26.72
N THR X 24 -33.82 52.19 27.54
CA THR X 24 -32.41 52.43 27.32
C THR X 24 -31.56 52.12 28.54
N MET X 25 -32.15 52.24 29.74
CA MET X 25 -31.47 51.85 30.98
C MET X 25 -30.99 50.40 30.95
N GLY X 26 -31.80 49.50 30.39
CA GLY X 26 -31.49 48.09 30.37
C GLY X 26 -30.30 47.71 29.51
N ASP X 27 -29.88 48.59 28.60
CA ASP X 27 -28.66 48.39 27.84
C ASP X 27 -27.50 49.20 28.36
N ALA X 28 -27.77 50.37 28.94
CA ALA X 28 -26.70 51.17 29.53
C ALA X 28 -26.09 50.47 30.73
N TYR X 29 -26.85 49.64 31.43
CA TYR X 29 -26.30 48.89 32.55
C TYR X 29 -25.31 47.83 32.07
N ASP X 30 -25.69 47.08 31.02
CA ASP X 30 -24.82 46.11 30.38
C ASP X 30 -23.56 46.73 29.82
N GLU X 31 -23.65 47.95 29.32
CA GLU X 31 -22.45 48.64 28.87
C GLU X 31 -21.60 49.10 30.04
N SER X 32 -22.23 49.48 31.16
CA SER X 32 -21.52 50.05 32.30
C SER X 32 -20.73 49.04 33.09
N ALA X 33 -21.08 47.75 32.98
CA ALA X 33 -20.36 46.66 33.64
C ALA X 33 -18.83 46.69 33.57
N LYS X 34 -18.29 47.11 32.41
CA LYS X 34 -16.86 46.94 32.13
C LYS X 34 -15.97 47.84 32.96
N TYR X 35 -16.49 48.98 33.44
CA TYR X 35 -15.76 49.79 34.40
C TYR X 35 -16.35 49.72 35.79
N ARG X 36 -17.62 49.33 35.91
CA ARG X 36 -18.25 49.03 37.19
C ARG X 36 -17.44 48.05 38.01
N ILE X 37 -16.99 46.96 37.38
CA ILE X 37 -16.33 45.87 38.11
C ILE X 37 -14.97 46.32 38.65
N ALA X 38 -14.18 47.03 37.86
CA ALA X 38 -12.87 47.47 38.31
C ALA X 38 -12.96 48.57 39.37
N ASN X 39 -13.95 49.46 39.25
CA ASN X 39 -14.07 50.49 40.27
C ASN X 39 -14.53 49.90 41.60
N PHE X 40 -15.38 48.87 41.58
CA PHE X 40 -15.69 48.20 42.84
C PHE X 40 -14.50 47.43 43.38
N GLU X 41 -13.74 46.79 42.48
CA GLU X 41 -12.51 46.07 42.81
C GLU X 41 -11.57 46.92 43.66
N ASN X 42 -11.34 48.16 43.25
CA ASN X 42 -10.48 49.00 44.08
C ASN X 42 -11.24 50.00 44.94
N GLY X 43 -12.55 49.86 45.11
CA GLY X 43 -13.24 50.68 46.09
C GLY X 43 -13.73 49.98 47.34
N PHE X 44 -13.91 48.65 47.28
CA PHE X 44 -14.43 47.95 48.45
C PHE X 44 -13.37 47.77 49.54
N LYS X 45 -12.09 47.87 49.18
CA LYS X 45 -11.02 47.64 50.14
C LYS X 45 -11.00 48.69 51.23
N SER X 46 -11.42 49.92 50.91
CA SER X 46 -11.45 50.97 51.92
C SER X 46 -12.50 50.69 53.00
N LEU X 47 -13.69 50.24 52.59
CA LEU X 47 -14.71 49.83 53.55
C LEU X 47 -14.24 48.68 54.41
N HIS X 48 -13.64 47.66 53.80
CA HIS X 48 -13.31 46.48 54.59
C HIS X 48 -12.14 46.77 55.53
N MET X 49 -11.23 47.64 55.12
CA MET X 49 -10.14 48.03 56.02
C MET X 49 -10.64 48.89 57.16
N VAL X 50 -11.55 49.84 56.89
CA VAL X 50 -11.98 50.70 57.99
C VAL X 50 -12.89 49.94 58.96
N GLU X 51 -13.61 48.92 58.49
CA GLU X 51 -14.42 48.12 59.40
C GLU X 51 -13.56 47.19 60.25
N ASN X 52 -12.50 46.61 59.67
CA ASN X 52 -11.59 45.82 60.49
C ASN X 52 -10.82 46.68 61.48
N GLU X 53 -10.45 47.90 61.09
CA GLU X 53 -9.73 48.76 62.02
C GLU X 53 -10.63 49.22 63.16
N PHE X 54 -11.91 49.44 62.89
CA PHE X 54 -12.85 49.73 63.97
C PHE X 54 -12.99 48.55 64.92
N LYS X 55 -13.15 47.33 64.39
CA LYS X 55 -13.25 46.14 65.25
C LYS X 55 -12.04 46.01 66.15
N GLN X 56 -10.84 46.17 65.57
CA GLN X 56 -9.61 45.99 66.33
C GLN X 56 -9.44 47.05 67.40
N TYR X 57 -9.66 48.32 67.04
CA TYR X 57 -9.40 49.37 68.03
C TYR X 57 -10.48 49.44 69.08
N LEU X 58 -11.73 49.08 68.75
CA LEU X 58 -12.76 48.95 69.76
C LEU X 58 -12.43 47.83 70.73
N ALA X 59 -11.92 46.70 70.22
CA ALA X 59 -11.53 45.60 71.09
C ALA X 59 -10.40 46.01 72.03
N ASN X 60 -9.43 46.79 71.52
CA ASN X 60 -8.33 47.23 72.37
C ASN X 60 -8.79 48.19 73.46
N VAL X 61 -9.67 49.14 73.12
CA VAL X 61 -10.15 50.11 74.11
C VAL X 61 -11.02 49.42 75.17
N ILE X 62 -11.89 48.49 74.74
CA ILE X 62 -12.72 47.76 75.68
C ILE X 62 -11.88 46.86 76.59
N ASP X 63 -10.82 46.24 76.07
CA ASP X 63 -10.00 45.40 76.92
C ASP X 63 -9.16 46.23 77.89
N GLU X 64 -8.73 47.42 77.49
CA GLU X 64 -8.05 48.30 78.44
C GLU X 64 -9.02 48.85 79.49
N ALA X 65 -10.31 48.93 79.17
CA ALA X 65 -11.28 49.31 80.20
C ALA X 65 -11.58 48.15 81.14
N ILE X 66 -11.56 46.92 80.63
CA ILE X 66 -11.78 45.75 81.49
C ILE X 66 -10.60 45.52 82.42
N LYS X 67 -9.37 45.82 81.95
CA LYS X 67 -8.20 45.66 82.81
C LYS X 67 -8.17 46.66 83.97
N SER X 68 -8.98 47.72 83.90
CA SER X 68 -9.15 48.63 85.03
C SER X 68 -10.14 48.11 86.07
N GLY X 69 -10.68 46.92 85.90
CA GLY X 69 -11.49 46.28 86.92
C GLY X 69 -12.99 46.32 86.71
N ALA X 70 -13.46 46.76 85.55
CA ALA X 70 -14.90 46.78 85.30
C ALA X 70 -15.42 45.38 84.99
N SER X 71 -16.72 45.26 85.01
CA SER X 71 -17.37 43.99 84.72
C SER X 71 -17.86 43.95 83.27
N PRO X 72 -17.89 42.77 82.63
CA PRO X 72 -18.39 42.70 81.26
C PRO X 72 -19.90 42.85 81.13
N GLN X 73 -20.64 42.98 82.24
CA GLN X 73 -22.01 43.42 82.13
C GLN X 73 -22.15 44.94 82.12
N ASP X 74 -21.11 45.66 82.53
CA ASP X 74 -21.20 47.12 82.57
C ASP X 74 -21.22 47.73 81.17
N LEU X 75 -20.50 47.11 80.23
CA LEU X 75 -20.29 47.67 78.89
C LEU X 75 -20.59 46.60 77.84
N PRO X 76 -21.86 46.48 77.43
CA PRO X 76 -22.23 45.43 76.48
C PRO X 76 -21.59 45.53 75.10
N TYR X 77 -21.93 46.58 74.34
CA TYR X 77 -21.46 46.87 72.99
C TYR X 77 -21.47 45.66 72.07
N VAL X 78 -22.63 45.01 71.94
CA VAL X 78 -22.65 43.67 71.38
C VAL X 78 -22.89 43.68 69.89
N ASN X 79 -24.10 44.04 69.49
CA ASN X 79 -24.47 43.92 68.08
C ASN X 79 -24.93 45.23 67.47
N GLU X 80 -25.86 45.94 68.11
CA GLU X 80 -26.41 47.13 67.50
C GLU X 80 -25.71 48.41 67.92
N ILE X 81 -25.08 48.41 69.09
CA ILE X 81 -24.33 49.59 69.49
C ILE X 81 -23.02 49.67 68.72
N LYS X 82 -22.41 48.52 68.43
CA LYS X 82 -21.31 48.47 67.48
C LYS X 82 -21.76 48.90 66.10
N LEU X 83 -22.99 48.59 65.73
CA LEU X 83 -23.49 49.02 64.43
C LEU X 83 -23.69 50.53 64.38
N ALA X 84 -24.07 51.14 65.51
CA ALA X 84 -24.13 52.60 65.60
C ALA X 84 -22.76 53.24 65.42
N LEU X 85 -21.76 52.68 66.12
CA LEU X 85 -20.42 53.27 66.02
C LEU X 85 -19.80 53.01 64.64
N MET X 86 -20.21 51.92 63.99
CA MET X 86 -19.76 51.73 62.62
C MET X 86 -20.47 52.69 61.66
N LYS X 87 -21.71 53.10 61.97
CA LYS X 87 -22.37 54.11 61.16
C LYS X 87 -21.62 55.43 61.17
N ILE X 88 -21.21 55.90 62.35
CA ILE X 88 -20.47 57.17 62.40
C ILE X 88 -19.10 57.04 61.75
N PHE X 89 -18.43 55.89 61.91
CA PHE X 89 -17.12 55.79 61.26
C PHE X 89 -17.19 55.57 59.76
N THR X 90 -18.28 54.98 59.25
CA THR X 90 -18.40 54.82 57.82
C THR X 90 -18.81 56.13 57.14
N SER X 91 -19.58 56.96 57.85
CA SER X 91 -19.83 58.31 57.32
C SER X 91 -18.55 59.14 57.35
N TRP X 92 -17.66 58.88 58.31
CA TRP X 92 -16.36 59.52 58.28
C TRP X 92 -15.53 59.07 57.08
N LEU X 93 -15.67 57.78 56.72
CA LEU X 93 -15.05 57.29 55.49
C LEU X 93 -15.60 58.00 54.25
N LYS X 94 -16.90 58.28 54.22
CA LYS X 94 -17.47 58.96 53.04
C LYS X 94 -16.97 60.38 52.93
N TYR X 95 -17.07 61.15 54.02
CA TYR X 95 -16.68 62.56 53.91
C TYR X 95 -15.17 62.73 53.84
N SER X 96 -14.39 61.70 54.17
CA SER X 96 -12.98 61.72 53.85
C SER X 96 -12.70 61.24 52.44
N ASN X 97 -13.63 60.51 51.84
CA ASN X 97 -13.39 59.94 50.51
C ASN X 97 -13.56 61.00 49.44
N GLU X 98 -14.32 62.04 49.75
CA GLU X 98 -14.29 63.27 48.98
C GLU X 98 -13.10 64.10 49.43
N LYS X 99 -12.76 65.12 48.65
CA LYS X 99 -11.59 65.93 49.00
C LYS X 99 -12.04 67.16 49.80
N LEU X 100 -12.69 66.88 50.92
CA LEU X 100 -13.22 67.92 51.79
C LEU X 100 -12.16 68.39 52.78
N GLY X 101 -12.37 69.60 53.31
CA GLY X 101 -11.50 70.13 54.33
C GLY X 101 -11.69 69.44 55.67
N ALA X 102 -10.93 69.91 56.66
CA ALA X 102 -10.92 69.23 57.95
C ALA X 102 -12.19 69.48 58.75
N ASN X 103 -12.59 70.73 58.91
CA ASN X 103 -13.76 71.01 59.74
C ASN X 103 -15.07 70.63 59.06
N GLU X 104 -15.09 70.58 57.73
CA GLU X 104 -16.29 70.14 57.03
C GLU X 104 -16.55 68.67 57.29
N ILE X 105 -15.47 67.87 57.28
CA ILE X 105 -15.54 66.49 57.74
C ILE X 105 -15.98 66.43 59.19
N ALA X 106 -15.46 67.33 60.03
CA ALA X 106 -15.79 67.32 61.46
C ALA X 106 -17.26 67.57 61.71
N ILE X 107 -17.84 68.54 61.02
CA ILE X 107 -19.24 68.84 61.28
C ILE X 107 -20.19 67.90 60.57
N ASN X 108 -19.81 67.30 59.44
CA ASN X 108 -20.69 66.28 58.87
C ASN X 108 -20.68 65.00 59.70
N VAL X 109 -19.54 64.61 60.24
CA VAL X 109 -19.49 63.45 61.13
C VAL X 109 -20.20 63.77 62.45
N ALA X 110 -20.17 65.02 62.89
CA ALA X 110 -20.92 65.40 64.08
C ALA X 110 -22.43 65.34 63.84
N GLY X 111 -22.88 65.69 62.64
CA GLY X 111 -24.29 65.55 62.33
C GLY X 111 -24.74 64.10 62.26
N THR X 112 -23.92 63.24 61.65
CA THR X 112 -24.25 61.82 61.62
C THR X 112 -24.21 61.21 63.02
N ALA X 113 -23.30 61.70 63.87
CA ALA X 113 -23.26 61.30 65.27
C ALA X 113 -24.52 61.71 66.01
N THR X 114 -25.03 62.92 65.72
CA THR X 114 -26.26 63.38 66.34
C THR X 114 -27.43 62.48 65.98
N MET X 115 -27.59 62.18 64.69
CA MET X 115 -28.69 61.32 64.25
C MET X 115 -28.58 59.91 64.82
N THR X 116 -27.38 59.32 64.76
CA THR X 116 -27.19 57.94 65.19
C THR X 116 -27.33 57.80 66.70
N LEU X 117 -26.66 58.65 67.48
CA LEU X 117 -26.78 58.56 68.92
C LEU X 117 -28.10 59.12 69.43
N THR X 118 -28.89 59.78 68.58
CA THR X 118 -30.26 60.05 68.95
C THR X 118 -31.11 58.80 68.84
N GLU X 119 -30.97 58.09 67.71
CA GLU X 119 -31.90 57.00 67.42
C GLU X 119 -31.74 55.81 68.37
N ASN X 120 -30.58 55.17 68.39
CA ASN X 120 -30.46 53.83 68.94
C ASN X 120 -29.67 53.78 70.27
N LEU X 121 -29.90 54.75 71.15
CA LEU X 121 -29.49 54.50 72.52
C LEU X 121 -30.53 54.98 73.54
N TYR X 122 -31.79 55.02 73.13
CA TYR X 122 -32.88 55.21 74.06
C TYR X 122 -33.46 53.85 74.40
N GLY X 123 -33.44 53.51 75.69
CA GLY X 123 -33.96 52.25 76.15
C GLY X 123 -32.97 51.11 76.18
N THR X 124 -31.67 51.40 76.13
CA THR X 124 -30.71 50.31 76.16
C THR X 124 -29.48 50.56 77.04
N ARG X 125 -29.66 51.05 78.27
CA ARG X 125 -28.72 50.84 79.37
C ARG X 125 -27.43 51.66 79.23
N VAL X 126 -27.21 52.32 78.09
CA VAL X 126 -25.97 53.02 77.80
C VAL X 126 -26.29 54.50 77.62
N SER X 127 -25.78 55.33 78.52
CA SER X 127 -25.95 56.77 78.43
C SER X 127 -25.14 57.32 77.26
N CYS X 128 -25.49 58.54 76.83
CA CYS X 128 -24.82 59.09 75.65
C CYS X 128 -23.41 59.57 75.97
N GLU X 129 -23.17 59.99 77.22
CA GLU X 129 -21.86 60.53 77.59
C GLU X 129 -20.79 59.45 77.54
N GLU X 130 -21.14 58.21 77.91
CA GLU X 130 -20.20 57.11 77.83
C GLU X 130 -19.89 56.74 76.39
N ALA X 131 -20.90 56.80 75.52
CA ALA X 131 -20.70 56.51 74.11
C ALA X 131 -19.82 57.56 73.44
N VAL X 132 -19.99 58.83 73.83
CA VAL X 132 -19.18 59.88 73.22
C VAL X 132 -17.76 59.86 73.76
N SER X 133 -17.58 59.46 75.03
CA SER X 133 -16.24 59.20 75.54
C SER X 133 -15.58 58.04 74.80
N LEU X 134 -16.35 57.01 74.44
CA LEU X 134 -15.79 55.91 73.67
C LEU X 134 -15.39 56.33 72.26
N ILE X 135 -16.20 57.16 71.61
CA ILE X 135 -15.87 57.66 70.28
C ILE X 135 -14.64 58.54 70.31
N ASN X 136 -14.53 59.39 71.34
CA ASN X 136 -13.33 60.21 71.50
C ASN X 136 -12.10 59.37 71.78
N SER X 137 -12.26 58.25 72.49
CA SER X 137 -11.12 57.35 72.69
C SER X 137 -10.69 56.68 71.40
N ILE X 138 -11.65 56.30 70.54
CA ILE X 138 -11.29 55.65 69.28
C ILE X 138 -10.60 56.64 68.35
N PHE X 139 -11.08 57.90 68.32
CA PHE X 139 -10.37 58.91 67.52
C PHE X 139 -9.03 59.30 68.14
N ALA X 140 -8.86 59.12 69.46
CA ALA X 140 -7.54 59.31 70.04
C ALA X 140 -6.60 58.20 69.62
N VAL X 141 -7.12 57.00 69.37
CA VAL X 141 -6.29 55.90 68.90
C VAL X 141 -5.91 56.10 67.43
N TRP X 142 -6.89 56.45 66.59
CA TRP X 142 -6.64 56.63 65.15
C TRP X 142 -5.74 57.82 64.86
N VAL X 143 -6.19 59.05 65.14
CA VAL X 143 -5.49 60.23 64.67
C VAL X 143 -5.09 61.13 65.83
N GLY X 144 -5.61 60.84 67.02
CA GLY X 144 -5.21 61.59 68.20
C GLY X 144 -5.73 63.01 68.22
N VAL X 145 -7.05 63.16 68.24
CA VAL X 145 -7.71 64.46 68.18
C VAL X 145 -8.66 64.66 69.35
N GLU X 146 -9.56 63.69 69.58
CA GLU X 146 -10.72 63.76 70.47
C GLU X 146 -11.58 64.98 70.17
N PRO X 147 -12.33 65.00 69.07
CA PRO X 147 -12.96 66.25 68.63
C PRO X 147 -14.33 66.58 69.21
N PHE X 148 -15.11 65.61 69.70
CA PHE X 148 -16.53 65.82 69.91
C PHE X 148 -16.85 66.08 71.37
N GLU X 149 -17.61 67.14 71.61
CA GLU X 149 -18.25 67.43 72.89
C GLU X 149 -19.75 67.20 72.75
N ALA X 150 -20.36 66.59 73.75
CA ALA X 150 -21.75 66.20 73.64
C ALA X 150 -22.57 66.74 74.80
N GLU X 151 -23.88 66.54 74.69
CA GLU X 151 -24.82 66.92 75.73
C GLU X 151 -26.08 66.10 75.56
N GLU X 152 -26.75 65.85 76.68
CA GLU X 152 -28.06 65.22 76.71
C GLU X 152 -29.11 66.26 77.05
N ARG X 153 -28.94 67.46 76.48
CA ARG X 153 -29.62 68.66 76.94
C ARG X 153 -31.13 68.58 76.76
N GLU X 154 -31.57 67.89 75.72
CA GLU X 154 -32.98 67.63 75.49
C GLU X 154 -33.18 66.12 75.53
N GLY X 155 -34.35 65.66 75.11
CA GLY X 155 -34.66 64.23 75.10
C GLY X 155 -33.77 63.40 74.19
N ALA X 156 -33.14 64.02 73.20
CA ALA X 156 -32.18 63.38 72.33
C ALA X 156 -30.77 63.75 72.77
N CYS X 157 -29.78 63.08 72.20
CA CYS X 157 -28.39 63.44 72.45
C CYS X 157 -27.84 64.26 71.30
N LEU X 158 -27.07 65.28 71.60
CA LEU X 158 -26.59 66.22 70.60
C LEU X 158 -25.07 66.29 70.65
N VAL X 159 -24.44 66.12 69.49
CA VAL X 159 -23.00 66.10 69.35
C VAL X 159 -22.56 67.31 68.54
N THR X 160 -21.59 68.05 69.07
CA THR X 160 -21.01 69.21 68.41
C THR X 160 -19.49 69.11 68.45
N PRO X 161 -18.81 69.57 67.41
CA PRO X 161 -17.35 69.43 67.38
C PRO X 161 -16.62 70.56 68.09
N ARG X 162 -15.42 70.23 68.56
CA ARG X 162 -14.54 71.21 69.19
C ARG X 162 -13.33 71.56 68.36
N SER X 163 -12.91 70.68 67.46
CA SER X 163 -11.66 70.85 66.74
C SER X 163 -11.82 70.18 65.38
N PRO X 164 -11.06 70.61 64.37
CA PRO X 164 -11.16 69.98 63.06
C PRO X 164 -10.66 68.54 63.07
N LEU X 165 -11.16 67.77 62.11
CA LEU X 165 -10.92 66.33 62.07
C LEU X 165 -10.16 65.97 60.81
N PRO X 166 -9.07 65.22 60.89
CA PRO X 166 -8.34 64.81 59.69
C PRO X 166 -9.09 63.73 58.93
N PRO X 167 -8.81 63.55 57.65
CA PRO X 167 -9.43 62.46 56.90
C PRO X 167 -8.82 61.11 57.26
N VAL X 168 -9.38 60.06 56.69
CA VAL X 168 -9.01 58.67 57.01
C VAL X 168 -7.62 58.39 56.46
N PRO X 169 -6.72 57.74 57.23
CA PRO X 169 -5.39 57.35 56.75
C PRO X 169 -5.36 56.15 55.81
N ILE X 170 -6.25 56.13 54.83
CA ILE X 170 -6.35 55.04 53.86
C ILE X 170 -6.57 55.66 52.49
N SER X 171 -5.73 55.29 51.52
CA SER X 171 -5.82 55.82 50.16
C SER X 171 -6.50 54.77 49.27
N SER X 172 -7.49 55.21 48.50
CA SER X 172 -8.19 54.34 47.57
C SER X 172 -7.48 54.35 46.22
N PRO X 173 -6.82 53.28 45.81
CA PRO X 173 -5.95 53.34 44.64
C PRO X 173 -6.70 53.14 43.33
N THR X 174 -6.12 53.69 42.28
CA THR X 174 -6.64 53.53 40.91
C THR X 174 -5.94 52.41 40.15
N GLY X 175 -5.91 51.23 40.76
CA GLY X 175 -5.20 50.11 40.16
C GLY X 175 -5.99 49.41 39.07
N PHE X 176 -5.37 48.36 38.52
CA PHE X 176 -5.99 47.55 37.49
C PHE X 176 -5.66 46.07 37.67
N SER X 177 -5.73 45.60 38.93
CA SER X 177 -5.07 44.38 39.40
C SER X 177 -5.38 43.14 38.57
N ALA X 178 -4.31 42.47 38.13
CA ALA X 178 -4.32 41.33 37.22
C ALA X 178 -4.01 40.05 37.99
N PRO X 179 -4.55 38.91 37.54
CA PRO X 179 -4.30 37.66 38.26
C PRO X 179 -2.88 37.16 38.06
N ILE X 180 -2.45 36.28 38.97
CA ILE X 180 -1.11 35.73 38.87
C ILE X 180 -1.01 34.73 37.72
N GLN X 181 -2.13 34.11 37.32
CA GLN X 181 -2.08 33.23 36.17
C GLN X 181 -1.89 34.01 34.88
N GLU X 182 -2.44 35.22 34.80
CA GLU X 182 -2.21 36.07 33.64
C GLU X 182 -0.77 36.56 33.60
N VAL X 183 -0.14 36.72 34.76
CA VAL X 183 1.27 37.09 34.79
C VAL X 183 2.14 35.94 34.33
N LEU X 184 1.87 34.73 34.83
CA LEU X 184 2.76 33.62 34.53
C LEU X 184 2.55 33.06 33.11
N GLN X 185 1.32 33.01 32.63
CA GLN X 185 1.08 32.42 31.31
C GLN X 185 1.44 33.36 30.18
N ALA X 186 1.68 34.64 30.45
CA ALA X 186 1.97 35.59 29.39
C ALA X 186 3.41 35.44 28.90
N LYS X 187 3.68 36.02 27.73
CA LYS X 187 4.99 35.97 27.13
C LYS X 187 5.70 37.31 27.13
N SER X 188 4.99 38.41 27.36
CA SER X 188 5.56 39.73 27.28
C SER X 188 4.80 40.63 28.25
N PRO X 189 5.41 41.74 28.69
CA PRO X 189 4.65 42.73 29.48
C PRO X 189 3.49 43.37 28.72
N GLU X 190 3.66 43.63 27.42
CA GLU X 190 2.59 44.25 26.66
C GLU X 190 1.43 43.33 26.42
N GLU X 191 1.62 42.02 26.57
CA GLU X 191 0.48 41.11 26.55
C GLU X 191 -0.34 41.22 27.83
N ILE X 192 0.31 41.59 28.94
CA ILE X 192 -0.44 41.83 30.17
C ILE X 192 -1.20 43.14 30.08
N ILE X 193 -0.56 44.19 29.55
CA ILE X 193 -1.27 45.45 29.36
C ILE X 193 -2.30 45.33 28.23
N GLY X 194 -1.82 45.05 27.02
CA GLY X 194 -2.68 45.06 25.85
C GLY X 194 -3.58 43.84 25.74
CA MET Y 1 22.47 -65.16 -26.13
C MET Y 1 21.01 -65.36 -25.74
N ALA Y 2 20.50 -66.57 -25.96
CA ALA Y 2 19.10 -66.87 -25.76
C ALA Y 2 18.78 -66.94 -24.27
N ARG Y 3 17.48 -67.06 -23.96
CA ARG Y 3 17.02 -67.01 -22.59
C ARG Y 3 17.46 -68.21 -21.77
N LYS Y 4 17.73 -69.35 -22.43
CA LYS Y 4 18.43 -70.51 -21.88
C LYS Y 4 17.71 -71.14 -20.68
N ARG Y 5 16.42 -70.89 -20.53
CA ARG Y 5 15.64 -71.45 -19.45
C ARG Y 5 14.59 -72.43 -19.97
N THR Y 6 13.74 -71.96 -20.87
CA THR Y 6 12.73 -72.83 -21.46
C THR Y 6 12.49 -72.35 -22.89
N SER Y 7 11.83 -73.20 -23.67
CA SER Y 7 11.44 -72.81 -25.02
C SER Y 7 10.43 -71.67 -24.98
N LYS Y 8 9.24 -71.95 -24.46
CA LYS Y 8 8.11 -71.01 -24.38
C LYS Y 8 7.75 -70.47 -25.76
N ASN Y 9 7.24 -71.38 -26.60
CA ASN Y 9 6.96 -71.06 -28.00
C ASN Y 9 5.85 -70.04 -28.12
N ASP Y 10 6.23 -68.80 -28.43
CA ASP Y 10 5.30 -67.68 -28.53
C ASP Y 10 5.94 -66.62 -29.41
N PRO Y 11 5.37 -66.33 -30.58
CA PRO Y 11 6.05 -65.40 -31.51
C PRO Y 11 6.01 -63.95 -31.08
N LEU Y 12 5.00 -63.57 -30.31
CA LEU Y 12 4.88 -62.16 -29.93
C LEU Y 12 5.94 -61.77 -28.92
N ARG Y 13 6.34 -62.70 -28.04
CA ARG Y 13 7.47 -62.46 -27.15
C ARG Y 13 8.76 -62.33 -27.92
N MET Y 14 8.90 -63.07 -29.03
CA MET Y 14 10.10 -62.98 -29.86
C MET Y 14 10.23 -61.59 -30.45
N TYR Y 15 9.17 -61.12 -31.11
CA TYR Y 15 9.23 -59.79 -31.73
C TYR Y 15 9.35 -58.69 -30.69
N LEU Y 16 8.75 -58.87 -29.53
CA LEU Y 16 8.82 -57.82 -28.51
C LEU Y 16 10.18 -57.74 -27.85
N ASN Y 17 10.87 -58.88 -27.66
CA ASN Y 17 12.23 -58.81 -27.13
C ASN Y 17 13.18 -58.24 -28.17
N TYR Y 18 12.92 -58.49 -29.45
CA TYR Y 18 13.74 -57.88 -30.51
C TYR Y 18 13.60 -56.37 -30.50
N VAL Y 19 12.36 -55.88 -30.41
CA VAL Y 19 12.10 -54.44 -30.37
C VAL Y 19 12.68 -53.82 -29.10
N ARG Y 20 12.70 -54.57 -28.00
CA ARG Y 20 13.30 -54.05 -26.78
C ARG Y 20 14.81 -53.90 -26.91
N LYS Y 21 15.48 -54.85 -27.57
CA LYS Y 21 16.95 -54.79 -27.60
C LYS Y 21 17.52 -54.11 -28.84
N LEU Y 22 16.66 -53.58 -29.73
CA LEU Y 22 17.18 -52.71 -30.79
C LEU Y 22 17.78 -51.41 -30.28
N GLN Y 23 17.53 -51.01 -29.05
CA GLN Y 23 18.18 -49.81 -28.52
C GLN Y 23 19.52 -50.10 -27.86
N THR Y 24 20.06 -51.30 -28.03
CA THR Y 24 21.36 -51.68 -27.51
C THR Y 24 22.23 -52.36 -28.57
N MET Y 25 21.60 -53.01 -29.56
CA MET Y 25 22.32 -53.59 -30.69
C MET Y 25 23.19 -52.56 -31.42
N GLY Y 26 22.67 -51.34 -31.57
CA GLY Y 26 23.36 -50.29 -32.32
C GLY Y 26 24.62 -49.79 -31.68
N ASP Y 27 24.82 -50.05 -30.38
CA ASP Y 27 26.06 -49.74 -29.69
C ASP Y 27 26.94 -50.95 -29.49
N ALA Y 28 26.34 -52.14 -29.35
CA ALA Y 28 27.14 -53.35 -29.23
C ALA Y 28 27.89 -53.65 -30.51
N TYR Y 29 27.36 -53.23 -31.66
CA TYR Y 29 28.07 -53.43 -32.93
C TYR Y 29 29.33 -52.56 -33.00
N ASP Y 30 29.19 -51.28 -32.61
CA ASP Y 30 30.31 -50.35 -32.52
C ASP Y 30 31.36 -50.81 -31.54
N GLU Y 31 30.95 -51.45 -30.45
CA GLU Y 31 31.93 -52.02 -29.53
C GLU Y 31 32.59 -53.26 -30.11
N SER Y 32 31.86 -54.05 -30.89
CA SER Y 32 32.35 -55.33 -31.39
C SER Y 32 33.37 -55.19 -32.51
N ALA Y 33 33.39 -54.04 -33.18
CA ALA Y 33 34.36 -53.74 -34.24
C ALA Y 33 35.83 -54.09 -33.95
N LYS Y 34 36.26 -53.87 -32.70
CA LYS Y 34 37.67 -53.91 -32.36
C LYS Y 34 38.27 -55.31 -32.41
N TYR Y 35 37.45 -56.34 -32.22
CA TYR Y 35 37.91 -57.71 -32.45
C TYR Y 35 37.32 -58.33 -33.71
N ARG Y 36 36.20 -57.78 -34.21
CA ARG Y 36 35.65 -58.15 -35.49
C ARG Y 36 36.67 -58.06 -36.61
N ILE Y 37 37.42 -56.95 -36.64
CA ILE Y 37 38.33 -56.68 -37.76
C ILE Y 37 39.51 -57.68 -37.76
N ALA Y 38 40.09 -57.95 -36.60
CA ALA Y 38 41.22 -58.86 -36.54
C ALA Y 38 40.80 -60.31 -36.78
N ASN Y 39 39.61 -60.70 -36.32
CA ASN Y 39 39.18 -62.07 -36.60
C ASN Y 39 38.87 -62.27 -38.08
N PHE Y 40 38.33 -61.26 -38.75
CA PHE Y 40 38.19 -61.40 -40.20
C PHE Y 40 39.53 -61.40 -40.92
N GLU Y 41 40.46 -60.56 -40.43
CA GLU Y 41 41.83 -60.48 -40.94
C GLU Y 41 42.47 -61.86 -41.03
N ASN Y 42 42.37 -62.64 -39.96
CA ASN Y 42 42.94 -63.98 -40.03
C ASN Y 42 41.91 -65.09 -40.28
N GLY Y 43 40.69 -64.76 -40.69
CA GLY Y 43 39.78 -65.79 -41.10
C GLY Y 43 39.47 -65.86 -42.58
N PHE Y 44 39.65 -64.76 -43.31
CA PHE Y 44 39.33 -64.76 -44.74
C PHE Y 44 40.36 -65.50 -45.58
N LYS Y 45 41.58 -65.68 -45.04
CA LYS Y 45 42.65 -66.31 -45.81
C LYS Y 45 42.34 -67.76 -46.10
N SER Y 46 41.61 -68.44 -45.21
CA SER Y 46 41.26 -69.83 -45.43
C SER Y 46 40.31 -70.00 -46.62
N LEU Y 47 39.29 -69.13 -46.71
CA LEU Y 47 38.40 -69.11 -47.86
C LEU Y 47 39.15 -68.84 -49.14
N HIS Y 48 40.02 -67.82 -49.13
CA HIS Y 48 40.64 -67.45 -50.40
C HIS Y 48 41.66 -68.50 -50.85
N MET Y 49 42.31 -69.16 -49.89
CA MET Y 49 43.23 -70.23 -50.25
C MET Y 49 42.48 -71.46 -50.76
N VAL Y 50 41.36 -71.82 -50.14
CA VAL Y 50 40.67 -73.03 -50.60
C VAL Y 50 39.99 -72.78 -51.95
N GLU Y 51 39.59 -71.54 -52.24
CA GLU Y 51 39.00 -71.27 -53.55
C GLU Y 51 40.06 -71.23 -54.64
N ASN Y 52 41.25 -70.69 -54.34
CA ASN Y 52 42.33 -70.78 -55.33
C ASN Y 52 42.80 -72.21 -55.55
N GLU Y 53 42.84 -73.02 -54.49
CA GLU Y 53 43.26 -74.40 -54.67
C GLU Y 53 42.24 -75.20 -55.46
N PHE Y 54 40.95 -74.90 -55.29
CA PHE Y 54 39.94 -75.53 -56.13
C PHE Y 54 40.10 -75.14 -57.59
N LYS Y 55 40.30 -73.84 -57.87
CA LYS Y 55 40.51 -73.40 -59.25
C LYS Y 55 41.69 -74.10 -59.90
N GLN Y 56 42.81 -74.18 -59.17
CA GLN Y 56 44.03 -74.76 -59.71
C GLN Y 56 43.87 -76.25 -59.96
N TYR Y 57 43.32 -76.99 -58.99
CA TYR Y 57 43.26 -78.43 -59.16
C TYR Y 57 42.16 -78.86 -60.12
N LEU Y 58 41.08 -78.07 -60.23
CA LEU Y 58 40.09 -78.32 -61.28
C LEU Y 58 40.69 -78.08 -62.65
N ALA Y 59 41.50 -77.03 -62.80
CA ALA Y 59 42.15 -76.78 -64.07
C ALA Y 59 43.12 -77.91 -64.44
N ASN Y 60 43.84 -78.45 -63.47
CA ASN Y 60 44.76 -79.55 -63.75
C ASN Y 60 44.02 -80.82 -64.16
N VAL Y 61 42.92 -81.15 -63.46
CA VAL Y 61 42.17 -82.36 -63.80
C VAL Y 61 41.49 -82.24 -65.17
N ILE Y 62 40.92 -81.06 -65.46
CA ILE Y 62 40.30 -80.84 -66.76
C ILE Y 62 41.33 -80.87 -67.89
N ASP Y 63 42.53 -80.33 -67.66
CA ASP Y 63 43.53 -80.37 -68.72
C ASP Y 63 44.09 -81.78 -68.94
N GLU Y 64 44.18 -82.58 -67.86
CA GLU Y 64 44.57 -83.97 -68.04
C GLU Y 64 43.47 -84.78 -68.72
N ALA Y 65 42.22 -84.36 -68.59
CA ALA Y 65 41.15 -85.02 -69.35
C ALA Y 65 41.15 -84.59 -70.81
N ILE Y 66 41.52 -83.33 -71.10
CA ILE Y 66 41.61 -82.87 -72.48
C ILE Y 66 42.79 -83.52 -73.20
N LYS Y 67 43.89 -83.78 -72.49
CA LYS Y 67 45.04 -84.43 -73.11
C LYS Y 67 44.76 -85.88 -73.49
N SER Y 68 43.70 -86.48 -72.95
CA SER Y 68 43.25 -87.80 -73.37
C SER Y 68 42.42 -87.76 -74.65
N GLY Y 69 42.23 -86.60 -75.27
CA GLY Y 69 41.59 -86.51 -76.56
C GLY Y 69 40.15 -86.07 -76.58
N ALA Y 70 39.60 -85.62 -75.46
CA ALA Y 70 38.22 -85.16 -75.44
C ALA Y 70 38.11 -83.76 -76.05
N SER Y 71 36.89 -83.36 -76.31
CA SER Y 71 36.63 -82.05 -76.88
C SER Y 71 36.21 -81.06 -75.79
N PRO Y 72 36.53 -79.77 -75.95
CA PRO Y 72 36.09 -78.79 -74.94
C PRO Y 72 34.62 -78.47 -74.97
N GLN Y 73 33.84 -79.05 -75.90
CA GLN Y 73 32.39 -78.99 -75.74
C GLN Y 73 31.85 -80.14 -74.90
N ASP Y 74 32.65 -81.19 -74.67
CA ASP Y 74 32.14 -82.33 -73.90
C ASP Y 74 32.01 -81.98 -72.42
N LEU Y 75 32.88 -81.13 -71.91
CA LEU Y 75 32.97 -80.83 -70.48
C LEU Y 75 33.00 -79.32 -70.27
N PRO Y 76 31.82 -78.68 -70.17
CA PRO Y 76 31.78 -77.22 -70.04
C PRO Y 76 32.41 -76.65 -68.78
N TYR Y 77 31.81 -76.95 -67.61
CA TYR Y 77 32.22 -76.50 -66.29
C TYR Y 77 32.56 -75.02 -66.24
N VAL Y 78 31.64 -74.17 -66.65
CA VAL Y 78 32.01 -72.79 -66.95
C VAL Y 78 31.81 -71.88 -65.76
N ASN Y 79 30.55 -71.64 -65.40
CA ASN Y 79 30.27 -70.65 -64.38
C ASN Y 79 29.49 -71.20 -63.19
N GLU Y 80 28.39 -71.89 -63.46
CA GLU Y 80 27.53 -72.33 -62.36
C GLU Y 80 27.85 -73.74 -61.89
N ILE Y 81 28.42 -74.57 -62.75
CA ILE Y 81 28.81 -75.90 -62.31
C ILE Y 81 30.06 -75.83 -61.45
N LYS Y 82 30.97 -74.90 -61.78
CA LYS Y 82 32.07 -74.58 -60.88
C LYS Y 82 31.57 -74.01 -59.57
N LEU Y 83 30.46 -73.26 -59.62
CA LEU Y 83 29.90 -72.71 -58.39
C LEU Y 83 29.30 -73.82 -57.53
N ALA Y 84 28.74 -74.86 -58.14
CA ALA Y 84 28.27 -76.03 -57.40
C ALA Y 84 29.42 -76.76 -56.72
N LEU Y 85 30.51 -76.97 -57.45
CA LEU Y 85 31.64 -77.68 -56.85
C LEU Y 85 32.34 -76.83 -55.80
N MET Y 86 32.26 -75.51 -55.93
CA MET Y 86 32.79 -74.67 -54.87
C MET Y 86 31.87 -74.68 -53.65
N LYS Y 87 30.56 -74.89 -53.85
CA LYS Y 87 29.66 -75.05 -52.71
C LYS Y 87 30.03 -76.25 -51.85
N ILE Y 88 30.25 -77.40 -52.50
CA ILE Y 88 30.61 -78.60 -51.72
C ILE Y 88 31.99 -78.45 -51.06
N PHE Y 89 32.94 -77.81 -51.76
CA PHE Y 89 34.24 -77.67 -51.10
C PHE Y 89 34.26 -76.61 -50.02
N THR Y 90 33.41 -75.60 -50.08
CA THR Y 90 33.37 -74.60 -49.02
C THR Y 90 32.64 -75.14 -47.80
N SER Y 91 31.65 -76.01 -48.00
CA SER Y 91 31.06 -76.69 -46.86
C SER Y 91 32.05 -77.66 -46.23
N TRP Y 92 32.95 -78.23 -47.03
CA TRP Y 92 34.03 -79.03 -46.46
C TRP Y 92 34.98 -78.16 -45.63
N LEU Y 93 35.21 -76.92 -46.08
CA LEU Y 93 35.97 -75.97 -45.28
C LEU Y 93 35.29 -75.68 -43.94
N LYS Y 94 33.96 -75.56 -43.94
CA LYS Y 94 33.26 -75.27 -42.69
C LYS Y 94 33.35 -76.44 -41.71
N TYR Y 95 33.01 -77.65 -42.18
CA TYR Y 95 33.01 -78.77 -41.24
C TYR Y 95 34.41 -79.22 -40.87
N SER Y 96 35.43 -78.79 -41.62
CA SER Y 96 36.80 -78.96 -41.15
C SER Y 96 37.23 -77.83 -40.23
N ASN Y 97 36.55 -76.70 -40.29
CA ASN Y 97 36.97 -75.55 -39.49
C ASN Y 97 36.55 -75.71 -38.05
N GLU Y 98 35.53 -76.51 -37.82
CA GLU Y 98 35.23 -77.02 -36.50
C GLU Y 98 36.14 -78.22 -36.23
N LYS Y 99 36.21 -78.65 -34.97
CA LYS Y 99 37.10 -79.76 -34.63
C LYS Y 99 36.31 -81.07 -34.65
N LEU Y 100 35.73 -81.35 -35.82
CA LEU Y 100 34.91 -82.54 -36.01
C LEU Y 100 35.77 -83.73 -36.40
N GLY Y 101 35.22 -84.92 -36.18
CA GLY Y 101 35.89 -86.14 -36.58
C GLY Y 101 35.87 -86.33 -38.09
N ALA Y 102 36.44 -87.45 -38.53
CA ALA Y 102 36.60 -87.68 -39.96
C ALA Y 102 35.29 -88.04 -40.64
N ASN Y 103 34.55 -89.01 -40.12
CA ASN Y 103 33.33 -89.43 -40.80
C ASN Y 103 32.20 -88.42 -40.65
N GLU Y 104 32.23 -87.61 -39.60
CA GLU Y 104 31.22 -86.58 -39.45
C GLU Y 104 31.36 -85.52 -40.52
N ILE Y 105 32.62 -85.15 -40.81
CA ILE Y 105 32.92 -84.33 -41.97
C ILE Y 105 32.47 -85.02 -43.26
N ALA Y 106 32.71 -86.33 -43.35
CA ALA Y 106 32.36 -87.07 -44.57
C ALA Y 106 30.86 -87.06 -44.84
N ILE Y 107 30.05 -87.28 -43.80
CA ILE Y 107 28.62 -87.34 -44.04
C ILE Y 107 27.98 -85.95 -44.14
N ASN Y 108 28.54 -84.92 -43.50
CA ASN Y 108 28.00 -83.59 -43.73
C ASN Y 108 28.33 -83.07 -45.13
N VAL Y 109 29.53 -83.36 -45.63
CA VAL Y 109 29.86 -82.99 -47.00
C VAL Y 109 29.06 -83.83 -47.99
N ALA Y 110 28.74 -85.07 -47.64
CA ALA Y 110 27.88 -85.88 -48.49
C ALA Y 110 26.46 -85.33 -48.55
N GLY Y 111 25.95 -84.80 -47.43
CA GLY Y 111 24.65 -84.18 -47.45
C GLY Y 111 24.61 -82.90 -48.29
N THR Y 112 25.65 -82.07 -48.16
CA THR Y 112 25.73 -80.87 -48.99
C THR Y 112 25.90 -81.23 -50.46
N ALA Y 113 26.62 -82.30 -50.76
CA ALA Y 113 26.73 -82.82 -52.11
C ALA Y 113 25.38 -83.27 -52.66
N THR Y 114 24.57 -83.92 -51.81
CA THR Y 114 23.24 -84.35 -52.22
C THR Y 114 22.37 -83.16 -52.60
N MET Y 115 22.34 -82.13 -51.74
CA MET Y 115 21.53 -80.95 -52.03
C MET Y 115 22.01 -80.20 -53.27
N THR Y 116 23.33 -80.01 -53.38
CA THR Y 116 23.87 -79.22 -54.48
C THR Y 116 23.73 -79.96 -55.82
N LEU Y 117 24.13 -81.23 -55.88
CA LEU Y 117 24.00 -81.97 -57.12
C LEU Y 117 22.56 -82.39 -57.41
N THR Y 118 21.65 -82.22 -56.45
CA THR Y 118 20.24 -82.33 -56.78
C THR Y 118 19.79 -81.08 -57.52
N GLU Y 119 20.13 -79.90 -56.99
CA GLU Y 119 19.55 -78.66 -57.49
C GLU Y 119 20.00 -78.33 -58.91
N ASN Y 120 21.30 -78.13 -59.13
CA ASN Y 120 21.77 -77.42 -60.32
C ASN Y 120 22.49 -78.35 -61.31
N LEU Y 121 21.99 -79.56 -61.52
CA LEU Y 121 22.41 -80.26 -62.72
C LEU Y 121 21.26 -80.97 -63.42
N TYR Y 122 20.06 -80.46 -63.23
CA TYR Y 122 18.92 -80.89 -64.04
C TYR Y 122 18.73 -79.89 -65.17
N GLY Y 123 18.81 -80.38 -66.40
CA GLY Y 123 18.65 -79.54 -67.56
C GLY Y 123 19.91 -78.92 -68.09
N THR Y 124 21.09 -79.43 -67.70
CA THR Y 124 22.31 -78.82 -68.21
C THR Y 124 23.39 -79.82 -68.61
N ARG Y 125 23.05 -80.87 -69.37
CA ARG Y 125 23.99 -81.58 -70.25
C ARG Y 125 25.00 -82.43 -69.49
N VAL Y 126 25.07 -82.34 -68.16
CA VAL Y 126 26.08 -83.01 -67.35
C VAL Y 126 25.36 -83.98 -66.42
N SER Y 127 25.60 -85.27 -66.60
CA SER Y 127 25.04 -86.29 -65.74
C SER Y 127 25.70 -86.24 -64.37
N CYS Y 128 25.04 -86.85 -63.38
CA CYS Y 128 25.56 -86.77 -62.02
C CYS Y 128 26.78 -87.66 -61.81
N GLU Y 129 26.86 -88.77 -62.55
CA GLU Y 129 27.96 -89.71 -62.37
C GLU Y 129 29.29 -89.09 -62.78
N GLU Y 130 29.28 -88.26 -63.84
CA GLU Y 130 30.49 -87.59 -64.27
C GLU Y 130 30.93 -86.53 -63.26
N ALA Y 131 29.96 -85.83 -62.65
CA ALA Y 131 30.27 -84.83 -61.64
C ALA Y 131 30.85 -85.48 -60.39
N VAL Y 132 30.32 -86.64 -60.01
CA VAL Y 132 30.82 -87.31 -58.82
C VAL Y 132 32.19 -87.94 -59.06
N SER Y 133 32.43 -88.40 -60.30
CA SER Y 133 33.78 -88.83 -60.67
C SER Y 133 34.76 -87.65 -60.63
N LEU Y 134 34.30 -86.46 -61.02
CA LEU Y 134 35.17 -85.28 -60.95
C LEU Y 134 35.48 -84.89 -59.51
N ILE Y 135 34.48 -84.97 -58.62
CA ILE Y 135 34.69 -84.65 -57.20
C ILE Y 135 35.65 -85.66 -56.57
N ASN Y 136 35.49 -86.94 -56.91
CA ASN Y 136 36.41 -87.96 -56.41
C ASN Y 136 37.82 -87.76 -56.95
N SER Y 137 37.95 -87.26 -58.17
CA SER Y 137 39.28 -86.96 -58.69
C SER Y 137 39.91 -85.78 -57.95
N ILE Y 138 39.12 -84.76 -57.61
CA ILE Y 138 39.69 -83.61 -56.89
C ILE Y 138 40.09 -84.00 -55.47
N PHE Y 139 39.29 -84.84 -54.81
CA PHE Y 139 39.71 -85.34 -53.50
C PHE Y 139 40.88 -86.31 -53.59
N ALA Y 140 41.05 -86.98 -54.73
CA ALA Y 140 42.26 -87.79 -54.92
C ALA Y 140 43.48 -86.90 -55.07
N VAL Y 141 43.31 -85.70 -55.63
CA VAL Y 141 44.43 -84.77 -55.74
C VAL Y 141 44.78 -84.16 -54.39
N TRP Y 142 43.76 -83.72 -53.64
CA TRP Y 142 43.99 -83.08 -52.33
C TRP Y 142 44.53 -84.04 -51.29
N VAL Y 143 43.76 -85.06 -50.90
CA VAL Y 143 44.12 -85.86 -49.74
C VAL Y 143 44.22 -87.34 -50.12
N GLY Y 144 43.77 -87.69 -51.33
CA GLY Y 144 43.92 -89.04 -51.81
C GLY Y 144 43.03 -90.04 -51.11
N VAL Y 145 41.72 -89.86 -51.22
CA VAL Y 145 40.73 -90.67 -50.53
C VAL Y 145 39.73 -91.28 -51.50
N GLU Y 146 39.12 -90.45 -52.36
CA GLU Y 146 37.97 -90.74 -53.21
C GLU Y 146 36.82 -91.32 -52.39
N PRO Y 147 36.12 -90.51 -51.59
CA PRO Y 147 35.18 -91.08 -50.62
C PRO Y 147 33.75 -91.34 -51.09
N PHE Y 148 33.26 -90.69 -52.14
CA PHE Y 148 31.83 -90.63 -52.39
C PHE Y 148 31.42 -91.62 -53.48
N GLU Y 149 30.38 -92.39 -53.18
CA GLU Y 149 29.65 -93.22 -54.15
C GLU Y 149 28.28 -92.59 -54.37
N ALA Y 150 27.84 -92.55 -55.62
CA ALA Y 150 26.61 -91.86 -55.94
C ALA Y 150 25.65 -92.76 -56.68
N GLU Y 151 24.44 -92.23 -56.90
CA GLU Y 151 23.41 -92.90 -57.66
C GLU Y 151 22.42 -91.87 -58.16
N GLU Y 152 21.82 -92.15 -59.31
CA GLU Y 152 20.74 -91.37 -59.88
C GLU Y 152 19.43 -92.13 -59.71
N ARG Y 153 19.28 -92.78 -58.55
CA ARG Y 153 18.29 -93.82 -58.33
C ARG Y 153 16.86 -93.28 -58.44
N GLU Y 154 16.65 -92.04 -58.05
CA GLU Y 154 15.38 -91.37 -58.20
C GLU Y 154 15.60 -90.16 -59.11
N GLY Y 155 14.61 -89.28 -59.20
CA GLY Y 155 14.71 -88.09 -60.04
C GLY Y 155 15.82 -87.13 -59.65
N ALA Y 156 16.26 -87.18 -58.40
CA ALA Y 156 17.40 -86.41 -57.92
C ALA Y 156 18.64 -87.29 -57.87
N CYS Y 157 19.79 -86.67 -57.65
CA CYS Y 157 21.02 -87.44 -57.46
C CYS Y 157 21.35 -87.53 -55.98
N LEU Y 158 21.80 -88.70 -55.55
CA LEU Y 158 22.04 -88.96 -54.13
C LEU Y 158 23.47 -89.40 -53.91
N VAL Y 159 24.15 -88.75 -52.98
CA VAL Y 159 25.57 -88.99 -52.69
C VAL Y 159 25.66 -89.57 -51.29
N THR Y 160 26.38 -90.68 -51.16
CA THR Y 160 26.64 -91.33 -49.88
C THR Y 160 28.12 -91.64 -49.77
N PRO Y 161 28.68 -91.55 -48.56
CA PRO Y 161 30.12 -91.78 -48.41
C PRO Y 161 30.49 -93.25 -48.25
N ARG Y 162 31.71 -93.55 -48.65
CA ARG Y 162 32.27 -94.89 -48.49
C ARG Y 162 33.37 -94.97 -47.45
N SER Y 163 34.04 -93.86 -47.15
CA SER Y 163 35.21 -93.86 -46.30
C SER Y 163 35.28 -92.52 -45.59
N PRO Y 164 35.92 -92.45 -44.42
CA PRO Y 164 36.04 -91.17 -43.72
C PRO Y 164 36.91 -90.18 -44.47
N LEU Y 165 36.66 -88.90 -44.20
CA LEU Y 165 37.30 -87.82 -44.95
C LEU Y 165 38.15 -86.99 -44.02
N PRO Y 166 39.41 -86.71 -44.36
CA PRO Y 166 40.25 -85.87 -43.51
C PRO Y 166 39.85 -84.41 -43.60
N PRO Y 167 40.20 -83.58 -42.63
CA PRO Y 167 39.92 -82.15 -42.72
C PRO Y 167 40.87 -81.46 -43.70
N VAL Y 168 40.63 -80.18 -43.89
CA VAL Y 168 41.36 -79.38 -44.89
C VAL Y 168 42.79 -79.16 -44.41
N PRO Y 169 43.81 -79.32 -45.28
CA PRO Y 169 45.21 -79.06 -44.92
C PRO Y 169 45.59 -77.58 -44.83
N ILE Y 170 44.77 -76.78 -44.16
CA ILE Y 170 45.00 -75.34 -44.00
C ILE Y 170 44.65 -74.98 -42.57
N SER Y 171 45.57 -74.33 -41.87
CA SER Y 171 45.40 -73.92 -40.49
C SER Y 171 45.04 -72.43 -40.45
N SER Y 172 44.00 -72.10 -39.71
CA SER Y 172 43.59 -70.71 -39.54
C SER Y 172 44.30 -70.11 -38.33
N PRO Y 173 45.24 -69.18 -38.52
CA PRO Y 173 46.09 -68.76 -37.41
C PRO Y 173 45.45 -67.68 -36.56
N THR Y 174 45.89 -67.62 -35.31
CA THR Y 174 45.47 -66.59 -34.36
C THR Y 174 46.47 -65.44 -34.29
N GLY Y 175 46.82 -64.86 -35.44
CA GLY Y 175 47.82 -63.83 -35.48
C GLY Y 175 47.27 -62.45 -35.11
N PHE Y 176 48.17 -61.48 -35.16
CA PHE Y 176 47.83 -60.10 -34.86
C PHE Y 176 48.54 -59.13 -35.80
N SER Y 177 48.58 -59.48 -37.11
CA SER Y 177 49.53 -58.95 -38.08
C SER Y 177 49.60 -57.44 -38.15
N ALA Y 178 50.82 -56.91 -38.02
CA ALA Y 178 51.15 -55.50 -37.93
C ALA Y 178 51.77 -55.01 -39.23
N PRO Y 179 51.59 -53.74 -39.58
CA PRO Y 179 52.15 -53.25 -40.84
C PRO Y 179 53.66 -53.08 -40.76
N ILE Y 180 54.29 -53.02 -41.93
CA ILE Y 180 55.73 -52.85 -41.99
C ILE Y 180 56.14 -51.44 -41.61
N GLN Y 181 55.24 -50.46 -41.78
CA GLN Y 181 55.55 -49.10 -41.34
C GLN Y 181 55.57 -49.02 -39.82
N GLU Y 182 54.70 -49.78 -39.15
CA GLU Y 182 54.72 -49.82 -37.70
C GLU Y 182 55.97 -50.52 -37.18
N VAL Y 183 56.50 -51.48 -37.95
CA VAL Y 183 57.75 -52.12 -37.56
C VAL Y 183 58.92 -51.16 -37.72
N LEU Y 184 58.98 -50.45 -38.84
CA LEU Y 184 60.15 -49.61 -39.10
C LEU Y 184 60.14 -48.31 -38.29
N GLN Y 185 58.97 -47.69 -38.11
CA GLN Y 185 58.94 -46.41 -37.41
C GLN Y 185 59.05 -46.57 -35.89
N ALA Y 186 58.93 -47.78 -35.36
CA ALA Y 186 58.98 -47.98 -33.92
C ALA Y 186 60.42 -47.91 -33.41
N LYS Y 187 60.54 -47.75 -32.10
CA LYS Y 187 61.84 -47.67 -31.44
C LYS Y 187 62.16 -48.89 -30.59
N SER Y 188 61.16 -49.70 -30.27
CA SER Y 188 61.34 -50.84 -29.37
C SER Y 188 60.34 -51.91 -29.75
N PRO Y 189 60.61 -53.18 -29.40
CA PRO Y 189 59.59 -54.21 -29.59
C PRO Y 189 58.32 -54.01 -28.77
N GLU Y 190 58.45 -53.48 -27.55
CA GLU Y 190 57.27 -53.28 -26.72
C GLU Y 190 56.41 -52.14 -27.22
N GLU Y 191 56.94 -51.26 -28.06
CA GLU Y 191 56.11 -50.27 -28.70
C GLU Y 191 55.25 -50.90 -29.79
N ILE Y 192 55.74 -51.99 -30.40
CA ILE Y 192 54.93 -52.71 -31.37
C ILE Y 192 53.83 -53.50 -30.66
N ILE Y 193 54.18 -54.15 -29.55
CA ILE Y 193 53.15 -54.86 -28.78
C ILE Y 193 52.23 -53.87 -28.08
N GLY Y 194 52.79 -53.06 -27.18
CA GLY Y 194 52.00 -52.18 -26.35
C GLY Y 194 51.47 -50.96 -27.06
CA MET Z 1 -28.01 78.32 12.52
C MET Z 1 -29.30 79.03 12.16
N ALA Z 2 -29.48 80.24 12.67
CA ALA Z 2 -30.73 80.98 12.50
C ALA Z 2 -30.86 81.48 11.08
N ARG Z 3 -32.05 82.04 10.78
CA ARG Z 3 -32.37 82.47 9.42
C ARG Z 3 -31.53 83.64 8.95
N LYS Z 4 -31.02 84.46 9.89
CA LYS Z 4 -29.99 85.47 9.67
C LYS Z 4 -30.38 86.54 8.66
N ARG Z 5 -31.67 86.71 8.41
CA ARG Z 5 -32.15 87.73 7.48
C ARG Z 5 -32.94 88.80 8.21
N THR Z 6 -33.97 88.41 8.94
CA THR Z 6 -34.76 89.35 9.71
C THR Z 6 -35.26 88.65 10.95
N SER Z 7 -35.75 89.44 11.90
CA SER Z 7 -36.35 88.87 13.10
C SER Z 7 -37.63 88.12 12.75
N LYS Z 8 -38.64 88.85 12.27
CA LYS Z 8 -39.97 88.33 11.93
C LYS Z 8 -40.60 87.59 13.11
N ASN Z 9 -40.92 88.38 14.15
CA ASN Z 9 -41.43 87.84 15.40
C ASN Z 9 -42.78 87.18 15.23
N ASP Z 10 -42.79 85.85 15.22
CA ASP Z 10 -43.99 85.06 15.01
C ASP Z 10 -43.75 83.68 15.60
N PRO Z 11 -44.50 83.29 16.63
CA PRO Z 11 -44.20 82.02 17.32
C PRO Z 11 -44.57 80.78 16.53
N LEU Z 12 -45.57 80.90 15.65
CA LEU Z 12 -46.03 79.73 14.93
C LEU Z 12 -45.02 79.30 13.89
N ARG Z 13 -44.31 80.26 13.28
CA ARG Z 13 -43.20 79.92 12.39
C ARG Z 13 -42.07 79.23 13.14
N MET Z 14 -41.85 79.62 14.41
CA MET Z 14 -40.81 79.00 15.21
C MET Z 14 -41.12 77.52 15.44
N TYR Z 15 -42.33 77.24 15.92
CA TYR Z 15 -42.69 75.85 16.18
C TYR Z 15 -42.77 75.03 14.90
N LEU Z 16 -43.19 75.66 13.80
CA LEU Z 16 -43.31 74.90 12.55
C LEU Z 16 -41.95 74.60 11.93
N ASN Z 17 -40.98 75.50 12.06
CA ASN Z 17 -39.65 75.16 11.57
C ASN Z 17 -38.98 74.11 12.45
N TYR Z 18 -39.29 74.11 13.75
CA TYR Z 18 -38.77 73.06 14.63
C TYR Z 18 -39.33 71.70 14.25
N VAL Z 19 -40.65 71.63 13.99
CA VAL Z 19 -41.28 70.38 13.57
C VAL Z 19 -40.76 69.94 12.20
N ARG Z 20 -40.43 70.88 11.34
CA ARG Z 20 -39.87 70.52 10.04
C ARG Z 20 -38.48 69.92 10.17
N LYS Z 21 -37.65 70.44 11.08
CA LYS Z 21 -36.27 69.96 11.13
C LYS Z 21 -36.03 68.87 12.16
N LEU Z 22 -37.07 68.41 12.86
CA LEU Z 22 -36.94 67.21 13.68
C LEU Z 22 -36.66 65.94 12.87
N GLN Z 23 -36.88 65.94 11.56
CA GLN Z 23 -36.54 64.77 10.78
C GLN Z 23 -35.11 64.80 10.24
N THR Z 24 -34.28 65.72 10.74
CA THR Z 24 -32.88 65.82 10.37
C THR Z 24 -31.97 65.95 11.58
N MET Z 25 -32.50 66.49 12.69
CA MET Z 25 -31.75 66.55 13.95
C MET Z 25 -31.28 65.18 14.42
N GLY Z 26 -32.13 64.16 14.25
CA GLY Z 26 -31.83 62.82 14.72
C GLY Z 26 -30.69 62.13 13.99
N ASP Z 27 -30.31 62.62 12.81
CA ASP Z 27 -29.14 62.13 12.11
C ASP Z 27 -27.94 63.06 12.25
N ALA Z 28 -28.18 64.37 12.40
CA ALA Z 28 -27.07 65.28 12.62
C ALA Z 28 -26.39 65.05 13.95
N TYR Z 29 -27.13 64.53 14.94
CA TYR Z 29 -26.54 64.20 16.24
C TYR Z 29 -25.57 63.01 16.11
N ASP Z 30 -26.01 61.97 15.41
CA ASP Z 30 -25.18 60.80 15.12
C ASP Z 30 -23.95 61.17 14.32
N GLU Z 31 -24.07 62.13 13.41
CA GLU Z 31 -22.88 62.59 12.70
C GLU Z 31 -21.97 63.42 13.60
N SER Z 32 -22.53 64.18 14.53
CA SER Z 32 -21.76 65.10 15.35
C SER Z 32 -20.93 64.41 16.42
N ALA Z 33 -21.29 63.18 16.78
CA ALA Z 33 -20.55 62.37 17.76
C ALA Z 33 -19.02 62.34 17.61
N LYS Z 34 -18.55 62.30 16.36
CA LYS Z 34 -17.14 62.01 16.09
C LYS Z 34 -16.21 63.13 16.51
N TYR Z 35 -16.69 64.37 16.57
CA TYR Z 35 -15.90 65.45 17.14
C TYR Z 35 -16.42 65.90 18.50
N ARG Z 36 -17.68 65.59 18.81
CA ARG Z 36 -18.25 65.79 20.14
C ARG Z 36 -17.40 65.14 21.22
N ILE Z 37 -16.99 63.88 20.99
CA ILE Z 37 -16.30 63.11 22.02
C ILE Z 37 -14.92 63.69 22.32
N ALA Z 38 -14.16 64.05 21.28
CA ALA Z 38 -12.82 64.59 21.49
C ALA Z 38 -12.85 66.00 22.09
N ASN Z 39 -13.84 66.81 21.71
CA ASN Z 39 -13.91 68.14 22.32
C ASN Z 39 -14.30 68.06 23.78
N PHE Z 40 -15.15 67.11 24.16
CA PHE Z 40 -15.40 66.95 25.59
C PHE Z 40 -14.19 66.38 26.32
N GLU Z 41 -13.47 65.45 25.66
CA GLU Z 41 -12.24 64.87 26.17
C GLU Z 41 -11.26 65.94 26.62
N ASN Z 42 -11.04 66.94 25.79
CA ASN Z 42 -10.13 68.00 26.23
C ASN Z 42 -10.83 69.27 26.72
N GLY Z 43 -12.13 69.22 26.99
CA GLY Z 43 -12.78 70.35 27.63
C GLY Z 43 -13.20 70.14 29.08
N PHE Z 44 -13.39 68.89 29.50
CA PHE Z 44 -13.85 68.64 30.87
C PHE Z 44 -12.74 68.84 31.89
N LYS Z 45 -11.48 68.78 31.47
CA LYS Z 45 -10.36 68.87 32.39
C LYS Z 45 -10.29 70.24 33.04
N SER Z 46 -10.71 71.29 32.34
CA SER Z 46 -10.69 72.63 32.91
C SER Z 46 -11.67 72.77 34.05
N LEU Z 47 -12.89 72.24 33.89
CA LEU Z 47 -13.87 72.21 34.98
C LEU Z 47 -13.35 71.43 36.17
N HIS Z 48 -12.79 70.25 35.92
CA HIS Z 48 -12.42 69.42 37.07
C HIS Z 48 -11.21 69.99 37.79
N MET Z 49 -10.31 70.64 37.06
CA MET Z 49 -9.17 71.29 37.70
C MET Z 49 -9.61 72.53 38.49
N VAL Z 50 -10.52 73.33 37.95
CA VAL Z 50 -10.90 74.54 38.69
C VAL Z 50 -11.76 74.18 39.91
N GLU Z 51 -12.50 73.08 39.86
CA GLU Z 51 -13.27 72.68 41.03
C GLU Z 51 -12.37 72.09 42.12
N ASN Z 52 -11.35 71.31 41.73
CA ASN Z 52 -10.40 70.84 42.74
C ASN Z 52 -9.58 71.98 43.32
N GLU Z 53 -9.22 72.98 42.51
CA GLU Z 53 -8.45 74.09 43.04
C GLU Z 53 -9.29 74.94 43.98
N PHE Z 54 -10.59 75.08 43.71
CA PHE Z 54 -11.46 75.75 44.66
C PHE Z 54 -11.56 74.99 45.98
N LYS Z 55 -11.76 73.67 45.92
CA LYS Z 55 -11.81 72.87 47.14
C LYS Z 55 -10.55 73.02 47.98
N GLN Z 56 -9.39 72.94 47.33
CA GLN Z 56 -8.12 73.00 48.04
C GLN Z 56 -7.89 74.38 48.66
N TYR Z 57 -8.13 75.44 47.89
CA TYR Z 57 -7.80 76.76 48.41
C TYR Z 57 -8.84 77.24 49.44
N LEU Z 58 -10.09 76.81 49.30
CA LEU Z 58 -11.08 77.07 50.34
C LEU Z 58 -10.70 76.35 51.64
N ALA Z 59 -10.23 75.10 51.52
CA ALA Z 59 -9.80 74.37 52.72
C ALA Z 59 -8.62 75.06 53.39
N ASN Z 60 -7.68 75.58 52.59
CA ASN Z 60 -6.52 76.28 53.18
C ASN Z 60 -6.92 77.56 53.88
N VAL Z 61 -7.82 78.36 53.26
CA VAL Z 61 -8.24 79.62 53.88
C VAL Z 61 -9.06 79.37 55.14
N ILE Z 62 -9.95 78.37 55.12
CA ILE Z 62 -10.74 78.04 56.30
C ILE Z 62 -9.85 77.50 57.43
N ASP Z 63 -8.82 76.72 57.10
CA ASP Z 63 -7.96 76.20 58.16
C ASP Z 63 -7.08 77.30 58.74
N GLU Z 64 -6.67 78.27 57.92
CA GLU Z 64 -5.93 79.40 58.46
C GLU Z 64 -6.83 80.31 59.29
N ALA Z 65 -8.13 80.31 59.02
CA ALA Z 65 -9.05 81.05 59.89
C ALA Z 65 -9.31 80.30 61.20
N ILE Z 66 -9.32 78.97 61.16
CA ILE Z 66 -9.51 78.19 62.38
C ILE Z 66 -8.28 78.28 63.27
N LYS Z 67 -7.08 78.36 62.69
CA LYS Z 67 -5.86 78.49 63.49
C LYS Z 67 -5.77 79.83 64.22
N SER Z 68 -6.58 80.81 63.83
CA SER Z 68 -6.68 82.07 64.56
C SER Z 68 -7.61 81.97 65.76
N GLY Z 69 -8.17 80.81 66.05
CA GLY Z 69 -8.93 80.59 67.26
C GLY Z 69 -10.44 80.59 67.13
N ALA Z 70 -10.97 80.60 65.90
CA ALA Z 70 -12.41 80.58 65.73
C ALA Z 70 -12.97 79.17 65.96
N SER Z 71 -14.27 79.09 66.08
CA SER Z 71 -14.94 77.82 66.28
C SER Z 71 -15.49 77.28 64.97
N PRO Z 72 -15.57 75.96 64.80
CA PRO Z 72 -16.14 75.41 63.55
C PRO Z 72 -17.66 75.54 63.46
N GLN Z 73 -18.33 76.07 64.48
CA GLN Z 73 -19.71 76.48 64.29
C GLN Z 73 -19.83 77.90 63.75
N ASP Z 74 -18.77 78.70 63.82
CA ASP Z 74 -18.86 80.08 63.35
C ASP Z 74 -18.93 80.15 61.82
N LEU Z 75 -18.27 79.23 61.13
CA LEU Z 75 -18.13 79.26 59.69
C LEU Z 75 -18.49 77.91 59.09
N PRO Z 76 -19.78 77.69 58.80
CA PRO Z 76 -20.21 76.37 58.30
C PRO Z 76 -19.63 75.96 56.95
N TYR Z 77 -20.01 76.69 55.89
CA TYR Z 77 -19.61 76.47 54.49
C TYR Z 77 -19.68 75.01 54.07
N VAL Z 78 -20.85 74.38 54.23
CA VAL Z 78 -20.89 72.94 54.18
C VAL Z 78 -21.21 72.43 52.79
N ASN Z 79 -22.45 72.65 52.35
CA ASN Z 79 -22.88 72.05 51.10
C ASN Z 79 -23.36 73.08 50.08
N GLU Z 80 -24.25 73.98 50.47
CA GLU Z 80 -24.84 74.89 49.50
C GLU Z 80 -24.10 76.22 49.42
N ILE Z 81 -23.42 76.62 50.49
CA ILE Z 81 -22.64 77.84 50.41
C ILE Z 81 -21.37 77.61 49.59
N LYS Z 82 -20.78 76.42 49.71
CA LYS Z 82 -19.73 76.03 48.78
C LYS Z 82 -20.24 75.95 47.36
N LEU Z 83 -21.50 75.56 47.17
CA LEU Z 83 -22.07 75.51 45.84
C LEU Z 83 -22.26 76.90 45.27
N ALA Z 84 -22.58 77.89 46.12
CA ALA Z 84 -22.63 79.29 45.69
C ALA Z 84 -21.26 79.79 45.24
N LEU Z 85 -20.22 79.49 46.04
CA LEU Z 85 -18.90 79.97 45.67
C LEU Z 85 -18.35 79.23 44.46
N MET Z 86 -18.79 78.00 44.24
CA MET Z 86 -18.42 77.32 43.01
C MET Z 86 -19.18 77.89 41.81
N LYS Z 87 -20.39 78.42 42.02
CA LYS Z 87 -21.10 79.10 40.93
C LYS Z 87 -20.32 80.31 40.43
N ILE Z 88 -19.85 81.16 41.36
CA ILE Z 88 -19.11 82.34 40.92
C ILE Z 88 -17.77 81.96 40.29
N PHE Z 89 -17.10 80.92 40.82
CA PHE Z 89 -15.83 80.58 40.19
C PHE Z 89 -15.99 79.84 38.86
N THR Z 90 -17.09 79.14 38.65
CA THR Z 90 -17.29 78.48 37.37
C THR Z 90 -17.73 79.48 36.30
N SER Z 91 -18.45 80.52 36.70
CA SER Z 91 -18.72 81.60 35.75
C SER Z 91 -17.45 82.36 35.41
N TRP Z 92 -16.51 82.44 36.36
CA TRP Z 92 -15.19 83.00 36.04
C TRP Z 92 -14.45 82.12 35.05
N LEU Z 93 -14.60 80.80 35.17
CA LEU Z 93 -14.06 79.89 34.17
C LEU Z 93 -14.65 80.14 32.79
N LYS Z 94 -15.97 80.42 32.72
CA LYS Z 94 -16.58 80.64 31.41
C LYS Z 94 -16.08 81.93 30.77
N TYR Z 95 -16.12 83.03 31.52
CA TYR Z 95 -15.72 84.30 30.90
C TYR Z 95 -14.22 84.40 30.71
N SER Z 96 -13.43 83.53 31.35
CA SER Z 96 -12.04 83.41 30.98
C SER Z 96 -11.83 82.45 29.81
N ASN Z 97 -12.80 81.57 29.55
CA ASN Z 97 -12.63 80.58 28.51
C ASN Z 97 -12.86 81.20 27.14
N GLU Z 98 -13.60 82.29 27.09
CA GLU Z 98 -13.59 83.17 25.94
C GLU Z 98 -12.37 84.08 26.02
N LYS Z 99 -12.06 84.75 24.91
CA LYS Z 99 -10.88 85.60 24.88
C LYS Z 99 -11.27 87.04 25.22
N LEU Z 100 -11.87 87.19 26.40
CA LEU Z 100 -12.35 88.49 26.88
C LEU Z 100 -11.24 89.25 27.58
N GLY Z 101 -11.42 90.56 27.66
CA GLY Z 101 -10.49 91.41 28.38
C GLY Z 101 -10.61 91.23 29.89
N ALA Z 102 -9.81 92.01 30.61
CA ALA Z 102 -9.73 91.82 32.05
C ALA Z 102 -10.96 92.37 32.78
N ASN Z 103 -11.34 93.62 32.49
CA ASN Z 103 -12.46 94.19 33.23
C ASN Z 103 -13.80 93.63 32.79
N GLU Z 104 -13.90 93.12 31.57
CA GLU Z 104 -15.13 92.49 31.13
C GLU Z 104 -15.38 91.20 31.89
N ILE Z 105 -14.32 90.43 32.12
CA ILE Z 105 -14.36 89.30 33.04
C ILE Z 105 -14.74 89.77 34.44
N ALA Z 106 -14.16 90.90 34.88
CA ALA Z 106 -14.41 91.39 36.23
C ALA Z 106 -15.87 91.75 36.45
N ILE Z 107 -16.48 92.44 35.49
CA ILE Z 107 -17.87 92.84 35.69
C ILE Z 107 -18.87 91.73 35.41
N ASN Z 108 -18.54 90.77 34.54
CA ASN Z 108 -19.45 89.62 34.41
C ASN Z 108 -19.42 88.73 35.63
N VAL Z 109 -18.23 88.52 36.22
CA VAL Z 109 -18.16 87.76 37.46
C VAL Z 109 -18.80 88.52 38.62
N ALA Z 110 -18.73 89.86 38.59
CA ALA Z 110 -19.42 90.65 39.59
C ALA Z 110 -20.94 90.54 39.47
N GLY Z 111 -21.44 90.46 38.25
CA GLY Z 111 -22.87 90.25 38.06
C GLY Z 111 -23.34 88.89 38.54
N THR Z 112 -22.55 87.85 38.23
CA THR Z 112 -22.89 86.51 38.73
C THR Z 112 -22.78 86.44 40.25
N ALA Z 113 -21.82 87.17 40.83
CA ALA Z 113 -21.72 87.29 42.28
C ALA Z 113 -22.93 87.97 42.88
N THR Z 114 -23.45 89.01 42.20
CA THR Z 114 -24.65 89.69 42.67
C THR Z 114 -25.84 88.75 42.71
N MET Z 115 -26.07 88.01 41.62
CA MET Z 115 -27.19 87.07 41.57
C MET Z 115 -27.05 85.95 42.58
N THR Z 116 -25.87 85.36 42.68
CA THR Z 116 -25.68 84.21 43.56
C THR Z 116 -25.73 84.62 45.04
N LEU Z 117 -25.01 85.67 45.43
CA LEU Z 117 -25.06 86.10 46.81
C LEU Z 117 -26.34 86.84 47.15
N THR Z 118 -27.18 87.17 46.17
CA THR Z 118 -28.53 87.59 46.47
C THR Z 118 -29.38 86.40 46.86
N GLU Z 119 -29.32 85.34 46.05
CA GLU Z 119 -30.26 84.22 46.21
C GLU Z 119 -30.06 83.46 47.50
N ASN Z 120 -28.89 82.84 47.69
CA ASN Z 120 -28.76 81.77 48.68
C ASN Z 120 -27.91 82.17 49.89
N LEU Z 121 -28.09 83.40 50.38
CA LEU Z 121 -27.60 83.64 51.75
C LEU Z 121 -28.58 84.46 52.56
N TYR Z 122 -29.86 84.39 52.23
CA TYR Z 122 -30.91 84.92 53.08
C TYR Z 122 -31.48 83.79 53.92
N GLY Z 123 -31.39 83.92 55.23
CA GLY Z 123 -31.90 82.91 56.13
C GLY Z 123 -30.91 81.84 56.52
N THR Z 124 -29.61 82.06 56.30
CA THR Z 124 -28.65 81.03 56.66
C THR Z 124 -27.38 81.55 57.34
N ARG Z 125 -27.50 82.44 58.33
CA ARG Z 125 -26.49 82.61 59.40
C ARG Z 125 -25.21 83.29 58.91
N VAL Z 126 -25.05 83.51 57.60
CA VAL Z 126 -23.82 84.03 57.04
C VAL Z 126 -24.14 85.36 56.36
N SER Z 127 -23.58 86.44 56.88
CA SER Z 127 -23.75 87.75 56.29
C SER Z 127 -22.99 87.84 54.96
N CYS Z 128 -23.36 88.83 54.15
CA CYS Z 128 -22.76 88.93 52.83
C CYS Z 128 -21.33 89.46 52.89
N GLU Z 129 -21.01 90.28 53.89
CA GLU Z 129 -19.68 90.87 53.99
C GLU Z 129 -18.62 89.82 54.27
N GLU Z 130 -18.96 88.81 55.07
CA GLU Z 130 -18.04 87.73 55.35
C GLU Z 130 -17.81 86.87 54.12
N ALA Z 131 -18.86 86.64 53.32
CA ALA Z 131 -18.73 85.86 52.10
C ALA Z 131 -17.88 86.59 51.07
N VAL Z 132 -18.02 87.91 50.99
CA VAL Z 132 -17.24 88.67 50.02
C VAL Z 132 -15.79 88.81 50.46
N SER Z 133 -15.55 88.87 51.77
CA SER Z 133 -14.19 88.78 52.28
C SER Z 133 -13.57 87.42 51.97
N LEU Z 134 -14.37 86.35 52.02
CA LEU Z 134 -13.85 85.03 51.68
C LEU Z 134 -13.53 84.91 50.20
N ILE Z 135 -14.37 85.48 49.33
CA ILE Z 135 -14.11 85.47 47.89
C ILE Z 135 -12.85 86.28 47.56
N ASN Z 136 -12.70 87.43 48.21
CA ASN Z 136 -11.48 88.23 48.02
C ASN Z 136 -10.25 87.51 48.52
N SER Z 137 -10.38 86.71 49.58
CA SER Z 137 -9.24 85.92 50.03
C SER Z 137 -8.87 84.82 49.05
N ILE Z 138 -9.89 84.19 48.42
CA ILE Z 138 -9.58 83.14 47.46
C ILE Z 138 -8.94 83.72 46.20
N PHE Z 139 -9.42 84.88 45.75
CA PHE Z 139 -8.74 85.53 44.62
C PHE Z 139 -7.37 86.09 45.00
N ALA Z 140 -7.14 86.38 46.28
CA ALA Z 140 -5.78 86.73 46.69
C ALA Z 140 -4.87 85.51 46.65
N VAL Z 141 -5.42 84.32 46.87
CA VAL Z 141 -4.61 83.11 46.79
C VAL Z 141 -4.31 82.77 45.32
N TRP Z 142 -5.33 82.83 44.45
CA TRP Z 142 -5.16 82.49 43.03
C TRP Z 142 -4.27 83.47 42.29
N VAL Z 143 -4.70 84.72 42.15
CA VAL Z 143 -4.01 85.64 41.26
C VAL Z 143 -3.55 86.89 42.00
N GLY Z 144 -3.99 87.05 43.24
CA GLY Z 144 -3.53 88.16 44.06
C GLY Z 144 -4.04 89.50 43.61
N VAL Z 145 -5.36 89.69 43.64
CA VAL Z 145 -6.01 90.89 43.16
C VAL Z 145 -6.90 91.53 44.22
N GLU Z 146 -7.81 90.72 44.82
CA GLU Z 146 -8.91 91.12 45.68
C GLU Z 146 -9.78 92.18 45.01
N PRO Z 147 -10.58 91.83 44.01
CA PRO Z 147 -11.23 92.85 43.19
C PRO Z 147 -12.57 93.40 43.68
N PHE Z 148 -13.32 92.69 44.50
CA PHE Z 148 -14.74 92.99 44.69
C PHE Z 148 -14.97 93.76 45.99
N GLU Z 149 -15.72 94.86 45.87
CA GLU Z 149 -16.28 95.59 46.99
C GLU Z 149 -17.78 95.36 47.01
N ALA Z 150 -18.34 95.16 48.19
CA ALA Z 150 -19.75 94.79 48.29
C ALA Z 150 -20.50 95.73 49.21
N GLU Z 151 -21.81 95.53 49.25
CA GLU Z 151 -22.69 96.27 50.13
C GLU Z 151 -23.97 95.48 50.32
N GLU Z 152 -24.58 95.65 51.48
CA GLU Z 152 -25.90 95.10 51.80
C GLU Z 152 -26.92 96.23 51.80
N ARG Z 153 -26.77 97.14 50.83
CA ARG Z 153 -27.43 98.45 50.87
C ARG Z 153 -28.94 98.34 50.79
N GLU Z 154 -29.43 97.34 50.08
CA GLU Z 154 -30.86 97.05 50.03
C GLU Z 154 -31.06 95.65 50.61
N GLY Z 155 -32.26 95.10 50.43
CA GLY Z 155 -32.57 93.77 50.94
C GLY Z 155 -31.73 92.65 50.35
N ALA Z 156 -31.16 92.87 49.17
CA ALA Z 156 -30.24 91.93 48.55
C ALA Z 156 -28.82 92.41 48.75
N CYS Z 157 -27.86 91.55 48.41
CA CYS Z 157 -26.46 91.95 48.46
C CYS Z 157 -25.96 92.28 47.06
N LEU Z 158 -25.17 93.35 46.95
CA LEU Z 158 -24.74 93.85 45.67
C LEU Z 158 -23.21 93.91 45.62
N VAL Z 159 -22.65 93.32 44.56
CA VAL Z 159 -21.20 93.21 44.38
C VAL Z 159 -20.81 94.05 43.18
N THR Z 160 -19.81 94.91 43.36
CA THR Z 160 -19.26 95.73 42.30
C THR Z 160 -17.75 95.63 42.31
N PRO Z 161 -17.11 95.67 41.14
CA PRO Z 161 -15.65 95.49 41.09
C PRO Z 161 -14.89 96.79 41.32
N ARG Z 162 -13.66 96.62 41.83
CA ARG Z 162 -12.75 97.73 42.03
C ARG Z 162 -11.58 97.74 41.07
N SER Z 163 -11.21 96.58 40.52
CA SER Z 163 -10.00 96.46 39.72
C SER Z 163 -10.23 95.36 38.70
N PRO Z 164 -9.52 95.39 37.57
CA PRO Z 164 -9.69 94.33 36.57
C PRO Z 164 -9.21 92.98 37.07
N LEU Z 165 -9.75 91.93 36.48
CA LEU Z 165 -9.52 90.57 36.93
C LEU Z 165 -8.84 89.77 35.84
N PRO Z 166 -7.75 89.07 36.14
CA PRO Z 166 -7.09 88.25 35.12
C PRO Z 166 -7.88 86.99 34.83
N PRO Z 167 -7.67 86.36 33.69
CA PRO Z 167 -8.33 85.09 33.40
C PRO Z 167 -7.71 83.94 34.18
N VAL Z 168 -8.31 82.76 34.04
CA VAL Z 168 -7.93 81.58 34.82
C VAL Z 168 -6.57 81.08 34.34
N PRO Z 169 -5.65 80.73 35.25
CA PRO Z 169 -4.34 80.16 34.87
C PRO Z 169 -4.36 78.70 34.42
N ILE Z 170 -5.30 78.36 33.55
CA ILE Z 170 -5.46 77.00 33.03
C ILE Z 170 -5.75 77.11 31.54
N SER Z 171 -4.97 76.40 30.73
CA SER Z 171 -5.12 76.41 29.27
C SER Z 171 -5.85 75.14 28.86
N SER Z 172 -6.88 75.31 28.03
CA SER Z 172 -7.62 74.17 27.49
C SER Z 172 -6.98 73.69 26.19
N PRO Z 173 -6.36 72.53 26.16
CA PRO Z 173 -5.55 72.15 25.01
C PRO Z 173 -6.37 71.53 23.89
N THR Z 174 -5.85 71.65 22.68
CA THR Z 174 -6.44 71.03 21.48
C THR Z 174 -5.77 69.69 21.14
N GLY Z 175 -5.73 68.80 22.12
CA GLY Z 175 -5.06 67.53 21.92
C GLY Z 175 -5.90 66.51 21.20
N PHE Z 176 -5.32 65.32 21.02
CA PHE Z 176 -5.99 64.21 20.37
C PHE Z 176 -5.67 62.89 21.05
N SER Z 177 -5.67 62.89 22.39
CA SER Z 177 -5.00 61.90 23.24
C SER Z 177 -5.35 60.45 22.91
N ALA Z 178 -4.32 59.64 22.69
CA ALA Z 178 -4.38 58.26 22.25
C ALA Z 178 -4.05 57.32 23.40
N PRO Z 179 -4.61 56.12 23.41
CA PRO Z 179 -4.33 55.19 24.51
C PRO Z 179 -2.93 54.62 24.44
N ILE Z 180 -2.45 54.10 25.57
CA ILE Z 180 -1.12 53.52 25.63
C ILE Z 180 -1.09 52.17 24.89
N GLN Z 181 -2.23 51.49 24.78
CA GLN Z 181 -2.25 50.25 24.03
C GLN Z 181 -2.11 50.53 22.54
N GLU Z 182 -2.66 51.65 22.07
CA GLU Z 182 -2.49 52.02 20.67
C GLU Z 182 -1.05 52.43 20.38
N VAL Z 183 -0.36 52.98 21.37
CA VAL Z 183 1.05 53.31 21.21
C VAL Z 183 1.89 52.04 21.15
N LEU Z 184 1.63 51.09 22.05
CA LEU Z 184 2.50 49.92 22.12
C LEU Z 184 2.22 48.91 21.01
N GLN Z 185 0.96 48.72 20.63
CA GLN Z 185 0.65 47.72 19.62
C GLN Z 185 0.95 48.18 18.21
N ALA Z 186 1.22 49.47 18.01
CA ALA Z 186 1.46 49.98 16.66
C ALA Z 186 2.87 49.62 16.19
N LYS Z 187 3.07 49.75 14.89
CA LYS Z 187 4.36 49.46 14.27
C LYS Z 187 5.08 50.70 13.77
N SER Z 188 4.38 51.82 13.64
CA SER Z 188 4.96 53.03 13.06
C SER Z 188 4.25 54.22 13.68
N PRO Z 189 4.90 55.40 13.68
CA PRO Z 189 4.18 56.61 14.10
C PRO Z 189 3.00 56.98 13.22
N GLU Z 190 3.09 56.76 11.91
CA GLU Z 190 1.99 57.10 11.01
C GLU Z 190 0.80 56.17 11.19
N GLU Z 191 1.00 55.00 11.78
CA GLU Z 191 -0.14 54.17 12.12
C GLU Z 191 -0.90 54.75 13.32
N ILE Z 192 -0.20 55.46 14.20
CA ILE Z 192 -0.87 56.15 15.30
C ILE Z 192 -1.63 57.36 14.78
N ILE Z 193 -1.01 58.13 13.89
CA ILE Z 193 -1.73 59.27 13.30
C ILE Z 193 -2.80 58.78 12.34
N GLY Z 194 -2.40 58.09 11.28
CA GLY Z 194 -3.32 57.70 10.23
C GLY Z 194 -4.22 56.54 10.59
N ARG AA 4 16.69 71.72 -56.94
CA ARG AA 4 17.79 70.83 -57.31
C ARG AA 4 18.65 71.45 -58.40
N ARG AA 5 19.89 70.99 -58.49
CA ARG AA 5 20.82 71.45 -59.51
C ARG AA 5 20.55 70.76 -60.83
N THR AA 6 21.50 70.89 -61.75
CA THR AA 6 21.58 69.97 -62.88
C THR AA 6 22.84 69.14 -62.80
N GLY AA 7 24.01 69.80 -62.77
CA GLY AA 7 25.29 69.13 -62.91
C GLY AA 7 25.63 68.10 -61.86
N ILE AA 8 25.54 66.83 -62.26
CA ILE AA 8 25.68 65.71 -61.36
C ILE AA 8 26.56 64.68 -62.05
N THR AA 9 27.33 63.95 -61.27
CA THR AA 9 28.35 63.06 -61.81
C THR AA 9 27.70 61.80 -62.37
N THR AA 10 28.48 61.01 -63.09
CA THR AA 10 28.01 59.75 -63.65
C THR AA 10 27.76 58.72 -62.56
N GLU AA 11 28.55 58.75 -61.49
CA GLU AA 11 28.41 57.76 -60.43
C GLU AA 11 27.16 57.97 -59.59
N ASP AA 12 26.70 59.20 -59.42
CA ASP AA 12 25.57 59.47 -58.54
C ASP AA 12 24.27 58.95 -59.13
N ALA AA 13 24.09 59.10 -60.45
CA ALA AA 13 22.88 58.63 -61.10
C ALA AA 13 22.82 57.11 -61.12
N ILE AA 14 23.96 56.46 -61.38
CA ILE AA 14 24.03 55.01 -61.37
C ILE AA 14 23.83 54.48 -59.95
N THR AA 15 24.32 55.22 -58.95
CA THR AA 15 24.13 54.83 -57.56
C THR AA 15 22.67 54.93 -57.16
N LYS AA 16 21.95 55.94 -57.66
CA LYS AA 16 20.51 56.03 -57.41
C LYS AA 16 19.76 54.87 -58.07
N TYR AA 17 20.03 54.61 -59.34
CA TYR AA 17 19.26 53.61 -60.09
C TYR AA 17 19.55 52.21 -59.58
N SER AA 18 20.74 51.98 -59.03
CA SER AA 18 21.08 50.64 -58.55
C SER AA 18 20.49 50.39 -57.17
N VAL AA 19 20.43 51.43 -56.33
CA VAL AA 19 19.98 51.20 -54.97
C VAL AA 19 18.46 51.30 -54.86
N LYS AA 20 17.79 51.91 -55.85
CA LYS AA 20 16.35 52.00 -55.75
C LYS AA 20 15.59 50.82 -56.30
N ALA AA 21 16.22 49.66 -56.52
CA ALA AA 21 15.59 48.58 -57.27
C ALA AA 21 14.41 47.99 -56.52
N LYS AA 22 14.57 47.77 -55.21
CA LYS AA 22 13.50 47.18 -54.41
C LYS AA 22 12.29 48.09 -54.33
N THR AA 23 12.51 49.38 -54.09
CA THR AA 23 11.38 50.30 -53.98
C THR AA 23 10.72 50.55 -55.32
N GLU AA 24 11.49 50.55 -56.42
CA GLU AA 24 10.84 50.82 -57.69
C GLU AA 24 10.05 49.62 -58.17
N GLN AA 25 10.47 48.40 -57.82
CA GLN AA 25 9.65 47.27 -58.22
C GLN AA 25 8.43 47.11 -57.30
N THR AA 26 8.54 47.45 -56.02
CA THR AA 26 7.35 47.38 -55.18
C THR AA 26 6.44 48.60 -55.39
N ALA AA 27 6.90 49.60 -56.15
CA ALA AA 27 5.99 50.63 -56.60
C ALA AA 27 5.33 50.26 -57.92
N TYR AA 28 6.02 49.52 -58.78
CA TYR AA 28 5.38 49.02 -59.99
C TYR AA 28 4.27 48.02 -59.68
N LYS AA 29 4.43 47.27 -58.58
CA LYS AA 29 3.40 46.32 -58.19
C LYS AA 29 2.10 47.02 -57.81
N ASN AA 30 2.16 48.27 -57.34
CA ASN AA 30 0.93 49.03 -57.10
C ASN AA 30 0.50 49.80 -58.35
N ALA AA 31 1.46 50.13 -59.21
CA ALA AA 31 1.12 50.79 -60.45
C ALA AA 31 0.35 49.88 -61.40
N THR AA 32 0.39 48.56 -61.19
CA THR AA 32 -0.51 47.67 -61.93
C THR AA 32 -1.98 47.95 -61.61
N LYS AA 33 -2.30 48.03 -60.31
CA LYS AA 33 -3.63 48.39 -59.85
C LYS AA 33 -4.06 49.74 -60.41
N ASP AA 34 -3.12 50.68 -60.49
CA ASP AA 34 -3.48 51.97 -61.07
C ASP AA 34 -3.66 51.89 -62.59
N MET AA 35 -2.89 51.02 -63.25
CA MET AA 35 -2.96 50.92 -64.71
C MET AA 35 -4.25 50.30 -65.22
N VAL AA 36 -4.92 49.48 -64.41
CA VAL AA 36 -6.12 48.77 -64.87
C VAL AA 36 -7.21 49.74 -65.36
N VAL AA 37 -7.51 50.78 -64.57
CA VAL AA 37 -8.59 51.67 -64.95
C VAL AA 37 -8.10 52.72 -65.93
N GLN AA 38 -6.82 53.08 -65.88
CA GLN AA 38 -6.29 54.11 -66.75
C GLN AA 38 -5.90 53.59 -68.13
N ALA AA 39 -5.92 52.27 -68.34
CA ALA AA 39 -5.38 51.73 -69.57
C ALA AA 39 -6.34 51.86 -70.75
N GLN AA 40 -7.56 52.32 -70.52
CA GLN AA 40 -8.51 52.42 -71.62
C GLN AA 40 -8.34 53.70 -72.42
N ASN AA 41 -7.36 54.53 -72.06
CA ASN AA 41 -6.94 55.59 -72.98
C ASN AA 41 -6.32 55.02 -74.24
N ILE AA 42 -5.76 53.80 -74.16
CA ILE AA 42 -5.32 53.07 -75.35
C ILE AA 42 -6.49 52.81 -76.28
N MET AA 43 -7.61 52.34 -75.71
CA MET AA 43 -8.79 52.05 -76.48
C MET AA 43 -9.38 53.31 -77.10
N ASN AA 44 -9.46 54.40 -76.33
CA ASN AA 44 -9.96 55.68 -76.86
C ASN AA 44 -9.06 56.22 -77.96
N PHE AA 45 -7.73 56.10 -77.77
CA PHE AA 45 -6.77 56.60 -78.74
C PHE AA 45 -6.87 55.88 -80.07
N TYR AA 46 -6.84 54.54 -80.05
CA TYR AA 46 -6.86 53.82 -81.32
C TYR AA 46 -8.24 53.85 -81.95
N SER AA 47 -9.30 54.02 -81.15
CA SER AA 47 -10.62 54.21 -81.73
C SER AA 47 -10.69 55.51 -82.51
N VAL AA 48 -10.29 56.63 -81.89
CA VAL AA 48 -10.43 57.91 -82.55
C VAL AA 48 -9.36 58.11 -83.63
N VAL AA 49 -8.30 57.30 -83.65
CA VAL AA 49 -7.34 57.42 -84.75
C VAL AA 49 -7.74 56.53 -85.93
N ASN AA 50 -8.11 55.26 -85.68
CA ASN AA 50 -8.50 54.37 -86.77
C ASN AA 50 -9.79 54.81 -87.45
N GLN AA 51 -10.74 55.38 -86.69
CA GLN AA 51 -12.00 55.81 -87.26
C GLN AA 51 -11.82 56.97 -88.24
N ALA AA 52 -10.70 57.70 -88.14
CA ALA AA 52 -10.45 58.78 -89.09
C ALA AA 52 -9.39 58.43 -90.12
N LEU AA 53 -8.55 57.42 -89.87
CA LEU AA 53 -7.50 57.12 -90.83
C LEU AA 53 -7.75 55.90 -91.70
N ILE AA 54 -8.50 54.91 -91.23
CA ILE AA 54 -8.77 53.72 -92.05
C ILE AA 54 -9.51 54.04 -93.35
N PRO AA 55 -10.54 54.90 -93.38
CA PRO AA 55 -11.09 55.26 -94.71
C PRO AA 55 -10.14 56.06 -95.59
N TRP AA 56 -9.33 56.98 -95.03
CA TRP AA 56 -8.46 57.79 -95.87
C TRP AA 56 -7.35 56.95 -96.49
N LEU AA 57 -6.60 56.23 -95.64
CA LEU AA 57 -5.54 55.35 -96.13
C LEU AA 57 -6.10 54.25 -97.01
N ASN AA 58 -7.28 53.77 -96.67
CA ASN AA 58 -7.86 52.63 -97.36
C ASN AA 58 -8.41 53.00 -98.73
N ALA AA 59 -8.88 54.24 -98.91
CA ALA AA 59 -9.48 54.65 -100.16
C ALA AA 59 -8.63 55.61 -100.97
N HIS AA 60 -7.50 56.06 -100.44
CA HIS AA 60 -6.65 56.95 -101.21
C HIS AA 60 -5.55 56.18 -101.93
N GLY AA 61 -5.34 54.92 -101.56
CA GLY AA 61 -4.54 54.01 -102.36
C GLY AA 61 -3.19 53.63 -101.79
N VAL AA 62 -2.91 53.97 -100.54
CA VAL AA 62 -1.61 53.69 -99.98
C VAL AA 62 -1.54 52.22 -99.55
N GLY AA 63 -0.32 51.70 -99.51
CA GLY AA 63 -0.11 50.26 -99.44
C GLY AA 63 -0.29 49.70 -98.05
N GLY AA 64 0.45 48.63 -97.78
CA GLY AA 64 0.35 47.98 -96.50
C GLY AA 64 1.33 48.55 -95.49
N ASN AA 65 2.60 48.59 -95.85
CA ASN AA 65 3.65 48.85 -94.88
C ASN AA 65 4.00 50.33 -94.76
N LEU AA 66 3.48 51.19 -95.62
CA LEU AA 66 3.62 52.65 -95.50
C LEU AA 66 2.57 53.27 -94.60
N ARG AA 67 1.52 52.50 -94.29
CA ARG AA 67 0.50 52.96 -93.37
C ARG AA 67 1.07 53.33 -92.03
N ILE AA 68 2.12 52.64 -91.58
CA ILE AA 68 2.82 52.96 -90.35
C ILE AA 68 3.51 54.31 -90.39
N LEU AA 69 4.13 54.66 -91.51
CA LEU AA 69 4.79 55.97 -91.61
C LEU AA 69 3.74 57.08 -91.55
N TYR AA 70 2.58 56.84 -92.18
CA TYR AA 70 1.47 57.77 -92.01
C TYR AA 70 0.95 57.78 -90.57
N ARG AA 71 1.01 56.63 -89.88
CA ARG AA 71 0.63 56.62 -88.46
C ARG AA 71 1.65 57.39 -87.62
N GLN AA 72 2.92 57.38 -88.02
CA GLN AA 72 3.92 58.17 -87.30
C GLN AA 72 3.58 59.64 -87.35
N LEU AA 73 3.20 60.11 -88.54
CA LEU AA 73 2.77 61.50 -88.70
C LEU AA 73 1.51 61.81 -87.89
N ALA AA 74 0.48 60.97 -88.02
CA ALA AA 74 -0.79 61.25 -87.34
C ALA AA 74 -0.67 61.12 -85.83
N ASN AA 75 0.14 60.17 -85.35
CA ASN AA 75 0.29 59.96 -83.93
C ASN AA 75 1.07 61.08 -83.28
N GLU AA 76 2.09 61.61 -83.97
CA GLU AA 76 2.80 62.76 -83.42
C GLU AA 76 1.90 63.98 -83.38
N TYR AA 77 1.02 64.13 -84.38
CA TYR AA 77 0.07 65.24 -84.35
C TYR AA 77 -0.94 65.11 -83.20
N VAL AA 78 -1.37 63.88 -82.90
CA VAL AA 78 -2.32 63.68 -81.81
C VAL AA 78 -1.63 63.88 -80.45
N LYS AA 79 -0.34 63.58 -80.36
CA LYS AA 79 0.39 63.90 -79.12
C LYS AA 79 0.46 65.40 -78.89
N VAL AA 80 0.80 66.16 -79.94
CA VAL AA 80 0.83 67.61 -79.84
C VAL AA 80 -0.54 68.16 -79.49
N LEU AA 81 -1.61 67.52 -79.97
CA LEU AA 81 -2.97 67.94 -79.60
C LEU AA 81 -3.26 67.70 -78.13
N ASN AA 82 -3.14 66.47 -77.66
CA ASN AA 82 -3.57 66.18 -76.30
C ASN AA 82 -2.53 66.53 -75.24
N THR AA 83 -1.47 67.24 -75.60
CA THR AA 83 -0.80 68.07 -74.60
C THR AA 83 -1.38 69.48 -74.52
N LYS AA 84 -2.64 69.67 -74.92
CA LYS AA 84 -3.39 70.94 -74.86
C LYS AA 84 -2.75 72.06 -75.65
N GLN AA 85 -2.64 71.93 -76.96
CA GLN AA 85 -2.04 72.96 -77.81
C GLN AA 85 -2.93 73.16 -79.03
N SER AA 86 -3.55 74.33 -79.12
CA SER AA 86 -4.55 74.64 -80.13
C SER AA 86 -3.87 75.23 -81.36
N GLY AA 87 -4.69 75.85 -82.21
CA GLY AA 87 -4.36 76.10 -83.61
C GLY AA 87 -3.21 77.06 -83.87
N GLU AA 88 -2.91 77.95 -82.93
CA GLU AA 88 -1.85 78.93 -83.18
C GLU AA 88 -0.47 78.32 -83.16
N VAL AA 89 -0.31 77.12 -82.61
CA VAL AA 89 0.94 76.38 -82.74
C VAL AA 89 0.81 75.33 -83.84
N ILE AA 90 -0.40 74.84 -84.07
CA ILE AA 90 -0.67 73.83 -85.08
C ILE AA 90 -0.40 74.35 -86.49
N LYS AA 91 -0.69 75.63 -86.75
CA LYS AA 91 -0.43 76.23 -88.06
C LYS AA 91 1.06 76.33 -88.41
N ARG AA 92 1.95 76.04 -87.46
CA ARG AA 92 3.39 75.98 -87.64
C ARG AA 92 3.90 74.54 -87.60
N LEU AA 93 3.37 73.74 -86.68
CA LEU AA 93 3.82 72.36 -86.60
C LEU AA 93 3.33 71.51 -87.75
N LYS AA 94 2.27 71.93 -88.45
CA LYS AA 94 1.85 71.20 -89.65
C LYS AA 94 2.88 71.29 -90.75
N ILE AA 95 3.43 72.47 -91.01
CA ILE AA 95 4.43 72.57 -92.06
C ILE AA 95 5.77 72.01 -91.59
N ALA AA 96 6.04 72.04 -90.27
CA ALA AA 96 7.23 71.35 -89.75
C ALA AA 96 7.17 69.86 -89.98
N LEU AA 97 6.04 69.23 -89.63
CA LEU AA 97 5.87 67.81 -89.86
C LEU AA 97 5.81 67.46 -91.34
N ARG AA 98 5.30 68.38 -92.16
CA ARG AA 98 5.27 68.16 -93.60
C ARG AA 98 6.68 68.07 -94.16
N HIS AA 99 7.57 68.98 -93.73
CA HIS AA 99 8.95 68.90 -94.20
C HIS AA 99 9.67 67.69 -93.63
N LYS AA 100 9.37 67.33 -92.37
CA LYS AA 100 10.08 66.20 -91.76
C LYS AA 100 9.71 64.89 -92.43
N TYR AA 101 8.41 64.64 -92.66
CA TYR AA 101 8.05 63.39 -93.32
C TYR AA 101 8.14 63.46 -94.83
N TRP AA 102 8.34 64.64 -95.42
CA TRP AA 102 8.82 64.66 -96.79
C TRP AA 102 10.27 64.21 -96.86
N LEU AA 103 11.05 64.60 -95.86
CA LEU AA 103 12.47 64.28 -95.82
C LEU AA 103 12.71 62.79 -95.63
N ARG AA 104 11.75 62.04 -95.11
CA ARG AA 104 11.89 60.59 -94.92
C ARG AA 104 11.33 59.82 -96.10
N GLY AA 105 11.08 60.47 -97.23
CA GLY AA 105 10.86 59.79 -98.49
C GLY AA 105 9.42 59.73 -98.96
N LEU AA 106 8.51 60.47 -98.35
CA LEU AA 106 7.15 60.46 -98.88
C LEU AA 106 7.04 61.35 -100.12
N ASP AA 107 5.83 61.41 -100.66
CA ASP AA 107 5.52 62.22 -101.83
C ASP AA 107 4.61 63.36 -101.43
N GLU AA 108 4.90 64.56 -101.97
CA GLU AA 108 4.17 65.74 -101.53
C GLU AA 108 2.76 65.80 -102.09
N ALA AA 109 2.47 65.08 -103.17
CA ALA AA 109 1.11 64.99 -103.70
C ALA AA 109 0.19 64.22 -102.75
N MET AA 110 0.76 63.36 -101.91
CA MET AA 110 0.02 62.81 -100.78
C MET AA 110 0.00 63.76 -99.59
N LEU AA 111 1.08 64.51 -99.38
CA LEU AA 111 1.22 65.28 -98.15
C LEU AA 111 0.35 66.50 -98.09
N ASP AA 112 0.13 67.19 -99.22
CA ASP AA 112 -0.76 68.36 -99.18
C ASP AA 112 -2.19 67.94 -98.83
N GLU AA 113 -2.67 66.85 -99.42
CA GLU AA 113 -4.00 66.36 -99.11
C GLU AA 113 -4.08 65.79 -97.71
N PHE AA 114 -3.00 65.19 -97.22
CA PHE AA 114 -3.04 64.62 -95.88
C PHE AA 114 -2.98 65.70 -94.81
N MET AA 115 -2.20 66.76 -95.04
CA MET AA 115 -2.16 67.87 -94.09
C MET AA 115 -3.46 68.66 -94.13
N ASP AA 116 -4.13 68.71 -95.28
CA ASP AA 116 -5.48 69.26 -95.29
C ASP AA 116 -6.46 68.32 -94.59
N TYR AA 117 -6.13 67.02 -94.53
CA TYR AA 117 -7.06 66.09 -93.92
C TYR AA 117 -6.98 66.11 -92.40
N ILE AA 118 -5.79 66.26 -91.81
CA ILE AA 118 -5.65 66.10 -90.36
C ILE AA 118 -6.01 67.44 -89.73
N ASP AA 119 -7.31 67.65 -89.60
CA ASP AA 119 -7.88 68.60 -88.67
C ASP AA 119 -9.07 67.97 -87.99
N SER AA 120 -9.38 66.71 -88.28
CA SER AA 120 -10.44 65.96 -87.63
C SER AA 120 -9.93 65.11 -86.49
N LEU AA 121 -8.61 65.02 -86.32
CA LEU AA 121 -8.01 64.36 -85.17
C LEU AA 121 -8.01 65.36 -84.03
N LYS AA 122 -8.39 64.91 -82.82
CA LYS AA 122 -8.45 65.77 -81.64
C LYS AA 122 -7.84 65.04 -80.46
N SER AA 123 -8.03 65.60 -79.26
CA SER AA 123 -7.41 65.07 -78.07
C SER AA 123 -8.11 63.79 -77.61
N THR AA 124 -7.36 62.95 -76.90
CA THR AA 124 -7.82 61.61 -76.54
C THR AA 124 -7.90 61.36 -75.05
N THR AA 125 -6.85 61.68 -74.30
CA THR AA 125 -6.70 61.17 -72.94
C THR AA 125 -7.61 61.91 -71.96
N THR AA 126 -8.30 61.13 -71.14
CA THR AA 126 -9.12 61.66 -70.05
C THR AA 126 -8.68 60.99 -68.76
N ASN AA 127 -9.33 61.35 -67.66
CA ASN AA 127 -9.06 60.78 -66.36
C ASN AA 127 -10.16 59.80 -66.00
N TYR AA 128 -9.81 58.71 -65.33
CA TYR AA 128 -10.77 57.67 -65.01
C TYR AA 128 -10.75 57.27 -63.55
N ILE AA 129 -10.26 58.14 -62.67
CA ILE AA 129 -10.32 57.87 -61.23
C ILE AA 129 -10.88 59.12 -60.55
N ILE AA 130 -12.04 58.97 -59.93
CA ILE AA 130 -12.68 60.05 -59.19
C ILE AA 130 -12.37 59.87 -57.71
N PHE AA 131 -12.41 60.97 -56.96
CA PHE AA 131 -11.96 60.94 -55.57
C PHE AA 131 -12.97 60.29 -54.63
N ASN AA 132 -14.17 60.87 -54.51
CA ASN AA 132 -15.32 60.30 -53.80
C ASN AA 132 -15.02 60.00 -52.33
N MET AA 133 -14.89 61.05 -51.51
CA MET AA 133 -14.48 60.92 -50.11
C MET AA 133 -15.39 60.01 -49.28
N GLN AA 134 -16.66 59.89 -49.66
CA GLN AA 134 -17.57 58.97 -48.99
C GLN AA 134 -17.21 57.52 -49.30
N ARG BA 4 11.92 52.79 -77.47
CA ARG BA 4 12.99 51.81 -77.56
C ARG BA 4 13.79 51.97 -78.85
N ARG BA 5 15.01 51.48 -78.84
CA ARG BA 5 15.90 51.52 -79.99
C ARG BA 5 15.54 50.42 -80.97
N THR BA 6 16.44 50.19 -81.92
CA THR BA 6 16.45 48.93 -82.66
C THR BA 6 17.72 48.15 -82.35
N GLY BA 7 18.88 48.74 -82.61
CA GLY BA 7 20.16 48.04 -82.58
C GLY BA 7 20.54 47.43 -81.24
N ILE BA 8 20.43 46.12 -81.17
CA ILE BA 8 20.62 45.38 -79.92
C ILE BA 8 21.45 44.15 -80.26
N THR BA 9 22.26 43.73 -79.30
CA THR BA 9 23.24 42.68 -79.55
C THR BA 9 22.55 41.32 -79.59
N THR BA 10 23.28 40.30 -80.02
CA THR BA 10 22.78 38.94 -80.07
C THR BA 10 22.59 38.37 -78.67
N GLU BA 11 23.43 38.77 -77.72
CA GLU BA 11 23.35 38.21 -76.38
C GLU BA 11 22.16 38.73 -75.60
N ASP BA 12 21.71 39.96 -75.86
CA ASP BA 12 20.63 40.54 -75.07
C ASP BA 12 19.29 39.88 -75.38
N ALA BA 13 19.05 39.57 -76.65
CA ALA BA 13 17.79 38.92 -77.03
C ALA BA 13 17.73 37.49 -76.51
N ILE BA 14 18.84 36.78 -76.58
CA ILE BA 14 18.92 35.42 -76.05
C ILE BA 14 18.79 35.43 -74.54
N THR BA 15 19.34 36.46 -73.89
CA THR BA 15 19.22 36.60 -72.44
C THR BA 15 17.78 36.87 -72.02
N LYS BA 16 17.04 37.65 -72.82
CA LYS BA 16 15.62 37.86 -72.55
C LYS BA 16 14.82 36.57 -72.70
N TYR BA 17 15.03 35.86 -73.82
CA TYR BA 17 14.22 34.68 -74.12
C TYR BA 17 14.52 33.54 -73.16
N SER BA 18 15.74 33.50 -72.63
CA SER BA 18 16.10 32.41 -71.73
C SER BA 18 15.59 32.68 -70.32
N VAL BA 19 15.57 33.94 -69.89
CA VAL BA 19 15.20 34.22 -68.52
C VAL BA 19 13.69 34.40 -68.39
N LYS BA 20 12.97 34.62 -69.49
CA LYS BA 20 11.54 34.79 -69.35
C LYS BA 20 10.73 33.50 -69.40
N ALA BA 21 11.36 32.33 -69.24
CA ALA BA 21 10.68 31.07 -69.52
C ALA BA 21 9.54 30.81 -68.54
N LYS BA 22 9.77 31.07 -67.25
CA LYS BA 22 8.75 30.82 -66.23
C LYS BA 22 7.54 31.73 -66.43
N THR BA 23 7.79 33.02 -66.67
CA THR BA 23 6.67 33.95 -66.84
C THR BA 23 5.94 33.71 -68.14
N GLU BA 24 6.64 33.32 -69.21
CA GLU BA 24 5.92 33.14 -70.47
C GLU BA 24 5.10 31.85 -70.45
N GLN BA 25 5.54 30.83 -69.70
CA GLN BA 25 4.69 29.66 -69.63
C GLN BA 25 3.52 29.85 -68.66
N THR BA 26 3.70 30.63 -67.59
CA THR BA 26 2.56 30.90 -66.72
C THR BA 26 1.65 31.98 -67.30
N ALA BA 27 2.08 32.64 -68.39
CA ALA BA 27 1.14 33.46 -69.14
C ALA BA 27 0.40 32.67 -70.20
N TYR BA 28 1.04 31.64 -70.77
CA TYR BA 28 0.34 30.77 -71.70
C TYR BA 28 -0.76 29.98 -70.99
N LYS BA 29 -0.55 29.66 -69.71
CA LYS BA 29 -1.55 28.94 -68.96
C LYS BA 29 -2.84 29.75 -68.77
N ASN BA 30 -2.74 31.09 -68.79
CA ASN BA 30 -3.95 31.91 -68.77
C ASN BA 30 -4.44 32.20 -70.19
N ALA BA 31 -3.53 32.17 -71.15
CA ALA BA 31 -3.94 32.36 -72.53
C ALA BA 31 -4.77 31.20 -73.06
N THR BA 32 -4.71 30.04 -72.40
CA THR BA 32 -5.66 28.96 -72.74
C THR BA 32 -7.11 29.38 -72.45
N LYS BA 33 -7.35 29.92 -71.25
CA LYS BA 33 -8.66 30.46 -70.89
C LYS BA 33 -9.11 31.53 -71.86
N ASP BA 34 -8.18 32.36 -72.31
CA ASP BA 34 -8.56 33.37 -73.30
C ASP BA 34 -8.82 32.76 -74.68
N MET BA 35 -8.10 31.68 -75.03
CA MET BA 35 -8.26 31.09 -76.35
C MET BA 35 -9.57 30.36 -76.54
N VAL BA 36 -10.19 29.90 -75.45
CA VAL BA 36 -11.43 29.10 -75.58
C VAL BA 36 -12.53 29.85 -76.32
N VAL BA 37 -12.78 31.10 -75.93
CA VAL BA 37 -13.88 31.83 -76.55
C VAL BA 37 -13.45 32.47 -77.87
N GLN BA 38 -12.16 32.79 -78.01
CA GLN BA 38 -11.67 33.42 -79.22
C GLN BA 38 -11.36 32.44 -80.33
N ALA BA 39 -11.39 31.14 -80.07
CA ALA BA 39 -10.94 30.18 -81.06
C ALA BA 39 -11.95 29.90 -82.14
N GLN BA 40 -13.16 30.46 -82.04
CA GLN BA 40 -14.17 30.18 -83.05
C GLN BA 40 -14.05 31.09 -84.26
N ASN BA 41 -13.03 31.96 -84.27
CA ASN BA 41 -12.67 32.61 -85.52
C ASN BA 41 -12.11 31.62 -86.52
N ILE BA 42 -11.56 30.50 -86.05
CA ILE BA 42 -11.19 29.38 -86.93
C ILE BA 42 -12.42 28.84 -87.64
N MET BA 43 -13.49 28.63 -86.89
CA MET BA 43 -14.74 28.12 -87.45
C MET BA 43 -15.35 29.09 -88.44
N ASN BA 44 -15.37 30.38 -88.10
CA ASN BA 44 -15.89 31.40 -89.02
C ASN BA 44 -15.05 31.49 -90.29
N PHE BA 45 -13.72 31.43 -90.14
CA PHE BA 45 -12.81 31.52 -91.27
C PHE BA 45 -12.99 30.37 -92.24
N TYR BA 46 -12.96 29.14 -91.75
CA TYR BA 46 -13.07 28.02 -92.68
C TYR BA 46 -14.47 27.85 -93.21
N SER BA 47 -15.49 28.32 -92.47
CA SER BA 47 -16.84 28.33 -93.01
C SER BA 47 -16.95 29.26 -94.20
N VAL BA 48 -16.51 30.51 -94.04
CA VAL BA 48 -16.67 31.48 -95.11
C VAL BA 48 -15.67 31.26 -96.24
N VAL BA 49 -14.61 30.47 -96.02
CA VAL BA 49 -13.72 30.17 -97.15
C VAL BA 49 -14.19 28.93 -97.91
N ASN BA 50 -14.55 27.85 -97.21
CA ASN BA 50 -15.01 26.64 -97.88
C ASN BA 50 -16.33 26.84 -98.60
N GLN BA 51 -17.23 27.65 -98.04
CA GLN BA 51 -18.52 27.90 -98.68
C GLN BA 51 -18.38 28.63 -100.01
N ALA BA 52 -17.26 29.32 -100.23
CA ALA BA 52 -17.06 29.98 -101.52
C ALA BA 52 -16.06 29.27 -102.41
N LEU BA 53 -15.21 28.38 -101.85
CA LEU BA 53 -14.22 27.74 -102.70
C LEU BA 53 -14.52 26.30 -103.07
N ILE BA 54 -15.26 25.55 -102.24
CA ILE BA 54 -15.57 24.16 -102.57
C ILE BA 54 -16.39 24.02 -103.85
N PRO BA 55 -17.41 24.83 -104.15
CA PRO BA 55 -18.03 24.71 -105.49
C PRO BA 55 -17.13 25.13 -106.64
N TRP BA 56 -16.30 26.17 -106.49
CA TRP BA 56 -15.46 26.60 -107.60
C TRP BA 56 -14.40 25.57 -107.93
N LEU BA 57 -13.61 25.18 -106.92
CA LEU BA 57 -12.57 24.17 -107.12
C LEU BA 57 -13.19 22.84 -107.53
N ASN BA 58 -14.36 22.53 -106.98
CA ASN BA 58 -14.97 21.24 -107.19
C ASN BA 58 -15.59 21.12 -108.57
N ALA BA 59 -16.06 22.22 -109.14
CA ALA BA 59 -16.74 22.18 -110.44
C ALA BA 59 -15.93 22.77 -111.57
N HIS BA 60 -14.76 23.35 -111.29
CA HIS BA 60 -13.95 23.88 -112.37
C HIS BA 60 -12.90 22.88 -112.83
N GLY BA 61 -12.68 21.83 -112.04
CA GLY BA 61 -11.93 20.69 -112.51
C GLY BA 61 -10.56 20.49 -111.91
N VAL BA 62 -10.21 21.25 -110.88
CA VAL BA 62 -8.86 21.14 -110.32
C VAL BA 62 -8.78 19.93 -109.41
N GLY BA 63 -7.57 19.41 -109.25
CA GLY BA 63 -7.36 18.10 -108.68
C GLY BA 63 -7.47 18.07 -107.18
N GLY BA 64 -6.72 17.15 -106.58
CA GLY BA 64 -6.74 17.00 -105.15
C GLY BA 64 -5.71 17.86 -104.47
N ASN BA 65 -4.46 17.74 -104.88
CA ASN BA 65 -3.37 18.29 -104.12
C ASN BA 65 -3.00 19.71 -104.54
N LEU BA 66 -3.56 20.23 -105.63
CA LEU BA 66 -3.41 21.63 -106.04
C LEU BA 66 -4.40 22.55 -105.37
N ARG BA 67 -5.43 21.97 -104.75
CA ARG BA 67 -6.41 22.76 -104.01
C ARG BA 67 -5.75 23.57 -102.91
N ILE BA 68 -4.68 23.05 -102.30
CA ILE BA 68 -3.91 23.77 -101.30
C ILE BA 68 -3.23 25.00 -101.85
N LEU BA 69 -2.67 24.92 -103.06
CA LEU BA 69 -2.02 26.08 -103.65
C LEU BA 69 -3.04 27.17 -103.94
N TYR BA 70 -4.23 26.74 -104.37
CA TYR BA 70 -5.33 27.70 -104.48
C TYR BA 70 -5.76 28.24 -103.12
N ARG BA 71 -5.68 27.42 -102.07
CA ARG BA 71 -5.97 27.91 -100.73
C ARG BA 71 -4.91 28.90 -100.27
N GLN BA 72 -3.66 28.73 -100.70
CA GLN BA 72 -2.61 29.69 -100.37
C GLN BA 72 -2.95 31.05 -100.92
N LEU BA 73 -3.39 31.08 -102.17
CA LEU BA 73 -3.83 32.34 -102.79
C LEU BA 73 -5.04 32.94 -102.08
N ALA BA 74 -6.08 32.14 -101.85
CA ALA BA 74 -7.31 32.67 -101.25
C ALA BA 74 -7.09 33.08 -99.80
N ASN BA 75 -6.27 32.34 -99.07
CA ASN BA 75 -6.05 32.65 -97.66
C ASN BA 75 -5.22 33.90 -97.49
N GLU BA 76 -4.24 34.12 -98.38
CA GLU BA 76 -3.49 35.38 -98.32
C GLU BA 76 -4.38 36.56 -98.66
N TYR BA 77 -5.31 36.37 -99.61
CA TYR BA 77 -6.26 37.44 -99.92
C TYR BA 77 -7.19 37.74 -98.75
N VAL BA 78 -7.62 36.71 -98.01
CA VAL BA 78 -8.51 36.94 -96.88
C VAL BA 78 -7.75 37.59 -95.72
N LYS BA 79 -6.44 37.32 -95.59
CA LYS BA 79 -5.64 38.02 -94.58
C LYS BA 79 -5.55 39.51 -94.90
N VAL BA 80 -5.27 39.84 -96.17
CA VAL BA 80 -5.23 41.24 -96.59
C VAL BA 80 -6.58 41.91 -96.38
N LEU BA 81 -7.67 41.17 -96.56
CA LEU BA 81 -9.00 41.72 -96.29
C LEU BA 81 -9.21 42.03 -94.82
N ASN BA 82 -9.07 41.03 -93.94
CA ASN BA 82 -9.43 41.25 -92.55
C ASN BA 82 -8.33 41.94 -91.74
N THR BA 83 -7.29 42.44 -92.38
CA THR BA 83 -6.56 43.56 -91.78
C THR BA 83 -7.12 44.92 -92.17
N LYS BA 84 -8.40 44.99 -92.54
CA LYS BA 84 -9.15 46.21 -92.90
C LYS BA 84 -8.54 46.97 -94.07
N GLN BA 85 -8.50 46.37 -95.26
CA GLN BA 85 -7.95 47.02 -96.44
C GLN BA 85 -8.91 46.80 -97.61
N SER BA 86 -9.53 47.88 -98.08
CA SER BA 86 -10.58 47.83 -99.08
C SER BA 86 -9.97 47.94 -100.47
N GLY BA 87 -10.84 48.24 -101.46
CA GLY BA 87 -10.59 47.97 -102.87
C GLY BA 87 -9.45 48.74 -103.49
N GLU BA 88 -9.08 49.91 -102.96
CA GLU BA 88 -8.04 50.70 -103.59
C GLU BA 88 -6.65 50.10 -103.42
N VAL BA 89 -6.47 49.17 -102.50
CA VAL BA 89 -5.24 48.40 -102.42
C VAL BA 89 -5.43 47.03 -103.07
N ILE BA 90 -6.67 46.52 -103.04
CA ILE BA 90 -6.99 45.23 -103.61
C ILE BA 90 -6.80 45.22 -105.13
N LYS BA 91 -7.09 46.33 -105.81
CA LYS BA 91 -6.90 46.41 -107.25
C LYS BA 91 -5.44 46.34 -107.69
N ARG BA 92 -4.50 46.39 -106.75
CA ARG BA 92 -3.08 46.23 -106.97
C ARG BA 92 -2.56 44.88 -106.45
N LEU BA 93 -3.05 44.48 -105.28
CA LEU BA 93 -2.60 43.21 -104.73
C LEU BA 93 -3.17 42.01 -105.49
N LYS BA 94 -4.26 42.18 -106.23
CA LYS BA 94 -4.75 41.09 -107.08
C LYS BA 94 -3.78 40.75 -108.19
N ILE BA 95 -3.25 41.75 -108.87
CA ILE BA 95 -2.29 41.45 -109.94
C ILE BA 95 -0.93 41.05 -109.37
N ALA BA 96 -0.59 41.55 -108.16
CA ALA BA 96 0.62 41.07 -107.49
C ALA BA 96 0.54 39.58 -107.17
N LEU BA 97 -0.57 39.15 -106.57
CA LEU BA 97 -0.77 37.74 -106.27
C LEU BA 97 -0.91 36.90 -107.52
N ARG BA 98 -1.46 37.48 -108.60
CA ARG BA 98 -1.57 36.76 -109.85
C ARG BA 98 -0.19 36.45 -110.42
N HIS BA 99 0.71 37.42 -110.38
CA HIS BA 99 2.07 37.15 -110.87
C HIS BA 99 2.82 36.22 -109.93
N LYS BA 100 2.59 36.32 -108.62
CA LYS BA 100 3.32 35.46 -107.68
C LYS BA 100 2.90 34.01 -107.82
N TYR BA 101 1.61 33.73 -107.88
CA TYR BA 101 1.20 32.34 -108.04
C TYR BA 101 1.21 31.86 -109.48
N TRP BA 102 1.38 32.75 -110.47
CA TRP BA 102 1.77 32.27 -111.78
C TRP BA 102 3.21 31.80 -111.75
N LEU BA 103 4.06 32.50 -110.99
CA LEU BA 103 5.47 32.16 -110.91
C LEU BA 103 5.71 30.84 -110.22
N ARG BA 104 4.78 30.34 -109.42
CA ARG BA 104 4.92 29.05 -108.75
C ARG BA 104 4.29 27.92 -109.54
N GLY BA 105 3.99 28.15 -110.82
CA GLY BA 105 3.69 27.06 -111.73
C GLY BA 105 2.23 26.87 -112.08
N LEU BA 106 1.35 27.81 -111.74
CA LEU BA 106 -0.03 27.65 -112.15
C LEU BA 106 -0.21 28.04 -113.61
N ASP BA 107 -1.45 27.94 -114.08
CA ASP BA 107 -1.82 28.29 -115.44
C ASP BA 107 -2.69 29.52 -115.43
N GLU BA 108 -2.44 30.44 -116.37
CA GLU BA 108 -3.13 31.72 -116.35
C GLU BA 108 -4.58 31.61 -116.81
N ALA BA 109 -4.92 30.56 -117.55
CA ALA BA 109 -6.31 30.33 -117.94
C ALA BA 109 -7.17 29.96 -116.74
N MET BA 110 -6.56 29.46 -115.68
CA MET BA 110 -7.25 29.35 -114.40
C MET BA 110 -7.20 30.65 -113.63
N LEU BA 111 -6.10 31.41 -113.74
CA LEU BA 111 -5.88 32.56 -112.87
C LEU BA 111 -6.75 33.75 -113.22
N ASP BA 112 -7.03 33.99 -114.49
CA ASP BA 112 -7.90 35.12 -114.83
C ASP BA 112 -9.31 34.90 -114.28
N GLU BA 113 -9.83 33.67 -114.42
CA GLU BA 113 -11.14 33.35 -113.89
C GLU BA 113 -11.15 33.32 -112.37
N PHE BA 114 -10.04 32.92 -111.76
CA PHE BA 114 -10.02 32.85 -110.31
C PHE BA 114 -9.89 34.24 -109.69
N MET BA 115 -9.12 35.13 -110.32
CA MET BA 115 -9.02 36.50 -109.84
C MET BA 115 -10.31 37.27 -110.09
N ASP BA 116 -11.04 36.91 -111.14
CA ASP BA 116 -12.39 37.46 -111.27
C ASP BA 116 -13.33 36.85 -110.24
N TYR BA 117 -13.02 35.65 -109.75
CA TYR BA 117 -13.91 35.01 -108.79
C TYR BA 117 -13.75 35.57 -107.38
N ILE BA 118 -12.53 35.90 -106.95
CA ILE BA 118 -12.29 36.26 -105.54
C ILE BA 118 -12.62 37.73 -105.41
N ASP BA 119 -13.91 38.01 -105.31
CA ASP BA 119 -14.43 39.24 -104.75
C ASP BA 119 -15.58 38.93 -103.82
N SER BA 120 -15.90 37.66 -103.63
CA SER BA 120 -16.93 37.22 -102.71
C SER BA 120 -16.36 36.80 -101.37
N LEU BA 121 -15.04 36.75 -101.24
CA LEU BA 121 -14.37 36.52 -99.97
C LEU BA 121 -14.30 37.87 -99.25
N LYS BA 122 -14.61 37.89 -97.95
CA LYS BA 122 -14.61 39.10 -97.15
C LYS BA 122 -13.94 38.83 -95.81
N SER BA 123 -14.05 39.78 -94.89
CA SER BA 123 -13.37 39.70 -93.61
C SER BA 123 -14.05 38.68 -92.71
N THR BA 124 -13.27 38.12 -91.78
CA THR BA 124 -13.71 37.00 -90.94
C THR BA 124 -13.71 37.31 -89.46
N THR BA 125 -12.62 37.85 -88.92
CA THR BA 125 -12.39 37.85 -87.48
C THR BA 125 -13.24 38.89 -86.79
N THR BA 126 -13.90 38.49 -85.70
CA THR BA 126 -14.64 39.39 -84.84
C THR BA 126 -14.13 39.21 -83.42
N ASN BA 127 -14.72 39.94 -82.49
CA ASN BA 127 -14.38 39.86 -81.07
C ASN BA 127 -15.47 39.11 -80.34
N TYR BA 128 -15.07 38.32 -79.34
CA TYR BA 128 -16.04 37.47 -78.64
C TYR BA 128 -15.92 37.62 -77.13
N ILE BA 129 -15.38 38.74 -76.63
CA ILE BA 129 -15.36 38.99 -75.20
C ILE BA 129 -15.88 40.41 -74.97
N ILE BA 130 -17.01 40.52 -74.29
CA ILE BA 130 -17.59 41.82 -73.94
C ILE BA 130 -17.20 42.17 -72.51
N PHE BA 131 -17.21 43.46 -72.20
CA PHE BA 131 -16.67 43.90 -70.92
C PHE BA 131 -17.63 43.66 -69.76
N ASN BA 132 -18.82 44.28 -69.79
CA ASN BA 132 -19.92 44.02 -68.86
C ASN BA 132 -19.54 44.26 -67.41
N MET BA 133 -19.37 45.53 -67.01
CA MET BA 133 -18.87 45.89 -65.68
C MET BA 133 -19.74 45.36 -64.55
N GLN BA 134 -21.03 45.14 -64.79
CA GLN BA 134 -21.91 44.53 -63.78
C GLN BA 134 -21.57 43.07 -63.58
N ARG CA 4 20.13 82.03 -30.87
CA ARG CA 4 21.25 81.33 -31.47
C ARG CA 4 22.15 82.30 -32.23
N ARG CA 5 23.41 81.90 -32.42
CA ARG CA 5 24.38 82.70 -33.15
C ARG CA 5 24.18 82.53 -34.65
N THR CA 6 25.17 82.97 -35.42
CA THR CA 6 25.33 82.52 -36.79
C THR CA 6 26.61 81.72 -36.94
N GLY CA 7 27.75 82.31 -36.62
CA GLY CA 7 29.07 81.75 -36.92
C GLY CA 7 29.36 80.40 -36.29
N ILE CA 8 29.32 79.37 -37.12
CA ILE CA 8 29.44 77.99 -36.67
C ILE CA 8 30.37 77.29 -37.64
N THR CA 9 31.12 76.31 -37.12
CA THR CA 9 32.18 75.69 -37.89
C THR CA 9 31.57 74.71 -38.89
N THR CA 10 32.41 74.23 -39.81
CA THR CA 10 31.99 73.24 -40.80
C THR CA 10 31.70 71.90 -40.16
N GLU CA 11 32.45 71.55 -39.11
CA GLU CA 11 32.27 70.24 -38.49
C GLU CA 11 30.98 70.13 -37.69
N ASP CA 12 30.49 71.23 -37.13
CA ASP CA 12 29.31 71.16 -36.26
C ASP CA 12 28.05 70.88 -37.07
N ALA CA 13 27.93 71.50 -38.25
CA ALA CA 13 26.76 71.29 -39.09
C ALA CA 13 26.73 69.87 -39.66
N ILE CA 14 27.90 69.37 -40.07
CA ILE CA 14 28.00 68.01 -40.57
C ILE CA 14 27.74 67.01 -39.45
N THR CA 15 28.16 67.34 -38.22
CA THR CA 15 27.91 66.48 -37.08
C THR CA 15 26.42 66.43 -36.74
N LYS CA 16 25.71 67.54 -36.90
CA LYS CA 16 24.26 67.54 -36.70
C LYS CA 16 23.55 66.69 -37.76
N TYR CA 17 23.90 66.91 -39.03
CA TYR CA 17 23.19 66.24 -40.12
C TYR CA 17 23.48 64.75 -40.14
N SER CA 18 24.65 64.34 -39.65
CA SER CA 18 24.99 62.92 -39.65
C SER CA 18 24.33 62.19 -38.49
N VAL CA 19 24.22 62.85 -37.34
CA VAL CA 19 23.70 62.16 -36.17
C VAL CA 19 22.18 62.22 -36.12
N LYS CA 20 21.56 63.13 -36.86
CA LYS CA 20 20.10 63.18 -36.81
C LYS CA 20 19.39 62.27 -37.78
N ALA CA 21 20.06 61.27 -38.36
CA ALA CA 21 19.49 60.53 -39.49
C ALA CA 21 18.28 59.71 -39.05
N LYS CA 22 18.38 59.04 -37.91
CA LYS CA 22 17.29 58.19 -37.43
C LYS CA 22 16.06 59.01 -37.09
N THR CA 23 16.24 60.14 -36.40
CA THR CA 23 15.09 60.96 -36.03
C THR CA 23 14.49 61.67 -37.22
N GLU CA 24 15.31 62.07 -38.20
CA GLU CA 24 14.72 62.78 -39.34
C GLU CA 24 13.98 61.82 -40.25
N GLN CA 25 14.40 60.55 -40.33
CA GLN CA 25 13.62 59.64 -41.15
C GLN CA 25 12.36 59.16 -40.42
N THR CA 26 12.41 59.02 -39.09
CA THR CA 26 11.18 58.66 -38.40
C THR CA 26 10.26 59.87 -38.21
N ALA CA 27 10.74 61.08 -38.53
CA ALA CA 27 9.82 62.21 -38.64
C ALA CA 27 9.24 62.34 -40.03
N TYR CA 28 9.99 61.95 -41.07
CA TYR CA 28 9.42 61.91 -42.41
C TYR CA 28 8.31 60.87 -42.53
N LYS CA 29 8.43 59.77 -41.77
CA LYS CA 29 7.40 58.74 -41.79
C LYS CA 29 6.07 59.26 -41.26
N ASN CA 30 6.08 60.26 -40.38
CA ASN CA 30 4.83 60.89 -39.94
C ASN CA 30 4.44 62.05 -40.86
N ALA CA 31 5.44 62.66 -41.49
CA ALA CA 31 5.15 63.73 -42.43
C ALA CA 31 4.45 63.20 -43.68
N THR CA 32 4.51 61.90 -43.95
CA THR CA 32 3.65 61.34 -45.01
C THR CA 32 2.17 61.48 -44.69
N LYS CA 33 1.78 61.09 -43.46
CA LYS CA 33 0.42 61.27 -42.97
C LYS CA 33 -0.01 62.72 -43.04
N ASP CA 34 0.91 63.64 -42.73
CA ASP CA 34 0.56 65.04 -42.82
C ASP CA 34 0.46 65.51 -44.28
N MET CA 35 1.27 64.94 -45.18
CA MET CA 35 1.27 65.36 -46.57
C MET CA 35 0.04 64.96 -47.34
N VAL CA 36 -0.66 63.91 -46.91
CA VAL CA 36 -1.82 63.41 -47.66
C VAL CA 36 -2.90 64.49 -47.82
N VAL CA 37 -3.26 65.17 -46.74
CA VAL CA 37 -4.35 66.14 -46.83
C VAL CA 37 -3.82 67.48 -47.34
N GLN CA 38 -2.56 67.79 -47.09
CA GLN CA 38 -2.00 69.07 -47.51
C GLN CA 38 -1.53 69.08 -48.96
N ALA CA 39 -1.52 67.93 -49.63
CA ALA CA 39 -0.91 67.86 -50.94
C ALA CA 39 -1.81 68.39 -52.04
N GLN CA 40 -3.05 68.75 -51.73
CA GLN CA 40 -3.95 69.22 -52.78
C GLN CA 40 -3.77 70.71 -53.06
N ASN CA 41 -2.82 71.35 -52.37
CA ASN CA 41 -2.38 72.67 -52.83
C ASN CA 41 -1.67 72.58 -54.17
N ILE CA 42 -1.10 71.42 -54.51
CA ILE CA 42 -0.59 71.16 -55.85
C ILE CA 42 -1.71 71.26 -56.88
N MET CA 43 -2.84 70.62 -56.57
CA MET CA 43 -3.99 70.62 -57.47
C MET CA 43 -4.57 72.02 -57.63
N ASN CA 44 -4.70 72.76 -56.51
CA ASN CA 44 -5.20 74.14 -56.58
C ASN CA 44 -4.25 75.03 -57.37
N PHE CA 45 -2.94 74.86 -57.16
CA PHE CA 45 -1.95 75.68 -57.84
C PHE CA 45 -1.96 75.46 -59.34
N TYR CA 46 -1.90 74.21 -59.79
CA TYR CA 46 -1.86 74.00 -61.23
C TYR CA 46 -3.21 74.25 -61.88
N SER CA 47 -4.30 74.11 -61.13
CA SER CA 47 -5.60 74.51 -61.67
C SER CA 47 -5.65 76.00 -61.95
N VAL CA 48 -5.30 76.82 -60.95
CA VAL CA 48 -5.43 78.26 -61.12
C VAL CA 48 -4.32 78.83 -62.00
N VAL CA 49 -3.24 78.08 -62.24
CA VAL CA 49 -2.24 78.58 -63.18
C VAL CA 49 -2.55 78.17 -64.63
N ASN CA 50 -2.91 76.90 -64.86
CA ASN CA 50 -3.23 76.45 -66.22
C ASN CA 50 -4.49 77.11 -66.76
N GLN CA 51 -5.49 77.36 -65.89
CA GLN CA 51 -6.73 77.98 -66.35
C GLN CA 51 -6.52 79.41 -66.84
N ALA CA 52 -5.43 80.06 -66.42
CA ALA CA 52 -5.15 81.40 -66.91
C ALA CA 52 -4.03 81.44 -67.94
N LEU CA 53 -3.19 80.41 -68.03
CA LEU CA 53 -2.08 80.47 -68.98
C LEU CA 53 -2.26 79.64 -70.23
N ILE CA 54 -3.02 78.54 -70.19
CA ILE CA 54 -3.22 77.73 -71.39
C ILE CA 54 -3.90 78.49 -72.52
N PRO CA 55 -4.95 79.31 -72.30
CA PRO CA 55 -5.44 80.11 -73.44
C PRO CA 55 -4.47 81.18 -73.92
N TRP CA 56 -3.72 81.84 -73.04
CA TRP CA 56 -2.81 82.90 -73.49
C TRP CA 56 -1.66 82.33 -74.31
N LEU CA 57 -0.93 81.36 -73.73
CA LEU CA 57 0.17 80.71 -74.44
C LEU CA 57 -0.33 80.00 -75.68
N ASN CA 58 -1.52 79.43 -75.61
CA ASN CA 58 -2.04 78.61 -76.69
C ASN CA 58 -2.53 79.44 -77.85
N ALA CA 59 -3.02 80.66 -77.60
CA ALA CA 59 -3.56 81.49 -78.66
C ALA CA 59 -2.68 82.68 -79.02
N HIS CA 60 -1.59 82.91 -78.31
CA HIS CA 60 -0.72 84.01 -78.67
C HIS CA 60 0.43 83.55 -79.56
N GLY CA 61 0.64 82.24 -79.65
CA GLY CA 61 1.50 81.68 -80.67
C GLY CA 61 2.81 81.11 -80.21
N VAL CA 62 3.03 81.00 -78.91
CA VAL CA 62 4.32 80.52 -78.42
C VAL CA 62 4.39 79.01 -78.53
N GLY CA 63 5.61 78.50 -78.63
CA GLY CA 63 5.85 77.14 -79.06
C GLY CA 63 5.61 76.12 -77.96
N GLY CA 64 6.36 75.02 -78.06
CA GLY CA 64 6.21 73.96 -77.10
C GLY CA 64 7.12 74.14 -75.91
N ASN CA 65 8.41 74.31 -76.16
CA ASN CA 65 9.41 74.19 -75.11
C ASN CA 65 9.72 75.53 -74.45
N LEU CA 66 9.22 76.65 -74.97
CA LEU CA 66 9.33 77.96 -74.34
C LEU CA 66 8.23 78.21 -73.33
N ARG CA 67 7.18 77.39 -73.36
CA ARG CA 67 6.10 77.50 -72.40
C ARG CA 67 6.60 77.36 -70.98
N ILE CA 68 7.64 76.57 -70.76
CA ILE CA 68 8.28 76.42 -69.45
C ILE CA 68 8.94 77.69 -68.98
N LEU CA 69 9.61 78.42 -69.86
CA LEU CA 69 10.23 79.67 -69.46
C LEU CA 69 9.17 80.69 -69.07
N TYR CA 70 8.05 80.70 -69.80
CA TYR CA 70 6.91 81.50 -69.36
C TYR CA 70 6.32 81.00 -68.05
N ARG CA 71 6.37 79.68 -67.80
CA ARG CA 71 5.93 79.17 -66.51
C ARG CA 71 6.89 79.59 -65.40
N GLN CA 72 8.18 79.73 -65.70
CA GLN CA 72 9.13 80.19 -64.71
C GLN CA 72 8.75 81.59 -64.24
N LEU CA 73 8.43 82.45 -65.20
CA LEU CA 73 7.98 83.81 -64.88
C LEU CA 73 6.67 83.81 -64.08
N ALA CA 74 5.67 83.06 -64.55
CA ALA CA 74 4.36 83.08 -63.90
C ALA CA 74 4.41 82.43 -62.52
N ASN CA 75 5.22 81.37 -62.37
CA ASN CA 75 5.30 80.67 -61.11
C ASN CA 75 6.03 81.48 -60.06
N GLU CA 76 7.07 82.23 -60.47
CA GLU CA 76 7.73 83.10 -59.51
C GLU CA 76 6.81 84.23 -59.08
N TYR CA 77 5.97 84.73 -60.00
CA TYR CA 77 5.00 85.75 -59.63
C TYR CA 77 3.94 85.21 -58.67
N VAL CA 78 3.52 83.96 -58.84
CA VAL CA 78 2.52 83.39 -57.94
C VAL CA 78 3.13 83.09 -56.57
N LYS CA 79 4.43 82.78 -56.53
CA LYS CA 79 5.09 82.63 -55.22
C LYS CA 79 5.12 83.94 -54.46
N VAL CA 80 5.50 85.03 -55.15
CA VAL CA 80 5.50 86.36 -54.54
C VAL CA 80 4.09 86.75 -54.08
N LEU CA 81 3.06 86.33 -54.83
CA LEU CA 81 1.68 86.57 -54.40
C LEU CA 81 1.32 85.83 -53.13
N ASN CA 82 1.44 84.50 -53.12
CA ASN CA 82 0.95 83.75 -51.98
C ASN CA 82 1.93 83.70 -50.81
N THR CA 83 3.00 84.49 -50.83
CA THR CA 83 3.59 84.91 -49.58
C THR CA 83 2.99 86.20 -49.03
N LYS CA 84 1.74 86.52 -49.39
CA LYS CA 84 0.97 87.68 -48.92
C LYS CA 84 1.63 89.02 -49.22
N GLN CA 85 1.81 89.36 -50.50
CA GLN CA 85 2.43 90.63 -50.89
C GLN CA 85 1.59 91.25 -52.00
N SER CA 86 0.96 92.37 -51.70
CA SER CA 86 0.00 93.02 -52.59
C SER CA 86 0.72 94.01 -53.49
N GLY CA 87 -0.07 94.90 -54.11
CA GLY CA 87 0.33 95.63 -55.30
C GLY CA 87 1.47 96.61 -55.14
N GLU CA 88 1.70 97.12 -53.93
CA GLU CA 88 2.75 98.13 -53.76
C GLU CA 88 4.16 97.54 -53.89
N VAL CA 89 4.31 96.23 -53.80
CA VAL CA 89 5.57 95.58 -54.12
C VAL CA 89 5.52 95.00 -55.52
N ILE CA 90 4.33 94.62 -55.98
CA ILE CA 90 4.13 94.03 -57.30
C ILE CA 90 4.46 95.02 -58.40
N LYS CA 91 4.16 96.31 -58.20
CA LYS CA 91 4.47 97.34 -59.20
C LYS CA 91 5.97 97.55 -59.41
N ARG CA 92 6.82 96.95 -58.59
CA ARG CA 92 8.27 96.95 -58.70
C ARG CA 92 8.80 95.60 -59.15
N LEU CA 93 8.25 94.52 -58.61
CA LEU CA 93 8.72 93.20 -58.99
C LEU CA 93 8.30 92.82 -60.41
N LYS CA 94 7.27 93.46 -60.96
CA LYS CA 94 6.91 93.21 -62.36
C LYS CA 94 8.01 93.68 -63.31
N ILE CA 95 8.54 94.89 -63.09
CA ILE CA 95 9.60 95.35 -63.99
C ILE CA 95 10.92 94.65 -63.67
N ALA CA 96 11.12 94.21 -62.42
CA ALA CA 96 12.30 93.39 -62.11
C ALA CA 96 12.27 92.07 -62.86
N LEU CA 97 11.14 91.36 -62.82
CA LEU CA 97 11.01 90.11 -63.55
C LEU CA 97 11.03 90.32 -65.06
N ARG CA 98 10.54 91.48 -65.53
CA ARG CA 98 10.59 91.78 -66.95
C ARG CA 98 12.03 91.89 -67.42
N HIS CA 99 12.87 92.59 -66.65
CA HIS CA 99 14.28 92.69 -67.05
C HIS CA 99 15.00 91.35 -66.90
N LYS CA 100 14.64 90.57 -65.88
CA LYS CA 100 15.34 89.29 -65.68
C LYS CA 100 15.02 88.30 -66.79
N TYR CA 101 13.76 88.15 -67.15
CA TYR CA 101 13.45 87.23 -68.23
C TYR CA 101 13.62 87.82 -69.62
N TRP CA 102 13.82 89.14 -69.74
CA TRP CA 102 14.36 89.65 -70.99
C TRP CA 102 15.81 89.26 -71.12
N LEU CA 103 16.54 89.26 -70.01
CA LEU CA 103 17.96 88.95 -70.02
C LEU CA 103 18.23 87.48 -70.36
N ARG CA 104 17.25 86.60 -70.19
CA ARG CA 104 17.41 85.19 -70.53
C ARG CA 104 16.91 84.88 -71.94
N GLY CA 105 16.72 85.90 -72.77
CA GLY CA 105 16.57 85.71 -74.20
C GLY CA 105 15.17 85.82 -74.74
N LEU CA 106 14.21 86.29 -73.96
CA LEU CA 106 12.88 86.48 -74.52
C LEU CA 106 12.81 87.74 -75.36
N ASP CA 107 11.62 87.99 -75.92
CA ASP CA 107 11.36 89.16 -76.74
C ASP CA 107 10.40 90.09 -75.99
N GLU CA 108 10.70 91.40 -76.06
CA GLU CA 108 9.93 92.34 -75.26
C GLU CA 108 8.54 92.60 -75.83
N ALA CA 109 8.32 92.31 -77.12
CA ALA CA 109 7.00 92.43 -77.71
C ALA CA 109 6.05 91.36 -77.15
N MET CA 110 6.59 90.26 -76.64
CA MET CA 110 5.80 89.34 -75.83
C MET CA 110 5.69 89.80 -74.39
N LEU CA 111 6.76 90.43 -73.87
CA LEU CA 111 6.83 90.70 -72.43
C LEU CA 111 5.93 91.84 -71.99
N ASP CA 112 5.75 92.87 -72.81
CA ASP CA 112 4.84 93.94 -72.40
C ASP CA 112 3.40 93.44 -72.30
N GLU CA 113 2.98 92.63 -73.27
CA GLU CA 113 1.63 92.06 -73.22
C GLU CA 113 1.50 91.01 -72.12
N PHE CA 114 2.58 90.29 -71.82
CA PHE CA 114 2.47 89.28 -70.78
C PHE CA 114 2.45 89.90 -69.39
N MET CA 115 3.23 90.98 -69.19
CA MET CA 115 3.20 91.68 -67.91
C MET CA 115 1.89 92.44 -67.73
N ASP CA 116 1.28 92.89 -68.82
CA ASP CA 116 -0.08 93.40 -68.70
C ASP CA 116 -1.07 92.28 -68.44
N TYR CA 117 -0.73 91.05 -68.82
CA TYR CA 117 -1.67 89.95 -68.63
C TYR CA 117 -1.67 89.42 -67.21
N ILE CA 118 -0.51 89.36 -66.54
CA ILE CA 118 -0.43 88.69 -65.24
C ILE CA 118 -0.85 89.71 -64.19
N ASP CA 119 -2.16 89.87 -64.07
CA ASP CA 119 -2.79 90.42 -62.89
C ASP CA 119 -4.01 89.60 -62.53
N SER CA 120 -4.28 88.52 -63.27
CA SER CA 120 -5.35 87.60 -63.00
C SER CA 120 -4.87 86.38 -62.21
N LEU CA 121 -3.58 86.24 -62.01
CA LEU CA 121 -3.01 85.21 -61.14
C LEU CA 121 -3.08 85.74 -59.71
N LYS CA 122 -3.52 84.90 -58.77
CA LYS CA 122 -3.65 85.27 -57.37
C LYS CA 122 -3.09 84.17 -56.48
N SER CA 123 -3.35 84.28 -55.18
CA SER CA 123 -2.77 83.34 -54.23
C SER CA 123 -3.47 81.99 -54.30
N THR CA 124 -2.75 80.95 -53.90
CA THR CA 124 -3.19 79.57 -54.06
C THR CA 124 -3.34 78.81 -52.75
N THR CA 125 -2.34 78.84 -51.89
CA THR CA 125 -2.25 77.87 -50.79
C THR CA 125 -3.21 78.21 -49.67
N THR CA 126 -3.93 77.19 -49.21
CA THR CA 126 -4.81 77.30 -48.05
C THR CA 126 -4.42 76.21 -47.06
N ASN CA 127 -5.13 76.16 -45.95
CA ASN CA 127 -4.92 75.16 -44.92
C ASN CA 127 -6.02 74.12 -44.99
N TYR CA 128 -5.67 72.86 -44.73
CA TYR CA 128 -6.63 71.78 -44.87
C TYR CA 128 -6.67 70.88 -43.63
N ILE CA 129 -6.25 71.38 -42.48
CA ILE CA 129 -6.37 70.62 -41.25
C ILE CA 129 -6.99 71.53 -40.19
N ILE CA 130 -8.18 71.18 -39.72
CA ILE CA 130 -8.87 71.91 -38.68
C ILE CA 130 -8.63 71.22 -37.35
N PHE CA 131 -8.73 71.98 -36.26
CA PHE CA 131 -8.35 71.46 -34.95
C PHE CA 131 -9.39 70.51 -34.37
N ASN CA 132 -10.61 71.02 -34.10
CA ASN CA 132 -11.78 70.22 -33.70
C ASN CA 132 -11.54 69.42 -32.42
N MET CA 133 -11.48 70.11 -31.27
CA MET CA 133 -11.12 69.49 -29.99
C MET CA 133 -12.07 68.35 -29.60
N GLN CA 134 -13.31 68.37 -30.06
CA GLN CA 134 -14.23 67.26 -29.81
C GLN CA 134 -13.83 66.02 -30.60
N ARG DA 4 5.86 28.01 -89.69
CA ARG DA 4 6.92 27.04 -89.48
C ARG DA 4 7.65 26.72 -90.78
N ARG DA 5 8.88 26.25 -90.66
CA ARG DA 5 9.69 25.87 -91.81
C ARG DA 5 9.28 24.49 -92.31
N THR DA 6 10.13 23.91 -93.17
CA THR DA 6 10.11 22.48 -93.41
C THR DA 6 11.39 21.84 -92.90
N GLY DA 7 12.54 22.28 -93.43
CA GLY DA 7 13.82 21.62 -93.21
C GLY DA 7 14.27 21.52 -91.77
N ILE DA 8 14.17 20.32 -91.23
CA ILE DA 8 14.43 20.06 -89.81
C ILE DA 8 15.24 18.78 -89.73
N THR DA 9 16.11 18.71 -88.73
CA THR DA 9 17.07 17.62 -88.64
C THR DA 9 16.39 16.35 -88.16
N THR DA 10 17.10 15.23 -88.25
CA THR DA 10 16.59 13.96 -87.77
C THR DA 10 16.47 13.92 -86.26
N GLU DA 11 17.38 14.60 -85.57
CA GLU DA 11 17.38 14.56 -84.11
C GLU DA 11 16.22 15.35 -83.50
N ASP DA 12 15.75 16.41 -84.16
CA ASP DA 12 14.72 17.26 -83.57
C ASP DA 12 13.37 16.56 -83.55
N ALA DA 13 13.05 15.82 -84.62
CA ALA DA 13 11.79 15.10 -84.67
C ALA DA 13 11.75 13.95 -83.68
N ILE DA 14 12.87 13.23 -83.55
CA ILE DA 14 12.96 12.14 -82.58
C ILE DA 14 12.92 12.70 -81.16
N THR DA 15 13.51 13.88 -80.95
CA THR DA 15 13.47 14.53 -79.64
C THR DA 15 12.05 14.95 -79.27
N LYS DA 16 11.27 15.42 -80.25
CA LYS DA 16 9.86 15.72 -79.99
C LYS DA 16 9.06 14.48 -79.64
N TYR DA 17 9.21 13.42 -80.44
CA TYR DA 17 8.38 12.23 -80.26
C TYR DA 17 8.74 11.49 -78.98
N SER DA 18 9.99 11.61 -78.54
CA SER DA 18 10.41 10.91 -77.32
C SER DA 18 9.97 11.67 -76.08
N VAL DA 19 9.98 13.00 -76.13
CA VAL DA 19 9.68 13.76 -74.93
C VAL DA 19 8.18 14.00 -74.78
N LYS DA 20 7.40 13.83 -75.85
CA LYS DA 20 5.98 14.06 -75.71
C LYS DA 20 5.18 12.85 -75.25
N ALA DA 21 5.81 11.81 -74.71
CA ALA DA 21 5.12 10.54 -74.50
C ALA DA 21 4.03 10.65 -73.43
N LYS DA 22 4.34 11.35 -72.34
CA LYS DA 22 3.38 11.50 -71.24
C LYS DA 22 2.16 12.31 -71.68
N THR DA 23 2.38 13.42 -72.38
CA THR DA 23 1.26 14.25 -72.81
C THR DA 23 0.46 13.58 -73.91
N GLU DA 24 1.10 12.81 -74.79
CA GLU DA 24 0.32 12.21 -75.86
C GLU DA 24 -0.50 11.04 -75.34
N GLN DA 25 -0.03 10.34 -74.31
CA GLN DA 25 -0.87 9.28 -73.79
C GLN DA 25 -1.98 9.83 -72.89
N THR DA 26 -1.73 10.94 -72.17
CA THR DA 26 -2.83 11.51 -71.40
C THR DA 26 -3.77 12.33 -72.27
N ALA DA 27 -3.41 12.55 -73.54
CA ALA DA 27 -4.39 13.07 -74.48
C ALA DA 27 -5.18 11.97 -75.16
N TYR DA 28 -4.57 10.80 -75.36
CA TYR DA 28 -5.34 9.66 -75.88
C TYR DA 28 -6.38 9.20 -74.88
N LYS DA 29 -6.09 9.35 -73.59
CA LYS DA 29 -7.06 8.96 -72.57
C LYS DA 29 -8.33 9.81 -72.62
N ASN DA 30 -8.24 11.05 -73.12
CA ASN DA 30 -9.45 11.84 -73.33
C ASN DA 30 -10.01 11.62 -74.73
N ALA DA 31 -9.16 11.23 -75.67
CA ALA DA 31 -9.65 10.94 -77.00
C ALA DA 31 -10.49 9.67 -77.03
N THR DA 32 -10.41 8.82 -76.01
CA THR DA 32 -11.37 7.72 -75.88
C THR DA 32 -12.80 8.23 -75.70
N LYS DA 33 -12.98 9.17 -74.76
CA LYS DA 33 -14.27 9.83 -74.54
C LYS DA 33 -14.77 10.49 -75.80
N ASP DA 34 -13.87 11.09 -76.57
CA ASP DA 34 -14.31 11.69 -77.82
C ASP DA 34 -14.64 10.63 -78.88
N MET DA 35 -13.94 9.50 -78.86
CA MET DA 35 -14.17 8.46 -79.87
C MET DA 35 -15.49 7.74 -79.73
N VAL DA 36 -16.05 7.70 -78.52
CA VAL DA 36 -17.29 6.94 -78.29
C VAL DA 36 -18.43 7.40 -79.18
N VAL DA 37 -18.66 8.71 -79.26
CA VAL DA 37 -19.80 9.19 -80.04
C VAL DA 37 -19.44 9.31 -81.51
N GLN DA 38 -18.17 9.54 -81.82
CA GLN DA 38 -17.74 9.70 -83.21
C GLN DA 38 -17.49 8.38 -83.91
N ALA DA 39 -17.51 7.26 -83.20
CA ALA DA 39 -17.10 6.00 -83.81
C ALA DA 39 -18.18 5.37 -84.68
N GLN DA 40 -19.38 5.95 -84.71
CA GLN DA 40 -20.44 5.34 -85.49
C GLN DA 40 -20.39 5.76 -86.96
N ASN DA 41 -19.39 6.57 -87.33
CA ASN DA 41 -19.09 6.73 -88.75
C ASN DA 41 -18.59 5.43 -89.37
N ILE DA 42 -18.01 4.54 -88.55
CA ILE DA 42 -17.68 3.18 -88.99
C ILE DA 42 -18.95 2.44 -89.41
N MET DA 43 -19.98 2.53 -88.57
CA MET DA 43 -21.25 1.87 -88.84
C MET DA 43 -21.92 2.44 -90.09
N ASN DA 44 -21.92 3.77 -90.23
CA ASN DA 44 -22.50 4.40 -91.42
C ASN DA 44 -21.73 4.02 -92.67
N PHE DA 45 -20.40 4.00 -92.58
CA PHE DA 45 -19.55 3.67 -93.73
C PHE DA 45 -19.78 2.25 -94.21
N TYR DA 46 -19.72 1.27 -93.31
CA TYR DA 46 -19.87 -0.10 -93.78
C TYR DA 46 -21.31 -0.42 -94.14
N SER DA 47 -22.28 0.30 -93.55
CA SER DA 47 -23.66 0.13 -94.00
C SER DA 47 -23.84 0.59 -95.44
N VAL DA 48 -23.40 1.81 -95.75
CA VAL DA 48 -23.62 2.34 -97.08
C VAL DA 48 -22.68 1.71 -98.12
N VAL DA 49 -21.61 1.04 -97.69
CA VAL DA 49 -20.79 0.34 -98.68
C VAL DA 49 -21.29 -1.08 -98.92
N ASN DA 50 -21.60 -1.84 -97.86
CA ASN DA 50 -22.10 -3.20 -98.05
C ASN DA 50 -23.46 -3.25 -98.72
N GLN DA 51 -24.32 -2.26 -98.44
CA GLN DA 51 -25.66 -2.24 -99.05
C GLN DA 51 -25.60 -2.03 -100.56
N ALA DA 52 -24.49 -1.48 -101.07
CA ALA DA 52 -24.36 -1.32 -102.51
C ALA DA 52 -23.41 -2.33 -103.14
N LEU DA 53 -22.53 -2.97 -102.37
CA LEU DA 53 -21.58 -3.89 -102.98
C LEU DA 53 -21.90 -5.36 -102.80
N ILE DA 54 -22.59 -5.75 -101.72
CA ILE DA 54 -22.92 -7.16 -101.51
C ILE DA 54 -23.80 -7.75 -102.62
N PRO DA 55 -24.85 -7.06 -103.13
CA PRO DA 55 -25.54 -7.63 -104.30
C PRO DA 55 -24.70 -7.67 -105.57
N TRP DA 56 -23.86 -6.66 -105.84
CA TRP DA 56 -23.10 -6.67 -107.08
C TRP DA 56 -22.04 -7.76 -107.08
N LEU DA 57 -21.20 -7.79 -106.05
CA LEU DA 57 -20.18 -8.83 -105.92
C LEU DA 57 -20.82 -10.20 -105.80
N ASN DA 58 -21.94 -10.28 -105.12
CA ASN DA 58 -22.57 -11.54 -104.83
C ASN DA 58 -23.27 -12.14 -106.04
N ALA DA 59 -23.78 -11.30 -106.93
CA ALA DA 59 -24.51 -11.79 -108.09
C ALA DA 59 -23.77 -11.65 -109.40
N HIS DA 60 -22.59 -11.03 -109.41
CA HIS DA 60 -21.85 -10.94 -110.65
C HIS DA 60 -20.82 -12.04 -110.77
N GLY DA 61 -20.56 -12.75 -109.69
CA GLY DA 61 -19.82 -14.00 -109.76
C GLY DA 61 -18.43 -14.00 -109.19
N VAL DA 62 -18.02 -12.92 -108.52
CA VAL DA 62 -16.65 -12.86 -108.04
C VAL DA 62 -16.52 -13.66 -106.75
N GLY DA 63 -15.29 -14.11 -106.49
CA GLY DA 63 -15.05 -15.14 -105.51
C GLY DA 63 -15.06 -14.63 -104.08
N GLY DA 64 -14.29 -15.31 -103.24
CA GLY DA 64 -14.24 -14.94 -101.85
C GLY DA 64 -13.17 -13.90 -101.57
N ASN DA 65 -11.94 -14.19 -101.99
CA ASN DA 65 -10.80 -13.42 -101.53
C ASN DA 65 -10.46 -12.25 -102.45
N LEU DA 66 -11.10 -12.14 -103.61
CA LEU DA 66 -10.96 -10.98 -104.51
C LEU DA 66 -11.91 -9.86 -104.14
N ARG DA 67 -12.92 -10.17 -103.31
CA ARG DA 67 -13.85 -9.15 -102.84
C ARG DA 67 -13.13 -8.01 -102.14
N ILE DA 68 -12.03 -8.30 -101.45
CA ILE DA 68 -11.21 -7.29 -100.80
C ILE DA 68 -10.55 -6.35 -101.79
N LEU DA 69 -10.06 -6.86 -102.92
CA LEU DA 69 -9.44 -5.99 -103.92
C LEU DA 69 -10.49 -5.06 -104.52
N TYR DA 70 -11.70 -5.58 -104.72
CA TYR DA 70 -12.81 -4.71 -105.10
C TYR DA 70 -13.17 -3.72 -103.99
N ARG DA 71 -13.02 -4.12 -102.73
CA ARG DA 71 -13.23 -3.18 -101.64
C ARG DA 71 -12.15 -2.10 -101.61
N GLN DA 72 -10.93 -2.44 -102.02
CA GLN DA 72 -9.87 -1.45 -102.10
C GLN DA 72 -10.24 -0.35 -103.08
N LEU DA 73 -10.75 -0.77 -104.24
CA LEU DA 73 -11.22 0.19 -105.24
C LEU DA 73 -12.40 1.03 -104.73
N ALA DA 74 -13.42 0.38 -104.17
CA ALA DA 74 -14.61 1.11 -103.74
C ALA DA 74 -14.33 2.01 -102.54
N ASN DA 75 -13.46 1.56 -101.63
CA ASN DA 75 -13.15 2.34 -100.44
C ASN DA 75 -12.32 3.56 -100.78
N GLU DA 76 -11.39 3.43 -101.74
CA GLU DA 76 -10.65 4.62 -102.15
C GLU DA 76 -11.55 5.62 -102.86
N TYR DA 77 -12.54 5.12 -103.62
CA TYR DA 77 -13.50 6.03 -104.24
C TYR DA 77 -14.37 6.73 -103.21
N VAL DA 78 -14.75 6.04 -102.13
CA VAL DA 78 -15.58 6.68 -101.10
C VAL DA 78 -14.75 7.68 -100.30
N LYS DA 79 -13.45 7.44 -100.14
CA LYS DA 79 -12.60 8.45 -99.50
C LYS DA 79 -12.53 9.73 -100.32
N VAL DA 80 -12.31 9.58 -101.64
CA VAL DA 80 -12.30 10.73 -102.54
C VAL DA 80 -13.64 11.47 -102.51
N LEU DA 81 -14.74 10.72 -102.35
CA LEU DA 81 -16.05 11.36 -102.22
C LEU DA 81 -16.18 12.17 -100.94
N ASN DA 82 -15.99 11.55 -99.78
CA ASN DA 82 -16.27 12.26 -98.54
C ASN DA 82 -15.13 13.16 -98.09
N THR DA 83 -14.12 13.39 -98.93
CA THR DA 83 -13.37 14.63 -98.79
C THR DA 83 -13.95 15.77 -99.61
N LYS DA 84 -15.26 15.73 -99.93
CA LYS DA 84 -16.02 16.76 -100.65
C LYS DA 84 -15.48 17.05 -102.04
N GLN DA 85 -15.51 16.07 -102.94
CA GLN DA 85 -15.03 16.25 -104.30
C GLN DA 85 -16.04 15.65 -105.27
N SER DA 86 -16.69 16.50 -106.05
CA SER DA 86 -17.79 16.12 -106.92
C SER DA 86 -17.27 15.71 -108.29
N GLY DA 87 -18.18 15.66 -109.26
CA GLY DA 87 -18.01 14.91 -110.49
C GLY DA 87 -16.91 15.38 -111.41
N GLU DA 88 -16.52 16.66 -111.35
CA GLU DA 88 -15.52 17.16 -112.27
C GLU DA 88 -14.12 16.62 -111.98
N VAL DA 89 -13.89 16.09 -110.80
CA VAL DA 89 -12.65 15.36 -110.51
C VAL DA 89 -12.88 13.86 -110.62
N ILE DA 90 -14.10 13.42 -110.35
CA ILE DA 90 -14.46 12.00 -110.41
C ILE DA 90 -14.35 11.46 -111.83
N LYS DA 91 -14.69 12.27 -112.84
CA LYS DA 91 -14.58 11.83 -114.24
C LYS DA 91 -13.15 11.59 -114.69
N ARG DA 92 -12.15 11.94 -113.88
CA ARG DA 92 -10.73 11.69 -114.11
C ARG DA 92 -10.20 10.61 -113.18
N LEU DA 93 -10.62 10.65 -111.92
CA LEU DA 93 -10.14 9.65 -110.97
C LEU DA 93 -10.73 8.27 -111.23
N LYS DA 94 -11.87 8.18 -111.92
CA LYS DA 94 -12.41 6.88 -112.29
C LYS DA 94 -11.49 6.15 -113.26
N ILE DA 95 -11.00 6.83 -114.29
CA ILE DA 95 -10.11 6.15 -115.23
C ILE DA 95 -8.72 5.97 -114.62
N ALA DA 96 -8.31 6.84 -113.70
CA ALA DA 96 -7.06 6.62 -112.96
C ALA DA 96 -7.12 5.34 -112.13
N LEU DA 97 -8.20 5.18 -111.36
CA LEU DA 97 -8.37 3.96 -110.56
C LEU DA 97 -8.58 2.73 -111.43
N ARG DA 98 -9.20 2.90 -112.60
CA ARG DA 98 -9.37 1.79 -113.53
C ARG DA 98 -8.02 1.28 -114.00
N HIS DA 99 -7.12 2.18 -114.38
CA HIS DA 99 -5.80 1.73 -114.80
C HIS DA 99 -5.00 1.17 -113.63
N LYS DA 100 -5.15 1.74 -112.43
CA LYS DA 100 -4.37 1.26 -111.30
C LYS DA 100 -4.79 -0.15 -110.89
N TYR DA 101 -6.08 -0.41 -110.78
CA TYR DA 101 -6.49 -1.75 -110.41
C TYR DA 101 -6.57 -2.71 -111.58
N TRP DA 102 -6.45 -2.23 -112.83
CA TRP DA 102 -6.13 -3.15 -113.90
C TRP DA 102 -4.69 -3.60 -113.79
N LEU DA 103 -3.81 -2.70 -113.38
CA LEU DA 103 -2.40 -3.01 -113.26
C LEU DA 103 -2.10 -4.01 -112.15
N ARG DA 104 -3.00 -4.17 -111.17
CA ARG DA 104 -2.82 -5.14 -110.10
C ARG DA 104 -3.48 -6.47 -110.40
N GLY DA 105 -3.85 -6.71 -111.66
CA GLY DA 105 -4.20 -8.04 -112.12
C GLY DA 105 -5.68 -8.31 -112.30
N LEU DA 106 -6.54 -7.30 -112.25
CA LEU DA 106 -7.94 -7.56 -112.51
C LEU DA 106 -8.21 -7.71 -114.01
N ASP DA 107 -9.47 -7.96 -114.35
CA ASP DA 107 -9.91 -8.11 -115.72
C ASP DA 107 -10.79 -6.93 -116.10
N GLU DA 108 -10.58 -6.41 -117.31
CA GLU DA 108 -11.29 -5.19 -117.71
C GLU DA 108 -12.76 -5.44 -118.03
N ALA DA 109 -13.13 -6.68 -118.34
CA ALA DA 109 -14.54 -7.00 -118.55
C ALA DA 109 -15.34 -6.91 -117.25
N MET DA 110 -14.67 -7.02 -116.10
CA MET DA 110 -15.28 -6.66 -114.83
C MET DA 110 -15.19 -5.16 -114.58
N LEU DA 111 -14.10 -4.52 -115.01
CA LEU DA 111 -13.84 -3.14 -114.62
C LEU DA 111 -14.72 -2.13 -115.31
N ASP DA 112 -15.08 -2.35 -116.58
CA ASP DA 112 -15.97 -1.40 -117.24
C ASP DA 112 -17.35 -1.39 -116.59
N GLU DA 113 -17.87 -2.57 -116.26
CA GLU DA 113 -19.16 -2.66 -115.58
C GLU DA 113 -19.07 -2.15 -114.15
N PHE DA 114 -17.93 -2.34 -113.48
CA PHE DA 114 -17.82 -1.88 -112.11
C PHE DA 114 -17.66 -0.37 -112.04
N MET DA 115 -16.93 0.23 -112.98
CA MET DA 115 -16.81 1.69 -113.02
C MET DA 115 -18.12 2.33 -113.46
N ASP DA 116 -18.91 1.64 -114.28
CA ASP DA 116 -20.26 2.13 -114.52
C ASP DA 116 -21.14 1.94 -113.30
N TYR DA 117 -20.79 0.99 -112.42
CA TYR DA 117 -21.63 0.75 -111.26
C TYR DA 117 -21.39 1.77 -110.15
N ILE DA 118 -20.15 2.20 -109.93
CA ILE DA 118 -19.85 3.03 -108.75
C ILE DA 118 -20.16 4.48 -109.13
N ASP DA 119 -21.44 4.79 -109.07
CA ASP DA 119 -21.93 6.15 -108.95
C ASP DA 119 -23.03 6.21 -107.91
N SER DA 120 -23.34 5.09 -107.27
CA SER DA 120 -24.31 5.01 -106.20
C SER DA 120 -23.67 5.09 -104.83
N LEU DA 121 -22.34 5.06 -104.76
CA LEU DA 121 -21.61 5.29 -103.53
C LEU DA 121 -21.50 6.80 -103.34
N LYS DA 122 -21.74 7.28 -102.11
CA LYS DA 122 -21.68 8.71 -101.80
C LYS DA 122 -20.95 8.91 -100.49
N SER DA 123 -21.01 10.14 -99.97
CA SER DA 123 -20.26 10.49 -98.77
C SER DA 123 -20.88 9.88 -97.53
N THR DA 124 -20.06 9.66 -96.51
CA THR DA 124 -20.44 8.93 -95.31
C THR DA 124 -20.37 9.74 -94.03
N THR DA 125 -19.25 10.41 -93.78
CA THR DA 125 -18.94 10.92 -92.45
C THR DA 125 -19.74 12.16 -92.12
N THR DA 126 -20.34 12.18 -90.94
CA THR DA 126 -21.04 13.33 -90.40
C THR DA 126 -20.44 13.66 -89.04
N ASN DA 127 -20.98 14.70 -88.41
CA ASN DA 127 -20.57 15.11 -87.08
C ASN DA 127 -21.62 14.68 -86.06
N TYR DA 128 -21.16 14.28 -84.87
CA TYR DA 128 -22.07 13.77 -83.87
C TYR DA 128 -21.88 14.44 -82.52
N ILE DA 129 -21.32 15.64 -82.48
CA ILE DA 129 -21.22 16.39 -81.24
C ILE DA 129 -21.72 17.80 -81.49
N ILE DA 130 -22.81 18.17 -80.84
CA ILE DA 130 -23.38 19.52 -80.94
C ILE DA 130 -22.91 20.34 -79.75
N PHE DA 131 -22.90 21.66 -79.91
CA PHE DA 131 -22.30 22.53 -78.91
C PHE DA 131 -23.19 22.71 -77.69
N ASN DA 132 -24.38 23.31 -77.87
CA ASN DA 132 -25.43 23.42 -76.86
C ASN DA 132 -24.97 24.14 -75.60
N MET DA 133 -24.77 25.47 -75.69
CA MET DA 133 -24.21 26.28 -74.61
C MET DA 133 -25.01 26.19 -73.31
N GLN DA 134 -26.32 25.93 -73.39
CA GLN DA 134 -27.12 25.72 -72.19
C GLN DA 134 -26.78 24.42 -71.50
N ARG EA 4 22.09 82.46 -2.68
CA ARG EA 4 23.25 82.04 -3.43
C ARG EA 4 24.17 83.21 -3.74
N ARG EA 5 25.44 82.91 -3.99
CA ARG EA 5 26.43 83.91 -4.35
C ARG EA 5 26.31 84.28 -5.81
N THR EA 6 27.33 84.97 -6.32
CA THR EA 6 27.56 85.04 -7.75
C THR EA 6 28.87 84.33 -8.11
N GLY EA 7 29.98 84.79 -7.54
CA GLY EA 7 31.31 84.37 -7.95
C GLY EA 7 31.60 82.89 -7.83
N ILE EA 8 31.62 82.22 -8.97
CA ILE EA 8 31.75 80.77 -9.02
C ILE EA 8 32.75 80.45 -10.13
N THR EA 9 33.49 79.36 -9.95
CA THR EA 9 34.59 79.05 -10.84
C THR EA 9 34.07 78.50 -12.16
N THR EA 10 34.95 78.37 -13.14
CA THR EA 10 34.60 77.80 -14.43
C THR EA 10 34.32 76.32 -14.33
N GLU EA 11 35.01 75.61 -13.44
CA GLU EA 11 34.84 74.17 -13.32
C GLU EA 11 33.51 73.78 -12.69
N ASP EA 12 32.96 74.61 -11.80
CA ASP EA 12 31.75 74.24 -11.08
C ASP EA 12 30.53 74.26 -11.99
N ALA EA 13 30.46 75.26 -12.88
CA ALA EA 13 29.34 75.36 -13.81
C ALA EA 13 29.37 74.24 -14.84
N ILE EA 14 30.56 73.92 -15.34
CA ILE EA 14 30.71 72.82 -16.29
C ILE EA 14 30.42 71.49 -15.61
N THR EA 15 30.78 71.36 -14.33
CA THR EA 15 30.48 70.15 -13.57
C THR EA 15 28.99 69.98 -13.36
N LYS EA 16 28.26 71.08 -13.14
CA LYS EA 16 26.80 71.01 -13.05
C LYS EA 16 26.17 70.59 -14.36
N TYR EA 17 26.58 71.24 -15.46
CA TYR EA 17 25.94 71.00 -16.75
C TYR EA 17 26.26 69.60 -17.29
N SER EA 18 27.41 69.05 -16.91
CA SER EA 18 27.77 67.73 -17.40
C SER EA 18 27.08 66.63 -16.60
N VAL EA 19 26.89 66.85 -15.30
CA VAL EA 19 26.33 65.78 -14.49
C VAL EA 19 24.81 65.81 -14.49
N LYS EA 20 24.20 66.93 -14.90
CA LYS EA 20 22.74 66.96 -14.91
C LYS EA 20 22.10 66.45 -16.18
N ALA EA 21 22.82 65.72 -17.04
CA ALA EA 21 22.31 65.42 -18.38
C ALA EA 21 21.11 64.51 -18.33
N LYS EA 22 21.16 63.47 -17.49
CA LYS EA 22 20.07 62.51 -17.40
C LYS EA 22 18.80 63.16 -16.86
N THR EA 23 18.93 63.97 -15.81
CA THR EA 23 17.76 64.60 -15.23
C THR EA 23 17.19 65.68 -16.13
N GLU EA 24 18.05 66.40 -16.87
CA GLU EA 24 17.51 67.46 -17.69
C GLU EA 24 16.83 66.89 -18.94
N GLN EA 25 17.28 65.75 -19.43
CA GLN EA 25 16.56 65.18 -20.57
C GLN EA 25 15.28 64.47 -20.12
N THR EA 26 15.26 63.86 -18.92
CA THR EA 26 14.00 63.28 -18.46
C THR EA 26 13.05 64.34 -17.92
N ALA EA 27 13.52 65.58 -17.77
CA ALA EA 27 12.59 66.68 -17.51
C ALA EA 27 12.07 67.29 -18.80
N TYR EA 28 12.87 67.29 -19.86
CA TYR EA 28 12.37 67.74 -21.16
C TYR EA 28 11.30 66.80 -21.70
N LYS EA 29 11.41 65.51 -21.36
CA LYS EA 29 10.40 64.55 -21.81
C LYS EA 29 9.02 64.83 -21.20
N ASN EA 30 8.98 65.47 -20.02
CA ASN EA 30 7.70 65.90 -19.47
C ASN EA 30 7.34 67.30 -19.92
N ALA EA 31 8.34 68.11 -20.24
CA ALA EA 31 8.08 69.44 -20.76
C ALA EA 31 7.45 69.39 -22.15
N THR EA 32 7.55 68.27 -22.87
CA THR EA 32 6.77 68.12 -24.10
C THR EA 32 5.26 68.13 -23.82
N LYS EA 33 4.82 67.33 -22.83
CA LYS EA 33 3.43 67.33 -22.39
C LYS EA 33 2.98 68.71 -21.95
N ASP EA 34 3.86 69.45 -21.29
CA ASP EA 34 3.49 70.81 -20.91
C ASP EA 34 3.45 71.75 -22.11
N MET EA 35 4.32 71.53 -23.10
CA MET EA 35 4.38 72.43 -24.25
C MET EA 35 3.19 72.33 -25.17
N VAL EA 36 2.49 71.18 -25.18
CA VAL EA 36 1.37 70.99 -26.12
C VAL EA 36 0.29 72.04 -25.95
N VAL EA 37 -0.14 72.30 -24.71
CA VAL EA 37 -1.23 73.23 -24.52
C VAL EA 37 -0.72 74.67 -24.49
N GLN EA 38 0.53 74.88 -24.08
CA GLN EA 38 1.08 76.22 -23.99
C GLN EA 38 1.61 76.74 -25.32
N ALA EA 39 1.69 75.90 -26.35
CA ALA EA 39 2.36 76.31 -27.56
C ALA EA 39 1.50 77.20 -28.45
N GLN EA 40 0.24 77.42 -28.10
CA GLN EA 40 -0.61 78.23 -28.95
C GLN EA 40 -0.45 79.72 -28.68
N ASN EA 41 0.45 80.08 -27.76
CA ASN EA 41 0.89 81.48 -27.70
C ASN EA 41 1.66 81.88 -28.95
N ILE EA 42 2.27 80.90 -29.64
CA ILE EA 42 2.85 81.15 -30.96
C ILE EA 42 1.78 81.59 -31.94
N MET EA 43 0.65 80.88 -31.95
CA MET EA 43 -0.46 81.20 -32.84
C MET EA 43 -1.05 82.56 -32.52
N ASN EA 44 -1.26 82.86 -31.23
CA ASN EA 44 -1.77 84.17 -30.83
C ASN EA 44 -0.81 85.30 -31.20
N PHE EA 45 0.49 85.06 -30.99
CA PHE EA 45 1.51 86.06 -31.28
C PHE EA 45 1.57 86.41 -32.77
N TYR EA 46 1.67 85.39 -33.62
CA TYR EA 46 1.80 85.70 -35.04
C TYR EA 46 0.48 86.16 -35.63
N SER EA 47 -0.66 85.78 -35.04
CA SER EA 47 -1.93 86.32 -35.48
C SER EA 47 -2.00 87.82 -35.20
N VAL EA 48 -1.72 88.23 -33.96
CA VAL EA 48 -1.86 89.64 -33.61
C VAL EA 48 -0.72 90.48 -34.18
N VAL EA 49 0.38 89.87 -34.62
CA VAL EA 49 1.41 90.68 -35.25
C VAL EA 49 1.17 90.81 -36.76
N ASN EA 50 0.87 89.71 -37.46
CA ASN EA 50 0.62 89.77 -38.89
C ASN EA 50 -0.63 90.56 -39.24
N GLN EA 51 -1.68 90.49 -38.39
CA GLN EA 51 -2.91 91.23 -38.67
C GLN EA 51 -2.70 92.74 -38.60
N ALA EA 52 -1.65 93.20 -37.93
CA ALA EA 52 -1.37 94.62 -37.89
C ALA EA 52 -0.20 95.03 -38.78
N LEU EA 53 0.66 94.10 -39.18
CA LEU EA 53 1.81 94.50 -39.99
C LEU EA 53 1.72 94.17 -41.46
N ILE EA 54 0.97 93.13 -41.85
CA ILE EA 54 0.85 92.79 -43.27
C ILE EA 54 0.21 93.91 -44.09
N PRO EA 55 -0.87 94.60 -43.67
CA PRO EA 55 -1.31 95.75 -44.46
C PRO EA 55 -0.34 96.92 -44.48
N TRP EA 56 0.36 97.22 -43.38
CA TRP EA 56 1.26 98.37 -43.37
C TRP EA 56 2.46 98.13 -44.28
N LEU EA 57 3.17 97.02 -44.05
CA LEU EA 57 4.32 96.68 -44.89
C LEU EA 57 3.90 96.45 -46.32
N ASN EA 58 2.72 95.88 -46.52
CA ASN EA 58 2.27 95.50 -47.84
C ASN EA 58 1.83 96.69 -48.66
N ALA EA 59 1.31 97.74 -48.02
CA ALA EA 59 0.80 98.90 -48.74
C ALA EA 59 1.66 100.14 -48.61
N HIS EA 60 2.71 100.10 -47.80
CA HIS EA 60 3.58 101.25 -47.71
C HIS EA 60 4.77 101.14 -48.64
N GLY EA 61 5.02 99.96 -49.18
CA GLY EA 61 5.93 99.80 -50.28
C GLY EA 61 7.25 99.11 -49.98
N VAL EA 62 7.39 98.53 -48.79
CA VAL EA 62 8.67 97.92 -48.44
C VAL EA 62 8.78 96.54 -49.08
N GLY EA 63 10.01 96.11 -49.29
CA GLY EA 63 10.30 94.99 -50.15
C GLY EA 63 10.03 93.64 -49.51
N GLY EA 64 10.80 92.65 -49.95
CA GLY EA 64 10.63 91.32 -49.43
C GLY EA 64 11.48 91.07 -48.21
N ASN EA 65 12.78 91.32 -48.32
CA ASN EA 65 13.72 90.84 -47.33
C ASN EA 65 13.98 91.85 -46.21
N LEU EA 66 13.47 93.09 -46.34
CA LEU EA 66 13.52 94.09 -45.27
C LEU EA 66 12.37 93.96 -44.30
N ARG EA 67 11.34 93.20 -44.69
CA ARG EA 67 10.22 92.96 -43.81
C ARG EA 67 10.65 92.32 -42.50
N ILE EA 68 11.70 91.50 -42.52
CA ILE EA 68 12.26 90.91 -41.32
C ILE EA 68 12.87 91.93 -40.39
N LEU EA 69 13.57 92.93 -40.92
CA LEU EA 69 14.16 93.96 -40.06
C LEU EA 69 13.05 94.77 -39.39
N TYR EA 70 11.98 95.02 -40.14
CA TYR EA 70 10.79 95.62 -39.51
C TYR EA 70 10.15 94.68 -38.49
N ARG EA 71 10.21 93.37 -38.72
CA ARG EA 71 9.73 92.42 -37.72
C ARG EA 71 10.61 92.43 -36.49
N GLN EA 72 11.91 92.66 -36.65
CA GLN EA 72 12.81 92.74 -35.50
C GLN EA 72 12.38 93.89 -34.59
N LEU EA 73 12.09 95.04 -35.20
CA LEU EA 73 11.59 96.19 -34.44
C LEU EA 73 10.26 95.90 -33.77
N ALA EA 74 9.28 95.37 -34.53
CA ALA EA 74 7.95 95.16 -33.97
C ALA EA 74 7.95 94.05 -32.92
N ASN EA 75 8.76 93.01 -33.12
CA ASN EA 75 8.79 91.90 -32.18
C ASN EA 75 9.46 92.30 -30.87
N GLU EA 76 10.49 93.14 -30.93
CA GLU EA 76 11.09 93.62 -29.69
C GLU EA 76 10.13 94.52 -28.94
N TYR EA 77 9.33 95.31 -29.68
CA TYR EA 77 8.32 96.13 -29.01
C TYR EA 77 7.22 95.28 -28.37
N VAL EA 78 6.84 94.17 -28.99
CA VAL EA 78 5.80 93.32 -28.41
C VAL EA 78 6.35 92.56 -27.20
N LYS EA 79 7.66 92.25 -27.20
CA LYS EA 79 8.25 91.65 -26.00
C LYS EA 79 8.22 92.61 -24.81
N VAL EA 80 8.60 93.87 -25.06
CA VAL EA 80 8.55 94.89 -24.02
C VAL EA 80 7.11 95.09 -23.53
N LEU EA 81 6.13 94.96 -24.42
CA LEU EA 81 4.74 95.03 -24.02
C LEU EA 81 4.33 93.88 -23.11
N ASN EA 82 4.48 92.65 -23.57
CA ASN EA 82 3.94 91.53 -22.80
C ASN EA 82 4.86 91.08 -21.67
N THR EA 83 5.91 91.83 -21.35
CA THR EA 83 6.43 91.78 -20.00
C THR EA 83 5.78 92.78 -19.06
N LYS EA 84 4.55 93.21 -19.36
CA LYS EA 84 3.72 94.12 -18.55
C LYS EA 84 4.37 95.49 -18.32
N GLN EA 85 4.60 96.26 -19.38
CA GLN EA 85 5.21 97.58 -19.27
C GLN EA 85 4.42 98.56 -20.13
N SER EA 86 3.75 99.49 -19.49
CA SER EA 86 2.83 100.42 -20.13
C SER EA 86 3.57 101.67 -20.58
N GLY EA 87 2.79 102.72 -20.89
CA GLY EA 87 3.23 103.83 -21.72
C GLY EA 87 4.35 104.69 -21.16
N GLU EA 88 4.52 104.73 -19.84
CA GLU EA 88 5.53 105.61 -19.27
C GLU EA 88 6.95 105.12 -19.53
N VAL EA 89 7.12 103.85 -19.89
CA VAL EA 89 8.41 103.36 -20.35
C VAL EA 89 8.45 103.32 -21.88
N ILE EA 90 7.29 103.12 -22.49
CA ILE EA 90 7.16 103.04 -23.94
C ILE EA 90 7.53 104.36 -24.60
N LYS EA 91 7.18 105.49 -23.98
CA LYS EA 91 7.53 106.80 -24.53
C LYS EA 91 9.03 107.09 -24.57
N ARG EA 92 9.85 106.23 -23.98
CA ARG EA 92 11.30 106.28 -24.00
C ARG EA 92 11.89 105.17 -24.87
N LEU EA 93 11.33 103.97 -24.77
CA LEU EA 93 11.84 102.88 -25.58
C LEU EA 93 11.50 103.02 -27.05
N LYS EA 94 10.49 103.82 -27.40
CA LYS EA 94 10.21 104.07 -28.81
C LYS EA 94 11.34 104.85 -29.48
N ILE EA 95 11.83 105.90 -28.82
CA ILE EA 95 12.92 106.65 -29.44
C ILE EA 95 14.24 105.90 -29.31
N ALA EA 96 14.39 105.05 -28.29
CA ALA EA 96 15.57 104.17 -28.23
C ALA EA 96 15.61 103.21 -29.41
N LEU EA 97 14.50 102.53 -29.68
CA LEU EA 97 14.42 101.61 -30.80
C LEU EA 97 14.51 102.34 -32.14
N ARG EA 98 14.02 103.59 -32.19
CA ARG EA 98 14.14 104.38 -33.41
C ARG EA 98 15.59 104.65 -33.73
N HIS EA 99 16.38 105.04 -32.73
CA HIS EA 99 17.80 105.27 -32.98
C HIS EA 99 18.54 103.97 -33.28
N LYS EA 100 18.16 102.87 -32.63
CA LYS EA 100 18.86 101.61 -32.85
C LYS EA 100 18.63 101.08 -34.26
N TYR EA 101 17.38 101.07 -34.72
CA TYR EA 101 17.15 100.58 -36.07
C TYR EA 101 17.37 101.64 -37.14
N TRP EA 102 17.55 102.90 -36.78
CA TRP EA 102 18.15 103.83 -37.74
C TRP EA 102 19.61 103.51 -37.92
N LEU EA 103 20.28 103.13 -36.84
CA LEU EA 103 21.71 102.84 -36.89
C LEU EA 103 22.02 101.59 -37.71
N ARG EA 104 21.05 100.70 -37.92
CA ARG EA 104 21.25 99.50 -38.73
C ARG EA 104 20.84 99.71 -40.18
N GLY EA 105 20.66 100.95 -40.61
CA GLY EA 105 20.59 101.28 -42.01
C GLY EA 105 19.21 101.58 -42.55
N LEU EA 106 18.20 101.74 -41.70
CA LEU EA 106 16.90 102.11 -42.23
C LEU EA 106 16.84 103.60 -42.57
N ASP EA 107 15.68 104.02 -43.07
CA ASP EA 107 15.44 105.41 -43.43
C ASP EA 107 14.44 106.02 -42.46
N GLU EA 108 14.69 107.25 -42.04
CA GLU EA 108 13.87 107.86 -41.01
C GLU EA 108 12.50 108.30 -41.52
N ALA EA 109 12.37 108.49 -42.84
CA ALA EA 109 11.06 108.80 -43.42
C ALA EA 109 10.10 107.60 -43.33
N MET EA 110 10.64 106.39 -43.21
CA MET EA 110 9.84 105.24 -42.82
C MET EA 110 9.66 105.16 -41.32
N LEU EA 111 10.67 105.57 -40.55
CA LEU EA 111 10.67 105.31 -39.11
C LEU EA 111 9.72 106.21 -38.35
N ASP EA 112 9.57 107.48 -38.75
CA ASP EA 112 8.62 108.33 -38.04
C ASP EA 112 7.18 107.82 -38.20
N GLU EA 113 6.83 107.39 -39.41
CA GLU EA 113 5.50 106.85 -39.64
C GLU EA 113 5.33 105.48 -38.99
N PHE EA 114 6.40 104.70 -38.90
CA PHE EA 114 6.27 103.38 -38.30
C PHE EA 114 6.18 103.48 -36.79
N MET EA 115 6.91 104.41 -36.17
CA MET EA 115 6.80 104.62 -34.73
C MET EA 115 5.48 105.25 -34.36
N ASP EA 116 4.90 106.06 -35.26
CA ASP EA 116 3.53 106.49 -35.04
C ASP EA 116 2.55 105.35 -35.25
N TYR EA 117 2.94 104.34 -36.03
CA TYR EA 117 2.01 103.24 -36.28
C TYR EA 117 1.96 102.25 -35.14
N ILE EA 118 3.07 101.96 -34.47
CA ILE EA 118 3.11 100.86 -33.49
C ILE EA 118 2.61 101.44 -32.18
N ASP EA 119 1.30 101.55 -32.08
CA ASP EA 119 0.60 101.64 -30.83
C ASP EA 119 -0.61 100.74 -30.83
N SER EA 120 -0.82 100.00 -31.93
CA SER EA 120 -1.89 99.03 -32.05
C SER EA 120 -1.43 97.62 -31.72
N LEU EA 121 -0.13 97.42 -31.52
CA LEU EA 121 0.40 96.16 -31.04
C LEU EA 121 0.25 96.14 -29.53
N LYS EA 122 -0.21 95.01 -28.97
CA LYS EA 122 -0.42 94.87 -27.53
C LYS EA 122 0.12 93.52 -27.07
N SER EA 123 -0.21 93.16 -25.83
CA SER EA 123 0.34 91.95 -25.23
C SER EA 123 -0.33 90.70 -25.81
N THR EA 124 0.40 89.59 -25.78
CA THR EA 124 0.00 88.36 -26.44
C THR EA 124 -0.21 87.19 -25.51
N THR EA 125 0.75 86.91 -24.63
CA THR EA 125 0.81 85.62 -23.95
C THR EA 125 -0.22 85.53 -22.83
N THR EA 126 -0.94 84.41 -22.80
CA THR EA 126 -1.87 84.10 -21.73
C THR EA 126 -1.51 82.74 -21.17
N ASN EA 127 -2.28 82.29 -20.18
CA ASN EA 127 -2.09 80.99 -19.56
C ASN EA 127 -3.16 80.03 -20.06
N TYR EA 128 -2.80 78.77 -20.25
CA TYR EA 128 -3.74 77.80 -20.80
C TYR EA 128 -3.81 76.53 -19.98
N ILE EA 129 -3.45 76.58 -18.70
CA ILE EA 129 -3.63 75.43 -17.82
C ILE EA 129 -4.32 75.91 -16.54
N ILE EA 130 -5.52 75.42 -16.30
CA ILE EA 130 -6.28 75.73 -15.10
C ILE EA 130 -6.08 74.60 -14.09
N PHE EA 131 -6.26 74.93 -12.81
CA PHE EA 131 -5.93 73.98 -11.76
C PHE EA 131 -6.98 72.89 -11.60
N ASN EA 132 -8.22 73.27 -11.24
CA ASN EA 132 -9.39 72.38 -11.21
C ASN EA 132 -9.19 71.17 -10.29
N MET EA 133 -9.21 71.42 -8.97
CA MET EA 133 -8.90 70.38 -7.98
C MET EA 133 -9.83 69.16 -8.06
N GLN EA 134 -11.07 69.35 -8.55
CA GLN EA 134 -11.97 68.22 -8.76
C GLN EA 134 -11.50 67.34 -9.91
N ARG FA 4 -0.83 0.61 -92.01
CA ARG FA 4 0.24 -0.25 -91.52
C ARG FA 4 0.89 -1.02 -92.66
N ARG FA 5 2.13 -1.45 -92.44
CA ARG FA 5 2.88 -2.23 -93.42
C ARG FA 5 2.44 -3.68 -93.37
N THR FA 6 3.24 -4.53 -94.01
CA THR FA 6 3.20 -5.96 -93.72
C THR FA 6 4.50 -6.42 -93.09
N GLY FA 7 5.63 -6.21 -93.79
CA GLY FA 7 6.91 -6.78 -93.42
C GLY FA 7 7.44 -6.37 -92.07
N ILE FA 8 7.37 -7.30 -91.13
CA ILE FA 8 7.71 -7.04 -89.74
C ILE FA 8 8.52 -8.23 -89.24
N THR FA 9 9.44 -7.96 -88.32
CA THR FA 9 10.41 -8.95 -87.90
C THR FA 9 9.75 -9.96 -86.97
N THR FA 10 10.46 -11.05 -86.68
CA THR FA 10 9.97 -12.06 -85.76
C THR FA 10 9.95 -11.55 -84.33
N GLU FA 11 10.88 -10.69 -83.97
CA GLU FA 11 10.95 -10.20 -82.60
C GLU FA 11 9.84 -9.24 -82.25
N ASP FA 12 9.34 -8.46 -83.22
CA ASP FA 12 8.34 -7.44 -82.92
C ASP FA 12 6.99 -8.06 -82.58
N ALA FA 13 6.61 -9.12 -83.29
CA ALA FA 13 5.35 -9.79 -83.02
C ALA FA 13 5.36 -10.51 -81.69
N ILE FA 14 6.48 -11.16 -81.37
CA ILE FA 14 6.64 -11.83 -80.08
C ILE FA 14 6.67 -10.80 -78.95
N THR FA 15 7.27 -9.64 -79.20
CA THR FA 15 7.30 -8.57 -78.22
C THR FA 15 5.91 -8.01 -77.95
N LYS FA 16 5.07 -7.91 -78.99
CA LYS FA 16 3.68 -7.50 -78.79
C LYS FA 16 2.90 -8.52 -77.97
N TYR FA 17 3.00 -9.80 -78.36
CA TYR FA 17 2.19 -10.84 -77.72
C TYR FA 17 2.61 -11.07 -76.28
N SER FA 18 3.89 -10.82 -75.97
CA SER FA 18 4.36 -11.06 -74.61
C SER FA 18 3.99 -9.90 -73.69
N VAL FA 19 4.02 -8.67 -74.22
CA VAL FA 19 3.78 -7.52 -73.35
C VAL FA 19 2.29 -7.22 -73.23
N LYS FA 20 1.45 -7.74 -74.13
CA LYS FA 20 0.03 -7.44 -74.00
C LYS FA 20 -0.74 -8.40 -73.10
N ALA FA 21 -0.08 -9.20 -72.26
CA ALA FA 21 -0.76 -10.29 -71.57
C ALA FA 21 -1.79 -9.78 -70.57
N LYS FA 22 -1.42 -8.74 -69.81
CA LYS FA 22 -2.32 -8.20 -68.80
C LYS FA 22 -3.56 -7.58 -69.43
N THR FA 23 -3.37 -6.79 -70.49
CA THR FA 23 -4.51 -6.15 -71.13
C THR FA 23 -5.38 -7.14 -71.87
N GLU FA 24 -4.79 -8.19 -72.45
CA GLU FA 24 -5.62 -9.12 -73.20
C GLU FA 24 -6.42 -10.01 -72.25
N GLN FA 25 -5.88 -10.30 -71.06
CA GLN FA 25 -6.70 -11.09 -70.16
C GLN FA 25 -7.76 -10.23 -69.46
N THR FA 26 -7.48 -8.96 -69.19
CA THR FA 26 -8.53 -8.12 -68.62
C THR FA 26 -9.51 -7.64 -69.68
N ALA FA 27 -9.22 -7.90 -70.96
CA ALA FA 27 -10.25 -7.72 -71.98
C ALA FA 27 -11.08 -8.98 -72.18
N TYR FA 28 -10.48 -10.16 -71.98
CA TYR FA 28 -11.27 -11.39 -72.02
C TYR FA 28 -12.26 -11.44 -70.87
N LYS FA 29 -11.91 -10.84 -69.73
CA LYS FA 29 -12.81 -10.84 -68.59
C LYS FA 29 -14.09 -10.03 -68.87
N ASN FA 30 -14.02 -9.05 -69.79
CA ASN FA 30 -15.23 -8.36 -70.21
C ASN FA 30 -15.88 -9.05 -71.40
N ALA FA 31 -15.08 -9.77 -72.18
CA ALA FA 31 -15.65 -10.50 -73.30
C ALA FA 31 -16.49 -11.68 -72.83
N THR FA 32 -16.34 -12.12 -71.57
CA THR FA 32 -17.30 -13.08 -71.02
C THR FA 32 -18.72 -12.51 -70.96
N LYS FA 33 -18.84 -11.29 -70.40
CA LYS FA 33 -20.12 -10.58 -70.37
C LYS FA 33 -20.69 -10.40 -71.76
N ASP FA 34 -19.84 -10.13 -72.74
CA ASP FA 34 -20.34 -10.00 -74.10
C ASP FA 34 -20.73 -11.35 -74.68
N MET FA 35 -20.03 -12.44 -74.31
CA MET FA 35 -20.31 -13.76 -74.87
C MET FA 35 -21.62 -14.35 -74.41
N VAL FA 36 -22.12 -13.94 -73.24
CA VAL FA 36 -23.35 -14.55 -72.68
C VAL FA 36 -24.53 -14.40 -73.63
N VAL FA 37 -24.76 -13.21 -74.16
CA VAL FA 37 -25.94 -13.01 -74.99
C VAL FA 37 -25.66 -13.43 -76.43
N GLN FA 38 -24.41 -13.35 -76.87
CA GLN FA 38 -24.06 -13.71 -78.24
C GLN FA 38 -23.85 -15.19 -78.44
N ALA FA 39 -23.84 -15.99 -77.37
CA ALA FA 39 -23.46 -17.39 -77.51
C ALA FA 39 -24.58 -18.26 -78.04
N GLN FA 40 -25.78 -17.72 -78.21
CA GLN FA 40 -26.89 -18.54 -78.68
C GLN FA 40 -26.91 -18.66 -80.20
N ASN FA 41 -25.94 -18.07 -80.88
CA ASN FA 41 -25.71 -18.43 -82.28
C ASN FA 41 -25.25 -19.87 -82.41
N ILE FA 42 -24.63 -20.43 -81.37
CA ILE FA 42 -24.33 -21.86 -81.31
C ILE FA 42 -25.61 -22.68 -81.37
N MET FA 43 -26.61 -22.27 -80.57
CA MET FA 43 -27.89 -22.95 -80.52
C MET FA 43 -28.62 -22.85 -81.86
N ASN FA 44 -28.63 -21.65 -82.46
CA ASN FA 44 -29.27 -21.48 -83.76
C ASN FA 44 -28.58 -22.29 -84.85
N PHE FA 45 -27.24 -22.32 -84.81
CA PHE FA 45 -26.45 -23.04 -85.81
C PHE FA 45 -26.71 -24.54 -85.75
N TYR FA 46 -26.60 -25.14 -84.56
CA TYR FA 46 -26.78 -26.58 -84.50
C TYR FA 46 -28.24 -26.98 -84.65
N SER FA 47 -29.17 -26.09 -84.31
CA SER FA 47 -30.57 -26.36 -84.60
C SER FA 47 -30.83 -26.44 -86.09
N VAL FA 48 -30.40 -25.42 -86.84
CA VAL FA 48 -30.69 -25.40 -88.26
C VAL FA 48 -29.82 -26.37 -89.05
N VAL FA 49 -28.73 -26.88 -88.46
CA VAL FA 49 -27.96 -27.90 -89.18
C VAL FA 49 -28.48 -29.30 -88.88
N ASN FA 50 -28.74 -29.63 -87.60
CA ASN FA 50 -29.23 -30.96 -87.27
C ASN FA 50 -30.63 -31.20 -87.81
N GLN FA 51 -31.49 -30.18 -87.85
CA GLN FA 51 -32.84 -30.34 -88.36
C GLN FA 51 -32.87 -30.68 -89.85
N ALA FA 52 -31.79 -30.37 -90.57
CA ALA FA 52 -31.74 -30.74 -91.98
C ALA FA 52 -30.82 -31.93 -92.26
N LEU FA 53 -29.91 -32.27 -91.35
CA LEU FA 53 -29.00 -33.37 -91.65
C LEU FA 53 -29.30 -34.67 -90.93
N ILE FA 54 -29.93 -34.63 -89.75
CA ILE FA 54 -30.25 -35.87 -89.04
C ILE FA 54 -31.19 -36.78 -89.83
N PRO FA 55 -32.27 -36.31 -90.49
CA PRO FA 55 -33.01 -37.25 -91.34
C PRO FA 55 -32.26 -37.75 -92.56
N TRP FA 56 -31.43 -36.92 -93.21
CA TRP FA 56 -30.73 -37.38 -94.40
C TRP FA 56 -29.68 -38.43 -94.07
N LEU FA 57 -28.78 -38.11 -93.13
CA LEU FA 57 -27.76 -39.05 -92.70
C LEU FA 57 -28.38 -40.28 -92.06
N ASN FA 58 -29.48 -40.08 -91.35
CA ASN FA 58 -30.09 -41.15 -90.58
C ASN FA 58 -30.85 -42.11 -91.46
N ALA FA 59 -31.41 -41.65 -92.59
CA ALA FA 59 -32.21 -42.49 -93.45
C ALA FA 59 -31.54 -42.85 -94.76
N HIS FA 60 -30.37 -42.30 -95.05
CA HIS FA 60 -29.69 -42.67 -96.28
C HIS FA 60 -28.67 -43.78 -96.05
N GLY FA 61 -28.35 -44.05 -94.79
CA GLY FA 61 -27.62 -45.26 -94.45
C GLY FA 61 -26.19 -45.08 -94.00
N VAL FA 62 -25.75 -43.85 -93.77
CA VAL FA 62 -24.36 -43.64 -93.41
C VAL FA 62 -24.15 -43.94 -91.94
N GLY FA 63 -22.92 -44.29 -91.59
CA GLY FA 63 -22.62 -44.90 -90.32
C GLY FA 63 -22.56 -43.93 -89.17
N GLY FA 64 -21.74 -44.27 -88.19
CA GLY FA 64 -21.61 -43.43 -87.02
C GLY FA 64 -20.52 -42.38 -87.19
N ASN FA 65 -19.32 -42.82 -87.54
CA ASN FA 65 -18.16 -41.96 -87.44
C ASN FA 65 -17.87 -41.20 -88.73
N LEU FA 66 -18.56 -41.51 -89.83
CA LEU FA 66 -18.47 -40.75 -91.07
C LEU FA 66 -19.41 -39.55 -91.10
N ARG FA 67 -20.36 -39.52 -90.16
CA ARG FA 67 -21.26 -38.39 -90.04
C ARG FA 67 -20.51 -37.09 -89.82
N ILE FA 68 -19.37 -37.14 -89.13
CA ILE FA 68 -18.51 -35.97 -88.93
C ILE FA 68 -17.92 -35.46 -90.22
N LEU FA 69 -17.49 -36.35 -91.12
CA LEU FA 69 -16.93 -35.91 -92.38
C LEU FA 69 -18.00 -35.23 -93.23
N TYR FA 70 -19.23 -35.77 -93.16
CA TYR FA 70 -20.35 -35.07 -93.78
C TYR FA 70 -20.66 -33.74 -93.08
N ARG FA 71 -20.43 -33.67 -91.76
CA ARG FA 71 -20.58 -32.39 -91.07
C ARG FA 71 -19.50 -31.41 -91.48
N GLN FA 72 -18.31 -31.89 -91.81
CA GLN FA 72 -17.24 -31.00 -92.29
C GLN FA 72 -17.67 -30.33 -93.57
N LEU FA 73 -18.25 -31.12 -94.48
CA LEU FA 73 -18.77 -30.57 -95.74
C LEU FA 73 -19.91 -29.57 -95.50
N ALA FA 74 -20.90 -29.96 -94.69
CA ALA FA 74 -22.06 -29.10 -94.49
C ALA FA 74 -21.72 -27.85 -93.71
N ASN FA 75 -20.80 -27.96 -92.74
CA ASN FA 75 -20.43 -26.81 -91.92
C ASN FA 75 -19.61 -25.81 -92.72
N GLU FA 76 -18.74 -26.28 -93.62
CA GLU FA 76 -18.02 -25.34 -94.46
C GLU FA 76 -18.96 -24.64 -95.43
N TYR FA 77 -19.99 -25.36 -95.91
CA TYR FA 77 -20.98 -24.72 -96.77
C TYR FA 77 -21.80 -23.67 -96.02
N VAL FA 78 -22.12 -23.92 -94.74
CA VAL FA 78 -22.88 -22.95 -93.97
C VAL FA 78 -22.02 -21.74 -93.61
N LYS FA 79 -20.71 -21.93 -93.45
CA LYS FA 79 -19.82 -20.78 -93.25
C LYS FA 79 -19.78 -19.88 -94.48
N VAL FA 80 -19.65 -20.49 -95.66
CA VAL FA 80 -19.69 -19.73 -96.91
C VAL FA 80 -21.02 -19.01 -97.08
N LEU FA 81 -22.12 -19.63 -96.61
CA LEU FA 81 -23.41 -18.96 -96.66
C LEU FA 81 -23.48 -17.75 -95.75
N ASN FA 82 -23.22 -17.92 -94.45
CA ASN FA 82 -23.43 -16.80 -93.54
C ASN FA 82 -22.26 -15.83 -93.49
N THR FA 83 -21.31 -15.93 -94.40
CA THR FA 83 -20.55 -14.74 -94.76
C THR FA 83 -21.18 -13.94 -95.91
N LYS FA 84 -22.49 -14.07 -96.11
CA LYS FA 84 -23.29 -13.36 -97.11
C LYS FA 84 -22.83 -13.59 -98.55
N GLN FA 85 -22.90 -14.83 -99.03
CA GLN FA 85 -22.49 -15.16 -100.39
C GLN FA 85 -23.57 -16.04 -101.02
N SER FA 86 -24.26 -15.51 -102.03
CA SER FA 86 -25.41 -16.15 -102.64
C SER FA 86 -24.96 -17.03 -103.80
N GLY FA 87 -25.93 -17.41 -104.64
CA GLY FA 87 -25.82 -18.55 -105.53
C GLY FA 87 -24.77 -18.45 -106.62
N GLU FA 88 -24.38 -17.25 -107.03
CA GLU FA 88 -23.43 -17.13 -108.13
C GLU FA 88 -22.02 -17.55 -107.74
N VAL FA 89 -21.72 -17.65 -106.45
CA VAL FA 89 -20.47 -18.23 -106.00
C VAL FA 89 -20.71 -19.68 -105.55
N ILE FA 90 -21.91 -19.97 -105.07
CA ILE FA 90 -22.27 -21.30 -104.61
C ILE FA 90 -22.24 -22.32 -105.73
N LYS FA 91 -22.63 -21.92 -106.95
CA LYS FA 91 -22.61 -22.82 -108.11
C LYS FA 91 -21.20 -23.25 -108.52
N ARG FA 92 -20.16 -22.65 -107.93
CA ARG FA 92 -18.76 -23.00 -108.14
C ARG FA 92 -18.17 -23.67 -106.90
N LEU FA 93 -18.52 -23.18 -105.72
CA LEU FA 93 -17.99 -23.79 -104.51
C LEU FA 93 -18.61 -25.16 -104.22
N LYS FA 94 -19.78 -25.46 -104.79
CA LYS FA 94 -20.34 -26.80 -104.63
C LYS FA 94 -19.48 -27.85 -105.33
N ILE FA 95 -19.03 -27.58 -106.56
CA ILE FA 95 -18.20 -28.58 -107.23
C ILE FA 95 -16.78 -28.56 -106.68
N ALA FA 96 -16.32 -27.42 -106.14
CA ALA FA 96 -15.03 -27.39 -105.44
C ALA FA 96 -15.05 -28.30 -104.21
N LEU FA 97 -16.09 -28.16 -103.37
CA LEU FA 97 -16.21 -28.99 -102.19
C LEU FA 97 -16.47 -30.45 -102.55
N ARG FA 98 -17.15 -30.69 -103.67
CA ARG FA 98 -17.37 -32.06 -104.12
C ARG FA 98 -16.06 -32.74 -104.46
N HIS FA 99 -15.17 -32.04 -105.18
CA HIS FA 99 -13.87 -32.64 -105.48
C HIS FA 99 -13.00 -32.77 -104.23
N LYS FA 100 -13.10 -31.81 -103.30
CA LYS FA 100 -12.25 -31.87 -102.11
C LYS FA 100 -12.65 -33.03 -101.21
N TYR FA 101 -13.94 -33.20 -100.95
CA TYR FA 101 -14.34 -34.32 -100.10
C TYR FA 101 -14.47 -35.63 -100.86
N TRP FA 102 -14.43 -35.63 -102.19
CA TRP FA 102 -14.16 -36.88 -102.88
C TRP FA 102 -12.71 -37.29 -102.69
N LEU FA 103 -11.82 -36.31 -102.66
CA LEU FA 103 -10.40 -36.59 -102.52
C LEU FA 103 -10.04 -37.14 -101.15
N ARG FA 104 -10.89 -36.92 -100.14
CA ARG FA 104 -10.65 -37.45 -98.80
C ARG FA 104 -11.33 -38.78 -98.57
N GLY FA 105 -11.77 -39.45 -99.63
CA GLY FA 105 -12.14 -40.85 -99.58
C GLY FA 105 -13.63 -41.13 -99.57
N LEU FA 106 -14.48 -40.16 -99.85
CA LEU FA 106 -15.90 -40.47 -99.92
C LEU FA 106 -16.25 -41.14 -101.25
N ASP FA 107 -17.53 -41.46 -101.41
CA ASP FA 107 -18.04 -42.08 -102.62
C ASP FA 107 -18.94 -41.10 -103.35
N GLU FA 108 -18.80 -41.05 -104.68
CA GLU FA 108 -19.51 -40.03 -105.45
C GLU FA 108 -21.01 -40.35 -105.58
N ALA FA 109 -21.40 -41.61 -105.40
CA ALA FA 109 -22.82 -41.96 -105.41
C ALA FA 109 -23.55 -41.38 -104.19
N MET FA 110 -22.81 -41.10 -103.12
CA MET FA 110 -23.35 -40.29 -102.04
C MET FA 110 -23.25 -38.80 -102.33
N LEU FA 111 -22.19 -38.38 -103.03
CA LEU FA 111 -21.90 -36.96 -103.17
C LEU FA 111 -22.82 -36.24 -104.13
N ASP FA 112 -23.24 -36.89 -105.22
CA ASP FA 112 -24.17 -36.22 -106.13
C ASP FA 112 -25.50 -35.96 -105.45
N GLU FA 113 -26.01 -36.93 -104.69
CA GLU FA 113 -27.25 -36.74 -103.96
C GLU FA 113 -27.10 -35.77 -102.81
N PHE FA 114 -25.92 -35.72 -102.19
CA PHE FA 114 -25.73 -34.82 -101.07
C PHE FA 114 -25.57 -33.38 -101.55
N MET FA 115 -24.90 -33.17 -102.68
CA MET FA 115 -24.78 -31.83 -103.24
C MET FA 115 -26.10 -31.35 -103.81
N ASP FA 116 -26.93 -32.27 -104.30
CA ASP FA 116 -28.30 -31.88 -104.62
C ASP FA 116 -29.11 -31.60 -103.37
N TYR FA 117 -28.72 -32.17 -102.23
CA TYR FA 117 -29.49 -31.97 -101.01
C TYR FA 117 -29.18 -30.63 -100.36
N ILE FA 118 -27.95 -30.17 -100.38
CA ILE FA 118 -27.57 -28.99 -99.59
C ILE FA 118 -27.91 -27.76 -100.44
N ASP FA 119 -29.18 -27.43 -100.42
CA ASP FA 119 -29.66 -26.11 -100.77
C ASP FA 119 -30.70 -25.66 -99.77
N SER FA 120 -30.98 -26.46 -98.76
CA SER FA 120 -31.89 -26.14 -97.69
C SER FA 120 -31.17 -25.58 -96.46
N LEU FA 121 -29.84 -25.61 -96.46
CA LEU FA 121 -29.04 -24.98 -95.43
C LEU FA 121 -28.92 -23.50 -95.80
N LYS FA 122 -29.09 -22.62 -94.81
CA LYS FA 122 -29.02 -21.17 -95.04
C LYS FA 122 -28.20 -20.53 -93.92
N SER FA 123 -28.25 -19.20 -93.87
CA SER FA 123 -27.42 -18.46 -92.91
C SER FA 123 -27.98 -18.58 -91.50
N THR FA 124 -27.10 -18.43 -90.52
CA THR FA 124 -27.42 -18.68 -89.12
C THR FA 124 -27.28 -17.47 -88.21
N THR FA 125 -26.14 -16.77 -88.28
CA THR FA 125 -25.77 -15.84 -87.23
C THR FA 125 -26.55 -14.53 -87.33
N THR FA 126 -27.08 -14.10 -86.19
CA THR FA 126 -27.74 -12.81 -86.08
C THR FA 126 -27.08 -12.04 -84.95
N ASN FA 127 -27.58 -10.83 -84.70
CA ASN FA 127 -27.09 -9.97 -83.64
C ASN FA 127 -28.08 -10.00 -82.49
N TYR FA 128 -27.57 -9.95 -81.25
CA TYR FA 128 -28.42 -10.06 -80.08
C TYR FA 128 -28.16 -8.95 -79.08
N ILE FA 129 -27.59 -7.82 -79.50
CA ILE FA 129 -27.42 -6.68 -78.61
C ILE FA 129 -27.94 -5.44 -79.33
N ILE FA 130 -28.99 -4.84 -78.79
CA ILE FA 130 -29.56 -3.62 -79.34
C ILE FA 130 -29.02 -2.43 -78.54
N PHE FA 131 -29.02 -1.25 -79.16
CA PHE FA 131 -28.36 -0.10 -78.57
C PHE FA 131 -29.19 0.53 -77.45
N ASN FA 132 -30.39 1.04 -77.78
CA ASN FA 132 -31.38 1.53 -76.82
C ASN FA 132 -30.84 2.64 -75.93
N MET FA 133 -30.66 3.84 -76.50
CA MET FA 133 -30.02 4.96 -75.80
C MET FA 133 -30.76 5.37 -74.51
N GLN FA 134 -32.07 5.12 -74.43
CA GLN FA 134 -32.82 5.38 -73.21
C GLN FA 134 -32.43 4.39 -72.11
N ARG GA 4 22.59 72.96 24.02
CA ARG GA 4 23.81 72.84 23.24
C ARG GA 4 24.70 74.04 23.42
N ARG GA 5 25.99 73.86 23.16
CA ARG GA 5 26.97 74.94 23.24
C ARG GA 5 26.92 75.80 22.00
N THR GA 6 27.95 76.62 21.82
CA THR GA 6 28.25 77.20 20.53
C THR GA 6 29.60 76.68 20.02
N GLY GA 7 30.67 76.90 20.78
CA GLY GA 7 32.02 76.67 20.33
C GLY GA 7 32.35 75.24 19.95
N ILE GA 8 32.46 75.02 18.64
CA ILE GA 8 32.62 73.68 18.09
C ILE GA 8 33.68 73.78 17.00
N THR GA 9 34.43 72.70 16.82
CA THR GA 9 35.60 72.74 15.95
C THR GA 9 35.16 72.68 14.50
N THR GA 10 36.10 72.91 13.58
CA THR GA 10 35.84 72.84 12.16
C THR GA 10 35.58 71.41 11.71
N GLU GA 11 36.24 70.44 12.34
CA GLU GA 11 36.10 69.06 11.93
C GLU GA 11 34.76 68.45 12.31
N ASP GA 12 34.15 68.91 13.40
CA ASP GA 12 32.90 68.30 13.86
C ASP GA 12 31.74 68.64 12.94
N ALA GA 13 31.69 69.88 12.46
CA ALA GA 13 30.61 70.29 11.56
C ALA GA 13 30.73 69.61 10.20
N ILE GA 14 31.95 69.50 9.69
CA ILE GA 14 32.20 68.80 8.43
C ILE GA 14 31.90 67.32 8.58
N THR GA 15 32.19 66.75 9.75
CA THR GA 15 31.89 65.35 10.02
C THR GA 15 30.39 65.10 10.06
N LYS GA 16 29.62 66.05 10.62
CA LYS GA 16 28.16 65.93 10.59
C LYS GA 16 27.62 66.01 9.17
N TYR GA 17 28.06 67.01 8.40
CA TYR GA 17 27.50 67.24 7.08
C TYR GA 17 27.88 66.13 6.11
N SER GA 18 29.02 65.48 6.33
CA SER GA 18 29.46 64.42 5.44
C SER GA 18 28.74 63.11 5.75
N VAL GA 19 28.48 62.84 7.03
CA VAL GA 19 27.91 61.55 7.38
C VAL GA 19 26.39 61.58 7.29
N LYS GA 20 25.77 62.77 7.27
CA LYS GA 20 24.31 62.79 7.19
C LYS GA 20 23.76 62.75 5.78
N ALA GA 21 24.54 62.39 4.76
CA ALA GA 21 24.12 62.58 3.38
C ALA GA 21 22.93 61.69 3.02
N LYS GA 22 22.98 60.42 3.45
CA LYS GA 22 21.91 59.49 3.13
C LYS GA 22 20.60 59.89 3.78
N THR GA 23 20.64 60.28 5.06
CA THR GA 23 19.42 60.65 5.75
C THR GA 23 18.88 61.98 5.26
N GLU GA 24 19.76 62.92 4.88
CA GLU GA 24 19.23 64.20 4.45
C GLU GA 24 18.63 64.11 3.05
N GLN GA 25 19.14 63.21 2.20
CA GLN GA 25 18.50 63.07 0.91
C GLN GA 25 17.21 62.25 0.99
N THR GA 26 17.15 61.27 1.89
CA THR GA 26 15.88 60.55 2.04
C THR GA 26 14.88 61.33 2.88
N ALA GA 27 15.30 62.44 3.48
CA ALA GA 27 14.34 63.37 4.04
C ALA GA 27 13.87 64.40 3.03
N TYR GA 28 14.73 64.78 2.08
CA TYR GA 28 14.28 65.65 1.00
C TYR GA 28 13.27 64.96 0.10
N LYS GA 29 13.38 63.64 -0.03
CA LYS GA 29 12.43 62.89 -0.85
C LYS GA 29 11.02 62.94 -0.25
N ASN GA 30 10.90 63.10 1.06
CA ASN GA 30 9.57 63.30 1.65
C ASN GA 30 9.20 64.78 1.71
N ALA GA 31 10.20 65.64 1.74
CA ALA GA 31 9.92 67.07 1.71
C ALA GA 31 9.37 67.52 0.37
N THR GA 32 9.54 66.73 -0.69
CA THR GA 32 8.84 67.00 -1.94
C THR GA 32 7.31 66.92 -1.77
N LYS GA 33 6.84 65.82 -1.16
CA LYS GA 33 5.43 65.64 -0.83
C LYS GA 33 4.92 66.78 0.04
N ASP GA 34 5.74 67.24 0.97
CA ASP GA 34 5.32 68.37 1.78
C ASP GA 34 5.32 69.68 1.00
N MET GA 35 6.24 69.84 0.04
CA MET GA 35 6.34 71.08 -0.71
C MET GA 35 5.20 71.30 -1.68
N VAL GA 36 4.54 70.23 -2.13
CA VAL GA 36 3.48 70.38 -3.15
C VAL GA 36 2.36 71.29 -2.68
N VAL GA 37 1.86 71.10 -1.46
CA VAL GA 37 0.73 71.89 -1.01
C VAL GA 37 1.19 73.23 -0.44
N GLN GA 38 2.42 73.29 0.08
CA GLN GA 38 2.93 74.52 0.67
C GLN GA 38 3.52 75.47 -0.35
N ALA GA 39 3.67 75.05 -1.60
CA ALA GA 39 4.40 75.87 -2.56
C ALA GA 39 3.56 77.01 -3.12
N GLN GA 40 2.28 77.08 -2.79
CA GLN GA 40 1.45 78.14 -3.35
C GLN GA 40 1.56 79.44 -2.56
N ASN GA 41 2.40 79.47 -1.53
CA ASN GA 41 2.80 80.74 -0.95
C ASN GA 41 3.62 81.56 -1.93
N ILE GA 42 4.30 80.90 -2.88
CA ILE GA 42 4.94 81.59 -4.00
C ILE GA 42 3.91 82.35 -4.82
N MET GA 43 2.81 81.68 -5.14
CA MET GA 43 1.74 82.29 -5.93
C MET GA 43 1.08 83.45 -5.18
N ASN GA 44 0.80 83.28 -3.89
CA ASN GA 44 0.24 84.36 -3.09
C ASN GA 44 1.18 85.54 -2.98
N PHE GA 45 2.47 85.26 -2.79
CA PHE GA 45 3.47 86.31 -2.64
C PHE GA 45 3.60 87.14 -3.91
N TYR GA 46 3.79 86.50 -5.05
CA TYR GA 46 3.98 87.30 -6.26
C TYR GA 46 2.68 87.92 -6.73
N SER GA 47 1.53 87.34 -6.38
CA SER GA 47 0.26 88.00 -6.67
C SER GA 47 0.14 89.30 -5.90
N VAL GA 48 0.34 89.26 -4.58
CA VAL GA 48 0.14 90.45 -3.77
C VAL GA 48 1.28 91.44 -3.92
N VAL GA 49 2.43 91.04 -4.48
CA VAL GA 49 3.47 92.02 -4.73
C VAL GA 49 3.31 92.67 -6.11
N ASN GA 50 3.07 91.88 -7.17
CA ASN GA 50 2.90 92.45 -8.50
C ASN GA 50 1.65 93.31 -8.61
N GLN GA 51 0.57 92.94 -7.92
CA GLN GA 51 -0.67 93.72 -7.98
C GLN GA 51 -0.51 95.11 -7.38
N ALA GA 52 0.50 95.30 -6.52
CA ALA GA 52 0.72 96.63 -5.97
C ALA GA 52 1.93 97.34 -6.58
N LEU GA 53 2.84 96.60 -7.24
CA LEU GA 53 4.02 97.28 -7.78
C LEU GA 53 4.01 97.49 -9.27
N ILE GA 54 3.32 96.65 -10.05
CA ILE GA 54 3.28 96.83 -11.51
C ILE GA 54 2.66 98.16 -11.93
N PRO GA 55 1.54 98.65 -11.33
CA PRO GA 55 1.11 100.01 -11.71
C PRO GA 55 2.04 101.11 -11.26
N TRP GA 56 2.68 101.01 -10.08
CA TRP GA 56 3.55 102.09 -9.62
C TRP GA 56 4.80 102.19 -10.47
N LEU GA 57 5.53 101.08 -10.60
CA LEU GA 57 6.73 101.06 -11.43
C LEU GA 57 6.40 101.36 -12.89
N ASN GA 58 5.24 100.89 -13.34
CA ASN GA 58 4.87 100.99 -14.73
C ASN GA 58 4.44 102.39 -15.11
N ALA GA 59 3.86 103.14 -14.18
CA ALA GA 59 3.36 104.47 -14.47
C ALA GA 59 4.18 105.59 -13.86
N HIS GA 60 5.19 105.28 -13.05
CA HIS GA 60 6.01 106.34 -12.50
C HIS GA 60 7.26 106.57 -13.34
N GLY GA 61 7.56 105.65 -14.25
CA GLY GA 61 8.54 105.89 -15.29
C GLY GA 61 9.86 105.15 -15.17
N VAL GA 62 9.95 104.19 -14.25
CA VAL GA 62 11.22 103.50 -14.06
C VAL GA 62 11.41 102.45 -15.14
N GLY GA 63 12.66 102.12 -15.41
CA GLY GA 63 13.03 101.37 -16.60
C GLY GA 63 12.76 99.89 -16.49
N GLY GA 64 13.57 99.13 -17.20
CA GLY GA 64 13.41 97.70 -17.20
C GLY GA 64 14.20 97.03 -16.10
N ASN GA 65 15.50 97.31 -16.04
CA ASN GA 65 16.40 96.52 -15.22
C ASN GA 65 16.56 97.08 -13.80
N LEU GA 66 16.04 98.27 -13.52
CA LEU GA 66 16.01 98.84 -12.16
C LEU GA 66 14.81 98.37 -11.37
N ARG GA 67 13.82 97.78 -12.06
CA ARG GA 67 12.66 97.24 -11.39
C ARG GA 67 13.04 96.18 -10.36
N ILE GA 68 14.10 95.43 -10.61
CA ILE GA 68 14.63 94.45 -9.66
C ILE GA 68 15.15 95.08 -8.40
N LEU GA 69 15.86 96.22 -8.50
CA LEU GA 69 16.36 96.88 -7.32
C LEU GA 69 15.20 97.39 -6.46
N TYR GA 70 14.16 97.88 -7.13
CA TYR GA 70 12.93 98.21 -6.41
C TYR GA 70 12.26 96.97 -5.82
N ARG GA 71 12.36 95.82 -6.50
CA ARG GA 71 11.85 94.58 -5.92
C ARG GA 71 12.67 94.15 -4.72
N GLN GA 72 13.97 94.44 -4.71
CA GLN GA 72 14.80 94.12 -3.55
C GLN GA 72 14.29 94.86 -2.32
N LEU GA 73 14.00 96.15 -2.51
CA LEU GA 73 13.43 96.96 -1.43
C LEU GA 73 12.07 96.44 -0.98
N ALA GA 74 11.16 96.21 -1.93
CA ALA GA 74 9.80 95.80 -1.56
C ALA GA 74 9.77 94.40 -0.97
N ASN GA 75 10.62 93.50 -1.48
CA ASN GA 75 10.64 92.13 -0.99
C ASN GA 75 11.22 92.04 0.41
N GLU GA 76 12.24 92.86 0.71
CA GLU GA 76 12.75 92.87 2.08
C GLU GA 76 11.72 93.44 3.05
N TYR GA 77 10.95 94.43 2.59
CA TYR GA 77 9.88 94.96 3.42
C TYR GA 77 8.78 93.93 3.67
N VAL GA 78 8.45 93.12 2.67
CA VAL GA 78 7.42 92.11 2.85
C VAL GA 78 7.92 90.96 3.75
N LYS GA 79 9.23 90.69 3.72
CA LYS GA 79 9.78 89.70 4.66
C LYS GA 79 9.66 90.18 6.10
N VAL GA 80 10.02 91.46 6.35
CA VAL GA 80 9.88 92.04 7.67
C VAL GA 80 8.42 92.05 8.12
N LEU GA 81 7.48 92.23 7.17
CA LEU GA 81 6.07 92.15 7.50
C LEU GA 81 5.64 90.75 7.91
N ASN GA 82 5.85 89.76 7.05
CA ASN GA 82 5.30 88.44 7.36
C ASN GA 82 6.18 87.62 8.30
N THR GA 83 7.18 88.22 8.92
CA THR GA 83 7.64 87.69 10.20
C THR GA 83 6.90 88.30 11.39
N LYS GA 84 5.68 88.80 11.19
CA LYS GA 84 4.79 89.36 12.21
C LYS GA 84 5.39 90.55 12.96
N GLN GA 85 5.65 91.65 12.24
CA GLN GA 85 6.22 92.84 12.86
C GLN GA 85 5.45 94.06 12.36
N SER GA 86 4.72 94.71 13.25
CA SER GA 86 3.80 95.80 12.91
C SER GA 86 4.54 97.13 12.98
N GLY GA 87 3.76 98.22 13.01
CA GLY GA 87 4.21 99.55 12.65
C GLY GA 87 5.26 100.16 13.55
N GLU GA 88 5.35 99.74 14.80
CA GLU GA 88 6.33 100.37 15.71
C GLU GA 88 7.77 100.01 15.38
N VAL GA 89 7.99 98.96 14.60
CA VAL GA 89 9.32 98.67 14.08
C VAL GA 89 9.43 99.16 12.63
N ILE GA 90 8.31 99.19 11.91
CA ILE GA 90 8.27 99.62 10.53
C ILE GA 90 8.63 101.10 10.40
N LYS GA 91 8.23 101.94 11.37
CA LYS GA 91 8.56 103.36 11.34
C LYS GA 91 10.06 103.65 11.49
N ARG GA 92 10.87 102.63 11.79
CA ARG GA 92 12.31 102.71 11.87
C ARG GA 92 12.98 101.98 10.70
N LEU GA 93 12.44 100.82 10.33
CA LEU GA 93 13.03 100.09 9.22
C LEU GA 93 12.76 100.73 7.88
N LYS GA 94 11.75 101.60 7.77
CA LYS GA 94 11.54 102.34 6.53
C LYS GA 94 12.68 103.31 6.26
N ILE GA 95 13.11 104.06 7.27
CA ILE GA 95 14.22 104.98 7.02
C ILE GA 95 15.55 104.25 6.94
N ALA GA 96 15.67 103.09 7.61
CA ALA GA 96 16.86 102.26 7.43
C ALA GA 96 16.99 101.76 6.00
N LEU GA 97 15.91 101.22 5.43
CA LEU GA 97 15.92 100.76 4.05
C LEU GA 97 16.06 101.92 3.07
N ARG GA 98 15.55 103.10 3.43
CA ARG GA 98 15.70 104.28 2.58
C ARG GA 98 17.17 104.65 2.46
N HIS GA 99 17.89 104.66 3.58
CA HIS GA 99 19.32 104.98 3.52
C HIS GA 99 20.10 103.87 2.82
N LYS GA 100 19.71 102.61 3.03
CA LYS GA 100 20.47 101.51 2.41
C LYS GA 100 20.31 101.51 0.90
N TYR GA 101 19.10 101.66 0.39
CA TYR GA 101 18.96 101.68 -1.06
C TYR GA 101 19.19 103.05 -1.68
N TRP GA 102 19.33 104.11 -0.88
CA TRP GA 102 19.94 105.31 -1.42
C TRP GA 102 21.44 105.09 -1.61
N LEU GA 103 22.06 104.35 -0.70
CA LEU GA 103 23.48 104.10 -0.77
C LEU GA 103 23.87 103.23 -1.95
N ARG GA 104 22.95 102.47 -2.52
CA ARG GA 104 23.23 101.64 -3.68
C ARG GA 104 22.88 102.34 -4.99
N GLY GA 105 22.70 103.66 -4.96
CA GLY GA 105 22.69 104.46 -6.16
C GLY GA 105 21.33 104.92 -6.64
N LEU GA 106 20.28 104.77 -5.85
CA LEU GA 106 18.99 105.28 -6.29
C LEU GA 106 18.91 106.80 -6.09
N ASP GA 107 17.77 107.36 -6.47
CA ASP GA 107 17.51 108.78 -6.34
C ASP GA 107 16.44 109.00 -5.28
N GLU GA 108 16.65 110.02 -4.43
CA GLU GA 108 15.75 110.21 -3.31
C GLU GA 108 14.40 110.79 -3.71
N ALA GA 109 14.33 111.43 -4.88
CA ALA GA 109 13.04 111.92 -5.39
C ALA GA 109 12.12 110.77 -5.79
N MET GA 110 12.68 109.59 -6.07
CA MET GA 110 11.90 108.38 -6.16
C MET GA 110 11.63 107.77 -4.80
N LEU GA 111 12.59 107.88 -3.87
CA LEU GA 111 12.52 107.13 -2.62
C LEU GA 111 11.51 107.70 -1.65
N ASP GA 112 11.34 109.02 -1.59
CA ASP GA 112 10.34 109.57 -0.68
C ASP GA 112 8.92 109.14 -1.09
N GLU GA 113 8.64 109.16 -2.39
CA GLU GA 113 7.34 108.73 -2.89
C GLU GA 113 7.18 107.22 -2.76
N PHE GA 114 8.26 106.46 -2.91
CA PHE GA 114 8.14 105.01 -2.81
C PHE GA 114 7.96 104.57 -1.36
N MET GA 115 8.63 105.23 -0.43
CA MET GA 115 8.44 104.91 0.99
C MET GA 115 7.08 105.37 1.48
N ASP GA 116 6.54 106.43 0.90
CA ASP GA 116 5.14 106.76 1.18
C ASP GA 116 4.21 105.75 0.52
N TYR GA 117 4.66 105.08 -0.55
CA TYR GA 117 3.79 104.14 -1.23
C TYR GA 117 3.70 102.81 -0.52
N ILE GA 118 4.79 102.31 0.07
CA ILE GA 118 4.79 100.93 0.61
C ILE GA 118 4.22 101.01 2.01
N ASP GA 119 2.90 101.06 2.06
CA ASP GA 119 2.12 100.71 3.23
C ASP GA 119 0.93 99.86 2.82
N SER GA 120 0.82 99.55 1.53
CA SER GA 120 -0.22 98.69 1.01
C SER GA 120 0.25 97.25 0.85
N LEU GA 121 1.54 97.00 1.04
CA LEU GA 121 2.09 95.65 1.08
C LEU GA 121 1.85 95.10 2.48
N LYS GA 122 1.39 93.84 2.56
CA LYS GA 122 1.11 93.20 3.85
C LYS GA 122 1.66 91.78 3.83
N SER GA 123 1.29 91.01 4.84
CA SER GA 123 1.82 89.66 5.01
C SER GA 123 1.23 88.70 3.99
N THR GA 124 1.98 87.65 3.67
CA THR GA 124 1.65 86.73 2.60
C THR GA 124 1.42 85.29 3.04
N THR GA 125 2.35 84.74 3.83
CA THR GA 125 2.40 83.28 4.01
C THR GA 125 1.32 82.80 4.96
N THR GA 126 0.63 81.74 4.55
CA THR GA 126 -0.36 81.07 5.38
C THR GA 126 0.02 79.60 5.45
N ASN GA 127 -0.79 78.82 6.17
CA ASN GA 127 -0.59 77.39 6.29
C ASN GA 127 -1.62 76.67 5.43
N TYR GA 128 -1.22 75.55 4.84
CA TYR GA 128 -2.09 74.84 3.91
C TYR GA 128 -2.18 73.35 4.23
N ILE GA 129 -1.89 72.95 5.47
CA ILE GA 129 -2.08 71.57 5.88
C ILE GA 129 -2.84 71.56 7.19
N ILE GA 130 -4.05 71.00 7.17
CA ILE GA 130 -4.87 70.87 8.36
C ILE GA 130 -4.70 69.46 8.92
N PHE GA 131 -4.97 69.31 10.21
CA PHE GA 131 -4.66 68.05 10.89
C PHE GA 131 -5.69 66.97 10.59
N ASN GA 132 -6.95 67.18 10.98
CA ASN GA 132 -8.10 66.34 10.63
C ASN GA 132 -7.93 64.89 11.08
N MET GA 133 -8.01 64.64 12.39
CA MET GA 133 -7.74 63.32 12.98
C MET GA 133 -8.63 62.21 12.41
N GLN GA 134 -9.83 62.55 11.95
CA GLN GA 134 -10.70 61.56 11.30
C GLN GA 134 -10.14 61.15 9.94
N ARG HA 4 -7.62 -25.66 -83.95
CA ARG HA 4 -6.52 -26.31 -83.24
C ARG HA 4 -5.92 -27.45 -84.06
N ARG HA 5 -4.68 -27.78 -83.76
CA ARG HA 5 -3.98 -28.87 -84.42
C ARG HA 5 -4.41 -30.21 -83.85
N THR HA 6 -3.65 -31.26 -84.17
CA THR HA 6 -3.68 -32.48 -83.39
C THR HA 6 -2.34 -32.70 -82.70
N GLY HA 7 -1.25 -32.78 -83.48
CA GLY HA 7 0.05 -33.20 -82.99
C GLY HA 7 0.65 -32.35 -81.89
N ILE HA 8 0.62 -32.88 -80.67
CA ILE HA 8 1.02 -32.15 -79.49
C ILE HA 8 1.87 -33.09 -78.64
N THR HA 9 2.82 -32.53 -77.92
CA THR HA 9 3.81 -33.33 -77.21
C THR HA 9 3.20 -33.92 -75.95
N THR HA 10 3.91 -34.85 -75.33
CA THR HA 10 3.48 -35.47 -74.09
C THR HA 10 3.52 -34.48 -72.94
N GLU HA 11 4.47 -33.56 -72.95
CA GLU HA 11 4.62 -32.62 -71.85
C GLU HA 11 3.52 -31.57 -71.82
N ASP HA 12 2.97 -31.19 -72.98
CA ASP HA 12 1.99 -30.10 -73.01
C ASP HA 12 0.66 -30.54 -72.41
N ALA HA 13 0.25 -31.78 -72.69
CA ALA HA 13 -1.01 -32.29 -72.14
C ALA HA 13 -0.92 -32.48 -70.63
N ILE HA 14 0.20 -33.00 -70.16
CA ILE HA 14 0.43 -33.16 -68.73
C ILE HA 14 0.51 -31.81 -68.04
N THR HA 15 1.10 -30.82 -68.71
CA THR HA 15 1.18 -29.47 -68.18
C THR HA 15 -0.20 -28.83 -68.06
N LYS HA 16 -1.09 -29.09 -69.03
CA LYS HA 16 -2.47 -28.61 -68.93
C LYS HA 16 -3.20 -29.27 -67.77
N TYR HA 17 -3.13 -30.59 -67.67
CA TYR HA 17 -3.91 -31.32 -66.67
C TYR HA 17 -3.41 -31.04 -65.26
N SER HA 18 -2.12 -30.72 -65.12
CA SER HA 18 -1.58 -30.46 -63.79
C SER HA 18 -1.90 -29.05 -63.33
N VAL HA 19 -1.91 -28.08 -64.26
CA VAL HA 19 -2.11 -26.70 -63.85
C VAL HA 19 -3.59 -26.35 -63.77
N LYS HA 20 -4.46 -27.14 -64.38
CA LYS HA 20 -5.88 -26.80 -64.30
C LYS HA 20 -6.61 -27.36 -63.09
N ALA HA 21 -5.90 -27.82 -62.05
CA ALA HA 21 -6.55 -28.58 -60.99
C ALA HA 21 -7.53 -27.72 -60.19
N LYS HA 22 -7.13 -26.50 -59.87
CA LYS HA 22 -7.98 -25.60 -59.08
C LYS HA 22 -9.24 -25.23 -59.83
N THR HA 23 -9.10 -24.88 -61.11
CA THR HA 23 -10.27 -24.48 -61.88
C THR HA 23 -11.17 -25.66 -62.18
N GLU HA 24 -10.62 -26.86 -62.38
CA GLU HA 24 -11.49 -27.97 -62.71
C GLU HA 24 -12.23 -28.46 -61.48
N GLN HA 25 -11.64 -28.32 -60.29
CA GLN HA 25 -12.42 -28.71 -59.12
C GLN HA 25 -13.44 -27.65 -58.73
N THR HA 26 -13.14 -26.37 -58.95
CA THR HA 26 -14.16 -25.36 -58.67
C THR HA 26 -15.21 -25.28 -59.77
N ALA HA 27 -14.98 -25.97 -60.90
CA ALA HA 27 -16.05 -26.15 -61.86
C ALA HA 27 -16.89 -27.38 -61.56
N TYR HA 28 -16.29 -28.42 -60.99
CA TYR HA 28 -17.07 -29.58 -60.55
C TYR HA 28 -18.01 -29.20 -59.40
N LYS HA 29 -17.59 -28.25 -58.58
CA LYS HA 29 -18.44 -27.81 -57.47
C LYS HA 29 -19.73 -27.14 -57.97
N ASN HA 30 -19.70 -26.55 -59.17
CA ASN HA 30 -20.94 -26.03 -59.75
C ASN HA 30 -21.65 -27.09 -60.59
N ALA HA 31 -20.89 -28.05 -61.11
CA ALA HA 31 -21.50 -29.13 -61.85
C ALA HA 31 -22.33 -30.05 -60.96
N THR HA 32 -22.12 -30.01 -59.64
CA THR HA 32 -23.05 -30.71 -58.74
C THR HA 32 -24.46 -30.12 -58.82
N LYS HA 33 -24.56 -28.78 -58.73
CA LYS HA 33 -25.83 -28.07 -58.89
C LYS HA 33 -26.47 -28.40 -60.22
N ASP HA 34 -25.66 -28.51 -61.27
CA ASP HA 34 -26.23 -28.87 -62.57
C ASP HA 34 -26.65 -30.33 -62.61
N MET HA 35 -25.93 -31.22 -61.91
CA MET HA 35 -26.24 -32.64 -61.95
C MET HA 35 -27.52 -33.01 -61.25
N VAL HA 36 -27.97 -32.21 -60.28
CA VAL HA 36 -29.16 -32.55 -59.50
C VAL HA 36 -30.39 -32.74 -60.37
N VAL HA 37 -30.66 -31.80 -61.28
CA VAL HA 37 -31.87 -31.90 -62.07
C VAL HA 37 -31.66 -32.80 -63.28
N GLN HA 38 -30.42 -32.91 -63.77
CA GLN HA 38 -30.15 -33.74 -64.94
C GLN HA 38 -29.95 -35.20 -64.61
N ALA HA 39 -29.88 -35.57 -63.33
CA ALA HA 39 -29.51 -36.93 -62.98
C ALA HA 39 -30.66 -37.91 -63.11
N GLN HA 40 -31.87 -37.44 -63.42
CA GLN HA 40 -33.00 -38.36 -63.51
C GLN HA 40 -33.10 -39.01 -64.87
N ASN HA 41 -32.15 -38.72 -65.77
CA ASN HA 41 -31.99 -39.56 -66.95
C ASN HA 41 -31.54 -40.96 -66.59
N ILE HA 42 -30.86 -41.12 -65.44
CA ILE HA 42 -30.56 -42.44 -64.90
C ILE HA 42 -31.85 -43.20 -64.60
N MET HA 43 -32.79 -42.52 -63.96
CA MET HA 43 -34.07 -43.13 -63.61
C MET HA 43 -34.88 -43.49 -64.86
N ASN HA 44 -34.92 -42.58 -65.84
CA ASN HA 44 -35.62 -42.88 -67.10
C ASN HA 44 -34.97 -44.03 -67.85
N PHE HA 45 -33.64 -44.07 -67.86
CA PHE HA 45 -32.91 -45.11 -68.57
C PHE HA 45 -33.16 -46.48 -67.97
N TYR HA 46 -33.00 -46.62 -66.65
CA TYR HA 46 -33.17 -47.95 -66.07
C TYR HA 46 -34.63 -48.35 -66.01
N SER HA 47 -35.55 -47.38 -65.97
CA SER HA 47 -36.96 -47.71 -66.07
C SER HA 47 -37.29 -48.31 -67.42
N VAL HA 48 -36.89 -47.63 -68.51
CA VAL HA 48 -37.27 -48.12 -69.84
C VAL HA 48 -36.43 -49.32 -70.26
N VAL HA 49 -35.30 -49.60 -69.58
CA VAL HA 49 -34.58 -50.82 -69.92
C VAL HA 49 -35.07 -52.01 -69.11
N ASN HA 50 -35.27 -51.87 -67.80
CA ASN HA 50 -35.75 -52.97 -66.98
C ASN HA 50 -37.17 -53.38 -67.34
N GLN HA 51 -38.03 -52.41 -67.71
CA GLN HA 51 -39.41 -52.73 -68.07
C GLN HA 51 -39.51 -53.58 -69.33
N ALA HA 52 -38.47 -53.56 -70.17
CA ALA HA 52 -38.49 -54.41 -71.36
C ALA HA 52 -37.59 -55.63 -71.23
N LEU HA 53 -36.63 -55.64 -70.31
CA LEU HA 53 -35.72 -56.79 -70.23
C LEU HA 53 -36.00 -57.74 -69.08
N ILE HA 54 -36.57 -57.29 -67.97
CA ILE HA 54 -36.85 -58.18 -66.84
C ILE HA 54 -37.83 -59.30 -67.20
N PRO HA 55 -38.94 -59.07 -67.95
CA PRO HA 55 -39.73 -60.24 -68.37
C PRO HA 55 -39.03 -61.15 -69.36
N TRP HA 56 -38.24 -60.63 -70.30
CA TRP HA 56 -37.59 -61.49 -71.29
C TRP HA 56 -36.54 -62.37 -70.65
N LEU HA 57 -35.59 -61.75 -69.94
CA LEU HA 57 -34.55 -62.50 -69.24
C LEU HA 57 -35.14 -63.41 -68.18
N ASN HA 58 -36.19 -62.95 -67.53
CA ASN HA 58 -36.77 -63.66 -66.41
C ASN HA 58 -37.57 -64.87 -66.85
N ALA HA 59 -38.19 -64.82 -68.04
CA ALA HA 59 -39.03 -65.91 -68.51
C ALA HA 59 -38.42 -66.72 -69.64
N HIS HA 60 -37.26 -66.32 -70.15
CA HIS HA 60 -36.65 -67.12 -71.20
C HIS HA 60 -35.62 -68.09 -70.64
N GLY HA 61 -35.23 -67.91 -69.38
CA GLY HA 61 -34.49 -68.92 -68.66
C GLY HA 61 -33.04 -68.62 -68.37
N VAL HA 62 -32.60 -67.40 -68.62
CA VAL HA 62 -31.18 -67.10 -68.43
C VAL HA 62 -30.90 -66.86 -66.95
N GLY HA 63 -29.65 -67.08 -66.56
CA GLY HA 63 -29.29 -67.21 -65.16
C GLY HA 63 -29.18 -65.88 -64.45
N GLY HA 64 -28.32 -65.88 -63.45
CA GLY HA 64 -28.13 -64.67 -62.66
C GLY HA 64 -27.05 -63.78 -63.24
N ASN HA 65 -25.87 -64.33 -63.46
CA ASN HA 65 -24.70 -63.52 -63.73
C ASN HA 65 -24.48 -63.27 -65.22
N LEU HA 66 -25.22 -63.93 -66.11
CA LEU HA 66 -25.20 -63.67 -67.55
C LEU HA 66 -26.13 -62.54 -67.94
N ARG HA 67 -27.04 -62.16 -67.03
CA ARG HA 67 -27.93 -61.04 -67.28
C ARG HA 67 -27.17 -59.76 -67.58
N ILE HA 68 -25.99 -59.58 -66.98
CA ILE HA 68 -25.13 -58.45 -67.24
C ILE HA 68 -24.60 -58.43 -68.65
N LEU HA 69 -24.21 -59.59 -69.19
CA LEU HA 69 -23.71 -59.64 -70.56
C LEU HA 69 -24.83 -59.28 -71.53
N TYR HA 70 -26.04 -59.74 -71.22
CA TYR HA 70 -27.19 -59.29 -71.99
C TYR HA 70 -27.46 -57.80 -71.81
N ARG HA 71 -27.19 -57.26 -70.61
CA ARG HA 71 -27.30 -55.81 -70.42
C ARG HA 71 -26.24 -55.06 -71.20
N GLN HA 72 -25.05 -55.65 -71.39
CA GLN HA 72 -24.02 -55.01 -72.20
C GLN HA 72 -24.52 -54.83 -73.62
N LEU HA 73 -25.13 -55.88 -74.17
CA LEU HA 73 -25.71 -55.80 -75.50
C LEU HA 73 -26.84 -54.77 -75.58
N ALA HA 74 -27.79 -54.84 -74.65
CA ALA HA 74 -28.94 -53.94 -74.71
C ALA HA 74 -28.56 -52.49 -74.45
N ASN HA 75 -27.60 -52.27 -73.55
CA ASN HA 75 -27.19 -50.92 -73.21
C ASN HA 75 -26.41 -50.27 -74.34
N GLU HA 76 -25.59 -51.05 -75.05
CA GLU HA 76 -24.90 -50.48 -76.21
C GLU HA 76 -25.89 -50.16 -77.33
N TYR HA 77 -26.94 -50.98 -77.47
CA TYR HA 77 -27.98 -50.66 -78.45
C TYR HA 77 -28.75 -49.40 -78.08
N VAL HA 78 -29.01 -49.18 -76.79
CA VAL HA 78 -29.74 -47.98 -76.38
C VAL HA 78 -28.86 -46.74 -76.52
N LYS HA 79 -27.53 -46.89 -76.36
CA LYS HA 79 -26.64 -45.76 -76.62
C LYS HA 79 -26.67 -45.36 -78.09
N VAL HA 80 -26.59 -46.35 -78.99
CA VAL HA 80 -26.69 -46.09 -80.43
C VAL HA 80 -28.03 -45.45 -80.78
N LEU HA 81 -29.09 -45.84 -80.08
CA LEU HA 81 -30.40 -45.21 -80.29
C LEU HA 81 -30.41 -43.74 -79.86
N ASN HA 82 -30.10 -43.45 -78.61
CA ASN HA 82 -30.26 -42.08 -78.14
C ASN HA 82 -29.09 -41.17 -78.50
N THR HA 83 -28.18 -41.61 -79.37
CA THR HA 83 -27.44 -40.64 -80.16
C THR HA 83 -28.12 -40.30 -81.48
N LYS HA 84 -29.45 -40.46 -81.57
CA LYS HA 84 -30.30 -40.13 -82.72
C LYS HA 84 -29.90 -40.87 -83.99
N GLN HA 85 -30.01 -42.20 -84.00
CA GLN HA 85 -29.66 -43.00 -85.17
C GLN HA 85 -30.76 -44.03 -85.40
N SER HA 86 -31.50 -43.88 -86.49
CA SER HA 86 -32.68 -44.67 -86.78
C SER HA 86 -32.28 -45.92 -87.58
N GLY HA 87 -33.29 -46.55 -88.18
CA GLY HA 87 -33.23 -47.94 -88.61
C GLY HA 87 -32.24 -48.27 -89.71
N GLU HA 88 -31.87 -47.29 -90.53
CA GLU HA 88 -30.97 -47.57 -91.64
C GLU HA 88 -29.53 -47.86 -91.20
N VAL HA 89 -29.19 -47.49 -89.97
CA VAL HA 89 -27.91 -47.91 -89.39
C VAL HA 89 -28.12 -49.09 -88.46
N ILE HA 90 -29.31 -49.18 -87.86
CA ILE HA 90 -29.64 -50.25 -86.93
C ILE HA 90 -29.66 -51.59 -87.62
N LYS HA 91 -30.11 -51.65 -88.88
CA LYS HA 91 -30.14 -52.91 -89.63
C LYS HA 91 -28.76 -53.47 -89.93
N ARG HA 92 -27.69 -52.72 -89.65
CA ARG HA 92 -26.30 -53.14 -89.78
C ARG HA 92 -25.65 -53.35 -88.41
N LEU HA 93 -25.95 -52.46 -87.47
CA LEU HA 93 -25.36 -52.61 -86.14
C LEU HA 93 -25.95 -53.78 -85.36
N LYS HA 94 -27.15 -54.24 -85.73
CA LYS HA 94 -27.71 -55.43 -85.08
C LYS HA 94 -26.89 -56.67 -85.39
N ILE HA 95 -26.51 -56.87 -86.66
CA ILE HA 95 -25.70 -58.05 -86.97
C ILE HA 95 -24.25 -57.86 -86.52
N ALA HA 96 -23.77 -56.61 -86.45
CA ALA HA 96 -22.45 -56.37 -85.86
C ALA HA 96 -22.41 -56.76 -84.39
N LEU HA 97 -23.40 -56.32 -83.61
CA LEU HA 97 -23.47 -56.68 -82.20
C LEU HA 97 -23.75 -58.16 -82.01
N ARG HA 98 -24.48 -58.78 -82.94
CA ARG HA 98 -24.73 -60.21 -82.87
C ARG HA 98 -23.43 -60.99 -82.99
N HIS HA 99 -22.58 -60.60 -83.95
CA HIS HA 99 -21.30 -61.29 -84.08
C HIS HA 99 -20.37 -60.98 -82.91
N LYS HA 100 -20.41 -59.75 -82.39
CA LYS HA 100 -19.52 -59.41 -81.29
C LYS HA 100 -19.87 -60.16 -80.02
N TYR HA 101 -21.15 -60.20 -79.65
CA TYR HA 101 -21.50 -60.94 -78.45
C TYR HA 101 -21.67 -62.43 -78.68
N TRP HA 102 -21.69 -62.91 -79.92
CA TRP HA 102 -21.46 -64.33 -80.13
C TRP HA 102 -20.01 -64.66 -79.87
N LEU HA 103 -19.11 -63.76 -80.24
CA LEU HA 103 -17.68 -63.99 -80.08
C LEU HA 103 -17.27 -64.03 -78.61
N ARG HA 104 -18.05 -63.45 -77.71
CA ARG HA 104 -17.74 -63.46 -76.28
C ARG HA 104 -18.43 -64.62 -75.56
N GLY HA 105 -18.91 -65.61 -76.30
CA GLY HA 105 -19.29 -66.88 -75.73
C GLY HA 105 -20.77 -67.13 -75.56
N LEU HA 106 -21.64 -66.31 -76.12
CA LEU HA 106 -23.05 -66.60 -76.01
C LEU HA 106 -23.47 -67.69 -77.00
N ASP HA 107 -24.75 -68.02 -76.98
CA ASP HA 107 -25.32 -69.03 -77.86
C ASP HA 107 -26.25 -68.35 -78.85
N GLU HA 108 -26.18 -68.78 -80.11
CA GLU HA 108 -26.93 -68.10 -81.16
C GLU HA 108 -28.42 -68.40 -81.11
N ALA HA 109 -28.82 -69.52 -80.48
CA ALA HA 109 -30.23 -69.81 -80.30
C ALA HA 109 -30.90 -68.84 -79.33
N MET HA 110 -30.11 -68.20 -78.46
CA MET HA 110 -30.59 -67.06 -77.71
C MET HA 110 -30.51 -65.77 -78.53
N LEU HA 111 -29.48 -65.64 -79.38
CA LEU HA 111 -29.20 -64.37 -80.02
C LEU HA 111 -30.17 -64.03 -81.13
N ASP HA 112 -30.64 -65.02 -81.89
CA ASP HA 112 -31.61 -64.70 -82.94
C ASP HA 112 -32.92 -64.18 -82.34
N GLU HA 113 -33.38 -64.81 -81.26
CA GLU HA 113 -34.59 -64.36 -80.60
C GLU HA 113 -34.37 -63.04 -79.88
N PHE HA 114 -33.17 -62.80 -79.37
CA PHE HA 114 -32.93 -61.55 -78.66
C PHE HA 114 -32.79 -60.38 -79.62
N MET HA 115 -32.17 -60.60 -80.77
CA MET HA 115 -32.08 -59.55 -81.79
C MET HA 115 -33.43 -59.29 -82.43
N ASP HA 116 -34.28 -60.30 -82.52
CA ASP HA 116 -35.66 -60.03 -82.90
C ASP HA 116 -36.42 -59.31 -81.79
N TYR HA 117 -35.96 -59.45 -80.54
CA TYR HA 117 -36.67 -58.82 -79.45
C TYR HA 117 -36.34 -57.34 -79.32
N ILE HA 118 -35.09 -56.93 -79.56
CA ILE HA 118 -34.69 -55.54 -79.26
C ILE HA 118 -35.07 -54.70 -80.48
N ASP HA 119 -36.34 -54.36 -80.53
CA ASP HA 119 -36.83 -53.24 -81.30
C ASP HA 119 -37.83 -52.45 -80.48
N SER HA 120 -38.05 -52.84 -79.24
CA SER HA 120 -38.91 -52.13 -78.31
C SER HA 120 -38.13 -51.20 -77.40
N LEU HA 121 -36.81 -51.24 -77.44
CA LEU HA 121 -35.95 -50.29 -76.74
C LEU HA 121 -35.85 -49.05 -77.62
N LYS HA 122 -35.98 -47.87 -77.01
CA LYS HA 122 -35.92 -46.60 -77.73
C LYS HA 122 -35.05 -45.61 -76.95
N SER HA 123 -35.09 -44.35 -77.38
CA SER HA 123 -34.22 -43.34 -76.79
C SER HA 123 -34.70 -42.93 -75.41
N THR HA 124 -33.78 -42.46 -74.58
CA THR HA 124 -34.03 -42.19 -73.17
C THR HA 124 -33.84 -40.74 -72.77
N THR HA 125 -32.72 -40.14 -73.13
CA THR HA 125 -32.28 -38.90 -72.50
C THR HA 125 -33.07 -37.71 -73.02
N THR HA 126 -33.54 -36.88 -72.09
CA THR HA 126 -34.21 -35.62 -72.41
C THR HA 126 -33.50 -34.51 -71.67
N ASN HA 127 -33.98 -33.28 -71.84
CA ASN HA 127 -33.44 -32.11 -71.17
C ASN HA 127 -34.37 -31.70 -70.04
N TYR HA 128 -33.79 -31.24 -68.94
CA TYR HA 128 -34.60 -30.90 -67.77
C TYR HA 128 -34.28 -29.51 -67.23
N ILE HA 129 -33.73 -28.62 -68.05
CA ILE HA 129 -33.52 -27.24 -67.64
C ILE HA 129 -34.07 -26.33 -68.73
N ILE HA 130 -35.10 -25.56 -68.40
CA ILE HA 130 -35.69 -24.60 -69.31
C ILE HA 130 -35.12 -23.22 -69.02
N PHE HA 131 -35.15 -22.34 -70.02
CA PHE HA 131 -34.46 -21.07 -69.90
C PHE HA 131 -35.24 -20.07 -69.05
N ASN HA 132 -36.45 -19.68 -69.49
CA ASN HA 132 -37.39 -18.86 -68.71
C ASN HA 132 -36.81 -17.51 -68.30
N MET HA 133 -36.65 -16.60 -69.27
CA MET HA 133 -35.99 -15.32 -69.05
C MET HA 133 -36.67 -14.46 -67.96
N GLN HA 134 -37.96 -14.65 -67.74
CA GLN HA 134 -38.65 -13.96 -66.64
C GLN HA 134 -38.21 -14.49 -65.28
N ARG IA 4 22.10 54.45 45.32
CA ARG IA 4 23.36 54.61 44.61
C ARG IA 4 24.23 55.68 45.24
N ARG IA 5 25.53 55.60 44.99
CA ARG IA 5 26.48 56.57 45.50
C ARG IA 5 26.48 57.82 44.64
N THR IA 6 27.49 58.65 44.82
CA THR IA 6 27.84 59.65 43.83
C THR IA 6 29.21 59.36 43.24
N GLY IA 7 30.25 59.29 44.07
CA GLY IA 7 31.63 59.23 43.63
C GLY IA 7 31.99 58.03 42.78
N ILE IA 8 32.16 58.29 41.48
CA ILE IA 8 32.37 57.25 40.50
C ILE IA 8 33.47 57.72 39.57
N THR IA 9 34.25 56.79 39.05
CA THR IA 9 35.46 57.13 38.30
C THR IA 9 35.07 57.59 36.90
N THR IA 10 36.04 58.14 36.18
CA THR IA 10 35.85 58.57 34.81
C THR IA 10 35.64 57.40 33.87
N GLU IA 11 36.28 56.27 34.14
CA GLU IA 11 36.19 55.12 33.26
C GLU IA 11 34.84 54.43 33.33
N ASP IA 12 34.17 54.46 34.49
CA ASP IA 12 32.92 53.72 34.65
C ASP IA 12 31.78 54.37 33.86
N ALA IA 13 31.74 55.71 33.84
CA ALA IA 13 30.70 56.41 33.11
C ALA IA 13 30.88 56.26 31.60
N ILE IA 14 32.13 56.33 31.14
CA ILE IA 14 32.43 56.13 29.73
C ILE IA 14 32.15 54.69 29.32
N THR IA 15 32.41 53.75 30.23
CA THR IA 15 32.12 52.34 29.96
C THR IA 15 30.61 52.10 29.85
N LYS IA 16 29.81 52.79 30.66
CA LYS IA 16 28.36 52.68 30.54
C LYS IA 16 27.87 53.26 29.21
N TYR IA 17 28.33 54.47 28.87
CA TYR IA 17 27.82 55.16 27.69
C TYR IA 17 28.26 54.46 26.41
N SER IA 18 29.41 53.79 26.44
CA SER IA 18 29.89 53.11 25.24
C SER IA 18 29.19 51.78 25.03
N VAL IA 19 28.88 51.08 26.12
CA VAL IA 19 28.31 49.74 25.97
C VAL IA 19 26.80 49.80 25.82
N LYS IA 20 26.16 50.91 26.20
CA LYS IA 20 24.72 50.96 26.06
C LYS IA 20 24.22 51.43 24.70
N ALA IA 21 25.05 51.45 23.67
CA ALA IA 21 24.69 52.13 22.42
C ALA IA 21 23.53 51.43 21.71
N LYS IA 22 23.57 50.10 21.67
CA LYS IA 22 22.54 49.32 20.99
C LYS IA 22 21.18 49.47 21.68
N THR IA 23 21.18 49.37 23.01
CA THR IA 23 19.92 49.48 23.73
C THR IA 23 19.38 50.91 23.73
N GLU IA 24 20.26 51.91 23.74
CA GLU IA 24 19.72 53.27 23.78
C GLU IA 24 19.19 53.67 22.41
N GLN IA 25 19.75 53.13 21.32
CA GLN IA 25 19.16 53.47 20.04
C GLN IA 25 17.89 52.67 19.76
N THR IA 26 17.80 51.43 20.25
CA THR IA 26 16.55 50.71 20.07
C THR IA 26 15.50 51.14 21.09
N ALA IA 27 15.88 51.97 22.07
CA ALA IA 27 14.87 52.63 22.88
C ALA IA 27 14.43 53.96 22.28
N TYR IA 28 15.32 54.65 21.58
CA TYR IA 28 14.91 55.85 20.85
C TYR IA 28 13.94 55.52 19.72
N LYS IA 29 14.09 54.34 19.13
CA LYS IA 29 13.19 53.94 18.06
C LYS IA 29 11.75 53.76 18.56
N ASN IA 30 11.57 53.45 19.85
CA ASN IA 30 10.21 53.42 20.41
C ASN IA 30 9.81 54.79 20.96
N ALA IA 31 10.80 55.58 21.36
CA ALA IA 31 10.50 56.92 21.83
C ALA IA 31 10.00 57.82 20.71
N THR IA 32 10.24 57.46 19.44
CA THR IA 32 9.56 58.17 18.34
C THR IA 32 8.05 58.02 18.40
N LYS IA 33 7.57 56.78 18.56
CA LYS IA 33 6.15 56.50 18.74
C LYS IA 33 5.58 57.25 19.93
N ASP IA 34 6.36 57.35 21.00
CA ASP IA 34 5.87 58.11 22.15
C ASP IA 34 5.89 59.61 21.88
N MET IA 35 6.85 60.10 21.08
CA MET IA 35 6.96 61.53 20.83
C MET IA 35 5.85 62.09 19.96
N VAL IA 36 5.23 61.25 19.12
CA VAL IA 36 4.22 61.74 18.18
C VAL IA 36 3.07 62.44 18.90
N VAL IA 37 2.51 61.81 19.93
CA VAL IA 37 1.35 62.40 20.58
C VAL IA 37 1.77 63.44 21.61
N GLN IA 38 2.97 63.31 22.18
CA GLN IA 38 3.43 64.24 23.19
C GLN IA 38 4.06 65.50 22.61
N ALA IA 39 4.26 65.56 21.29
CA ALA IA 39 5.02 66.67 20.73
C ALA IA 39 4.20 67.93 20.57
N GLN IA 40 2.90 67.88 20.84
CA GLN IA 40 2.08 69.07 20.65
C GLN IA 40 2.12 70.00 21.86
N ASN IA 41 2.92 69.65 22.87
CA ASN IA 41 3.27 70.64 23.89
C ASN IA 41 4.12 71.75 23.31
N ILE IA 42 4.85 71.48 22.22
CA ILE IA 42 5.53 72.52 21.46
C ILE IA 42 4.52 73.53 20.90
N MET IA 43 3.45 73.02 20.32
CA MET IA 43 2.40 73.87 19.76
C MET IA 43 1.70 74.69 20.83
N ASN IA 44 1.37 74.05 21.96
CA ASN IA 44 0.74 74.78 23.08
C ASN IA 44 1.67 75.85 23.64
N PHE IA 45 2.96 75.52 23.78
CA PHE IA 45 3.93 76.44 24.33
C PHE IA 45 4.11 77.68 23.46
N TYR IA 46 4.35 77.48 22.16
CA TYR IA 46 4.57 78.66 21.33
C TYR IA 46 3.29 79.42 21.06
N SER IA 47 2.13 78.74 21.12
CA SER IA 47 0.87 79.47 21.04
C SER IA 47 0.68 80.41 22.21
N VAL IA 48 0.83 79.89 23.43
CA VAL IA 48 0.58 80.72 24.61
C VAL IA 48 1.71 81.70 24.87
N VAL IA 49 2.89 81.52 24.25
CA VAL IA 49 3.92 82.54 24.42
C VAL IA 49 3.81 83.63 23.35
N ASN IA 50 3.63 83.27 22.08
CA ASN IA 50 3.50 84.28 21.04
C ASN IA 50 2.25 85.11 21.17
N GLN IA 51 1.14 84.52 21.65
CA GLN IA 51 -0.10 85.27 21.80
C GLN IA 51 0.01 86.36 22.87
N ALA IA 52 0.98 86.23 23.79
CA ALA IA 52 1.16 87.27 24.79
C ALA IA 52 2.37 88.15 24.52
N LEU IA 53 3.32 87.70 23.70
CA LEU IA 53 4.52 88.53 23.48
C LEU IA 53 4.57 89.26 22.16
N ILE IA 54 3.92 88.75 21.10
CA ILE IA 54 3.94 89.44 19.81
C ILE IA 54 3.31 90.84 19.87
N PRO IA 55 2.17 91.08 20.53
CA PRO IA 55 1.73 92.48 20.66
C PRO IA 55 2.63 93.35 21.51
N TRP IA 56 3.21 92.84 22.60
CA TRP IA 56 4.04 93.67 23.46
C TRP IA 56 5.33 94.07 22.76
N LEU IA 57 6.09 93.09 22.27
CA LEU IA 57 7.31 93.36 21.53
C LEU IA 57 7.04 94.16 20.28
N ASN IA 58 5.92 93.88 19.63
CA ASN IA 58 5.61 94.47 18.35
C ASN IA 58 5.17 95.92 18.48
N ALA IA 59 4.53 96.29 19.60
CA ALA IA 59 4.02 97.63 19.78
C ALA IA 59 4.80 98.46 20.77
N HIS IA 60 5.77 97.88 21.46
CA HIS IA 60 6.57 98.68 22.39
C HIS IA 60 7.84 99.19 21.75
N GLY IA 61 8.20 98.65 20.58
CA GLY IA 61 9.22 99.25 19.75
C GLY IA 61 10.53 98.52 19.66
N VAL IA 62 10.61 97.30 20.18
CA VAL IA 62 11.87 96.58 20.17
C VAL IA 62 12.13 95.98 18.79
N GLY IA 63 13.40 95.77 18.48
CA GLY IA 63 13.82 95.51 17.12
C GLY IA 63 13.57 94.08 16.69
N GLY IA 64 14.44 93.62 15.78
CA GLY IA 64 14.29 92.28 15.26
C GLY IA 64 15.05 91.27 16.10
N ASN IA 65 16.33 91.51 16.31
CA ASN IA 65 17.22 90.48 16.83
C ASN IA 65 17.31 90.49 18.36
N LEU IA 66 16.76 91.50 19.03
CA LEU IA 66 16.66 91.55 20.49
C LEU IA 66 15.42 90.82 21.01
N ARG IA 67 14.48 90.53 20.12
CA ARG IA 67 13.30 89.77 20.49
C ARG IA 67 13.65 88.43 21.09
N ILE IA 68 14.74 87.81 20.64
CA ILE IA 68 15.24 86.56 21.20
C ILE IA 68 15.70 86.70 22.62
N LEU IA 69 16.38 87.78 22.96
CA LEU IA 69 16.83 87.98 24.33
C LEU IA 69 15.62 88.16 25.26
N TYR IA 70 14.61 88.85 24.76
CA TYR IA 70 13.35 88.91 25.49
C TYR IA 70 12.67 87.53 25.57
N ARG IA 71 12.82 86.71 24.53
CA ARG IA 71 12.31 85.34 24.60
C ARG IA 71 13.08 84.51 25.62
N GLN IA 72 14.38 84.77 25.78
CA GLN IA 72 15.17 84.07 26.80
C GLN IA 72 14.59 84.32 28.17
N LEU IA 73 14.28 85.59 28.45
CA LEU IA 73 13.66 85.95 29.72
C LEU IA 73 12.28 85.31 29.90
N ALA IA 74 11.41 85.43 28.89
CA ALA IA 74 10.05 84.92 29.02
C ALA IA 74 10.02 83.40 29.06
N ASN IA 75 10.90 82.75 28.31
CA ASN IA 75 10.93 81.28 28.28
C ASN IA 75 11.45 80.71 29.57
N GLU IA 76 12.44 81.36 30.20
CA GLU IA 76 12.89 80.89 31.50
C GLU IA 76 11.81 81.08 32.55
N TYR IA 77 11.04 82.16 32.45
CA TYR IA 77 9.93 82.36 33.38
C TYR IA 77 8.84 81.30 33.19
N VAL IA 78 8.57 80.90 31.94
CA VAL IA 78 7.54 79.90 31.70
C VAL IA 78 8.03 78.52 32.16
N LYS IA 79 9.34 78.26 32.09
CA LYS IA 79 9.86 77.01 32.65
C LYS IA 79 9.68 76.94 34.16
N VAL IA 80 10.01 78.04 34.85
CA VAL IA 80 9.79 78.11 36.30
C VAL IA 80 8.31 77.96 36.64
N LEU IA 81 7.42 78.47 35.78
CA LEU IA 81 5.99 78.28 36.00
C LEU IA 81 5.57 76.83 35.86
N ASN IA 82 5.83 76.19 34.72
CA ASN IA 82 5.29 74.86 34.50
C ASN IA 82 6.14 73.76 35.13
N THR IA 83 7.11 74.10 35.97
CA THR IA 83 7.52 73.14 37.00
C THR IA 83 6.73 73.29 38.29
N LYS IA 84 5.50 73.83 38.23
CA LYS IA 84 4.56 73.99 39.35
C LYS IA 84 5.11 74.83 40.49
N GLN IA 85 5.38 76.11 40.23
CA GLN IA 85 5.90 77.01 41.25
C GLN IA 85 5.15 78.33 41.18
N SER IA 86 4.36 78.62 42.21
CA SER IA 86 3.45 79.75 42.25
C SER IA 86 4.15 80.97 42.82
N GLY IA 87 3.35 81.97 43.20
CA GLY IA 87 3.79 83.35 43.36
C GLY IA 87 4.80 83.61 44.46
N GLU IA 88 4.85 82.76 45.49
CA GLU IA 88 5.76 83.01 46.60
C GLU IA 88 7.23 82.80 46.23
N VAL IA 89 7.50 82.09 45.14
CA VAL IA 89 8.85 82.01 44.61
C VAL IA 89 9.02 82.99 43.45
N ILE IA 90 7.93 83.28 42.73
CA ILE IA 90 7.95 84.18 41.59
C ILE IA 90 8.29 85.60 42.02
N LYS IA 91 7.82 86.04 43.20
CA LYS IA 91 8.14 87.38 43.69
C LYS IA 91 9.62 87.59 43.99
N ARG IA 92 10.44 86.54 43.96
CA ARG IA 92 11.88 86.58 44.13
C ARG IA 92 12.60 86.31 42.81
N LEU IA 93 12.10 85.36 42.03
CA LEU IA 93 12.75 85.07 40.76
C LEU IA 93 12.53 86.16 39.73
N LYS IA 94 11.50 87.00 39.89
CA LYS IA 94 11.34 88.14 38.97
C LYS IA 94 12.47 89.15 39.13
N ILE IA 95 12.85 89.48 40.36
CA ILE IA 95 13.95 90.44 40.51
C ILE IA 95 15.30 89.78 40.23
N ALA IA 96 15.40 88.45 40.44
CA ALA IA 96 16.61 87.73 40.03
C ALA IA 96 16.82 87.79 38.52
N LEU IA 97 15.77 87.49 37.75
CA LEU IA 97 15.84 87.55 36.31
C LEU IA 97 16.01 88.98 35.80
N ARG IA 98 15.45 89.95 36.54
CA ARG IA 98 15.63 91.35 36.17
C ARG IA 98 17.10 91.76 36.27
N HIS IA 99 17.76 91.36 37.35
CA HIS IA 99 19.19 91.69 37.46
C HIS IA 99 20.02 90.90 36.45
N LYS IA 100 19.65 89.65 36.17
CA LYS IA 100 20.44 88.84 35.24
C LYS IA 100 20.36 89.38 33.82
N TYR IA 101 19.16 89.70 33.34
CA TYR IA 101 19.07 90.23 31.99
C TYR IA 101 19.32 91.74 31.92
N TRP IA 102 19.40 92.44 33.04
CA TRP IA 102 20.03 93.76 33.01
C TRP IA 102 21.52 93.63 32.81
N LEU IA 103 22.12 92.60 33.43
CA LEU IA 103 23.55 92.39 33.35
C LEU IA 103 24.00 92.00 31.95
N ARG IA 104 23.12 91.49 31.10
CA ARG IA 104 23.45 91.13 29.73
C ARG IA 104 23.16 92.26 28.75
N GLY IA 105 22.95 93.47 29.24
CA GLY IA 105 22.98 94.65 28.40
C GLY IA 105 21.63 95.25 28.06
N LEU IA 106 20.55 94.83 28.69
CA LEU IA 106 19.29 95.47 28.40
C LEU IA 106 19.16 96.81 29.13
N ASP IA 107 18.03 97.47 28.93
CA ASP IA 107 17.74 98.75 29.54
C ASP IA 107 16.62 98.58 30.56
N GLU IA 108 16.78 99.23 31.72
CA GLU IA 108 15.83 99.01 32.81
C GLU IA 108 14.49 99.70 32.57
N ALA IA 109 14.46 100.71 31.69
CA ALA IA 109 13.19 101.34 31.34
C ALA IA 109 12.31 100.42 30.52
N MET IA 110 12.90 99.42 29.86
CA MET IA 110 12.14 98.31 29.31
C MET IA 110 11.82 97.26 30.36
N LEU IA 111 12.74 97.03 31.30
CA LEU IA 111 12.63 95.89 32.20
C LEU IA 111 11.57 96.07 33.27
N ASP IA 112 11.37 97.28 33.77
CA ASP IA 112 10.32 97.46 34.77
C ASP IA 112 8.94 97.21 34.17
N GLU IA 113 8.71 97.70 32.96
CA GLU IA 113 7.44 97.47 32.28
C GLU IA 113 7.30 96.02 31.85
N PHE IA 114 8.40 95.36 31.50
CA PHE IA 114 8.29 93.98 31.06
C PHE IA 114 8.06 93.04 32.25
N MET IA 115 8.69 93.33 33.39
CA MET IA 115 8.43 92.52 34.59
C MET IA 115 7.05 92.77 35.15
N ASP IA 116 6.51 93.98 34.96
CA ASP IA 116 5.10 94.18 35.27
C ASP IA 116 4.22 93.48 34.24
N TYR IA 117 4.72 93.23 33.05
CA TYR IA 117 3.90 92.60 32.03
C TYR IA 117 3.80 91.09 32.22
N ILE IA 118 4.87 90.42 32.63
CA ILE IA 118 4.87 88.95 32.64
C ILE IA 118 4.23 88.52 33.96
N ASP IA 119 2.91 88.55 33.96
CA ASP IA 119 2.09 87.80 34.88
C ASP IA 119 0.94 87.15 34.15
N SER IA 120 0.88 87.32 32.83
CA SER IA 120 -0.12 86.70 31.98
C SER IA 120 0.39 85.42 31.34
N LEU IA 121 1.67 85.11 31.50
CA LEU IA 121 2.24 83.83 31.07
C LEU IA 121 1.95 82.82 32.17
N LYS IA 122 1.51 81.63 31.78
CA LYS IA 122 1.18 80.57 32.74
C LYS IA 122 1.76 79.24 32.25
N SER IA 123 1.35 78.16 32.89
CA SER IA 123 1.90 76.84 32.59
C SER IA 123 1.37 76.31 31.27
N THR IA 124 2.14 75.44 30.63
CA THR IA 124 1.88 74.96 29.28
C THR IA 124 1.65 73.47 29.18
N THR IA 125 2.55 72.66 29.74
CA THR IA 125 2.62 71.25 29.41
C THR IA 125 1.51 70.46 30.08
N THR IA 126 0.85 69.61 29.28
CA THR IA 126 -0.15 68.68 29.78
C THR IA 126 0.24 67.28 29.32
N ASN IA 127 -0.58 66.30 29.69
CA ASN IA 127 -0.37 64.92 29.30
C ASN IA 127 -1.35 64.56 28.19
N TYR IA 128 -0.89 63.72 27.25
CA TYR IA 128 -1.73 63.39 26.10
C TYR IA 128 -1.79 61.89 25.86
N ILE IA 129 -1.56 61.07 26.88
CA ILE IA 129 -1.74 59.64 26.76
C ILE IA 129 -2.56 59.15 27.95
N ILE IA 130 -3.75 58.65 27.68
CA ILE IA 130 -4.62 58.09 28.71
C ILE IA 130 -4.46 56.58 28.73
N PHE IA 131 -4.77 55.97 29.88
CA PHE IA 131 -4.47 54.56 30.07
C PHE IA 131 -5.48 53.65 29.35
N ASN IA 132 -6.76 53.71 29.74
CA ASN IA 132 -7.87 53.05 29.05
C ASN IA 132 -7.69 51.54 28.96
N MET IA 133 -7.83 50.83 30.10
CA MET IA 133 -7.56 49.40 30.19
C MET IA 133 -8.41 48.56 29.23
N GLN IA 134 -9.59 49.05 28.86
CA GLN IA 134 -10.41 48.35 27.86
C GLN IA 134 -9.80 48.45 26.47
N ARG JA 4 -14.11 -47.33 -66.94
CA ARG JA 4 -12.98 -47.71 -66.08
C ARG JA 4 -12.43 -49.07 -66.48
N ARG JA 5 -11.17 -49.31 -66.13
CA ARG JA 5 -10.52 -50.58 -66.39
C ARG JA 5 -10.92 -51.61 -65.35
N THR JA 6 -10.18 -52.71 -65.31
CA THR JA 6 -10.16 -53.58 -64.14
C THR JA 6 -8.80 -53.57 -63.49
N GLY JA 7 -7.76 -53.94 -64.23
CA GLY JA 7 -6.42 -54.19 -63.69
C GLY JA 7 -5.77 -53.01 -63.00
N ILE JA 8 -5.74 -53.07 -61.67
CA ILE JA 8 -5.27 -51.97 -60.85
C ILE JA 8 -4.40 -52.57 -59.76
N THR JA 9 -3.40 -51.80 -59.33
CA THR JA 9 -2.38 -52.33 -58.43
C THR JA 9 -2.93 -52.42 -57.02
N THR JA 10 -2.18 -53.08 -56.14
CA THR JA 10 -2.55 -53.20 -54.74
C THR JA 10 -2.45 -51.86 -54.02
N GLU JA 11 -1.50 -51.02 -54.40
CA GLU JA 11 -1.30 -49.76 -53.72
C GLU JA 11 -2.39 -48.75 -54.03
N ASP JA 12 -2.99 -48.79 -55.21
CA ASP JA 12 -3.98 -47.77 -55.59
C ASP JA 12 -5.27 -47.94 -54.81
N ALA JA 13 -5.70 -49.18 -54.60
CA ALA JA 13 -6.93 -49.43 -53.86
C ALA JA 13 -6.76 -49.08 -52.38
N ILE JA 14 -5.62 -49.42 -51.81
CA ILE JA 14 -5.33 -49.07 -50.43
C ILE JA 14 -5.20 -47.55 -50.27
N THR JA 15 -4.64 -46.88 -51.28
CA THR JA 15 -4.53 -45.43 -51.27
C THR JA 15 -5.90 -44.76 -51.33
N LYS JA 16 -6.84 -45.33 -52.09
CA LYS JA 16 -8.20 -44.82 -52.10
C LYS JA 16 -8.89 -44.99 -50.76
N TYR JA 17 -8.80 -46.21 -50.20
CA TYR JA 17 -9.55 -46.51 -48.97
C TYR JA 17 -8.97 -45.75 -47.78
N SER JA 18 -7.68 -45.43 -47.82
CA SER JA 18 -7.06 -44.72 -46.70
C SER JA 18 -7.36 -43.24 -46.76
N VAL JA 19 -7.42 -42.67 -47.96
CA VAL JA 19 -7.58 -41.23 -48.07
C VAL JA 19 -9.05 -40.84 -48.05
N LYS JA 20 -9.96 -41.78 -48.31
CA LYS JA 20 -11.38 -41.40 -48.29
C LYS JA 20 -12.04 -41.47 -46.93
N ALA JA 21 -11.28 -41.54 -45.82
CA ALA JA 21 -11.89 -41.86 -44.53
C ALA JA 21 -12.81 -40.75 -44.05
N LYS JA 22 -12.39 -39.50 -44.20
CA LYS JA 22 -13.19 -38.37 -43.75
C LYS JA 22 -14.50 -38.26 -44.52
N THR JA 23 -14.43 -38.40 -45.85
CA THR JA 23 -15.64 -38.27 -46.66
C THR JA 23 -16.55 -39.47 -46.47
N GLU JA 24 -16.01 -40.67 -46.26
CA GLU JA 24 -16.90 -41.80 -46.12
C GLU JA 24 -17.58 -41.80 -44.76
N GLN JA 25 -16.94 -41.26 -43.73
CA GLN JA 25 -17.65 -41.19 -42.46
C GLN JA 25 -18.64 -40.03 -42.43
N THR JA 26 -18.35 -38.92 -43.12
CA THR JA 26 -19.35 -37.86 -43.15
C THR JA 26 -20.44 -38.16 -44.17
N ALA JA 27 -20.27 -39.21 -44.98
CA ALA JA 27 -21.40 -39.70 -45.77
C ALA JA 27 -22.23 -40.73 -45.01
N TYR JA 28 -21.60 -41.51 -44.12
CA TYR JA 28 -22.37 -42.40 -43.26
C TYR JA 28 -23.24 -41.63 -42.30
N LYS JA 29 -22.78 -40.45 -41.88
CA LYS JA 29 -23.58 -39.63 -40.96
C LYS JA 29 -24.88 -39.16 -41.62
N ASN JA 30 -24.92 -39.03 -42.95
CA ASN JA 30 -26.18 -38.73 -43.62
C ASN JA 30 -26.93 -40.01 -43.98
N ALA JA 31 -26.20 -41.11 -44.16
CA ALA JA 31 -26.85 -42.37 -44.44
C ALA JA 31 -27.64 -42.88 -43.25
N THR JA 32 -27.37 -42.39 -42.04
CA THR JA 32 -28.24 -42.69 -40.90
C THR JA 32 -29.66 -42.13 -41.12
N LYS JA 33 -29.75 -40.85 -41.50
CA LYS JA 33 -31.02 -40.23 -41.85
C LYS JA 33 -31.73 -40.99 -42.95
N ASP JA 34 -30.98 -41.48 -43.93
CA ASP JA 34 -31.61 -42.27 -44.98
C ASP JA 34 -32.04 -43.65 -44.48
N MET JA 35 -31.29 -44.24 -43.54
CA MET JA 35 -31.60 -45.58 -43.05
C MET JA 35 -32.85 -45.65 -42.20
N VAL JA 36 -33.25 -44.53 -41.57
CA VAL JA 36 -34.39 -44.56 -40.65
C VAL JA 36 -35.67 -45.01 -41.35
N VAL JA 37 -35.98 -44.46 -42.51
CA VAL JA 37 -37.23 -44.81 -43.17
C VAL JA 37 -37.09 -46.08 -43.98
N GLN JA 38 -35.88 -46.39 -44.45
CA GLN JA 38 -35.66 -47.58 -45.26
C GLN JA 38 -35.46 -48.83 -44.43
N ALA JA 39 -35.32 -48.72 -43.12
CA ALA JA 39 -34.95 -49.87 -42.32
C ALA JA 39 -36.10 -50.81 -42.04
N GLN JA 40 -37.32 -50.45 -42.43
CA GLN JA 40 -38.46 -51.32 -42.14
C GLN JA 40 -38.62 -52.42 -43.17
N ASN JA 41 -37.72 -52.49 -44.16
CA ASN JA 41 -37.63 -53.70 -44.97
C ASN JA 41 -37.16 -54.89 -44.15
N ILE JA 42 -36.43 -54.64 -43.05
CA ILE JA 42 -36.11 -55.69 -42.08
C ILE JA 42 -37.38 -56.26 -41.48
N MET JA 43 -38.30 -55.38 -41.07
CA MET JA 43 -39.56 -55.78 -40.48
C MET JA 43 -40.41 -56.55 -41.47
N ASN JA 44 -40.51 -56.07 -42.71
CA ASN JA 44 -41.27 -56.77 -43.74
C ASN JA 44 -40.67 -58.13 -44.06
N PHE JA 45 -39.34 -58.20 -44.13
CA PHE JA 45 -38.64 -59.44 -44.44
C PHE JA 45 -38.87 -60.50 -43.38
N TYR JA 46 -38.64 -60.16 -42.11
CA TYR JA 46 -38.79 -61.19 -41.09
C TYR JA 46 -40.25 -61.51 -40.81
N SER JA 47 -41.16 -60.57 -41.09
CA SER JA 47 -42.58 -60.88 -40.99
C SER JA 47 -42.97 -61.93 -42.02
N VAL JA 48 -42.63 -61.69 -43.30
CA VAL JA 48 -43.07 -62.60 -44.34
C VAL JA 48 -42.25 -63.90 -44.34
N VAL JA 49 -41.11 -63.94 -43.66
CA VAL JA 49 -40.40 -65.22 -43.58
C VAL JA 49 -40.86 -66.03 -42.37
N ASN JA 50 -40.99 -65.42 -41.19
CA ASN JA 50 -41.43 -66.15 -40.01
C ASN JA 50 -42.87 -66.63 -40.13
N GLN JA 51 -43.75 -65.85 -40.78
CA GLN JA 51 -45.14 -66.23 -40.94
C GLN JA 51 -45.31 -67.47 -41.80
N ALA JA 52 -44.31 -67.79 -42.64
CA ALA JA 52 -44.39 -68.99 -43.45
C ALA JA 52 -43.49 -70.12 -42.93
N LEU JA 53 -42.48 -69.81 -42.10
CA LEU JA 53 -41.59 -70.88 -41.67
C LEU JA 53 -41.80 -71.35 -40.24
N ILE JA 54 -42.31 -70.51 -39.35
CA ILE JA 54 -42.54 -70.95 -37.97
C ILE JA 54 -43.54 -72.10 -37.85
N PRO JA 55 -44.68 -72.12 -38.58
CA PRO JA 55 -45.50 -73.35 -38.52
C PRO JA 55 -44.86 -74.57 -39.14
N TRP JA 56 -44.11 -74.43 -40.25
CA TRP JA 56 -43.53 -75.61 -40.89
C TRP JA 56 -42.43 -76.23 -40.02
N LEU JA 57 -41.44 -75.41 -39.63
CA LEU JA 57 -40.38 -75.87 -38.76
C LEU JA 57 -40.92 -76.33 -37.41
N ASN JA 58 -41.94 -75.65 -36.92
CA ASN JA 58 -42.45 -75.91 -35.60
C ASN JA 58 -43.29 -77.18 -35.55
N ALA JA 59 -43.95 -77.54 -36.64
CA ALA JA 59 -44.83 -78.70 -36.65
C ALA JA 59 -44.27 -79.87 -37.43
N HIS JA 60 -43.15 -79.72 -38.12
CA HIS JA 60 -42.59 -80.84 -38.84
C HIS JA 60 -41.54 -81.57 -38.01
N GLY JA 61 -41.09 -80.96 -36.93
CA GLY JA 61 -40.31 -81.67 -35.92
C GLY JA 61 -38.85 -81.32 -35.83
N VAL JA 62 -38.40 -80.27 -36.52
CA VAL JA 62 -36.98 -79.96 -36.51
C VAL JA 62 -36.63 -79.21 -35.22
N GLY JA 63 -35.37 -79.30 -34.85
CA GLY JA 63 -34.94 -78.93 -33.52
C GLY JA 63 -34.78 -77.44 -33.33
N GLY JA 64 -33.87 -77.09 -32.43
CA GLY JA 64 -33.64 -75.69 -32.14
C GLY JA 64 -32.59 -75.09 -33.05
N ASN JA 65 -31.43 -75.71 -33.11
CA ASN JA 65 -30.26 -75.07 -33.71
C ASN JA 65 -30.11 -75.38 -35.21
N LEU JA 66 -30.91 -76.29 -35.75
CA LEU JA 66 -30.95 -76.56 -37.19
C LEU JA 66 -31.91 -75.63 -37.92
N ARG JA 67 -32.76 -74.94 -37.17
CA ARG JA 67 -33.66 -73.96 -37.76
C ARG JA 67 -32.92 -72.89 -38.53
N ILE JA 68 -31.71 -72.52 -38.08
CA ILE JA 68 -30.86 -71.58 -38.79
C ILE JA 68 -30.40 -72.09 -40.13
N LEU JA 69 -30.04 -73.37 -40.24
CA LEU JA 69 -29.62 -73.92 -41.52
C LEU JA 69 -30.78 -73.91 -42.50
N TYR JA 70 -31.98 -74.20 -42.00
CA TYR JA 70 -33.17 -74.02 -42.83
C TYR JA 70 -33.42 -72.56 -43.17
N ARG JA 71 -33.07 -71.63 -42.26
CA ARG JA 71 -33.17 -70.21 -42.59
C ARG JA 71 -32.15 -69.82 -43.65
N GLN JA 72 -30.98 -70.46 -43.66
CA GLN JA 72 -29.99 -70.18 -44.69
C GLN JA 72 -30.56 -70.51 -46.06
N LEU JA 73 -31.21 -71.67 -46.16
CA LEU JA 73 -31.85 -72.06 -47.41
C LEU JA 73 -32.97 -71.10 -47.80
N ALA JA 74 -33.88 -70.80 -46.86
CA ALA JA 74 -35.03 -69.96 -47.19
C ALA JA 74 -34.62 -68.53 -47.48
N ASN JA 75 -33.62 -68.02 -46.77
CA ASN JA 75 -33.20 -66.64 -46.96
C ASN JA 75 -32.47 -66.46 -48.28
N GLU JA 76 -31.68 -67.46 -48.70
CA GLU JA 76 -31.06 -67.37 -50.01
C GLU JA 76 -32.11 -67.44 -51.12
N TYR JA 77 -33.16 -68.24 -50.91
CA TYR JA 77 -34.24 -68.27 -51.89
C TYR JA 77 -34.99 -66.95 -51.96
N VAL JA 78 -35.18 -66.27 -50.83
CA VAL JA 78 -35.89 -64.99 -50.85
C VAL JA 78 -35.01 -63.90 -51.46
N LYS JA 79 -33.69 -64.00 -51.32
CA LYS JA 79 -32.80 -63.07 -52.01
C LYS JA 79 -32.91 -63.21 -53.52
N VAL JA 80 -32.88 -64.46 -54.01
CA VAL JA 80 -33.04 -64.73 -55.44
C VAL JA 80 -34.40 -64.23 -55.93
N LEU JA 81 -35.43 -64.32 -55.09
CA LEU JA 81 -36.74 -63.78 -55.45
C LEU JA 81 -36.73 -62.26 -55.58
N ASN JA 82 -36.34 -61.55 -54.53
CA ASN JA 82 -36.48 -60.10 -54.57
C ASN JA 82 -35.33 -59.40 -55.29
N THR JA 83 -34.47 -60.13 -55.99
CA THR JA 83 -33.76 -59.53 -57.10
C THR JA 83 -34.51 -59.67 -58.42
N LYS JA 84 -35.84 -59.82 -58.39
CA LYS JA 84 -36.74 -59.92 -59.54
C LYS JA 84 -36.42 -61.06 -60.48
N GLN JA 85 -36.53 -62.30 -60.01
CA GLN JA 85 -36.25 -63.48 -60.83
C GLN JA 85 -37.35 -64.50 -60.62
N SER JA 86 -38.15 -64.74 -61.66
CA SER JA 86 -39.35 -65.55 -61.60
C SER JA 86 -39.00 -67.01 -61.90
N GLY JA 87 -40.04 -67.80 -62.20
CA GLY JA 87 -40.00 -69.25 -62.09
C GLY JA 87 -39.07 -69.97 -63.05
N GLU JA 88 -38.74 -69.35 -64.19
CA GLU JA 88 -37.90 -70.05 -65.17
C GLU JA 88 -36.45 -70.17 -64.71
N VAL JA 89 -36.03 -69.41 -63.71
CA VAL JA 89 -34.73 -69.61 -63.09
C VAL JA 89 -34.89 -70.38 -61.78
N ILE JA 90 -36.05 -70.21 -61.14
CA ILE JA 90 -36.34 -70.87 -59.87
C ILE JA 90 -36.41 -72.39 -60.03
N LYS JA 91 -36.92 -72.87 -61.16
CA LYS JA 91 -36.99 -74.31 -61.42
C LYS JA 91 -35.62 -74.98 -61.55
N ARG JA 92 -34.54 -74.20 -61.61
CA ARG JA 92 -33.16 -74.67 -61.64
C ARG JA 92 -32.44 -74.39 -60.32
N LEU JA 93 -32.69 -73.22 -59.75
CA LEU JA 93 -32.03 -72.90 -58.49
C LEU JA 93 -32.60 -73.69 -57.31
N LYS JA 94 -33.82 -74.23 -57.43
CA LYS JA 94 -34.34 -75.10 -56.38
C LYS JA 94 -33.53 -76.39 -56.27
N ILE JA 95 -33.22 -77.03 -57.39
CA ILE JA 95 -32.43 -78.26 -57.30
C ILE JA 95 -30.97 -77.95 -57.01
N ALA JA 96 -30.47 -76.77 -57.42
CA ALA JA 96 -29.13 -76.36 -57.01
C ALA JA 96 -29.01 -76.20 -55.50
N LEU JA 97 -29.96 -75.48 -54.89
CA LEU JA 97 -29.95 -75.32 -53.44
C LEU JA 97 -30.23 -76.63 -52.72
N ARG JA 98 -31.00 -77.52 -53.34
CA ARG JA 98 -31.26 -78.83 -52.74
C ARG JA 98 -29.97 -79.63 -52.64
N HIS JA 99 -29.17 -79.63 -53.71
CA HIS JA 99 -27.89 -80.35 -53.64
C HIS JA 99 -26.92 -79.66 -52.71
N LYS JA 100 -26.93 -78.33 -52.66
CA LYS JA 100 -25.97 -77.62 -51.80
C LYS JA 100 -26.26 -77.86 -50.32
N TYR JA 101 -27.52 -77.76 -49.91
CA TYR JA 101 -27.81 -78.00 -48.50
C TYR JA 101 -28.00 -79.47 -48.18
N TRP JA 102 -28.09 -80.36 -49.17
CA TRP JA 102 -27.87 -81.76 -48.87
C TRP JA 102 -26.41 -82.01 -48.57
N LEU JA 103 -25.53 -81.33 -49.29
CA LEU JA 103 -24.09 -81.51 -49.10
C LEU JA 103 -23.60 -81.03 -47.75
N ARG JA 104 -24.34 -80.15 -47.07
CA ARG JA 104 -23.96 -79.66 -45.76
C ARG JA 104 -24.61 -80.47 -44.63
N GLY JA 105 -25.13 -81.65 -44.95
CA GLY JA 105 -25.48 -82.62 -43.94
C GLY JA 105 -26.95 -82.76 -43.62
N LEU JA 106 -27.84 -82.17 -44.41
CA LEU JA 106 -29.26 -82.38 -44.14
C LEU JA 106 -29.72 -83.75 -44.65
N ASP JA 107 -31.00 -84.02 -44.45
CA ASP JA 107 -31.63 -85.25 -44.88
C ASP JA 107 -32.60 -84.96 -46.01
N GLU JA 108 -32.60 -85.81 -47.03
CA GLU JA 108 -33.39 -85.53 -48.22
C GLU JA 108 -34.89 -85.77 -48.00
N ALA JA 109 -35.25 -86.58 -46.99
CA ALA JA 109 -36.65 -86.76 -46.65
C ALA JA 109 -37.27 -85.49 -46.06
N MET JA 110 -36.44 -84.60 -45.52
CA MET JA 110 -36.88 -83.25 -45.21
C MET JA 110 -36.83 -82.35 -46.43
N LEU JA 111 -35.84 -82.55 -47.31
CA LEU JA 111 -35.59 -81.60 -48.39
C LEU JA 111 -36.61 -81.66 -49.50
N ASP JA 112 -37.13 -82.84 -49.84
CA ASP JA 112 -38.16 -82.90 -50.88
C ASP JA 112 -39.42 -82.17 -50.45
N GLU JA 113 -39.83 -82.37 -49.19
CA GLU JA 113 -41.00 -81.68 -48.68
C GLU JA 113 -40.75 -80.19 -48.49
N PHE JA 114 -39.51 -79.81 -48.16
CA PHE JA 114 -39.24 -78.40 -47.95
C PHE JA 114 -39.15 -77.66 -49.27
N MET JA 115 -38.58 -78.29 -50.31
CA MET JA 115 -38.54 -77.68 -51.63
C MET JA 115 -39.93 -77.62 -52.26
N ASP JA 116 -40.78 -78.58 -51.93
CA ASP JA 116 -42.19 -78.43 -52.33
C ASP JA 116 -42.87 -77.35 -51.52
N TYR JA 117 -42.36 -77.05 -50.32
CA TYR JA 117 -43.01 -76.05 -49.50
C TYR JA 117 -42.67 -74.62 -49.92
N ILE JA 118 -41.44 -74.36 -50.35
CA ILE JA 118 -41.01 -72.97 -50.59
C ILE JA 118 -41.45 -72.61 -52.00
N ASP JA 119 -42.72 -72.28 -52.12
CA ASP JA 119 -43.24 -71.51 -53.22
C ASP JA 119 -44.20 -70.45 -52.70
N SER JA 120 -44.36 -70.36 -51.37
CA SER JA 120 -45.16 -69.35 -50.73
C SER JA 120 -44.34 -68.17 -50.25
N LEU JA 121 -43.02 -68.26 -50.33
CA LEU JA 121 -42.12 -67.14 -50.07
C LEU JA 121 -42.06 -66.29 -51.34
N LYS JA 122 -42.16 -64.97 -51.18
CA LYS JA 122 -42.13 -64.04 -52.31
C LYS JA 122 -41.21 -62.87 -51.98
N SER JA 123 -41.27 -61.83 -52.83
CA SER JA 123 -40.37 -60.70 -52.69
C SER JA 123 -40.79 -59.82 -51.52
N THR JA 124 -39.81 -59.10 -50.95
CA THR JA 124 -40.00 -58.35 -49.73
C THR JA 124 -39.78 -56.85 -49.88
N THR JA 125 -38.67 -56.44 -50.48
CA THR JA 125 -38.21 -55.06 -50.36
C THR JA 125 -39.02 -54.12 -51.24
N THR JA 126 -39.44 -53.00 -50.64
CA THR JA 126 -40.11 -51.93 -51.37
C THR JA 126 -39.36 -50.64 -51.10
N ASN JA 127 -39.85 -49.55 -51.69
CA ASN JA 127 -39.26 -48.23 -51.50
C ASN JA 127 -40.13 -47.42 -50.55
N TYR JA 128 -39.51 -46.60 -49.73
CA TYR JA 128 -40.24 -45.85 -48.71
C TYR JA 128 -39.89 -44.38 -48.72
N ILE JA 129 -39.39 -43.85 -49.84
CA ILE JA 129 -39.16 -42.42 -49.96
C ILE JA 129 -39.75 -41.94 -51.26
N ILE JA 130 -40.76 -41.08 -51.18
CA ILE JA 130 -41.39 -40.50 -52.36
C ILE JA 130 -40.80 -39.11 -52.60
N PHE JA 131 -40.88 -38.66 -53.85
CA PHE JA 131 -40.18 -37.43 -54.23
C PHE JA 131 -40.91 -36.18 -53.76
N ASN JA 132 -42.14 -35.95 -54.24
CA ASN JA 132 -43.05 -34.89 -53.77
C ASN JA 132 -42.44 -33.50 -53.90
N MET JA 133 -42.32 -33.00 -55.15
CA MET JA 133 -41.65 -31.73 -55.42
C MET JA 133 -42.27 -30.54 -54.69
N GLN JA 134 -43.55 -30.60 -54.35
CA GLN JA 134 -44.17 -29.54 -53.55
C GLN JA 134 -43.66 -29.57 -52.11
N ARG KA 4 20.82 29.56 58.80
CA ARG KA 4 22.11 29.98 58.24
C ARG KA 4 22.92 30.76 59.27
N ARG KA 5 24.23 30.77 59.08
CA ARG KA 5 25.15 31.49 59.95
C ARG KA 5 25.15 32.97 59.59
N THR KA 6 26.14 33.69 60.11
CA THR KA 6 26.52 34.98 59.56
C THR KA 6 27.93 34.91 58.97
N GLY KA 7 28.92 34.55 59.80
CA GLY KA 7 30.32 34.66 59.43
C GLY KA 7 30.76 33.85 58.23
N ILE KA 8 30.97 34.54 57.13
CA ILE KA 8 31.27 33.91 55.85
C ILE KA 8 32.40 34.70 55.20
N THR KA 9 33.22 34.00 54.44
CA THR KA 9 34.46 34.58 53.93
C THR KA 9 34.14 35.51 52.76
N THR KA 10 35.14 36.27 52.34
CA THR KA 10 35.00 37.17 51.20
C THR KA 10 34.87 36.40 49.89
N GLU KA 11 35.52 35.25 49.78
CA GLU KA 11 35.49 34.48 48.54
C GLU KA 11 34.15 33.81 48.30
N ASP KA 12 33.43 33.43 49.36
CA ASP KA 12 32.18 32.69 49.17
C ASP KA 12 31.08 33.57 48.60
N ALA KA 13 31.01 34.82 49.06
CA ALA KA 13 29.99 35.74 48.55
C ALA KA 13 30.26 36.13 47.11
N ILE KA 14 31.53 36.37 46.77
CA ILE KA 14 31.91 36.68 45.40
C ILE KA 14 31.67 35.48 44.50
N THR KA 15 31.90 34.26 45.02
CA THR KA 15 31.65 33.06 44.26
C THR KA 15 30.17 32.86 43.98
N LYS KA 16 29.31 33.21 44.95
CA LYS KA 16 27.86 33.17 44.71
C LYS KA 16 27.44 34.17 43.65
N TYR KA 17 27.89 35.42 43.78
CA TYR KA 17 27.43 36.48 42.89
C TYR KA 17 27.95 36.29 41.48
N SER KA 18 29.11 35.64 41.33
CA SER KA 18 29.67 35.45 40.00
C SER KA 18 29.00 34.27 39.30
N VAL KA 19 28.65 33.22 40.04
CA VAL KA 19 28.12 32.03 39.40
C VAL KA 19 26.62 32.14 39.20
N LYS KA 20 25.94 33.04 39.91
CA LYS KA 20 24.50 33.13 39.72
C LYS KA 20 24.06 34.05 38.60
N ALA KA 21 24.95 34.44 37.67
CA ALA KA 21 24.63 35.51 36.73
C ALA KA 21 23.52 35.10 35.75
N LYS KA 22 23.61 33.88 35.24
CA LYS KA 22 22.62 33.40 34.27
C LYS KA 22 21.23 33.29 34.90
N THR KA 23 21.16 32.72 36.11
CA THR KA 23 19.86 32.56 36.76
C THR KA 23 19.29 33.90 37.22
N GLU KA 24 20.14 34.83 37.64
CA GLU KA 24 19.59 36.09 38.12
C GLU KA 24 19.11 36.95 36.95
N GLN KA 25 19.74 36.83 35.79
CA GLN KA 25 19.21 37.61 34.67
C GLN KA 25 17.97 36.95 34.06
N THR KA 26 17.89 35.61 34.08
CA THR KA 26 16.65 35.00 33.58
C THR KA 26 15.55 35.06 34.63
N ALA KA 27 15.86 35.47 35.86
CA ALA KA 27 14.79 35.80 36.79
C ALA KA 27 14.36 37.25 36.67
N TYR KA 28 15.28 38.16 36.31
CA TYR KA 28 14.88 39.53 36.04
C TYR KA 28 13.98 39.62 34.82
N LYS KA 29 14.18 38.72 33.84
CA LYS KA 29 13.33 38.73 32.65
C LYS KA 29 11.88 38.39 32.98
N ASN KA 30 11.63 37.64 34.06
CA ASN KA 30 10.26 37.41 34.50
C ASN KA 30 9.80 38.49 35.48
N ALA KA 31 10.75 39.10 36.18
CA ALA KA 31 10.40 40.18 37.07
C ALA KA 31 9.93 41.43 36.32
N THR KA 32 10.24 41.53 35.02
CA THR KA 32 9.62 42.58 34.21
C THR KA 32 8.09 42.42 34.13
N LYS KA 33 7.65 41.20 33.81
CA LYS KA 33 6.21 40.87 33.80
C LYS KA 33 5.58 41.15 35.15
N ASP KA 34 6.30 40.86 36.23
CA ASP KA 34 5.74 41.18 37.54
C ASP KA 34 5.74 42.68 37.83
N MET KA 35 6.72 43.42 37.31
CA MET KA 35 6.82 44.84 37.58
C MET KA 35 5.75 45.67 36.90
N VAL KA 36 5.19 45.19 35.78
CA VAL KA 36 4.21 45.98 35.03
C VAL KA 36 3.01 46.36 35.87
N VAL KA 37 2.41 45.42 36.59
CA VAL KA 37 1.21 45.74 37.35
C VAL KA 37 1.56 46.35 38.69
N GLN KA 38 2.73 46.02 39.24
CA GLN KA 38 3.12 46.55 40.55
C GLN KA 38 3.74 47.92 40.48
N ALA KA 39 4.02 48.45 39.28
CA ALA KA 39 4.78 49.69 39.19
C ALA KA 39 3.94 50.92 39.44
N GLN KA 40 2.63 50.77 39.61
CA GLN KA 40 1.79 51.95 39.81
C GLN KA 40 1.76 52.39 41.26
N ASN KA 41 2.51 51.71 42.14
CA ASN KA 41 2.78 52.28 43.45
C ASN KA 41 3.64 53.53 43.34
N ILE KA 42 4.43 53.66 42.27
CA ILE KA 42 5.13 54.90 41.97
C ILE KA 42 4.14 56.04 41.75
N MET KA 43 3.09 55.76 40.97
CA MET KA 43 2.06 56.75 40.68
C MET KA 43 1.29 57.14 41.94
N ASN KA 44 0.92 56.14 42.75
CA ASN KA 44 0.22 56.43 44.01
C ASN KA 44 1.09 57.23 44.97
N PHE KA 45 2.37 56.88 45.06
CA PHE KA 45 3.30 57.55 45.95
C PHE KA 45 3.49 59.01 45.58
N TYR KA 46 3.80 59.29 44.31
CA TYR KA 46 4.05 60.68 43.96
C TYR KA 46 2.76 61.49 43.91
N SER KA 47 1.62 60.84 43.67
CA SER KA 47 0.35 61.54 43.77
C SER KA 47 0.09 62.00 45.19
N VAL KA 48 0.19 61.08 46.16
CA VAL KA 48 -0.15 61.44 47.53
C VAL KA 48 0.95 62.27 48.19
N VAL KA 49 2.16 62.32 47.61
CA VAL KA 49 3.16 63.21 48.18
C VAL KA 49 3.09 64.61 47.57
N ASN KA 50 2.97 64.73 46.25
CA ASN KA 50 2.88 66.04 45.61
C ASN KA 50 1.60 66.78 45.97
N GLN KA 51 0.49 66.05 46.14
CA GLN KA 51 -0.78 66.69 46.49
C GLN KA 51 -0.75 67.33 47.88
N ALA KA 52 0.17 66.89 48.73
CA ALA KA 52 0.28 67.51 50.05
C ALA KA 52 1.49 68.43 50.18
N LEU KA 53 2.49 68.31 49.30
CA LEU KA 53 3.68 69.15 49.46
C LEU KA 53 3.78 70.30 48.48
N ILE KA 54 3.20 70.20 47.28
CA ILE KA 54 3.27 71.31 46.32
C ILE KA 54 2.61 72.59 46.83
N PRO KA 55 1.43 72.58 47.48
CA PRO KA 55 0.96 73.84 48.06
C PRO KA 55 1.79 74.35 49.21
N TRP KA 56 2.33 73.49 50.09
CA TRP KA 56 3.10 73.97 51.23
C TRP KA 56 4.41 74.60 50.79
N LEU KA 57 5.21 73.85 50.02
CA LEU KA 57 6.47 74.36 49.50
C LEU KA 57 6.24 75.55 48.59
N ASN KA 58 5.16 75.52 47.83
CA ASN KA 58 4.91 76.53 46.83
C ASN KA 58 4.43 77.84 47.44
N ALA KA 59 3.73 77.78 48.57
CA ALA KA 59 3.19 78.98 49.19
C ALA KA 59 3.89 79.40 50.46
N HIS KA 60 4.85 78.61 50.95
CA HIS KA 60 5.57 79.04 52.14
C HIS KA 60 6.86 79.75 51.80
N GLY KA 61 7.29 79.65 50.55
CA GLY KA 61 8.33 80.51 50.03
C GLY KA 61 9.67 79.86 49.76
N VAL KA 62 9.74 78.53 49.81
CA VAL KA 62 11.03 77.87 49.62
C VAL KA 62 11.36 77.79 48.14
N GLY KA 63 12.65 77.70 47.84
CA GLY KA 63 13.15 77.94 46.51
C GLY KA 63 12.96 76.76 45.58
N GLY KA 64 13.87 76.65 44.62
CA GLY KA 64 13.78 75.58 43.66
C GLY KA 64 14.52 74.34 44.12
N ASN KA 65 15.78 74.49 44.48
CA ASN KA 65 16.65 73.34 44.64
C ASN KA 65 16.67 72.82 46.08
N LEU KA 66 16.06 73.52 47.03
CA LEU KA 66 15.89 73.05 48.41
C LEU KA 66 14.65 72.18 48.57
N ARG KA 67 13.76 72.23 47.57
CA ARG KA 67 12.57 71.39 47.60
C ARG KA 67 12.93 69.92 47.69
N ILE KA 68 14.05 69.50 47.11
CA ILE KA 68 14.54 68.14 47.22
C ILE KA 68 14.93 67.75 48.63
N LEU KA 69 15.57 68.66 49.37
CA LEU KA 69 15.94 68.36 50.74
C LEU KA 69 14.68 68.19 51.60
N TYR KA 70 13.68 69.02 51.33
CA TYR KA 70 12.38 68.80 51.97
C TYR KA 70 11.73 67.49 51.52
N ARG KA 71 11.95 67.09 50.26
CA ARG KA 71 11.46 65.79 49.81
C ARG KA 71 12.20 64.65 50.50
N GLN KA 72 13.48 64.84 50.84
CA GLN KA 72 14.23 63.82 51.57
C GLN KA 72 13.58 63.57 52.91
N LEU KA 73 13.23 64.66 53.60
CA LEU KA 73 12.54 64.55 54.89
C LEU KA 73 11.16 63.88 54.75
N ALA KA 74 10.35 64.35 53.79
CA ALA KA 74 9.00 63.83 53.66
C ALA KA 74 9.00 62.38 53.17
N ASN KA 75 9.92 62.04 52.28
CA ASN KA 75 9.98 60.70 51.74
C ASN KA 75 10.45 59.69 52.78
N GLU KA 76 11.39 60.08 53.64
CA GLU KA 76 11.79 59.18 54.72
C GLU KA 76 10.65 58.98 55.71
N TYR KA 77 9.86 60.04 55.95
CA TYR KA 77 8.70 59.89 56.82
C TYR KA 77 7.64 58.97 56.21
N VAL KA 78 7.45 59.03 54.89
CA VAL KA 78 6.45 58.17 54.26
C VAL KA 78 6.94 56.72 54.22
N LYS KA 79 8.26 56.51 54.14
CA LYS KA 79 8.79 55.14 54.25
C LYS KA 79 8.51 54.55 55.62
N VAL KA 80 8.79 55.33 56.67
CA VAL KA 80 8.50 54.89 58.04
C VAL KA 80 7.01 54.62 58.23
N LEU KA 81 6.16 55.39 57.55
CA LEU KA 81 4.72 55.14 57.61
C LEU KA 81 4.33 53.82 56.95
N ASN KA 82 4.66 53.64 55.67
CA ASN KA 82 4.17 52.47 54.97
C ASN KA 82 5.00 51.21 55.21
N THR KA 83 5.93 51.24 56.18
CA THR KA 83 6.30 49.99 56.82
C THR KA 83 5.44 49.66 58.03
N LYS KA 84 4.21 50.18 58.09
CA LYS KA 84 3.21 49.94 59.13
C LYS KA 84 3.68 50.33 60.53
N GLN KA 85 3.93 51.61 60.76
CA GLN KA 85 4.39 52.09 62.07
C GLN KA 85 3.60 53.35 62.42
N SER KA 86 2.76 53.25 63.44
CA SER KA 86 1.82 54.31 63.82
C SER KA 86 2.47 55.25 64.82
N GLY KA 87 1.63 56.04 65.49
CA GLY KA 87 2.04 57.27 66.15
C GLY KA 87 2.98 57.12 67.32
N GLU KA 88 3.00 55.96 67.99
CA GLU KA 88 3.84 55.82 69.17
C GLU KA 88 5.33 55.74 68.83
N VAL KA 89 5.67 55.48 67.57
CA VAL KA 89 7.05 55.59 67.13
C VAL KA 89 7.26 56.92 66.40
N ILE KA 90 6.20 57.43 65.77
CA ILE KA 90 6.25 58.68 65.02
C ILE KA 90 6.55 59.85 65.95
N LYS KA 91 6.02 59.84 67.17
CA LYS KA 91 6.28 60.93 68.13
C LYS KA 91 7.73 61.02 68.57
N ARG KA 92 8.57 60.05 68.21
CA ARG KA 92 10.00 60.03 68.46
C ARG KA 92 10.80 60.25 67.18
N LEU KA 93 10.36 59.64 66.08
CA LEU KA 93 11.07 59.81 64.83
C LEU KA 93 10.89 61.19 64.24
N LYS KA 94 9.84 61.93 64.62
CA LYS KA 94 9.70 63.31 64.17
C LYS KA 94 10.80 64.20 64.72
N ILE KA 95 11.11 64.09 66.02
CA ILE KA 95 12.17 64.93 66.56
C ILE KA 95 13.55 64.41 66.14
N ALA KA 96 13.67 63.09 65.87
CA ALA KA 96 14.91 62.57 65.31
C ALA KA 96 15.19 63.16 63.93
N LEU KA 97 14.19 63.14 63.05
CA LEU KA 97 14.34 63.72 61.72
C LEU KA 97 14.50 65.23 61.77
N ARG KA 98 13.90 65.88 62.76
CA ARG KA 98 14.06 67.32 62.93
C ARG KA 98 15.50 67.66 63.24
N HIS KA 99 16.13 66.91 64.14
CA HIS KA 99 17.54 67.18 64.45
C HIS KA 99 18.44 66.80 63.28
N LYS KA 100 18.11 65.73 62.55
CA LYS KA 100 18.96 65.30 61.44
C LYS KA 100 18.94 66.31 60.30
N TYR KA 101 17.77 66.78 59.90
CA TYR KA 101 17.74 67.75 58.82
C TYR KA 101 17.96 69.18 59.29
N TRP KA 102 17.97 69.45 60.60
CA TRP KA 102 18.56 70.69 61.07
C TRP KA 102 20.07 70.64 60.92
N LEU KA 103 20.65 69.46 61.17
CA LEU KA 103 22.08 69.30 61.10
C LEU KA 103 22.62 69.44 59.68
N ARG KA 104 21.78 69.25 58.66
CA ARG KA 104 22.21 69.40 57.28
C ARG KA 104 21.94 70.79 56.74
N GLY KA 105 21.68 71.76 57.61
CA GLY KA 105 21.72 73.16 57.25
C GLY KA 105 20.39 73.84 57.06
N LEU KA 106 19.29 73.22 57.45
CA LEU KA 106 18.02 73.92 57.34
C LEU KA 106 17.84 74.92 58.47
N ASP KA 107 16.70 75.61 58.46
CA ASP KA 107 16.35 76.59 59.47
C ASP KA 107 15.19 76.07 60.29
N GLU KA 108 15.27 76.25 61.62
CA GLU KA 108 14.27 75.66 62.50
C GLU KA 108 12.94 76.39 62.44
N ALA KA 109 12.92 77.66 61.99
CA ALA KA 109 11.66 78.37 61.81
C ALA KA 109 10.84 77.79 60.67
N MET KA 110 11.48 77.09 59.74
CA MET KA 110 10.78 76.25 58.78
C MET KA 110 10.43 74.90 59.37
N LEU KA 111 11.31 74.35 60.22
CA LEU KA 111 11.17 72.96 60.65
C LEU KA 111 10.05 72.75 61.65
N ASP KA 112 9.81 73.70 62.55
CA ASP KA 112 8.70 73.52 63.49
C ASP KA 112 7.36 73.50 62.76
N GLU KA 113 7.19 74.39 61.78
CA GLU KA 113 5.95 74.41 61.00
C GLU KA 113 5.86 73.20 60.07
N PHE KA 114 7.00 72.71 59.58
CA PHE KA 114 6.94 71.57 58.68
C PHE KA 114 6.67 70.28 59.44
N MET KA 115 7.23 70.14 60.64
CA MET KA 115 6.93 68.97 61.45
C MET KA 115 5.51 68.99 61.99
N ASP KA 116 4.96 70.20 62.21
CA ASP KA 116 3.54 70.27 62.49
C ASP KA 116 2.72 69.97 61.24
N TYR KA 117 3.29 70.17 60.06
CA TYR KA 117 2.53 69.93 58.84
C TYR KA 117 2.46 68.46 58.48
N ILE KA 118 3.51 67.68 58.70
CA ILE KA 118 3.55 66.30 58.18
C ILE KA 118 2.85 65.43 59.22
N ASP KA 119 1.53 65.47 59.16
CA ASP KA 119 0.68 64.43 59.71
C ASP KA 119 -0.42 64.08 58.73
N SER KA 120 -0.41 64.70 57.56
CA SER KA 120 -1.35 64.43 56.49
C SER KA 120 -0.79 63.46 55.47
N LEU KA 121 0.49 63.12 55.58
CA LEU KA 121 1.11 62.08 54.77
C LEU KA 121 0.78 60.74 55.42
N LYS KA 122 0.39 59.75 54.61
CA LYS KA 122 0.03 58.42 55.11
C LYS KA 122 0.67 57.36 54.21
N SER KA 123 0.25 56.11 54.40
CA SER KA 123 0.85 54.99 53.69
C SER KA 123 0.38 54.96 52.24
N THR KA 124 1.22 54.38 51.38
CA THR KA 124 1.02 54.41 49.94
C THR KA 124 0.84 53.04 49.30
N THR KA 125 1.72 52.09 49.60
CA THR KA 125 1.85 50.89 48.79
C THR KA 125 0.72 49.91 49.06
N THR KA 126 0.12 49.40 47.99
CA THR KA 126 -0.89 48.36 48.07
C THR KA 126 -0.45 47.21 47.18
N ASN KA 127 -1.27 46.17 47.12
CA ASN KA 127 -1.02 45.00 46.28
C ASN KA 127 -1.92 45.06 45.06
N TYR KA 128 -1.40 44.61 43.92
CA TYR KA 128 -2.16 44.70 42.68
C TYR KA 128 -2.19 43.39 41.92
N ILE KA 129 -1.99 42.27 42.60
CA ILE KA 129 -2.13 40.96 41.97
C ILE KA 129 -3.00 40.09 42.87
N ILE KA 130 -4.17 39.70 42.36
CA ILE KA 130 -5.08 38.82 43.08
C ILE KA 130 -4.89 37.40 42.57
N PHE KA 131 -5.24 36.43 43.41
CA PHE KA 131 -4.93 35.04 43.11
C PHE KA 131 -5.87 34.44 42.07
N ASN KA 132 -7.18 34.37 42.38
CA ASN KA 132 -8.24 33.97 41.44
C ASN KA 132 -8.02 32.59 40.83
N MET KA 133 -8.20 31.54 41.64
CA MET KA 133 -7.91 30.17 41.22
C MET KA 133 -8.69 29.73 39.98
N GLN KA 134 -9.86 30.30 39.74
CA GLN KA 134 -10.62 30.00 38.52
C GLN KA 134 -9.93 30.60 37.29
N ARG LA 4 -19.72 -61.18 -42.93
CA ARG LA 4 -18.55 -61.25 -42.07
C ARG LA 4 -18.02 -62.68 -41.98
N ARG LA 5 -16.75 -62.80 -41.64
CA ARG LA 5 -16.10 -64.10 -41.48
C ARG LA 5 -16.45 -64.69 -40.12
N THR LA 6 -15.71 -65.73 -39.74
CA THR LA 6 -15.64 -66.14 -38.35
C THR LA 6 -14.24 -65.92 -37.80
N GLY LA 7 -13.24 -66.55 -38.43
CA GLY LA 7 -11.88 -66.62 -37.89
C GLY LA 7 -11.19 -65.30 -37.70
N ILE LA 8 -11.09 -64.89 -36.43
CA ILE LA 8 -10.58 -63.58 -36.07
C ILE LA 8 -9.64 -63.77 -34.88
N THR LA 9 -8.61 -62.94 -34.80
CA THR LA 9 -7.55 -63.13 -33.83
C THR LA 9 -8.02 -62.71 -32.44
N THR LA 10 -7.23 -63.04 -31.43
CA THR LA 10 -7.53 -62.66 -30.06
C THR LA 10 -7.39 -61.15 -29.86
N GLU LA 11 -6.45 -60.52 -30.56
CA GLU LA 11 -6.21 -59.10 -30.38
C GLU LA 11 -7.32 -58.24 -30.95
N ASP LA 12 -7.99 -58.68 -32.02
CA ASP LA 12 -8.99 -57.84 -32.68
C ASP LA 12 -10.24 -57.70 -31.82
N ALA LA 13 -10.66 -58.78 -31.17
CA ALA LA 13 -11.84 -58.73 -30.32
C ALA LA 13 -11.60 -57.89 -29.08
N ILE LA 14 -10.42 -58.03 -28.48
CA ILE LA 14 -10.06 -57.22 -27.32
C ILE LA 14 -9.92 -55.76 -27.71
N THR LA 15 -9.42 -55.49 -28.93
CA THR LA 15 -9.30 -54.12 -29.42
C THR LA 15 -10.67 -53.50 -29.64
N LYS LA 16 -11.65 -54.28 -30.11
CA LYS LA 16 -13.02 -53.77 -30.23
C LYS LA 16 -13.62 -53.45 -28.87
N TYR LA 17 -13.52 -54.39 -27.93
CA TYR LA 17 -14.18 -54.24 -26.64
C TYR LA 17 -13.55 -53.13 -25.82
N SER LA 18 -12.26 -52.86 -26.03
CA SER LA 18 -11.59 -51.82 -25.27
C SER LA 18 -11.88 -50.44 -25.82
N VAL LA 19 -12.00 -50.33 -27.15
CA VAL LA 19 -12.17 -49.01 -27.74
C VAL LA 19 -13.65 -48.62 -27.79
N LYS LA 20 -14.56 -49.57 -27.65
CA LYS LA 20 -15.97 -49.18 -27.70
C LYS LA 20 -16.56 -48.76 -26.37
N ALA LA 21 -15.75 -48.46 -25.35
CA ALA LA 21 -16.28 -48.28 -23.99
C ALA LA 21 -17.17 -47.06 -23.88
N LYS LA 22 -16.76 -45.95 -24.48
CA LYS LA 22 -17.54 -44.71 -24.40
C LYS LA 22 -18.88 -44.86 -25.11
N THR LA 23 -18.89 -45.45 -26.31
CA THR LA 23 -20.13 -45.59 -27.04
C THR LA 23 -21.04 -46.62 -26.40
N GLU LA 24 -20.49 -47.69 -25.81
CA GLU LA 24 -21.37 -48.70 -25.24
C GLU LA 24 -21.98 -48.21 -23.94
N GLN LA 25 -21.28 -47.34 -23.19
CA GLN LA 25 -21.91 -46.82 -21.99
C GLN LA 25 -22.91 -45.71 -22.32
N THR LA 26 -22.65 -44.92 -23.36
CA THR LA 26 -23.66 -43.91 -23.72
C THR LA 26 -24.80 -44.52 -24.52
N ALA LA 27 -24.68 -45.79 -24.92
CA ALA LA 27 -25.85 -46.51 -25.42
C ALA LA 27 -26.63 -47.19 -24.31
N TYR LA 28 -25.96 -47.63 -23.24
CA TYR LA 28 -26.68 -48.15 -22.09
C TYR LA 28 -27.49 -47.07 -21.40
N LYS LA 29 -27.02 -45.83 -21.45
CA LYS LA 29 -27.76 -44.72 -20.84
C LYS LA 29 -29.10 -44.48 -21.54
N ASN LA 30 -29.21 -44.83 -22.83
CA ASN LA 30 -30.50 -44.75 -23.51
C ASN LA 30 -31.27 -46.06 -23.36
N ALA LA 31 -30.55 -47.16 -23.19
CA ALA LA 31 -31.22 -48.44 -22.97
C ALA LA 31 -31.94 -48.49 -21.63
N THR LA 32 -31.60 -47.60 -20.69
CA THR LA 32 -32.41 -47.47 -19.48
C THR LA 32 -33.84 -47.01 -19.80
N LYS LA 33 -33.96 -45.93 -20.61
CA LYS LA 33 -35.24 -45.44 -21.09
C LYS LA 33 -36.02 -46.53 -21.81
N ASP LA 34 -35.31 -47.35 -22.60
CA ASP LA 34 -36.00 -48.44 -23.26
C ASP LA 34 -36.40 -49.55 -22.30
N MET LA 35 -35.60 -49.78 -21.26
CA MET LA 35 -35.90 -50.86 -20.32
C MET LA 35 -37.09 -50.61 -19.43
N VAL LA 36 -37.45 -49.34 -19.21
CA VAL LA 36 -38.55 -49.01 -18.28
C VAL LA 36 -39.86 -49.66 -18.71
N VAL LA 37 -40.23 -49.54 -19.99
CA VAL LA 37 -41.52 -50.06 -20.41
C VAL LA 37 -41.42 -51.56 -20.73
N GLN LA 38 -40.24 -52.03 -21.13
CA GLN LA 38 -40.07 -53.43 -21.48
C GLN LA 38 -39.82 -54.33 -20.28
N ALA LA 39 -39.61 -53.75 -19.09
CA ALA LA 39 -39.19 -54.58 -17.96
C ALA LA 39 -40.33 -55.33 -17.31
N GLN LA 40 -41.57 -55.11 -17.74
CA GLN LA 40 -42.69 -55.79 -17.11
C GLN LA 40 -42.92 -57.18 -17.69
N ASN LA 41 -42.07 -57.61 -18.63
CA ASN LA 41 -42.02 -59.02 -18.97
C ASN LA 41 -41.51 -59.86 -17.81
N ILE LA 42 -40.72 -59.26 -16.91
CA ILE LA 42 -40.34 -59.91 -15.65
C ILE LA 42 -41.59 -60.21 -14.82
N MET LA 43 -42.47 -59.22 -14.71
CA MET LA 43 -43.70 -59.37 -13.94
C MET LA 43 -44.62 -60.42 -14.55
N ASN LA 44 -44.77 -60.39 -15.88
CA ASN LA 44 -45.60 -61.40 -16.57
C ASN LA 44 -45.01 -62.80 -16.41
N PHE LA 45 -43.68 -62.91 -16.52
CA PHE LA 45 -43.01 -64.20 -16.42
C PHE LA 45 -43.17 -64.82 -15.04
N TYR LA 46 -42.88 -64.06 -13.98
CA TYR LA 46 -42.98 -64.67 -12.67
C TYR LA 46 -44.42 -64.84 -12.23
N SER LA 47 -45.34 -64.03 -12.76
CA SER LA 47 -46.75 -64.27 -12.49
C SER LA 47 -47.21 -65.60 -13.08
N VAL LA 48 -46.94 -65.82 -14.37
CA VAL LA 48 -47.43 -67.04 -15.00
C VAL LA 48 -46.62 -68.27 -14.60
N VAL LA 49 -45.43 -68.10 -14.00
CA VAL LA 49 -44.73 -69.28 -13.51
C VAL LA 49 -45.12 -69.61 -12.07
N ASN LA 50 -45.18 -68.63 -11.18
CA ASN LA 50 -45.57 -68.89 -9.79
C ASN LA 50 -47.01 -69.35 -9.67
N GLN LA 51 -47.91 -68.82 -10.51
CA GLN LA 51 -49.31 -69.21 -10.43
C GLN LA 51 -49.53 -70.68 -10.81
N ALA LA 52 -48.59 -71.28 -11.54
CA ALA LA 52 -48.71 -72.69 -11.87
C ALA LA 52 -47.78 -73.58 -11.04
N LEU LA 53 -46.73 -73.03 -10.43
CA LEU LA 53 -45.81 -73.90 -9.69
C LEU LA 53 -45.95 -73.84 -8.18
N ILE LA 54 -46.41 -72.73 -7.60
CA ILE LA 54 -46.57 -72.64 -6.15
C ILE LA 54 -47.56 -73.66 -5.60
N PRO LA 55 -48.73 -73.92 -6.21
CA PRO LA 55 -49.56 -75.03 -5.68
C PRO LA 55 -48.94 -76.41 -5.88
N TRP LA 56 -48.26 -76.68 -6.99
CA TRP LA 56 -47.70 -78.02 -7.21
C TRP LA 56 -46.57 -78.31 -6.24
N LEU LA 57 -45.57 -77.43 -6.20
CA LEU LA 57 -44.45 -77.59 -5.28
C LEU LA 57 -44.92 -77.54 -3.84
N ASN LA 58 -45.91 -76.71 -3.57
CA ASN LA 58 -46.36 -76.48 -2.21
C ASN LA 58 -47.19 -77.63 -1.68
N ALA LA 59 -47.91 -78.33 -2.54
CA ALA LA 59 -48.78 -79.42 -2.09
C ALA LA 59 -48.28 -80.79 -2.46
N HIS LA 60 -47.19 -80.91 -3.20
CA HIS LA 60 -46.67 -82.23 -3.51
C HIS LA 60 -45.58 -82.64 -2.54
N GLY LA 61 -45.06 -81.71 -1.76
CA GLY LA 61 -44.25 -82.03 -0.61
C GLY LA 61 -42.77 -81.70 -0.72
N VAL LA 62 -42.37 -80.97 -1.75
CA VAL LA 62 -40.95 -80.69 -1.93
C VAL LA 62 -40.53 -79.55 -1.01
N GLY LA 63 -39.24 -79.53 -0.67
CA GLY LA 63 -38.74 -78.73 0.42
C GLY LA 63 -38.57 -77.28 0.07
N GLY LA 64 -37.61 -76.65 0.73
CA GLY LA 64 -37.36 -75.24 0.50
C GLY LA 64 -36.36 -75.02 -0.61
N ASN LA 65 -35.20 -75.64 -0.51
CA ASN LA 65 -34.08 -75.28 -1.35
C ASN LA 65 -34.00 -76.08 -2.64
N LEU LA 66 -34.84 -77.13 -2.80
CA LEU LA 66 -34.96 -77.87 -4.06
C LEU LA 66 -35.95 -77.24 -5.01
N ARG LA 67 -36.76 -76.31 -4.51
CA ARG LA 67 -37.69 -75.58 -5.36
C ARG LA 67 -36.98 -74.86 -6.49
N ILE LA 68 -35.76 -74.39 -6.26
CA ILE LA 68 -34.94 -73.76 -7.28
C ILE LA 68 -34.55 -74.71 -8.40
N LEU LA 69 -34.21 -75.96 -8.06
CA LEU LA 69 -33.85 -76.93 -9.09
C LEU LA 69 -35.07 -77.24 -9.95
N TYR LA 70 -36.23 -77.31 -9.32
CA TYR LA 70 -37.47 -77.41 -10.09
C TYR LA 70 -37.73 -76.15 -10.92
N ARG LA 71 -37.35 -74.98 -10.41
CA ARG LA 71 -37.46 -73.76 -11.20
C ARG LA 71 -36.51 -73.78 -12.38
N GLN LA 72 -35.33 -74.40 -12.23
CA GLN LA 72 -34.40 -74.52 -13.35
C GLN LA 72 -35.03 -75.29 -14.49
N LEU LA 73 -35.69 -76.41 -14.15
CA LEU LA 73 -36.41 -77.19 -15.14
C LEU LA 73 -37.54 -76.41 -15.79
N ALA LA 74 -38.40 -75.79 -14.97
CA ALA LA 74 -39.57 -75.10 -15.51
C ALA LA 74 -39.17 -73.85 -16.30
N ASN LA 75 -38.13 -73.15 -15.86
CA ASN LA 75 -37.72 -71.94 -16.53
C ASN LA 75 -37.06 -72.24 -17.87
N GLU LA 76 -36.30 -73.34 -17.96
CA GLU LA 76 -35.75 -73.72 -19.26
C GLU LA 76 -36.86 -74.15 -20.22
N TYR LA 77 -37.90 -74.80 -19.69
CA TYR LA 77 -39.03 -75.16 -20.54
C TYR LA 77 -39.78 -73.93 -21.03
N VAL LA 78 -39.91 -72.89 -20.19
CA VAL LA 78 -40.61 -71.68 -20.62
C VAL LA 78 -39.77 -70.89 -21.62
N LYS LA 79 -38.44 -70.97 -21.52
CA LYS LA 79 -37.59 -70.35 -22.54
C LYS LA 79 -37.77 -71.01 -23.90
N VAL LA 80 -37.77 -72.35 -23.91
CA VAL LA 80 -38.02 -73.10 -25.15
C VAL LA 80 -39.40 -72.77 -25.72
N LEU LA 81 -40.39 -72.55 -24.84
CA LEU LA 81 -41.71 -72.14 -25.30
C LEU LA 81 -41.70 -70.77 -25.96
N ASN LA 82 -41.27 -69.74 -25.25
CA ASN LA 82 -41.40 -68.39 -25.78
C ASN LA 82 -40.30 -68.00 -26.75
N THR LA 83 -39.47 -68.95 -27.19
CA THR LA 83 -38.82 -68.79 -28.48
C THR LA 83 -39.64 -69.37 -29.64
N LYS LA 84 -40.97 -69.47 -29.48
CA LYS LA 84 -41.94 -69.93 -30.48
C LYS LA 84 -41.66 -71.35 -30.98
N GLN LA 85 -41.74 -72.35 -30.10
CA GLN LA 85 -41.52 -73.74 -30.47
C GLN LA 85 -42.61 -74.60 -29.87
N SER LA 86 -43.46 -75.17 -30.71
CA SER LA 86 -44.65 -75.89 -30.31
C SER LA 86 -44.33 -77.37 -30.10
N GLY LA 87 -45.38 -78.19 -30.04
CA GLY LA 87 -45.33 -79.52 -29.45
C GLY LA 87 -44.46 -80.53 -30.15
N GLU LA 88 -44.19 -80.37 -31.44
CA GLU LA 88 -43.40 -81.37 -32.15
C GLU LA 88 -41.93 -81.37 -31.75
N VAL LA 89 -41.46 -80.30 -31.12
CA VAL LA 89 -40.13 -80.30 -30.52
C VAL LA 89 -40.22 -80.56 -29.02
N ILE LA 90 -41.33 -80.16 -28.41
CA ILE LA 90 -41.56 -80.34 -26.98
C ILE LA 90 -41.64 -81.80 -26.60
N LYS LA 91 -42.22 -82.65 -27.47
CA LYS LA 91 -42.29 -84.09 -27.20
C LYS LA 91 -40.94 -84.78 -27.16
N ARG LA 92 -39.86 -84.10 -27.54
CA ARG LA 92 -38.49 -84.57 -27.48
C ARG LA 92 -37.70 -83.87 -26.38
N LEU LA 93 -37.91 -82.55 -26.24
CA LEU LA 93 -37.18 -81.84 -25.21
C LEU LA 93 -37.68 -82.15 -23.81
N LYS LA 94 -38.91 -82.68 -23.66
CA LYS LA 94 -39.37 -83.12 -22.35
C LYS LA 94 -38.56 -84.30 -21.83
N ILE LA 95 -38.32 -85.30 -22.68
CA ILE LA 95 -37.53 -86.44 -22.20
C ILE LA 95 -36.05 -86.08 -22.11
N ALA LA 96 -35.57 -85.12 -22.93
CA ALA LA 96 -34.21 -84.62 -22.76
C ALA LA 96 -34.01 -83.96 -21.42
N LEU LA 97 -34.92 -83.05 -21.04
CA LEU LA 97 -34.85 -82.39 -19.74
C LEU LA 97 -35.07 -83.36 -18.60
N ARG LA 98 -35.89 -84.40 -18.82
CA ARG LA 98 -36.11 -85.41 -17.80
C ARG LA 98 -34.81 -86.15 -17.49
N HIS LA 99 -34.08 -86.54 -18.53
CA HIS LA 99 -32.81 -87.22 -18.28
C HIS LA 99 -31.77 -86.26 -17.69
N LYS LA 100 -31.78 -84.99 -18.12
CA LYS LA 100 -30.78 -84.06 -17.61
C LYS LA 100 -30.98 -83.76 -16.13
N TYR LA 101 -32.22 -83.48 -15.71
CA TYR LA 101 -32.43 -83.22 -14.30
C TYR LA 101 -32.61 -84.48 -13.46
N TRP LA 102 -32.75 -85.66 -14.09
CA TRP LA 102 -32.51 -86.88 -13.33
C TRP LA 102 -31.04 -87.04 -13.03
N LEU LA 103 -30.20 -86.65 -13.98
CA LEU LA 103 -28.76 -86.80 -13.83
C LEU LA 103 -28.19 -85.88 -12.75
N ARG LA 104 -28.90 -84.81 -12.39
CA ARG LA 104 -28.45 -83.90 -11.35
C ARG LA 104 -29.03 -84.25 -9.99
N GLY LA 105 -29.57 -85.46 -9.83
CA GLY LA 105 -29.86 -86.02 -8.53
C GLY LA 105 -31.32 -86.00 -8.11
N LEU LA 106 -32.25 -85.71 -9.01
CA LEU LA 106 -33.65 -85.78 -8.61
C LEU LA 106 -34.14 -87.23 -8.59
N ASP LA 107 -35.41 -87.38 -8.24
CA ASP LA 107 -36.05 -88.69 -8.18
C ASP LA 107 -37.09 -88.78 -9.29
N GLU LA 108 -37.15 -89.94 -9.95
CA GLU LA 108 -38.01 -90.07 -11.12
C GLU LA 108 -39.48 -90.19 -10.75
N ALA LA 109 -39.78 -90.58 -9.51
CA ALA LA 109 -41.17 -90.61 -9.05
C ALA LA 109 -41.75 -89.20 -8.92
N MET LA 110 -40.89 -88.19 -8.76
CA MET LA 110 -41.32 -86.82 -8.92
C MET LA 110 -41.33 -86.40 -10.39
N LEU LA 111 -40.40 -86.91 -11.19
CA LEU LA 111 -40.20 -86.40 -12.53
C LEU LA 111 -41.28 -86.82 -13.50
N ASP LA 112 -41.82 -88.04 -13.38
CA ASP LA 112 -42.90 -88.43 -14.29
C ASP LA 112 -44.14 -87.58 -14.08
N GLU LA 113 -44.48 -87.31 -12.81
CA GLU LA 113 -45.62 -86.47 -12.51
C GLU LA 113 -45.35 -85.01 -12.87
N PHE LA 114 -44.10 -84.56 -12.75
CA PHE LA 114 -43.81 -83.18 -13.06
C PHE LA 114 -43.79 -82.95 -14.57
N MET LA 115 -43.29 -83.91 -15.34
CA MET LA 115 -43.32 -83.79 -16.79
C MET LA 115 -44.73 -83.94 -17.33
N ASP LA 116 -45.58 -84.70 -16.65
CA ASP LA 116 -46.99 -84.69 -16.99
C ASP LA 116 -47.63 -83.37 -16.58
N TYR LA 117 -47.06 -82.68 -15.60
CA TYR LA 117 -47.66 -81.43 -15.14
C TYR LA 117 -47.34 -80.26 -16.05
N ILE LA 118 -46.13 -80.18 -16.60
CA ILE LA 118 -45.72 -78.97 -17.34
C ILE LA 118 -46.23 -79.12 -18.76
N ASP LA 119 -47.51 -78.83 -18.91
CA ASP LA 119 -48.09 -78.47 -20.19
C ASP LA 119 -49.01 -77.27 -20.03
N SER LA 120 -49.10 -76.74 -18.81
CA SER LA 120 -49.87 -75.55 -18.52
C SER LA 120 -49.02 -74.29 -18.52
N LEU LA 121 -47.70 -74.43 -18.64
CA LEU LA 121 -46.81 -73.31 -18.82
C LEU LA 121 -46.81 -72.95 -20.31
N LYS LA 122 -46.89 -71.66 -20.62
CA LYS LA 122 -46.93 -71.18 -22.00
C LYS LA 122 -45.99 -69.99 -22.15
N SER LA 123 -46.09 -69.31 -23.30
CA SER LA 123 -45.18 -68.22 -23.61
C SER LA 123 -45.53 -66.98 -22.80
N THR LA 124 -44.53 -66.13 -22.58
CA THR LA 124 -44.65 -64.98 -21.68
C THR LA 124 -44.44 -63.64 -22.36
N THR LA 125 -43.36 -63.49 -23.13
CA THR LA 125 -42.89 -62.17 -23.52
C THR LA 125 -43.75 -61.57 -24.62
N THR LA 126 -44.13 -60.32 -24.44
CA THR LA 126 -44.84 -59.55 -25.45
C THR LA 126 -44.07 -58.26 -25.70
N ASN LA 127 -44.59 -57.42 -26.59
CA ASN LA 127 -44.00 -56.14 -26.91
C ASN LA 127 -44.81 -55.03 -26.25
N TYR LA 128 -44.14 -53.99 -25.80
CA TYR LA 128 -44.82 -52.92 -25.07
C TYR LA 128 -44.47 -51.54 -25.62
N ILE LA 129 -44.03 -51.45 -26.86
CA ILE LA 129 -43.80 -50.16 -27.50
C ILE LA 129 -44.47 -50.15 -28.86
N ILE LA 130 -45.46 -49.30 -29.03
CA ILE LA 130 -46.17 -49.15 -30.30
C ILE LA 130 -45.59 -47.95 -31.04
N PHE LA 131 -45.73 -47.96 -32.36
CA PHE LA 131 -45.06 -46.96 -33.18
C PHE LA 131 -45.75 -45.60 -33.14
N ASN LA 132 -47.01 -45.53 -33.62
CA ASN LA 132 -47.89 -44.36 -33.50
C ASN LA 132 -47.28 -43.10 -34.14
N MET LA 133 -47.24 -43.07 -35.48
CA MET LA 133 -46.58 -41.99 -36.22
C MET LA 133 -47.15 -40.60 -35.91
N GLN LA 134 -48.42 -40.52 -35.51
CA GLN LA 134 -49.00 -39.25 -35.09
C GLN LA 134 -48.41 -38.77 -33.77
N ARG MA 4 19.52 1.63 62.59
CA ARG MA 4 20.83 2.20 62.30
C ARG MA 4 21.57 2.57 63.56
N ARG MA 5 22.89 2.66 63.47
CA ARG MA 5 23.74 3.03 64.58
C ARG MA 5 23.74 4.55 64.76
N THR MA 6 24.68 5.03 65.56
CA THR MA 6 25.07 6.44 65.51
C THR MA 6 26.50 6.58 65.01
N GLY MA 7 27.45 5.96 65.70
CA GLY MA 7 28.86 6.19 65.48
C GLY MA 7 29.37 5.85 64.10
N ILE MA 8 29.63 6.90 63.32
CA ILE MA 8 30.00 6.76 61.92
C ILE MA 8 31.15 7.72 61.66
N THR MA 9 32.03 7.34 60.74
CA THR MA 9 33.26 8.07 60.53
C THR MA 9 32.99 9.35 59.75
N THR MA 10 33.98 10.22 59.68
CA THR MA 10 33.88 11.46 58.92
C THR MA 10 33.82 11.20 57.42
N GLU MA 11 34.52 10.16 56.96
CA GLU MA 11 34.56 9.88 55.53
C GLU MA 11 33.25 9.34 54.98
N ASP MA 12 32.48 8.61 55.80
CA ASP MA 12 31.27 7.97 55.29
C ASP MA 12 30.18 9.00 55.01
N ALA MA 13 30.06 10.01 55.88
CA ALA MA 13 29.04 11.03 55.68
C ALA MA 13 29.37 11.92 54.48
N ILE MA 14 30.65 12.26 54.32
CA ILE MA 14 31.08 13.04 53.16
C ILE MA 14 30.92 12.23 51.89
N THR MA 15 31.16 10.91 51.96
CA THR MA 15 30.98 10.05 50.81
C THR MA 15 29.50 9.96 50.40
N LYS MA 16 28.59 9.94 51.38
CA LYS MA 16 27.17 9.98 51.07
C LYS MA 16 26.76 11.29 50.40
N TYR MA 17 27.18 12.42 50.99
CA TYR MA 17 26.74 13.73 50.51
C TYR MA 17 27.34 14.04 49.15
N SER MA 18 28.51 13.49 48.84
CA SER MA 18 29.14 13.77 47.57
C SER MA 18 28.54 12.92 46.45
N VAL MA 19 28.17 11.68 46.77
CA VAL MA 19 27.70 10.79 45.72
C VAL MA 19 26.20 10.96 45.49
N LYS MA 20 25.47 11.55 46.43
CA LYS MA 20 24.04 11.69 46.21
C LYS MA 20 23.64 12.96 45.46
N ALA MA 21 24.57 13.64 44.79
CA ALA MA 21 24.27 14.97 44.26
C ALA MA 21 23.22 14.94 43.16
N LYS MA 22 23.35 13.97 42.24
CA LYS MA 22 22.42 13.85 41.12
C LYS MA 22 21.02 13.53 41.59
N THR MA 23 20.89 12.57 42.52
CA THR MA 23 19.57 12.20 42.99
C THR MA 23 18.96 13.27 43.87
N GLU MA 24 19.75 14.00 44.64
CA GLU MA 24 19.15 15.02 45.50
C GLU MA 24 18.72 16.23 44.69
N GLN MA 25 19.40 16.53 43.59
CA GLN MA 25 18.91 17.64 42.79
C GLN MA 25 17.72 17.24 41.93
N THR MA 26 17.66 15.98 41.46
CA THR MA 26 16.47 15.58 40.72
C THR MA 26 15.31 15.25 41.65
N ALA MA 27 15.55 15.21 42.96
CA ALA MA 27 14.44 15.19 43.90
C ALA MA 27 13.97 16.60 44.27
N TYR MA 28 14.89 17.57 44.30
CA TYR MA 28 14.47 18.95 44.52
C TYR MA 28 13.63 19.46 43.35
N LYS MA 29 13.90 18.96 42.14
CA LYS MA 29 13.12 19.39 40.98
C LYS MA 29 11.65 18.95 41.10
N ASN MA 30 11.37 17.86 41.83
CA ASN MA 30 9.98 17.49 42.09
C ASN MA 30 9.46 18.16 43.35
N ALA MA 31 10.35 18.48 44.28
CA ALA MA 31 9.94 19.18 45.47
C ALA MA 31 9.49 20.60 45.18
N THR MA 32 9.85 21.16 44.02
CA THR MA 32 9.25 22.43 43.60
C THR MA 32 7.74 22.30 43.38
N LYS MA 33 7.32 21.27 42.64
CA LYS MA 33 5.91 20.96 42.43
C LYS MA 33 5.20 20.75 43.76
N ASP MA 34 5.86 20.11 44.71
CA ASP MA 34 5.24 19.92 46.01
C ASP MA 34 5.19 21.23 46.81
N MET MA 35 6.18 22.10 46.64
CA MET MA 35 6.24 23.35 47.40
C MET MA 35 5.18 24.36 46.99
N VAL MA 36 4.69 24.29 45.75
CA VAL MA 36 3.74 25.30 45.27
C VAL MA 36 2.48 25.36 46.13
N VAL MA 37 1.87 24.22 46.44
CA VAL MA 37 0.63 24.24 47.19
C VAL MA 37 0.90 24.34 48.69
N GLN MA 38 2.05 23.85 49.15
CA GLN MA 38 2.36 23.89 50.58
C GLN MA 38 2.95 25.20 51.02
N ALA MA 39 3.28 26.11 50.11
CA ALA MA 39 4.02 27.30 50.49
C ALA MA 39 3.13 28.38 51.11
N GLN MA 40 1.82 28.17 51.16
CA GLN MA 40 0.95 29.19 51.71
C GLN MA 40 0.84 29.10 53.22
N ASN MA 41 1.56 28.16 53.84
CA ASN MA 41 1.76 28.22 55.28
C ASN MA 41 2.59 29.43 55.66
N ILE MA 42 3.43 29.93 54.76
CA ILE MA 42 4.12 31.21 54.95
C ILE MA 42 3.10 32.34 55.09
N MET MA 43 2.10 32.36 54.20
CA MET MA 43 1.08 33.39 54.23
C MET MA 43 0.24 33.30 55.50
N ASN MA 44 -0.16 32.09 55.89
CA ASN MA 44 -0.93 31.90 57.13
C ASN MA 44 -0.12 32.31 58.35
N PHE MA 45 1.18 31.95 58.37
CA PHE MA 45 2.04 32.27 59.50
C PHE MA 45 2.21 33.77 59.68
N TYR MA 46 2.58 34.48 58.61
CA TYR MA 46 2.82 35.92 58.78
C TYR MA 46 1.52 36.68 58.95
N SER MA 47 0.39 36.15 58.43
CA SER MA 47 -0.89 36.77 58.71
C SER MA 47 -1.23 36.70 60.19
N VAL MA 48 -1.16 35.50 60.77
CA VAL MA 48 -1.57 35.34 62.16
C VAL MA 48 -0.52 35.90 63.12
N VAL MA 49 0.71 36.15 62.67
CA VAL MA 49 1.67 36.79 63.58
C VAL MA 49 1.59 38.32 63.49
N ASN MA 50 1.54 38.88 62.28
CA ASN MA 50 1.45 40.34 62.15
C ASN MA 50 0.13 40.89 62.68
N GLN MA 51 -0.97 40.15 62.52
CA GLN MA 51 -2.27 40.63 63.00
C GLN MA 51 -2.31 40.73 64.53
N ALA MA 52 -1.43 40.03 65.22
CA ALA MA 52 -1.40 40.14 66.67
C ALA MA 52 -0.21 40.97 67.18
N LEU MA 53 0.83 41.16 66.37
CA LEU MA 53 2.00 41.90 66.88
C LEU MA 53 2.12 43.32 66.38
N ILE MA 54 1.60 43.65 65.19
CA ILE MA 54 1.70 45.02 64.68
C ILE MA 54 0.99 46.03 65.58
N PRO MA 55 -0.23 45.79 66.11
CA PRO MA 55 -0.76 46.77 67.08
C PRO MA 55 0.00 46.84 68.38
N TRP MA 56 0.51 45.73 68.92
CA TRP MA 56 1.22 45.78 70.20
C TRP MA 56 2.54 46.52 70.08
N LEU MA 57 3.39 46.10 69.14
CA LEU MA 57 4.66 46.76 68.91
C LEU MA 57 4.45 48.20 68.46
N ASN MA 58 3.41 48.43 67.68
CA ASN MA 58 3.18 49.73 67.09
C ASN MA 58 2.65 50.74 68.09
N ALA MA 59 1.90 50.29 69.10
CA ALA MA 59 1.29 51.19 70.06
C ALA MA 59 1.93 51.14 71.44
N HIS MA 60 2.87 50.23 71.67
CA HIS MA 60 3.53 50.20 72.97
C HIS MA 60 4.82 50.99 72.96
N GLY MA 61 5.32 51.35 71.78
CA GLY MA 61 6.36 52.34 71.66
C GLY MA 61 7.73 51.83 71.25
N VAL MA 62 7.82 50.58 70.83
CA VAL MA 62 9.13 50.02 70.50
C VAL MA 62 9.53 50.48 69.09
N GLY MA 63 10.84 50.50 68.86
CA GLY MA 63 11.40 51.20 67.72
C GLY MA 63 11.28 50.42 66.42
N GLY MA 64 12.24 50.66 65.54
CA GLY MA 64 12.22 49.99 64.26
C GLY MA 64 12.96 48.68 64.29
N ASN MA 65 14.20 48.70 64.74
CA ASN MA 65 15.09 47.56 64.55
C ASN MA 65 15.05 46.56 65.70
N LEU MA 66 14.38 46.89 66.82
CA LEU MA 66 14.14 45.96 67.91
C LEU MA 66 12.92 45.09 67.70
N ARG MA 67 12.08 45.47 66.74
CA ARG MA 67 10.91 44.68 66.40
C ARG MA 67 11.29 43.26 65.99
N ILE MA 68 12.44 43.08 65.37
CA ILE MA 68 12.96 41.77 65.01
C ILE MA 68 13.29 40.92 66.22
N LEU MA 69 13.88 41.51 67.26
CA LEU MA 69 14.19 40.75 68.46
C LEU MA 69 12.90 40.28 69.13
N TYR MA 70 11.88 41.15 69.12
CA TYR MA 70 10.56 40.72 69.56
C TYR MA 70 9.97 39.65 68.65
N ARG MA 71 10.26 39.71 67.35
CA ARG MA 71 9.82 38.65 66.44
C ARG MA 71 10.54 37.35 66.73
N GLN MA 72 11.80 37.42 67.16
CA GLN MA 72 12.53 36.20 67.54
C GLN MA 72 11.83 35.49 68.67
N LEU MA 73 11.43 36.27 69.68
CA LEU MA 73 10.67 35.70 70.80
C LEU MA 73 9.33 35.12 70.36
N ALA MA 74 8.54 35.90 69.60
CA ALA MA 74 7.21 35.46 69.22
C ALA MA 74 7.26 34.28 68.25
N ASN MA 75 8.25 34.27 67.35
CA ASN MA 75 8.36 33.20 66.37
C ASN MA 75 8.80 31.90 67.01
N GLU MA 76 9.69 31.97 68.00
CA GLU MA 76 10.05 30.74 68.71
C GLU MA 76 8.87 30.20 69.51
N TYR MA 77 8.05 31.11 70.07
CA TYR MA 77 6.85 30.65 70.77
C TYR MA 77 5.85 30.00 69.82
N VAL MA 78 5.71 30.53 68.60
CA VAL MA 78 4.76 29.94 67.65
C VAL MA 78 5.28 28.59 67.13
N LYS MA 79 6.62 28.43 67.04
CA LYS MA 79 7.16 27.12 66.69
C LYS MA 79 6.84 26.07 67.75
N VAL MA 80 7.05 26.43 69.03
CA VAL MA 80 6.70 25.54 70.14
C VAL MA 80 5.21 25.22 70.13
N LEU MA 81 4.38 26.18 69.73
CA LEU MA 81 2.94 25.91 69.61
C LEU MA 81 2.62 24.92 68.51
N ASN MA 82 3.01 25.20 67.28
CA ASN MA 82 2.58 24.35 66.18
C ASN MA 82 3.42 23.09 66.01
N THR MA 83 4.30 22.78 66.97
CA THR MA 83 4.67 21.38 67.15
C THR MA 83 3.76 20.65 68.13
N LYS MA 84 2.52 21.11 68.30
CA LYS MA 84 1.48 20.51 69.13
C LYS MA 84 1.87 20.38 70.61
N GLN MA 85 2.09 21.50 71.29
CA GLN MA 85 2.47 21.49 72.70
C GLN MA 85 1.63 22.54 73.42
N SER MA 86 0.74 22.09 74.31
CA SER MA 86 -0.24 22.93 74.98
C SER MA 86 0.35 23.47 76.29
N GLY MA 87 -0.54 23.97 77.14
CA GLY MA 87 -0.20 24.89 78.21
C GLY MA 87 0.70 24.34 79.31
N GLU MA 88 0.70 23.03 79.53
CA GLU MA 88 1.49 22.47 80.62
C GLU MA 88 2.99 22.53 80.35
N VAL MA 89 3.40 22.72 79.11
CA VAL MA 89 4.79 22.99 78.80
C VAL MA 89 5.01 24.49 78.60
N ILE MA 90 3.98 25.19 78.14
CA ILE MA 90 4.04 26.62 77.88
C ILE MA 90 4.26 27.40 79.16
N LYS MA 91 3.67 26.96 80.29
CA LYS MA 91 3.86 27.63 81.57
C LYS MA 91 5.29 27.57 82.10
N ARG MA 92 6.17 26.78 81.46
CA ARG MA 92 7.59 26.69 81.77
C ARG MA 92 8.43 27.35 80.68
N LEU MA 93 8.06 27.16 79.43
CA LEU MA 93 8.84 27.76 78.36
C LEU MA 93 8.65 29.28 78.28
N LYS MA 94 7.56 29.81 78.84
CA LYS MA 94 7.41 31.27 78.89
C LYS MA 94 8.47 31.91 79.78
N ILE MA 95 8.71 31.35 80.96
CA ILE MA 95 9.74 31.94 81.82
C ILE MA 95 11.14 31.60 81.32
N ALA MA 96 11.30 30.48 80.62
CA ALA MA 96 12.59 30.19 79.98
C ALA MA 96 12.92 31.23 78.90
N LEU MA 97 11.96 31.52 78.02
CA LEU MA 97 12.17 32.52 76.99
C LEU MA 97 12.29 33.92 77.58
N ARG MA 98 11.62 34.19 78.71
CA ARG MA 98 11.74 35.47 79.38
C ARG MA 98 13.16 35.69 79.86
N HIS MA 99 13.76 34.66 80.48
CA HIS MA 99 15.14 34.81 80.93
C HIS MA 99 16.11 34.87 79.75
N LYS MA 100 15.83 34.13 78.68
CA LYS MA 100 16.75 34.12 77.54
C LYS MA 100 16.76 35.47 76.82
N TYR MA 101 15.60 36.04 76.55
CA TYR MA 101 15.61 37.34 75.89
C TYR MA 101 15.78 38.50 76.85
N TRP MA 102 15.70 38.29 78.16
CA TRP MA 102 16.25 39.30 79.06
C TRP MA 102 17.76 39.30 78.99
N LEU MA 103 18.36 38.12 78.83
CA LEU MA 103 19.81 38.00 78.79
C LEU MA 103 20.41 38.62 77.54
N ARG MA 104 19.62 38.81 76.48
CA ARG MA 104 20.11 39.44 75.26
C ARG MA 104 19.84 40.93 75.23
N GLY MA 105 19.51 41.52 76.37
CA GLY MA 105 19.54 42.97 76.53
C GLY MA 105 18.21 43.67 76.52
N LEU MA 106 17.10 42.95 76.61
CA LEU MA 106 15.82 43.63 76.68
C LEU MA 106 15.57 44.17 78.09
N ASP MA 107 14.42 44.81 78.25
CA ASP MA 107 14.00 45.37 79.53
C ASP MA 107 12.80 44.58 80.05
N GLU MA 108 12.82 44.30 81.36
CA GLU MA 108 11.79 43.44 81.92
C GLU MA 108 10.45 44.13 82.06
N ALA MA 109 10.43 45.46 82.07
CA ALA MA 109 9.16 46.20 82.09
C ALA MA 109 8.41 46.05 80.78
N MET MA 110 9.12 45.73 79.69
CA MET MA 110 8.47 45.28 78.46
C MET MA 110 8.13 43.80 78.52
N LEU MA 111 8.97 43.00 79.17
CA LEU MA 111 8.85 41.55 79.08
C LEU MA 111 7.69 40.99 79.89
N ASP MA 112 7.37 41.57 81.05
CA ASP MA 112 6.23 41.06 81.79
C ASP MA 112 4.93 41.29 81.03
N GLU MA 113 4.78 42.47 80.43
CA GLU MA 113 3.59 42.76 79.64
C GLU MA 113 3.57 41.96 78.34
N PHE MA 114 4.73 41.68 77.76
CA PHE MA 114 4.74 40.92 76.52
C PHE MA 114 4.46 39.45 76.76
N MET MA 115 4.97 38.89 77.87
CA MET MA 115 4.66 37.50 78.20
C MET MA 115 3.22 37.34 78.64
N ASP MA 116 2.63 38.39 79.23
CA ASP MA 116 1.19 38.34 79.45
C ASP MA 116 0.44 38.51 78.14
N TYR MA 117 1.07 39.11 77.12
CA TYR MA 117 0.37 39.32 75.87
C TYR MA 117 0.35 38.06 75.00
N ILE MA 118 1.40 37.27 74.99
CA ILE MA 118 1.50 36.15 74.02
C ILE MA 118 0.77 34.97 74.65
N ASP MA 119 -0.54 35.02 74.53
CA ASP MA 119 -1.39 33.85 74.64
C ASP MA 119 -2.44 33.87 73.54
N SER MA 120 -2.40 34.87 72.67
CA SER MA 120 -3.27 34.98 71.53
C SER MA 120 -2.64 34.43 70.26
N LEU MA 121 -1.35 34.08 70.30
CA LEU MA 121 -0.68 33.40 69.21
C LEU MA 121 -1.00 31.91 69.33
N LYS MA 122 -1.34 31.28 68.21
CA LYS MA 122 -1.68 29.86 68.19
C LYS MA 122 -1.00 29.18 67.01
N SER MA 123 -1.39 27.94 66.74
CA SER MA 123 -0.73 27.14 65.70
C SER MA 123 -1.12 27.63 64.31
N THR MA 124 -0.24 27.39 63.35
CA THR MA 124 -0.36 27.93 62.01
C THR MA 124 -0.48 26.87 60.92
N THR MA 125 0.41 25.88 60.90
CA THR MA 125 0.59 25.04 59.73
C THR MA 125 -0.53 24.03 59.59
N THR MA 126 -1.07 23.92 58.38
CA THR MA 126 -2.05 22.91 58.02
C THR MA 126 -1.54 22.16 56.81
N ASN MA 127 -2.33 21.20 56.34
CA ASN MA 127 -2.01 20.41 55.16
C ASN MA 127 -2.86 20.89 54.00
N TYR MA 128 -2.28 20.87 52.80
CA TYR MA 128 -2.97 21.39 51.63
C TYR MA 128 -2.95 20.43 50.46
N ILE MA 129 -2.75 19.13 50.71
CA ILE MA 129 -2.84 18.13 49.65
C ILE MA 129 -3.72 17.00 50.13
N ILE MA 130 -4.86 16.82 49.47
CA ILE MA 130 -5.78 15.74 49.78
C ILE MA 130 -5.54 14.58 48.82
N PHE MA 131 -5.91 13.38 49.24
CA PHE MA 131 -5.55 12.19 48.48
C PHE MA 131 -6.43 11.99 47.26
N ASN MA 132 -7.74 11.80 47.45
CA ASN MA 132 -8.75 11.77 46.37
C ASN MA 132 -8.47 10.69 45.33
N MET MA 133 -8.67 9.42 45.71
CA MET MA 133 -8.32 8.28 44.85
C MET MA 133 -9.03 8.30 43.50
N GLN MA 134 -10.21 8.93 43.41
CA GLN MA 134 -10.89 9.07 42.12
C GLN MA 134 -10.16 10.05 41.22
N ARG NA 4 -24.04 -65.65 -15.36
CA ARG NA 4 -22.82 -65.44 -14.58
C ARG NA 4 -22.29 -66.75 -14.03
N ARG NA 5 -21.01 -66.78 -13.73
CA ARG NA 5 -20.36 -67.94 -13.14
C ARG NA 5 -20.64 -68.02 -11.65
N THR NA 6 -19.88 -68.86 -10.96
CA THR NA 6 -19.73 -68.75 -9.52
C THR NA 6 -18.29 -68.38 -9.16
N GLY NA 7 -17.33 -69.22 -9.56
CA GLY NA 7 -15.95 -69.13 -9.11
C GLY NA 7 -15.25 -67.83 -9.43
N ILE NA 8 -15.08 -67.00 -8.41
CA ILE NA 8 -14.54 -65.66 -8.56
C ILE NA 8 -13.55 -65.44 -7.42
N THR NA 9 -12.52 -64.64 -7.69
CA THR NA 9 -11.41 -64.51 -6.77
C THR NA 9 -11.80 -63.62 -5.60
N THR NA 10 -10.96 -63.58 -4.58
CA THR NA 10 -11.18 -62.73 -3.43
C THR NA 10 -11.02 -61.25 -3.77
N GLU NA 11 -10.13 -60.93 -4.70
CA GLU NA 11 -9.88 -59.54 -5.04
C GLU NA 11 -11.02 -58.91 -5.83
N ASP NA 12 -11.74 -59.69 -6.65
CA ASP NA 12 -12.76 -59.12 -7.50
C ASP NA 12 -13.97 -58.66 -6.69
N ALA NA 13 -14.35 -59.43 -5.68
CA ALA NA 13 -15.50 -59.05 -4.85
C ALA NA 13 -15.19 -57.84 -4.00
N ILE NA 14 -13.97 -57.78 -3.45
CA ILE NA 14 -13.55 -56.62 -2.67
C ILE NA 14 -13.43 -55.39 -3.57
N THR NA 15 -13.00 -55.59 -4.82
CA THR NA 15 -12.91 -54.49 -5.77
C THR NA 15 -14.28 -53.94 -6.13
N LYS NA 16 -15.29 -54.83 -6.24
CA LYS NA 16 -16.65 -54.38 -6.47
C LYS NA 16 -17.19 -53.58 -5.29
N TYR NA 17 -17.03 -54.12 -4.08
CA TYR NA 17 -17.63 -53.51 -2.90
C TYR NA 17 -16.94 -52.19 -2.55
N SER NA 18 -15.67 -52.05 -2.91
CA SER NA 18 -14.96 -50.82 -2.59
C SER NA 18 -15.28 -49.71 -3.60
N VAL NA 19 -15.47 -50.08 -4.87
CA VAL NA 19 -15.67 -49.05 -5.88
C VAL NA 19 -17.14 -48.67 -5.99
N LYS NA 20 -18.06 -49.48 -5.48
CA LYS NA 20 -19.46 -49.12 -5.59
C LYS NA 20 -19.97 -48.23 -4.46
N ALA NA 21 -19.11 -47.61 -3.66
CA ALA NA 21 -19.56 -46.96 -2.43
C ALA NA 21 -20.46 -45.76 -2.71
N LYS NA 22 -20.08 -44.94 -3.70
CA LYS NA 22 -20.83 -43.74 -4.02
C LYS NA 22 -22.22 -44.10 -4.56
N THR NA 23 -22.28 -45.07 -5.47
CA THR NA 23 -23.57 -45.44 -6.05
C THR NA 23 -24.45 -46.16 -5.04
N GLU NA 24 -23.86 -46.96 -4.14
CA GLU NA 24 -24.72 -47.68 -3.21
C GLU NA 24 -25.26 -46.74 -2.13
N GLN NA 25 -24.51 -45.70 -1.78
CA GLN NA 25 -25.09 -44.77 -0.81
C GLN NA 25 -26.09 -43.82 -1.45
N THR NA 26 -25.90 -43.45 -2.73
CA THR NA 26 -26.91 -42.62 -3.38
C THR NA 26 -28.10 -43.45 -3.84
N ALA NA 27 -28.00 -44.79 -3.76
CA ALA NA 27 -29.19 -45.61 -3.93
C ALA NA 27 -29.92 -45.83 -2.60
N TYR NA 28 -29.19 -45.87 -1.50
CA TYR NA 28 -29.84 -45.94 -0.19
C TYR NA 28 -30.63 -44.67 0.11
N LYS NA 29 -30.15 -43.54 -0.41
CA LYS NA 29 -30.86 -42.27 -0.19
C LYS NA 29 -32.22 -42.27 -0.87
N ASN NA 30 -32.40 -43.05 -1.94
CA ASN NA 30 -33.74 -43.19 -2.53
C ASN NA 30 -34.50 -44.35 -1.90
N ALA NA 31 -33.77 -45.33 -1.38
CA ALA NA 31 -34.44 -46.42 -0.70
C ALA NA 31 -35.08 -45.98 0.61
N THR NA 32 -34.68 -44.83 1.16
CA THR NA 32 -35.44 -44.27 2.28
C THR NA 32 -36.88 -43.91 1.89
N LYS NA 33 -37.03 -43.20 0.76
CA LYS NA 33 -38.34 -42.88 0.21
C LYS NA 33 -39.15 -44.14 -0.06
N ASP NA 34 -38.49 -45.19 -0.53
CA ASP NA 34 -39.23 -46.44 -0.74
C ASP NA 34 -39.57 -47.12 0.58
N MET NA 35 -38.73 -46.98 1.61
CA MET NA 35 -38.97 -47.66 2.88
C MET NA 35 -40.12 -47.08 3.67
N VAL NA 36 -40.45 -45.80 3.45
CA VAL NA 36 -41.51 -45.16 4.25
C VAL NA 36 -42.84 -45.88 4.14
N VAL NA 37 -43.28 -46.21 2.93
CA VAL NA 37 -44.58 -46.84 2.79
C VAL NA 37 -44.50 -48.34 3.01
N GLN NA 38 -43.35 -48.95 2.75
CA GLN NA 38 -43.20 -50.39 2.92
C GLN NA 38 -42.89 -50.80 4.34
N ALA NA 39 -42.62 -49.85 5.23
CA ALA NA 39 -42.14 -50.23 6.56
C ALA NA 39 -43.25 -50.68 7.49
N GLN NA 40 -44.50 -50.60 7.07
CA GLN NA 40 -45.59 -50.99 7.96
C GLN NA 40 -45.85 -52.49 7.92
N ASN NA 41 -45.05 -53.24 7.15
CA ASN NA 41 -45.03 -54.68 7.33
C ASN NA 41 -44.45 -55.06 8.69
N ILE NA 42 -43.62 -54.20 9.28
CA ILE NA 42 -43.18 -54.37 10.67
C ILE NA 42 -44.37 -54.33 11.61
N MET NA 43 -45.25 -53.35 11.41
CA MET NA 43 -46.44 -53.19 12.24
C MET NA 43 -47.38 -54.37 12.08
N ASN NA 44 -47.62 -54.81 10.84
CA ASN NA 44 -48.47 -55.98 10.60
C ASN NA 44 -47.88 -57.24 11.21
N PHE NA 45 -46.57 -57.42 11.08
CA PHE NA 45 -45.88 -58.60 11.61
C PHE NA 45 -45.98 -58.68 13.12
N TYR NA 46 -45.63 -57.61 13.82
CA TYR NA 46 -45.65 -57.71 15.27
C TYR NA 46 -47.07 -57.67 15.82
N SER NA 47 -48.02 -57.10 15.08
CA SER NA 47 -49.41 -57.19 15.48
C SER NA 47 -49.90 -58.64 15.44
N VAL NA 48 -49.70 -59.30 14.30
CA VAL NA 48 -50.23 -60.65 14.15
C VAL NA 48 -49.40 -61.67 14.93
N VAL NA 49 -48.19 -61.33 15.36
CA VAL NA 49 -47.45 -62.27 16.21
C VAL NA 49 -47.77 -62.07 17.68
N ASN NA 50 -47.79 -60.82 18.17
CA ASN NA 50 -48.09 -60.58 19.58
C ASN NA 50 -49.53 -60.93 19.93
N GLN NA 51 -50.48 -60.71 19.01
CA GLN NA 51 -51.88 -61.03 19.27
C GLN NA 51 -52.11 -62.53 19.46
N ALA NA 52 -51.20 -63.37 18.95
CA ALA NA 52 -51.35 -64.80 19.15
C ALA NA 52 -50.38 -65.36 20.19
N LEU NA 53 -49.29 -64.65 20.51
CA LEU NA 53 -48.34 -65.21 21.47
C LEU NA 53 -48.41 -64.63 22.87
N ILE NA 54 -48.83 -63.37 23.02
CA ILE NA 54 -48.90 -62.77 24.36
C ILE NA 54 -49.87 -63.51 25.30
N PRO NA 55 -51.08 -63.95 24.88
CA PRO NA 55 -51.87 -64.78 25.79
C PRO NA 55 -51.27 -66.15 26.07
N TRP NA 56 -50.65 -66.81 25.10
CA TRP NA 56 -50.11 -68.15 25.34
C TRP NA 56 -48.93 -68.11 26.30
N LEU NA 57 -47.92 -67.29 25.96
CA LEU NA 57 -46.75 -67.14 26.83
C LEU NA 57 -47.15 -66.57 28.18
N ASN NA 58 -48.12 -65.67 28.19
CA ASN NA 58 -48.49 -64.96 29.39
C ASN NA 58 -49.29 -65.83 30.34
N ALA NA 59 -50.07 -66.79 29.82
CA ALA NA 59 -50.92 -67.62 30.67
C ALA NA 59 -50.43 -69.05 30.80
N HIS NA 60 -49.38 -69.44 30.08
CA HIS NA 60 -48.88 -70.79 30.24
C HIS NA 60 -47.74 -70.86 31.23
N GLY NA 61 -47.19 -69.71 31.61
CA GLY NA 61 -46.31 -69.64 32.76
C GLY NA 61 -44.85 -69.39 32.47
N VAL NA 62 -44.49 -69.08 31.22
CA VAL NA 62 -43.08 -68.91 30.89
C VAL NA 62 -42.61 -67.54 31.33
N GLY NA 63 -41.31 -67.43 31.56
CA GLY NA 63 -40.76 -66.31 32.28
C GLY NA 63 -40.60 -65.06 31.42
N GLY NA 64 -39.60 -64.26 31.77
CA GLY NA 64 -39.36 -63.04 31.05
C GLY NA 64 -38.43 -63.24 29.88
N ASN NA 65 -37.27 -63.81 30.14
CA ASN NA 65 -36.18 -63.79 29.17
C ASN NA 65 -36.19 -65.01 28.24
N LEU NA 66 -37.02 -66.02 28.50
CA LEU NA 66 -37.22 -67.16 27.61
C LEU NA 66 -38.24 -66.89 26.53
N ARG NA 67 -39.03 -65.82 26.71
CA ARG NA 67 -40.01 -65.42 25.71
C ARG NA 67 -39.36 -65.16 24.36
N ILE NA 68 -38.12 -64.67 24.36
CA ILE NA 68 -37.36 -64.47 23.13
C ILE NA 68 -37.03 -65.75 22.42
N LEU NA 69 -36.67 -66.81 23.15
CA LEU NA 69 -36.38 -68.08 22.52
C LEU NA 69 -37.63 -68.66 21.88
N TYR NA 70 -38.77 -68.47 22.56
CA TYR NA 70 -40.05 -68.83 21.93
C TYR NA 70 -40.35 -67.93 20.73
N ARG NA 71 -39.93 -66.66 20.76
CA ARG NA 71 -40.09 -65.80 19.59
C ARG NA 71 -39.19 -66.25 18.46
N GLN NA 72 -38.02 -66.81 18.77
CA GLN NA 72 -37.14 -67.33 17.72
C GLN NA 72 -37.84 -68.44 16.96
N LEU NA 73 -38.47 -69.35 17.71
CA LEU NA 73 -39.24 -70.43 17.09
C LEU NA 73 -40.42 -69.90 16.26
N ALA NA 74 -41.22 -69.01 16.85
CA ALA NA 74 -42.42 -68.53 16.16
C ALA NA 74 -42.07 -67.66 14.96
N ASN NA 75 -41.00 -66.86 15.06
CA ASN NA 75 -40.62 -65.98 13.98
C ASN NA 75 -40.04 -66.75 12.81
N GLU NA 76 -39.29 -67.83 13.09
CA GLU NA 76 -38.80 -68.65 11.98
C GLU NA 76 -39.96 -69.37 11.29
N TYR NA 77 -40.97 -69.77 12.06
CA TYR NA 77 -42.15 -70.39 11.45
C TYR NA 77 -42.93 -69.39 10.59
N VAL NA 78 -43.00 -68.13 11.02
CA VAL NA 78 -43.73 -67.13 10.23
C VAL NA 78 -42.94 -66.76 8.97
N LYS NA 79 -41.60 -66.83 9.02
CA LYS NA 79 -40.82 -66.63 7.81
C LYS NA 79 -41.07 -67.73 6.79
N VAL NA 80 -41.08 -68.98 7.25
CA VAL NA 80 -41.38 -70.11 6.37
C VAL NA 80 -42.79 -69.98 5.79
N LEU NA 81 -43.73 -69.44 6.58
CA LEU NA 81 -45.08 -69.20 6.07
C LEU NA 81 -45.11 -68.14 4.97
N ASN NA 82 -44.63 -66.93 5.25
CA ASN NA 82 -44.79 -65.87 4.26
C ASN NA 82 -43.73 -65.87 3.18
N THR NA 83 -42.93 -66.94 3.06
CA THR NA 83 -42.36 -67.25 1.76
C THR NA 83 -43.24 -68.19 0.94
N LYS NA 84 -44.55 -68.20 1.19
CA LYS NA 84 -45.57 -68.97 0.46
C LYS NA 84 -45.33 -70.47 0.49
N GLN NA 85 -45.37 -71.09 1.67
CA GLN NA 85 -45.16 -72.53 1.80
C GLN NA 85 -46.23 -73.10 2.73
N SER NA 86 -47.12 -73.90 2.18
CA SER NA 86 -48.29 -74.42 2.87
C SER NA 86 -47.95 -75.73 3.58
N GLY NA 87 -49.01 -76.46 3.97
CA GLY NA 87 -48.94 -77.49 4.99
C GLY NA 87 -48.09 -78.70 4.67
N GLU NA 88 -47.90 -79.01 3.38
CA GLU NA 88 -47.14 -80.22 3.03
C GLU NA 88 -45.66 -80.10 3.34
N VAL NA 89 -45.15 -78.90 3.53
CA VAL NA 89 -43.79 -78.71 4.02
C VAL NA 89 -43.81 -78.41 5.51
N ILE NA 90 -44.89 -77.80 6.00
CA ILE NA 90 -45.03 -77.45 7.40
C ILE NA 90 -45.09 -78.70 8.28
N LYS NA 91 -45.72 -79.78 7.80
CA LYS NA 91 -45.79 -81.02 8.57
C LYS NA 91 -44.43 -81.69 8.78
N ARG NA 92 -43.37 -81.21 8.13
CA ARG NA 92 -42.00 -81.66 8.29
C ARG NA 92 -41.16 -80.62 9.03
N LEU NA 93 -41.35 -79.34 8.71
CA LEU NA 93 -40.57 -78.31 9.38
C LEU NA 93 -40.99 -78.11 10.83
N LYS NA 94 -42.21 -78.53 11.20
CA LYS NA 94 -42.61 -78.46 12.61
C LYS NA 94 -41.78 -79.40 13.47
N ILE NA 95 -41.58 -80.64 13.03
CA ILE NA 95 -40.76 -81.54 13.83
C ILE NA 95 -39.28 -81.21 13.71
N ALA NA 96 -38.85 -80.62 12.59
CA ALA NA 96 -37.47 -80.13 12.49
C ALA NA 96 -37.20 -79.02 13.52
N LEU NA 97 -38.10 -78.02 13.59
CA LEU NA 97 -37.94 -76.95 14.56
C LEU NA 97 -38.12 -77.44 15.98
N ARG NA 98 -38.94 -78.47 16.19
CA ARG NA 98 -39.11 -79.05 17.52
C ARG NA 98 -37.80 -79.66 18.00
N HIS NA 99 -37.12 -80.41 17.13
CA HIS NA 99 -35.84 -80.98 17.54
C HIS NA 99 -34.77 -79.91 17.70
N LYS NA 100 -34.80 -78.87 16.86
CA LYS NA 100 -33.78 -77.84 16.95
C LYS NA 100 -33.90 -77.03 18.24
N TYR NA 101 -35.11 -76.60 18.58
CA TYR NA 101 -35.24 -75.84 19.82
C TYR NA 101 -35.39 -76.72 21.05
N TRP NA 102 -35.55 -78.04 20.91
CA TRP NA 102 -35.29 -78.92 22.04
C TRP NA 102 -33.80 -78.99 22.29
N LEU NA 103 -33.00 -78.99 21.23
CA LEU NA 103 -31.56 -79.10 21.35
C LEU NA 103 -30.94 -77.87 22.00
N ARG NA 104 -31.61 -76.72 21.99
CA ARG NA 104 -31.11 -75.52 22.63
C ARG NA 104 -31.62 -75.34 24.05
N GLY NA 105 -32.16 -76.41 24.64
CA GLY NA 105 -32.38 -76.47 26.07
C GLY NA 105 -33.81 -76.28 26.53
N LEU NA 106 -34.78 -76.30 25.63
CA LEU NA 106 -36.16 -76.19 26.10
C LEU NA 106 -36.65 -77.53 26.66
N ASP NA 107 -37.91 -77.53 27.11
CA ASP NA 107 -38.55 -78.71 27.65
C ASP NA 107 -39.65 -79.17 26.70
N GLU NA 108 -39.73 -80.48 26.49
CA GLU NA 108 -40.65 -81.01 25.50
C GLU NA 108 -42.10 -80.95 25.95
N ALA NA 109 -42.35 -80.87 27.27
CA ALA NA 109 -43.70 -80.71 27.77
C ALA NA 109 -44.27 -79.33 27.43
N MET NA 110 -43.42 -78.35 27.17
CA MET NA 110 -43.83 -77.11 26.55
C MET NA 110 -43.94 -77.24 25.04
N LEU NA 111 -43.05 -78.03 24.43
CA LEU NA 111 -42.92 -78.03 22.98
C LEU NA 111 -44.05 -78.74 22.27
N ASP NA 112 -44.58 -79.83 22.84
CA ASP NA 112 -45.70 -80.50 22.20
C ASP NA 112 -46.93 -79.59 22.15
N GLU NA 113 -47.20 -78.89 23.25
CA GLU NA 113 -48.33 -77.97 23.29
C GLU NA 113 -48.08 -76.74 22.43
N PHE NA 114 -46.82 -76.31 22.32
CA PHE NA 114 -46.55 -75.13 21.52
C PHE NA 114 -46.61 -75.44 20.02
N MET NA 115 -46.14 -76.63 19.63
CA MET NA 115 -46.25 -77.03 18.23
C MET NA 115 -47.69 -77.33 17.85
N ASP NA 116 -48.50 -77.80 18.80
CA ASP NA 116 -49.93 -77.86 18.53
C ASP NA 116 -50.55 -76.47 18.49
N TYR NA 117 -49.92 -75.49 19.14
CA TYR NA 117 -50.50 -74.15 19.15
C TYR NA 117 -50.23 -73.39 17.86
N ILE NA 118 -49.05 -73.54 17.27
CA ILE NA 118 -48.66 -72.67 16.13
C ILE NA 118 -49.25 -73.31 14.88
N ASP NA 119 -50.54 -73.06 14.69
CA ASP NA 119 -51.19 -73.16 13.40
C ASP NA 119 -52.10 -71.98 13.18
N SER NA 120 -52.12 -71.04 14.13
CA SER NA 120 -52.87 -69.81 14.01
C SER NA 120 -52.01 -68.65 13.52
N LEU NA 121 -50.72 -68.85 13.40
CA LEU NA 121 -49.82 -67.89 12.78
C LEU NA 121 -49.90 -68.08 11.28
N LYS NA 122 -50.00 -66.98 10.52
CA LYS NA 122 -50.10 -67.03 9.06
C LYS NA 122 -49.18 -65.98 8.46
N SER NA 123 -49.34 -65.75 7.16
CA SER NA 123 -48.45 -64.85 6.43
C SER NA 123 -48.76 -63.40 6.75
N THR NA 124 -47.74 -62.56 6.61
CA THR NA 124 -47.81 -61.16 7.05
C THR NA 124 -47.63 -60.15 5.94
N THR NA 125 -46.59 -60.29 5.11
CA THR NA 125 -46.14 -59.21 4.25
C THR NA 125 -47.06 -59.03 3.05
N THR NA 126 -47.43 -57.78 2.79
CA THR NA 126 -48.18 -57.41 1.61
C THR NA 126 -47.43 -56.31 0.88
N ASN NA 127 -48.00 -55.84 -0.22
CA ASN NA 127 -47.42 -54.76 -1.01
C ASN NA 127 -48.20 -53.48 -0.74
N TYR NA 128 -47.49 -52.35 -0.72
CA TYR NA 128 -48.14 -51.09 -0.40
C TYR NA 128 -47.82 -50.00 -1.40
N ILE NA 129 -47.44 -50.36 -2.63
CA ILE NA 129 -47.24 -49.37 -3.69
C ILE NA 129 -47.98 -49.85 -4.93
N ILE NA 130 -48.99 -49.09 -5.34
CA ILE NA 130 -49.75 -49.38 -6.54
C ILE NA 130 -49.21 -48.54 -7.69
N PHE NA 131 -49.42 -49.01 -8.92
CA PHE NA 131 -48.80 -48.38 -10.07
C PHE NA 131 -49.48 -47.08 -10.48
N ASN NA 132 -50.77 -47.16 -10.88
CA ASN NA 132 -51.62 -46.00 -11.14
C ASN NA 132 -51.06 -45.07 -12.21
N MET NA 133 -51.08 -45.52 -13.48
CA MET NA 133 -50.46 -44.78 -14.59
C MET NA 133 -51.02 -43.37 -14.77
N GLN NA 134 -52.26 -43.12 -14.36
CA GLN NA 134 -52.81 -41.77 -14.40
C GLN NA 134 -52.16 -40.88 -13.36
N ARG OA 4 18.49 -26.06 55.90
CA ARG OA 4 19.79 -25.42 55.90
C ARG OA 4 20.47 -25.53 57.26
N ARG OA 5 21.79 -25.42 57.27
CA ARG OA 5 22.57 -25.47 58.49
C ARG OA 5 22.53 -24.13 59.20
N THR OA 6 23.43 -23.96 60.17
CA THR OA 6 23.79 -22.64 60.64
C THR OA 6 25.25 -22.32 60.31
N GLY OA 7 26.17 -23.16 60.79
CA GLY OA 7 27.60 -22.88 60.74
C GLY OA 7 28.17 -22.69 59.36
N ILE OA 8 28.47 -21.44 59.02
CA ILE OA 8 28.91 -21.07 57.68
C ILE OA 8 30.06 -20.08 57.84
N THR OA 9 30.99 -20.12 56.91
CA THR OA 9 32.23 -19.37 57.04
C THR OA 9 31.96 -17.89 56.76
N THR OA 10 32.95 -17.05 57.05
CA THR OA 10 32.87 -15.63 56.78
C THR OA 10 32.90 -15.33 55.29
N GLU OA 11 33.63 -16.14 54.52
CA GLU OA 11 33.75 -15.89 53.09
C GLU OA 11 32.49 -16.20 52.32
N ASP OA 12 31.69 -17.16 52.77
CA ASP OA 12 30.51 -17.57 52.01
C ASP OA 12 29.42 -16.52 52.06
N ALA OA 13 29.23 -15.88 53.22
CA ALA OA 13 28.22 -14.85 53.35
C ALA OA 13 28.60 -13.59 52.57
N ILE OA 14 29.88 -13.22 52.60
CA ILE OA 14 30.36 -12.08 51.83
C ILE OA 14 30.28 -12.39 50.34
N THR OA 15 30.53 -13.63 49.95
CA THR OA 15 30.42 -14.04 48.56
C THR OA 15 28.97 -13.96 48.06
N LYS OA 16 28.02 -14.32 48.92
CA LYS OA 16 26.60 -14.17 48.56
C LYS OA 16 26.22 -12.70 48.40
N TYR OA 17 26.59 -11.87 49.37
CA TYR OA 17 26.15 -10.47 49.36
C TYR OA 17 26.82 -9.69 48.23
N SER OA 18 28.01 -10.10 47.82
CA SER OA 18 28.71 -9.39 46.76
C SER OA 18 28.18 -9.78 45.39
N VAL OA 19 27.82 -11.05 45.22
CA VAL OA 19 27.41 -11.50 43.89
C VAL OA 19 25.93 -11.26 43.65
N LYS OA 20 25.14 -11.04 44.71
CA LYS OA 20 23.72 -10.82 44.48
C LYS OA 20 23.34 -9.37 44.20
N ALA OA 21 24.29 -8.49 43.87
CA ALA OA 21 24.00 -7.06 43.85
C ALA OA 21 23.02 -6.69 42.73
N LYS OA 22 23.20 -7.28 41.55
CA LYS OA 22 22.34 -6.98 40.41
C LYS OA 22 20.91 -7.44 40.65
N THR OA 23 20.76 -8.67 41.18
CA THR OA 23 19.41 -9.18 41.41
C THR OA 23 18.74 -8.49 42.58
N GLU OA 24 19.49 -8.08 43.60
CA GLU OA 24 18.82 -7.45 44.73
C GLU OA 24 18.41 -6.01 44.39
N GLN OA 25 19.15 -5.34 43.50
CA GLN OA 25 18.69 -4.01 43.13
C GLN OA 25 17.55 -4.08 42.11
N THR OA 26 17.53 -5.08 41.22
CA THR OA 26 16.40 -5.18 40.32
C THR OA 26 15.19 -5.82 41.02
N ALA OA 27 15.36 -6.32 42.24
CA ALA OA 27 14.19 -6.68 43.04
C ALA OA 27 13.70 -5.51 43.86
N TYR OA 28 14.58 -4.60 44.29
CA TYR OA 28 14.14 -3.39 44.96
C TYR OA 28 13.35 -2.48 44.01
N LYS OA 29 13.70 -2.53 42.72
CA LYS OA 29 12.97 -1.71 41.74
C LYS OA 29 11.51 -2.15 41.61
N ASN OA 30 11.21 -3.43 41.89
CA ASN OA 30 9.81 -3.86 41.93
C ASN OA 30 9.21 -3.69 43.31
N ALA OA 31 10.06 -3.72 44.34
CA ALA OA 31 9.56 -3.50 45.68
C ALA OA 31 9.11 -2.06 45.90
N THR OA 32 9.52 -1.13 45.04
CA THR OA 32 8.92 0.22 45.07
C THR OA 32 7.43 0.17 44.73
N LYS OA 33 7.07 -0.51 43.64
CA LYS OA 33 5.67 -0.73 43.27
C LYS OA 33 4.90 -1.39 44.38
N ASP OA 34 5.53 -2.34 45.07
CA ASP OA 34 4.82 -2.96 46.19
C ASP OA 34 4.72 -2.04 47.40
N MET OA 35 5.71 -1.15 47.60
CA MET OA 35 5.70 -0.27 48.77
C MET OA 35 4.65 0.83 48.69
N VAL OA 36 4.22 1.20 47.48
CA VAL OA 36 3.29 2.33 47.34
C VAL OA 36 1.98 2.07 48.10
N VAL OA 37 1.38 0.91 47.94
CA VAL OA 37 0.10 0.67 48.59
C VAL OA 37 0.29 0.22 50.03
N GLN OA 38 1.41 -0.41 50.34
CA GLN OA 38 1.65 -0.89 51.70
C GLN OA 38 2.20 0.18 52.63
N ALA OA 39 2.56 1.35 52.11
CA ALA OA 39 3.26 2.32 52.94
C ALA OA 39 2.33 3.10 53.86
N GLN OA 40 1.02 2.90 53.74
CA GLN OA 40 0.10 3.66 54.59
C GLN OA 40 -0.09 3.03 55.96
N ASN OA 41 0.61 1.94 56.22
CA ASN OA 41 0.73 1.47 57.61
C ASN OA 41 1.53 2.47 58.45
N ILE OA 42 2.40 3.25 57.82
CA ILE OA 42 3.06 4.38 58.49
C ILE OA 42 2.02 5.38 58.98
N MET OA 43 1.08 5.73 58.11
CA MET OA 43 0.02 6.68 58.43
C MET OA 43 -0.88 6.15 59.54
N ASN OA 44 -1.27 4.87 59.45
CA ASN OA 44 -2.10 4.27 60.50
C ASN OA 44 -1.36 4.21 61.83
N PHE OA 45 -0.08 3.86 61.80
CA PHE OA 45 0.73 3.75 63.00
C PHE OA 45 0.87 5.09 63.71
N TYR OA 46 1.29 6.13 63.00
CA TYR OA 46 1.48 7.40 63.69
C TYR OA 46 0.17 8.07 64.04
N SER OA 47 -0.92 7.75 63.31
CA SER OA 47 -2.22 8.25 63.71
C SER OA 47 -2.64 7.65 65.04
N VAL OA 48 -2.59 6.32 65.17
CA VAL OA 48 -3.06 5.68 66.39
C VAL OA 48 -2.07 5.86 67.54
N VAL OA 49 -0.83 6.24 67.27
CA VAL OA 49 0.07 6.51 68.40
C VAL OA 49 -0.03 7.96 68.86
N ASN OA 50 -0.02 8.93 67.94
CA ASN OA 50 -0.13 10.34 68.32
C ASN OA 50 -1.47 10.67 68.95
N GLN OA 51 -2.56 10.04 68.47
CA GLN OA 51 -3.88 10.32 69.01
C GLN OA 51 -4.01 9.88 70.48
N ALA OA 52 -3.16 8.96 70.93
CA ALA OA 52 -3.20 8.55 72.32
C ALA OA 52 -2.06 9.13 73.14
N LEU OA 53 -0.97 9.60 72.52
CA LEU OA 53 0.13 10.10 73.32
C LEU OA 53 0.27 11.60 73.37
N ILE OA 54 -0.19 12.34 72.35
CA ILE OA 54 -0.09 13.80 72.38
C ILE OA 54 -0.86 14.44 73.53
N PRO OA 55 -2.10 14.02 73.87
CA PRO OA 55 -2.69 14.59 75.10
C PRO OA 55 -2.00 14.19 76.39
N TRP OA 56 -1.51 12.95 76.51
CA TRP OA 56 -0.87 12.54 77.77
C TRP OA 56 0.44 13.27 77.99
N LEU OA 57 1.35 13.21 77.01
CA LEU OA 57 2.63 13.91 77.10
C LEU OA 57 2.42 15.40 77.18
N ASN OA 58 1.41 15.92 76.49
CA ASN OA 58 1.20 17.33 76.38
C ASN OA 58 0.59 17.92 77.65
N ALA OA 59 -0.20 17.14 78.38
CA ALA OA 59 -0.87 17.64 79.57
C ALA OA 59 -0.31 17.10 80.86
N HIS OA 60 0.64 16.17 80.82
CA HIS OA 60 1.22 15.68 82.05
C HIS OA 60 2.51 16.41 82.40
N GLY OA 61 3.05 17.16 81.45
CA GLY OA 61 4.09 18.12 81.76
C GLY OA 61 5.48 17.78 81.26
N VAL OA 62 5.62 16.76 80.43
CA VAL OA 62 6.95 16.36 79.99
C VAL OA 62 7.41 17.28 78.87
N GLY OA 63 8.74 17.39 78.73
CA GLY OA 63 9.35 18.43 77.95
C GLY OA 63 9.31 18.17 76.45
N GLY OA 64 10.31 18.71 75.77
CA GLY OA 64 10.37 18.55 74.34
C GLY OA 64 11.12 17.30 73.94
N ASN OA 65 12.34 17.15 74.44
CA ASN OA 65 13.25 16.16 73.90
C ASN OA 65 13.17 14.81 74.61
N LEU OA 66 12.43 14.73 75.73
CA LEU OA 66 12.16 13.46 76.41
C LEU OA 66 10.96 12.73 75.83
N ARG OA 67 10.17 13.44 75.03
CA ARG OA 67 9.03 12.82 74.36
C ARG OA 67 9.45 11.65 73.51
N ILE OA 68 10.65 11.70 72.91
CA ILE OA 68 11.20 10.60 72.14
C ILE OA 68 11.47 9.37 72.98
N LEU OA 69 11.99 9.54 74.19
CA LEU OA 69 12.25 8.40 75.06
C LEU OA 69 10.94 7.73 75.45
N TYR OA 70 9.91 8.54 75.68
CA TYR OA 70 8.57 7.99 75.88
C TYR OA 70 8.04 7.33 74.61
N ARG OA 71 8.40 7.85 73.43
CA ARG OA 71 8.03 7.18 72.19
C ARG OA 71 8.76 5.86 72.03
N GLN OA 72 10.00 5.76 72.53
CA GLN OA 72 10.73 4.50 72.48
C GLN OA 72 9.97 3.43 73.25
N LEU OA 73 9.50 3.80 74.44
CA LEU OA 73 8.69 2.87 75.25
C LEU OA 73 7.38 2.50 74.56
N ALA OA 74 6.64 3.50 74.08
CA ALA OA 74 5.32 3.22 73.48
C ALA OA 74 5.45 2.47 72.16
N ASN OA 75 6.48 2.77 71.38
CA ASN OA 75 6.65 2.13 70.09
C ASN OA 75 7.08 0.68 70.24
N GLU OA 76 7.92 0.39 71.25
CA GLU OA 76 8.26 -1.01 71.49
C GLU OA 76 7.04 -1.79 71.97
N TYR OA 77 6.18 -1.15 72.77
CA TYR OA 77 4.96 -1.82 73.19
C TYR OA 77 4.01 -2.08 72.03
N VAL OA 78 3.94 -1.16 71.07
CA VAL OA 78 3.05 -1.36 69.92
C VAL OA 78 3.62 -2.42 68.98
N LYS OA 79 4.96 -2.56 68.93
CA LYS OA 79 5.54 -3.67 68.15
C LYS OA 79 5.18 -5.02 68.75
N VAL OA 80 5.31 -5.13 70.08
CA VAL OA 80 4.92 -6.36 70.77
C VAL OA 80 3.44 -6.66 70.57
N LEU OA 81 2.61 -5.62 70.50
CA LEU OA 81 1.18 -5.81 70.22
C LEU OA 81 0.94 -6.35 68.81
N ASN OA 82 1.40 -5.64 67.78
CA ASN OA 82 1.04 -6.05 66.43
C ASN OA 82 1.90 -7.16 65.87
N THR OA 83 2.74 -7.80 66.70
CA THR OA 83 3.11 -9.17 66.39
C THR OA 83 2.17 -10.21 66.98
N LYS OA 84 0.90 -9.83 67.25
CA LYS OA 84 -0.17 -10.69 67.75
C LYS OA 84 0.14 -11.32 69.10
N GLN OA 85 0.31 -10.52 70.15
CA GLN OA 85 0.61 -11.04 71.48
C GLN OA 85 -0.28 -10.32 72.49
N SER OA 86 -1.20 -11.05 73.09
CA SER OA 86 -2.22 -10.50 73.98
C SER OA 86 -1.73 -10.48 75.41
N GLY OA 87 -2.66 -10.31 76.35
CA GLY OA 87 -2.39 -9.82 77.69
C GLY OA 87 -1.55 -10.73 78.56
N GLU OA 88 -1.54 -12.04 78.29
CA GLU OA 88 -0.80 -12.95 79.16
C GLU OA 88 0.71 -12.81 79.02
N VAL OA 89 1.19 -12.19 77.95
CA VAL OA 89 2.60 -11.83 77.84
C VAL OA 89 2.80 -10.36 78.19
N ILE OA 90 1.77 -9.55 77.95
CA ILE OA 90 1.83 -8.12 78.23
C ILE OA 90 1.97 -7.84 79.72
N LYS OA 91 1.33 -8.66 80.57
CA LYS OA 91 1.44 -8.49 82.03
C LYS OA 91 2.84 -8.74 82.57
N ARG OA 92 3.76 -9.25 81.75
CA ARG OA 92 5.16 -9.46 82.06
C ARG OA 92 6.06 -8.46 81.35
N LEU OA 93 5.75 -8.18 80.08
CA LEU OA 93 6.58 -7.23 79.34
C LEU OA 93 6.37 -5.80 79.81
N LYS OA 94 5.25 -5.49 80.46
CA LYS OA 94 5.07 -4.15 81.02
C LYS OA 94 6.08 -3.88 82.15
N ILE OA 95 6.26 -4.83 83.06
CA ILE OA 95 7.23 -4.58 84.12
C ILE OA 95 8.66 -4.72 83.61
N ALA OA 96 8.88 -5.53 82.56
CA ALA OA 96 10.20 -5.57 81.93
C ALA OA 96 10.57 -4.22 81.32
N LEU OA 97 9.66 -3.63 80.55
CA LEU OA 97 9.90 -2.31 79.97
C LEU OA 97 9.97 -1.22 81.02
N ARG OA 98 9.24 -1.39 82.12
CA ARG OA 98 9.30 -0.42 83.21
C ARG OA 98 10.70 -0.40 83.82
N HIS OA 99 11.28 -1.58 84.07
CA HIS OA 99 12.63 -1.61 84.61
C HIS OA 99 13.65 -1.13 83.59
N LYS OA 100 13.45 -1.45 82.30
CA LYS OA 100 14.43 -1.05 81.29
C LYS OA 100 14.46 0.46 81.11
N TYR OA 101 13.30 1.10 81.00
CA TYR OA 101 13.32 2.55 80.84
C TYR OA 101 13.42 3.30 82.17
N TRP OA 102 13.29 2.63 83.31
CA TRP OA 102 13.77 3.24 84.54
C TRP OA 102 15.28 3.27 84.56
N LEU OA 103 15.90 2.22 84.03
CA LEU OA 103 17.35 2.11 84.02
C LEU OA 103 18.01 3.14 83.10
N ARG OA 104 17.28 3.70 82.14
CA ARG OA 104 17.82 4.72 81.26
C ARG OA 104 17.53 6.13 81.75
N GLY OA 105 17.14 6.27 83.01
CA GLY OA 105 17.14 7.56 83.67
C GLY OA 105 15.79 8.22 83.85
N LEU OA 106 14.69 7.52 83.60
CA LEU OA 106 13.40 8.15 83.85
C LEU OA 106 13.06 8.15 85.34
N ASP OA 107 11.89 8.70 85.65
CA ASP OA 107 11.40 8.76 87.02
C ASP OA 107 10.20 7.84 87.16
N GLU OA 108 10.14 7.12 88.28
CA GLU OA 108 9.10 6.11 88.44
C GLU OA 108 7.74 6.71 88.74
N ALA OA 109 7.70 7.95 89.23
CA ALA OA 109 6.43 8.64 89.43
C ALA OA 109 5.74 8.98 88.11
N MET OA 110 6.51 9.06 87.03
CA MET OA 110 5.94 9.09 85.69
C MET OA 110 5.61 7.68 85.20
N LEU OA 111 6.43 6.70 85.56
CA LEU OA 111 6.34 5.37 84.95
C LEU OA 111 5.15 4.57 85.44
N ASP OA 112 4.76 4.69 86.70
CA ASP OA 112 3.59 3.96 87.16
C ASP OA 112 2.32 4.46 86.46
N GLU OA 113 2.19 5.77 86.31
CA GLU OA 113 1.04 6.33 85.61
C GLU OA 113 1.10 6.04 84.12
N PHE OA 114 2.30 5.98 83.55
CA PHE OA 114 2.39 5.73 82.11
C PHE OA 114 2.12 4.26 81.79
N MET OA 115 2.57 3.35 82.65
CA MET OA 115 2.28 1.93 82.45
C MET OA 115 0.81 1.63 82.72
N ASP OA 116 0.17 2.40 83.62
CA ASP OA 116 -1.27 2.29 83.72
C ASP OA 116 -1.96 2.91 82.52
N TYR OA 117 -1.29 3.83 81.82
CA TYR OA 117 -1.92 4.49 80.69
C TYR OA 117 -1.88 3.62 79.43
N ILE OA 118 -0.80 2.88 79.19
CA ILE OA 118 -0.65 2.18 77.90
C ILE OA 118 -1.39 0.86 78.02
N ASP OA 119 -2.69 0.95 77.86
CA ASP OA 119 -3.53 -0.18 77.49
C ASP OA 119 -4.51 0.24 76.42
N SER OA 120 -4.44 1.48 75.97
CA SER OA 120 -5.26 2.00 74.89
C SER OA 120 -4.55 1.95 73.55
N LEU OA 121 -3.26 1.59 73.54
CA LEU OA 121 -2.52 1.34 72.32
C LEU OA 121 -2.82 -0.08 71.88
N LYS OA 122 -3.10 -0.28 70.57
CA LYS OA 122 -3.42 -1.60 70.03
C LYS OA 122 -2.65 -1.81 68.73
N SER OA 123 -3.01 -2.87 68.02
CA SER OA 123 -2.30 -3.24 66.81
C SER OA 123 -2.61 -2.29 65.66
N THR OA 124 -1.68 -2.18 64.72
CA THR OA 124 -1.73 -1.19 63.65
C THR OA 124 -1.78 -1.79 62.25
N THR OA 125 -0.88 -2.72 61.94
CA THR OA 125 -0.62 -3.08 60.56
C THR OA 125 -1.71 -3.97 59.99
N THR OA 126 -2.18 -3.63 58.79
CA THR OA 126 -3.14 -4.44 58.05
C THR OA 126 -2.55 -4.72 56.68
N ASN OA 127 -3.30 -5.44 55.86
CA ASN OA 127 -2.90 -5.76 54.49
C ASN OA 127 -3.69 -4.90 53.54
N TYR OA 128 -3.05 -4.47 52.44
CA TYR OA 128 -3.69 -3.57 51.51
C TYR OA 128 -3.58 -4.05 50.07
N ILE OA 129 -3.38 -5.35 49.85
CA ILE OA 129 -3.40 -5.90 48.50
C ILE OA 129 -4.29 -7.13 48.50
N ILE OA 130 -5.39 -7.07 47.75
CA ILE OA 130 -6.31 -8.17 47.60
C ILE OA 130 -5.99 -8.91 46.31
N PHE OA 131 -6.37 -10.19 46.25
CA PHE OA 131 -5.95 -11.03 45.14
C PHE OA 131 -6.76 -10.77 43.87
N ASN OA 132 -8.08 -11.01 43.91
CA ASN OA 132 -9.03 -10.65 42.85
C ASN OA 132 -8.68 -11.28 41.51
N MET OA 133 -8.88 -12.61 41.39
CA MET OA 133 -8.48 -13.37 40.20
C MET OA 133 -9.11 -12.85 38.90
N GLN OA 134 -10.29 -12.24 38.98
CA GLN OA 134 -10.91 -11.63 37.80
C GLN OA 134 -10.14 -10.39 37.35
N ARG PA 4 -26.92 -60.08 12.20
CA ARG PA 4 -25.67 -59.64 12.78
C ARG PA 4 -25.11 -60.67 13.75
N ARG PA 5 -23.81 -60.62 13.98
CA ARG PA 5 -23.13 -61.51 14.90
C ARG PA 5 -23.33 -61.03 16.34
N THR PA 6 -22.54 -61.60 17.24
CA THR PA 6 -22.31 -60.98 18.54
C THR PA 6 -20.85 -60.54 18.68
N GLY PA 7 -19.93 -61.48 18.55
CA GLY PA 7 -18.52 -61.26 18.87
C GLY PA 7 -17.83 -60.18 18.07
N ILE PA 8 -17.60 -59.04 18.73
CA ILE PA 8 -17.07 -57.86 18.07
C ILE PA 8 -16.02 -57.27 19.00
N THR PA 9 -15.00 -56.65 18.41
CA THR PA 9 -13.84 -56.22 19.16
C THR PA 9 -14.17 -54.96 19.95
N THR PA 10 -13.27 -54.58 20.85
CA THR PA 10 -13.42 -53.37 21.64
C THR PA 10 -13.29 -52.12 20.78
N GLU PA 11 -12.44 -52.17 19.75
CA GLU PA 11 -12.20 -51.00 18.92
C GLU PA 11 -13.37 -50.67 18.02
N ASP PA 12 -14.14 -51.68 17.58
CA ASP PA 12 -15.22 -51.43 16.62
C ASP PA 12 -16.37 -50.68 17.26
N ALA PA 13 -16.71 -51.02 18.51
CA ALA PA 13 -17.79 -50.36 19.20
C ALA PA 13 -17.44 -48.92 19.55
N ILE PA 14 -16.19 -48.69 19.98
CA ILE PA 14 -15.73 -47.34 20.27
C ILE PA 14 -15.66 -46.51 18.98
N THR PA 15 -15.29 -47.15 17.88
CA THR PA 15 -15.25 -46.47 16.59
C THR PA 15 -16.64 -46.07 16.12
N LYS PA 16 -17.65 -46.90 16.39
CA LYS PA 16 -19.02 -46.54 16.08
C LYS PA 16 -19.50 -45.36 16.93
N TYR PA 17 -19.28 -45.43 18.24
CA TYR PA 17 -19.80 -44.42 19.15
C TYR PA 17 -19.10 -43.08 18.96
N SER PA 18 -17.84 -43.11 18.52
CA SER PA 18 -17.12 -41.86 18.33
C SER PA 18 -17.48 -41.19 17.02
N VAL PA 19 -17.75 -41.98 15.97
CA VAL PA 19 -17.99 -41.38 14.68
C VAL PA 19 -19.46 -41.03 14.51
N LYS PA 20 -20.36 -41.59 15.32
CA LYS PA 20 -21.77 -41.24 15.15
C LYS PA 20 -22.21 -40.01 15.91
N ALA PA 21 -21.31 -39.16 16.39
CA ALA PA 21 -21.69 -38.11 17.33
C ALA PA 21 -22.59 -37.07 16.68
N LYS PA 22 -22.26 -36.66 15.45
CA LYS PA 22 -23.04 -35.65 14.75
C LYS PA 22 -24.45 -36.14 14.44
N THR PA 23 -24.57 -37.37 13.95
CA THR PA 23 -25.89 -37.89 13.62
C THR PA 23 -26.71 -38.18 14.85
N GLU PA 24 -26.08 -38.62 15.94
CA GLU PA 24 -26.89 -38.94 17.11
C GLU PA 24 -27.36 -37.67 17.82
N GLN PA 25 -26.60 -36.57 17.73
CA GLN PA 25 -27.11 -35.36 18.34
C GLN PA 25 -28.14 -34.68 17.43
N THR PA 26 -28.02 -34.79 16.10
CA THR PA 26 -29.07 -34.23 15.26
C THR PA 26 -30.28 -35.14 15.18
N ALA PA 27 -30.18 -36.36 15.72
CA ALA PA 27 -31.39 -37.16 15.94
C ALA PA 27 -32.03 -36.88 17.27
N TYR PA 28 -31.25 -36.54 18.29
CA TYR PA 28 -31.84 -36.12 19.57
C TYR PA 28 -32.59 -34.81 19.42
N LYS PA 29 -32.13 -33.94 18.51
CA LYS PA 29 -32.83 -32.67 18.30
C LYS PA 29 -34.24 -32.88 17.73
N ASN PA 30 -34.48 -33.99 17.02
CA ASN PA 30 -35.84 -34.31 16.58
C ASN PA 30 -36.58 -35.14 17.63
N ALA PA 31 -35.82 -35.88 18.43
CA ALA PA 31 -36.45 -36.65 19.50
C ALA PA 31 -37.01 -35.76 20.59
N THR PA 32 -36.59 -34.49 20.67
CA THR PA 32 -37.28 -33.54 21.55
C THR PA 32 -38.74 -33.32 21.13
N LYS PA 33 -38.94 -33.06 19.83
CA LYS PA 33 -40.29 -32.93 19.26
C LYS PA 33 -41.12 -34.18 19.50
N ASP PA 34 -40.48 -35.35 19.41
CA ASP PA 34 -41.23 -36.56 19.70
C ASP PA 34 -41.51 -36.72 21.19
N MET PA 35 -40.61 -36.25 22.06
CA MET PA 35 -40.78 -36.42 23.50
C MET PA 35 -41.88 -35.57 24.08
N VAL PA 36 -42.23 -34.45 23.44
CA VAL PA 36 -43.23 -33.53 24.00
C VAL PA 36 -44.57 -34.23 24.23
N VAL PA 37 -45.07 -34.95 23.24
CA VAL PA 37 -46.39 -35.55 23.39
C VAL PA 37 -46.30 -36.88 24.14
N GLN PA 38 -45.17 -37.57 24.06
CA GLN PA 38 -45.01 -38.85 24.71
C GLN PA 38 -44.62 -38.74 26.17
N ALA PA 39 -44.31 -37.54 26.66
CA ALA PA 39 -43.74 -37.42 28.01
C ALA PA 39 -44.80 -37.49 29.09
N GLN PA 40 -46.08 -37.53 28.73
CA GLN PA 40 -47.12 -37.56 29.75
C GLN PA 40 -47.38 -38.96 30.28
N ASN PA 41 -46.63 -39.96 29.78
CA ASN PA 41 -46.61 -41.24 30.47
C ASN PA 41 -45.96 -41.12 31.84
N ILE PA 42 -45.09 -40.13 32.04
CA ILE PA 42 -44.58 -39.80 33.37
C ILE PA 42 -45.71 -39.40 34.29
N MET PA 43 -46.61 -38.54 33.81
CA MET PA 43 -47.73 -38.06 34.58
C MET PA 43 -48.70 -39.20 34.90
N ASN PA 44 -49.00 -40.05 33.91
CA ASN PA 44 -49.86 -41.20 34.15
C ASN PA 44 -49.25 -42.18 35.15
N PHE PA 45 -47.94 -42.42 35.03
CA PHE PA 45 -47.25 -43.35 35.90
C PHE PA 45 -47.26 -42.89 37.34
N TYR PA 46 -46.86 -41.64 37.59
CA TYR PA 46 -46.80 -41.21 38.99
C TYR PA 46 -48.19 -40.96 39.56
N SER PA 47 -49.18 -40.66 38.70
CA SER PA 47 -50.55 -40.57 39.19
C SER PA 47 -51.04 -41.93 39.68
N VAL PA 48 -50.90 -42.96 38.85
CA VAL PA 48 -51.45 -44.26 39.23
C VAL PA 48 -50.58 -44.96 40.28
N VAL PA 49 -49.34 -44.51 40.50
CA VAL PA 49 -48.57 -45.10 41.58
C VAL PA 49 -48.80 -44.37 42.90
N ASN PA 50 -48.79 -43.04 42.91
CA ASN PA 50 -49.01 -42.29 44.16
C ASN PA 50 -50.43 -42.47 44.68
N GLN PA 51 -51.43 -42.58 43.79
CA GLN PA 51 -52.81 -42.74 44.22
C GLN PA 51 -53.04 -44.08 44.94
N ALA PA 52 -52.17 -45.05 44.72
CA ALA PA 52 -52.30 -46.32 45.43
C ALA PA 52 -51.28 -46.48 46.55
N LEU PA 53 -50.18 -45.73 46.54
CA LEU PA 53 -49.17 -45.94 47.59
C LEU PA 53 -49.16 -44.88 48.68
N ILE PA 54 -49.57 -43.65 48.40
CA ILE PA 54 -49.57 -42.62 49.44
C ILE PA 54 -50.49 -42.95 50.62
N PRO PA 55 -51.72 -43.47 50.44
CA PRO PA 55 -52.46 -43.91 51.64
C PRO PA 55 -51.85 -45.10 52.37
N TRP PA 56 -51.28 -46.08 51.66
CA TRP PA 56 -50.74 -47.25 52.34
C TRP PA 56 -49.51 -46.90 53.15
N LEU PA 57 -48.52 -46.28 52.50
CA LEU PA 57 -47.31 -45.85 53.20
C LEU PA 57 -47.62 -44.83 54.26
N ASN PA 58 -48.59 -43.96 54.00
CA ASN PA 58 -48.89 -42.87 54.89
C ASN PA 58 -49.64 -43.32 56.13
N ALA PA 59 -50.45 -44.38 56.03
CA ALA PA 59 -51.25 -44.84 57.15
C ALA PA 59 -50.77 -46.13 57.77
N HIS PA 60 -49.76 -46.78 57.19
CA HIS PA 60 -49.26 -48.00 57.79
C HIS PA 60 -48.06 -47.73 58.69
N GLY PA 61 -47.49 -46.54 58.60
CA GLY PA 61 -46.54 -46.06 59.59
C GLY PA 61 -45.10 -45.98 59.17
N VAL PA 62 -44.81 -46.15 57.88
CA VAL PA 62 -43.42 -46.15 57.44
C VAL PA 62 -42.93 -44.71 57.32
N GLY PA 63 -41.61 -44.56 57.44
CA GLY PA 63 -41.01 -43.26 57.67
C GLY PA 63 -40.90 -42.41 56.42
N GLY PA 64 -39.89 -41.56 56.42
CA GLY PA 64 -39.68 -40.69 55.29
C GLY PA 64 -38.81 -41.32 54.22
N ASN PA 65 -37.64 -41.78 54.61
CA ASN PA 65 -36.62 -42.14 53.65
C ASN PA 65 -36.66 -43.59 53.22
N LEU PA 66 -37.49 -44.43 53.87
CA LEU PA 66 -37.74 -45.81 53.45
C LEU PA 66 -38.82 -45.92 52.40
N ARG PA 67 -39.59 -44.83 52.23
CA ARG PA 67 -40.62 -44.80 51.20
C ARG PA 67 -40.05 -45.06 49.82
N ILE PA 68 -38.81 -44.63 49.58
CA ILE PA 68 -38.12 -44.89 48.31
C ILE PA 68 -37.84 -46.36 48.10
N LEU PA 69 -37.44 -47.08 49.15
CA LEU PA 69 -37.18 -48.51 48.99
C LEU PA 69 -38.48 -49.25 48.67
N TYR PA 70 -39.56 -48.82 49.29
CA TYR PA 70 -40.88 -49.32 48.89
C TYR PA 70 -41.25 -48.92 47.47
N ARG PA 71 -40.82 -47.73 47.03
CA ARG PA 71 -41.04 -47.34 45.64
C ARG PA 71 -40.21 -48.19 44.69
N GLN PA 72 -39.02 -48.63 45.12
CA GLN PA 72 -38.20 -49.52 44.29
C GLN PA 72 -38.95 -50.80 44.02
N LEU PA 73 -39.55 -51.37 45.07
CA LEU PA 73 -40.35 -52.58 44.92
C LEU PA 73 -41.56 -52.35 44.02
N ALA PA 74 -42.34 -51.30 44.29
CA ALA PA 74 -43.57 -51.07 43.53
C ALA PA 74 -43.28 -50.69 42.08
N ASN PA 75 -42.21 -49.93 41.85
CA ASN PA 75 -41.87 -49.51 40.49
C ASN PA 75 -41.36 -50.67 39.66
N GLU PA 76 -40.60 -51.58 40.26
CA GLU PA 76 -40.19 -52.76 39.51
C GLU PA 76 -41.38 -53.65 39.18
N TYR PA 77 -42.35 -53.72 40.10
CA TYR PA 77 -43.56 -54.49 39.80
C TYR PA 77 -44.38 -53.85 38.68
N VAL PA 78 -44.43 -52.52 38.62
CA VAL PA 78 -45.19 -51.86 37.57
C VAL PA 78 -44.48 -51.98 36.22
N LYS PA 79 -43.13 -52.06 36.23
CA LYS PA 79 -42.41 -52.31 34.98
C LYS PA 79 -42.73 -53.70 34.44
N VAL PA 80 -42.71 -54.71 35.32
CA VAL PA 80 -43.07 -56.07 34.92
C VAL PA 80 -44.50 -56.13 34.41
N LEU PA 81 -45.40 -55.32 34.99
CA LEU PA 81 -46.77 -55.24 34.50
C LEU PA 81 -46.86 -54.66 33.10
N ASN PA 82 -46.36 -53.44 32.89
CA ASN PA 82 -46.57 -52.79 31.62
C ASN PA 82 -45.58 -53.21 30.54
N THR PA 83 -44.79 -54.26 30.78
CA THR PA 83 -44.28 -55.03 29.65
C THR PA 83 -45.22 -56.17 29.26
N LYS PA 84 -46.51 -56.07 29.56
CA LYS PA 84 -47.57 -57.03 29.22
C LYS PA 84 -47.34 -58.42 29.77
N GLN PA 85 -47.31 -58.58 31.10
CA GLN PA 85 -47.09 -59.88 31.72
C GLN PA 85 -48.11 -60.05 32.84
N SER PA 86 -49.04 -60.98 32.66
CA SER PA 86 -50.17 -61.18 33.56
C SER PA 86 -49.80 -62.18 34.66
N GLY PA 87 -50.83 -62.69 35.34
CA GLY PA 87 -50.70 -63.29 36.66
C GLY PA 87 -49.89 -64.55 36.75
N GLU PA 88 -49.76 -65.31 35.65
CA GLU PA 88 -49.03 -66.57 35.72
C GLU PA 88 -47.54 -66.39 35.89
N VAL PA 89 -47.01 -65.20 35.61
CA VAL PA 89 -45.63 -64.89 35.94
C VAL PA 89 -45.56 -64.08 37.23
N ILE PA 90 -46.61 -63.31 37.51
CA ILE PA 90 -46.68 -62.48 38.70
C ILE PA 90 -46.70 -63.32 39.96
N LYS PA 91 -47.35 -64.49 39.94
CA LYS PA 91 -47.37 -65.37 41.11
C LYS PA 91 -46.01 -65.95 41.48
N ARG PA 92 -45.00 -65.76 40.64
CA ARG PA 92 -43.62 -66.15 40.89
C ARG PA 92 -42.72 -64.93 41.16
N LEU PA 93 -42.94 -63.86 40.41
CA LEU PA 93 -42.12 -62.68 40.63
C LEU PA 93 -42.46 -61.96 41.93
N LYS PA 94 -43.65 -62.18 42.48
CA LYS PA 94 -43.97 -61.60 43.80
C LYS PA 94 -43.09 -62.19 44.90
N ILE PA 95 -42.93 -63.51 44.91
CA ILE PA 95 -42.08 -64.09 45.95
C ILE PA 95 -40.60 -63.85 45.65
N ALA PA 96 -40.23 -63.71 44.36
CA ALA PA 96 -38.86 -63.31 44.04
C ALA PA 96 -38.54 -61.92 44.57
N LEU PA 97 -39.42 -60.95 44.32
CA LEU PA 97 -39.21 -59.60 44.83
C LEU PA 97 -39.31 -59.54 46.35
N ARG PA 98 -40.12 -60.42 46.95
CA ARG PA 98 -40.22 -60.49 48.40
C ARG PA 98 -38.89 -60.91 49.01
N HIS PA 99 -38.26 -61.93 48.44
CA HIS PA 99 -36.96 -62.34 48.95
C HIS PA 99 -35.88 -61.31 48.67
N LYS PA 100 -35.95 -60.64 47.51
CA LYS PA 100 -34.92 -59.67 47.17
C LYS PA 100 -34.97 -58.45 48.09
N TYR PA 101 -36.15 -57.90 48.33
CA TYR PA 101 -36.22 -56.75 49.21
C TYR PA 101 -36.29 -57.13 50.68
N TRP PA 102 -36.47 -58.40 51.02
CA TRP PA 102 -36.15 -58.82 52.38
C TRP PA 102 -34.65 -58.83 52.57
N LEU PA 103 -33.91 -59.23 51.54
CA LEU PA 103 -32.47 -59.31 51.63
C LEU PA 103 -31.80 -57.95 51.75
N ARG PA 104 -32.48 -56.87 51.37
CA ARG PA 104 -31.94 -55.53 51.50
C ARG PA 104 -32.37 -54.86 52.80
N GLY PA 105 -32.87 -55.62 53.75
CA GLY PA 105 -33.02 -55.15 55.12
C GLY PA 105 -34.43 -54.78 55.55
N LEU PA 106 -35.45 -55.10 54.77
CA LEU PA 106 -36.80 -54.80 55.24
C LEU PA 106 -37.26 -55.84 56.25
N ASP PA 107 -38.48 -55.65 56.73
CA ASP PA 107 -39.11 -56.54 57.70
C ASP PA 107 -40.25 -57.29 57.03
N GLU PA 108 -40.35 -58.59 57.33
CA GLU PA 108 -41.33 -59.41 56.63
C GLU PA 108 -42.76 -59.17 57.10
N ALA PA 109 -42.92 -58.61 58.31
CA ALA PA 109 -44.25 -58.25 58.79
C ALA PA 109 -44.83 -57.08 58.00
N MET PA 110 -43.98 -56.28 57.38
CA MET PA 110 -44.44 -55.32 56.37
C MET PA 110 -44.61 -55.98 55.01
N LEU PA 111 -43.76 -56.96 54.68
CA LEU PA 111 -43.72 -57.49 53.32
C LEU PA 111 -44.89 -58.39 52.97
N ASP PA 112 -45.39 -59.17 53.93
CA ASP PA 112 -46.55 -60.00 53.62
C ASP PA 112 -47.77 -59.15 53.32
N GLU PA 113 -47.98 -58.10 54.11
CA GLU PA 113 -49.11 -57.19 53.87
C GLU PA 113 -48.90 -56.37 52.61
N PHE PA 114 -47.64 -56.03 52.29
CA PHE PA 114 -47.41 -55.21 51.10
C PHE PA 114 -47.56 -56.05 49.83
N MET PA 115 -47.12 -57.31 49.86
CA MET PA 115 -47.31 -58.18 48.70
C MET PA 115 -48.76 -58.57 48.52
N ASP PA 116 -49.52 -58.63 49.63
CA ASP PA 116 -50.96 -58.77 49.47
C ASP PA 116 -51.58 -57.47 48.96
N TYR PA 117 -50.92 -56.34 49.18
CA TYR PA 117 -51.49 -55.07 48.74
C TYR PA 117 -51.28 -54.82 47.25
N ILE PA 118 -50.14 -55.20 46.69
CA ILE PA 118 -49.81 -54.81 45.30
C ILE PA 118 -50.48 -55.83 44.39
N ASP PA 119 -51.77 -55.64 44.19
CA ASP PA 119 -52.49 -56.19 43.07
C ASP PA 119 -53.40 -55.14 42.48
N SER PA 120 -53.36 -53.92 43.02
CA SER PA 120 -54.12 -52.79 42.51
C SER PA 120 -53.29 -51.91 41.60
N LEU PA 121 -51.99 -52.17 41.49
CA LEU PA 121 -51.14 -51.51 40.52
C LEU PA 121 -51.30 -52.23 39.19
N LYS PA 122 -51.44 -51.47 38.10
CA LYS PA 122 -51.62 -52.03 36.77
C LYS PA 122 -50.73 -51.29 35.78
N SER PA 123 -50.95 -51.55 34.49
CA SER PA 123 -50.11 -50.99 33.44
C SER PA 123 -50.38 -49.50 33.25
N THR PA 124 -49.38 -48.78 32.75
CA THR PA 124 -49.42 -47.33 32.67
C THR PA 124 -49.29 -46.79 31.25
N THR PA 125 -48.30 -47.24 30.49
CA THR PA 125 -47.90 -46.55 29.28
C THR PA 125 -48.88 -46.79 28.14
N THR PA 126 -49.26 -45.70 27.47
CA THR PA 126 -50.09 -45.76 26.27
C THR PA 126 -49.36 -45.01 25.16
N ASN PA 127 -49.99 -44.96 24.00
CA ASN PA 127 -49.45 -44.25 22.85
C ASN PA 127 -50.21 -42.94 22.67
N TYR PA 128 -49.50 -41.90 22.25
CA TYR PA 128 -50.12 -40.58 22.13
C TYR PA 128 -49.85 -39.94 20.78
N ILE PA 129 -49.55 -40.72 19.75
CA ILE PA 129 -49.40 -40.18 18.41
C ILE PA 129 -50.21 -41.05 17.45
N ILE PA 130 -51.24 -40.47 16.85
CA ILE PA 130 -52.07 -41.16 15.87
C ILE PA 130 -51.58 -40.79 14.48
N PHE PA 131 -51.87 -41.67 13.50
CA PHE PA 131 -51.30 -41.50 12.18
C PHE PA 131 -52.01 -40.43 11.37
N ASN PA 132 -53.31 -40.61 11.08
CA ASN PA 132 -54.18 -39.61 10.46
C ASN PA 132 -53.67 -39.13 9.10
N MET PA 133 -53.76 -40.00 8.09
CA MET PA 133 -53.20 -39.73 6.76
C MET PA 133 -53.76 -38.45 6.11
N GLN PA 134 -54.98 -38.06 6.46
CA GLN PA 134 -55.53 -36.79 5.97
C GLN PA 134 -54.81 -35.60 6.59
N ARG QA 4 18.50 -49.27 39.97
CA ARG QA 4 19.79 -48.65 40.26
C ARG QA 4 20.39 -49.24 41.53
N ARG QA 5 21.71 -49.13 41.65
CA ARG QA 5 22.44 -49.61 42.81
C ARG QA 5 22.33 -48.60 43.95
N THR QA 6 23.17 -48.78 44.96
CA THR QA 6 23.48 -47.71 45.89
C THR QA 6 24.94 -47.29 45.77
N GLY QA 7 25.86 -48.24 45.97
CA GLY QA 7 27.28 -47.94 46.10
C GLY QA 7 27.93 -47.28 44.90
N ILE QA 8 28.19 -45.98 45.04
CA ILE QA 8 28.69 -45.16 43.96
C ILE QA 8 29.80 -44.30 44.52
N THR QA 9 30.78 -43.98 43.67
CA THR QA 9 31.99 -43.32 44.14
C THR QA 9 31.71 -41.84 44.38
N THR QA 10 32.66 -41.15 45.00
CA THR QA 10 32.55 -39.73 45.25
C THR QA 10 32.65 -38.93 43.96
N GLU QA 11 33.43 -39.40 43.00
CA GLU QA 11 33.62 -38.66 41.77
C GLU QA 11 32.39 -38.68 40.87
N ASP QA 12 31.60 -39.75 40.90
CA ASP QA 12 30.47 -39.87 39.98
C ASP QA 12 29.35 -38.90 40.34
N ALA QA 13 29.09 -38.72 41.64
CA ALA QA 13 28.05 -37.81 42.08
C ALA QA 13 28.44 -36.36 41.80
N ILE QA 14 29.70 -36.02 42.04
CA ILE QA 14 30.19 -34.67 41.74
C ILE QA 14 30.19 -34.42 40.24
N THR QA 15 30.48 -35.46 39.45
CA THR QA 15 30.46 -35.34 38.00
C THR QA 15 29.04 -35.11 37.49
N LYS QA 16 28.05 -35.75 38.11
CA LYS QA 16 26.65 -35.49 37.76
C LYS QA 16 26.24 -34.07 38.10
N TYR QA 17 26.54 -33.63 39.32
CA TYR QA 17 26.06 -32.32 39.79
C TYR QA 17 26.76 -31.19 39.05
N SER QA 18 27.98 -31.42 38.58
CA SER QA 18 28.71 -30.36 37.89
C SER QA 18 28.26 -30.25 36.43
N VAL QA 19 27.93 -31.38 35.81
CA VAL QA 19 27.61 -31.33 34.39
C VAL QA 19 26.13 -31.04 34.17
N LYS QA 20 25.29 -31.20 35.18
CA LYS QA 20 23.87 -30.92 34.98
C LYS QA 20 23.47 -29.48 35.21
N ALA QA 21 24.42 -28.54 35.26
CA ALA QA 21 24.09 -27.19 35.73
C ALA QA 21 23.16 -26.46 34.77
N LYS QA 22 23.41 -26.58 33.47
CA LYS QA 22 22.59 -25.90 32.47
C LYS QA 22 21.17 -26.44 32.45
N THR QA 23 21.02 -27.77 32.50
CA THR QA 23 19.68 -28.34 32.46
C THR QA 23 18.94 -28.11 33.76
N GLU QA 24 19.62 -28.09 34.89
CA GLU QA 24 18.89 -27.90 36.14
C GLU QA 24 18.46 -26.44 36.30
N GLN QA 25 19.22 -25.49 35.75
CA GLN QA 25 18.75 -24.12 35.86
C GLN QA 25 17.66 -23.83 34.82
N THR QA 26 17.71 -24.45 33.64
CA THR QA 26 16.62 -24.24 32.70
C THR QA 26 15.39 -25.08 33.05
N ALA QA 27 15.52 -25.99 34.03
CA ALA QA 27 14.33 -26.62 34.60
C ALA QA 27 13.76 -25.81 35.75
N TYR QA 28 14.61 -25.11 36.51
CA TYR QA 28 14.10 -24.21 37.54
C TYR QA 28 13.34 -23.04 36.94
N LYS QA 29 13.74 -22.62 35.73
CA LYS QA 29 13.04 -21.52 35.08
C LYS QA 29 11.60 -21.90 34.71
N ASN QA 30 11.32 -23.19 34.51
CA ASN QA 30 9.93 -23.61 34.31
C ASN QA 30 9.26 -23.95 35.64
N ALA QA 31 10.06 -24.34 36.62
CA ALA QA 31 9.49 -24.61 37.94
C ALA QA 31 9.00 -23.35 38.62
N THR QA 32 9.43 -22.16 38.16
CA THR QA 32 8.79 -20.93 38.64
C THR QA 32 7.32 -20.85 38.24
N LYS QA 33 7.03 -21.11 36.95
CA LYS QA 33 5.66 -21.19 36.45
C LYS QA 33 4.85 -22.21 37.22
N ASP QA 34 5.46 -23.33 37.57
CA ASP QA 34 4.73 -24.33 38.35
C ASP QA 34 4.55 -23.88 39.79
N MET QA 35 5.50 -23.13 40.35
CA MET QA 35 5.41 -22.71 41.75
C MET QA 35 4.35 -21.67 42.01
N VAL QA 36 3.97 -20.89 41.00
CA VAL QA 36 3.01 -19.80 41.20
C VAL QA 36 1.68 -20.30 41.76
N VAL QA 37 1.12 -21.35 41.16
CA VAL QA 37 -0.20 -21.80 41.62
C VAL QA 37 -0.06 -22.73 42.82
N GLN QA 38 1.06 -23.43 42.95
CA GLN QA 38 1.25 -24.36 44.06
C GLN QA 38 1.73 -23.69 45.33
N ALA QA 39 2.08 -22.41 45.28
CA ALA QA 39 2.71 -21.78 46.44
C ALA QA 39 1.72 -21.38 47.52
N GLN QA 40 0.42 -21.54 47.27
CA GLN QA 40 -0.55 -21.13 48.28
C GLN QA 40 -0.79 -22.21 49.32
N ASN QA 41 -0.07 -23.33 49.23
CA ASN QA 41 -0.01 -24.25 50.35
C ASN QA 41 0.72 -23.62 51.54
N ILE QA 42 1.61 -22.64 51.28
CA ILE QA 42 2.20 -21.83 52.34
C ILE QA 42 1.11 -21.07 53.10
N MET QA 43 0.21 -20.45 52.34
CA MET QA 43 -0.89 -19.68 52.93
C MET QA 43 -1.83 -20.57 53.73
N ASN QA 44 -2.18 -21.74 53.17
CA ASN QA 44 -3.05 -22.68 53.90
C ASN QA 44 -2.37 -23.20 55.16
N PHE QA 45 -1.07 -23.50 55.07
CA PHE QA 45 -0.32 -24.03 56.20
C PHE QA 45 -0.25 -23.03 57.35
N TYR QA 46 0.16 -21.80 57.06
CA TYR QA 46 0.31 -20.85 58.17
C TYR QA 46 -1.05 -20.37 58.67
N SER QA 47 -2.09 -20.40 57.82
CA SER QA 47 -3.42 -20.10 58.31
C SER QA 47 -3.89 -21.14 59.31
N VAL QA 48 -3.81 -22.42 58.96
CA VAL QA 48 -4.33 -23.45 59.84
C VAL QA 48 -3.40 -23.70 61.04
N VAL QA 49 -2.15 -23.23 60.99
CA VAL QA 49 -1.31 -23.37 62.18
C VAL QA 49 -1.47 -22.18 63.12
N ASN QA 50 -1.45 -20.94 62.60
CA ASN QA 50 -1.60 -19.77 63.46
C ASN QA 50 -2.98 -19.68 64.09
N GLN QA 51 -4.03 -20.11 63.36
CA GLN QA 51 -5.38 -20.05 63.90
C GLN QA 51 -5.57 -20.98 65.10
N ALA QA 52 -4.71 -22.00 65.23
CA ALA QA 52 -4.82 -22.87 66.40
C ALA QA 52 -3.73 -22.61 67.43
N LEU QA 53 -2.62 -21.95 67.07
CA LEU QA 53 -1.56 -21.76 68.05
C LEU QA 53 -1.47 -20.37 68.64
N ILE QA 54 -1.91 -19.33 67.93
CA ILE QA 54 -1.84 -17.96 68.46
C ILE QA 54 -2.68 -17.78 69.73
N PRO QA 55 -3.92 -18.30 69.84
CA PRO QA 55 -4.59 -18.21 71.15
C PRO QA 55 -3.94 -19.04 72.25
N TRP QA 56 -3.43 -20.23 71.96
CA TRP QA 56 -2.84 -21.06 73.01
C TRP QA 56 -1.56 -20.44 73.56
N LEU QA 57 -0.61 -20.16 72.66
CA LEU QA 57 0.64 -19.52 73.06
C LEU QA 57 0.39 -18.15 73.67
N ASN QA 58 -0.59 -17.44 73.13
CA ASN QA 58 -0.84 -16.08 73.52
C ASN QA 58 -1.51 -15.97 74.88
N ALA QA 59 -2.33 -16.97 75.25
CA ALA QA 59 -3.06 -16.93 76.50
C ALA QA 59 -2.54 -17.90 77.55
N HIS QA 60 -1.57 -18.74 77.23
CA HIS QA 60 -1.04 -19.63 78.24
C HIS QA 60 0.21 -19.07 78.88
N GLY QA 61 0.78 -18.02 78.30
CA GLY QA 61 1.78 -17.23 78.98
C GLY QA 61 3.20 -17.35 78.47
N VAL QA 62 3.41 -18.02 77.34
CA VAL QA 62 4.76 -18.22 76.87
C VAL QA 62 5.26 -16.97 76.16
N GLY QA 63 6.57 -16.81 76.15
CA GLY QA 63 7.19 -15.55 75.80
C GLY QA 63 7.23 -15.26 74.32
N GLY QA 64 8.25 -14.51 73.93
CA GLY QA 64 8.39 -14.15 72.53
C GLY QA 64 9.19 -15.17 71.77
N ASN QA 65 10.39 -15.48 72.24
CA ASN QA 65 11.35 -16.21 71.43
C ASN QA 65 11.27 -17.73 71.62
N LEU QA 66 10.48 -18.21 72.60
CA LEU QA 66 10.21 -19.63 72.77
C LEU QA 66 9.05 -20.12 71.91
N ARG QA 67 8.29 -19.17 71.36
CA ARG QA 67 7.19 -19.52 70.46
C ARG QA 67 7.68 -20.31 69.27
N ILE QA 68 8.91 -20.05 68.80
CA ILE QA 68 9.52 -20.80 67.72
C ILE QA 68 9.79 -22.24 68.08
N LEU QA 69 10.25 -22.51 69.30
CA LEU QA 69 10.49 -23.89 69.71
C LEU QA 69 9.17 -24.66 69.77
N TYR QA 70 8.12 -23.98 70.23
CA TYR QA 70 6.79 -24.58 70.15
C TYR QA 70 6.33 -24.76 68.69
N ARG QA 71 6.74 -23.84 67.80
CA ARG QA 71 6.44 -24.04 66.38
C ARG QA 71 7.21 -25.20 65.81
N GLN QA 72 8.42 -25.46 66.30
CA GLN QA 72 9.18 -26.63 65.85
C GLN QA 72 8.43 -27.90 66.14
N LEU QA 73 7.89 -27.99 67.37
CA LEU QA 73 7.06 -29.14 67.75
C LEU QA 73 5.80 -29.25 66.90
N ALA QA 74 5.05 -28.16 66.77
CA ALA QA 74 3.78 -28.22 66.05
C ALA QA 74 3.98 -28.45 64.57
N ASN QA 75 5.04 -27.87 63.99
CA ASN QA 75 5.29 -28.02 62.57
C ASN QA 75 5.75 -29.43 62.22
N GLU QA 76 6.54 -30.06 63.10
CA GLU QA 76 6.91 -31.45 62.84
C GLU QA 76 5.70 -32.36 62.96
N TYR QA 77 4.79 -32.04 63.88
CA TYR QA 77 3.55 -32.83 63.98
C TYR QA 77 2.67 -32.67 62.74
N VAL QA 78 2.62 -31.46 62.17
CA VAL QA 78 1.80 -31.24 60.98
C VAL QA 78 2.43 -31.91 59.76
N LYS QA 79 3.77 -32.00 59.73
CA LYS QA 79 4.41 -32.76 58.65
C LYS QA 79 4.07 -34.24 58.70
N VAL QA 80 4.13 -34.82 59.91
CA VAL QA 80 3.75 -36.22 60.10
C VAL QA 80 2.28 -36.44 59.74
N LEU QA 81 1.43 -35.44 59.99
CA LEU QA 81 0.02 -35.52 59.59
C LEU QA 81 -0.14 -35.53 58.07
N ASN QA 82 0.35 -34.50 57.38
CA ASN QA 82 0.06 -34.41 55.95
C ASN QA 82 0.99 -35.24 55.09
N THR QA 83 1.79 -36.13 55.68
CA THR QA 83 2.22 -37.30 54.92
C THR QA 83 1.27 -38.48 55.06
N LYS QA 84 -0.01 -38.23 55.37
CA LYS QA 84 -1.09 -39.22 55.48
C LYS QA 84 -0.82 -40.30 56.53
N GLN QA 85 -0.72 -39.91 57.81
CA GLN QA 85 -0.47 -40.87 58.88
C GLN QA 85 -1.42 -40.56 60.03
N SER QA 86 -2.36 -41.46 60.29
CA SER QA 86 -3.44 -41.27 61.24
C SER QA 86 -3.00 -41.74 62.63
N GLY QA 87 -4.00 -41.93 63.51
CA GLY QA 87 -3.79 -41.95 64.95
C GLY QA 87 -2.98 -43.11 65.49
N GLU QA 88 -2.91 -44.23 64.77
CA GLU QA 88 -2.20 -45.39 65.30
C GLU QA 88 -0.68 -45.21 65.30
N VAL QA 89 -0.18 -44.23 64.54
CA VAL QA 89 1.23 -43.86 64.64
C VAL QA 89 1.37 -42.60 65.50
N ILE QA 90 0.34 -41.75 65.51
CA ILE QA 90 0.35 -40.52 66.29
C ILE QA 90 0.41 -40.80 67.78
N LYS QA 91 -0.25 -41.86 68.25
CA LYS QA 91 -0.21 -42.22 69.68
C LYS QA 91 1.17 -42.64 70.17
N ARG QA 92 2.14 -42.82 69.27
CA ARG QA 92 3.53 -43.11 69.57
C ARG QA 92 4.43 -41.92 69.30
N LEU QA 93 4.19 -41.21 68.20
CA LEU QA 93 5.02 -40.06 67.90
C LEU QA 93 4.76 -38.89 68.81
N LYS QA 94 3.60 -38.84 69.48
CA LYS QA 94 3.36 -37.78 70.47
C LYS QA 94 4.30 -37.92 71.66
N ILE QA 95 4.46 -39.13 72.19
CA ILE QA 95 5.38 -39.27 73.33
C ILE QA 95 6.83 -39.21 72.88
N ALA QA 96 7.12 -39.59 71.63
CA ALA QA 96 8.47 -39.40 71.09
C ALA QA 96 8.84 -37.92 71.01
N LEU QA 97 7.94 -37.10 70.46
CA LEU QA 97 8.18 -35.66 70.39
C LEU QA 97 8.17 -35.01 71.76
N ARG QA 98 7.40 -35.56 72.69
CA ARG QA 98 7.39 -35.05 74.06
C ARG QA 98 8.74 -35.23 74.71
N HIS QA 99 9.35 -36.41 74.55
CA HIS QA 99 10.67 -36.62 75.12
C HIS QA 99 11.73 -35.82 74.39
N LYS QA 100 11.60 -35.65 73.07
CA LYS QA 100 12.61 -34.92 72.32
C LYS QA 100 12.61 -33.43 72.68
N TYR QA 101 11.44 -32.81 72.75
CA TYR QA 101 11.43 -31.40 73.11
C TYR QA 101 11.45 -31.16 74.61
N TRP QA 102 11.28 -32.19 75.44
CA TRP QA 102 11.69 -32.05 76.83
C TRP QA 102 13.20 -32.03 76.93
N LEU QA 103 13.87 -32.82 76.10
CA LEU QA 103 15.32 -32.90 76.14
C LEU QA 103 15.99 -31.62 75.68
N ARG QA 104 15.30 -30.75 74.94
CA ARG QA 104 15.85 -29.49 74.49
C ARG QA 104 15.50 -28.34 75.45
N GLY QA 105 15.05 -28.66 76.65
CA GLY QA 105 14.98 -27.69 77.73
C GLY QA 105 13.62 -27.14 78.04
N LEU QA 106 12.54 -27.71 77.52
CA LEU QA 106 11.22 -27.23 77.90
C LEU QA 106 10.82 -27.76 79.27
N ASP QA 107 9.63 -27.37 79.70
CA ASP QA 107 9.06 -27.79 80.98
C ASP QA 107 7.88 -28.71 80.71
N GLU QA 108 7.79 -29.79 81.50
CA GLU QA 108 6.77 -30.80 81.23
C GLU QA 108 5.38 -30.34 81.65
N ALA QA 109 5.28 -29.35 82.56
CA ALA QA 109 3.98 -28.80 82.92
C ALA QA 109 3.36 -28.02 81.77
N MET QA 110 4.18 -27.55 80.83
CA MET QA 110 3.66 -27.06 79.56
C MET QA 110 3.40 -28.20 78.58
N LEU QA 111 4.23 -29.24 78.61
CA LEU QA 111 4.19 -30.26 77.57
C LEU QA 111 3.00 -31.18 77.68
N ASP QA 112 2.55 -31.53 78.88
CA ASP QA 112 1.38 -32.39 78.99
C ASP QA 112 0.14 -31.68 78.44
N GLU QA 113 -0.02 -30.40 78.76
CA GLU QA 113 -1.14 -29.64 78.24
C GLU QA 113 -1.02 -29.37 76.75
N PHE QA 114 0.21 -29.22 76.26
CA PHE QA 114 0.38 -28.95 74.84
C PHE QA 114 0.16 -30.20 74.00
N MET QA 115 0.59 -31.37 74.51
CA MET QA 115 0.34 -32.62 73.80
C MET QA 115 -1.13 -33.00 73.87
N ASP QA 116 -1.82 -32.61 74.95
CA ASP QA 116 -3.27 -32.76 74.93
C ASP QA 116 -3.91 -31.75 73.98
N TYR QA 117 -3.24 -30.64 73.70
CA TYR QA 117 -3.82 -29.64 72.83
C TYR QA 117 -3.71 -30.00 71.36
N ILE QA 118 -2.60 -30.59 70.93
CA ILE QA 118 -2.37 -30.79 69.49
C ILE QA 118 -3.08 -32.08 69.09
N ASP QA 119 -4.37 -31.94 68.90
CA ASP QA 119 -5.17 -32.87 68.12
C ASP QA 119 -6.12 -32.11 67.22
N SER QA 120 -6.05 -30.78 67.23
CA SER QA 120 -6.82 -29.93 66.36
C SER QA 120 -6.05 -29.50 65.14
N LEU QA 121 -4.75 -29.81 65.07
CA LEU QA 121 -3.96 -29.61 63.87
C LEU QA 121 -4.20 -30.79 62.94
N LYS QA 122 -4.40 -30.52 61.65
CA LYS QA 122 -4.66 -31.55 60.66
C LYS QA 122 -3.84 -31.28 59.41
N SER QA 123 -4.14 -32.02 58.35
CA SER QA 123 -3.35 -31.94 57.11
C SER QA 123 -3.64 -30.65 56.37
N THR QA 124 -2.66 -30.20 55.58
CA THR QA 124 -2.69 -28.90 54.93
C THR QA 124 -2.65 -28.97 53.41
N THR QA 125 -1.72 -29.71 52.83
CA THR QA 125 -1.38 -29.56 51.43
C THR QA 125 -2.43 -30.20 50.53
N THR QA 126 -2.84 -29.46 49.51
CA THR QA 126 -3.74 -29.96 48.47
C THR QA 126 -3.08 -29.73 47.13
N ASN QA 127 -3.78 -30.12 46.06
CA ASN QA 127 -3.31 -29.93 44.70
C ASN QA 127 -4.08 -28.79 44.07
N TYR QA 128 -3.40 -28.01 43.23
CA TYR QA 128 -4.02 -26.83 42.64
C TYR QA 128 -3.82 -26.78 41.13
N ILE QA 129 -3.58 -27.91 40.48
CA ILE QA 129 -3.52 -27.95 39.02
C ILE QA 129 -4.38 -29.10 38.54
N ILE QA 130 -5.44 -28.78 37.81
CA ILE QA 130 -6.33 -29.76 37.23
C ILE QA 130 -5.93 -30.00 35.77
N PHE QA 131 -6.27 -31.17 35.25
CA PHE QA 131 -5.78 -31.56 33.94
C PHE QA 131 -6.53 -30.87 32.80
N ASN QA 132 -7.85 -31.12 32.68
CA ASN QA 132 -8.76 -30.41 31.77
C ASN QA 132 -8.32 -30.53 30.31
N MET QA 133 -8.49 -31.73 29.72
CA MET QA 133 -8.00 -32.02 28.36
C MET QA 133 -8.59 -31.08 27.30
N GLN QA 134 -9.78 -30.54 27.53
CA GLN QA 134 -10.36 -29.56 26.60
C GLN QA 134 -9.60 -28.23 26.66
N ARG RA 4 -28.27 -44.92 36.06
CA ARG RA 4 -26.98 -44.33 36.39
C ARG RA 4 -26.39 -44.96 37.63
N ARG RA 5 -25.07 -44.85 37.76
CA ARG RA 5 -24.34 -45.37 38.91
C ARG RA 5 -24.47 -44.42 40.09
N THR RA 6 -23.63 -44.64 41.10
CA THR RA 6 -23.33 -43.61 42.08
C THR RA 6 -21.87 -43.18 41.98
N GLY RA 7 -20.95 -44.13 42.15
CA GLY RA 7 -19.53 -43.84 42.30
C GLY RA 7 -18.88 -43.13 41.13
N ILE RA 8 -18.62 -41.84 41.33
CA ILE RA 8 -18.12 -40.96 40.28
C ILE RA 8 -17.02 -40.11 40.89
N THR RA 9 -16.03 -39.76 40.06
CA THR RA 9 -14.83 -39.12 40.56
C THR RA 9 -15.11 -37.65 40.87
N THR RA 10 -14.17 -36.99 41.52
CA THR RA 10 -14.28 -35.57 41.83
C THR RA 10 -14.19 -34.72 40.59
N GLU RA 11 -13.39 -35.15 39.61
CA GLU RA 11 -13.19 -34.35 38.40
C GLU RA 11 -14.42 -34.35 37.50
N ASP RA 12 -15.21 -35.42 37.49
CA ASP RA 12 -16.34 -35.51 36.55
C ASP RA 12 -17.45 -34.55 36.95
N ALA RA 13 -17.72 -34.43 38.25
CA ALA RA 13 -18.77 -33.54 38.71
C ALA RA 13 -18.39 -32.08 38.51
N ILE RA 14 -17.13 -31.74 38.76
CA ILE RA 14 -16.64 -30.38 38.53
C ILE RA 14 -16.63 -30.07 37.04
N THR RA 15 -16.33 -31.07 36.21
CA THR RA 15 -16.35 -30.89 34.76
C THR RA 15 -17.76 -30.65 34.26
N LYS RA 16 -18.76 -31.31 34.85
CA LYS RA 16 -20.16 -31.05 34.49
C LYS RA 16 -20.57 -29.64 34.89
N TYR RA 17 -20.28 -29.25 36.14
CA TYR RA 17 -20.76 -27.97 36.65
C TYR RA 17 -20.06 -26.80 35.97
N SER RA 18 -18.84 -27.01 35.49
CA SER RA 18 -18.11 -25.92 34.84
C SER RA 18 -18.55 -25.75 33.40
N VAL RA 19 -18.87 -26.85 32.73
CA VAL RA 19 -19.19 -26.74 31.31
C VAL RA 19 -20.67 -26.45 31.09
N LYS RA 20 -21.52 -26.66 32.09
CA LYS RA 20 -22.93 -26.37 31.89
C LYS RA 20 -23.33 -24.94 32.18
N ALA RA 21 -22.39 -23.99 32.28
CA ALA RA 21 -22.72 -22.67 32.80
C ALA RA 21 -23.66 -21.90 31.87
N LYS RA 22 -23.39 -21.97 30.56
CA LYS RA 22 -24.21 -21.25 29.59
C LYS RA 22 -25.63 -21.78 29.55
N THR RA 23 -25.78 -23.11 29.53
CA THR RA 23 -27.11 -23.69 29.46
C THR RA 23 -27.87 -23.52 30.77
N GLU RA 24 -27.19 -23.54 31.91
CA GLU RA 24 -27.93 -23.41 33.16
C GLU RA 24 -28.36 -21.96 33.37
N GLN RA 25 -27.60 -20.99 32.87
CA GLN RA 25 -28.08 -19.63 33.02
C GLN RA 25 -29.17 -19.29 32.00
N THR RA 26 -29.10 -19.86 30.79
CA THR RA 26 -30.20 -19.61 29.86
C THR RA 26 -31.41 -20.48 30.17
N ALA RA 27 -31.29 -21.43 31.10
CA ALA RA 27 -32.48 -22.07 31.63
C ALA RA 27 -33.06 -21.32 32.82
N TYR RA 28 -32.21 -20.66 33.61
CA TYR RA 28 -32.74 -19.81 34.67
C TYR RA 28 -33.50 -18.62 34.11
N LYS RA 29 -33.09 -18.13 32.94
CA LYS RA 29 -33.79 -17.01 32.32
C LYS RA 29 -35.23 -17.38 31.93
N ASN RA 30 -35.50 -18.66 31.67
CA ASN RA 30 -36.89 -19.08 31.45
C ASN RA 30 -37.57 -19.48 32.76
N ALA RA 31 -36.77 -19.90 33.74
CA ALA RA 31 -37.34 -20.22 35.02
C ALA RA 31 -37.86 -19.00 35.76
N THR RA 32 -37.42 -17.79 35.36
CA THR RA 32 -38.07 -16.58 35.88
C THR RA 32 -39.54 -16.49 35.47
N LYS RA 33 -39.82 -16.70 34.18
CA LYS RA 33 -41.19 -16.76 33.66
C LYS RA 33 -42.00 -17.82 34.38
N ASP RA 34 -41.37 -18.95 34.68
CA ASP RA 34 -42.11 -19.98 35.42
C ASP RA 34 -42.31 -19.59 36.88
N MET RA 35 -41.36 -18.87 37.48
CA MET RA 35 -41.46 -18.51 38.89
C MET RA 35 -42.53 -17.48 39.19
N VAL RA 36 -42.90 -16.66 38.20
CA VAL RA 36 -43.88 -15.58 38.45
C VAL RA 36 -45.20 -16.11 38.98
N VAL RA 37 -45.76 -17.14 38.33
CA VAL RA 37 -47.07 -17.62 38.76
C VAL RA 37 -46.95 -18.60 39.92
N GLN RA 38 -45.82 -19.29 40.03
CA GLN RA 38 -45.63 -20.27 41.10
C GLN RA 38 -45.16 -19.65 42.40
N ALA RA 39 -44.82 -18.37 42.41
CA ALA RA 39 -44.19 -17.80 43.60
C ALA RA 39 -45.19 -17.45 44.68
N GLN RA 40 -46.49 -17.59 44.43
CA GLN RA 40 -47.47 -17.23 45.45
C GLN RA 40 -47.70 -18.36 46.44
N ASN RA 41 -46.99 -19.47 46.30
CA ASN RA 41 -46.92 -20.43 47.39
C ASN RA 41 -46.21 -19.85 48.60
N ILE RA 42 -45.32 -18.86 48.40
CA ILE RA 42 -44.74 -18.09 49.49
C ILE RA 42 -45.83 -17.37 50.27
N MET RA 43 -46.74 -16.72 49.54
CA MET RA 43 -47.83 -15.98 50.16
C MET RA 43 -48.78 -16.91 50.91
N ASN RA 44 -49.13 -18.05 50.30
CA ASN RA 44 -49.99 -19.02 50.97
C ASN RA 44 -49.32 -19.60 52.22
N PHE RA 45 -48.03 -19.89 52.13
CA PHE RA 45 -47.29 -20.47 53.23
C PHE RA 45 -47.22 -19.52 54.42
N TYR RA 46 -46.81 -18.28 54.20
CA TYR RA 46 -46.67 -17.37 55.35
C TYR RA 46 -48.03 -16.91 55.85
N SER RA 47 -49.06 -16.91 54.99
CA SER RA 47 -50.40 -16.63 55.48
C SER RA 47 -50.87 -17.71 56.45
N VAL RA 48 -50.78 -18.99 56.04
CA VAL RA 48 -51.30 -20.05 56.87
C VAL RA 48 -50.38 -20.34 58.06
N VAL RA 49 -49.13 -19.88 58.04
CA VAL RA 49 -48.31 -20.06 59.24
C VAL RA 49 -48.48 -18.91 60.22
N ASN RA 50 -48.45 -17.65 59.76
CA ASN RA 50 -48.62 -16.52 60.66
C ASN RA 50 -50.00 -16.46 61.28
N GLN RA 51 -51.04 -16.86 60.53
CA GLN RA 51 -52.40 -16.83 61.07
C GLN RA 51 -52.60 -17.82 62.22
N ALA RA 52 -51.74 -18.83 62.32
CA ALA RA 52 -51.83 -19.76 63.43
C ALA RA 52 -50.76 -19.55 64.49
N LEU RA 53 -49.66 -18.86 64.17
CA LEU RA 53 -48.60 -18.71 65.17
C LEU RA 53 -48.53 -17.34 65.81
N ILE RA 54 -48.95 -16.27 65.13
CA ILE RA 54 -48.90 -14.94 65.73
C ILE RA 54 -49.75 -14.81 67.01
N PRO RA 55 -50.99 -15.34 67.09
CA PRO RA 55 -51.66 -15.30 68.40
C PRO RA 55 -51.02 -16.17 69.46
N TRP RA 56 -50.49 -17.35 69.12
CA TRP RA 56 -49.92 -18.23 70.14
C TRP RA 56 -48.63 -17.63 70.71
N LEU RA 57 -47.68 -17.30 69.85
CA LEU RA 57 -46.43 -16.68 70.28
C LEU RA 57 -46.69 -15.34 70.93
N ASN RA 58 -47.67 -14.61 70.43
CA ASN RA 58 -47.93 -13.26 70.89
C ASN RA 58 -48.61 -13.22 72.23
N ALA RA 59 -49.42 -14.23 72.55
CA ALA RA 59 -50.16 -14.24 73.81
C ALA RA 59 -49.66 -15.26 74.81
N HIS RA 60 -48.68 -16.08 74.46
CA HIS RA 60 -48.15 -17.02 75.43
C HIS RA 60 -46.90 -16.48 76.12
N GLY RA 61 -46.33 -15.40 75.58
CA GLY RA 61 -45.34 -14.64 76.29
C GLY RA 61 -43.92 -14.73 75.79
N VAL RA 62 -43.70 -15.35 74.64
CA VAL RA 62 -42.34 -15.53 74.15
C VAL RA 62 -41.85 -14.25 73.51
N GLY RA 63 -40.53 -14.08 73.51
CA GLY RA 63 -39.91 -12.80 73.23
C GLY RA 63 -39.86 -12.46 71.76
N GLY RA 64 -38.84 -11.69 71.41
CA GLY RA 64 -38.70 -11.26 70.04
C GLY RA 64 -37.89 -12.24 69.22
N ASN RA 65 -36.69 -12.57 69.69
CA ASN RA 65 -35.72 -13.26 68.87
C ASN RA 65 -35.81 -14.79 68.99
N LEU RA 66 -36.59 -15.32 69.93
CA LEU RA 66 -36.86 -16.75 70.04
C LEU RA 66 -38.01 -17.20 69.15
N ARG RA 67 -38.78 -16.23 68.65
CA ARG RA 67 -39.86 -16.55 67.73
C ARG RA 67 -39.36 -17.28 66.50
N ILE RA 68 -38.15 -17.00 66.06
CA ILE RA 68 -37.51 -17.70 64.94
C ILE RA 68 -37.25 -19.16 65.24
N LEU RA 69 -36.80 -19.47 66.45
CA LEU RA 69 -36.55 -20.87 66.81
C LEU RA 69 -37.87 -21.64 66.83
N TYR RA 70 -38.92 -20.99 67.31
CA TYR RA 70 -40.25 -21.58 67.18
C TYR RA 70 -40.69 -21.71 65.73
N ARG RA 71 -40.29 -20.75 64.88
CA ARG RA 71 -40.57 -20.88 63.46
C ARG RA 71 -39.80 -22.03 62.83
N GLN RA 72 -38.59 -22.30 63.33
CA GLN RA 72 -37.82 -23.44 62.82
C GLN RA 72 -38.58 -24.74 63.06
N LEU RA 73 -39.12 -24.87 64.27
CA LEU RA 73 -39.94 -26.04 64.60
C LEU RA 73 -41.21 -26.12 63.75
N ALA RA 74 -41.96 -25.02 63.66
CA ALA RA 74 -43.22 -25.05 62.93
C ALA RA 74 -43.01 -25.23 61.43
N ASN RA 75 -41.95 -24.62 60.88
CA ASN RA 75 -41.69 -24.70 59.46
C ASN RA 75 -41.23 -26.10 59.05
N GLU RA 76 -40.44 -26.75 59.92
CA GLU RA 76 -40.06 -28.14 59.60
C GLU RA 76 -41.27 -29.05 59.67
N TYR RA 77 -42.19 -28.78 60.60
CA TYR RA 77 -43.43 -29.57 60.66
C TYR RA 77 -44.30 -29.36 59.42
N VAL RA 78 -44.35 -28.13 58.90
CA VAL RA 78 -45.16 -27.87 57.71
C VAL RA 78 -44.52 -28.47 56.46
N LYS RA 79 -43.18 -28.56 56.44
CA LYS RA 79 -42.53 -29.28 55.33
C LYS RA 79 -42.87 -30.75 55.33
N VAL RA 80 -42.81 -31.39 56.51
CA VAL RA 80 -43.20 -32.79 56.64
C VAL RA 80 -44.65 -33.00 56.25
N LEU RA 81 -45.51 -32.01 56.54
CA LEU RA 81 -46.91 -32.10 56.12
C LEU RA 81 -47.07 -32.04 54.61
N ASN RA 82 -46.58 -30.98 53.97
CA ASN RA 82 -46.86 -30.82 52.55
C ASN RA 82 -45.92 -31.62 51.66
N THR RA 83 -45.12 -32.53 52.21
CA THR RA 83 -44.68 -33.66 51.41
C THR RA 83 -45.63 -34.85 51.49
N LYS RA 84 -46.92 -34.61 51.80
CA LYS RA 84 -47.99 -35.61 51.87
C LYS RA 84 -47.73 -36.73 52.87
N GLN RA 85 -47.63 -36.40 54.15
CA GLN RA 85 -47.38 -37.40 55.19
C GLN RA 85 -48.34 -37.14 56.35
N SER RA 86 -49.28 -38.06 56.56
CA SER RA 86 -50.36 -37.91 57.52
C SER RA 86 -49.94 -38.45 58.88
N GLY RA 87 -50.93 -38.67 59.75
CA GLY RA 87 -50.74 -38.76 61.19
C GLY RA 87 -49.92 -39.93 61.68
N GLU RA 88 -49.86 -41.03 60.92
CA GLU RA 88 -49.13 -42.20 61.40
C GLU RA 88 -47.62 -42.00 61.42
N VAL RA 89 -47.11 -41.00 60.71
CA VAL RA 89 -45.71 -40.63 60.83
C VAL RA 89 -45.58 -39.41 61.75
N ILE RA 90 -46.61 -38.57 61.79
CA ILE RA 90 -46.62 -37.37 62.61
C ILE RA 90 -46.56 -37.71 64.09
N LYS RA 91 -47.21 -38.79 64.51
CA LYS RA 91 -47.19 -39.21 65.92
C LYS RA 91 -45.81 -39.65 66.40
N ARG RA 92 -44.83 -39.78 65.51
CA ARG RA 92 -43.44 -40.09 65.80
C ARG RA 92 -42.54 -38.89 65.59
N LEU RA 93 -42.78 -38.13 64.52
CA LEU RA 93 -41.96 -36.96 64.26
C LEU RA 93 -42.23 -35.83 65.23
N LYS RA 94 -43.39 -35.81 65.90
CA LYS RA 94 -43.64 -34.80 66.93
C LYS RA 94 -42.71 -34.98 68.12
N ILE RA 95 -42.54 -36.22 68.60
CA ILE RA 95 -41.64 -36.40 69.74
C ILE RA 95 -40.18 -36.33 69.29
N ALA RA 96 -39.88 -36.65 68.03
CA ALA RA 96 -38.53 -36.42 67.51
C ALA RA 96 -38.16 -34.94 67.50
N LEU RA 97 -39.06 -34.11 66.97
CA LEU RA 97 -38.82 -32.66 66.96
C LEU RA 97 -38.84 -32.08 68.36
N ARG RA 98 -39.62 -32.66 69.27
CA ARG RA 98 -39.65 -32.21 70.65
C ARG RA 98 -38.28 -32.41 71.31
N HIS RA 99 -37.69 -33.59 71.10
CA HIS RA 99 -36.36 -33.81 71.67
C HIS RA 99 -35.30 -32.98 70.98
N LYS RA 100 -35.43 -32.76 69.67
CA LYS RA 100 -34.41 -31.98 68.95
C LYS RA 100 -34.42 -30.52 69.38
N TYR RA 101 -35.59 -29.90 69.47
CA TYR RA 101 -35.60 -28.51 69.89
C TYR RA 101 -35.59 -28.34 71.40
N TRP RA 102 -35.76 -29.41 72.18
CA TRP RA 102 -35.37 -29.33 73.57
C TRP RA 102 -33.87 -29.30 73.69
N LEU RA 103 -33.18 -30.05 72.83
CA LEU RA 103 -31.74 -30.14 72.87
C LEU RA 103 -31.06 -28.82 72.48
N ARG RA 104 -31.76 -27.93 71.77
CA ARG RA 104 -31.20 -26.64 71.38
C ARG RA 104 -31.56 -25.54 72.38
N GLY RA 105 -32.02 -25.92 73.56
CA GLY RA 105 -32.09 -25.00 74.68
C GLY RA 105 -33.47 -24.46 75.02
N LEU RA 106 -34.53 -25.01 74.45
CA LEU RA 106 -35.85 -24.54 74.85
C LEU RA 106 -36.27 -25.14 76.19
N ASP RA 107 -37.46 -24.77 76.63
CA ASP RA 107 -38.03 -25.25 77.88
C ASP RA 107 -39.22 -26.16 77.58
N GLU RA 108 -39.31 -27.27 78.31
CA GLU RA 108 -40.32 -28.27 78.01
C GLU RA 108 -41.72 -27.84 78.43
N ALA RA 109 -41.81 -26.89 79.37
CA ALA RA 109 -43.12 -26.35 79.75
C ALA RA 109 -43.74 -25.53 78.63
N MET RA 110 -42.92 -25.02 77.72
CA MET RA 110 -43.43 -24.48 76.47
C MET RA 110 -43.67 -25.57 75.43
N LEU RA 111 -42.84 -26.62 75.43
CA LEU RA 111 -42.88 -27.59 74.35
C LEU RA 111 -44.07 -28.53 74.40
N ASP RA 112 -44.51 -28.92 75.59
CA ASP RA 112 -45.69 -29.78 75.65
C ASP RA 112 -46.93 -29.06 75.13
N GLU RA 113 -47.10 -27.79 75.50
CA GLU RA 113 -48.22 -27.01 75.02
C GLU RA 113 -48.08 -26.69 73.53
N PHE RA 114 -46.84 -26.50 73.05
CA PHE RA 114 -46.67 -26.18 71.64
C PHE RA 114 -46.89 -27.39 70.77
N MET RA 115 -46.45 -28.57 71.22
CA MET RA 115 -46.70 -29.79 70.46
C MET RA 115 -48.17 -30.19 70.50
N ASP RA 116 -48.87 -29.85 71.58
CA ASP RA 116 -50.31 -30.00 71.56
C ASP RA 116 -50.95 -28.96 70.65
N TYR RA 117 -50.28 -27.82 70.42
CA TYR RA 117 -50.87 -26.78 69.59
C TYR RA 117 -50.73 -27.09 68.10
N ILE RA 118 -49.63 -27.67 67.66
CA ILE RA 118 -49.38 -27.80 66.22
C ILE RA 118 -50.09 -29.07 65.76
N ASP RA 119 -51.38 -28.92 65.56
CA ASP RA 119 -52.16 -29.82 64.74
C ASP RA 119 -53.10 -29.02 63.86
N SER RA 120 -53.05 -27.70 63.93
CA SER RA 120 -53.82 -26.81 63.10
C SER RA 120 -53.04 -26.33 61.89
N LEU RA 121 -51.75 -26.64 61.82
CA LEU RA 121 -50.94 -26.38 60.64
C LEU RA 121 -51.18 -27.52 59.66
N LYS RA 122 -51.37 -27.19 58.37
CA LYS RA 122 -51.62 -28.19 57.34
C LYS RA 122 -50.78 -27.86 56.11
N SER RA 123 -51.08 -28.56 55.01
CA SER RA 123 -50.28 -28.41 53.80
C SER RA 123 -50.57 -27.10 53.10
N THR RA 124 -49.59 -26.62 52.34
CA THR RA 124 -49.62 -25.28 51.74
C THR RA 124 -49.58 -25.28 50.23
N THR RA 125 -48.64 -26.00 49.63
CA THR RA 125 -48.30 -25.79 48.22
C THR RA 125 -49.33 -26.40 47.29
N THR RA 126 -49.74 -25.61 46.30
CA THR RA 126 -50.63 -26.07 45.25
C THR RA 126 -49.96 -25.78 43.91
N ASN RA 127 -50.65 -26.13 42.83
CA ASN RA 127 -50.17 -25.88 41.48
C ASN RA 127 -50.94 -24.71 40.88
N TYR RA 128 -50.25 -23.90 40.09
CA TYR RA 128 -50.87 -22.70 39.55
C TYR RA 128 -50.67 -22.57 38.04
N ILE RA 129 -50.43 -23.68 37.34
CA ILE RA 129 -50.35 -23.65 35.89
C ILE RA 129 -51.21 -24.78 35.35
N ILE RA 130 -52.26 -24.44 34.63
CA ILE RA 130 -53.15 -25.41 34.00
C ILE RA 130 -52.73 -25.57 32.54
N PHE RA 131 -53.07 -26.73 31.95
CA PHE RA 131 -52.57 -27.05 30.63
C PHE RA 131 -53.32 -26.32 29.53
N ASN RA 132 -54.64 -26.57 29.39
CA ASN RA 132 -55.53 -25.82 28.50
C ASN RA 132 -55.10 -25.88 27.04
N MET RA 133 -55.25 -27.05 26.40
CA MET RA 133 -54.75 -27.27 25.03
C MET RA 133 -55.35 -26.30 24.01
N GLN RA 134 -56.54 -25.77 24.25
CA GLN RA 134 -57.11 -24.75 23.37
C GLN RA 134 -56.36 -23.44 23.49
N ARG SA 4 19.76 -65.42 16.90
CA ARG SA 4 21.02 -64.95 17.48
C ARG SA 4 21.58 -65.94 18.48
N ARG SA 5 22.88 -65.87 18.71
CA ARG SA 5 23.56 -66.72 19.67
C ARG SA 5 23.37 -66.18 21.08
N THR SA 6 24.16 -66.71 22.01
CA THR SA 6 24.39 -66.03 23.28
C THR SA 6 25.85 -65.59 23.39
N GLY SA 7 26.79 -66.53 23.30
CA GLY SA 7 28.19 -66.29 23.61
C GLY SA 7 28.87 -65.25 22.76
N ILE SA 8 29.10 -64.09 23.36
CA ILE SA 8 29.63 -62.93 22.66
C ILE SA 8 30.69 -62.31 23.56
N THR SA 9 31.70 -61.71 22.93
CA THR SA 9 32.86 -61.24 23.67
C THR SA 9 32.53 -59.95 24.39
N THR SA 10 33.44 -59.53 25.28
CA THR SA 10 33.28 -58.28 26.01
C THR SA 10 33.41 -57.08 25.10
N GLU SA 11 34.26 -57.17 24.07
CA GLU SA 11 34.49 -56.04 23.19
C GLU SA 11 33.32 -55.75 22.27
N ASP SA 12 32.55 -56.77 21.88
CA ASP SA 12 31.47 -56.57 20.92
C ASP SA 12 30.31 -55.79 21.53
N ALA SA 13 29.99 -56.08 22.79
CA ALA SA 13 28.89 -55.39 23.46
C ALA SA 13 29.26 -53.93 23.75
N ILE SA 14 30.49 -53.69 24.16
CA ILE SA 14 30.96 -52.33 24.38
C ILE SA 14 31.04 -51.56 23.07
N THR SA 15 31.40 -52.24 21.99
CA THR SA 15 31.44 -51.62 20.67
C THR SA 15 30.04 -51.23 20.20
N LYS SA 16 29.03 -52.06 20.49
CA LYS SA 16 27.65 -51.70 20.17
C LYS SA 16 27.18 -50.49 20.97
N TYR SA 17 27.41 -50.51 22.29
CA TYR SA 17 26.88 -49.47 23.15
C TYR SA 17 27.58 -48.13 22.90
N SER SA 18 28.83 -48.18 22.46
CA SER SA 18 29.57 -46.94 22.22
C SER SA 18 29.19 -46.33 20.88
N VAL SA 19 28.92 -47.16 19.86
CA VAL SA 19 28.67 -46.62 18.55
C VAL SA 19 27.21 -46.27 18.36
N LYS SA 20 26.32 -46.79 19.20
CA LYS SA 20 24.90 -46.46 19.03
C LYS SA 20 24.46 -45.20 19.73
N ALA SA 21 25.37 -44.32 20.16
CA ALA SA 21 24.98 -43.23 21.06
C ALA SA 21 24.08 -42.22 20.37
N LYS SA 22 24.40 -41.87 19.13
CA LYS SA 22 23.63 -40.89 18.39
C LYS SA 22 22.21 -41.39 18.11
N THR SA 23 22.09 -42.65 17.67
CA THR SA 23 20.78 -43.19 17.36
C THR SA 23 19.96 -43.43 18.61
N GLU SA 24 20.59 -43.81 19.72
CA GLU SA 24 19.79 -44.08 20.90
C GLU SA 24 19.31 -42.78 21.54
N GLN SA 25 20.08 -41.69 21.41
CA GLN SA 25 19.56 -40.45 21.96
C GLN SA 25 18.52 -39.81 21.04
N THR SA 26 18.65 -39.98 19.72
CA THR SA 26 17.59 -39.46 18.84
C THR SA 26 16.39 -40.38 18.81
N ALA SA 27 16.48 -41.57 19.41
CA ALA SA 27 15.29 -42.36 19.65
C ALA SA 27 14.64 -42.03 20.99
N TYR SA 28 15.43 -41.64 21.99
CA TYR SA 28 14.84 -41.17 23.24
C TYR SA 28 14.08 -39.86 23.04
N LYS SA 29 14.54 -39.04 22.09
CA LYS SA 29 13.84 -37.78 21.83
C LYS SA 29 12.43 -38.02 21.28
N ASN SA 30 12.19 -39.15 20.61
CA ASN SA 30 10.82 -39.48 20.19
C ASN SA 30 10.10 -40.28 21.27
N ALA SA 31 10.86 -40.99 22.11
CA ALA SA 31 10.24 -41.70 23.21
C ALA SA 31 9.67 -40.76 24.26
N THR SA 32 10.09 -39.49 24.28
CA THR SA 32 9.40 -38.51 25.12
C THR SA 32 7.94 -38.31 24.69
N LYS SA 33 7.73 -38.11 23.39
CA LYS SA 33 6.39 -38.00 22.81
C LYS SA 33 5.56 -39.23 23.12
N ASP SA 34 6.19 -40.41 23.08
CA ASP SA 34 5.45 -41.61 23.42
C ASP SA 34 5.18 -41.71 24.92
N MET SA 35 6.08 -41.20 25.75
CA MET SA 35 5.91 -41.30 27.21
C MET SA 35 4.81 -40.43 27.75
N VAL SA 36 4.46 -39.34 27.07
CA VAL SA 36 3.46 -38.40 27.59
C VAL SA 36 2.12 -39.08 27.85
N VAL SA 37 1.61 -39.85 26.89
CA VAL SA 37 0.30 -40.45 27.08
C VAL SA 37 0.39 -41.74 27.88
N GLN SA 38 1.52 -42.43 27.82
CA GLN SA 38 1.68 -43.69 28.54
C GLN SA 38 2.08 -43.50 29.99
N ALA SA 39 2.40 -42.29 30.42
CA ALA SA 39 2.95 -42.11 31.75
C ALA SA 39 1.90 -42.13 32.85
N GLN SA 40 0.62 -42.20 32.49
CA GLN SA 40 -0.41 -42.18 33.53
C GLN SA 40 -0.68 -43.56 34.10
N ASN SA 41 0.07 -44.57 33.66
CA ASN SA 41 0.11 -45.82 34.40
C ASN SA 41 0.76 -45.65 35.76
N ILE SA 42 1.62 -44.64 35.91
CA ILE SA 42 2.14 -44.26 37.22
C ILE SA 42 1.01 -43.81 38.14
N MET SA 43 0.11 -42.97 37.61
CA MET SA 43 -1.02 -42.47 38.36
C MET SA 43 -1.98 -43.59 38.74
N ASN SA 44 -2.27 -44.48 37.79
CA ASN SA 44 -3.15 -45.63 38.09
C ASN SA 44 -2.53 -46.57 39.12
N PHE SA 45 -1.22 -46.81 39.00
CA PHE SA 45 -0.51 -47.69 39.91
C PHE SA 45 -0.53 -47.16 41.33
N TYR SA 46 -0.13 -45.91 41.53
CA TYR SA 46 -0.07 -45.41 42.90
C TYR SA 46 -1.46 -45.14 43.46
N SER SA 47 -2.44 -44.89 42.60
CA SER SA 47 -3.82 -44.78 43.08
C SER SA 47 -4.31 -46.10 43.64
N VAL SA 48 -4.17 -47.18 42.85
CA VAL SA 48 -4.71 -48.47 43.29
C VAL SA 48 -3.84 -49.11 44.37
N VAL SA 49 -2.59 -48.65 44.56
CA VAL SA 49 -1.82 -49.20 45.67
C VAL SA 49 -2.06 -48.42 46.96
N ASN SA 50 -2.04 -47.07 46.92
CA ASN SA 50 -2.27 -46.28 48.12
C ASN SA 50 -3.68 -46.43 48.66
N GLN SA 51 -4.67 -46.58 47.77
CA GLN SA 51 -6.06 -46.73 48.22
C GLN SA 51 -6.29 -48.03 48.99
N ALA SA 52 -5.41 -49.02 48.82
CA ALA SA 52 -5.54 -50.25 49.58
C ALA SA 52 -4.52 -50.37 50.70
N LEU SA 53 -3.42 -49.62 50.66
CA LEU SA 53 -2.42 -49.78 51.70
C LEU SA 53 -2.39 -48.68 52.75
N ILE SA 54 -2.81 -47.45 52.43
CA ILE SA 54 -2.81 -46.37 53.41
C ILE SA 54 -3.72 -46.66 54.62
N PRO SA 55 -4.95 -47.19 54.46
CA PRO SA 55 -5.68 -47.56 55.68
C PRO SA 55 -5.08 -48.73 56.45
N TRP SA 56 -4.51 -49.74 55.78
CA TRP SA 56 -3.96 -50.88 56.51
C TRP SA 56 -2.73 -50.49 57.31
N LEU SA 57 -1.73 -49.90 56.63
CA LEU SA 57 -0.53 -49.43 57.30
C LEU SA 57 -0.84 -48.37 58.33
N ASN SA 58 -1.81 -47.52 58.03
CA ASN SA 58 -2.12 -46.39 58.87
C ASN SA 58 -2.86 -46.78 60.13
N ALA SA 59 -3.66 -47.85 60.08
CA ALA SA 59 -4.46 -48.25 61.22
C ALA SA 59 -3.98 -49.53 61.89
N HIS SA 60 -2.97 -50.19 61.34
CA HIS SA 60 -2.46 -51.39 62.00
C HIS SA 60 -1.26 -51.07 62.88
N GLY SA 61 -0.69 -49.89 62.73
CA GLY SA 61 0.25 -49.38 63.70
C GLY SA 61 1.70 -49.30 63.26
N VAL SA 62 1.98 -49.52 61.98
CA VAL SA 62 3.37 -49.54 61.54
C VAL SA 62 3.86 -48.11 61.36
N GLY SA 63 5.18 -47.95 61.47
CA GLY SA 63 5.77 -46.65 61.64
C GLY SA 63 5.88 -45.85 60.36
N GLY SA 64 6.90 -45.00 60.31
CA GLY SA 64 7.10 -44.17 59.15
C GLY SA 64 7.97 -44.84 58.11
N ASN SA 65 9.14 -45.30 58.51
CA ASN SA 65 10.17 -45.69 57.56
C ASN SA 65 10.11 -47.17 57.20
N LEU SA 66 9.29 -47.98 57.89
CA LEU SA 66 9.04 -49.37 57.53
C LEU SA 66 7.95 -49.52 56.49
N ARG SA 67 7.18 -48.46 56.27
CA ARG SA 67 6.15 -48.47 55.24
C ARG SA 67 6.72 -48.79 53.87
N ILE SA 68 7.95 -48.36 53.60
CA ILE SA 68 8.65 -48.68 52.36
C ILE SA 68 8.93 -50.16 52.20
N LEU SA 69 9.33 -50.83 53.28
CA LEU SA 69 9.60 -52.27 53.20
C LEU SA 69 8.30 -53.02 52.91
N TYR SA 70 7.20 -52.55 53.51
CA TYR SA 70 5.89 -53.10 53.14
C TYR SA 70 5.52 -52.75 51.70
N ARG SA 71 5.94 -51.58 51.21
CA ARG SA 71 5.72 -51.25 49.80
C ARG SA 71 6.55 -52.14 48.90
N GLN SA 72 7.74 -52.55 49.34
CA GLN SA 72 8.56 -53.47 48.54
C GLN SA 72 7.81 -54.78 48.33
N LEU SA 73 7.22 -55.30 49.41
CA LEU SA 73 6.41 -56.51 49.31
C LEU SA 73 5.19 -56.33 48.40
N ALA SA 74 4.42 -55.26 48.62
CA ALA SA 74 3.20 -55.06 47.87
C ALA SA 74 3.48 -54.75 46.40
N ASN SA 75 4.55 -54.00 46.12
CA ASN SA 75 4.88 -53.64 44.76
C ASN SA 75 5.39 -54.83 43.97
N GLU SA 76 6.15 -55.72 44.61
CA GLU SA 76 6.56 -56.93 43.91
C GLU SA 76 5.37 -57.83 43.62
N TYR SA 77 4.40 -57.87 44.54
CA TYR SA 77 3.19 -58.65 44.29
C TYR SA 77 2.37 -58.06 43.13
N VAL SA 78 2.31 -56.73 43.03
CA VAL SA 78 1.55 -56.12 41.94
C VAL SA 78 2.27 -56.30 40.60
N LYS SA 79 3.60 -56.37 40.61
CA LYS SA 79 4.32 -56.69 39.38
C LYS SA 79 4.00 -58.10 38.90
N VAL SA 80 4.03 -59.07 39.82
CA VAL SA 80 3.67 -60.44 39.49
C VAL SA 80 2.23 -60.53 38.98
N LEU SA 81 1.34 -59.69 39.52
CA LEU SA 81 -0.03 -59.64 39.03
C LEU SA 81 -0.12 -59.11 37.61
N ASN SA 82 0.37 -57.90 37.35
CA ASN SA 82 0.16 -57.30 36.04
C ASN SA 82 1.14 -57.77 34.99
N THR SA 83 1.95 -58.81 35.27
CA THR SA 83 2.44 -59.63 34.17
C THR SA 83 1.51 -60.79 33.84
N LYS SA 84 0.22 -60.68 34.14
CA LYS SA 84 -0.84 -61.64 33.83
C LYS SA 84 -0.60 -63.02 34.45
N GLN SA 85 -0.57 -63.12 35.77
CA GLN SA 85 -0.35 -64.39 36.46
C GLN SA 85 -1.37 -64.51 37.58
N SER SA 86 -2.30 -65.46 37.45
CA SER SA 86 -3.42 -65.62 38.36
C SER SA 86 -3.05 -66.56 39.51
N GLY SA 87 -4.08 -67.04 40.21
CA GLY SA 87 -3.95 -67.57 41.56
C GLY SA 87 -3.13 -68.84 41.69
N GLU SA 88 -3.00 -69.64 40.63
CA GLU SA 88 -2.28 -70.91 40.76
C GLU SA 88 -0.78 -70.71 40.90
N VAL SA 89 -0.26 -69.54 40.57
CA VAL SA 89 1.13 -69.21 40.88
C VAL SA 89 1.20 -68.34 42.13
N ILE SA 90 0.15 -67.57 42.39
CA ILE SA 90 0.08 -66.68 43.55
C ILE SA 90 0.07 -67.47 44.85
N LYS SA 91 -0.58 -68.63 44.87
CA LYS SA 91 -0.60 -69.47 46.08
C LYS SA 91 0.76 -70.03 46.47
N ARG SA 92 1.77 -69.87 45.62
CA ARG SA 92 3.15 -70.25 45.88
C ARG SA 92 4.04 -69.03 46.09
N LEU SA 93 3.83 -67.97 45.31
CA LEU SA 93 4.65 -66.78 45.47
C LEU SA 93 4.30 -66.02 46.73
N LYS SA 94 3.11 -66.21 47.30
CA LYS SA 94 2.80 -65.58 48.59
C LYS SA 94 3.68 -66.12 49.70
N ILE SA 95 3.85 -67.44 49.79
CA ILE SA 95 4.70 -67.97 50.84
C ILE SA 95 6.19 -67.74 50.53
N ALA SA 96 6.54 -67.66 49.24
CA ALA SA 96 7.91 -67.27 48.89
C ALA SA 96 8.24 -65.86 49.37
N LEU SA 97 7.36 -64.90 49.08
CA LEU SA 97 7.56 -63.53 49.53
C LEU SA 97 7.47 -63.41 51.05
N ARG SA 98 6.66 -64.26 51.69
CA ARG SA 98 6.57 -64.26 53.13
C ARG SA 98 7.89 -64.65 53.75
N HIS SA 99 8.53 -65.70 53.22
CA HIS SA 99 9.83 -66.09 53.76
C HIS SA 99 10.91 -65.07 53.42
N LYS SA 100 10.83 -64.45 52.24
CA LYS SA 100 11.86 -63.48 51.85
C LYS SA 100 11.81 -62.23 52.72
N TYR SA 101 10.63 -61.67 52.93
CA TYR SA 101 10.56 -60.48 53.77
C TYR SA 101 10.50 -60.79 55.25
N TRP SA 102 10.31 -62.06 55.65
CA TRP SA 102 10.64 -62.42 57.02
C TRP SA 102 12.14 -62.42 57.21
N LEU SA 103 12.88 -62.86 56.20
CA LEU SA 103 14.32 -62.94 56.28
C LEU SA 103 14.98 -61.57 56.35
N ARG SA 104 14.31 -60.51 55.92
CA ARG SA 104 14.85 -59.16 56.00
C ARG SA 104 14.42 -58.43 57.26
N GLY SA 105 13.91 -59.16 58.25
CA GLY SA 105 13.77 -58.63 59.59
C GLY SA 105 12.37 -58.24 60.00
N LEU SA 106 11.34 -58.59 59.24
CA LEU SA 106 10.00 -58.28 59.70
C LEU SA 106 9.54 -59.27 60.77
N ASP SA 107 8.31 -59.07 61.24
CA ASP SA 107 7.70 -59.92 62.25
C ASP SA 107 6.55 -60.69 61.61
N GLU SA 108 6.45 -61.97 61.96
CA GLU SA 108 5.47 -62.83 61.30
C GLU SA 108 4.05 -62.57 61.77
N ALA SA 109 3.89 -61.97 62.96
CA ALA SA 109 2.55 -61.58 63.42
C ALA SA 109 1.97 -60.44 62.59
N MET SA 110 2.81 -59.67 61.92
CA MET SA 110 2.36 -58.77 60.88
C MET SA 110 2.18 -59.48 59.55
N LEU SA 111 3.04 -60.47 59.26
CA LEU SA 111 3.08 -61.05 57.93
C LEU SA 111 1.90 -61.96 57.63
N ASP SA 112 1.41 -62.72 58.61
CA ASP SA 112 0.24 -63.56 58.34
C ASP SA 112 -0.98 -62.72 58.00
N GLU SA 113 -1.19 -61.63 58.75
CA GLU SA 113 -2.31 -60.74 58.47
C GLU SA 113 -2.10 -59.97 57.18
N PHE SA 114 -0.86 -59.65 56.84
CA PHE SA 114 -0.63 -58.88 55.62
C PHE SA 114 -0.77 -59.77 54.38
N MET SA 115 -0.34 -61.03 54.47
CA MET SA 115 -0.52 -61.95 53.36
C MET SA 115 -1.98 -62.34 53.20
N ASP SA 116 -2.74 -62.37 54.29
CA ASP SA 116 -4.18 -62.50 54.15
C ASP SA 116 -4.80 -61.23 53.58
N TYR SA 117 -4.13 -60.09 53.75
CA TYR SA 117 -4.71 -58.85 53.27
C TYR SA 117 -4.51 -58.66 51.77
N ILE SA 118 -3.36 -59.06 51.22
CA ILE SA 118 -3.05 -58.74 49.82
C ILE SA 118 -3.71 -59.80 48.95
N ASP SA 119 -5.00 -59.62 48.75
CA ASP SA 119 -5.72 -60.21 47.65
C ASP SA 119 -6.64 -59.18 47.01
N SER SA 120 -6.61 -57.95 47.51
CA SER SA 120 -7.36 -56.85 46.95
C SER SA 120 -6.54 -56.00 46.00
N LEU SA 121 -5.24 -56.27 45.89
CA LEU SA 121 -4.38 -55.65 44.89
C LEU SA 121 -4.56 -56.42 43.60
N LYS SA 122 -4.69 -55.71 42.47
CA LYS SA 122 -4.88 -56.34 41.17
C LYS SA 122 -3.99 -55.63 40.14
N SER SA 123 -4.22 -55.95 38.87
CA SER SA 123 -3.38 -55.44 37.80
C SER SA 123 -3.65 -53.96 37.54
N THR SA 124 -2.65 -53.26 37.01
CA THR SA 124 -2.69 -51.82 36.87
C THR SA 124 -2.57 -51.33 35.43
N THR SA 125 -1.59 -51.83 34.68
CA THR SA 125 -1.18 -51.18 33.44
C THR SA 125 -2.17 -51.47 32.32
N THR SA 126 -2.55 -50.42 31.60
CA THR SA 126 -3.38 -50.53 30.41
C THR SA 126 -2.66 -49.83 29.27
N ASN SA 127 -3.29 -49.82 28.10
CA ASN SA 127 -2.76 -49.17 26.92
C ASN SA 127 -3.52 -47.87 26.68
N TYR SA 128 -2.81 -46.84 26.22
CA TYR SA 128 -3.44 -45.54 26.05
C TYR SA 128 -3.17 -44.94 24.68
N ILE SA 129 -2.86 -45.78 23.68
CA ILE SA 129 -2.72 -45.29 22.30
C ILE SA 129 -3.53 -46.21 21.40
N ILE SA 130 -4.56 -45.65 20.76
CA ILE SA 130 -5.39 -46.38 19.82
C ILE SA 130 -4.91 -46.09 18.40
N PHE SA 131 -5.20 -47.00 17.48
CA PHE SA 131 -4.63 -46.89 16.14
C PHE SA 131 -5.35 -45.85 15.29
N ASN SA 132 -6.65 -46.04 15.02
CA ASN SA 132 -7.52 -45.07 14.36
C ASN SA 132 -7.02 -44.66 12.98
N MET SA 133 -7.11 -45.57 12.00
CA MET SA 133 -6.55 -45.36 10.66
C MET SA 133 -7.12 -44.11 9.96
N GLN SA 134 -8.33 -43.70 10.29
CA GLN SA 134 -8.88 -42.45 9.75
C GLN SA 134 -8.17 -41.24 10.31
N ARG TA 4 -28.40 -22.22 52.96
CA ARG TA 4 -27.10 -21.58 53.00
C ARG TA 4 -26.44 -21.75 54.36
N ARG TA 5 -25.12 -21.63 54.38
CA ARG TA 5 -24.33 -21.73 55.59
C ARG TA 5 -24.38 -20.42 56.36
N THR TA 6 -23.49 -20.28 57.34
CA THR TA 6 -23.14 -18.98 57.87
C THR TA 6 -21.69 -18.65 57.56
N GLY TA 7 -20.76 -19.50 58.01
CA GLY TA 7 -19.33 -19.20 57.97
C GLY TA 7 -18.75 -18.97 56.60
N ILE TA 8 -18.47 -17.69 56.31
CA ILE TA 8 -18.02 -17.26 55.00
C ILE TA 8 -16.88 -16.28 55.21
N THR TA 9 -15.94 -16.27 54.27
CA THR TA 9 -14.72 -15.51 54.45
C THR TA 9 -14.97 -14.04 54.22
N THR TA 10 -13.99 -13.21 54.56
CA THR TA 10 -14.08 -11.77 54.35
C THR TA 10 -14.04 -11.41 52.88
N GLU TA 11 -13.31 -12.18 52.07
CA GLU TA 11 -13.18 -11.87 50.66
C GLU TA 11 -14.45 -12.15 49.87
N ASP TA 12 -15.24 -13.14 50.27
CA ASP TA 12 -16.42 -13.52 49.49
C ASP TA 12 -17.51 -12.46 49.58
N ALA TA 13 -17.71 -11.89 50.76
CA ALA TA 13 -18.73 -10.87 50.93
C ALA TA 13 -18.35 -9.58 50.20
N ILE TA 14 -17.08 -9.20 50.27
CA ILE TA 14 -16.59 -8.03 49.54
C ILE TA 14 -16.66 -8.26 48.04
N THR TA 15 -16.41 -9.50 47.60
CA THR TA 15 -16.52 -9.84 46.19
C THR TA 15 -17.95 -9.76 45.70
N LYS TA 16 -18.92 -10.15 46.53
CA LYS TA 16 -20.33 -10.00 46.18
C LYS TA 16 -20.72 -8.52 46.07
N TYR TA 17 -20.36 -7.73 47.08
CA TYR TA 17 -20.80 -6.34 47.13
C TYR TA 17 -20.14 -5.51 46.03
N SER TA 18 -18.94 -5.89 45.61
CA SER TA 18 -18.24 -5.13 44.59
C SER TA 18 -18.76 -5.47 43.19
N VAL TA 19 -19.12 -6.73 42.97
CA VAL TA 19 -19.52 -7.13 41.63
C VAL TA 19 -21.00 -6.88 41.39
N LYS TA 20 -21.80 -6.71 42.45
CA LYS TA 20 -23.22 -6.49 42.22
C LYS TA 20 -23.60 -5.04 42.00
N ALA TA 21 -22.66 -4.14 41.71
CA ALA TA 21 -22.95 -2.70 41.75
C ALA TA 21 -23.93 -2.30 40.66
N LYS TA 22 -23.74 -2.82 39.45
CA LYS TA 22 -24.60 -2.48 38.32
C LYS TA 22 -26.03 -2.96 38.54
N THR TA 23 -26.18 -4.21 39.00
CA THR TA 23 -27.52 -4.74 39.21
C THR TA 23 -28.20 -4.10 40.40
N GLU TA 24 -27.45 -3.73 41.44
CA GLU TA 24 -28.13 -3.14 42.60
C GLU TA 24 -28.54 -1.71 42.32
N GLN TA 25 -27.81 -1.00 41.46
CA GLN TA 25 -28.27 0.34 41.14
C GLN TA 25 -29.40 0.32 40.12
N THR TA 26 -29.41 -0.65 39.19
CA THR TA 26 -30.56 -0.72 38.29
C THR TA 26 -31.76 -1.38 38.95
N ALA TA 27 -31.59 -1.95 40.14
CA ALA TA 27 -32.75 -2.34 40.93
C ALA TA 27 -33.26 -1.19 41.80
N TYR TA 28 -32.37 -0.32 42.26
CA TYR TA 28 -32.83 0.87 42.98
C TYR TA 28 -33.62 1.80 42.07
N LYS TA 29 -33.27 1.82 40.78
CA LYS TA 29 -34.00 2.68 39.84
C LYS TA 29 -35.45 2.23 39.68
N ASN TA 30 -35.76 0.95 39.90
CA ASN TA 30 -37.15 0.50 39.92
C ASN TA 30 -37.76 0.61 41.31
N ALA TA 31 -36.91 0.54 42.33
CA ALA TA 31 -37.42 0.71 43.69
C ALA TA 31 -37.88 2.13 43.95
N THR TA 32 -37.46 3.11 43.14
CA THR TA 32 -38.07 4.43 43.22
C THR TA 32 -39.57 4.40 42.88
N LYS TA 33 -39.92 3.76 41.77
CA LYS TA 33 -41.31 3.56 41.37
C LYS TA 33 -42.08 2.84 42.45
N ASP TA 34 -41.46 1.87 43.10
CA ASP TA 34 -42.15 1.20 44.19
C ASP TA 34 -42.27 2.07 45.43
N MET TA 35 -41.28 2.94 45.69
CA MET TA 35 -41.30 3.78 46.89
C MET TA 35 -42.36 4.87 46.85
N VAL TA 36 -42.78 5.30 45.66
CA VAL TA 36 -43.73 6.42 45.56
C VAL TA 36 -45.03 6.13 46.30
N VAL TA 37 -45.62 4.96 46.09
CA VAL TA 37 -46.91 4.70 46.73
C VAL TA 37 -46.72 4.19 48.15
N GLN TA 38 -45.60 3.55 48.44
CA GLN TA 38 -45.36 3.01 49.78
C GLN TA 38 -44.82 4.04 50.75
N ALA TA 39 -44.46 5.23 50.28
CA ALA TA 39 -43.78 6.18 51.15
C ALA TA 39 -44.71 6.91 52.10
N GLN TA 40 -46.02 6.71 51.98
CA GLN TA 40 -46.95 7.44 52.84
C GLN TA 40 -47.14 6.74 54.18
N ASN TA 41 -46.43 5.63 54.42
CA ASN TA 41 -46.31 5.12 55.77
C ASN TA 41 -45.52 6.08 56.66
N ILE TA 42 -44.65 6.90 56.07
CA ILE TA 42 -44.01 8.00 56.80
C ILE TA 42 -45.05 8.98 57.31
N MET TA 43 -45.99 9.35 56.46
CA MET TA 43 -47.05 10.28 56.82
C MET TA 43 -47.95 9.70 57.90
N ASN TA 44 -48.34 8.43 57.75
CA ASN TA 44 -49.17 7.78 58.77
C ASN TA 44 -48.44 7.66 60.10
N PHE TA 45 -47.15 7.33 60.05
CA PHE TA 45 -46.34 7.16 61.26
C PHE TA 45 -46.21 8.47 62.03
N TYR TA 46 -45.81 9.55 61.36
CA TYR TA 46 -45.62 10.79 62.10
C TYR TA 46 -46.94 11.43 62.48
N SER TA 47 -48.01 11.16 61.73
CA SER TA 47 -49.33 11.62 62.15
C SER TA 47 -49.75 10.96 63.46
N VAL TA 48 -49.69 9.62 63.52
CA VAL TA 48 -50.16 8.94 64.71
C VAL TA 48 -49.18 9.06 65.87
N VAL TA 49 -47.93 9.47 65.63
CA VAL TA 49 -47.04 9.69 66.77
C VAL TA 49 -47.15 11.13 67.29
N ASN TA 50 -47.14 12.13 66.40
CA ASN TA 50 -47.26 13.52 66.85
C ASN TA 50 -48.60 13.82 67.49
N GLN TA 51 -49.69 13.21 66.98
CA GLN TA 51 -51.01 13.46 67.53
C GLN TA 51 -51.15 12.95 68.96
N ALA TA 52 -50.29 12.02 69.38
CA ALA TA 52 -50.34 11.54 70.76
C ALA TA 52 -49.21 12.10 71.61
N LEU TA 53 -48.11 12.59 71.01
CA LEU TA 53 -47.01 13.07 71.83
C LEU TA 53 -46.89 14.58 71.95
N ILE TA 54 -47.34 15.35 70.96
CA ILE TA 54 -47.26 16.80 71.05
C ILE TA 54 -48.04 17.38 72.23
N PRO TA 55 -49.27 16.96 72.55
CA PRO TA 55 -49.88 17.47 73.79
C PRO TA 55 -49.18 17.01 75.06
N TRP TA 56 -48.68 15.77 75.14
CA TRP TA 56 -48.04 15.31 76.38
C TRP TA 56 -46.73 16.04 76.64
N LEU TA 57 -45.83 16.02 75.66
CA LEU TA 57 -44.56 16.73 75.78
C LEU TA 57 -44.77 18.22 75.94
N ASN TA 58 -45.77 18.75 75.25
CA ASN TA 58 -46.00 20.17 75.21
C ASN TA 58 -46.61 20.70 76.50
N ALA TA 59 -47.40 19.89 77.19
CA ALA TA 59 -48.07 20.33 78.40
C ALA TA 59 -47.52 19.73 79.67
N HIS TA 60 -46.57 18.82 79.58
CA HIS TA 60 -45.99 18.27 80.80
C HIS TA 60 -44.71 19.00 81.19
N GLY TA 61 -44.16 19.79 80.27
CA GLY TA 61 -43.13 20.75 80.62
C GLY TA 61 -41.73 20.44 80.11
N VAL TA 62 -41.59 19.44 79.25
CA VAL TA 62 -40.25 19.08 78.80
C VAL TA 62 -39.78 20.04 77.72
N GLY TA 63 -38.47 20.16 77.59
CA GLY TA 63 -37.86 21.24 76.85
C GLY TA 63 -37.89 21.05 75.35
N GLY TA 64 -36.89 21.61 74.69
CA GLY TA 64 -36.82 21.52 73.25
C GLY TA 64 -36.06 20.29 72.80
N ASN TA 65 -34.85 20.13 73.30
CA ASN TA 65 -33.93 19.16 72.73
C ASN TA 65 -34.01 17.79 73.38
N LEU TA 66 -34.75 17.65 74.49
CA LEU TA 66 -35.02 16.36 75.12
C LEU TA 66 -36.21 15.64 74.50
N ARG TA 67 -37.01 16.39 73.73
CA ARG TA 67 -38.13 15.79 73.03
C ARG TA 67 -37.70 14.65 72.12
N ILE TA 68 -36.51 14.74 71.54
CA ILE TA 68 -35.95 13.67 70.72
C ILE TA 68 -35.67 12.42 71.51
N LEU TA 69 -35.16 12.53 72.73
CA LEU TA 69 -34.90 11.35 73.54
C LEU TA 69 -36.21 10.67 73.90
N TYR TA 70 -37.24 11.47 74.17
CA TYR TA 70 -38.57 10.90 74.33
C TYR TA 70 -39.09 10.28 73.04
N ARG TA 71 -38.73 10.85 71.88
CA ARG TA 71 -39.10 10.24 70.61
C ARG TA 71 -38.36 8.93 70.40
N GLN TA 72 -37.13 8.82 70.91
CA GLN TA 72 -36.39 7.56 70.79
C GLN TA 72 -37.15 6.46 71.52
N LEU TA 73 -37.62 6.76 72.73
CA LEU TA 73 -38.43 5.81 73.49
C LEU TA 73 -39.73 5.46 72.78
N ALA TA 74 -40.48 6.47 72.34
CA ALA TA 74 -41.79 6.22 71.73
C ALA TA 74 -41.65 5.53 70.38
N ASN TA 75 -40.62 5.87 69.61
CA ASN TA 75 -40.44 5.28 68.29
C ASN TA 75 -40.01 3.82 68.39
N GLU TA 76 -39.18 3.49 69.38
CA GLU TA 76 -38.83 2.09 69.56
C GLU TA 76 -40.03 1.28 70.01
N TYR TA 77 -40.90 1.88 70.83
CA TYR TA 77 -42.12 1.19 71.22
C TYR TA 77 -43.07 0.97 70.04
N VAL TA 78 -43.14 1.94 69.13
CA VAL TA 78 -44.02 1.78 67.96
C VAL TA 78 -43.45 0.76 66.99
N LYS TA 79 -42.11 0.63 66.93
CA LYS TA 79 -41.52 -0.44 66.11
C LYS TA 79 -41.88 -1.81 66.65
N VAL TA 80 -41.75 -1.99 67.97
CA VAL TA 80 -42.14 -3.25 68.61
C VAL TA 80 -43.62 -3.54 68.40
N LEU TA 81 -44.45 -2.50 68.37
CA LEU TA 81 -45.87 -2.69 68.07
C LEU TA 81 -46.10 -3.17 66.64
N ASN TA 82 -45.65 -2.42 65.65
CA ASN TA 82 -46.00 -2.76 64.27
C ASN TA 82 -45.12 -3.85 63.67
N THR TA 83 -44.30 -4.52 64.47
CA THR TA 83 -43.91 -5.88 64.10
C THR TA 83 -44.86 -6.94 64.65
N LYS TA 84 -46.12 -6.58 64.92
CA LYS TA 84 -47.19 -7.46 65.39
C LYS TA 84 -46.88 -8.16 66.71
N GLN TA 85 -46.71 -7.40 67.79
CA GLN TA 85 -46.42 -7.98 69.11
C GLN TA 85 -47.31 -7.30 70.14
N SER TA 86 -48.23 -8.06 70.71
CA SER TA 86 -49.27 -7.55 71.60
C SER TA 86 -48.77 -7.59 73.05
N GLY TA 87 -49.72 -7.46 73.98
CA GLY TA 87 -49.45 -7.04 75.35
C GLY TA 87 -48.61 -7.98 76.19
N GLU TA 88 -48.58 -9.27 75.86
CA GLU TA 88 -47.85 -10.22 76.69
C GLU TA 88 -46.33 -10.07 76.55
N VAL TA 89 -45.86 -9.39 75.51
CA VAL TA 89 -44.45 -9.03 75.43
C VAL TA 89 -44.26 -7.57 75.84
N ILE TA 90 -45.29 -6.74 75.64
CA ILE TA 90 -45.24 -5.33 75.97
C ILE TA 90 -45.11 -5.12 77.47
N LYS TA 91 -45.75 -5.98 78.29
CA LYS TA 91 -45.65 -5.87 79.75
C LYS TA 91 -44.24 -6.14 80.29
N ARG TA 92 -43.32 -6.60 79.45
CA ARG TA 92 -41.91 -6.82 79.76
C ARG TA 92 -41.02 -5.79 79.09
N LEU TA 93 -41.32 -5.45 77.84
CA LEU TA 93 -40.50 -4.47 77.15
C LEU TA 93 -40.72 -3.06 77.66
N LYS TA 94 -41.84 -2.78 78.33
CA LYS TA 94 -42.03 -1.48 78.95
C LYS TA 94 -41.04 -1.24 80.07
N ILE TA 95 -40.84 -2.22 80.95
CA ILE TA 95 -39.89 -2.02 82.03
C ILE TA 95 -38.44 -2.13 81.52
N ALA TA 96 -38.22 -2.89 80.44
CA ALA TA 96 -36.90 -2.90 79.81
C ALA TA 96 -36.54 -1.53 79.27
N LEU TA 97 -37.44 -0.91 78.51
CA LEU TA 97 -37.20 0.43 77.99
C LEU TA 97 -37.15 1.47 79.08
N ARG TA 98 -37.88 1.26 80.18
CA ARG TA 98 -37.82 2.19 81.31
C ARG TA 98 -36.44 2.19 81.92
N HIS TA 99 -35.85 1.00 82.12
CA HIS TA 99 -34.50 0.95 82.67
C HIS TA 99 -33.47 1.48 81.68
N LYS TA 100 -33.67 1.21 80.37
CA LYS TA 100 -32.69 1.66 79.38
C LYS TA 100 -32.66 3.18 79.26
N TYR TA 101 -33.83 3.82 79.18
CA TYR TA 101 -33.81 5.28 79.08
C TYR TA 101 -33.72 5.97 80.43
N TRP TA 102 -33.86 5.25 81.55
CA TRP TA 102 -33.38 5.81 82.80
C TRP TA 102 -31.87 5.85 82.83
N LEU TA 103 -31.25 4.82 82.26
CA LEU TA 103 -29.79 4.72 82.25
C LEU TA 103 -29.14 5.79 81.39
N ARG TA 104 -29.87 6.39 80.45
CA ARG TA 104 -29.33 7.44 79.60
C ARG TA 104 -29.63 8.83 80.15
N GLY TA 105 -30.02 8.91 81.42
CA GLY TA 105 -30.04 10.18 82.14
C GLY TA 105 -31.38 10.82 82.33
N LEU TA 106 -32.48 10.13 82.05
CA LEU TA 106 -33.77 10.74 82.32
C LEU TA 106 -34.12 10.67 83.81
N ASP TA 107 -35.29 11.20 84.15
CA ASP TA 107 -35.79 11.20 85.51
C ASP TA 107 -36.99 10.28 85.61
N GLU TA 108 -37.05 9.50 86.70
CA GLU TA 108 -38.08 8.48 86.80
C GLU TA 108 -39.45 9.07 87.13
N ALA TA 109 -39.49 10.29 87.67
CA ALA TA 109 -40.78 10.96 87.90
C ALA TA 109 -41.45 11.34 86.59
N MET TA 110 -40.68 11.48 85.52
CA MET TA 110 -41.25 11.56 84.18
C MET TA 110 -41.56 10.18 83.62
N LEU TA 111 -40.74 9.18 83.94
CA LEU TA 111 -40.82 7.88 83.28
C LEU TA 111 -42.02 7.05 83.72
N ASP TA 112 -42.40 7.12 85.00
CA ASP TA 112 -43.58 6.36 85.42
C ASP TA 112 -44.85 6.88 84.73
N GLU TA 113 -44.99 8.20 84.64
CA GLU TA 113 -46.13 8.78 83.96
C GLU TA 113 -46.07 8.57 82.45
N PHE TA 114 -44.86 8.53 81.89
CA PHE TA 114 -44.76 8.34 80.44
C PHE TA 114 -45.03 6.89 80.06
N MET TA 115 -44.58 5.94 80.88
CA MET TA 115 -44.86 4.53 80.63
C MET TA 115 -46.33 4.21 80.87
N ASP TA 116 -46.97 4.93 81.80
CA ASP TA 116 -48.42 4.82 81.90
C ASP TA 116 -49.10 5.48 80.71
N TYR TA 117 -48.43 6.44 80.07
CA TYR TA 117 -49.06 7.13 78.95
C TYR TA 117 -49.02 6.33 77.66
N ILE TA 118 -47.93 5.60 77.39
CA ILE TA 118 -47.77 4.96 76.07
C ILE TA 118 -48.50 3.63 76.14
N ASP TA 119 -49.82 3.72 75.97
CA ASP TA 119 -50.64 2.61 75.56
C ASP TA 119 -51.62 3.07 74.50
N SER TA 120 -51.55 4.33 74.10
CA SER TA 120 -52.36 4.88 73.04
C SER TA 120 -51.65 4.88 71.70
N LEU TA 121 -50.37 4.54 71.68
CA LEU TA 121 -49.62 4.35 70.45
C LEU TA 121 -49.92 2.94 69.95
N LYS TA 122 -50.18 2.79 68.65
CA LYS TA 122 -50.49 1.51 68.05
C LYS TA 122 -49.72 1.35 66.74
N SER TA 123 -50.08 0.32 65.97
CA SER TA 123 -49.35 0.01 64.76
C SER TA 123 -49.66 1.00 63.64
N THR TA 124 -48.73 1.15 62.71
CA THR TA 124 -48.79 2.19 61.69
C THR TA 124 -48.83 1.65 60.27
N THR TA 125 -47.92 0.74 59.91
CA THR TA 125 -47.65 0.44 58.52
C THR TA 125 -48.74 -0.44 57.91
N THR TA 126 -49.20 -0.04 56.73
CA THR TA 126 -50.15 -0.83 55.96
C THR TA 126 -49.56 -1.04 54.57
N ASN TA 127 -50.30 -1.74 53.71
CA ASN TA 127 -49.90 -1.99 52.35
C ASN TA 127 -50.69 -1.09 51.41
N TYR TA 128 -50.04 -0.62 50.35
CA TYR TA 128 -50.69 0.31 49.44
C TYR TA 128 -50.57 -0.10 47.99
N ILE TA 129 -50.36 -1.39 47.72
CA ILE TA 129 -50.37 -1.88 46.34
C ILE TA 129 -51.26 -3.12 46.29
N ILE TA 130 -52.35 -3.02 45.54
CA ILE TA 130 -53.27 -4.13 45.34
C ILE TA 130 -52.94 -4.81 44.02
N PHE TA 131 -53.31 -6.09 43.90
CA PHE TA 131 -52.89 -6.88 42.76
C PHE TA 131 -53.69 -6.56 41.50
N ASN TA 132 -55.01 -6.81 41.53
CA ASN TA 132 -55.96 -6.41 40.47
C ASN TA 132 -55.60 -6.99 39.10
N MET TA 133 -55.79 -8.31 38.93
CA MET TA 133 -55.37 -9.01 37.72
C MET TA 133 -56.02 -8.45 36.44
N GLN TA 134 -57.20 -7.84 36.54
CA GLN TA 134 -57.80 -7.20 35.38
C GLN TA 134 -57.05 -5.94 34.99
N ARG UA 4 22.35 -72.26 -10.44
CA ARG UA 4 23.56 -72.02 -9.68
C ARG UA 4 24.10 -73.30 -9.07
N ARG UA 5 25.39 -73.32 -8.77
CA ARG UA 5 26.05 -74.46 -8.14
C ARG UA 5 25.78 -74.46 -6.65
N THR UA 6 26.53 -75.28 -5.93
CA THR UA 6 26.70 -75.10 -4.49
C THR UA 6 28.13 -74.73 -4.16
N GLY UA 7 29.08 -75.58 -4.53
CA GLY UA 7 30.47 -75.47 -4.09
C GLY UA 7 31.17 -74.18 -4.47
N ILE UA 8 31.35 -73.31 -3.48
CA ILE UA 8 31.88 -71.97 -3.69
C ILE UA 8 32.90 -71.72 -2.58
N THR UA 9 33.92 -70.93 -2.90
CA THR UA 9 35.04 -70.75 -1.99
C THR UA 9 34.65 -69.81 -0.86
N THR UA 10 35.50 -69.72 0.16
CA THR UA 10 35.28 -68.83 1.28
C THR UA 10 35.44 -67.38 0.86
N GLU UA 11 36.33 -67.10 -0.08
CA GLU UA 11 36.58 -65.72 -0.49
C GLU UA 11 35.44 -65.12 -1.30
N ASP UA 12 34.71 -65.93 -2.06
CA ASP UA 12 33.69 -65.41 -2.95
C ASP UA 12 32.48 -64.90 -2.15
N ALA UA 13 32.10 -65.63 -1.10
CA ALA UA 13 30.97 -65.22 -0.28
C ALA UA 13 31.29 -63.97 0.52
N ILE UA 14 32.51 -63.88 1.06
CA ILE UA 14 32.94 -62.69 1.78
C ILE UA 14 33.05 -61.50 0.83
N THR UA 15 33.48 -61.75 -0.42
CA THR UA 15 33.56 -60.70 -1.42
C THR UA 15 32.18 -60.17 -1.80
N LYS UA 16 31.18 -61.06 -1.86
CA LYS UA 16 29.80 -60.61 -2.10
C LYS UA 16 29.28 -59.77 -0.95
N TYR UA 17 29.44 -60.25 0.28
CA TYR UA 17 28.86 -59.58 1.44
C TYR UA 17 29.55 -58.25 1.72
N SER UA 18 30.82 -58.13 1.35
CA SER UA 18 31.53 -56.89 1.60
C SER UA 18 31.21 -55.84 0.56
N VAL UA 19 31.00 -56.25 -0.70
CA VAL UA 19 30.80 -55.27 -1.75
C VAL UA 19 29.34 -54.89 -1.87
N LYS UA 20 28.42 -55.68 -1.31
CA LYS UA 20 27.01 -55.31 -1.43
C LYS UA 20 26.50 -54.39 -0.35
N ALA UA 21 27.38 -53.73 0.42
CA ALA UA 21 26.93 -53.03 1.62
C ALA UA 21 26.04 -51.84 1.30
N LYS UA 22 26.41 -51.06 0.28
CA LYS UA 22 25.65 -49.88 -0.10
C LYS UA 22 24.26 -50.25 -0.61
N THR UA 23 24.20 -51.27 -1.48
CA THR UA 23 22.90 -51.66 -2.03
C THR UA 23 22.03 -52.34 -0.99
N GLU UA 24 22.61 -53.09 -0.05
CA GLU UA 24 21.77 -53.77 0.92
C GLU UA 24 21.24 -52.78 1.95
N GLN UA 25 21.99 -51.72 2.25
CA GLN UA 25 21.42 -50.75 3.19
C GLN UA 25 20.42 -49.83 2.50
N THR UA 26 20.60 -49.52 1.21
CA THR UA 26 19.59 -48.71 0.54
C THR UA 26 18.39 -49.57 0.12
N ALA UA 27 18.49 -50.90 0.26
CA ALA UA 27 17.30 -51.73 0.14
C ALA UA 27 16.57 -51.89 1.46
N TYR UA 28 17.32 -51.88 2.58
CA TYR UA 28 16.66 -51.89 3.88
C TYR UA 28 15.89 -50.60 4.13
N LYS UA 29 16.37 -49.49 3.56
CA LYS UA 29 15.66 -48.22 3.72
C LYS UA 29 14.28 -48.24 3.06
N ASN UA 30 14.09 -49.07 2.02
CA ASN UA 30 12.76 -49.24 1.44
C ASN UA 30 12.00 -50.36 2.13
N ALA UA 31 12.72 -51.33 2.70
CA ALA UA 31 12.07 -52.39 3.44
C ALA UA 31 11.44 -51.88 4.72
N THR UA 32 11.83 -50.71 5.21
CA THR UA 32 11.09 -50.09 6.32
C THR UA 32 9.65 -49.76 5.92
N LYS UA 33 9.49 -49.09 4.76
CA LYS UA 33 8.18 -48.81 4.19
C LYS UA 33 7.37 -50.06 4.00
N ASP UA 34 8.02 -51.14 3.57
CA ASP UA 34 7.28 -52.39 3.42
C ASP UA 34 6.94 -53.02 4.77
N MET UA 35 7.80 -52.84 5.79
CA MET UA 35 7.57 -53.45 7.09
C MET UA 35 6.42 -52.84 7.86
N VAL UA 36 6.08 -51.58 7.58
CA VAL UA 36 5.03 -50.89 8.36
C VAL UA 36 3.70 -51.62 8.29
N VAL UA 37 3.26 -52.00 7.10
CA VAL UA 37 1.95 -52.63 6.99
C VAL UA 37 2.03 -54.12 7.28
N GLN UA 38 3.18 -54.74 7.04
CA GLN UA 38 3.33 -56.17 7.26
C GLN UA 38 3.65 -56.52 8.70
N ALA UA 39 3.92 -55.54 9.55
CA ALA UA 39 4.41 -55.84 10.89
C ALA UA 39 3.31 -56.26 11.85
N GLN UA 40 2.05 -56.20 11.44
CA GLN UA 40 0.97 -56.54 12.35
C GLN UA 40 0.71 -58.05 12.38
N ASN UA 41 1.50 -58.83 11.64
CA ASN UA 41 1.52 -60.26 11.88
C ASN UA 41 2.11 -60.59 13.25
N ILE UA 42 2.94 -59.70 13.79
CA ILE UA 42 3.39 -59.81 15.18
C ILE UA 42 2.21 -59.72 16.13
N MET UA 43 1.33 -58.75 15.90
CA MET UA 43 0.15 -58.55 16.73
C MET UA 43 -0.81 -59.75 16.63
N ASN UA 44 -1.05 -60.23 15.41
CA ASN UA 44 -1.90 -61.41 15.22
C ASN UA 44 -1.31 -62.65 15.89
N PHE UA 45 0.00 -62.83 15.76
CA PHE UA 45 0.68 -63.98 16.33
C PHE UA 45 0.60 -64.00 17.84
N TYR UA 46 0.96 -62.90 18.50
CA TYR UA 46 0.94 -62.93 19.95
C TYR UA 46 -0.48 -62.88 20.50
N SER UA 47 -1.43 -62.33 19.75
CA SER UA 47 -2.82 -62.40 20.16
C SER UA 47 -3.30 -63.84 20.18
N VAL UA 48 -3.11 -64.57 19.07
CA VAL UA 48 -3.65 -65.92 19.00
C VAL UA 48 -2.82 -66.91 19.81
N VAL UA 49 -1.59 -66.54 20.22
CA VAL UA 49 -0.85 -67.45 21.10
C VAL UA 49 -1.16 -67.19 22.57
N ASN UA 50 -1.18 -65.92 23.01
CA ASN UA 50 -1.48 -65.61 24.40
C ASN UA 50 -2.91 -65.95 24.78
N GLN UA 51 -3.86 -65.77 23.85
CA GLN UA 51 -5.26 -66.07 24.14
C GLN UA 51 -5.49 -67.56 24.39
N ALA UA 52 -4.59 -68.41 23.91
CA ALA UA 52 -4.73 -69.84 24.17
C ALA UA 52 -3.77 -70.36 25.23
N LEU UA 53 -2.68 -69.62 25.52
CA LEU UA 53 -1.72 -70.16 26.49
C LEU UA 53 -1.77 -69.50 27.86
N ILE UA 54 -2.20 -68.24 27.97
CA ILE UA 54 -2.25 -67.59 29.28
C ILE UA 54 -3.22 -68.28 30.25
N PRO UA 55 -4.43 -68.73 29.86
CA PRO UA 55 -5.21 -69.53 30.82
C PRO UA 55 -4.62 -70.88 31.15
N TRP UA 56 -4.00 -71.59 30.20
CA TRP UA 56 -3.46 -72.91 30.50
C TRP UA 56 -2.27 -72.83 31.45
N LEU UA 57 -1.26 -72.03 31.07
CA LEU UA 57 -0.10 -71.83 31.92
C LEU UA 57 -0.48 -71.22 33.24
N ASN UA 58 -1.45 -70.32 33.22
CA ASN UA 58 -1.81 -69.56 34.40
C ASN UA 58 -2.61 -70.38 35.39
N ALA UA 59 -3.39 -71.36 34.92
CA ALA UA 59 -4.23 -72.15 35.80
C ALA UA 59 -3.76 -73.58 35.99
N HIS UA 60 -2.70 -73.99 35.29
CA HIS UA 60 -2.21 -75.35 35.51
C HIS UA 60 -1.06 -75.37 36.50
N GLY UA 61 -0.51 -74.21 36.82
CA GLY UA 61 0.39 -74.07 37.96
C GLY UA 61 1.84 -73.84 37.65
N VAL UA 62 2.19 -73.60 36.39
CA VAL UA 62 3.59 -73.45 36.03
C VAL UA 62 4.07 -72.05 36.40
N GLY UA 63 5.38 -71.93 36.63
CA GLY UA 63 5.94 -70.78 37.29
C GLY UA 63 6.09 -69.57 36.38
N GLY UA 64 7.10 -68.76 36.69
CA GLY UA 64 7.33 -67.58 35.91
C GLY UA 64 8.25 -67.83 34.74
N ASN UA 65 9.42 -68.39 35.02
CA ASN UA 65 10.50 -68.41 34.04
C ASN UA 65 10.48 -69.67 33.17
N LEU UA 66 9.65 -70.67 33.48
CA LEU UA 66 9.45 -71.84 32.64
C LEU UA 66 8.40 -71.61 31.56
N ARG UA 67 7.63 -70.54 31.70
CA ARG UA 67 6.65 -70.19 30.69
C ARG UA 67 7.28 -69.99 29.32
N ILE UA 68 8.52 -69.50 29.29
CA ILE UA 68 9.28 -69.34 28.04
C ILE UA 68 9.59 -70.67 27.39
N LEU UA 69 9.96 -71.69 28.16
CA LEU UA 69 10.25 -73.00 27.58
C LEU UA 69 8.99 -73.59 26.98
N TYR UA 70 7.86 -73.38 27.66
CA TYR UA 70 6.58 -73.75 27.06
C TYR UA 70 6.27 -72.91 25.82
N ARG UA 71 6.69 -71.65 25.80
CA ARG UA 71 6.52 -70.84 24.59
C ARG UA 71 7.42 -71.34 23.46
N GLN UA 72 8.59 -71.88 23.80
CA GLN UA 72 9.46 -72.46 22.77
C GLN UA 72 8.75 -73.60 22.06
N LEU UA 73 8.12 -74.46 22.85
CA LEU UA 73 7.34 -75.57 22.29
C LEU UA 73 6.16 -75.07 21.45
N ALA UA 74 5.36 -74.16 22.00
CA ALA UA 74 4.16 -73.70 21.29
C ALA UA 74 4.51 -72.89 20.05
N ASN UA 75 5.57 -72.10 20.12
CA ASN UA 75 5.96 -71.27 18.99
C ASN UA 75 6.53 -72.09 17.86
N GLU UA 76 7.28 -73.15 18.18
CA GLU UA 76 7.76 -74.02 17.11
C GLU UA 76 6.60 -74.77 16.46
N TYR UA 77 5.58 -75.14 17.26
CA TYR UA 77 4.40 -75.77 16.68
C TYR UA 77 3.62 -74.81 15.77
N VAL UA 78 3.54 -73.53 16.15
CA VAL UA 78 2.82 -72.58 15.32
C VAL UA 78 3.60 -72.27 14.04
N LYS UA 79 4.93 -72.33 14.09
CA LYS UA 79 5.72 -72.19 12.86
C LYS UA 79 5.46 -73.33 11.89
N VAL UA 80 5.45 -74.56 12.40
CA VAL UA 80 5.14 -75.73 11.58
C VAL UA 80 3.73 -75.62 11.01
N LEU UA 81 2.80 -75.04 11.78
CA LEU UA 81 1.44 -74.82 11.26
C LEU UA 81 1.41 -73.82 10.11
N ASN UA 82 1.89 -72.60 10.33
CA ASN UA 82 1.73 -71.57 9.32
C ASN UA 82 2.77 -71.63 8.21
N THR UA 83 3.57 -72.70 8.15
CA THR UA 83 4.14 -73.07 6.86
C THR UA 83 3.25 -74.03 6.08
N LYS UA 84 1.94 -74.04 6.34
CA LYS UA 84 0.92 -74.84 5.66
C LYS UA 84 1.15 -76.34 5.75
N GLN UA 85 1.12 -76.90 6.95
CA GLN UA 85 1.34 -78.34 7.15
C GLN UA 85 0.27 -78.86 8.10
N SER UA 86 -0.62 -79.70 7.60
CA SER UA 86 -1.80 -80.17 8.33
C SER UA 86 -1.46 -81.46 9.07
N GLY UA 87 -2.51 -82.16 9.51
CA GLY UA 87 -2.43 -83.14 10.58
C GLY UA 87 -1.60 -84.37 10.29
N GLU UA 88 -1.41 -84.74 9.03
CA GLU UA 88 -0.66 -85.96 8.73
C GLU UA 88 0.83 -85.84 9.02
N VAL UA 89 1.35 -84.62 9.15
CA VAL UA 89 2.71 -84.42 9.62
C VAL UA 89 2.70 -84.05 11.11
N ILE UA 90 1.62 -83.43 11.57
CA ILE UA 90 1.49 -83.01 12.95
C ILE UA 90 1.44 -84.21 13.89
N LYS UA 91 0.81 -85.31 13.46
CA LYS UA 91 0.74 -86.52 14.29
C LYS UA 91 2.09 -87.18 14.52
N ARG UA 92 3.15 -86.73 13.84
CA ARG UA 92 4.52 -87.17 14.02
C ARG UA 92 5.37 -86.11 14.70
N LEU UA 93 5.17 -84.84 14.32
CA LEU UA 93 5.96 -83.79 14.95
C LEU UA 93 5.54 -83.52 16.38
N LYS UA 94 4.33 -83.91 16.79
CA LYS UA 94 3.95 -83.79 18.19
C LYS UA 94 4.78 -84.69 19.09
N ILE UA 95 4.98 -85.95 18.70
CA ILE UA 95 5.79 -86.82 19.54
C ILE UA 95 7.28 -86.50 19.40
N ALA UA 96 7.70 -85.95 18.25
CA ALA UA 96 9.08 -85.46 18.12
C ALA UA 96 9.35 -84.32 19.09
N LEU UA 97 8.46 -83.32 19.12
CA LEU UA 97 8.62 -82.20 20.05
C LEU UA 97 8.46 -82.63 21.49
N ARG UA 98 7.64 -83.66 21.74
CA ARG UA 98 7.47 -84.17 23.10
C ARG UA 98 8.78 -84.76 23.60
N HIS UA 99 9.46 -85.55 22.76
CA HIS UA 99 10.75 -86.10 23.18
C HIS UA 99 11.82 -85.02 23.29
N LYS UA 100 11.78 -84.02 22.40
CA LYS UA 100 12.81 -82.98 22.44
C LYS UA 100 12.69 -82.13 23.69
N TYR UA 101 11.49 -81.68 24.03
CA TYR UA 101 11.35 -80.87 25.23
C TYR UA 101 11.22 -81.69 26.51
N TRP UA 102 11.05 -83.01 26.42
CA TRP UA 102 11.33 -83.84 27.58
C TRP UA 102 12.81 -83.90 27.83
N LEU UA 103 13.61 -83.95 26.76
CA LEU UA 103 15.05 -84.06 26.89
C LEU UA 103 15.67 -82.80 27.48
N ARG UA 104 15.00 -81.65 27.42
CA ARG UA 104 15.51 -80.42 27.99
C ARG UA 104 15.01 -80.20 29.41
N GLY UA 105 14.48 -81.22 30.06
CA GLY UA 105 14.26 -81.22 31.49
C GLY UA 105 12.83 -81.00 31.94
N LEU UA 106 11.85 -81.06 31.06
CA LEU UA 106 10.48 -80.93 31.53
C LEU UA 106 9.98 -82.25 32.14
N ASP UA 107 8.74 -82.22 32.60
CA ASP UA 107 8.10 -83.38 33.20
C ASP UA 107 7.00 -83.87 32.28
N GLU UA 108 6.90 -85.21 32.13
CA GLU UA 108 5.97 -85.76 31.17
C GLU UA 108 4.52 -85.69 31.63
N ALA UA 109 4.30 -85.55 32.94
CA ALA UA 109 2.93 -85.37 33.45
C ALA UA 109 2.37 -84.00 33.05
N MET UA 110 3.23 -83.04 32.74
CA MET UA 110 2.81 -81.82 32.07
C MET UA 110 2.70 -82.02 30.56
N LEU UA 111 3.58 -82.83 29.98
CA LEU UA 111 3.70 -82.90 28.53
C LEU UA 111 2.56 -83.65 27.87
N ASP UA 112 2.03 -84.70 28.49
CA ASP UA 112 0.91 -85.40 27.87
C ASP UA 112 -0.32 -84.49 27.81
N GLU UA 113 -0.59 -83.74 28.88
CA GLU UA 113 -1.71 -82.82 28.87
C GLU UA 113 -1.46 -81.63 27.96
N PHE UA 114 -0.21 -81.20 27.83
CA PHE UA 114 0.06 -80.05 26.97
C PHE UA 114 -0.01 -80.44 25.49
N MET UA 115 0.46 -81.64 25.14
CA MET UA 115 0.33 -82.11 23.76
C MET UA 115 -1.10 -82.42 23.40
N ASP UA 116 -1.91 -82.85 24.39
CA ASP UA 116 -3.34 -82.92 24.13
C ASP UA 116 -3.96 -81.53 24.03
N TYR UA 117 -3.32 -80.52 24.62
CA TYR UA 117 -3.90 -79.19 24.59
C TYR UA 117 -3.63 -78.48 23.27
N ILE UA 118 -2.46 -78.65 22.66
CA ILE UA 118 -2.09 -77.84 21.50
C ILE UA 118 -2.69 -78.54 20.27
N ASP UA 119 -3.97 -78.29 20.08
CA ASP UA 119 -4.62 -78.45 18.80
C ASP UA 119 -5.53 -77.27 18.54
N SER UA 120 -5.55 -76.29 19.43
CA SER UA 120 -6.30 -75.06 19.28
C SER UA 120 -5.45 -73.93 18.73
N LEU UA 121 -4.14 -74.15 18.61
CA LEU UA 121 -3.25 -73.21 17.94
C LEU UA 121 -3.34 -73.47 16.45
N LYS UA 122 -3.44 -72.39 15.64
CA LYS UA 122 -3.56 -72.52 14.19
C LYS UA 122 -2.64 -71.49 13.53
N SER UA 123 -2.81 -71.33 12.23
CA SER UA 123 -1.92 -70.46 11.45
C SER UA 123 -2.22 -68.99 11.72
N THR UA 124 -1.21 -68.16 11.53
CA THR UA 124 -1.27 -66.75 11.91
C THR UA 124 -1.09 -65.78 10.74
N THR UA 125 -0.06 -65.97 9.92
CA THR UA 125 0.38 -64.93 9.01
C THR UA 125 -0.54 -64.79 7.81
N THR UA 126 -0.91 -63.55 7.50
CA THR UA 126 -1.68 -63.23 6.31
C THR UA 126 -0.92 -62.18 5.53
N ASN UA 127 -1.50 -61.75 4.41
CA ASN UA 127 -0.92 -60.71 3.57
C ASN UA 127 -1.70 -59.42 3.78
N TYR UA 128 -1.00 -58.28 3.75
CA TYR UA 128 -1.63 -57.01 4.02
C TYR UA 128 -1.32 -55.97 2.96
N ILE UA 129 -0.96 -56.38 1.76
CA ILE UA 129 -0.76 -55.44 0.65
C ILE UA 129 -1.50 -55.98 -0.56
N ILE UA 130 -2.51 -55.23 -1.00
CA ILE UA 130 -3.28 -55.58 -2.19
C ILE UA 130 -2.75 -54.79 -3.37
N PHE UA 131 -2.98 -55.31 -4.57
CA PHE UA 131 -2.35 -54.73 -5.75
C PHE UA 131 -3.04 -53.45 -6.21
N ASN UA 132 -4.32 -53.55 -6.60
CA ASN UA 132 -5.19 -52.40 -6.91
C ASN UA 132 -4.62 -51.52 -8.03
N MET UA 133 -4.66 -52.02 -9.28
CA MET UA 133 -4.05 -51.34 -10.42
C MET UA 133 -4.59 -49.92 -10.65
N GLN UA 134 -5.83 -49.67 -10.25
CA GLN UA 134 -6.39 -48.31 -10.35
C GLN UA 134 -5.72 -47.37 -9.35
N ARG VA 4 -27.61 4.86 60.79
CA ARG VA 4 -26.30 5.45 60.53
C ARG VA 4 -25.56 5.76 61.83
N ARG VA 5 -24.24 5.84 61.74
CA ARG VA 5 -23.40 6.16 62.89
C ARG VA 5 -23.41 7.66 63.14
N THR VA 6 -22.47 8.11 63.97
CA THR VA 6 -22.07 9.51 63.98
C THR VA 6 -20.64 9.67 63.51
N GLY VA 7 -19.69 9.02 64.19
CA GLY VA 7 -18.27 9.24 63.99
C GLY VA 7 -17.75 8.97 62.59
N ILE VA 8 -17.48 10.04 61.85
CA ILE VA 8 -17.10 9.97 60.45
C ILE VA 8 -15.95 10.94 60.25
N THR VA 9 -15.07 10.60 59.33
CA THR VA 9 -13.82 11.34 59.16
C THR VA 9 -14.09 12.65 58.44
N THR VA 10 -13.08 13.52 58.41
CA THR VA 10 -13.18 14.80 57.72
C THR VA 10 -13.22 14.61 56.21
N GLU VA 11 -12.53 13.58 55.69
CA GLU VA 11 -12.46 13.38 54.26
C GLU VA 11 -13.77 12.86 53.69
N ASP VA 12 -14.55 12.10 54.45
CA ASP VA 12 -15.77 11.49 53.90
C ASP VA 12 -16.85 12.54 53.67
N ALA VA 13 -16.97 13.50 54.58
CA ALA VA 13 -17.98 14.54 54.42
C ALA VA 13 -17.64 15.48 53.26
N ILE VA 14 -16.36 15.82 53.14
CA ILE VA 14 -15.91 16.65 52.03
C ILE VA 14 -16.06 15.90 50.70
N THR VA 15 -15.84 14.58 50.71
CA THR VA 15 -16.02 13.77 49.52
C THR VA 15 -17.48 13.71 49.10
N LYS VA 16 -18.41 13.65 50.07
CA LYS VA 16 -19.82 13.71 49.75
C LYS VA 16 -20.22 15.05 49.15
N TYR VA 17 -19.80 16.16 49.80
CA TYR VA 17 -20.23 17.49 49.37
C TYR VA 17 -19.62 17.86 48.02
N SER VA 18 -18.45 17.32 47.70
CA SER VA 18 -17.80 17.66 46.44
C SER VA 18 -18.40 16.86 45.29
N VAL VA 19 -18.77 15.61 45.54
CA VAL VA 19 -19.24 14.78 44.44
C VAL VA 19 -20.73 14.95 44.22
N LYS VA 20 -21.47 15.51 45.18
CA LYS VA 20 -22.90 15.67 44.94
C LYS VA 20 -23.28 16.97 44.26
N ALA VA 21 -22.35 17.68 43.62
CA ALA VA 21 -22.64 19.04 43.15
C ALA VA 21 -23.67 19.05 42.03
N LYS VA 22 -23.54 18.13 41.08
CA LYS VA 22 -24.46 18.07 39.95
C LYS VA 22 -25.88 17.73 40.39
N THR VA 23 -26.01 16.74 41.27
CA THR VA 23 -27.34 16.34 41.72
C THR VA 23 -27.96 17.38 42.64
N GLU VA 24 -27.16 18.07 43.45
CA GLU VA 24 -27.77 19.04 44.35
C GLU VA 24 -28.19 20.30 43.60
N GLN VA 25 -27.49 20.64 42.51
CA GLN VA 25 -27.96 21.80 41.76
C GLN VA 25 -29.15 21.44 40.87
N THR VA 26 -29.21 20.21 40.34
CA THR VA 26 -30.40 19.85 39.57
C THR VA 26 -31.57 19.49 40.48
N ALA VA 27 -31.34 19.38 41.80
CA ALA VA 27 -32.47 19.32 42.72
C ALA VA 27 -32.92 20.70 43.16
N TYR VA 28 -32.01 21.68 43.23
CA TYR VA 28 -32.42 23.05 43.51
C TYR VA 28 -33.25 23.62 42.36
N LYS VA 29 -32.97 23.17 41.14
CA LYS VA 29 -33.74 23.65 39.99
C LYS VA 29 -35.21 23.21 40.07
N ASN VA 30 -35.50 22.10 40.75
CA ASN VA 30 -36.90 21.72 40.97
C ASN VA 30 -37.43 22.32 42.27
N ALA VA 31 -36.53 22.60 43.21
CA ALA VA 31 -36.96 23.25 44.44
C ALA VA 31 -37.40 24.69 44.21
N THR VA 32 -37.02 25.30 43.07
CA THR VA 32 -37.61 26.60 42.71
C THR VA 32 -39.13 26.47 42.49
N LYS VA 33 -39.54 25.49 41.68
CA LYS VA 33 -40.95 25.19 41.45
C LYS VA 33 -41.68 24.92 42.76
N ASP VA 34 -41.02 24.22 43.67
CA ASP VA 34 -41.66 24.00 44.96
C ASP VA 34 -41.71 25.26 45.82
N MET VA 35 -40.71 26.14 45.70
CA MET VA 35 -40.66 27.34 46.52
C MET VA 35 -41.70 28.38 46.16
N VAL VA 36 -42.19 28.38 44.91
CA VAL VA 36 -43.14 29.40 44.46
C VAL VA 36 -44.39 29.43 45.32
N VAL VA 37 -45.00 28.28 45.57
CA VAL VA 37 -46.26 28.28 46.31
C VAL VA 37 -46.00 28.31 47.81
N GLN VA 38 -44.87 27.79 48.26
CA GLN VA 38 -44.56 27.74 49.68
C GLN VA 38 -43.96 29.03 50.21
N ALA VA 39 -43.63 29.98 49.33
CA ALA VA 39 -42.89 31.16 49.77
C ALA VA 39 -43.77 32.20 50.45
N GLN VA 40 -45.09 32.00 50.46
CA GLN VA 40 -45.96 33.01 51.06
C GLN VA 40 -46.08 32.83 52.56
N ASN VA 41 -45.37 31.87 53.14
CA ASN VA 41 -45.19 31.86 54.58
C ASN VA 41 -44.35 33.05 55.04
N ILE VA 42 -43.50 33.59 54.16
CA ILE VA 42 -42.81 34.85 54.42
C ILE VA 42 -43.81 35.98 54.60
N MET VA 43 -44.81 36.05 53.71
CA MET VA 43 -45.83 37.08 53.78
C MET VA 43 -46.68 36.93 55.02
N ASN VA 44 -47.09 35.71 55.36
CA ASN VA 44 -47.86 35.47 56.58
C ASN VA 44 -47.06 35.82 57.83
N PHE VA 45 -45.78 35.46 57.85
CA PHE VA 45 -44.92 35.72 58.99
C PHE VA 45 -44.75 37.20 59.24
N TYR VA 46 -44.36 37.96 58.22
CA TYR VA 46 -44.12 39.38 58.46
C TYR VA 46 -45.42 40.14 58.64
N SER VA 47 -46.54 39.64 58.09
CA SER VA 47 -47.83 40.26 58.38
C SER VA 47 -48.19 40.12 59.85
N VAL VA 48 -48.13 38.89 60.38
CA VAL VA 48 -48.55 38.67 61.76
C VAL VA 48 -47.50 39.18 62.76
N VAL VA 49 -46.26 39.45 62.33
CA VAL VA 49 -45.31 40.04 63.27
C VAL VA 49 -45.39 41.56 63.26
N ASN VA 50 -45.42 42.19 62.08
CA ASN VA 50 -45.50 43.64 62.01
C ASN VA 50 -46.82 44.18 62.56
N GLN VA 51 -47.92 43.46 62.35
CA GLN VA 51 -49.22 43.92 62.84
C GLN VA 51 -49.28 43.95 64.36
N ALA VA 52 -48.41 43.21 65.04
CA ALA VA 52 -48.39 43.26 66.50
C ALA VA 52 -47.20 44.05 67.05
N LEU VA 53 -46.15 44.27 66.26
CA LEU VA 53 -45.00 44.98 66.81
C LEU VA 53 -44.86 46.42 66.38
N ILE VA 54 -45.37 46.80 65.21
CA ILE VA 54 -45.26 48.20 64.77
C ILE VA 54 -45.97 49.18 65.70
N PRO VA 55 -47.19 48.92 66.21
CA PRO VA 55 -47.72 49.85 67.22
C PRO VA 55 -46.98 49.87 68.54
N TRP VA 56 -46.47 48.72 69.02
CA TRP VA 56 -45.78 48.71 70.31
C TRP VA 56 -44.46 49.46 70.23
N LEU VA 57 -43.60 49.07 69.29
CA LEU VA 57 -42.32 49.74 69.09
C LEU VA 57 -42.52 51.19 68.71
N ASN VA 58 -43.55 51.47 67.93
CA ASN VA 58 -43.77 52.79 67.40
C ASN VA 58 -44.31 53.76 68.45
N ALA VA 59 -45.07 53.26 69.42
CA ALA VA 59 -45.67 54.12 70.42
C ALA VA 59 -45.06 54.00 71.79
N HIS VA 60 -44.11 53.08 71.99
CA HIS VA 60 -43.48 52.99 73.29
C HIS VA 60 -42.18 53.77 73.33
N GLY VA 61 -41.68 54.18 72.18
CA GLY VA 61 -40.61 55.17 72.12
C GLY VA 61 -39.26 54.67 71.69
N VAL VA 62 -39.16 53.44 71.22
CA VAL VA 62 -37.85 52.89 70.86
C VAL VA 62 -37.44 53.40 69.50
N GLY VA 63 -36.13 53.45 69.27
CA GLY VA 63 -35.56 54.18 68.16
C GLY VA 63 -35.67 53.46 66.84
N GLY VA 64 -34.70 53.74 65.98
CA GLY VA 64 -34.70 53.14 64.67
C GLY VA 64 -33.97 51.81 64.64
N ASN VA 65 -32.74 51.81 65.11
CA ASN VA 65 -31.85 50.68 64.87
C ASN VA 65 -31.91 49.64 65.97
N LEU VA 66 -32.59 49.91 67.09
CA LEU VA 66 -32.83 48.93 68.15
C LEU VA 66 -34.05 48.08 67.88
N ARG VA 67 -34.89 48.51 66.93
CA ARG VA 67 -36.06 47.74 66.55
C ARG VA 67 -35.68 46.34 66.08
N ILE VA 68 -34.52 46.19 65.45
CA ILE VA 68 -34.01 44.89 65.04
C ILE VA 68 -33.69 43.98 66.21
N LEU VA 69 -33.12 44.52 67.28
CA LEU VA 69 -32.82 43.69 68.45
C LEU VA 69 -34.11 43.21 69.08
N TYR VA 70 -35.12 44.07 69.09
CA TYR VA 70 -36.45 43.63 69.52
C TYR VA 70 -37.04 42.61 68.54
N ARG VA 71 -36.74 42.73 67.25
CA ARG VA 71 -37.18 41.72 66.29
C ARG VA 71 -36.46 40.40 66.53
N GLN VA 72 -35.21 40.44 66.98
CA GLN VA 72 -34.48 39.21 67.30
C GLN VA 72 -35.20 38.45 68.39
N LEU VA 73 -35.61 39.18 69.43
CA LEU VA 73 -36.38 38.57 70.52
C LEU VA 73 -37.72 38.02 70.04
N ALA VA 74 -38.49 38.84 69.31
CA ALA VA 74 -39.83 38.40 68.89
C ALA VA 74 -39.77 37.28 67.87
N ASN VA 75 -38.78 37.31 66.98
CA ASN VA 75 -38.67 36.29 65.95
C ASN VA 75 -38.24 34.96 66.54
N GLU VA 76 -37.36 34.97 67.54
CA GLU VA 76 -37.00 33.71 68.19
C GLU VA 76 -38.19 33.14 68.96
N TYR VA 77 -39.01 34.02 69.54
CA TYR VA 77 -40.23 33.54 70.21
C TYR VA 77 -41.22 32.94 69.23
N VAL VA 78 -41.34 33.52 68.04
CA VAL VA 78 -42.28 32.99 67.05
C VAL VA 78 -41.76 31.67 66.47
N LYS VA 79 -40.43 31.50 66.39
CA LYS VA 79 -39.89 30.20 65.98
C LYS VA 79 -40.23 29.11 67.00
N VAL VA 80 -40.03 29.41 68.28
CA VAL VA 80 -40.38 28.47 69.34
C VAL VA 80 -41.88 28.15 69.31
N LEU VA 81 -42.71 29.13 68.95
CA LEU VA 81 -44.15 28.89 68.80
C LEU VA 81 -44.46 27.94 67.66
N ASN VA 82 -44.05 28.28 66.44
CA ASN VA 82 -44.48 27.48 65.29
C ASN VA 82 -43.63 26.23 65.08
N THR VA 83 -42.78 25.87 66.03
CA THR VA 83 -42.41 24.45 66.15
C THR VA 83 -43.34 23.68 67.08
N LYS VA 84 -44.58 24.14 67.26
CA LYS VA 84 -45.63 23.51 68.06
C LYS VA 84 -45.26 23.31 69.52
N GLN VA 85 -45.03 24.41 70.26
CA GLN VA 85 -44.66 24.32 71.68
C GLN VA 85 -45.50 25.34 72.44
N SER VA 86 -46.40 24.86 73.29
CA SER VA 86 -47.38 25.67 73.99
C SER VA 86 -46.80 26.14 75.33
N GLY VA 87 -47.70 26.60 76.21
CA GLY VA 87 -47.36 27.48 77.32
C GLY VA 87 -46.48 26.87 78.39
N GLU VA 88 -46.49 25.54 78.55
CA GLU VA 88 -45.71 24.94 79.62
C GLU VA 88 -44.21 24.99 79.37
N VAL VA 89 -43.79 25.24 78.14
CA VAL VA 89 -42.38 25.53 77.87
C VAL VA 89 -42.15 27.03 77.72
N ILE VA 90 -43.19 27.75 77.30
CA ILE VA 90 -43.11 29.19 77.10
C ILE VA 90 -42.91 29.92 78.43
N LYS VA 91 -43.50 29.42 79.52
CA LYS VA 91 -43.32 30.03 80.84
C LYS VA 91 -41.90 29.94 81.37
N ARG VA 92 -41.03 29.18 80.71
CA ARG VA 92 -39.61 29.06 81.02
C ARG VA 92 -38.74 29.77 79.98
N LEU VA 93 -39.11 29.64 78.70
CA LEU VA 93 -38.31 30.29 77.68
C LEU VA 93 -38.50 31.81 77.66
N LYS VA 94 -39.58 32.33 78.25
CA LYS VA 94 -39.73 33.77 78.37
C LYS VA 94 -38.68 34.37 79.29
N ILE VA 95 -38.45 33.75 80.45
CA ILE VA 95 -37.43 34.29 81.35
C ILE VA 95 -36.02 33.98 80.84
N ALA VA 96 -35.86 32.88 80.09
CA ALA VA 96 -34.58 32.62 79.44
C ALA VA 96 -34.23 33.70 78.43
N LEU VA 97 -35.17 34.04 77.55
CA LEU VA 97 -34.96 35.10 76.57
C LEU VA 97 -34.83 36.47 77.22
N ARG VA 98 -35.51 36.67 78.35
CA ARG VA 98 -35.39 37.93 79.08
C ARG VA 98 -33.97 38.11 79.58
N HIS VA 99 -33.38 37.06 80.17
CA HIS VA 99 -32.00 37.18 80.63
C HIS VA 99 -31.02 37.29 79.46
N LYS VA 100 -31.30 36.60 78.35
CA LYS VA 100 -30.37 36.64 77.22
C LYS VA 100 -30.34 38.02 76.57
N TYR VA 101 -31.50 38.61 76.32
CA TYR VA 101 -31.48 39.94 75.72
C TYR VA 101 -31.32 41.06 76.73
N TRP VA 102 -31.40 40.79 78.03
CA TRP VA 102 -30.86 41.74 78.99
C TRP VA 102 -29.34 41.74 78.93
N LEU VA 103 -28.75 40.57 78.72
CA LEU VA 103 -27.31 40.44 78.69
C LEU VA 103 -26.70 41.12 77.47
N ARG VA 104 -27.47 41.36 76.41
CA ARG VA 104 -26.97 42.04 75.22
C ARG VA 104 -27.23 43.54 75.26
N GLY VA 105 -27.56 44.08 76.44
CA GLY VA 105 -27.52 45.50 76.66
C GLY VA 105 -28.86 46.22 76.67
N LEU VA 106 -29.97 45.50 76.70
CA LEU VA 106 -31.24 46.19 76.81
C LEU VA 106 -31.51 46.65 78.24
N ASP VA 107 -32.66 47.30 78.42
CA ASP VA 107 -33.08 47.80 79.72
C ASP VA 107 -34.28 47.00 80.20
N GLU VA 108 -34.28 46.65 81.48
CA GLU VA 108 -35.33 45.76 82.00
C GLU VA 108 -36.67 46.46 82.15
N ALA VA 109 -36.68 47.80 82.23
CA ALA VA 109 -37.94 48.53 82.27
C ALA VA 109 -38.69 48.46 80.94
N MET VA 110 -37.96 48.18 79.85
CA MET VA 110 -38.61 47.79 78.61
C MET VA 110 -38.95 46.31 78.58
N LEU VA 111 -38.12 45.46 79.20
CA LEU VA 111 -38.26 44.03 79.05
C LEU VA 111 -39.43 43.44 79.81
N ASP VA 112 -39.74 43.96 80.99
CA ASP VA 112 -40.89 43.42 81.71
C ASP VA 112 -42.19 43.69 80.95
N GLU VA 113 -42.33 44.90 80.39
CA GLU VA 113 -43.51 45.23 79.61
C GLU VA 113 -43.52 44.50 78.29
N PHE VA 114 -42.35 44.24 77.70
CA PHE VA 114 -42.33 43.55 76.42
C PHE VA 114 -42.63 42.06 76.59
N MET VA 115 -42.13 41.45 77.67
CA MET VA 115 -42.44 40.04 77.94
C MET VA 115 -43.90 39.87 78.36
N ASP VA 116 -44.48 40.89 78.99
CA ASP VA 116 -45.93 40.85 79.19
C ASP VA 116 -46.67 41.07 77.88
N TYR VA 117 -46.02 41.72 76.91
CA TYR VA 117 -46.71 41.99 75.65
C TYR VA 117 -46.73 40.78 74.73
N ILE VA 118 -45.67 39.98 74.69
CA ILE VA 118 -45.57 38.91 73.68
C ILE VA 118 -46.31 37.70 74.24
N ASP VA 119 -47.63 37.76 74.11
CA ASP VA 119 -48.48 36.59 74.16
C ASP VA 119 -49.52 36.68 73.05
N SER VA 120 -49.46 37.71 72.23
CA SER VA 120 -50.33 37.88 71.08
C SER VA 120 -49.68 37.39 69.80
N LEU VA 121 -48.40 37.03 69.84
CA LEU VA 121 -47.73 36.40 68.73
C LEU VA 121 -48.06 34.91 68.77
N LYS VA 122 -48.39 34.32 67.62
CA LYS VA 122 -48.74 32.91 67.52
C LYS VA 122 -48.04 32.29 66.33
N SER VA 123 -48.44 31.06 65.99
CA SER VA 123 -47.78 30.32 64.93
C SER VA 123 -48.15 30.87 63.56
N THR VA 124 -47.26 30.66 62.59
CA THR VA 124 -47.37 31.26 61.27
C THR VA 124 -47.48 30.26 60.13
N THR VA 125 -46.60 29.27 60.08
CA THR VA 125 -46.41 28.48 58.87
C THR VA 125 -47.54 27.48 58.67
N THR VA 126 -48.06 27.44 57.44
CA THR VA 126 -49.04 26.45 57.04
C THR VA 126 -48.52 25.75 55.79
N ASN VA 127 -49.32 24.81 55.28
CA ASN VA 127 -48.99 24.08 54.07
C ASN VA 127 -49.83 24.61 52.92
N TYR VA 128 -49.23 24.66 51.72
CA TYR VA 128 -49.92 25.23 50.58
C TYR VA 128 -49.88 24.33 49.36
N ILE VA 129 -49.69 23.02 49.56
CA ILE VA 129 -49.77 22.07 48.45
C ILE VA 129 -50.68 20.93 48.87
N ILE VA 130 -51.80 20.78 48.19
CA ILE VA 130 -52.73 19.69 48.44
C ILE VA 130 -52.49 18.58 47.43
N PHE VA 131 -52.87 17.35 47.79
CA PHE VA 131 -52.50 16.20 46.98
C PHE VA 131 -53.37 16.07 45.74
N ASN VA 132 -54.69 15.87 45.91
CA ASN VA 132 -55.69 15.90 44.82
C ASN VA 132 -55.40 14.86 43.74
N MET VA 133 -55.62 13.58 44.05
CA MET VA 133 -55.26 12.48 43.14
C MET VA 133 -55.96 12.57 41.79
N GLN VA 134 -57.13 13.20 41.72
CA GLN VA 134 -57.81 13.42 40.43
C GLN VA 134 -57.06 14.44 39.58
N ARG WA 4 26.50 -69.02 -38.21
CA ARG WA 4 27.67 -69.06 -37.34
C ARG WA 4 28.20 -70.48 -37.20
N ARG WA 5 29.48 -70.59 -36.86
CA ARG WA 5 30.11 -71.88 -36.65
C ARG WA 5 29.78 -72.41 -35.26
N THR WA 6 30.52 -73.44 -34.83
CA THR WA 6 30.60 -73.77 -33.43
C THR WA 6 32.01 -73.54 -32.90
N GLY WA 7 33.00 -74.20 -33.50
CA GLY WA 7 34.36 -74.25 -32.98
C GLY WA 7 35.06 -72.92 -32.85
N ILE WA 8 35.17 -72.45 -31.60
CA ILE WA 8 35.68 -71.12 -31.30
C ILE WA 8 36.62 -71.27 -30.11
N THR WA 9 37.65 -70.42 -30.08
CA THR WA 9 38.72 -70.58 -29.11
C THR WA 9 38.25 -70.10 -27.74
N THR WA 10 39.06 -70.39 -26.72
CA THR WA 10 38.77 -69.94 -25.36
C THR WA 10 38.91 -68.44 -25.22
N GLU WA 11 39.85 -67.84 -25.96
CA GLU WA 11 40.08 -66.41 -25.83
C GLU WA 11 38.98 -65.57 -26.45
N ASP WA 12 38.30 -66.06 -27.49
CA ASP WA 12 37.30 -65.24 -28.17
C ASP WA 12 36.06 -65.06 -27.33
N ALA WA 13 35.64 -66.12 -26.62
CA ALA WA 13 34.45 -66.03 -25.76
C ALA WA 13 34.71 -65.13 -24.56
N ILE WA 14 35.89 -65.24 -23.97
CA ILE WA 14 36.27 -64.38 -22.85
C ILE WA 14 36.41 -62.93 -23.31
N THR WA 15 36.89 -62.73 -24.54
CA THR WA 15 37.01 -61.39 -25.08
C THR WA 15 35.63 -60.77 -25.32
N LYS WA 16 34.66 -61.58 -25.75
CA LYS WA 16 33.29 -61.07 -25.89
C LYS WA 16 32.69 -60.70 -24.54
N TYR WA 17 32.80 -61.58 -23.56
CA TYR WA 17 32.14 -61.37 -22.27
C TYR WA 17 32.79 -60.23 -21.50
N SER WA 18 34.08 -59.98 -21.74
CA SER WA 18 34.75 -58.90 -21.02
C SER WA 18 34.45 -57.55 -21.64
N VAL WA 19 34.33 -57.49 -22.96
CA VAL WA 19 34.15 -56.20 -23.61
C VAL WA 19 32.69 -55.81 -23.67
N LYS WA 20 31.77 -56.74 -23.48
CA LYS WA 20 30.36 -56.35 -23.54
C LYS WA 20 29.78 -55.88 -22.23
N ALA WA 21 30.60 -55.54 -21.22
CA ALA WA 21 30.08 -55.30 -19.88
C ALA WA 21 29.18 -54.08 -19.81
N LYS WA 22 29.59 -53.00 -20.47
CA LYS WA 22 28.82 -51.76 -20.44
C LYS WA 22 27.47 -51.93 -21.13
N THR WA 23 27.46 -52.57 -22.30
CA THR WA 23 26.20 -52.74 -23.02
C THR WA 23 25.30 -53.75 -22.33
N GLU WA 24 25.86 -54.78 -21.70
CA GLU WA 24 24.97 -55.75 -21.08
C GLU WA 24 24.37 -55.21 -19.79
N GLN WA 25 25.08 -54.32 -19.09
CA GLN WA 25 24.45 -53.75 -17.91
C GLN WA 25 23.46 -52.65 -18.27
N THR WA 26 23.71 -51.90 -19.35
CA THR WA 26 22.70 -50.91 -19.75
C THR WA 26 21.55 -51.56 -20.52
N ALA WA 27 21.67 -52.84 -20.86
CA ALA WA 27 20.50 -53.58 -21.32
C ALA WA 27 19.73 -54.20 -20.18
N TYR WA 28 20.40 -54.60 -19.10
CA TYR WA 28 19.69 -55.07 -17.91
C TYR WA 28 18.88 -53.96 -17.27
N LYS WA 29 19.36 -52.72 -17.38
CA LYS WA 29 18.62 -51.58 -16.82
C LYS WA 29 17.28 -51.37 -17.51
N ASN WA 30 17.16 -51.78 -18.78
CA ASN WA 30 15.86 -51.74 -19.46
C ASN WA 30 15.08 -53.04 -19.26
N ALA WA 31 15.81 -54.13 -19.03
CA ALA WA 31 15.13 -55.39 -18.75
C ALA WA 31 14.44 -55.37 -17.41
N THR WA 32 14.78 -54.45 -16.51
CA THR WA 32 13.96 -54.26 -15.30
C THR WA 32 12.54 -53.81 -15.64
N LYS WA 33 12.42 -52.78 -16.49
CA LYS WA 33 11.13 -52.31 -16.98
C LYS WA 33 10.36 -53.42 -17.65
N ASP WA 34 11.06 -54.27 -18.40
CA ASP WA 34 10.36 -55.39 -19.02
C ASP WA 34 9.96 -56.46 -18.00
N MET WA 35 10.76 -56.65 -16.95
CA MET WA 35 10.48 -57.69 -15.97
C MET WA 35 9.29 -57.39 -15.08
N VAL WA 36 8.93 -56.10 -14.92
CA VAL WA 36 7.84 -55.75 -14.00
C VAL WA 36 6.53 -56.41 -14.39
N VAL WA 37 6.14 -56.34 -15.66
CA VAL WA 37 4.85 -56.89 -16.06
C VAL WA 37 4.95 -58.39 -16.31
N GLN WA 38 6.12 -58.87 -16.70
CA GLN WA 38 6.29 -60.29 -16.99
C GLN WA 38 6.56 -61.14 -15.75
N ALA WA 39 6.76 -60.51 -14.59
CA ALA WA 39 7.20 -61.28 -13.43
C ALA WA 39 6.05 -62.01 -12.73
N GLN WA 40 4.82 -61.80 -13.17
CA GLN WA 40 3.71 -62.46 -12.50
C GLN WA 40 3.47 -63.87 -13.01
N ASN WA 41 4.31 -64.33 -13.94
CA ASN WA 41 4.35 -65.77 -14.22
C ASN WA 41 4.87 -66.55 -13.03
N ILE WA 42 5.67 -65.92 -12.16
CA ILE WA 42 6.05 -66.51 -10.88
C ILE WA 42 4.81 -66.77 -10.02
N MET WA 43 3.92 -65.78 -9.95
CA MET WA 43 2.70 -65.89 -9.17
C MET WA 43 1.78 -66.97 -9.74
N ASN WA 44 1.62 -67.00 -11.06
CA ASN WA 44 0.79 -68.03 -11.69
C ASN WA 44 1.37 -69.43 -11.48
N PHE WA 45 2.69 -69.55 -11.59
CA PHE WA 45 3.37 -70.83 -11.44
C PHE WA 45 3.21 -71.39 -10.03
N TYR WA 46 3.52 -70.59 -9.01
CA TYR WA 46 3.43 -71.13 -7.66
C TYR WA 46 1.99 -71.28 -7.21
N SER WA 47 1.06 -70.49 -7.77
CA SER WA 47 -0.34 -70.72 -7.48
C SER WA 47 -0.81 -72.07 -8.01
N VAL WA 48 -0.54 -72.35 -9.29
CA VAL WA 48 -1.04 -73.60 -9.87
C VAL WA 48 -0.23 -74.80 -9.41
N VAL WA 49 0.97 -74.61 -8.83
CA VAL WA 49 1.67 -75.76 -8.30
C VAL WA 49 1.28 -76.03 -6.84
N ASN WA 50 1.23 -75.01 -5.99
CA ASN WA 50 0.86 -75.22 -4.60
C ASN WA 50 -0.59 -75.67 -4.44
N GLN WA 51 -1.49 -75.17 -5.30
CA GLN WA 51 -2.91 -75.56 -5.20
C GLN WA 51 -3.12 -77.04 -5.51
N ALA WA 52 -2.18 -77.68 -6.21
CA ALA WA 52 -2.30 -79.10 -6.48
C ALA WA 52 -1.37 -79.95 -5.62
N LEU WA 53 -0.32 -79.38 -5.03
CA LEU WA 53 0.60 -80.21 -4.26
C LEU WA 53 0.48 -80.09 -2.76
N ILE WA 54 0.02 -78.94 -2.24
CA ILE WA 54 -0.13 -78.80 -0.78
C ILE WA 54 -1.12 -79.80 -0.17
N PRO WA 55 -2.30 -80.08 -0.76
CA PRO WA 55 -3.11 -81.17 -0.19
C PRO WA 55 -2.51 -82.55 -0.33
N TRP WA 56 -1.83 -82.88 -1.44
CA TRP WA 56 -1.28 -84.21 -1.60
C TRP WA 56 -0.14 -84.47 -0.63
N LEU WA 57 0.87 -83.59 -0.63
CA LEU WA 57 1.99 -83.71 0.29
C LEU WA 57 1.53 -83.60 1.73
N ASN WA 58 0.54 -82.75 1.98
CA ASN WA 58 0.10 -82.46 3.32
C ASN WA 58 -0.72 -83.58 3.92
N ALA WA 59 -1.45 -84.33 3.09
CA ALA WA 59 -2.32 -85.38 3.58
C ALA WA 59 -1.82 -86.79 3.28
N HIS WA 60 -0.74 -86.93 2.54
CA HIS WA 60 -0.22 -88.27 2.28
C HIS WA 60 0.87 -88.63 3.27
N GLY WA 61 1.39 -87.66 4.00
CA GLY WA 61 2.22 -87.94 5.15
C GLY WA 61 3.69 -87.61 5.02
N VAL WA 62 4.09 -86.94 3.96
CA VAL WA 62 5.51 -86.67 3.75
C VAL WA 62 5.93 -85.49 4.63
N GLY WA 63 7.22 -85.46 4.94
CA GLY WA 63 7.74 -84.61 6.00
C GLY WA 63 7.91 -83.16 5.58
N GLY WA 64 8.87 -82.51 6.22
CA GLY WA 64 9.12 -81.13 5.92
C GLY WA 64 10.11 -80.94 4.79
N ASN WA 65 11.27 -81.56 4.91
CA ASN WA 65 12.39 -81.24 4.05
C ASN WA 65 12.45 -82.11 2.79
N LEU WA 66 11.62 -83.15 2.68
CA LEU WA 66 11.48 -83.95 1.47
C LEU WA 66 10.50 -83.36 0.49
N ARG WA 67 9.69 -82.40 0.96
CA ARG WA 67 8.75 -81.71 0.08
C ARG WA 67 9.45 -81.05 -1.08
N ILE WA 68 10.68 -80.57 -0.88
CA ILE WA 68 11.49 -79.98 -1.94
C ILE WA 68 11.87 -80.98 -3.01
N LEU WA 69 12.22 -82.21 -2.62
CA LEU WA 69 12.57 -83.23 -3.61
C LEU WA 69 11.34 -83.57 -4.46
N TYR WA 70 10.18 -83.62 -3.81
CA TYR WA 70 8.94 -83.75 -4.57
C TYR WA 70 8.66 -82.53 -5.45
N ARG WA 71 9.06 -81.34 -4.99
CA ARG WA 71 8.95 -80.15 -5.84
C ARG WA 71 9.89 -80.22 -7.02
N GLN WA 72 11.06 -80.85 -6.85
CA GLN WA 72 11.99 -81.02 -7.97
C GLN WA 72 11.35 -81.83 -9.07
N LEU WA 73 10.70 -82.93 -8.67
CA LEU WA 73 9.97 -83.77 -9.62
C LEU WA 73 8.82 -83.00 -10.29
N ALA WA 74 7.98 -82.34 -9.50
CA ALA WA 74 6.81 -81.68 -10.06
C ALA WA 74 7.19 -80.47 -10.91
N ASN WA 75 8.24 -79.74 -10.51
CA ASN WA 75 8.66 -78.56 -11.25
C ASN WA 75 9.31 -78.94 -12.58
N GLU WA 76 10.06 -80.04 -12.61
CA GLU WA 76 10.60 -80.48 -13.89
C GLU WA 76 9.49 -80.94 -14.83
N TYR WA 77 8.45 -81.57 -14.26
CA TYR WA 77 7.31 -81.97 -15.09
C TYR WA 77 6.56 -80.75 -15.64
N VAL WA 78 6.44 -79.69 -14.84
CA VAL WA 78 5.74 -78.50 -15.32
C VAL WA 78 6.57 -77.74 -16.35
N LYS WA 79 7.91 -77.82 -16.26
CA LYS WA 79 8.74 -77.25 -17.32
C LYS WA 79 8.55 -77.97 -18.64
N VAL WA 80 8.54 -79.31 -18.59
CA VAL WA 80 8.30 -80.11 -19.80
C VAL WA 80 6.91 -79.81 -20.37
N LEU WA 81 5.93 -79.54 -19.50
CA LEU WA 81 4.61 -79.16 -19.97
C LEU WA 81 4.61 -77.81 -20.69
N ASN WA 82 5.06 -76.75 -20.02
CA ASN WA 82 4.91 -75.43 -20.61
C ASN WA 82 6.01 -75.08 -21.62
N THR WA 83 6.84 -76.05 -22.01
CA THR WA 83 7.48 -75.95 -23.32
C THR WA 83 6.65 -76.58 -24.44
N LYS WA 84 5.32 -76.67 -24.26
CA LYS WA 84 4.35 -77.18 -25.24
C LYS WA 84 4.62 -78.62 -25.68
N GLN WA 85 4.54 -79.57 -24.75
CA GLN WA 85 4.77 -80.98 -25.06
C GLN WA 85 3.68 -81.81 -24.40
N SER WA 86 2.82 -82.42 -25.23
CA SER WA 86 1.63 -83.12 -24.78
C SER WA 86 1.96 -84.59 -24.52
N GLY WA 87 0.91 -85.40 -24.42
CA GLY WA 87 0.94 -86.70 -23.76
C GLY WA 87 1.82 -87.74 -24.42
N GLU WA 88 2.08 -87.64 -25.72
CA GLU WA 88 2.86 -88.67 -26.40
C GLU WA 88 4.34 -88.66 -26.00
N VAL WA 89 4.81 -87.56 -25.41
CA VAL WA 89 6.14 -87.54 -24.83
C VAL WA 89 6.06 -87.73 -23.32
N ILE WA 90 4.95 -87.31 -22.73
CA ILE WA 90 4.74 -87.42 -21.29
C ILE WA 90 4.66 -88.87 -20.84
N LYS WA 91 4.07 -89.75 -21.67
CA LYS WA 91 4.00 -91.18 -21.33
C LYS WA 91 5.35 -91.87 -21.28
N ARG WA 92 6.42 -91.20 -21.70
CA ARG WA 92 7.80 -91.67 -21.62
C ARG WA 92 8.60 -90.92 -20.55
N LEU WA 93 8.39 -89.61 -20.46
CA LEU WA 93 9.12 -88.84 -19.47
C LEU WA 93 8.63 -89.10 -18.06
N LYS WA 94 7.41 -89.62 -17.88
CA LYS WA 94 6.95 -89.99 -16.55
C LYS WA 94 7.76 -91.15 -15.99
N ILE WA 95 8.00 -92.19 -16.79
CA ILE WA 95 8.79 -93.30 -16.27
C ILE WA 95 10.27 -92.95 -16.20
N ALA WA 96 10.73 -92.03 -17.06
CA ALA WA 96 12.11 -91.52 -16.94
C ALA WA 96 12.31 -90.79 -15.61
N LEU WA 97 11.40 -89.87 -15.27
CA LEU WA 97 11.50 -89.16 -14.00
C LEU WA 97 11.27 -90.07 -12.81
N ARG WA 98 10.45 -91.12 -12.99
CA ARG WA 98 10.24 -92.09 -11.92
C ARG WA 98 11.53 -92.81 -11.59
N HIS WA 99 12.27 -93.25 -12.61
CA HIS WA 99 13.54 -93.92 -12.34
C HIS WA 99 14.58 -92.94 -11.80
N LYS WA 100 14.57 -91.70 -12.28
CA LYS WA 100 15.58 -90.74 -11.82
C LYS WA 100 15.38 -90.37 -10.35
N TYR WA 101 14.14 -90.08 -9.95
CA TYR WA 101 13.95 -89.75 -8.54
C TYR WA 101 13.77 -90.98 -7.66
N TRP WA 102 13.63 -92.18 -8.21
CA TRP WA 102 13.86 -93.37 -7.41
C TRP WA 102 15.34 -93.51 -7.12
N LEU WA 103 16.18 -93.18 -8.08
CA LEU WA 103 17.62 -93.31 -7.93
C LEU WA 103 18.19 -92.34 -6.91
N ARG WA 104 17.49 -91.26 -6.59
CA ARG WA 104 17.95 -90.31 -5.59
C ARG WA 104 17.38 -90.60 -4.21
N GLY WA 105 16.82 -91.79 -4.00
CA GLY WA 105 16.54 -92.29 -2.68
C GLY WA 105 15.09 -92.25 -2.24
N LEU WA 106 14.16 -92.00 -3.15
CA LEU WA 106 12.76 -92.05 -2.74
C LEU WA 106 12.27 -93.49 -2.66
N ASP WA 107 10.99 -93.64 -2.28
CA ASP WA 107 10.35 -94.93 -2.17
C ASP WA 107 9.30 -95.08 -3.27
N GLU WA 108 9.25 -96.27 -3.88
CA GLU WA 108 8.38 -96.45 -5.03
C GLU WA 108 6.91 -96.55 -4.65
N ALA WA 109 6.61 -96.88 -3.39
CA ALA WA 109 5.23 -96.89 -2.92
C ALA WA 109 4.65 -95.47 -2.84
N MET WA 110 5.51 -94.46 -2.74
CA MET WA 110 5.09 -93.09 -2.96
C MET WA 110 5.06 -92.74 -4.43
N LEU WA 111 5.99 -93.28 -5.22
CA LEU WA 111 6.18 -92.84 -6.60
C LEU WA 111 5.09 -93.30 -7.53
N ASP WA 112 4.56 -94.51 -7.36
CA ASP WA 112 3.47 -94.95 -8.24
C ASP WA 112 2.23 -94.08 -8.05
N GLU WA 113 1.90 -93.75 -6.80
CA GLU WA 113 0.76 -92.89 -6.53
C GLU WA 113 1.02 -91.45 -6.95
N PHE WA 114 2.28 -91.01 -6.86
CA PHE WA 114 2.56 -89.63 -7.24
C PHE WA 114 2.58 -89.47 -8.75
N MET WA 115 3.08 -90.47 -9.48
CA MET WA 115 3.04 -90.41 -10.95
C MET WA 115 1.62 -90.58 -11.47
N ASP WA 116 0.78 -91.32 -10.74
CA ASP WA 116 -0.63 -91.31 -11.08
C ASP WA 116 -1.28 -89.97 -10.73
N TYR WA 117 -0.69 -89.24 -9.78
CA TYR WA 117 -1.30 -87.98 -9.37
C TYR WA 117 -0.98 -86.84 -10.33
N ILE WA 118 0.22 -86.79 -10.90
CA ILE WA 118 0.64 -85.62 -11.68
C ILE WA 118 0.12 -85.84 -13.09
N ASP WA 119 -1.16 -85.54 -13.26
CA ASP WA 119 -1.75 -85.24 -14.54
C ASP WA 119 -2.66 -84.04 -14.42
N SER WA 120 -2.75 -83.45 -13.23
CA SER WA 120 -3.52 -82.24 -12.98
C SER WA 120 -2.66 -80.99 -13.06
N LEU WA 121 -1.34 -81.14 -13.17
CA LEU WA 121 -0.45 -80.02 -13.41
C LEU WA 121 -0.46 -79.74 -14.91
N LYS WA 122 -0.55 -78.46 -15.28
CA LYS WA 122 -0.58 -78.04 -16.68
C LYS WA 122 0.35 -76.86 -16.89
N SER WA 123 0.25 -76.24 -18.06
CA SER WA 123 1.14 -75.16 -18.43
C SER WA 123 0.81 -73.88 -17.67
N THR WA 124 1.80 -73.02 -17.50
CA THR WA 124 1.71 -71.84 -16.65
C THR WA 124 1.91 -70.53 -17.38
N THR WA 125 2.98 -70.41 -18.16
CA THR WA 125 3.45 -69.11 -18.62
C THR WA 125 2.59 -68.56 -19.74
N THR WA 126 2.20 -67.30 -19.61
CA THR WA 126 1.49 -66.57 -20.65
C THR WA 126 2.26 -65.30 -20.96
N ASN WA 127 1.74 -64.51 -21.89
CA ASN WA 127 2.33 -63.24 -22.26
C ASN WA 127 1.51 -62.11 -21.66
N TYR WA 128 2.20 -61.04 -21.25
CA TYR WA 128 1.52 -59.94 -20.57
C TYR WA 128 1.87 -58.59 -21.18
N ILE WA 129 2.30 -58.55 -22.44
CA ILE WA 129 2.53 -57.29 -23.11
C ILE WA 129 1.85 -57.34 -24.48
N ILE WA 130 0.85 -56.49 -24.68
CA ILE WA 130 0.14 -56.40 -25.94
C ILE WA 130 0.72 -55.24 -26.75
N PHE WA 131 0.57 -55.29 -28.07
CA PHE WA 131 1.24 -54.34 -28.93
C PHE WA 131 0.55 -52.98 -28.94
N ASN WA 132 -0.71 -52.94 -29.41
CA ASN WA 132 -1.58 -51.75 -29.34
C ASN WA 132 -0.99 -50.53 -30.05
N MET WA 133 -0.95 -50.56 -31.38
CA MET WA 133 -0.29 -49.51 -32.18
C MET WA 133 -0.87 -48.11 -31.92
N GLN WA 134 -2.13 -48.00 -31.52
CA GLN WA 134 -2.70 -46.72 -31.16
C GLN WA 134 -2.11 -46.19 -29.86
N ARG XA 4 -26.11 33.06 58.27
CA ARG XA 4 -24.81 33.50 57.75
C ARG XA 4 -24.00 34.23 58.82
N ARG XA 5 -22.69 34.26 58.63
CA ARG XA 5 -21.79 34.95 59.54
C ARG XA 5 -21.78 36.43 59.24
N THR XA 6 -20.80 37.13 59.80
CA THR XA 6 -20.41 38.44 59.30
C THR XA 6 -19.01 38.41 58.73
N GLY XA 7 -18.02 38.01 59.53
CA GLY XA 7 -16.62 38.14 59.19
C GLY XA 7 -16.17 37.37 57.96
N ILE XA 8 -15.95 38.13 56.88
CA ILE XA 8 -15.66 37.56 55.57
C ILE XA 8 -14.52 38.37 54.97
N THR XA 9 -13.68 37.70 54.18
CA THR XA 9 -12.46 38.32 53.70
C THR XA 9 -12.77 39.30 52.58
N THR XA 10 -11.77 40.08 52.19
CA THR XA 10 -11.91 41.03 51.10
C THR XA 10 -12.04 40.32 49.76
N GLU XA 11 -11.37 39.17 49.60
CA GLU XA 11 -11.40 38.48 48.32
C GLU XA 11 -12.73 37.81 48.04
N ASP XA 12 -13.47 37.38 49.07
CA ASP XA 12 -14.71 36.64 48.85
C ASP XA 12 -15.80 37.55 48.31
N ALA XA 13 -15.88 38.77 48.82
CA ALA XA 13 -16.90 39.72 48.37
C ALA XA 13 -16.63 40.17 46.94
N ILE XA 14 -15.36 40.42 46.62
CA ILE XA 14 -14.98 40.80 45.26
C ILE XA 14 -15.20 39.64 44.30
N THR XA 15 -14.98 38.40 44.78
CA THR XA 15 -15.22 37.22 43.96
C THR XA 15 -16.70 37.04 43.66
N LYS XA 16 -17.56 37.35 44.64
CA LYS XA 16 -19.01 37.32 44.39
C LYS XA 16 -19.44 38.37 43.38
N TYR XA 17 -18.98 39.61 43.58
CA TYR XA 17 -19.45 40.71 42.73
C TYR XA 17 -18.92 40.58 41.31
N SER XA 18 -17.77 39.94 41.14
CA SER XA 18 -17.20 39.80 39.81
C SER XA 18 -17.84 38.66 39.04
N VAL XA 19 -18.20 37.58 39.74
CA VAL XA 19 -18.73 36.43 39.04
C VAL XA 19 -20.24 36.54 38.85
N LYS XA 20 -20.91 37.40 39.59
CA LYS XA 20 -22.36 37.50 39.39
C LYS XA 20 -22.79 38.47 38.31
N ALA XA 21 -21.90 38.90 37.42
CA ALA XA 21 -22.22 40.01 36.52
C ALA XA 21 -23.31 39.65 35.52
N LYS XA 22 -23.23 38.44 34.96
CA LYS XA 22 -24.22 38.01 33.96
C LYS XA 22 -25.60 37.86 34.59
N THR XA 23 -25.69 37.25 35.76
CA THR XA 23 -26.99 37.06 36.39
C THR XA 23 -27.55 38.37 36.92
N GLU XA 24 -26.71 39.29 37.39
CA GLU XA 24 -27.27 40.51 37.92
C GLU XA 24 -27.73 41.43 36.79
N GLN XA 25 -27.11 41.36 35.62
CA GLN XA 25 -27.62 42.19 34.54
C GLN XA 25 -28.87 41.56 33.89
N THR XA 26 -28.95 40.22 33.85
CA THR XA 26 -30.18 39.63 33.32
C THR XA 26 -31.29 39.63 34.36
N ALA XA 27 -30.99 40.00 35.60
CA ALA XA 27 -32.06 40.28 36.56
C ALA XA 27 -32.49 41.73 36.50
N TYR XA 28 -31.58 42.65 36.18
CA TYR XA 28 -31.98 44.04 35.98
C TYR XA 28 -32.87 44.19 34.75
N LYS XA 29 -32.67 43.34 33.74
CA LYS XA 29 -33.50 43.39 32.55
C LYS XA 29 -34.96 43.03 32.85
N ASN XA 30 -35.21 42.23 33.90
CA ASN XA 30 -36.58 41.98 34.32
C ASN XA 30 -37.05 43.01 35.34
N ALA XA 31 -36.10 43.60 36.08
CA ALA XA 31 -36.46 44.63 37.02
C ALA XA 31 -36.92 45.91 36.32
N THR XA 32 -36.61 46.07 35.03
CA THR XA 32 -37.23 47.17 34.27
C THR XA 32 -38.75 47.01 34.17
N LYS XA 33 -39.21 45.80 33.80
CA LYS XA 33 -40.63 45.46 33.77
C LYS XA 33 -41.28 45.68 35.12
N ASP XA 34 -40.56 45.35 36.19
CA ASP XA 34 -41.13 45.60 37.51
C ASP XA 34 -41.13 47.09 37.87
N MET XA 35 -40.14 47.85 37.38
CA MET XA 35 -40.06 49.26 37.73
C MET XA 35 -41.12 50.12 37.08
N VAL XA 36 -41.68 49.68 35.94
CA VAL XA 36 -42.65 50.51 35.21
C VAL XA 36 -43.86 50.86 36.07
N VAL XA 37 -44.45 49.87 36.74
CA VAL XA 37 -45.67 50.15 37.51
C VAL XA 37 -45.32 50.70 38.89
N GLN XA 38 -44.15 50.36 39.42
CA GLN XA 38 -43.77 50.82 40.75
C GLN XA 38 -43.15 52.20 40.75
N ALA XA 39 -42.87 52.77 39.57
CA ALA XA 39 -42.11 54.01 39.54
C ALA XA 39 -42.95 55.25 39.84
N GLN XA 40 -44.26 55.08 40.00
CA GLN XA 40 -45.11 56.24 40.25
C GLN XA 40 -45.14 56.63 41.73
N ASN XA 41 -44.39 55.90 42.57
CA ASN XA 41 -44.13 56.41 43.91
C ASN XA 41 -43.27 57.66 43.87
N ILE XA 42 -42.48 57.85 42.80
CA ILE XA 42 -41.78 59.11 42.56
C ILE XA 42 -42.78 60.25 42.40
N MET XA 43 -43.82 60.01 41.59
CA MET XA 43 -44.85 61.01 41.34
C MET XA 43 -45.63 61.34 42.61
N ASN XA 44 -46.00 60.31 43.38
CA ASN XA 44 -46.71 60.53 44.64
C ASN XA 44 -45.83 61.28 45.64
N PHE XA 45 -44.55 60.93 45.72
CA PHE XA 45 -43.63 61.56 46.65
C PHE XA 45 -43.44 63.03 46.35
N TYR XA 46 -43.13 63.39 45.09
CA TYR XA 46 -42.89 64.79 44.81
C TYR XA 46 -44.17 65.59 44.78
N SER XA 47 -45.31 64.95 44.51
CA SER XA 47 -46.59 65.65 44.64
C SER XA 47 -46.85 66.04 46.09
N VAL XA 48 -46.76 65.07 47.00
CA VAL XA 48 -47.10 65.37 48.39
C VAL XA 48 -46.00 66.17 49.08
N VAL XA 49 -44.79 66.26 48.52
CA VAL XA 49 -43.79 67.12 49.13
C VAL XA 49 -43.87 68.54 48.59
N ASN XA 50 -43.98 68.72 47.27
CA ASN XA 50 -44.08 70.05 46.70
C ASN XA 50 -45.35 70.78 47.09
N GLN XA 51 -46.47 70.04 47.21
CA GLN XA 51 -47.74 70.67 47.58
C GLN XA 51 -47.71 71.24 49.00
N ALA XA 52 -46.79 70.76 49.85
CA ALA XA 52 -46.68 71.32 51.19
C ALA XA 52 -45.48 72.24 51.35
N LEU XA 53 -44.47 72.16 50.48
CA LEU XA 53 -43.29 72.99 50.68
C LEU XA 53 -43.19 74.20 49.76
N ILE XA 54 -43.76 74.14 48.56
CA ILE XA 54 -43.69 75.29 47.65
C ILE XA 54 -44.35 76.54 48.21
N PRO XA 55 -45.54 76.50 48.85
CA PRO XA 55 -46.02 77.74 49.48
C PRO XA 55 -45.19 78.20 50.67
N TRP XA 56 -44.66 77.29 51.51
CA TRP XA 56 -43.90 77.73 52.67
C TRP XA 56 -42.58 78.38 52.27
N LEU XA 57 -41.78 77.66 51.47
CA LEU XA 57 -40.51 78.21 50.98
C LEU XA 57 -40.74 79.43 50.13
N ASN XA 58 -41.82 79.44 49.36
CA ASN XA 58 -42.07 80.49 48.40
C ASN XA 58 -42.55 81.77 49.06
N ALA XA 59 -43.25 81.66 50.19
CA ALA XA 59 -43.80 82.83 50.86
C ALA XA 59 -43.10 83.19 52.15
N HIS XA 60 -42.15 82.39 52.61
CA HIS XA 60 -41.44 82.75 53.82
C HIS XA 60 -40.14 83.47 53.51
N GLY XA 61 -39.70 83.45 52.26
CA GLY XA 61 -38.66 84.33 51.80
C GLY XA 61 -37.33 83.69 51.49
N VAL XA 62 -37.25 82.36 51.49
CA VAL XA 62 -35.96 81.71 51.27
C VAL XA 62 -35.63 81.71 49.79
N GLY XA 63 -34.34 81.64 49.50
CA GLY XA 63 -33.83 81.92 48.18
C GLY XA 63 -34.02 80.79 47.19
N GLY XA 64 -33.10 80.73 46.23
CA GLY XA 64 -33.17 79.71 45.22
C GLY XA 64 -32.45 78.44 45.63
N ASN XA 65 -31.19 78.59 45.99
CA ASN XA 65 -30.31 77.43 46.12
C ASN XA 65 -30.30 76.84 47.53
N LEU XA 66 -30.91 77.50 48.51
CA LEU XA 66 -31.09 76.96 49.86
C LEU XA 66 -32.32 76.09 49.98
N ARG XA 67 -33.22 76.18 48.98
CA ARG XA 67 -34.40 75.33 48.96
C ARG XA 67 -34.05 73.86 49.00
N ILE XA 68 -32.91 73.47 48.40
CA ILE XA 68 -32.42 72.10 48.45
C ILE XA 68 -32.04 71.66 49.84
N LEU XA 69 -31.40 72.53 50.62
CA LEU XA 69 -31.04 72.17 51.99
C LEU XA 69 -32.29 71.96 52.83
N TYR XA 70 -33.30 72.80 52.59
CA TYR XA 70 -34.60 72.55 53.21
C TYR XA 70 -35.25 71.26 52.70
N ARG XA 71 -35.02 70.91 51.43
CA ARG XA 71 -35.51 69.63 50.91
C ARG XA 71 -34.77 68.47 51.56
N GLN XA 72 -33.49 68.65 51.90
CA GLN XA 72 -32.74 67.59 52.59
C GLN XA 72 -33.39 67.29 53.92
N LEU XA 73 -33.75 68.34 54.66
CA LEU XA 73 -34.45 68.17 55.93
C LEU XA 73 -35.81 67.51 55.75
N ALA XA 74 -36.62 68.02 54.82
CA ALA XA 74 -37.98 67.49 54.65
C ALA XA 74 -37.98 66.08 54.10
N ASN XA 75 -37.05 65.78 53.20
CA ASN XA 75 -36.98 64.46 52.60
C ASN XA 75 -36.52 63.41 53.59
N GLU XA 76 -35.58 63.76 54.47
CA GLU XA 76 -35.18 62.81 55.51
C GLU XA 76 -36.33 62.57 56.49
N TYR XA 77 -37.12 63.61 56.78
CA TYR XA 77 -38.29 63.41 57.64
C TYR XA 77 -39.33 62.52 56.98
N VAL XA 78 -39.53 62.65 55.67
CA VAL XA 78 -40.51 61.81 54.99
C VAL XA 78 -40.02 60.37 54.88
N LYS XA 79 -38.71 60.16 54.80
CA LYS XA 79 -38.18 58.79 54.84
C LYS XA 79 -38.45 58.13 56.19
N VAL XA 80 -38.18 58.86 57.28
CA VAL XA 80 -38.47 58.36 58.62
C VAL XA 80 -39.96 58.08 58.79
N LEU XA 81 -40.81 58.89 58.15
CA LEU XA 81 -42.26 58.63 58.18
C LEU XA 81 -42.63 57.34 57.46
N ASN XA 82 -42.30 57.22 56.18
CA ASN XA 82 -42.78 56.08 55.42
C ASN XA 82 -41.95 54.82 55.61
N THR XA 83 -41.03 54.80 56.58
CA THR XA 83 -40.66 53.52 57.17
C THR XA 83 -41.52 53.14 58.37
N LYS XA 84 -42.76 53.65 58.44
CA LYS XA 84 -43.76 53.36 59.47
C LYS XA 84 -43.30 53.69 60.88
N GLN XA 85 -43.03 54.96 61.17
CA GLN XA 85 -42.59 55.39 62.50
C GLN XA 85 -43.39 56.62 62.91
N SER XA 86 -44.24 56.47 63.92
CA SER XA 86 -45.17 57.50 64.34
C SER XA 86 -44.53 58.40 65.40
N GLY XA 87 -45.37 59.16 66.09
CA GLY XA 87 -44.97 60.37 66.81
C GLY XA 87 -44.04 60.16 67.98
N GLU XA 88 -44.02 58.98 68.59
CA GLU XA 88 -43.18 58.77 69.77
C GLU XA 88 -41.69 58.73 69.43
N VAL XA 89 -41.34 58.51 68.16
CA VAL XA 89 -39.96 58.66 67.74
C VAL XA 89 -39.75 60.01 67.06
N ILE XA 90 -40.81 60.54 66.46
CA ILE XA 90 -40.75 61.83 65.77
C ILE XA 90 -40.47 62.97 66.74
N LYS XA 91 -41.00 62.90 67.96
CA LYS XA 91 -40.75 63.93 68.96
C LYS XA 91 -39.29 64.01 69.42
N ARG XA 92 -38.46 63.06 69.02
CA ARG XA 92 -37.02 63.03 69.27
C ARG XA 92 -36.22 63.31 68.01
N LEU XA 93 -36.66 62.75 66.88
CA LEU XA 93 -35.93 62.98 65.65
C LEU XA 93 -36.13 64.40 65.11
N LYS XA 94 -37.18 65.11 65.53
CA LYS XA 94 -37.32 66.50 65.14
C LYS XA 94 -36.22 67.37 65.74
N ILE XA 95 -35.92 67.20 67.02
CA ILE XA 95 -34.86 68.01 67.61
C ILE XA 95 -33.48 67.51 67.17
N ALA XA 96 -33.35 66.22 66.84
CA ALA XA 96 -32.10 65.72 66.27
C ALA XA 96 -31.82 66.37 64.91
N LEU XA 97 -32.82 66.39 64.03
CA LEU XA 97 -32.66 67.03 62.72
C LEU XA 97 -32.51 68.53 62.85
N ARG XA 98 -33.12 69.14 63.87
CA ARG XA 98 -32.96 70.57 64.09
C ARG XA 98 -31.52 70.90 64.43
N HIS XA 99 -30.89 70.12 65.30
CA HIS XA 99 -29.49 70.36 65.62
C HIS XA 99 -28.58 70.04 64.44
N LYS XA 100 -28.92 69.00 63.66
CA LYS XA 100 -28.05 68.64 62.54
C LYS XA 100 -28.07 69.70 61.44
N TYR XA 101 -29.24 70.18 61.06
CA TYR XA 101 -29.27 71.21 60.03
C TYR XA 101 -29.06 72.61 60.57
N TRP XA 102 -29.05 72.81 61.89
CA TRP XA 102 -28.46 74.03 62.41
C TRP XA 102 -26.96 73.99 62.27
N LEU XA 103 -26.37 72.81 62.47
CA LEU XA 103 -24.93 72.65 62.39
C LEU XA 103 -24.38 72.85 60.99
N ARG XA 104 -25.22 72.71 59.95
CA ARG XA 104 -24.79 72.92 58.58
C ARG XA 104 -25.07 74.34 58.10
N GLY XA 105 -25.33 75.27 59.02
CA GLY XA 105 -25.29 76.68 58.72
C GLY XA 105 -26.62 77.37 58.56
N LEU XA 106 -27.73 76.73 58.91
CA LEU XA 106 -28.99 77.43 58.83
C LEU XA 106 -29.18 78.38 60.01
N ASP XA 107 -30.32 79.06 60.02
CA ASP XA 107 -30.68 80.00 61.07
C ASP XA 107 -31.84 79.43 61.87
N GLU XA 108 -31.76 79.57 63.20
CA GLU XA 108 -32.76 78.93 64.05
C GLU XA 108 -34.10 79.66 64.03
N ALA XA 109 -34.12 80.94 63.63
CA ALA XA 109 -35.37 81.66 63.48
C ALA XA 109 -36.19 81.13 62.30
N MET XA 110 -35.54 80.47 61.34
CA MET XA 110 -36.25 79.67 60.35
C MET XA 110 -36.60 78.29 60.87
N LEU XA 111 -35.71 77.72 61.70
CA LEU XA 111 -35.86 76.31 62.07
C LEU XA 111 -36.98 76.05 63.05
N ASP XA 112 -37.22 76.96 63.99
CA ASP XA 112 -38.33 76.73 64.92
C ASP XA 112 -39.67 76.74 64.18
N GLU XA 113 -39.84 77.67 63.24
CA GLU XA 113 -41.08 77.72 62.46
C GLU XA 113 -41.16 76.56 61.48
N PHE XA 114 -40.02 76.09 60.97
CA PHE XA 114 -40.08 75.00 60.01
C PHE XA 114 -40.35 73.68 60.71
N MET XA 115 -39.79 73.48 61.91
CA MET XA 115 -40.09 72.26 62.68
C MET XA 115 -41.51 72.27 63.20
N ASP XA 116 -42.06 73.46 63.48
CA ASP XA 116 -43.49 73.52 63.76
C ASP XA 116 -44.31 73.27 62.49
N TYR XA 117 -43.73 73.52 61.32
CA TYR XA 117 -44.48 73.35 60.08
C TYR XA 117 -44.56 71.89 59.65
N ILE XA 118 -43.49 71.12 59.84
CA ILE XA 118 -43.45 69.75 59.27
C ILE XA 118 -44.16 68.83 60.26
N ASP XA 119 -45.48 68.87 60.19
CA ASP XA 119 -46.31 67.80 60.70
C ASP XA 119 -47.42 67.50 59.70
N SER XA 120 -47.41 68.18 58.56
CA SER XA 120 -48.34 67.94 57.47
C SER XA 120 -47.76 67.02 56.41
N LEU XA 121 -46.49 66.69 56.50
CA LEU XA 121 -45.87 65.68 55.65
C LEU XA 121 -46.19 64.32 56.23
N LYS XA 122 -46.58 63.37 55.39
CA LYS XA 122 -46.93 62.01 55.82
C LYS XA 122 -46.30 61.00 54.88
N SER XA 123 -46.72 59.74 55.02
CA SER XA 123 -46.11 58.65 54.25
C SER XA 123 -46.57 58.69 52.80
N THR XA 124 -45.73 58.14 51.92
CA THR XA 124 -45.92 58.24 50.48
C THR XA 124 -46.09 56.90 49.79
N THR XA 125 -45.21 55.95 50.04
CA THR XA 125 -45.09 54.78 49.18
C THR XA 125 -46.22 53.79 49.40
N THR XA 126 -46.80 53.33 48.30
CA THR XA 126 -47.81 52.28 48.33
C THR XA 126 -47.37 51.17 47.39
N ASN XA 127 -48.18 50.13 47.28
CA ASN XA 127 -47.92 49.01 46.39
C ASN XA 127 -48.82 49.12 45.17
N TYR XA 128 -48.30 48.73 44.00
CA TYR XA 128 -49.05 48.87 42.77
C TYR XA 128 -49.08 47.60 41.95
N ILE XA 129 -48.88 46.44 42.58
CA ILE XA 129 -49.01 45.16 41.89
C ILE XA 129 -49.89 44.25 42.74
N ILE XA 130 -51.06 43.89 42.23
CA ILE XA 130 -51.97 42.97 42.89
C ILE XA 130 -51.77 41.57 42.32
N PHE XA 131 -52.12 40.57 43.12
CA PHE XA 131 -51.80 39.19 42.75
C PHE XA 131 -52.73 38.64 41.68
N ASN XA 132 -54.04 38.54 41.98
CA ASN XA 132 -55.10 38.20 41.02
C ASN XA 132 -54.88 36.85 40.35
N MET XA 133 -55.06 35.76 41.11
CA MET XA 133 -54.76 34.40 40.64
C MET XA 133 -55.54 34.02 39.36
N GLN XA 134 -56.71 34.60 39.15
CA GLN XA 134 -57.46 34.36 37.92
C GLN XA 134 -56.77 35.01 36.72
N ARG YA 4 32.03 -56.13 -63.01
CA ARG YA 4 33.16 -56.47 -62.16
C ARG YA 4 33.72 -57.85 -62.50
N ARG YA 5 34.98 -58.07 -62.15
CA ARG YA 5 35.63 -59.34 -62.37
C ARG YA 5 35.24 -60.33 -61.28
N THR YA 6 35.98 -61.44 -61.21
CA THR YA 6 36.01 -62.26 -60.01
C THR YA 6 37.38 -62.22 -59.37
N GLY YA 7 38.42 -62.62 -60.11
CA GLY YA 7 39.75 -62.84 -59.57
C GLY YA 7 40.42 -61.64 -58.93
N ILE YA 8 40.45 -61.64 -57.60
CA ILE YA 8 40.94 -60.51 -56.84
C ILE YA 8 41.82 -61.06 -55.73
N THR YA 9 42.82 -60.28 -55.35
CA THR YA 9 43.86 -60.76 -54.45
C THR YA 9 43.32 -60.79 -53.02
N THR YA 10 44.08 -61.42 -52.13
CA THR YA 10 43.73 -61.48 -50.72
C THR YA 10 43.83 -60.11 -50.04
N GLU YA 11 44.78 -59.29 -50.48
CA GLU YA 11 44.99 -57.99 -49.85
C GLU YA 11 43.89 -57.00 -50.18
N ASP YA 12 43.28 -57.10 -51.36
CA ASP YA 12 42.29 -56.10 -51.77
C ASP YA 12 40.99 -56.23 -50.97
N ALA YA 13 40.57 -57.46 -50.70
CA ALA YA 13 39.35 -57.69 -49.93
C ALA YA 13 39.53 -57.27 -48.48
N ILE YA 14 40.69 -57.58 -47.90
CA ILE YA 14 41.00 -57.18 -46.53
C ILE YA 14 41.12 -55.66 -46.45
N THR YA 15 41.66 -55.03 -47.49
CA THR YA 15 41.77 -53.58 -47.54
C THR YA 15 40.40 -52.91 -47.61
N LYS YA 16 39.46 -53.52 -48.35
CA LYS YA 16 38.09 -53.01 -48.36
C LYS YA 16 37.42 -53.13 -47.00
N TYR YA 17 37.52 -54.31 -46.39
CA TYR YA 17 36.79 -54.57 -45.14
C TYR YA 17 37.38 -53.77 -43.99
N SER YA 18 38.67 -53.44 -44.06
CA SER YA 18 39.29 -52.70 -42.97
C SER YA 18 38.99 -51.20 -43.09
N VAL YA 19 38.92 -50.69 -44.32
CA VAL YA 19 38.75 -49.26 -44.49
C VAL YA 19 37.28 -48.87 -44.47
N LYS YA 20 36.37 -49.82 -44.67
CA LYS YA 20 34.96 -49.44 -44.65
C LYS YA 20 34.32 -49.46 -43.28
N ALA YA 21 35.08 -49.48 -42.19
CA ALA YA 21 34.50 -49.74 -40.87
C ALA YA 21 33.57 -48.63 -40.42
N LYS YA 22 33.99 -47.38 -40.63
CA LYS YA 22 33.19 -46.22 -40.21
C LYS YA 22 31.88 -46.15 -40.98
N THR YA 23 31.94 -46.34 -42.31
CA THR YA 23 30.72 -46.26 -43.10
C THR YA 23 29.80 -47.44 -42.86
N GLU YA 24 30.35 -48.62 -42.59
CA GLU YA 24 29.46 -49.76 -42.41
C GLU YA 24 28.79 -49.71 -41.04
N GLN YA 25 29.45 -49.12 -40.04
CA GLN YA 25 28.76 -49.00 -38.77
C GLN YA 25 27.75 -47.85 -38.77
N THR YA 26 28.04 -46.76 -39.50
CA THR YA 26 27.04 -45.70 -39.58
C THR YA 26 25.93 -46.05 -40.57
N ALA YA 27 26.09 -47.13 -41.33
CA ALA YA 27 24.96 -47.65 -42.09
C ALA YA 27 24.14 -48.65 -41.28
N TYR YA 28 24.78 -49.39 -40.37
CA TYR YA 28 24.02 -50.25 -39.47
C TYR YA 28 23.16 -49.43 -38.51
N LYS YA 29 23.62 -48.24 -38.16
CA LYS YA 29 22.84 -47.39 -37.27
C LYS YA 29 21.52 -46.94 -37.92
N ASN YA 30 21.47 -46.87 -39.25
CA ASN YA 30 20.20 -46.60 -39.93
C ASN YA 30 19.44 -47.89 -40.24
N ALA YA 31 20.18 -48.99 -40.37
CA ALA YA 31 19.53 -50.27 -40.59
C ALA YA 31 18.75 -50.74 -39.36
N THR YA 32 19.05 -50.19 -38.18
CA THR YA 32 18.18 -50.44 -37.02
C THR YA 32 16.76 -49.90 -37.25
N LYS YA 33 16.66 -48.64 -37.69
CA LYS YA 33 15.38 -48.03 -38.05
C LYS YA 33 14.66 -48.84 -39.11
N ASP YA 34 15.41 -49.37 -40.07
CA ASP YA 34 14.76 -50.20 -41.08
C ASP YA 34 14.35 -51.56 -40.53
N MET YA 35 15.10 -52.10 -39.57
CA MET YA 35 14.80 -53.43 -39.02
C MET YA 35 13.55 -53.46 -38.16
N VAL YA 36 13.17 -52.32 -37.56
CA VAL YA 36 12.03 -52.31 -36.63
C VAL YA 36 10.75 -52.80 -37.30
N VAL YA 37 10.43 -52.29 -38.48
CA VAL YA 37 9.17 -52.66 -39.11
C VAL YA 37 9.31 -53.98 -39.86
N GLN YA 38 10.51 -54.30 -40.34
CA GLN YA 38 10.71 -55.52 -41.11
C GLN YA 38 10.93 -56.74 -40.22
N ALA YA 39 11.08 -56.57 -38.91
CA ALA YA 39 11.47 -57.69 -38.07
C ALA YA 39 10.32 -58.62 -37.74
N GLN YA 40 9.10 -58.28 -38.14
CA GLN YA 40 7.96 -59.13 -37.80
C GLN YA 40 7.79 -60.27 -38.78
N ASN YA 41 8.67 -60.38 -39.77
CA ASN YA 41 8.76 -61.62 -40.54
C ASN YA 41 9.24 -62.77 -39.67
N ILE YA 42 9.99 -62.48 -38.60
CA ILE YA 42 10.32 -63.48 -37.59
C ILE YA 42 9.05 -64.04 -36.94
N MET YA 43 8.14 -63.14 -36.56
CA MET YA 43 6.89 -63.52 -35.93
C MET YA 43 6.02 -64.34 -36.88
N ASN YA 44 5.91 -63.89 -38.15
CA ASN YA 44 5.15 -64.64 -39.14
C ASN YA 44 5.74 -66.02 -39.41
N PHE YA 45 7.07 -66.09 -39.49
CA PHE YA 45 7.76 -67.34 -39.76
C PHE YA 45 7.55 -68.36 -38.65
N TYR YA 46 7.80 -67.96 -37.41
CA TYR YA 46 7.66 -68.95 -36.33
C TYR YA 46 6.20 -69.25 -36.04
N SER YA 47 5.28 -68.33 -36.33
CA SER YA 47 3.87 -68.64 -36.21
C SER YA 47 3.46 -69.73 -37.20
N VAL YA 48 3.79 -69.54 -38.48
CA VAL YA 48 3.34 -70.50 -39.49
C VAL YA 48 4.17 -71.78 -39.44
N VAL YA 49 5.31 -71.80 -38.78
CA VAL YA 49 6.03 -73.08 -38.65
C VAL YA 49 5.58 -73.84 -37.40
N ASN YA 50 5.46 -73.18 -36.24
CA ASN YA 50 5.03 -73.86 -35.03
C ASN YA 50 3.60 -74.35 -35.12
N GLN YA 51 2.72 -73.59 -35.79
CA GLN YA 51 1.31 -73.99 -35.91
C GLN YA 51 1.14 -75.27 -36.73
N ALA YA 52 2.13 -75.61 -37.55
CA ALA YA 52 2.04 -76.85 -38.31
C ALA YA 52 2.95 -77.95 -37.77
N LEU YA 53 3.97 -77.61 -36.97
CA LEU YA 53 4.87 -78.65 -36.49
C LEU YA 53 4.67 -79.07 -35.05
N ILE YA 54 4.17 -78.20 -34.17
CA ILE YA 54 3.95 -78.58 -32.77
C ILE YA 54 2.96 -79.72 -32.61
N PRO YA 55 1.81 -79.78 -33.32
CA PRO YA 55 0.99 -81.00 -33.20
C PRO YA 55 1.64 -82.25 -33.78
N TRP YA 56 2.36 -82.15 -34.90
CA TRP YA 56 2.95 -83.35 -35.50
C TRP YA 56 4.05 -83.93 -34.62
N LEU YA 57 5.04 -83.10 -34.27
CA LEU YA 57 6.12 -83.53 -33.39
C LEU YA 57 5.59 -83.93 -32.03
N ASN YA 58 4.58 -83.24 -31.56
CA ASN YA 58 4.08 -83.43 -30.22
C ASN YA 58 3.25 -84.70 -30.09
N ALA YA 59 2.57 -85.11 -31.17
CA ALA YA 59 1.70 -86.28 -31.12
C ALA YA 59 2.24 -87.47 -31.87
N HIS YA 60 3.36 -87.34 -32.57
CA HIS YA 60 3.91 -88.50 -33.24
C HIS YA 60 4.98 -89.20 -32.40
N GLY YA 61 5.44 -88.54 -31.35
CA GLY YA 61 6.22 -89.20 -30.32
C GLY YA 61 7.69 -88.85 -30.26
N VAL YA 62 8.12 -87.83 -31.00
CA VAL YA 62 9.54 -87.51 -31.02
C VAL YA 62 9.90 -86.71 -29.77
N GLY YA 63 11.17 -86.79 -29.40
CA GLY YA 63 11.62 -86.36 -28.09
C GLY YA 63 11.78 -84.87 -27.97
N GLY YA 64 12.71 -84.48 -27.10
CA GLY YA 64 12.93 -83.08 -26.87
C GLY YA 64 13.97 -82.50 -27.81
N ASN YA 65 15.14 -83.12 -27.86
CA ASN YA 65 16.29 -82.51 -28.50
C ASN YA 65 16.43 -82.87 -29.98
N LEU YA 66 15.62 -83.82 -30.48
CA LEU YA 66 15.56 -84.14 -31.90
C LEU YA 66 14.60 -83.25 -32.66
N ARG YA 67 13.75 -82.51 -31.93
CA ARG YA 67 12.85 -81.57 -32.55
C ARG YA 67 13.58 -80.53 -33.38
N ILE YA 68 14.79 -80.15 -32.96
CA ILE YA 68 15.64 -79.23 -33.70
C ILE YA 68 16.08 -79.79 -35.03
N LEU YA 69 16.44 -81.07 -35.09
CA LEU YA 69 16.85 -81.67 -36.35
C LEU YA 69 15.68 -81.70 -37.33
N TYR YA 70 14.48 -81.97 -36.79
CA TYR YA 70 13.28 -81.84 -37.61
C TYR YA 70 13.02 -80.39 -38.01
N ARG YA 71 13.37 -79.43 -37.15
CA ARG YA 71 13.27 -78.03 -37.53
C ARG YA 71 14.28 -77.67 -38.61
N GLN YA 72 15.45 -78.30 -38.61
CA GLN YA 72 16.43 -78.07 -39.68
C GLN YA 72 15.85 -78.45 -41.02
N LEU YA 73 15.21 -79.62 -41.07
CA LEU YA 73 14.54 -80.06 -42.29
C LEU YA 73 13.41 -79.12 -42.71
N ALA YA 74 12.52 -78.79 -41.77
CA ALA YA 74 11.36 -77.96 -42.12
C ALA YA 74 11.76 -76.54 -42.48
N ASN YA 75 12.77 -75.99 -41.80
CA ASN YA 75 13.20 -74.63 -42.04
C ASN YA 75 13.91 -74.50 -43.38
N GLU YA 76 14.69 -75.52 -43.77
CA GLU YA 76 15.30 -75.47 -45.09
C GLU YA 76 14.24 -75.60 -46.19
N TYR YA 77 13.19 -76.38 -45.93
CA TYR YA 77 12.10 -76.46 -46.90
C TYR YA 77 11.34 -75.13 -47.02
N VAL YA 78 11.16 -74.42 -45.90
CA VAL YA 78 10.46 -73.14 -45.97
C VAL YA 78 11.32 -72.07 -46.63
N LYS YA 79 12.65 -72.18 -46.51
CA LYS YA 79 13.53 -71.26 -47.25
C LYS YA 79 13.41 -71.48 -48.76
N VAL YA 80 13.44 -72.74 -49.18
CA VAL YA 80 13.25 -73.07 -50.59
C VAL YA 80 11.89 -72.59 -51.10
N LEU YA 81 10.86 -72.64 -50.24
CA LEU YA 81 9.55 -72.12 -50.60
C LEU YA 81 9.56 -70.61 -50.81
N ASN YA 82 9.95 -69.85 -49.78
CA ASN YA 82 9.82 -68.40 -49.88
C ASN YA 82 10.95 -67.74 -50.65
N THR YA 83 11.81 -68.50 -51.31
CA THR YA 83 12.50 -67.93 -52.47
C THR YA 83 11.74 -68.13 -53.77
N LYS YA 84 10.41 -68.28 -53.71
CA LYS YA 84 9.50 -68.43 -54.85
C LYS YA 84 9.81 -69.61 -55.74
N GLN YA 85 9.71 -70.83 -55.22
CA GLN YA 85 9.98 -72.04 -56.00
C GLN YA 85 8.88 -73.05 -55.74
N SER YA 86 8.07 -73.32 -56.75
CA SER YA 86 6.88 -74.15 -56.64
C SER YA 86 7.22 -75.62 -56.90
N GLY YA 87 6.18 -76.41 -57.14
CA GLY YA 87 6.22 -77.86 -56.99
C GLY YA 87 7.14 -78.61 -57.92
N GLU YA 88 7.47 -78.05 -59.09
CA GLU YA 88 8.30 -78.78 -60.04
C GLU YA 88 9.74 -78.89 -59.60
N VAL YA 89 10.18 -78.08 -58.64
CA VAL YA 89 11.49 -78.25 -58.02
C VAL YA 89 11.33 -78.97 -56.68
N ILE YA 90 10.19 -78.79 -56.03
CA ILE YA 90 9.91 -79.38 -54.74
C ILE YA 90 9.85 -80.90 -54.83
N LYS YA 91 9.32 -81.44 -55.94
CA LYS YA 91 9.25 -82.89 -56.14
C LYS YA 91 10.62 -83.56 -56.26
N ARG YA 92 11.70 -82.79 -56.36
CA ARG YA 92 13.08 -83.25 -56.39
C ARG YA 92 13.80 -82.91 -55.09
N LEU YA 93 13.57 -81.72 -54.56
CA LEU YA 93 14.25 -81.35 -53.32
C LEU YA 93 13.70 -82.09 -52.11
N LYS YA 94 12.48 -82.64 -52.20
CA LYS YA 94 11.97 -83.46 -51.10
C LYS YA 94 12.77 -84.74 -50.95
N ILE YA 95 13.07 -85.43 -52.04
CA ILE YA 95 13.86 -86.66 -51.91
C ILE YA 95 15.33 -86.34 -51.65
N ALA YA 96 15.81 -85.18 -52.11
CA ALA YA 96 17.16 -84.75 -51.74
C ALA YA 96 17.30 -84.53 -50.24
N LEU YA 97 16.35 -83.79 -49.64
CA LEU YA 97 16.37 -83.57 -48.21
C LEU YA 97 16.11 -84.85 -47.43
N ARG YA 98 15.33 -85.77 -48.00
CA ARG YA 98 15.08 -87.04 -47.34
C ARG YA 98 16.37 -87.83 -47.23
N HIS YA 99 17.17 -87.89 -48.31
CA HIS YA 99 18.44 -88.59 -48.23
C HIS YA 99 19.43 -87.87 -47.33
N LYS YA 100 19.41 -86.53 -47.34
CA LYS YA 100 20.38 -85.80 -46.52
C LYS YA 100 20.11 -85.97 -45.03
N TYR YA 101 18.86 -85.85 -44.60
CA TYR YA 101 18.58 -86.04 -43.19
C TYR YA 101 18.39 -87.49 -42.79
N TRP YA 102 18.30 -88.42 -43.75
CA TRP YA 102 18.52 -89.81 -43.40
C TRP YA 102 19.99 -90.05 -43.10
N LEU YA 103 20.86 -89.39 -43.85
CA LEU YA 103 22.30 -89.57 -43.69
C LEU YA 103 22.81 -89.02 -42.36
N ARG YA 104 22.07 -88.12 -41.72
CA ARG YA 104 22.46 -87.58 -40.42
C ARG YA 104 21.83 -88.34 -39.26
N GLY YA 105 21.30 -89.53 -39.52
CA GLY YA 105 20.97 -90.46 -38.47
C GLY YA 105 19.49 -90.59 -38.13
N LEU YA 106 18.60 -90.04 -38.93
CA LEU YA 106 17.19 -90.24 -38.63
C LEU YA 106 16.72 -91.61 -39.08
N ASP YA 107 15.44 -91.88 -38.85
CA ASP YA 107 14.81 -93.15 -39.23
C ASP YA 107 13.83 -92.89 -40.36
N GLU YA 108 13.82 -93.79 -41.34
CA GLU YA 108 13.01 -93.56 -42.54
C GLU YA 108 11.52 -93.79 -42.28
N ALA YA 109 11.18 -94.55 -41.23
CA ALA YA 109 9.77 -94.73 -40.87
C ALA YA 109 9.17 -93.43 -40.33
N MET YA 110 9.99 -92.52 -39.84
CA MET YA 110 9.56 -91.16 -39.58
C MET YA 110 9.59 -90.31 -40.83
N LEU YA 111 10.56 -90.54 -41.72
CA LEU YA 111 10.81 -89.64 -42.83
C LEU YA 111 9.77 -89.74 -43.94
N ASP YA 112 9.26 -90.94 -44.22
CA ASP YA 112 8.22 -91.04 -45.25
C ASP YA 112 6.95 -90.30 -44.82
N GLU YA 113 6.56 -90.44 -43.56
CA GLU YA 113 5.39 -89.73 -43.06
C GLU YA 113 5.64 -88.24 -42.94
N PHE YA 114 6.88 -87.84 -42.63
CA PHE YA 114 7.16 -86.42 -42.49
C PHE YA 114 7.24 -85.73 -43.84
N MET YA 115 7.79 -86.41 -44.85
CA MET YA 115 7.81 -85.84 -46.20
C MET YA 115 6.43 -85.82 -46.82
N ASP YA 116 5.57 -86.78 -46.44
CA ASP YA 116 4.17 -86.64 -46.83
C ASP YA 116 3.49 -85.52 -46.05
N TYR YA 117 4.00 -85.17 -44.88
CA TYR YA 117 3.36 -84.14 -44.08
C TYR YA 117 3.70 -82.74 -44.58
N ILE YA 118 4.93 -82.49 -45.02
CA ILE YA 118 5.35 -81.12 -45.33
C ILE YA 118 4.89 -80.81 -46.75
N ASP YA 119 3.62 -80.48 -46.86
CA ASP YA 119 3.08 -79.76 -47.98
C ASP YA 119 2.14 -78.68 -47.50
N SER YA 120 1.99 -78.54 -46.18
CA SER YA 120 1.19 -77.51 -45.57
C SER YA 120 2.02 -76.30 -45.14
N LEU YA 121 3.34 -76.40 -45.24
CA LEU YA 121 4.23 -75.27 -45.03
C LEU YA 121 4.28 -74.47 -46.33
N LYS YA 122 4.19 -73.14 -46.23
CA LYS YA 122 4.20 -72.27 -47.40
C LYS YA 122 5.11 -71.08 -47.13
N SER YA 123 5.05 -70.08 -48.01
CA SER YA 123 5.95 -68.93 -47.93
C SER YA 123 5.54 -68.01 -46.79
N THR YA 124 6.52 -67.27 -46.27
CA THR YA 124 6.35 -66.46 -45.07
C THR YA 124 6.57 -64.97 -45.29
N THR YA 125 7.66 -64.58 -45.92
CA THR YA 125 8.12 -63.20 -45.87
C THR YA 125 7.30 -62.29 -46.77
N THR YA 126 6.89 -61.16 -46.21
CA THR YA 126 6.21 -60.12 -46.97
C THR YA 126 6.97 -58.82 -46.78
N ASN YA 127 6.46 -57.75 -47.39
CA ASN YA 127 7.05 -56.42 -47.26
C ASN YA 127 6.19 -55.58 -46.34
N TYR YA 128 6.83 -54.72 -45.55
CA TYR YA 128 6.09 -53.94 -44.56
C TYR YA 128 6.44 -52.46 -44.63
N ILE YA 129 6.93 -51.98 -45.78
CA ILE YA 129 7.16 -50.55 -45.96
C ILE YA 129 6.56 -50.14 -47.29
N ILE YA 130 5.55 -49.27 -47.22
CA ILE YA 130 4.90 -48.74 -48.41
C ILE YA 130 5.49 -47.37 -48.72
N PHE YA 131 5.39 -46.95 -49.99
CA PHE YA 131 6.08 -45.76 -50.43
C PHE YA 131 5.36 -44.48 -50.00
N ASN YA 132 4.12 -44.27 -50.48
CA ASN YA 132 3.23 -43.20 -50.03
C ASN YA 132 3.83 -41.80 -50.23
N MET YA 133 3.92 -41.36 -51.49
CA MET YA 133 4.59 -40.10 -51.83
C MET YA 133 3.99 -38.88 -51.13
N GLN YA 134 2.71 -38.93 -50.79
CA GLN YA 134 2.09 -37.85 -50.02
C GLN YA 134 2.61 -37.81 -48.58
N ARG ZA 4 -24.93 58.59 45.92
CA ARG ZA 4 -23.67 58.79 45.22
C ARG ZA 4 -22.80 59.83 45.91
N ARG ZA 5 -21.50 59.76 45.67
CA ARG ZA 5 -20.55 60.71 46.23
C ARG ZA 5 -20.56 62.00 45.42
N THR ZA 6 -19.55 62.83 45.65
CA THR ZA 6 -19.19 63.87 44.70
C THR ZA 6 -17.81 63.60 44.11
N GLY ZA 7 -16.78 63.50 44.96
CA GLY ZA 7 -15.40 63.47 44.53
C GLY ZA 7 -15.02 62.31 43.63
N ILE ZA 8 -14.85 62.62 42.35
CA ILE ZA 8 -14.62 61.61 41.32
C ILE ZA 8 -13.51 62.13 40.42
N THR ZA 9 -12.72 61.21 39.88
CA THR ZA 9 -11.51 61.59 39.16
C THR ZA 9 -11.87 62.11 37.78
N THR ZA 10 -10.90 62.69 37.09
CA THR ZA 10 -11.09 63.18 35.73
C THR ZA 10 -11.28 62.05 34.75
N GLU ZA 11 -10.62 60.90 34.98
CA GLU ZA 11 -10.72 59.79 34.06
C GLU ZA 11 -12.06 59.09 34.08
N ASP ZA 12 -12.75 59.08 35.23
CA ASP ZA 12 -14.00 58.33 35.35
C ASP ZA 12 -15.12 59.01 34.57
N ALA ZA 13 -15.17 60.34 34.61
CA ALA ZA 13 -16.21 61.07 33.89
C ALA ZA 13 -16.00 60.98 32.38
N ILE ZA 14 -14.75 61.08 31.94
CA ILE ZA 14 -14.43 60.94 30.53
C ILE ZA 14 -14.70 59.51 30.05
N THR ZA 15 -14.46 58.53 30.92
CA THR ZA 15 -14.74 57.13 30.60
C THR ZA 15 -16.23 56.90 30.46
N LYS ZA 16 -17.05 57.54 31.29
CA LYS ZA 16 -18.50 57.45 31.14
C LYS ZA 16 -18.98 58.08 29.84
N TYR ZA 17 -18.52 59.30 29.55
CA TYR ZA 17 -19.02 60.03 28.39
C TYR ZA 17 -18.56 59.39 27.09
N SER ZA 18 -17.41 58.72 27.11
CA SER ZA 18 -16.92 58.10 25.89
C SER ZA 18 -17.61 56.77 25.62
N VAL ZA 19 -17.93 56.02 26.67
CA VAL ZA 19 -18.49 54.70 26.45
C VAL ZA 19 -20.00 54.76 26.30
N LYS ZA 20 -20.64 55.84 26.71
CA LYS ZA 20 -22.10 55.90 26.56
C LYS ZA 20 -22.58 56.42 25.22
N ALA ZA 21 -21.72 56.49 24.19
CA ALA ZA 21 -22.09 57.21 22.97
C ALA ZA 21 -23.23 56.54 22.23
N LYS ZA 22 -23.19 55.21 22.12
CA LYS ZA 22 -24.21 54.47 21.40
C LYS ZA 22 -25.56 54.58 22.08
N THR ZA 23 -25.59 54.42 23.41
CA THR ZA 23 -26.86 54.50 24.12
C THR ZA 23 -27.40 55.92 24.16
N GLU ZA 24 -26.54 56.92 24.24
CA GLU ZA 24 -27.06 58.28 24.32
C GLU ZA 24 -27.59 58.74 22.96
N GLN ZA 25 -27.01 58.25 21.86
CA GLN ZA 25 -27.58 58.63 20.58
C GLN ZA 25 -28.84 57.84 20.26
N THR ZA 26 -28.94 56.58 20.69
CA THR ZA 26 -30.19 55.86 20.47
C THR ZA 26 -31.25 56.26 21.49
N ALA ZA 27 -30.89 57.04 22.52
CA ALA ZA 27 -31.91 57.67 23.34
C ALA ZA 27 -32.34 59.01 22.78
N TYR ZA 28 -31.45 59.74 22.12
CA TYR ZA 28 -31.86 60.97 21.45
C TYR ZA 28 -32.80 60.68 20.30
N LYS ZA 29 -32.65 59.51 19.65
CA LYS ZA 29 -33.54 59.16 18.55
C LYS ZA 29 -34.98 58.96 19.03
N ASN ZA 30 -35.19 58.60 20.31
CA ASN ZA 30 -36.54 58.54 20.86
C ASN ZA 30 -36.95 59.88 21.45
N ALA ZA 31 -35.97 60.67 21.89
CA ALA ZA 31 -36.28 61.98 22.41
C ALA ZA 31 -36.77 62.93 21.32
N THR ZA 32 -36.52 62.62 20.05
CA THR ZA 32 -37.17 63.37 18.98
C THR ZA 32 -38.70 63.22 19.01
N LYS ZA 33 -39.17 61.97 19.11
CA LYS ZA 33 -40.60 61.68 19.27
C LYS ZA 33 -41.18 62.37 20.47
N ASP ZA 34 -40.41 62.43 21.56
CA ASP ZA 34 -40.91 63.15 22.73
C ASP ZA 34 -40.90 64.66 22.53
N MET ZA 35 -39.93 65.18 21.76
CA MET ZA 35 -39.82 66.63 21.56
C MET ZA 35 -40.92 67.21 20.70
N VAL ZA 36 -41.53 66.40 19.83
CA VAL ZA 36 -42.53 66.93 18.90
C VAL ZA 36 -43.70 67.58 19.63
N VAL ZA 37 -44.27 66.92 20.64
CA VAL ZA 37 -45.43 67.48 21.29
C VAL ZA 37 -45.03 68.49 22.37
N GLN ZA 38 -43.83 68.33 22.94
CA GLN ZA 38 -43.38 69.23 24.00
C GLN ZA 38 -42.76 70.50 23.47
N ALA ZA 39 -42.54 70.62 22.17
CA ALA ZA 39 -41.78 71.75 21.65
C ALA ZA 39 -42.61 73.02 21.53
N GLN ZA 40 -43.91 72.95 21.79
CA GLN ZA 40 -44.73 74.14 21.65
C GLN ZA 40 -44.70 75.02 22.89
N ASN ZA 41 -43.91 74.64 23.90
CA ASN ZA 41 -43.58 75.59 24.95
C ASN ZA 41 -42.72 76.72 24.42
N ILE ZA 42 -41.98 76.50 23.33
CA ILE ZA 42 -41.30 77.58 22.62
C ILE ZA 42 -42.29 78.60 22.11
N MET ZA 43 -43.38 78.11 21.48
CA MET ZA 43 -44.41 78.97 20.95
C MET ZA 43 -45.13 79.75 22.05
N ASN ZA 44 -45.47 79.07 23.15
CA ASN ZA 44 -46.11 79.75 24.28
C ASN ZA 44 -45.19 80.80 24.90
N PHE ZA 45 -43.91 80.46 25.04
CA PHE ZA 45 -42.94 81.36 25.64
C PHE ZA 45 -42.76 82.63 24.82
N TYR ZA 46 -42.51 82.49 23.52
CA TYR ZA 46 -42.27 83.71 22.74
C TYR ZA 46 -43.56 84.47 22.48
N SER ZA 47 -44.71 83.80 22.50
CA SER ZA 47 -45.98 84.52 22.43
C SER ZA 47 -46.17 85.41 23.66
N VAL ZA 48 -46.04 84.84 24.85
CA VAL ZA 48 -46.31 85.62 26.05
C VAL ZA 48 -45.18 86.60 26.36
N VAL ZA 49 -44.00 86.44 25.76
CA VAL ZA 49 -42.97 87.45 25.97
C VAL ZA 49 -43.08 88.59 24.95
N ASN ZA 50 -43.24 88.28 23.67
CA ASN ZA 50 -43.36 89.33 22.66
C ASN ZA 50 -44.62 90.16 22.82
N GLN ZA 51 -45.72 89.55 23.25
CA GLN ZA 51 -46.98 90.28 23.43
C GLN ZA 51 -46.88 91.32 24.54
N ALA ZA 52 -45.92 91.17 25.46
CA ALA ZA 52 -45.75 92.16 26.50
C ALA ZA 52 -44.54 93.05 26.28
N LEU ZA 53 -43.58 92.65 25.45
CA LEU ZA 53 -42.38 93.48 25.29
C LEU ZA 53 -42.32 94.26 24.00
N ILE ZA 54 -42.95 93.79 22.91
CA ILE ZA 54 -42.92 94.53 21.65
C ILE ZA 54 -43.55 95.93 21.75
N PRO ZA 55 -44.71 96.14 22.42
CA PRO ZA 55 -45.16 97.53 22.59
C PRO ZA 55 -44.27 98.37 23.49
N TRP ZA 56 -43.69 97.82 24.57
CA TRP ZA 56 -42.88 98.62 25.48
C TRP ZA 56 -41.58 99.06 24.80
N LEU ZA 57 -40.83 98.09 24.28
CA LEU ZA 57 -39.59 98.39 23.57
C LEU ZA 57 -39.85 99.24 22.34
N ASN ZA 58 -40.97 98.99 21.67
CA ASN ZA 58 -41.26 99.64 20.42
C ASN ZA 58 -41.70 101.07 20.61
N ALA ZA 59 -42.35 101.39 21.72
CA ALA ZA 59 -42.87 102.73 21.94
C ALA ZA 59 -42.10 103.52 23.00
N HIS ZA 60 -41.13 102.91 23.66
CA HIS ZA 60 -40.37 103.67 24.64
C HIS ZA 60 -39.07 104.21 24.03
N GLY ZA 61 -38.70 103.73 22.85
CA GLY ZA 61 -37.68 104.36 22.05
C GLY ZA 61 -36.36 103.63 21.94
N VAL ZA 62 -36.28 102.39 22.41
CA VAL ZA 62 -35.01 101.69 22.39
C VAL ZA 62 -34.75 101.13 20.99
N GLY ZA 63 -33.48 100.95 20.68
CA GLY ZA 63 -33.04 100.74 19.32
C GLY ZA 63 -33.28 99.33 18.82
N GLY ZA 64 -32.40 98.91 17.91
CA GLY ZA 64 -32.53 97.59 17.34
C GLY ZA 64 -31.79 96.54 18.13
N ASN ZA 65 -30.51 96.78 18.37
CA ASN ZA 65 -29.63 95.73 18.86
C ASN ZA 65 -29.54 95.69 20.39
N LEU ZA 66 -30.11 96.67 21.10
CA LEU ZA 66 -30.22 96.65 22.56
C LEU ZA 66 -31.46 95.90 23.03
N ARG ZA 67 -32.39 95.64 22.12
CA ARG ZA 67 -33.58 94.87 22.44
C ARG ZA 67 -33.23 93.50 22.99
N ILE ZA 68 -32.13 92.91 22.52
CA ILE ZA 68 -31.64 91.64 23.04
C ILE ZA 68 -31.19 91.71 24.48
N LEU ZA 69 -30.51 92.79 24.88
CA LEU ZA 69 -30.08 92.94 26.26
C LEU ZA 69 -31.30 93.07 27.17
N TYR ZA 70 -32.31 93.78 26.69
CA TYR ZA 70 -33.58 93.80 27.41
C TYR ZA 70 -34.25 92.42 27.43
N ARG ZA 71 -34.09 91.64 26.36
CA ARG ZA 71 -34.60 90.27 26.37
C ARG ZA 71 -33.84 89.40 27.35
N GLN ZA 72 -32.54 89.67 27.54
CA GLN ZA 72 -31.76 88.91 28.54
C GLN ZA 72 -32.35 89.11 29.92
N LEU ZA 73 -32.67 90.37 30.24
CA LEU ZA 73 -33.31 90.68 31.51
C LEU ZA 73 -34.68 90.02 31.65
N ALA ZA 74 -35.54 90.19 30.63
CA ALA ZA 74 -36.90 89.67 30.73
C ALA ZA 74 -36.92 88.15 30.72
N ASN ZA 75 -36.03 87.52 29.96
CA ASN ZA 75 -36.01 86.07 29.86
C ASN ZA 75 -35.50 85.44 31.14
N GLU ZA 76 -34.51 86.07 31.79
CA GLU ZA 76 -34.07 85.54 33.08
C GLU ZA 76 -35.16 85.68 34.13
N TYR ZA 77 -35.94 86.77 34.06
CA TYR ZA 77 -37.06 86.93 34.99
C TYR ZA 77 -38.15 85.88 34.74
N VAL ZA 78 -38.40 85.53 33.48
CA VAL ZA 78 -39.43 84.53 33.19
C VAL ZA 78 -38.94 83.13 33.59
N LYS ZA 79 -37.62 82.88 33.53
CA LYS ZA 79 -37.10 81.61 34.03
C LYS ZA 79 -37.31 81.49 35.54
N VAL ZA 80 -36.99 82.56 36.28
CA VAL ZA 80 -37.21 82.57 37.73
C VAL ZA 80 -38.70 82.39 38.05
N LEU ZA 81 -39.58 82.94 37.20
CA LEU ZA 81 -41.02 82.74 37.39
C LEU ZA 81 -41.43 81.28 37.19
N ASN ZA 82 -41.15 80.70 36.03
CA ASN ZA 82 -41.69 79.38 35.75
C ASN ZA 82 -40.85 78.25 36.34
N THR ZA 83 -39.88 78.56 37.22
CA THR ZA 83 -39.48 77.56 38.20
C THR ZA 83 -40.28 77.65 39.49
N LYS ZA 84 -41.51 78.19 39.44
CA LYS ZA 84 -42.47 78.30 40.54
C LYS ZA 84 -41.93 79.11 41.72
N GLN ZA 85 -41.66 80.39 41.53
CA GLN ZA 85 -41.16 81.26 42.60
C GLN ZA 85 -41.92 82.57 42.56
N SER ZA 86 -42.71 82.81 43.59
CA SER ZA 86 -43.63 83.94 43.66
C SER ZA 86 -42.94 85.14 44.30
N GLY ZA 87 -43.75 86.12 44.70
CA GLY ZA 87 -43.31 87.49 44.93
C GLY ZA 87 -42.31 87.70 46.05
N GLU ZA 88 -42.28 86.82 47.05
CA GLU ZA 88 -41.38 87.04 48.18
C GLU ZA 88 -39.91 86.83 47.82
N VAL ZA 89 -39.63 86.18 46.69
CA VAL ZA 89 -38.26 86.13 46.17
C VAL ZA 89 -38.08 87.15 45.06
N ILE ZA 90 -39.17 87.46 44.35
CA ILE ZA 90 -39.15 88.40 43.24
C ILE ZA 90 -38.81 89.81 43.73
N LYS ZA 91 -39.28 90.20 44.92
CA LYS ZA 91 -38.98 91.51 45.47
C LYS ZA 91 -37.50 91.73 45.80
N ARG ZA 92 -36.68 90.67 45.74
CA ARG ZA 92 -35.25 90.71 45.92
C ARG ZA 92 -34.51 90.51 44.60
N LEU ZA 93 -35.00 89.59 43.77
CA LEU ZA 93 -34.34 89.34 42.50
C LEU ZA 93 -34.55 90.48 41.51
N LYS ZA 94 -35.57 91.31 41.69
CA LYS ZA 94 -35.73 92.48 40.83
C LYS ZA 94 -34.60 93.47 41.03
N ILE ZA 95 -34.25 93.78 42.27
CA ILE ZA 95 -33.15 94.72 42.48
C ILE ZA 95 -31.79 94.08 42.19
N ALA ZA 96 -31.69 92.75 42.35
CA ALA ZA 96 -30.47 92.05 41.93
C ALA ZA 96 -30.25 92.17 40.42
N LEU ZA 97 -31.29 91.89 39.64
CA LEU ZA 97 -31.20 92.01 38.18
C LEU ZA 97 -31.03 93.47 37.75
N ARG ZA 98 -31.60 94.41 38.51
CA ARG ZA 98 -31.43 95.82 38.21
C ARG ZA 98 -29.97 96.22 38.33
N HIS ZA 99 -29.30 95.78 39.41
CA HIS ZA 99 -27.88 96.10 39.55
C HIS ZA 99 -27.03 95.36 38.52
N LYS ZA 100 -27.40 94.12 38.18
CA LYS ZA 100 -26.60 93.36 37.23
C LYS ZA 100 -26.67 93.96 35.83
N TYR ZA 101 -27.86 94.30 35.35
CA TYR ZA 101 -27.93 94.88 34.02
C TYR ZA 101 -27.68 96.38 34.01
N TRP ZA 102 -27.62 97.04 35.17
CA TRP ZA 102 -27.00 98.36 35.19
C TRP ZA 102 -25.51 98.24 35.01
N LEU ZA 103 -24.92 97.20 35.59
CA LEU ZA 103 -23.48 97.00 35.52
C LEU ZA 103 -23.01 96.67 34.10
N ARG ZA 104 -23.89 96.18 33.24
CA ARG ZA 104 -23.53 95.88 31.85
C ARG ZA 104 -23.81 97.04 30.91
N GLY ZA 105 -24.03 98.24 31.45
CA GLY ZA 105 -24.00 99.45 30.66
C GLY ZA 105 -25.34 100.06 30.32
N LEU ZA 106 -26.43 99.61 30.93
CA LEU ZA 106 -27.70 100.26 30.66
C LEU ZA 106 -27.82 101.57 31.43
N ASP ZA 107 -28.97 102.23 31.24
CA ASP ZA 107 -29.26 103.49 31.91
C ASP ZA 107 -30.40 103.27 32.91
N GLU ZA 108 -30.26 103.87 34.09
CA GLU ZA 108 -31.21 103.60 35.16
C GLU ZA 108 -32.55 104.29 34.93
N ALA ZA 109 -32.58 105.35 34.10
CA ALA ZA 109 -33.84 105.99 33.75
C ALA ZA 109 -34.71 105.09 32.89
N MET ZA 110 -34.11 104.13 32.20
CA MET ZA 110 -34.86 103.05 31.59
C MET ZA 110 -35.19 101.94 32.59
N LEU ZA 111 -34.27 101.68 33.54
CA LEU ZA 111 -34.40 100.51 34.39
C LEU ZA 111 -35.47 100.63 35.44
N ASP ZA 112 -35.68 101.82 36.01
CA ASP ZA 112 -36.74 101.97 37.00
C ASP ZA 112 -38.11 101.73 36.37
N GLU ZA 113 -38.32 102.27 35.17
CA GLU ZA 113 -39.59 102.06 34.47
C GLU ZA 113 -39.72 100.64 33.98
N PHE ZA 114 -38.61 99.99 33.62
CA PHE ZA 114 -38.71 98.63 33.13
C PHE ZA 114 -38.95 97.65 34.27
N MET ZA 115 -38.34 97.88 35.43
CA MET ZA 115 -38.60 97.03 36.59
C MET ZA 115 -40.00 97.25 37.14
N ASP ZA 116 -40.53 98.46 37.00
CA ASP ZA 116 -41.95 98.65 37.30
C ASP ZA 116 -42.83 97.99 36.25
N TYR ZA 117 -42.30 97.79 35.04
CA TYR ZA 117 -43.11 97.20 33.99
C TYR ZA 117 -43.21 95.69 34.11
N ILE ZA 118 -42.14 95.00 34.51
CA ILE ZA 118 -42.13 93.52 34.47
C ILE ZA 118 -42.79 93.04 35.75
N ASP ZA 119 -44.11 93.07 35.74
CA ASP ZA 119 -44.93 92.28 36.62
C ASP ZA 119 -46.07 91.66 35.85
N SER ZA 120 -46.12 91.89 34.53
CA SER ZA 120 -47.11 91.29 33.65
C SER ZA 120 -46.59 90.04 32.97
N LEU ZA 121 -45.30 89.74 33.12
CA LEU ZA 121 -44.73 88.48 32.65
C LEU ZA 121 -45.03 87.42 33.71
N LYS ZA 122 -45.46 86.23 33.27
CA LYS ZA 122 -45.80 85.14 34.17
C LYS ZA 122 -45.21 83.83 33.64
N SER ZA 123 -45.62 82.72 34.23
CA SER ZA 123 -45.06 81.42 33.89
C SER ZA 123 -45.58 80.95 32.54
N THR ZA 124 -44.79 80.10 31.88
CA THR ZA 124 -45.04 79.68 30.51
C THR ZA 124 -45.26 78.19 30.34
N THR ZA 125 -44.37 77.36 30.88
CA THR ZA 125 -44.29 75.96 30.49
C THR ZA 125 -45.40 75.15 31.11
N THR ZA 126 -46.05 74.33 30.28
CA THR ZA 126 -47.05 73.38 30.72
C THR ZA 126 -46.66 72.00 30.21
N ASN ZA 127 -47.48 71.01 30.53
CA ASN ZA 127 -47.26 69.64 30.09
C ASN ZA 127 -48.22 69.32 28.95
N TYR ZA 128 -47.76 68.53 27.98
CA TYR ZA 128 -48.57 68.24 26.81
C TYR ZA 128 -48.63 66.75 26.52
N ILE ZA 129 -48.40 65.89 27.51
CA ILE ZA 129 -48.59 64.45 27.33
C ILE ZA 129 -49.42 63.93 28.48
N ILE ZA 130 -50.60 63.42 28.18
CA ILE ZA 130 -51.49 62.83 29.17
C ILE ZA 130 -51.31 61.32 29.13
N PHE ZA 131 -51.63 60.66 30.25
CA PHE ZA 131 -51.33 59.25 30.38
C PHE ZA 131 -52.33 58.36 29.63
N ASN ZA 132 -53.62 58.41 30.00
CA ASN ZA 132 -54.72 57.76 29.28
C ASN ZA 132 -54.53 56.26 29.13
N MET ZA 133 -54.68 55.51 30.23
CA MET ZA 133 -54.40 54.07 30.27
C MET ZA 133 -55.24 53.27 29.26
N GLN ZA 134 -56.42 53.77 28.89
CA GLN ZA 134 -57.23 53.12 27.86
C GLN ZA 134 -56.60 53.27 26.49
#